data_9QGP
#
_entry.id   9QGP
#
_cell.length_a   1.00
_cell.length_b   1.00
_cell.length_c   1.00
_cell.angle_alpha   90.00
_cell.angle_beta   90.00
_cell.angle_gamma   90.00
#
_symmetry.space_group_name_H-M   'P 1'
#
loop_
_entity.id
_entity.type
_entity.pdbx_description
1 polymer 'Phage tail sheath family protein'
2 polymer 'Phage tail sheath family protein'
3 polymer 'Phage tail sheath family protein'
#
loop_
_entity_poly.entity_id
_entity_poly.type
_entity_poly.pdbx_seq_one_letter_code
_entity_poly.pdbx_strand_id
1 'polypeptide(L)'
;MTTITTYPGVYIEEDASLSLSVSSSATAVPVFAVAGDNPLISGKPYIRISNWLEYLTLKNEQFDPANTLDISLRAYFING
GGYCYLVQTTDLEKQVPKLDDVTLLVAAGENITTAVSTLCKPGKGLFAIFDGPTTELKSDGTSNSDYDPNPFAAVYYPWL
TADWTTTIDIPPSAAIAGVYCSVDSTRGVWKAPANVPIQGGLQPKYPVTDDLQAQYNQGKALNMIRTFPKSGTLVWGART
LEDNDNWRYIPVRRLFNSAERDIKNAMSFAVFEPNSQPTWERVRSAVNNYLYSLWQQGGLAGNKPDDAYFVQIGKDITMT
DDDIKQGKMIIKIGMAAVRPAEFIILQFTQNTAQ
;
2A,2B,2C,2D,2E,2F,2G,2H,2I,2J,2K,2L
2 'polypeptide(L)'
;MPTIPTYPGVYIEEDASLNLSVNQGNTAIPVFIGLFSPKNTNLKSQVTRVNSWLDFTNLFNAGCIAPITIKSTKRASMPA
PTLLENVKGDTAVVATPGISVDADNKDPTYTYKVIVNYTTSSDALKLYFQNGGGPCYILPQLDRLTQGFLDSIPELIKQA
LEITLIVCPEWDSGYQSKIYNSLTSSLLNAGYFLIADNQDKNTALITEVASQTATYYPAVKVSQLIQAEDSQIAVSGYED
AKTKSDEVKNLAQLKEKNPTVYQQAVQKIQAIQDEIAANGNIIPVSAVMAGIYCATDASRGVWKAPANIVLSGISDVAER
LTDDEQGEMNSKGINAIRYFSHKGFVVWGARTLQNDDNWRYIPVRRLFNAAERDIKQAMQSVVFEPNSQPTWERVKSAID
NYLYSLWQQGALAGNKPQEAYFVQIGKDVTMSDDDIKQGKMIVKVGMAAVRPAEFIILQFSQQVAQ
;
3A,3B,3C,3D,3E,3F
3 'polypeptide(L)'
;MEITQPSVTITENLIFPKQNDSFIGIPVFIGYTSSPVDKTAIKLHSLADFARSFPESGLMYYSVRHFFENGGQQAYVLSL
GTEQQLSDFSSLITALQQAWLAQTIAAENDITLIITPDVIRFDQTEISDTQRDLWLQLWQSVLNLCKSRRGIMGLLDAPD
DPTLAAKCLQQFSSADRQWGVVYWPLLKSAYQDNTQNPIVLSPTAAVAAVIQRNDNQQGVWTAPANIALSKVISPVRAYI
EANALFNPDGTSLNLVRSFPGKGIRIWGCRTLENTHDSPWSYIQTRRLVSYIEAYMTQLGRAFVFEPNNAITWMKFKGQA
HNWLRQLWLKGGLRGTQEDQAFEVLLGVDESMREADLRAGKMIIKIRLAVLIPAEFIELNLTFDTRTGTIPS
;
4A,4B,4C,4D,4E,4F
#
# COMPACT_ATOMS: atom_id res chain seq x y z
N THR A 2 -52.91 1.18 48.68
CA THR A 2 -51.92 1.11 49.75
C THR A 2 -52.43 0.30 50.92
N THR A 3 -52.36 -1.03 50.80
CA THR A 3 -52.77 -1.89 51.89
C THR A 3 -51.85 -1.72 53.08
N ILE A 4 -52.44 -1.60 54.27
CA ILE A 4 -51.68 -1.47 55.50
C ILE A 4 -51.65 -2.84 56.17
N THR A 5 -50.45 -3.41 56.28
CA THR A 5 -50.28 -4.73 56.88
C THR A 5 -50.20 -4.56 58.40
N THR A 6 -51.15 -5.17 59.10
CA THR A 6 -51.22 -5.06 60.55
C THR A 6 -51.30 -6.38 61.27
N TYR A 7 -51.74 -7.45 60.61
CA TYR A 7 -51.74 -8.78 61.19
C TYR A 7 -51.08 -9.76 60.24
N PRO A 8 -50.41 -10.78 60.76
CA PRO A 8 -49.80 -11.78 59.87
C PRO A 8 -50.85 -12.58 59.14
N GLY A 9 -50.65 -12.76 57.83
CA GLY A 9 -51.63 -13.47 57.03
C GLY A 9 -51.38 -13.21 55.55
N VAL A 10 -52.42 -13.45 54.75
CA VAL A 10 -52.36 -13.25 53.30
C VAL A 10 -53.35 -12.16 52.94
N TYR A 11 -52.89 -11.18 52.17
CA TYR A 11 -53.70 -10.05 51.75
C TYR A 11 -53.97 -10.14 50.25
N ILE A 12 -55.17 -9.72 49.84
CA ILE A 12 -55.59 -9.77 48.46
C ILE A 12 -55.77 -8.36 47.93
N GLU A 13 -55.16 -8.06 46.80
CA GLU A 13 -55.27 -6.76 46.15
C GLU A 13 -55.76 -6.95 44.73
N GLU A 14 -56.47 -5.94 44.22
CA GLU A 14 -56.95 -5.92 42.85
C GLU A 14 -56.60 -4.59 42.22
N ASP A 15 -56.25 -4.62 40.93
CA ASP A 15 -55.89 -3.41 40.22
C ASP A 15 -57.13 -2.53 40.10
N ALA A 16 -57.00 -1.27 40.50
CA ALA A 16 -58.10 -0.32 40.46
C ALA A 16 -57.83 0.86 39.53
N SER A 17 -56.70 0.85 38.82
CA SER A 17 -56.43 1.91 37.87
C SER A 17 -57.48 1.90 36.75
N LEU A 18 -57.82 3.09 36.29
CA LEU A 18 -58.91 3.24 35.32
C LEU A 18 -58.54 2.59 33.99
N SER A 19 -59.52 1.91 33.38
CA SER A 19 -59.42 1.40 32.03
C SER A 19 -60.39 2.18 31.17
N LEU A 20 -59.86 2.81 30.11
CA LEU A 20 -60.61 3.79 29.34
C LEU A 20 -60.79 3.31 27.91
N SER A 21 -62.01 3.37 27.41
CA SER A 21 -62.31 3.05 26.03
C SER A 21 -63.60 3.75 25.63
N VAL A 22 -63.74 4.02 24.34
CA VAL A 22 -64.88 4.74 23.80
C VAL A 22 -65.88 3.75 23.24
N SER A 23 -67.15 3.95 23.53
CA SER A 23 -68.22 3.08 23.06
C SER A 23 -69.16 3.86 22.16
N SER A 24 -69.58 3.23 21.07
CA SER A 24 -70.48 3.87 20.11
C SER A 24 -71.91 3.85 20.64
N SER A 25 -72.56 5.00 20.62
CA SER A 25 -73.93 5.13 21.10
C SER A 25 -74.91 5.08 19.93
N ALA A 26 -76.19 5.27 20.22
CA ALA A 26 -77.23 5.33 19.19
C ALA A 26 -77.32 6.76 18.67
N THR A 27 -77.19 6.91 17.35
CA THR A 27 -77.12 8.22 16.72
C THR A 27 -78.37 8.57 15.92
N ALA A 28 -79.52 7.98 16.25
CA ALA A 28 -80.73 8.19 15.48
C ALA A 28 -81.98 8.35 16.33
N VAL A 29 -81.85 8.66 17.62
CA VAL A 29 -83.02 8.78 18.49
C VAL A 29 -83.70 10.13 18.24
N PRO A 30 -84.93 10.14 17.72
CA PRO A 30 -85.60 11.41 17.42
C PRO A 30 -86.53 11.86 18.53
N VAL A 31 -86.97 13.12 18.42
CA VAL A 31 -88.00 13.68 19.26
C VAL A 31 -89.04 14.34 18.35
N PHE A 32 -90.30 14.00 18.55
CA PHE A 32 -91.38 14.52 17.73
C PHE A 32 -92.14 15.61 18.48
N ALA A 33 -92.58 16.62 17.73
CA ALA A 33 -93.34 17.74 18.28
C ALA A 33 -94.83 17.46 18.17
N VAL A 34 -95.55 17.72 19.25
CA VAL A 34 -96.97 17.42 19.35
C VAL A 34 -97.72 18.70 19.68
N ALA A 35 -98.88 18.90 19.06
CA ALA A 35 -99.69 20.07 19.32
C ALA A 35 -100.26 20.05 20.73
N GLY A 36 -100.69 21.23 21.19
CA GLY A 36 -101.19 21.34 22.55
C GLY A 36 -102.47 20.59 22.80
N ASP A 37 -103.39 20.61 21.82
CA ASP A 37 -104.72 20.04 22.01
C ASP A 37 -104.73 18.52 22.02
N ASN A 38 -103.62 17.87 21.70
CA ASN A 38 -103.62 16.40 21.63
C ASN A 38 -103.80 15.81 23.03
N PRO A 39 -104.75 14.88 23.21
CA PRO A 39 -104.99 14.35 24.56
C PRO A 39 -103.93 13.38 25.03
N LEU A 40 -103.22 12.71 24.12
CA LEU A 40 -102.23 11.71 24.53
C LEU A 40 -101.09 12.36 25.30
N ILE A 41 -100.63 13.52 24.84
CA ILE A 41 -99.47 14.17 25.46
C ILE A 41 -99.86 15.06 26.64
N SER A 42 -101.10 15.49 26.72
CA SER A 42 -101.52 16.40 27.78
C SER A 42 -101.42 15.73 29.15
N GLY A 43 -100.91 16.47 30.13
CA GLY A 43 -100.81 15.96 31.48
C GLY A 43 -99.64 15.05 31.75
N LYS A 44 -98.56 15.16 30.98
CA LYS A 44 -97.40 14.31 31.16
C LYS A 44 -96.20 15.01 30.54
N PRO A 45 -95.00 14.81 31.08
CA PRO A 45 -93.81 15.46 30.51
C PRO A 45 -93.47 14.96 29.12
N TYR A 46 -93.41 13.65 28.93
CA TYR A 46 -93.06 13.07 27.64
C TYR A 46 -93.61 11.66 27.55
N ILE A 47 -93.68 11.16 26.32
CA ILE A 47 -94.14 9.80 26.03
C ILE A 47 -93.06 9.11 25.21
N ARG A 48 -92.67 7.91 25.63
CA ARG A 48 -91.72 7.09 24.90
C ARG A 48 -92.47 5.99 24.17
N ILE A 49 -92.30 5.93 22.85
CA ILE A 49 -92.99 4.98 22.00
C ILE A 49 -91.94 4.17 21.25
N SER A 50 -92.04 2.85 21.34
CA SER A 50 -91.04 1.95 20.77
C SER A 50 -91.53 1.17 19.57
N ASN A 51 -92.81 1.28 19.20
CA ASN A 51 -93.34 0.54 18.08
C ASN A 51 -94.61 1.20 17.58
N TRP A 52 -94.93 0.97 16.31
CA TRP A 52 -96.18 1.50 15.76
C TRP A 52 -97.39 0.88 16.44
N LEU A 53 -97.34 -0.43 16.68
CA LEU A 53 -98.42 -1.08 17.43
C LEU A 53 -98.49 -0.56 18.86
N GLU A 54 -97.34 -0.26 19.47
CA GLU A 54 -97.35 0.27 20.84
C GLU A 54 -98.05 1.62 20.89
N TYR A 55 -97.86 2.45 19.86
CA TYR A 55 -98.56 3.73 19.82
C TYR A 55 -100.07 3.54 19.77
N LEU A 56 -100.52 2.54 18.99
CA LEU A 56 -101.95 2.23 18.97
C LEU A 56 -102.41 1.71 20.33
N THR A 57 -101.55 0.95 21.01
CA THR A 57 -101.89 0.47 22.35
C THR A 57 -102.08 1.62 23.33
N LEU A 58 -101.19 2.62 23.27
CA LEU A 58 -101.38 3.81 24.09
C LEU A 58 -102.64 4.56 23.70
N LYS A 59 -102.96 4.58 22.42
CA LYS A 59 -104.23 5.14 21.96
C LYS A 59 -105.37 4.18 22.30
N ASN A 60 -106.60 4.68 22.12
CA ASN A 60 -107.78 3.86 22.29
C ASN A 60 -108.67 3.82 21.05
N GLU A 61 -108.25 4.47 19.97
CA GLU A 61 -109.01 4.47 18.72
C GLU A 61 -108.23 3.72 17.65
N GLN A 62 -108.85 3.58 16.48
CA GLN A 62 -108.19 2.99 15.33
C GLN A 62 -107.32 4.03 14.65
N PHE A 63 -106.62 3.61 13.60
CA PHE A 63 -105.75 4.52 12.87
C PHE A 63 -106.57 5.65 12.25
N ASP A 64 -106.12 6.89 12.46
CA ASP A 64 -106.79 8.07 11.95
C ASP A 64 -105.93 8.73 10.89
N PRO A 65 -106.36 8.79 9.63
CA PRO A 65 -105.60 9.51 8.61
C PRO A 65 -105.79 11.01 8.61
N ALA A 66 -106.58 11.56 9.52
CA ALA A 66 -106.83 13.00 9.57
C ALA A 66 -105.98 13.72 10.60
N ASN A 67 -105.38 13.00 11.55
CA ASN A 67 -104.53 13.62 12.56
C ASN A 67 -103.08 13.49 12.15
N THR A 68 -102.35 14.61 12.20
CA THR A 68 -100.96 14.63 11.73
C THR A 68 -100.07 13.72 12.56
N LEU A 69 -100.41 13.51 13.84
CA LEU A 69 -99.56 12.71 14.70
C LEU A 69 -99.51 11.26 14.25
N ASP A 70 -100.66 10.70 13.87
CA ASP A 70 -100.71 9.28 13.53
C ASP A 70 -99.99 8.99 12.21
N ILE A 71 -100.25 9.80 11.18
CA ILE A 71 -99.63 9.56 9.89
C ILE A 71 -98.12 9.74 9.96
N SER A 72 -97.67 10.73 10.72
CA SER A 72 -96.23 10.96 10.86
C SER A 72 -95.55 9.77 11.54
N LEU A 73 -96.18 9.22 12.57
CA LEU A 73 -95.59 8.10 13.29
C LEU A 73 -95.54 6.85 12.43
N ARG A 74 -96.62 6.55 11.71
CA ARG A 74 -96.61 5.35 10.86
C ARG A 74 -95.66 5.52 9.68
N ALA A 75 -95.51 6.75 9.18
CA ALA A 75 -94.51 7.00 8.14
C ALA A 75 -93.10 6.81 8.67
N TYR A 76 -92.85 7.26 9.91
CA TYR A 76 -91.53 7.09 10.50
C TYR A 76 -91.21 5.62 10.73
N PHE A 77 -92.19 4.85 11.23
CA PHE A 77 -91.93 3.45 11.53
C PHE A 77 -91.85 2.58 10.28
N ILE A 78 -92.64 2.88 9.26
CA ILE A 78 -92.59 2.08 8.04
C ILE A 78 -91.27 2.24 7.32
N ASN A 79 -90.53 3.31 7.57
CA ASN A 79 -89.22 3.53 6.99
C ASN A 79 -88.09 2.98 7.87
N GLY A 80 -88.43 2.33 8.96
CA GLY A 80 -87.43 1.87 9.92
C GLY A 80 -87.12 2.92 10.97
N GLY A 81 -86.44 2.47 12.01
CA GLY A 81 -86.06 3.37 13.08
C GLY A 81 -86.08 2.66 14.42
N GLY A 82 -86.31 3.44 15.47
CA GLY A 82 -86.36 2.91 16.82
C GLY A 82 -87.32 3.69 17.70
N TYR A 83 -87.09 3.65 19.00
CA TYR A 83 -87.97 4.35 19.93
C TYR A 83 -87.85 5.86 19.75
N CYS A 84 -88.97 6.56 19.89
CA CYS A 84 -89.02 8.00 19.75
C CYS A 84 -89.79 8.61 20.91
N TYR A 85 -89.46 9.86 21.23
CA TYR A 85 -90.11 10.59 22.31
C TYR A 85 -91.11 11.59 21.73
N LEU A 86 -92.21 11.80 22.44
CA LEU A 86 -93.19 12.82 22.09
C LEU A 86 -93.17 13.89 23.17
N VAL A 87 -92.94 15.14 22.75
CA VAL A 87 -92.83 16.27 23.65
C VAL A 87 -93.73 17.39 23.15
N GLN A 88 -94.39 18.09 24.08
CA GLN A 88 -95.15 19.27 23.73
C GLN A 88 -94.22 20.34 23.18
N THR A 89 -94.70 21.09 22.18
CA THR A 89 -93.88 22.10 21.54
C THR A 89 -93.45 23.17 22.52
N THR A 90 -94.37 23.62 23.38
CA THR A 90 -94.03 24.63 24.37
C THR A 90 -93.12 24.10 25.47
N ASP A 91 -92.93 22.78 25.55
CA ASP A 91 -92.08 22.18 26.57
C ASP A 91 -90.78 21.62 26.00
N LEU A 92 -90.47 21.93 24.74
CA LEU A 92 -89.26 21.38 24.11
C LEU A 92 -88.01 21.91 24.78
N GLU A 93 -87.98 23.20 25.11
CA GLU A 93 -86.77 23.79 25.68
C GLU A 93 -86.46 23.21 27.05
N LYS A 94 -87.44 22.63 27.73
CA LYS A 94 -87.22 22.05 29.05
C LYS A 94 -86.89 20.57 28.99
N GLN A 95 -87.69 19.78 28.27
CA GLN A 95 -87.57 18.33 28.33
C GLN A 95 -86.39 17.81 27.52
N VAL A 96 -86.07 18.45 26.40
CA VAL A 96 -85.00 17.95 25.53
C VAL A 96 -83.65 17.87 26.24
N PRO A 97 -83.19 18.91 26.95
CA PRO A 97 -81.92 18.77 27.67
C PRO A 97 -81.98 17.73 28.77
N LYS A 98 -83.17 17.40 29.27
CA LYS A 98 -83.30 16.40 30.32
C LYS A 98 -83.15 14.98 29.81
N LEU A 99 -83.12 14.78 28.50
CA LEU A 99 -82.99 13.46 27.88
C LEU A 99 -81.64 13.40 27.18
N ASP A 100 -80.71 12.65 27.77
CA ASP A 100 -79.34 12.58 27.25
C ASP A 100 -79.19 11.64 26.06
N ASP A 101 -80.22 10.86 25.72
CA ASP A 101 -80.16 9.96 24.58
C ASP A 101 -80.73 10.56 23.31
N VAL A 102 -81.30 11.75 23.37
CA VAL A 102 -81.91 12.36 22.20
C VAL A 102 -80.83 12.86 21.25
N THR A 103 -80.98 12.52 19.97
CA THR A 103 -80.04 12.93 18.94
C THR A 103 -80.66 13.83 17.89
N LEU A 104 -81.87 13.53 17.43
CA LEU A 104 -82.53 14.28 16.37
C LEU A 104 -83.76 14.99 16.91
N LEU A 105 -84.01 16.20 16.42
CA LEU A 105 -85.21 16.96 16.72
C LEU A 105 -86.02 17.05 15.44
N VAL A 106 -87.26 16.56 15.48
CA VAL A 106 -88.10 16.43 14.29
C VAL A 106 -89.29 17.37 14.43
N ALA A 107 -89.52 18.19 13.40
CA ALA A 107 -90.62 19.15 13.44
C ALA A 107 -91.97 18.45 13.50
N ALA A 108 -92.13 17.37 12.74
CA ALA A 108 -93.38 16.61 12.69
C ALA A 108 -94.57 17.46 12.27
N GLY A 109 -94.33 18.47 11.44
CA GLY A 109 -95.41 19.23 10.85
C GLY A 109 -95.92 20.41 11.63
N GLU A 110 -95.09 21.02 12.47
CA GLU A 110 -95.50 22.24 13.16
C GLU A 110 -94.27 23.05 13.53
N ASN A 111 -94.49 24.33 13.83
CA ASN A 111 -93.40 25.29 13.98
C ASN A 111 -92.58 24.98 15.22
N ILE A 112 -91.30 24.70 15.02
CA ILE A 112 -90.37 24.47 16.13
C ILE A 112 -89.13 25.32 15.91
N THR A 113 -89.29 26.45 15.23
CA THR A 113 -88.15 27.30 14.92
C THR A 113 -87.49 27.85 16.18
N THR A 114 -88.29 28.29 17.15
CA THR A 114 -87.73 28.85 18.37
C THR A 114 -86.95 27.81 19.16
N ALA A 115 -87.46 26.58 19.23
CA ALA A 115 -86.79 25.54 19.99
C ALA A 115 -85.44 25.19 19.39
N VAL A 116 -85.35 25.16 18.06
CA VAL A 116 -84.10 24.77 17.39
C VAL A 116 -82.99 25.76 17.69
N SER A 117 -83.30 27.05 17.62
CA SER A 117 -82.26 28.07 17.80
C SER A 117 -81.72 28.09 19.21
N THR A 118 -82.54 27.72 20.19
CA THR A 118 -82.12 27.73 21.58
C THR A 118 -81.59 26.39 22.07
N LEU A 119 -81.62 25.35 21.23
CA LEU A 119 -81.16 24.03 21.61
C LEU A 119 -79.98 23.55 20.76
N CYS A 120 -80.09 23.61 19.44
CA CYS A 120 -79.05 23.12 18.55
C CYS A 120 -77.91 24.12 18.54
N LYS A 121 -76.92 23.89 19.39
CA LYS A 121 -75.76 24.75 19.52
C LYS A 121 -74.52 23.88 19.56
N PRO A 122 -73.34 24.44 19.24
CA PRO A 122 -72.12 23.62 19.22
C PRO A 122 -71.88 22.92 20.55
N GLY A 123 -71.52 21.65 20.47
CA GLY A 123 -71.27 20.84 21.64
C GLY A 123 -72.50 20.16 22.22
N LYS A 124 -73.70 20.57 21.82
CA LYS A 124 -74.92 19.98 22.37
C LYS A 124 -75.21 18.60 21.81
N GLY A 125 -74.74 18.29 20.60
CA GLY A 125 -74.92 16.99 20.01
C GLY A 125 -76.26 16.76 19.35
N LEU A 126 -77.11 17.78 19.25
CA LEU A 126 -78.43 17.62 18.65
C LEU A 126 -78.39 18.01 17.17
N PHE A 127 -79.40 17.54 16.44
CA PHE A 127 -79.60 17.89 15.05
C PHE A 127 -81.09 18.03 14.79
N ALA A 128 -81.45 18.92 13.86
CA ALA A 128 -82.83 19.27 13.60
C ALA A 128 -83.20 18.97 12.14
N ILE A 129 -84.44 18.56 11.94
CA ILE A 129 -85.00 18.31 10.62
C ILE A 129 -86.26 19.15 10.48
N PHE A 130 -86.29 19.99 9.45
CA PHE A 130 -87.40 20.92 9.22
C PHE A 130 -88.32 20.38 8.14
N ASP A 131 -89.39 21.14 7.86
CA ASP A 131 -90.34 20.84 6.82
C ASP A 131 -90.37 21.98 5.82
N GLY A 132 -90.36 21.64 4.53
CA GLY A 132 -90.36 22.64 3.49
C GLY A 132 -91.73 23.29 3.33
N PRO A 133 -91.80 24.28 2.45
CA PRO A 133 -93.07 24.97 2.22
C PRO A 133 -94.10 24.03 1.61
N THR A 134 -95.36 24.28 1.95
CA THR A 134 -96.46 23.43 1.49
C THR A 134 -96.97 23.80 0.10
N THR A 135 -96.57 24.95 -0.43
CA THR A 135 -97.07 25.44 -1.70
C THR A 135 -96.14 25.04 -2.84
N GLU A 136 -96.40 25.59 -4.02
CA GLU A 136 -95.51 25.38 -5.17
C GLU A 136 -94.16 26.01 -4.89
N LEU A 137 -93.11 25.39 -5.42
CA LEU A 137 -91.76 25.93 -5.31
C LEU A 137 -91.65 27.13 -6.23
N LYS A 138 -91.50 28.32 -5.65
CA LYS A 138 -91.51 29.55 -6.44
C LYS A 138 -90.25 29.61 -7.31
N SER A 139 -90.43 29.97 -8.58
CA SER A 139 -89.40 29.71 -9.58
C SER A 139 -88.13 30.49 -9.33
N ASP A 140 -88.24 31.78 -8.97
CA ASP A 140 -87.05 32.62 -8.86
C ASP A 140 -86.12 32.21 -7.72
N GLY A 141 -86.57 31.35 -6.82
CA GLY A 141 -85.69 30.81 -5.79
C GLY A 141 -85.65 31.57 -4.48
N THR A 142 -86.69 32.34 -4.17
CA THR A 142 -86.71 33.12 -2.93
C THR A 142 -87.57 32.51 -1.84
N SER A 143 -88.00 31.25 -2.00
CA SER A 143 -88.81 30.61 -0.95
C SER A 143 -87.93 29.93 0.10
N ASN A 144 -86.93 30.67 0.58
CA ASN A 144 -86.06 30.24 1.66
C ASN A 144 -85.89 31.29 2.75
N SER A 145 -86.54 32.45 2.61
CA SER A 145 -86.27 33.56 3.52
C SER A 145 -86.69 33.26 4.94
N ASP A 146 -87.76 32.48 5.12
CA ASP A 146 -88.26 32.22 6.47
C ASP A 146 -87.27 31.41 7.31
N TYR A 147 -86.39 30.66 6.66
CA TYR A 147 -85.48 29.78 7.39
C TYR A 147 -84.25 30.54 7.85
N ASP A 148 -83.69 30.10 8.98
CA ASP A 148 -82.49 30.68 9.57
C ASP A 148 -81.27 29.83 9.21
N PRO A 149 -80.18 30.44 8.73
CA PRO A 149 -79.01 29.65 8.32
C PRO A 149 -78.28 29.00 9.49
N ASN A 150 -78.89 27.98 10.08
CA ASN A 150 -78.29 27.23 11.18
C ASN A 150 -77.59 25.99 10.64
N PRO A 151 -76.29 25.81 10.91
CA PRO A 151 -75.57 24.64 10.38
C PRO A 151 -75.99 23.32 11.00
N PHE A 152 -76.90 23.33 11.98
CA PHE A 152 -77.34 22.11 12.65
C PHE A 152 -78.72 21.65 12.19
N ALA A 153 -79.24 22.22 11.10
CA ALA A 153 -80.59 21.93 10.66
C ALA A 153 -80.62 21.67 9.16
N ALA A 154 -81.65 20.94 8.73
CA ALA A 154 -81.87 20.66 7.32
C ALA A 154 -83.35 20.75 7.02
N VAL A 155 -83.68 21.07 5.77
CA VAL A 155 -85.05 21.23 5.32
C VAL A 155 -85.29 20.29 4.14
N TYR A 156 -86.42 19.60 4.16
CA TYR A 156 -86.76 18.63 3.14
C TYR A 156 -88.08 19.02 2.47
N TYR A 157 -88.15 18.80 1.16
CA TYR A 157 -89.27 19.20 0.33
C TYR A 157 -89.49 18.14 -0.73
N PRO A 158 -90.75 17.87 -1.11
CA PRO A 158 -92.01 18.42 -0.59
C PRO A 158 -92.69 17.46 0.40
N TRP A 159 -93.90 17.81 0.84
CA TRP A 159 -94.66 16.92 1.69
C TRP A 159 -95.09 15.68 0.92
N LEU A 160 -95.12 14.55 1.62
CA LEU A 160 -95.40 13.26 1.01
C LEU A 160 -96.87 12.88 1.17
N THR A 161 -97.35 12.06 0.24
CA THR A 161 -98.71 11.55 0.27
C THR A 161 -98.69 10.05 0.01
N ALA A 162 -99.71 9.37 0.52
CA ALA A 162 -99.83 7.92 0.37
C ALA A 162 -101.28 7.56 0.10
N ASP A 163 -101.52 6.27 -0.15
CA ASP A 163 -102.88 5.81 -0.43
C ASP A 163 -103.79 6.02 0.77
N TRP A 164 -103.29 5.75 1.99
CA TRP A 164 -104.11 5.89 3.17
C TRP A 164 -104.38 7.35 3.52
N THR A 165 -103.57 8.28 3.03
CA THR A 165 -103.83 9.70 3.28
C THR A 165 -105.10 10.13 2.56
N THR A 166 -105.90 10.95 3.25
CA THR A 166 -107.19 11.38 2.73
C THR A 166 -107.20 12.86 2.40
N THR A 167 -106.84 13.73 3.34
CA THR A 167 -106.86 15.16 3.10
C THR A 167 -105.70 15.92 3.73
N ILE A 168 -104.82 15.24 4.48
CA ILE A 168 -103.67 15.87 5.10
C ILE A 168 -102.43 15.09 4.69
N ASP A 169 -101.42 15.78 4.19
CA ASP A 169 -100.21 15.14 3.68
C ASP A 169 -99.18 14.96 4.78
N ILE A 170 -98.40 13.89 4.65
CA ILE A 170 -97.37 13.57 5.66
C ILE A 170 -96.25 14.60 5.57
N PRO A 171 -95.82 15.17 6.69
CA PRO A 171 -94.63 16.03 6.67
C PRO A 171 -93.41 15.21 6.28
N PRO A 172 -92.51 15.78 5.47
CA PRO A 172 -91.34 15.02 5.04
C PRO A 172 -90.40 14.65 6.17
N SER A 173 -90.33 15.46 7.23
CA SER A 173 -89.38 15.19 8.30
C SER A 173 -89.69 13.88 9.02
N ALA A 174 -90.96 13.48 9.06
CA ALA A 174 -91.32 12.23 9.72
C ALA A 174 -90.67 11.03 9.02
N ALA A 175 -90.73 11.00 7.69
CA ALA A 175 -90.15 9.89 6.96
C ALA A 175 -88.63 9.99 6.89
N ILE A 176 -88.09 11.21 6.84
CA ILE A 176 -86.64 11.37 6.74
C ILE A 176 -85.96 10.86 8.01
N ALA A 177 -86.56 11.09 9.17
CA ALA A 177 -85.99 10.59 10.42
C ALA A 177 -85.86 9.07 10.40
N GLY A 178 -86.83 8.38 9.80
CA GLY A 178 -86.72 6.94 9.66
C GLY A 178 -85.58 6.55 8.73
N VAL A 179 -85.36 7.32 7.68
CA VAL A 179 -84.27 7.03 6.74
C VAL A 179 -82.93 7.17 7.44
N TYR A 180 -82.82 8.13 8.37
CA TYR A 180 -81.56 8.36 9.07
C TYR A 180 -81.12 7.13 9.84
N CYS A 181 -82.06 6.48 10.54
CA CYS A 181 -81.72 5.30 11.32
C CYS A 181 -81.32 4.14 10.42
N SER A 182 -82.02 3.94 9.31
CA SER A 182 -81.71 2.83 8.42
C SER A 182 -80.34 2.99 7.79
N VAL A 183 -80.01 4.20 7.34
CA VAL A 183 -78.71 4.45 6.73
C VAL A 183 -77.60 4.29 7.76
N ASP A 184 -77.80 4.84 8.97
CA ASP A 184 -76.78 4.75 10.00
C ASP A 184 -76.52 3.31 10.42
N SER A 185 -77.57 2.51 10.54
CA SER A 185 -77.41 1.13 10.96
C SER A 185 -76.72 0.30 9.89
N THR A 186 -77.02 0.55 8.63
CA THR A 186 -76.50 -0.26 7.53
C THR A 186 -75.11 0.20 7.09
N ARG A 187 -74.96 1.49 6.79
CA ARG A 187 -73.72 2.00 6.22
C ARG A 187 -72.90 2.82 7.20
N GLY A 188 -73.54 3.45 8.18
CA GLY A 188 -72.80 4.28 9.14
C GLY A 188 -73.28 5.71 9.15
N VAL A 189 -72.94 6.44 10.22
CA VAL A 189 -73.38 7.83 10.34
C VAL A 189 -72.72 8.71 9.28
N TRP A 190 -71.48 8.44 8.92
CA TRP A 190 -70.76 9.26 7.94
C TRP A 190 -71.31 9.11 6.53
N LYS A 191 -72.15 8.12 6.28
CA LYS A 191 -72.76 7.94 4.96
C LYS A 191 -73.85 8.99 4.75
N ALA A 192 -73.92 9.53 3.55
CA ALA A 192 -74.92 10.54 3.25
C ALA A 192 -76.31 9.90 3.21
N PRO A 193 -77.28 10.44 3.94
CA PRO A 193 -78.65 9.92 3.89
C PRO A 193 -79.39 10.37 2.63
N ALA A 194 -78.83 10.03 1.47
CA ALA A 194 -79.40 10.38 0.19
C ALA A 194 -79.13 9.23 -0.78
N ASN A 195 -79.75 9.32 -1.96
CA ASN A 195 -79.70 8.25 -2.96
C ASN A 195 -80.19 6.94 -2.36
N VAL A 196 -81.21 7.02 -1.51
CA VAL A 196 -81.79 5.85 -0.85
C VAL A 196 -83.30 5.92 -1.01
N PRO A 197 -83.98 4.78 -1.13
CA PRO A 197 -85.43 4.81 -1.36
C PRO A 197 -86.21 5.06 -0.08
N ILE A 198 -87.47 5.45 -0.27
CA ILE A 198 -88.41 5.60 0.83
C ILE A 198 -89.22 4.31 0.92
N GLN A 199 -89.16 3.65 2.08
CA GLN A 199 -89.65 2.28 2.18
C GLN A 199 -91.17 2.20 2.29
N GLY A 200 -91.84 3.31 2.60
CA GLY A 200 -93.26 3.28 2.81
C GLY A 200 -94.13 3.36 1.58
N GLY A 201 -93.54 3.38 0.39
CA GLY A 201 -94.33 3.56 -0.82
C GLY A 201 -95.00 4.92 -0.89
N LEU A 202 -94.36 5.95 -0.36
CA LEU A 202 -94.91 7.29 -0.33
C LEU A 202 -94.56 8.02 -1.61
N GLN A 203 -95.40 8.99 -1.97
CA GLN A 203 -95.21 9.74 -3.20
C GLN A 203 -95.14 11.23 -2.91
N PRO A 204 -94.21 11.95 -3.53
CA PRO A 204 -94.15 13.40 -3.33
C PRO A 204 -95.39 14.09 -3.88
N LYS A 205 -95.79 15.17 -3.21
CA LYS A 205 -96.99 15.89 -3.61
C LYS A 205 -96.80 16.62 -4.94
N TYR A 206 -95.61 17.19 -5.16
CA TYR A 206 -95.33 17.90 -6.40
C TYR A 206 -94.06 17.37 -7.03
N PRO A 207 -93.99 17.37 -8.36
CA PRO A 207 -92.75 16.99 -9.03
C PRO A 207 -91.76 18.15 -9.06
N VAL A 208 -90.47 17.78 -8.97
CA VAL A 208 -89.39 18.75 -8.99
C VAL A 208 -88.50 18.44 -10.19
N THR A 209 -88.34 19.41 -11.08
CA THR A 209 -87.49 19.26 -12.25
C THR A 209 -86.02 19.30 -11.86
N ASP A 210 -85.17 18.81 -12.76
CA ASP A 210 -83.74 18.81 -12.50
C ASP A 210 -83.20 20.24 -12.38
N ASP A 211 -83.68 21.15 -13.24
CA ASP A 211 -83.19 22.52 -13.19
C ASP A 211 -83.72 23.26 -11.97
N LEU A 212 -84.94 22.95 -11.52
CA LEU A 212 -85.50 23.62 -10.36
C LEU A 212 -84.71 23.28 -9.09
N GLN A 213 -84.26 22.04 -8.96
CA GLN A 213 -83.43 21.66 -7.82
C GLN A 213 -82.12 22.45 -7.82
N ALA A 214 -81.53 22.65 -9.00
CA ALA A 214 -80.30 23.40 -9.10
C ALA A 214 -80.45 24.83 -8.59
N GLN A 215 -81.65 25.38 -8.68
CA GLN A 215 -81.88 26.74 -8.19
C GLN A 215 -81.83 26.80 -6.67
N TYR A 216 -82.31 25.75 -6.00
CA TYR A 216 -82.43 25.73 -4.55
C TYR A 216 -81.33 24.93 -3.87
N ASN A 217 -80.30 24.51 -4.60
CA ASN A 217 -79.25 23.69 -4.02
C ASN A 217 -78.07 24.49 -3.49
N GLN A 218 -78.16 25.81 -3.49
CA GLN A 218 -77.09 26.67 -3.01
C GLN A 218 -77.50 27.39 -1.73
N GLY A 219 -76.51 27.76 -0.94
CA GLY A 219 -76.79 28.46 0.31
C GLY A 219 -77.61 27.60 1.24
N LYS A 220 -78.68 28.21 1.79
CA LYS A 220 -79.62 27.49 2.65
C LYS A 220 -80.49 26.62 1.76
N ALA A 221 -79.94 25.46 1.41
CA ALA A 221 -80.54 24.59 0.41
C ALA A 221 -81.72 23.81 0.96
N LEU A 222 -82.56 23.33 0.04
CA LEU A 222 -83.69 22.47 0.36
C LEU A 222 -83.43 21.09 -0.25
N ASN A 223 -83.19 20.10 0.59
CA ASN A 223 -83.04 18.73 0.11
C ASN A 223 -84.36 18.24 -0.44
N MET A 224 -84.31 17.61 -1.61
CA MET A 224 -85.52 17.30 -2.38
C MET A 224 -85.73 15.80 -2.44
N ILE A 225 -87.00 15.40 -2.32
CA ILE A 225 -87.41 14.01 -2.52
C ILE A 225 -88.03 13.91 -3.89
N ARG A 226 -87.41 13.13 -4.78
CA ARG A 226 -87.79 13.10 -6.18
C ARG A 226 -88.06 11.66 -6.61
N THR A 227 -88.84 11.53 -7.69
CA THR A 227 -89.16 10.24 -8.28
C THR A 227 -88.37 10.08 -9.57
N PHE A 228 -87.76 8.92 -9.76
CA PHE A 228 -86.96 8.65 -10.94
C PHE A 228 -87.55 7.49 -11.73
N PRO A 229 -87.43 7.52 -13.06
CA PRO A 229 -88.12 6.51 -13.88
C PRO A 229 -87.71 5.08 -13.58
N LYS A 230 -86.45 4.83 -13.23
CA LYS A 230 -85.96 3.48 -13.05
C LYS A 230 -85.66 3.14 -11.59
N SER A 231 -85.73 4.11 -10.68
CA SER A 231 -85.41 3.87 -9.27
C SER A 231 -86.54 4.22 -8.32
N GLY A 232 -87.68 4.70 -8.82
CA GLY A 232 -88.77 5.05 -7.94
C GLY A 232 -88.49 6.35 -7.22
N THR A 233 -88.92 6.41 -5.95
CA THR A 233 -88.76 7.62 -5.14
C THR A 233 -87.46 7.54 -4.36
N LEU A 234 -86.66 8.61 -4.43
CA LEU A 234 -85.36 8.68 -3.77
C LEU A 234 -85.23 10.01 -3.05
N VAL A 235 -84.32 10.03 -2.08
CA VAL A 235 -83.96 11.25 -1.37
C VAL A 235 -82.74 11.85 -2.05
N TRP A 236 -82.89 13.08 -2.56
CA TRP A 236 -81.85 13.72 -3.35
C TRP A 236 -81.39 14.99 -2.65
N GLY A 237 -80.13 15.03 -2.25
CA GLY A 237 -79.58 16.18 -1.56
C GLY A 237 -79.34 15.95 -0.09
N ALA A 238 -78.16 16.33 0.39
CA ALA A 238 -77.78 16.12 1.79
C ALA A 238 -77.08 17.36 2.33
N ARG A 239 -77.63 18.53 2.05
CA ARG A 239 -77.03 19.80 2.46
C ARG A 239 -77.74 20.39 3.67
N THR A 240 -76.97 21.03 4.53
CA THR A 240 -77.49 21.75 5.68
C THR A 240 -77.87 23.17 5.25
N LEU A 241 -78.14 24.04 6.23
CA LEU A 241 -78.52 25.42 5.96
C LEU A 241 -77.32 26.37 6.01
N GLU A 242 -76.11 25.85 6.08
CA GLU A 242 -74.89 26.65 6.06
C GLU A 242 -74.01 26.17 4.92
N ASP A 243 -73.52 27.10 4.11
CA ASP A 243 -72.84 26.77 2.86
C ASP A 243 -71.32 26.81 2.96
N ASN A 244 -70.76 27.03 4.14
CA ASN A 244 -69.30 27.05 4.24
C ASN A 244 -68.75 25.64 4.13
N ASP A 245 -67.44 25.55 3.89
CA ASP A 245 -66.81 24.26 3.62
C ASP A 245 -66.82 23.37 4.86
N ASN A 246 -66.88 23.95 6.06
CA ASN A 246 -66.81 23.14 7.27
C ASN A 246 -68.07 22.30 7.45
N TRP A 247 -69.24 22.90 7.31
CA TRP A 247 -70.50 22.26 7.65
C TRP A 247 -71.49 22.35 6.49
N ARG A 248 -71.02 22.08 5.28
CA ARG A 248 -71.90 22.14 4.12
C ARG A 248 -72.81 20.92 4.05
N TYR A 249 -72.31 19.76 4.44
CA TYR A 249 -73.01 18.50 4.25
C TYR A 249 -73.50 17.95 5.58
N ILE A 250 -74.65 17.30 5.55
CA ILE A 250 -75.20 16.66 6.75
C ILE A 250 -74.26 15.62 7.34
N PRO A 251 -73.68 14.69 6.57
CA PRO A 251 -72.84 13.65 7.20
C PRO A 251 -71.68 14.21 8.00
N VAL A 252 -71.02 15.26 7.50
CA VAL A 252 -69.87 15.83 8.20
C VAL A 252 -70.32 16.40 9.55
N ARG A 253 -71.44 17.11 9.55
CA ARG A 253 -71.93 17.69 10.80
C ARG A 253 -72.40 16.60 11.75
N ARG A 254 -73.07 15.56 11.24
CA ARG A 254 -73.58 14.51 12.11
C ARG A 254 -72.46 13.60 12.59
N LEU A 255 -71.42 13.41 11.78
CA LEU A 255 -70.29 12.59 12.21
C LEU A 255 -69.58 13.23 13.40
N PHE A 256 -69.38 14.55 13.37
CA PHE A 256 -68.76 15.23 14.50
C PHE A 256 -69.66 15.17 15.73
N ASN A 257 -70.97 15.22 15.54
CA ASN A 257 -71.89 15.11 16.66
C ASN A 257 -71.75 13.78 17.37
N SER A 258 -71.65 12.70 16.60
CA SER A 258 -71.49 11.38 17.20
C SER A 258 -70.13 11.21 17.85
N ALA A 259 -69.07 11.71 17.20
CA ALA A 259 -67.74 11.59 17.77
C ALA A 259 -67.60 12.36 19.07
N GLU A 260 -68.14 13.59 19.10
CA GLU A 260 -68.07 14.38 20.34
C GLU A 260 -68.86 13.72 21.46
N ARG A 261 -70.06 13.21 21.16
CA ARG A 261 -70.87 12.56 22.18
C ARG A 261 -70.18 11.32 22.72
N ASP A 262 -69.59 10.51 21.84
CA ASP A 262 -68.94 9.29 22.29
C ASP A 262 -67.74 9.57 23.18
N ILE A 263 -66.90 10.54 22.78
CA ILE A 263 -65.72 10.86 23.57
C ILE A 263 -66.11 11.54 24.87
N LYS A 264 -67.12 12.42 24.83
CA LYS A 264 -67.55 13.11 26.03
C LYS A 264 -68.03 12.13 27.10
N ASN A 265 -68.80 11.12 26.69
CA ASN A 265 -69.23 10.10 27.64
C ASN A 265 -68.06 9.30 28.18
N ALA A 266 -67.09 9.00 27.31
CA ALA A 266 -65.93 8.22 27.73
C ALA A 266 -65.09 8.98 28.76
N MET A 267 -64.94 10.29 28.56
CA MET A 267 -64.08 11.07 29.45
C MET A 267 -64.71 11.33 30.81
N SER A 268 -66.03 11.13 30.96
CA SER A 268 -66.66 11.33 32.25
C SER A 268 -66.19 10.33 33.30
N PHE A 269 -65.57 9.23 32.89
CA PHE A 269 -65.00 8.26 33.82
C PHE A 269 -63.58 8.61 34.22
N ALA A 270 -63.01 9.68 33.67
CA ALA A 270 -61.64 10.10 33.96
C ALA A 270 -61.59 11.56 34.38
N VAL A 271 -62.61 12.05 35.06
CA VAL A 271 -62.66 13.47 35.40
C VAL A 271 -61.62 13.79 36.48
N PHE A 272 -61.79 13.23 37.67
CA PHE A 272 -60.94 13.58 38.80
C PHE A 272 -59.71 12.70 38.90
N GLU A 273 -59.32 12.05 37.81
CA GLU A 273 -58.11 11.25 37.81
C GLU A 273 -56.89 12.15 37.91
N PRO A 274 -55.77 11.63 38.44
CA PRO A 274 -54.56 12.45 38.53
C PRO A 274 -54.14 12.97 37.16
N ASN A 275 -53.72 14.23 37.12
CA ASN A 275 -53.35 14.89 35.88
C ASN A 275 -51.84 14.81 35.71
N SER A 276 -51.37 13.63 35.30
CA SER A 276 -49.95 13.37 35.14
C SER A 276 -49.76 12.50 33.90
N GLN A 277 -48.52 12.04 33.72
CA GLN A 277 -48.18 11.25 32.52
C GLN A 277 -48.97 9.95 32.40
N PRO A 278 -49.12 9.12 33.44
CA PRO A 278 -49.86 7.86 33.24
C PRO A 278 -51.28 8.06 32.76
N THR A 279 -51.97 9.11 33.21
CA THR A 279 -53.32 9.37 32.73
C THR A 279 -53.30 9.78 31.27
N TRP A 280 -52.33 10.59 30.86
CA TRP A 280 -52.27 11.06 29.49
C TRP A 280 -52.05 9.90 28.52
N GLU A 281 -51.25 8.91 28.91
CA GLU A 281 -51.02 7.76 28.05
C GLU A 281 -52.30 6.97 27.82
N ARG A 282 -53.13 6.84 28.87
CA ARG A 282 -54.36 6.05 28.74
C ARG A 282 -55.40 6.76 27.88
N VAL A 283 -55.58 8.07 28.08
CA VAL A 283 -56.57 8.80 27.29
C VAL A 283 -56.14 8.88 25.83
N ARG A 284 -54.83 9.03 25.59
CA ARG A 284 -54.33 9.07 24.21
C ARG A 284 -54.60 7.75 23.49
N SER A 285 -54.34 6.63 24.17
CA SER A 285 -54.56 5.33 23.55
C SER A 285 -56.04 5.09 23.29
N ALA A 286 -56.90 5.47 24.23
CA ALA A 286 -58.33 5.23 24.07
C ALA A 286 -58.90 6.02 22.89
N VAL A 287 -58.50 7.29 22.77
CA VAL A 287 -59.01 8.11 21.67
C VAL A 287 -58.43 7.64 20.34
N ASN A 288 -57.15 7.26 20.33
CA ASN A 288 -56.52 6.82 19.08
C ASN A 288 -57.20 5.57 18.54
N ASN A 289 -57.55 4.63 19.41
CA ASN A 289 -58.22 3.42 18.95
C ASN A 289 -59.59 3.73 18.36
N TYR A 290 -60.33 4.66 18.97
CA TYR A 290 -61.65 5.00 18.46
C TYR A 290 -61.56 5.64 17.09
N LEU A 291 -60.61 6.56 16.90
CA LEU A 291 -60.44 7.19 15.59
C LEU A 291 -59.86 6.22 14.58
N TYR A 292 -59.00 5.31 15.01
CA TYR A 292 -58.48 4.29 14.11
C TYR A 292 -59.59 3.40 13.59
N SER A 293 -60.54 3.04 14.45
CA SER A 293 -61.67 2.23 14.02
C SER A 293 -62.51 2.95 12.96
N LEU A 294 -62.70 4.26 13.13
CA LEU A 294 -63.46 5.02 12.14
C LEU A 294 -62.73 5.06 10.80
N TRP A 295 -61.41 5.19 10.83
CA TRP A 295 -60.66 5.24 9.58
C TRP A 295 -60.67 3.89 8.88
N GLN A 296 -60.65 2.79 9.64
CA GLN A 296 -60.73 1.46 9.04
C GLN A 296 -62.05 1.27 8.31
N GLN A 297 -63.15 1.72 8.91
CA GLN A 297 -64.46 1.59 8.30
C GLN A 297 -64.68 2.55 7.14
N GLY A 298 -63.77 3.50 6.93
CA GLY A 298 -63.89 4.45 5.85
C GLY A 298 -64.53 5.78 6.21
N GLY A 299 -64.71 6.07 7.50
CA GLY A 299 -65.30 7.33 7.90
C GLY A 299 -64.38 8.53 7.80
N LEU A 300 -63.08 8.31 7.73
CA LEU A 300 -62.10 9.39 7.62
C LEU A 300 -61.23 9.15 6.39
N ALA A 301 -60.88 10.24 5.71
CA ALA A 301 -60.15 10.18 4.44
C ALA A 301 -58.66 10.37 4.71
N GLY A 302 -57.86 9.49 4.11
CA GLY A 302 -56.41 9.58 4.25
C GLY A 302 -55.71 8.28 3.94
N ASN A 303 -54.54 8.36 3.29
CA ASN A 303 -53.78 7.16 2.98
C ASN A 303 -53.30 6.45 4.23
N LYS A 304 -52.85 7.21 5.23
CA LYS A 304 -52.33 6.69 6.47
C LYS A 304 -53.07 7.35 7.63
N PRO A 305 -53.11 6.68 8.79
CA PRO A 305 -53.89 7.25 9.92
C PRO A 305 -53.47 8.64 10.32
N ASP A 306 -52.17 8.96 10.29
CA ASP A 306 -51.74 10.29 10.67
C ASP A 306 -52.17 11.36 9.66
N ASP A 307 -52.61 10.95 8.47
CA ASP A 307 -53.17 11.90 7.51
C ASP A 307 -54.65 12.14 7.74
N ALA A 308 -55.30 11.38 8.62
CA ALA A 308 -56.74 11.51 8.85
C ALA A 308 -57.08 12.09 10.21
N TYR A 309 -56.23 11.91 11.21
CA TYR A 309 -56.55 12.40 12.55
C TYR A 309 -55.26 12.55 13.34
N PHE A 310 -55.34 13.33 14.42
CA PHE A 310 -54.24 13.49 15.35
C PHE A 310 -54.79 13.84 16.71
N VAL A 311 -54.14 13.33 17.75
CA VAL A 311 -54.53 13.57 19.14
C VAL A 311 -53.30 14.09 19.88
N GLN A 312 -53.46 15.20 20.59
CA GLN A 312 -52.36 15.82 21.32
C GLN A 312 -52.77 16.04 22.77
N ILE A 313 -51.91 15.62 23.69
CA ILE A 313 -52.08 15.90 25.11
C ILE A 313 -50.74 15.71 25.79
N GLY A 314 -50.37 16.66 26.64
CA GLY A 314 -49.10 16.59 27.32
C GLY A 314 -48.84 17.83 28.15
N LYS A 315 -47.70 17.79 28.85
CA LYS A 315 -47.32 18.88 29.73
C LYS A 315 -46.83 20.10 28.97
N ASP A 316 -46.28 19.90 27.77
CA ASP A 316 -45.80 21.02 26.95
C ASP A 316 -46.41 21.03 25.56
N ILE A 317 -47.42 20.21 25.30
CA ILE A 317 -48.05 20.12 23.99
C ILE A 317 -49.34 20.92 23.93
N THR A 318 -50.20 20.76 24.93
CA THR A 318 -51.51 21.40 24.93
C THR A 318 -51.76 22.33 26.10
N MET A 319 -51.24 22.01 27.28
CA MET A 319 -51.47 22.81 28.47
C MET A 319 -50.14 23.24 29.07
N THR A 320 -50.19 24.30 29.88
CA THR A 320 -48.99 24.83 30.53
C THR A 320 -48.99 24.44 32.00
N ASP A 321 -47.96 24.92 32.72
CA ASP A 321 -47.84 24.60 34.14
C ASP A 321 -48.99 25.21 34.95
N ASP A 322 -49.38 26.44 34.62
CA ASP A 322 -50.47 27.08 35.35
C ASP A 322 -51.80 26.41 35.05
N ASP A 323 -51.96 25.84 33.85
CA ASP A 323 -53.18 25.10 33.53
C ASP A 323 -53.33 23.88 34.43
N ILE A 324 -52.24 23.16 34.66
CA ILE A 324 -52.30 21.99 35.54
C ILE A 324 -52.61 22.42 36.97
N LYS A 325 -51.98 23.50 37.44
CA LYS A 325 -52.22 23.97 38.80
C LYS A 325 -53.65 24.44 39.01
N GLN A 326 -54.35 24.81 37.95
CA GLN A 326 -55.75 25.19 38.03
C GLN A 326 -56.69 24.05 37.69
N GLY A 327 -56.18 22.83 37.53
CA GLY A 327 -57.02 21.68 37.31
C GLY A 327 -57.66 21.59 35.94
N LYS A 328 -56.92 21.94 34.89
CA LYS A 328 -57.42 21.87 33.52
C LYS A 328 -56.62 20.84 32.74
N MET A 329 -57.33 19.90 32.12
CA MET A 329 -56.74 18.94 31.19
C MET A 329 -57.27 19.26 29.79
N ILE A 330 -56.36 19.56 28.86
CA ILE A 330 -56.72 20.03 27.53
C ILE A 330 -56.26 19.00 26.52
N ILE A 331 -57.19 18.53 25.68
CA ILE A 331 -56.90 17.56 24.63
C ILE A 331 -57.32 18.17 23.30
N LYS A 332 -56.42 18.14 22.32
CA LYS A 332 -56.68 18.64 20.99
C LYS A 332 -56.88 17.46 20.05
N ILE A 333 -58.02 17.46 19.34
CA ILE A 333 -58.39 16.38 18.45
C ILE A 333 -58.68 16.94 17.07
N GLY A 334 -57.98 16.43 16.05
CA GLY A 334 -58.22 16.80 14.67
C GLY A 334 -58.80 15.62 13.92
N MET A 335 -59.69 15.91 12.98
CA MET A 335 -60.41 14.86 12.26
C MET A 335 -60.69 15.31 10.84
N ALA A 336 -60.50 14.42 9.88
CA ALA A 336 -60.74 14.69 8.46
C ALA A 336 -61.94 13.86 8.02
N ALA A 337 -63.13 14.47 8.10
CA ALA A 337 -64.35 13.76 7.77
C ALA A 337 -64.45 13.49 6.27
N VAL A 338 -65.05 12.37 5.92
CA VAL A 338 -65.28 12.01 4.52
C VAL A 338 -66.53 12.69 4.02
N ARG A 339 -66.44 13.28 2.82
CA ARG A 339 -67.53 14.06 2.25
C ARG A 339 -68.23 13.29 1.13
N PRO A 340 -69.52 13.54 0.92
CA PRO A 340 -70.22 12.88 -0.19
C PRO A 340 -69.69 13.37 -1.54
N ALA A 341 -69.80 12.49 -2.53
CA ALA A 341 -69.41 12.82 -3.90
C ALA A 341 -70.65 13.33 -4.64
N GLU A 342 -71.14 14.50 -4.19
CA GLU A 342 -72.42 15.01 -4.64
C GLU A 342 -72.50 15.10 -6.16
N PHE A 343 -71.42 15.51 -6.81
CA PHE A 343 -71.37 15.62 -8.26
C PHE A 343 -70.34 14.65 -8.80
N ILE A 344 -70.69 13.95 -9.87
CA ILE A 344 -69.78 13.03 -10.55
C ILE A 344 -69.52 13.59 -11.94
N ILE A 345 -68.25 13.82 -12.26
CA ILE A 345 -67.86 14.44 -13.51
C ILE A 345 -67.07 13.43 -14.32
N LEU A 346 -67.53 13.15 -15.53
CA LEU A 346 -66.87 12.23 -16.44
C LEU A 346 -66.35 13.01 -17.64
N GLN A 347 -65.05 12.89 -17.90
CA GLN A 347 -64.44 13.58 -19.03
C GLN A 347 -63.61 12.60 -19.84
N PHE A 348 -63.85 12.60 -21.15
CA PHE A 348 -63.23 11.65 -22.08
C PHE A 348 -62.46 12.41 -23.16
N THR A 349 -61.48 11.71 -23.73
CA THR A 349 -60.64 12.29 -24.77
C THR A 349 -60.75 11.48 -26.06
N THR B 3 -14.89 -0.73 72.36
CA THR B 3 -14.66 -1.12 73.75
C THR B 3 -13.19 -1.07 74.11
N ILE B 4 -12.90 -1.20 75.40
CA ILE B 4 -11.55 -1.15 75.93
C ILE B 4 -11.22 -2.52 76.51
N PRO B 5 -10.39 -3.32 75.86
CA PRO B 5 -10.06 -4.64 76.40
C PRO B 5 -9.34 -4.52 77.74
N THR B 6 -9.67 -5.44 78.64
CA THR B 6 -9.09 -5.48 79.97
C THR B 6 -8.43 -6.83 80.28
N TYR B 7 -9.01 -7.93 79.82
CA TYR B 7 -8.45 -9.25 80.00
C TYR B 7 -8.25 -9.93 78.66
N PRO B 8 -7.27 -10.83 78.55
CA PRO B 8 -7.12 -11.59 77.30
C PRO B 8 -8.36 -12.45 77.04
N GLY B 9 -8.72 -12.54 75.77
CA GLY B 9 -9.89 -13.30 75.38
C GLY B 9 -10.49 -12.73 74.11
N VAL B 10 -11.77 -13.05 73.90
CA VAL B 10 -12.50 -12.63 72.71
C VAL B 10 -13.62 -11.70 73.13
N TYR B 11 -13.71 -10.54 72.48
CA TYR B 11 -14.74 -9.55 72.76
C TYR B 11 -15.69 -9.46 71.56
N ILE B 12 -16.95 -9.17 71.85
CA ILE B 12 -17.99 -9.07 70.83
C ILE B 12 -18.54 -7.66 70.83
N GLU B 13 -18.55 -7.03 69.67
CA GLU B 13 -19.11 -5.70 69.48
C GLU B 13 -20.22 -5.77 68.44
N GLU B 14 -21.35 -5.13 68.74
CA GLU B 14 -22.47 -5.06 67.84
C GLU B 14 -22.64 -3.64 67.32
N ASP B 15 -22.81 -3.51 66.01
CA ASP B 15 -22.94 -2.20 65.38
C ASP B 15 -24.24 -1.55 65.85
N ALA B 16 -24.12 -0.54 66.70
CA ALA B 16 -25.26 0.17 67.25
C ALA B 16 -25.58 1.45 66.49
N SER B 17 -24.90 1.71 65.38
CA SER B 17 -25.19 2.90 64.60
C SER B 17 -26.59 2.82 64.01
N LEU B 18 -27.22 3.98 63.84
CA LEU B 18 -28.61 4.02 63.43
C LEU B 18 -28.77 3.65 61.96
N ASN B 19 -29.88 2.97 61.65
CA ASN B 19 -30.36 2.82 60.29
C ASN B 19 -31.76 3.40 60.20
N LEU B 20 -32.02 4.11 59.12
CA LEU B 20 -33.26 4.88 59.00
C LEU B 20 -34.10 4.33 57.85
N SER B 21 -35.40 4.29 58.08
CA SER B 21 -36.36 3.84 57.07
C SER B 21 -37.70 4.47 57.38
N VAL B 22 -38.26 5.18 56.41
CA VAL B 22 -39.56 5.82 56.55
C VAL B 22 -40.60 4.92 55.92
N ASN B 23 -41.60 4.51 56.70
CA ASN B 23 -42.63 3.60 56.25
C ASN B 23 -43.98 4.30 56.27
N GLN B 24 -44.76 4.07 55.22
CA GLN B 24 -46.09 4.68 55.11
C GLN B 24 -47.02 4.10 56.17
N GLY B 25 -47.84 4.97 56.76
CA GLY B 25 -48.82 4.57 57.74
C GLY B 25 -50.24 4.85 57.25
N ASN B 26 -51.19 4.58 58.15
CA ASN B 26 -52.59 4.85 57.86
C ASN B 26 -52.82 6.34 57.66
N THR B 27 -53.73 6.67 56.75
CA THR B 27 -54.01 8.06 56.40
C THR B 27 -55.50 8.38 56.44
N ALA B 28 -56.31 7.51 57.03
CA ALA B 28 -57.76 7.68 56.95
C ALA B 28 -58.54 7.34 58.20
N ILE B 29 -57.92 7.29 59.38
CA ILE B 29 -58.67 7.01 60.60
C ILE B 29 -59.40 8.26 61.05
N PRO B 30 -60.73 8.23 61.10
CA PRO B 30 -61.48 9.41 61.55
C PRO B 30 -61.80 9.38 63.03
N VAL B 31 -62.25 10.50 63.57
CA VAL B 31 -62.79 10.57 64.93
C VAL B 31 -64.14 11.24 64.86
N PHE B 32 -65.14 10.65 65.51
CA PHE B 32 -66.51 11.14 65.49
C PHE B 32 -66.84 11.78 66.83
N ILE B 33 -67.33 13.01 66.79
CA ILE B 33 -67.68 13.77 67.98
C ILE B 33 -69.18 14.03 67.95
N GLY B 34 -69.88 13.58 68.97
CA GLY B 34 -71.32 13.75 69.01
C GLY B 34 -71.90 13.06 70.22
N LEU B 35 -73.23 12.99 70.24
CA LEU B 35 -73.94 12.39 71.36
C LEU B 35 -74.05 10.89 71.14
N PHE B 36 -73.24 10.13 71.86
CA PHE B 36 -73.28 8.67 71.82
C PHE B 36 -73.60 8.15 73.21
N SER B 37 -74.09 6.90 73.25
CA SER B 37 -74.49 6.25 74.50
C SER B 37 -73.66 4.97 74.65
N PRO B 38 -72.50 5.05 75.28
CA PRO B 38 -71.69 3.83 75.49
C PRO B 38 -72.37 2.89 76.47
N LYS B 39 -72.13 1.59 76.26
CA LYS B 39 -72.70 0.59 77.16
C LYS B 39 -72.03 0.61 78.52
N ASN B 40 -70.74 0.94 78.58
CA ASN B 40 -69.98 0.98 79.82
C ASN B 40 -69.45 2.39 80.03
N THR B 41 -69.53 2.87 81.26
CA THR B 41 -69.05 4.21 81.60
C THR B 41 -67.57 4.18 81.97
N GLN B 46 -63.55 10.21 77.29
CA GLN B 46 -62.60 9.25 76.77
C GLN B 46 -62.94 8.87 75.33
N VAL B 47 -61.91 8.62 74.52
CA VAL B 47 -62.09 8.26 73.12
C VAL B 47 -61.89 6.76 72.97
N THR B 48 -62.85 6.10 72.32
CA THR B 48 -62.88 4.66 72.20
C THR B 48 -62.67 4.25 70.74
N ARG B 49 -61.92 3.18 70.53
CA ARG B 49 -61.65 2.67 69.18
C ARG B 49 -62.68 1.62 68.80
N VAL B 50 -63.20 1.72 67.58
CA VAL B 50 -64.20 0.80 67.06
C VAL B 50 -63.70 0.24 65.74
N ASN B 51 -63.77 -1.08 65.59
CA ASN B 51 -63.20 -1.75 64.44
C ASN B 51 -64.18 -1.94 63.29
N SER B 52 -65.48 -2.07 63.59
CA SER B 52 -66.48 -2.30 62.55
C SER B 52 -67.85 -1.97 63.13
N TRP B 53 -68.88 -2.10 62.29
CA TRP B 53 -70.24 -1.84 62.74
C TRP B 53 -70.65 -2.82 63.84
N LEU B 54 -70.28 -4.09 63.69
CA LEU B 54 -70.57 -5.07 64.74
C LEU B 54 -69.86 -4.70 66.03
N ASP B 55 -68.62 -4.23 65.93
CA ASP B 55 -67.89 -3.79 67.13
C ASP B 55 -68.59 -2.60 67.79
N PHE B 56 -69.10 -1.67 66.99
CA PHE B 56 -69.81 -0.52 67.54
C PHE B 56 -71.06 -0.95 68.29
N THR B 57 -71.80 -1.91 67.74
CA THR B 57 -73.02 -2.38 68.40
C THR B 57 -72.71 -3.02 69.75
N ASN B 58 -71.60 -3.76 69.83
CA ASN B 58 -71.26 -4.44 71.07
C ASN B 58 -70.83 -3.47 72.17
N LEU B 59 -70.44 -2.25 71.79
CA LEU B 59 -69.95 -1.28 72.77
C LEU B 59 -70.88 -0.10 72.96
N PHE B 60 -71.75 0.20 71.99
CA PHE B 60 -72.63 1.35 72.07
C PHE B 60 -74.06 0.91 71.79
N ASN B 61 -75.01 1.71 72.29
CA ASN B 61 -76.43 1.45 72.07
C ASN B 61 -76.86 2.19 70.80
N ALA B 62 -77.03 1.44 69.71
CA ALA B 62 -77.44 2.04 68.46
C ALA B 62 -78.90 2.46 68.53
N GLY B 63 -79.19 3.70 68.12
CA GLY B 63 -80.54 4.19 68.14
C GLY B 63 -80.57 5.64 67.69
N CYS B 64 -81.79 6.13 67.46
CA CYS B 64 -82.01 7.49 67.01
C CYS B 64 -82.39 8.42 68.15
N ILE B 65 -82.30 7.96 69.40
CA ILE B 65 -82.66 8.76 70.56
C ILE B 65 -81.44 8.86 71.48
N ALA B 66 -81.07 10.09 71.83
CA ALA B 66 -79.97 10.31 72.74
C ALA B 66 -80.35 9.87 74.14
N PRO B 67 -79.35 9.53 74.97
CA PRO B 67 -79.66 9.17 76.36
C PRO B 67 -80.36 10.30 77.09
N ILE B 68 -81.33 9.93 77.93
CA ILE B 68 -82.14 10.92 78.63
C ILE B 68 -81.46 11.36 79.92
N VAL B 116 -85.44 14.95 76.18
CA VAL B 116 -84.97 14.00 75.18
C VAL B 116 -84.42 14.73 73.96
N ASN B 117 -83.52 14.08 73.24
CA ASN B 117 -82.86 14.66 72.09
C ASN B 117 -82.84 13.67 70.93
N TYR B 118 -82.76 14.21 69.71
CA TYR B 118 -82.67 13.40 68.51
C TYR B 118 -81.23 13.40 68.01
N THR B 119 -80.72 12.21 67.68
CA THR B 119 -79.34 12.04 67.27
C THR B 119 -79.28 11.20 65.99
N THR B 120 -78.49 11.68 65.03
CA THR B 120 -78.22 10.93 63.81
C THR B 120 -76.88 10.22 63.86
N SER B 121 -76.20 10.24 65.01
CA SER B 121 -74.85 9.70 65.09
C SER B 121 -74.83 8.20 64.79
N SER B 122 -75.77 7.44 65.35
CA SER B 122 -75.81 6.01 65.10
C SER B 122 -76.09 5.71 63.63
N ASP B 123 -77.05 6.42 63.05
CA ASP B 123 -77.35 6.23 61.62
C ASP B 123 -76.19 6.68 60.75
N ALA B 124 -75.55 7.80 61.11
CA ALA B 124 -74.42 8.29 60.33
C ALA B 124 -73.27 7.30 60.34
N LEU B 125 -72.99 6.68 61.49
CA LEU B 125 -71.91 5.72 61.57
C LEU B 125 -72.20 4.48 60.73
N LYS B 126 -73.48 4.10 60.63
CA LYS B 126 -73.84 2.97 59.77
C LYS B 126 -73.51 3.27 58.32
N LEU B 127 -73.77 4.50 57.87
CA LEU B 127 -73.43 4.86 56.50
C LEU B 127 -71.92 4.89 56.30
N TYR B 128 -71.17 5.32 57.32
CA TYR B 128 -69.72 5.38 57.20
C TYR B 128 -69.12 4.01 56.95
N PHE B 129 -69.58 3.00 57.67
CA PHE B 129 -69.08 1.64 57.44
C PHE B 129 -69.62 1.07 56.15
N GLN B 130 -70.81 1.49 55.73
CA GLN B 130 -71.39 1.02 54.49
C GLN B 130 -70.58 1.46 53.28
N ASN B 131 -69.89 2.60 53.36
CA ASN B 131 -69.15 3.15 52.24
C ASN B 131 -67.65 2.81 52.31
N GLY B 132 -67.31 1.65 52.87
CA GLY B 132 -65.94 1.21 52.88
C GLY B 132 -65.07 1.78 54.00
N GLY B 133 -65.67 2.42 54.99
CA GLY B 133 -64.88 2.97 56.07
C GLY B 133 -64.22 1.88 56.91
N GLY B 134 -63.04 2.21 57.43
CA GLY B 134 -62.28 1.29 58.24
C GLY B 134 -62.44 1.56 59.72
N PRO B 135 -61.47 1.12 60.52
CA PRO B 135 -61.53 1.39 61.97
C PRO B 135 -61.54 2.87 62.25
N CYS B 136 -62.30 3.26 63.27
CA CYS B 136 -62.49 4.67 63.61
C CYS B 136 -62.42 4.83 65.12
N TYR B 137 -62.51 6.08 65.56
CA TYR B 137 -62.52 6.42 66.98
C TYR B 137 -63.81 7.17 67.30
N ILE B 138 -64.36 6.90 68.48
CA ILE B 138 -65.61 7.50 68.93
C ILE B 138 -65.32 8.34 70.16
N LEU B 139 -65.81 9.58 70.16
CA LEU B 139 -65.67 10.51 71.28
C LEU B 139 -67.07 10.85 71.77
N PRO B 140 -67.64 10.07 72.70
CA PRO B 140 -69.01 10.30 73.13
C PRO B 140 -69.13 11.56 73.98
N GLN B 141 -70.20 12.32 73.75
CA GLN B 141 -70.49 13.50 74.54
C GLN B 141 -71.64 13.19 75.49
N LEU B 142 -71.46 13.52 76.77
CA LEU B 142 -72.40 13.15 77.82
C LEU B 142 -72.96 14.42 78.47
N ASP B 143 -74.26 14.41 78.74
CA ASP B 143 -74.95 15.49 79.45
C ASP B 143 -74.92 16.79 78.64
N ARG B 144 -75.04 17.91 79.33
CA ARG B 144 -75.07 19.20 78.64
C ARG B 144 -73.70 19.53 78.06
N LEU B 145 -73.70 20.39 77.05
CA LEU B 145 -72.48 20.74 76.32
C LEU B 145 -71.77 21.84 77.11
N THR B 146 -70.94 21.40 78.06
CA THR B 146 -70.20 22.31 78.91
C THR B 146 -68.96 22.85 78.19
N GLN B 147 -68.43 23.95 78.71
CA GLN B 147 -67.22 24.54 78.14
C GLN B 147 -66.00 23.66 78.41
N GLY B 148 -66.04 22.86 79.48
CA GLY B 148 -64.92 21.98 79.78
C GLY B 148 -64.71 20.93 78.70
N PHE B 149 -65.80 20.42 78.12
CA PHE B 149 -65.68 19.43 77.05
C PHE B 149 -65.01 20.04 75.83
N LEU B 150 -65.34 21.29 75.51
CA LEU B 150 -64.74 21.95 74.35
C LEU B 150 -63.23 22.09 74.50
N ASP B 151 -62.77 22.47 75.69
CA ASP B 151 -61.33 22.65 75.90
C ASP B 151 -60.58 21.34 75.80
N SER B 152 -61.21 20.23 76.21
CA SER B 152 -60.54 18.94 76.22
C SER B 152 -60.55 18.24 74.87
N ILE B 153 -61.35 18.72 73.90
CA ILE B 153 -61.42 18.04 72.61
C ILE B 153 -60.07 17.99 71.89
N PRO B 154 -59.33 19.09 71.74
CA PRO B 154 -58.00 18.96 71.11
C PRO B 154 -57.05 18.08 71.90
N GLU B 155 -57.15 18.08 73.23
CA GLU B 155 -56.27 17.25 74.04
C GLU B 155 -56.55 15.78 73.84
N LEU B 156 -57.83 15.39 73.89
CA LEU B 156 -58.18 13.98 73.78
C LEU B 156 -57.83 13.41 72.41
N ILE B 157 -57.99 14.22 71.36
CA ILE B 157 -57.67 13.75 70.01
C ILE B 157 -56.19 13.49 69.89
N LYS B 158 -55.35 14.35 70.46
CA LYS B 158 -53.91 14.21 70.33
C LYS B 158 -53.39 12.95 71.01
N GLN B 159 -54.02 12.52 72.10
CA GLN B 159 -53.56 11.32 72.80
C GLN B 159 -53.65 10.09 71.91
N ALA B 160 -54.75 9.94 71.17
CA ALA B 160 -54.85 8.90 70.17
C ALA B 160 -53.96 9.27 69.00
N LEU B 161 -52.88 8.52 68.80
CA LEU B 161 -51.83 8.94 67.89
C LEU B 161 -52.18 8.72 66.42
N GLU B 162 -53.17 7.89 66.12
CA GLU B 162 -53.47 7.54 64.74
C GLU B 162 -54.56 8.39 64.11
N ILE B 163 -55.21 9.26 64.86
CA ILE B 163 -56.35 10.01 64.33
C ILE B 163 -55.86 10.97 63.24
N THR B 164 -56.57 10.96 62.11
CA THR B 164 -56.22 11.80 60.96
C THR B 164 -57.35 12.70 60.52
N LEU B 165 -58.59 12.22 60.51
CA LEU B 165 -59.74 12.99 60.08
C LEU B 165 -60.66 13.27 61.27
N ILE B 166 -61.32 14.43 61.22
CA ILE B 166 -62.23 14.86 62.27
C ILE B 166 -63.60 15.07 61.64
N VAL B 167 -64.62 14.42 62.19
CA VAL B 167 -65.98 14.46 61.68
C VAL B 167 -66.94 14.66 62.84
N CYS B 168 -67.94 15.53 62.62
CA CYS B 168 -69.03 15.70 63.58
C CYS B 168 -70.32 15.21 62.94
N PRO B 169 -70.78 14.00 63.28
CA PRO B 169 -71.94 13.43 62.57
C PRO B 169 -73.28 13.91 63.08
N GLU B 170 -73.29 15.00 63.84
CA GLU B 170 -74.55 15.54 64.33
C GLU B 170 -75.29 16.28 63.22
N TRP B 171 -76.60 16.45 63.43
CA TRP B 171 -77.46 17.11 62.45
C TRP B 171 -77.71 18.58 62.77
N ASP B 172 -77.77 18.94 64.05
CA ASP B 172 -78.06 20.32 64.43
C ASP B 172 -76.93 21.23 63.99
N SER B 173 -77.29 22.34 63.34
CA SER B 173 -76.28 23.29 62.87
C SER B 173 -75.57 23.97 64.04
N GLY B 174 -76.33 24.33 65.08
CA GLY B 174 -75.71 24.99 66.22
C GLY B 174 -74.71 24.09 66.93
N TYR B 175 -75.04 22.81 67.07
CA TYR B 175 -74.11 21.87 67.70
C TYR B 175 -72.84 21.72 66.87
N GLN B 176 -72.99 21.63 65.54
CA GLN B 176 -71.84 21.48 64.67
C GLN B 176 -70.92 22.70 64.75
N SER B 177 -71.51 23.90 64.80
CA SER B 177 -70.70 25.11 64.84
C SER B 177 -69.85 25.17 66.11
N LYS B 178 -70.42 24.77 67.25
CA LYS B 178 -69.65 24.76 68.48
C LYS B 178 -68.48 23.78 68.41
N ILE B 179 -68.70 22.61 67.81
CA ILE B 179 -67.65 21.61 67.72
C ILE B 179 -66.53 22.10 66.80
N TYR B 180 -66.89 22.68 65.66
CA TYR B 180 -65.87 23.13 64.70
C TYR B 180 -65.00 24.23 65.30
N ASN B 181 -65.61 25.20 65.97
CA ASN B 181 -64.84 26.28 66.57
C ASN B 181 -63.95 25.79 67.70
N SER B 182 -64.35 24.71 68.38
CA SER B 182 -63.56 24.18 69.48
C SER B 182 -62.22 23.64 69.01
N LEU B 183 -62.10 23.29 67.74
CA LEU B 183 -60.85 22.79 67.18
C LEU B 183 -59.86 23.94 67.09
N THR B 184 -58.80 23.89 67.90
CA THR B 184 -57.81 24.96 67.89
C THR B 184 -57.05 24.95 66.56
N SER B 185 -56.55 26.13 66.19
CA SER B 185 -55.74 26.24 64.99
C SER B 185 -54.46 25.41 65.10
N SER B 186 -53.94 25.26 66.33
CA SER B 186 -52.75 24.43 66.53
C SER B 186 -53.03 22.94 66.33
N LEU B 187 -54.31 22.54 66.38
CA LEU B 187 -54.64 21.13 66.17
C LEU B 187 -54.67 20.80 64.68
N LEU B 188 -55.44 21.55 63.90
CA LEU B 188 -55.55 21.27 62.48
C LEU B 188 -54.23 21.49 61.76
N ASN B 189 -53.45 22.49 62.18
CA ASN B 189 -52.18 22.79 61.56
C ASN B 189 -51.12 21.73 61.83
N ALA B 190 -51.38 20.79 62.73
CA ALA B 190 -50.43 19.73 63.07
C ALA B 190 -50.57 18.51 62.17
N GLY B 191 -51.46 18.55 61.18
CA GLY B 191 -51.62 17.43 60.28
C GLY B 191 -52.95 16.73 60.42
N TYR B 192 -53.99 17.49 60.74
CA TYR B 192 -55.34 16.95 60.92
C TYR B 192 -56.29 17.62 59.94
N PHE B 193 -57.11 16.82 59.28
CA PHE B 193 -58.05 17.30 58.29
C PHE B 193 -59.47 17.24 58.84
N LEU B 194 -60.24 18.30 58.59
CA LEU B 194 -61.61 18.42 59.08
C LEU B 194 -62.58 18.30 57.90
N ILE B 195 -63.63 17.52 58.09
CA ILE B 195 -64.70 17.35 57.10
C ILE B 195 -65.96 17.93 57.70
N ALA B 196 -66.56 18.90 57.01
CA ALA B 196 -67.71 19.62 57.51
C ALA B 196 -68.85 19.59 56.50
N ASP B 197 -70.06 19.85 56.99
CA ASP B 197 -71.25 19.91 56.17
C ASP B 197 -71.72 21.35 56.06
N ASN B 198 -71.94 21.82 54.84
CA ASN B 198 -72.46 23.15 54.63
C ASN B 198 -73.94 23.21 55.00
N GLN B 199 -74.34 24.30 55.64
CA GLN B 199 -75.73 24.52 55.99
C GLN B 199 -76.51 25.26 54.92
N ASP B 200 -75.83 25.78 53.89
CA ASP B 200 -76.49 26.58 52.88
C ASP B 200 -75.73 26.47 51.56
N LYS B 201 -76.47 26.57 50.46
CA LYS B 201 -75.86 26.50 49.15
C LYS B 201 -75.11 27.77 48.78
N ASN B 202 -75.53 28.91 49.33
CA ASN B 202 -75.03 30.20 48.88
C ASN B 202 -73.70 30.60 49.51
N THR B 203 -73.57 30.45 50.83
CA THR B 203 -72.39 30.92 51.54
C THR B 203 -71.60 29.74 52.07
N ALA B 204 -70.28 29.93 52.15
CA ALA B 204 -69.38 28.89 52.62
C ALA B 204 -69.16 29.00 54.13
N LEU B 205 -68.57 27.96 54.70
CA LEU B 205 -68.34 27.91 56.13
C LEU B 205 -67.19 28.85 56.53
N ILE B 206 -67.22 29.29 57.78
CA ILE B 206 -66.14 30.06 58.37
C ILE B 206 -65.34 29.13 59.27
N THR B 207 -64.05 28.99 58.98
CA THR B 207 -63.21 28.00 59.63
C THR B 207 -61.91 28.65 60.10
N GLU B 208 -61.41 28.21 61.25
CA GLU B 208 -60.17 28.75 61.80
C GLU B 208 -58.99 28.48 60.86
N VAL B 209 -58.94 27.30 60.27
CA VAL B 209 -57.89 26.93 59.32
C VAL B 209 -58.58 26.53 58.03
N ALA B 210 -58.63 27.45 57.06
CA ALA B 210 -59.34 27.18 55.82
C ALA B 210 -58.65 26.10 54.99
N SER B 211 -57.32 26.07 55.01
CA SER B 211 -56.58 25.13 54.17
C SER B 211 -56.77 23.68 54.59
N GLN B 212 -57.19 23.43 55.83
CA GLN B 212 -57.34 22.08 56.34
C GLN B 212 -58.81 21.68 56.51
N THR B 213 -59.67 22.12 55.61
CA THR B 213 -61.10 21.89 55.75
C THR B 213 -61.73 21.63 54.39
N ALA B 214 -62.60 20.62 54.34
CA ALA B 214 -63.42 20.34 53.17
C ALA B 214 -64.88 20.41 53.56
N THR B 215 -65.69 21.04 52.70
CA THR B 215 -67.10 21.27 53.00
C THR B 215 -67.94 20.67 51.88
N TYR B 216 -69.02 19.99 52.27
CA TYR B 216 -69.86 19.27 51.33
C TYR B 216 -71.31 19.69 51.49
N TYR B 217 -72.08 19.53 50.41
CA TYR B 217 -73.48 19.92 50.36
C TYR B 217 -74.13 19.22 49.18
N PRO B 218 -75.38 18.77 49.29
CA PRO B 218 -76.28 18.83 50.43
C PRO B 218 -76.26 17.56 51.28
N ALA B 219 -77.13 17.49 52.29
CA ALA B 219 -77.22 16.29 53.10
C ALA B 219 -77.88 15.17 52.32
N VAL B 220 -77.80 13.96 52.86
CA VAL B 220 -78.31 12.77 52.19
C VAL B 220 -79.52 12.25 52.95
N LYS B 221 -80.34 11.47 52.25
CA LYS B 221 -81.54 10.88 52.81
C LYS B 221 -81.42 9.36 52.84
N VAL B 222 -81.95 8.76 53.90
CA VAL B 222 -82.06 7.32 54.03
C VAL B 222 -83.53 6.98 54.29
N SER B 223 -83.89 5.74 54.00
CA SER B 223 -85.30 5.36 54.10
C SER B 223 -85.69 5.05 55.55
N GLN B 224 -84.92 4.18 56.21
CA GLN B 224 -85.26 3.77 57.57
C GLN B 224 -84.09 4.09 58.50
N LEU B 225 -84.43 4.63 59.66
CA LEU B 225 -83.47 4.85 60.72
C LEU B 225 -83.29 3.56 61.53
N ILE B 226 -82.53 3.65 62.61
CA ILE B 226 -82.32 2.53 63.51
C ILE B 226 -83.22 2.72 64.72
N GLN B 227 -84.17 1.81 64.88
CA GLN B 227 -85.07 1.81 66.03
C GLN B 227 -84.59 0.79 67.05
N ALA B 228 -84.61 1.18 68.33
CA ALA B 228 -84.09 0.35 69.41
C ALA B 228 -85.18 0.07 70.41
N GLU B 229 -85.12 -1.11 71.03
CA GLU B 229 -86.06 -1.45 72.08
C GLU B 229 -85.81 -0.62 73.33
N ASP B 230 -86.78 -0.63 74.23
CA ASP B 230 -86.69 0.18 75.44
C ASP B 230 -85.48 -0.21 76.29
N SER B 231 -85.03 -1.46 76.20
CA SER B 231 -83.86 -1.89 76.96
C SER B 231 -82.57 -1.23 76.46
N GLN B 232 -82.60 -0.62 75.27
CA GLN B 232 -81.41 0.00 74.71
C GLN B 232 -81.28 1.48 75.05
N ILE B 233 -82.40 2.18 75.25
CA ILE B 233 -82.37 3.61 75.54
C ILE B 233 -81.96 3.79 76.99
N ALA B 234 -80.90 4.55 77.22
CA ALA B 234 -80.44 4.83 78.57
C ALA B 234 -81.19 6.01 79.17
N VAL B 235 -81.26 6.03 80.49
CA VAL B 235 -81.96 7.10 81.21
C VAL B 235 -81.00 7.86 82.10
N LEU B 251 -84.94 2.20 79.67
CA LEU B 251 -86.36 2.53 79.65
C LEU B 251 -87.20 1.38 80.16
N ALA B 252 -86.69 0.16 80.02
CA ALA B 252 -87.38 -1.01 80.55
C ALA B 252 -87.50 -0.94 82.06
N GLN B 253 -86.45 -0.50 82.74
CA GLN B 253 -86.52 -0.30 84.19
C GLN B 253 -87.52 0.78 84.55
N LEU B 254 -87.56 1.85 83.75
CA LEU B 254 -88.45 2.97 84.05
C LEU B 254 -89.91 2.57 83.84
N LYS B 255 -90.18 1.72 82.85
CA LYS B 255 -91.54 1.27 82.61
C LYS B 255 -92.10 0.51 83.80
N GLU B 256 -91.31 -0.41 84.36
CA GLU B 256 -91.78 -1.21 85.49
C GLU B 256 -91.85 -0.40 86.78
N LYS B 257 -91.11 0.69 86.88
CA LYS B 257 -91.07 1.48 88.11
C LYS B 257 -92.20 2.51 88.16
N ASN B 258 -92.37 3.28 87.08
CA ASN B 258 -93.35 4.37 87.06
C ASN B 258 -93.83 4.56 85.63
N PRO B 259 -94.92 3.90 85.24
CA PRO B 259 -95.45 4.09 83.88
C PRO B 259 -95.92 5.51 83.59
N THR B 260 -96.21 6.31 84.62
CA THR B 260 -96.71 7.66 84.40
C THR B 260 -95.68 8.52 83.69
N VAL B 261 -94.45 8.56 84.22
CA VAL B 261 -93.39 9.32 83.57
C VAL B 261 -92.98 8.65 82.26
N TYR B 262 -93.11 7.33 82.19
CA TYR B 262 -92.80 6.63 80.94
C TYR B 262 -93.72 7.10 79.82
N GLN B 263 -95.01 7.28 80.12
CA GLN B 263 -95.92 7.83 79.12
C GLN B 263 -95.51 9.25 78.74
N GLN B 264 -95.07 10.04 79.72
CA GLN B 264 -94.63 11.41 79.43
C GLN B 264 -93.45 11.42 78.47
N ALA B 265 -92.48 10.53 78.68
CA ALA B 265 -91.32 10.49 77.81
C ALA B 265 -91.68 9.94 76.43
N VAL B 266 -92.57 8.95 76.38
CA VAL B 266 -92.92 8.33 75.10
C VAL B 266 -93.58 9.32 74.17
N GLN B 267 -94.42 10.23 74.70
CA GLN B 267 -95.07 11.22 73.86
C GLN B 267 -94.03 12.09 73.15
N LYS B 268 -93.00 12.53 73.87
CA LYS B 268 -91.92 13.27 73.23
C LYS B 268 -91.16 12.40 72.25
N ILE B 269 -90.94 11.13 72.59
CA ILE B 269 -90.28 10.21 71.67
C ILE B 269 -91.12 10.02 70.41
N GLN B 270 -92.42 9.83 70.58
CA GLN B 270 -93.31 9.73 69.43
C GLN B 270 -93.36 11.06 68.67
N ALA B 271 -93.29 12.18 69.39
CA ALA B 271 -93.24 13.48 68.74
C ALA B 271 -91.99 13.62 67.89
N ILE B 272 -90.86 13.11 68.39
CA ILE B 272 -89.63 13.14 67.60
C ILE B 272 -89.74 12.22 66.40
N GLN B 273 -90.38 11.05 66.59
CA GLN B 273 -90.42 10.05 65.53
C GLN B 273 -91.16 10.53 64.29
N ASP B 274 -92.31 11.19 64.48
CA ASP B 274 -93.11 11.58 63.33
C ASP B 274 -92.54 12.79 62.59
N GLU B 275 -91.88 13.71 63.32
CA GLU B 275 -91.22 14.83 62.65
C GLU B 275 -90.13 14.34 61.70
N ILE B 276 -89.35 13.34 62.14
CA ILE B 276 -88.30 12.79 61.28
C ILE B 276 -88.91 12.13 60.05
N ALA B 277 -90.00 11.38 60.25
CA ALA B 277 -90.68 10.76 59.12
C ALA B 277 -91.29 11.81 58.19
N ALA B 278 -91.83 12.89 58.76
CA ALA B 278 -92.45 13.92 57.95
C ALA B 278 -91.43 14.67 57.11
N ASN B 279 -90.42 15.27 57.77
CA ASN B 279 -89.40 16.02 57.05
C ASN B 279 -88.45 15.12 56.27
N GLY B 280 -88.51 13.81 56.46
CA GLY B 280 -87.58 12.91 55.83
C GLY B 280 -86.38 12.63 56.72
N ASN B 281 -85.75 11.48 56.49
CA ASN B 281 -84.61 11.05 57.30
C ASN B 281 -83.36 11.66 56.71
N ILE B 282 -82.98 12.81 57.24
CA ILE B 282 -81.84 13.57 56.73
C ILE B 282 -80.62 13.25 57.58
N ILE B 283 -79.56 12.80 56.93
CA ILE B 283 -78.32 12.40 57.59
C ILE B 283 -77.22 13.33 57.10
N PRO B 284 -76.40 13.90 57.98
CA PRO B 284 -75.28 14.72 57.53
C PRO B 284 -74.33 13.92 56.66
N VAL B 285 -73.79 14.58 55.62
CA VAL B 285 -73.02 13.88 54.60
C VAL B 285 -71.55 13.72 54.96
N SER B 286 -71.05 14.43 55.97
CA SER B 286 -69.64 14.33 56.32
C SER B 286 -69.29 12.92 56.78
N ALA B 287 -70.23 12.24 57.47
CA ALA B 287 -69.98 10.87 57.89
C ALA B 287 -69.82 9.95 56.69
N VAL B 288 -70.64 10.13 55.66
CA VAL B 288 -70.53 9.32 54.45
C VAL B 288 -69.19 9.59 53.75
N MET B 289 -68.78 10.85 53.71
CA MET B 289 -67.57 11.21 52.97
C MET B 289 -66.32 10.64 53.63
N ALA B 290 -66.34 10.49 54.95
CA ALA B 290 -65.21 9.92 55.65
C ALA B 290 -64.95 8.49 55.19
N GLY B 291 -66.02 7.72 54.96
CA GLY B 291 -65.86 6.38 54.42
C GLY B 291 -65.29 6.40 53.02
N ILE B 292 -65.67 7.39 52.22
CA ILE B 292 -65.14 7.51 50.87
C ILE B 292 -63.64 7.79 50.91
N TYR B 293 -63.20 8.57 51.90
CA TYR B 293 -61.77 8.86 52.02
C TYR B 293 -60.96 7.60 52.26
N CYS B 294 -61.44 6.72 53.14
CA CYS B 294 -60.71 5.49 53.42
C CYS B 294 -60.79 4.52 52.25
N ALA B 295 -61.97 4.44 51.60
CA ALA B 295 -62.10 3.55 50.46
C ALA B 295 -61.20 3.98 49.32
N THR B 296 -61.10 5.28 49.07
CA THR B 296 -60.19 5.77 48.03
C THR B 296 -58.73 5.51 48.39
N ASP B 297 -58.38 5.73 49.65
CA ASP B 297 -56.99 5.52 50.08
C ASP B 297 -56.60 4.05 50.05
N ALA B 298 -57.57 3.15 50.22
CA ALA B 298 -57.26 1.73 50.12
C ALA B 298 -57.09 1.31 48.66
N SER B 299 -57.96 1.80 47.78
CA SER B 299 -57.91 1.40 46.38
C SER B 299 -56.77 2.10 45.65
N ARG B 300 -56.80 3.42 45.59
CA ARG B 300 -55.73 4.23 45.04
C ARG B 300 -54.97 4.89 46.17
N GLY B 301 -54.02 5.75 45.82
CA GLY B 301 -53.25 6.44 46.83
C GLY B 301 -53.98 7.60 47.46
N VAL B 302 -53.31 8.21 48.45
CA VAL B 302 -53.83 9.43 49.05
C VAL B 302 -53.83 10.56 48.04
N TRP B 303 -52.99 10.47 47.00
CA TRP B 303 -52.91 11.51 45.98
C TRP B 303 -54.12 11.51 45.06
N LYS B 304 -54.88 10.41 45.02
CA LYS B 304 -56.08 10.38 44.19
C LYS B 304 -57.19 11.18 44.85
N ALA B 305 -57.83 12.05 44.10
CA ALA B 305 -58.90 12.88 44.65
C ALA B 305 -60.08 11.99 45.05
N PRO B 306 -60.70 12.27 46.20
CA PRO B 306 -61.83 11.45 46.66
C PRO B 306 -63.14 11.72 45.94
N ALA B 307 -63.13 12.47 44.85
CA ALA B 307 -64.34 12.75 44.09
C ALA B 307 -64.56 11.68 43.04
N ASN B 308 -65.67 11.80 42.31
CA ASN B 308 -66.05 10.84 41.27
C ASN B 308 -66.17 9.43 41.82
N ILE B 309 -66.72 9.32 43.03
CA ILE B 309 -66.94 8.03 43.69
C ILE B 309 -68.43 7.89 43.97
N VAL B 310 -68.98 6.73 43.66
CA VAL B 310 -70.41 6.49 43.80
C VAL B 310 -70.74 6.22 45.26
N LEU B 311 -71.70 6.97 45.79
CA LEU B 311 -72.18 6.72 47.14
C LEU B 311 -72.99 5.44 47.18
N SER B 312 -72.99 4.78 48.34
CA SER B 312 -73.62 3.48 48.50
C SER B 312 -74.62 3.52 49.66
N GLY B 313 -75.69 2.75 49.51
CA GLY B 313 -76.68 2.64 50.57
C GLY B 313 -77.41 3.93 50.88
N ILE B 314 -77.79 4.68 49.85
CA ILE B 314 -78.47 5.96 50.03
C ILE B 314 -79.78 5.93 49.26
N SER B 315 -80.72 6.76 49.72
CA SER B 315 -82.03 6.88 49.09
C SER B 315 -82.10 8.03 48.11
N ASP B 316 -81.80 9.24 48.58
CA ASP B 316 -81.85 10.43 47.74
C ASP B 316 -81.04 11.53 48.39
N VAL B 317 -80.67 12.52 47.60
CA VAL B 317 -80.02 13.73 48.11
C VAL B 317 -81.10 14.69 48.55
N ALA B 318 -80.75 15.56 49.50
CA ALA B 318 -81.73 16.48 50.07
C ALA B 318 -82.25 17.44 49.01
N GLU B 319 -81.38 17.95 48.15
CA GLU B 319 -81.76 18.89 47.11
C GLU B 319 -80.98 18.59 45.84
N ARG B 320 -81.69 18.51 44.71
CA ARG B 320 -81.05 18.28 43.43
C ARG B 320 -80.35 19.55 42.96
N LEU B 321 -79.21 19.38 42.29
CA LEU B 321 -78.42 20.49 41.82
C LEU B 321 -78.24 20.40 40.30
N THR B 322 -78.08 21.56 39.68
CA THR B 322 -77.80 21.66 38.25
C THR B 322 -76.35 22.06 38.02
N ASP B 323 -75.93 21.98 36.76
CA ASP B 323 -74.55 22.34 36.42
C ASP B 323 -74.29 23.82 36.71
N ASP B 324 -75.25 24.69 36.39
CA ASP B 324 -75.08 26.11 36.63
C ASP B 324 -74.94 26.42 38.12
N GLU B 325 -75.77 25.78 38.94
CA GLU B 325 -75.72 26.04 40.38
C GLU B 325 -74.39 25.58 40.99
N GLN B 326 -73.91 24.40 40.59
CA GLN B 326 -72.68 23.89 41.16
C GLN B 326 -71.49 24.79 40.82
N GLY B 327 -71.46 25.32 39.60
CA GLY B 327 -70.38 26.20 39.22
C GLY B 327 -70.28 27.43 40.10
N GLU B 328 -71.42 27.89 40.62
CA GLU B 328 -71.40 29.00 41.56
C GLU B 328 -70.74 28.61 42.87
N MET B 329 -71.04 27.41 43.38
CA MET B 329 -70.48 26.98 44.65
C MET B 329 -69.02 26.55 44.50
N ASN B 330 -68.68 25.92 43.39
CA ASN B 330 -67.32 25.39 43.21
C ASN B 330 -66.29 26.50 43.28
N SER B 331 -66.65 27.72 42.85
CA SER B 331 -65.74 28.85 43.00
C SER B 331 -65.58 29.21 44.48
N LYS B 332 -66.64 29.08 45.27
CA LYS B 332 -66.59 29.40 46.69
C LYS B 332 -65.93 28.30 47.52
N GLY B 333 -65.73 27.12 46.96
CA GLY B 333 -65.11 26.03 47.65
C GLY B 333 -66.04 25.03 48.31
N ILE B 334 -67.29 24.94 47.86
CA ILE B 334 -68.27 24.01 48.41
C ILE B 334 -68.37 22.81 47.48
N ASN B 335 -67.97 21.65 47.97
CA ASN B 335 -68.03 20.43 47.18
C ASN B 335 -69.47 19.92 47.12
N ALA B 336 -69.87 19.47 45.93
CA ALA B 336 -71.26 19.12 45.67
C ALA B 336 -71.44 17.61 45.57
N ILE B 337 -72.64 17.15 45.89
CA ILE B 337 -73.07 15.79 45.66
C ILE B 337 -74.08 15.82 44.53
N ARG B 338 -73.72 15.27 43.39
CA ARG B 338 -74.53 15.33 42.19
C ARG B 338 -75.08 13.95 41.85
N TYR B 339 -76.19 13.94 41.13
CA TYR B 339 -76.80 12.72 40.62
C TYR B 339 -76.70 12.71 39.10
N PHE B 340 -76.11 11.65 38.55
CA PHE B 340 -75.98 11.47 37.12
C PHE B 340 -76.68 10.18 36.73
N SER B 341 -77.48 10.23 35.66
CA SER B 341 -78.29 9.09 35.28
C SER B 341 -77.42 7.90 34.90
N HIS B 342 -76.32 8.14 34.18
CA HIS B 342 -75.47 7.04 33.73
C HIS B 342 -74.69 6.43 34.88
N LYS B 343 -74.51 7.16 35.99
CA LYS B 343 -73.65 6.72 37.07
C LYS B 343 -74.32 6.63 38.43
N GLY B 344 -75.31 7.45 38.71
CA GLY B 344 -75.94 7.44 40.03
C GLY B 344 -75.55 8.63 40.87
N PHE B 345 -75.47 8.45 42.18
CA PHE B 345 -75.05 9.52 43.08
C PHE B 345 -73.54 9.47 43.24
N VAL B 346 -72.87 10.57 42.91
CA VAL B 346 -71.42 10.64 42.95
C VAL B 346 -71.01 11.91 43.66
N VAL B 347 -69.76 11.94 44.11
CA VAL B 347 -69.16 13.13 44.70
C VAL B 347 -68.52 13.93 43.59
N TRP B 348 -68.92 15.19 43.47
CA TRP B 348 -68.45 16.07 42.40
C TRP B 348 -67.77 17.28 43.06
N GLY B 349 -66.49 17.15 43.35
CA GLY B 349 -65.74 18.22 43.97
C GLY B 349 -64.62 17.72 44.87
N ALA B 350 -63.44 18.34 44.76
CA ALA B 350 -62.29 17.92 45.56
C ALA B 350 -61.49 19.13 46.06
N ARG B 351 -62.16 20.23 46.36
CA ARG B 351 -61.48 21.47 46.75
C ARG B 351 -61.66 21.75 48.22
N THR B 352 -60.64 22.34 48.83
CA THR B 352 -60.68 22.77 50.22
C THR B 352 -61.29 24.17 50.29
N LEU B 353 -61.18 24.81 51.45
CA LEU B 353 -61.73 26.14 51.65
C LEU B 353 -60.74 27.25 51.32
N GLN B 354 -59.52 26.91 50.90
CA GLN B 354 -58.52 27.88 50.50
C GLN B 354 -58.35 27.84 48.98
N ASN B 355 -58.27 29.01 48.37
CA ASN B 355 -58.28 29.13 46.92
C ASN B 355 -57.01 29.77 46.38
N ASP B 356 -55.86 29.33 46.88
CA ASP B 356 -54.59 29.70 46.28
C ASP B 356 -54.03 28.51 45.49
N ASP B 357 -52.91 28.75 44.81
CA ASP B 357 -52.34 27.71 43.95
C ASP B 357 -51.86 26.50 44.73
N ASN B 358 -51.36 26.71 45.95
CA ASN B 358 -50.78 25.59 46.70
C ASN B 358 -51.86 24.68 47.29
N TRP B 359 -52.66 25.21 48.22
CA TRP B 359 -53.65 24.41 48.93
C TRP B 359 -55.04 24.71 48.37
N ARG B 360 -55.32 24.15 47.20
CA ARG B 360 -56.64 24.27 46.59
C ARG B 360 -57.39 22.96 46.48
N TYR B 361 -56.69 21.85 46.24
CA TYR B 361 -57.31 20.54 46.08
C TYR B 361 -57.04 19.68 47.30
N ILE B 362 -58.03 18.88 47.69
CA ILE B 362 -57.89 18.02 48.87
C ILE B 362 -56.73 17.04 48.74
N PRO B 363 -56.56 16.32 47.63
CA PRO B 363 -55.45 15.35 47.57
C PRO B 363 -54.08 15.98 47.77
N VAL B 364 -53.86 17.20 47.28
CA VAL B 364 -52.57 17.84 47.44
C VAL B 364 -52.31 18.12 48.92
N ARG B 365 -53.33 18.61 49.64
CA ARG B 365 -53.14 18.96 51.04
C ARG B 365 -52.98 17.72 51.90
N ARG B 366 -53.76 16.67 51.65
CA ARG B 366 -53.70 15.49 52.49
C ARG B 366 -52.45 14.66 52.20
N LEU B 367 -51.96 14.70 50.97
CA LEU B 367 -50.72 13.99 50.65
C LEU B 367 -49.55 14.57 51.44
N PHE B 368 -49.49 15.89 51.54
CA PHE B 368 -48.44 16.51 52.34
C PHE B 368 -48.57 16.14 53.81
N ASN B 369 -49.80 16.07 54.32
CA ASN B 369 -50.01 15.69 55.72
C ASN B 369 -49.46 14.30 56.00
N ALA B 370 -49.67 13.37 55.07
CA ALA B 370 -49.15 12.02 55.24
C ALA B 370 -47.63 12.01 55.18
N ALA B 371 -47.05 12.70 54.21
CA ALA B 371 -45.60 12.70 54.05
C ALA B 371 -44.91 13.35 55.25
N GLU B 372 -45.46 14.47 55.72
CA GLU B 372 -44.87 15.15 56.87
C GLU B 372 -44.96 14.29 58.12
N ARG B 373 -46.11 13.66 58.36
CA ARG B 373 -46.27 12.85 59.57
C ARG B 373 -45.39 11.62 59.52
N ASP B 374 -45.28 10.98 58.36
CA ASP B 374 -44.43 9.80 58.24
C ASP B 374 -42.96 10.13 58.46
N ILE B 375 -42.49 11.21 57.85
CA ILE B 375 -41.08 11.60 58.01
C ILE B 375 -40.81 12.06 59.43
N LYS B 376 -41.73 12.85 60.01
CA LYS B 376 -41.54 13.34 61.37
C LYS B 376 -41.47 12.19 62.37
N GLN B 377 -42.24 11.13 62.14
CA GLN B 377 -42.21 9.99 63.05
C GLN B 377 -40.89 9.23 62.91
N ALA B 378 -40.33 9.19 61.71
CA ALA B 378 -39.08 8.46 61.50
C ALA B 378 -37.89 9.21 62.08
N MET B 379 -37.93 10.54 62.07
CA MET B 379 -36.81 11.34 62.56
C MET B 379 -36.71 11.32 64.09
N GLN B 380 -37.69 10.77 64.79
CA GLN B 380 -37.65 10.77 66.25
C GLN B 380 -36.50 9.93 66.79
N SER B 381 -35.95 9.03 65.99
CA SER B 381 -34.81 8.22 66.39
C SER B 381 -33.48 8.87 66.04
N VAL B 382 -33.50 10.09 65.51
CA VAL B 382 -32.29 10.82 65.14
C VAL B 382 -32.10 12.06 66.01
N VAL B 383 -32.94 12.26 67.02
CA VAL B 383 -33.04 13.56 67.68
C VAL B 383 -31.82 13.87 68.54
N PHE B 384 -30.90 12.91 68.69
CA PHE B 384 -29.68 13.18 69.44
C PHE B 384 -28.45 12.53 68.80
N GLU B 385 -28.56 12.12 67.54
CA GLU B 385 -27.42 11.54 66.84
C GLU B 385 -26.38 12.62 66.56
N PRO B 386 -25.12 12.23 66.37
CA PRO B 386 -24.09 13.22 66.07
C PRO B 386 -24.41 14.00 64.81
N ASN B 387 -24.11 15.30 64.85
CA ASN B 387 -24.39 16.21 63.73
C ASN B 387 -23.14 16.33 62.86
N SER B 388 -22.90 15.31 62.04
CA SER B 388 -21.73 15.26 61.19
C SER B 388 -22.14 14.69 59.83
N GLN B 389 -21.15 14.52 58.96
CA GLN B 389 -21.42 14.02 57.61
C GLN B 389 -22.04 12.63 57.59
N PRO B 390 -21.57 11.63 58.34
CA PRO B 390 -22.20 10.31 58.25
C PRO B 390 -23.68 10.31 58.61
N THR B 391 -24.09 11.14 59.56
CA THR B 391 -25.51 11.22 59.91
C THR B 391 -26.33 11.79 58.77
N TRP B 392 -25.81 12.82 58.09
CA TRP B 392 -26.56 13.45 57.01
C TRP B 392 -26.76 12.49 55.84
N GLU B 393 -25.77 11.65 55.56
CA GLU B 393 -25.89 10.70 54.46
C GLU B 393 -27.00 9.69 54.72
N ARG B 394 -27.09 9.19 55.96
CA ARG B 394 -28.14 8.24 56.29
C ARG B 394 -29.51 8.91 56.26
N VAL B 395 -29.61 10.14 56.78
CA VAL B 395 -30.88 10.85 56.78
C VAL B 395 -31.34 11.14 55.35
N LYS B 396 -30.41 11.59 54.51
CA LYS B 396 -30.77 11.90 53.13
C LYS B 396 -31.23 10.65 52.38
N SER B 397 -30.53 9.54 52.57
CA SER B 397 -30.88 8.32 51.86
C SER B 397 -32.27 7.80 52.26
N ALA B 398 -32.58 7.87 53.55
CA ALA B 398 -33.88 7.37 54.02
C ALA B 398 -35.03 8.16 53.41
N ILE B 399 -34.92 9.49 53.39
CA ILE B 399 -35.97 10.31 52.81
C ILE B 399 -36.00 10.15 51.30
N ASP B 400 -34.82 10.03 50.67
CA ASP B 400 -34.76 9.87 49.23
C ASP B 400 -35.45 8.59 48.78
N ASN B 401 -35.23 7.49 49.50
CA ASN B 401 -35.88 6.23 49.16
C ASN B 401 -37.39 6.33 49.34
N TYR B 402 -37.83 7.01 50.41
CA TYR B 402 -39.27 7.18 50.64
C TYR B 402 -39.92 7.98 49.53
N LEU B 403 -39.30 9.09 49.13
CA LEU B 403 -39.85 9.90 48.05
C LEU B 403 -39.77 9.19 46.72
N TYR B 404 -38.71 8.41 46.50
CA TYR B 404 -38.58 7.66 45.26
C TYR B 404 -39.69 6.62 45.12
N SER B 405 -40.05 5.97 46.22
CA SER B 405 -41.17 5.03 46.21
C SER B 405 -42.47 5.73 45.89
N LEU B 406 -42.67 6.93 46.44
CA LEU B 406 -43.89 7.68 46.16
C LEU B 406 -43.97 8.08 44.69
N TRP B 407 -42.84 8.47 44.11
CA TRP B 407 -42.84 8.89 42.71
C TRP B 407 -43.20 7.73 41.78
N GLN B 408 -42.68 6.54 42.05
CA GLN B 408 -42.98 5.39 41.21
C GLN B 408 -44.44 4.96 41.33
N GLN B 409 -45.09 5.25 42.45
CA GLN B 409 -46.51 4.96 42.59
C GLN B 409 -47.40 5.95 41.87
N GLY B 410 -46.82 7.01 41.31
CA GLY B 410 -47.60 8.02 40.62
C GLY B 410 -48.03 9.19 41.46
N ALA B 411 -47.48 9.35 42.66
CA ALA B 411 -47.89 10.43 43.56
C ALA B 411 -47.21 11.75 43.25
N LEU B 412 -46.16 11.76 42.44
CA LEU B 412 -45.42 12.98 42.13
C LEU B 412 -45.28 13.13 40.62
N ALA B 413 -45.32 14.37 40.16
CA ALA B 413 -45.31 14.67 38.73
C ALA B 413 -43.88 14.94 38.28
N GLY B 414 -43.47 14.25 37.22
CA GLY B 414 -42.15 14.47 36.64
C GLY B 414 -41.63 13.25 35.91
N ASN B 415 -40.89 13.48 34.82
CA ASN B 415 -40.30 12.38 34.06
C ASN B 415 -39.08 11.78 34.75
N LYS B 416 -38.35 12.56 35.52
CA LYS B 416 -37.16 12.10 36.22
C LYS B 416 -37.24 12.55 37.67
N PRO B 417 -36.55 11.85 38.57
CA PRO B 417 -36.65 12.21 39.99
C PRO B 417 -36.22 13.63 40.31
N GLN B 418 -35.30 14.21 39.52
CA GLN B 418 -34.86 15.57 39.77
C GLN B 418 -35.99 16.58 39.63
N GLU B 419 -37.03 16.26 38.85
CA GLU B 419 -38.16 17.15 38.66
C GLU B 419 -39.31 16.87 39.63
N ALA B 420 -39.31 15.72 40.30
CA ALA B 420 -40.39 15.33 41.19
C ALA B 420 -40.11 15.66 42.65
N TYR B 421 -38.86 15.47 43.10
CA TYR B 421 -38.54 15.70 44.50
C TYR B 421 -37.07 16.07 44.62
N PHE B 422 -36.72 16.67 45.76
CA PHE B 422 -35.33 16.99 46.06
C PHE B 422 -35.18 17.06 47.57
N VAL B 423 -34.03 16.61 48.07
CA VAL B 423 -33.69 16.68 49.48
C VAL B 423 -32.32 17.34 49.62
N GLN B 424 -32.21 18.27 50.55
CA GLN B 424 -30.96 19.01 50.76
C GLN B 424 -30.63 19.06 52.24
N ILE B 425 -29.47 18.54 52.61
CA ILE B 425 -28.96 18.64 53.97
C ILE B 425 -27.45 18.60 53.92
N GLY B 426 -26.80 19.59 54.53
CA GLY B 426 -25.35 19.66 54.49
C GLY B 426 -24.84 20.86 55.25
N LYS B 427 -23.52 20.87 55.43
CA LYS B 427 -22.89 21.89 56.27
C LYS B 427 -23.05 23.28 55.68
N ASP B 428 -22.88 23.42 54.37
CA ASP B 428 -22.92 24.73 53.72
C ASP B 428 -24.09 24.93 52.79
N VAL B 429 -24.93 23.91 52.57
CA VAL B 429 -26.05 24.03 51.66
C VAL B 429 -27.32 24.31 52.43
N THR B 430 -27.38 23.86 53.67
CA THR B 430 -28.60 24.03 54.47
C THR B 430 -28.34 24.67 55.82
N MET B 431 -27.23 24.34 56.47
CA MET B 431 -26.90 24.87 57.79
C MET B 431 -25.69 25.80 57.70
N SER B 432 -25.19 26.19 58.87
CA SER B 432 -23.94 26.94 58.99
C SER B 432 -23.26 26.52 60.27
N ASP B 433 -22.10 27.14 60.56
CA ASP B 433 -21.36 26.78 61.76
C ASP B 433 -22.14 27.14 63.02
N ASP B 434 -22.85 28.27 63.00
CA ASP B 434 -23.57 28.70 64.20
C ASP B 434 -24.74 27.78 64.50
N ASP B 435 -25.45 27.31 63.48
CA ASP B 435 -26.56 26.38 63.72
C ASP B 435 -26.07 25.06 64.31
N ILE B 436 -24.95 24.55 63.80
CA ILE B 436 -24.39 23.32 64.35
C ILE B 436 -23.95 23.54 65.80
N LYS B 437 -23.32 24.68 66.07
CA LYS B 437 -22.91 24.98 67.44
C LYS B 437 -24.11 25.11 68.37
N GLN B 438 -25.26 25.54 67.85
CA GLN B 438 -26.47 25.70 68.66
C GLN B 438 -27.34 24.45 68.66
N GLY B 439 -26.98 23.43 67.90
CA GLY B 439 -27.68 22.16 67.94
C GLY B 439 -28.77 21.98 66.91
N LYS B 440 -28.86 22.85 65.92
CA LYS B 440 -29.89 22.76 64.90
C LYS B 440 -29.44 21.90 63.73
N MET B 441 -30.34 21.02 63.28
CA MET B 441 -30.13 20.23 62.08
C MET B 441 -31.29 20.52 61.13
N ILE B 442 -30.98 21.07 59.96
CA ILE B 442 -31.98 21.57 59.04
C ILE B 442 -31.99 20.70 57.79
N VAL B 443 -33.17 20.24 57.40
CA VAL B 443 -33.36 19.41 56.22
C VAL B 443 -34.40 20.07 55.33
N LYS B 444 -34.08 20.19 54.05
CA LYS B 444 -34.99 20.78 53.06
C LYS B 444 -35.57 19.67 52.20
N VAL B 445 -36.90 19.61 52.12
CA VAL B 445 -37.60 18.59 51.35
C VAL B 445 -38.55 19.30 50.39
N GLY B 446 -38.48 18.91 49.12
CA GLY B 446 -39.38 19.47 48.12
C GLY B 446 -40.15 18.40 47.38
N MET B 447 -41.46 18.57 47.28
CA MET B 447 -42.31 17.59 46.60
C MET B 447 -43.21 18.30 45.59
N ALA B 448 -43.36 17.69 44.43
CA ALA B 448 -44.24 18.21 43.37
C ALA B 448 -45.44 17.26 43.29
N ALA B 449 -46.46 17.57 44.08
CA ALA B 449 -47.65 16.73 44.13
C ALA B 449 -48.43 16.82 42.82
N VAL B 450 -49.27 15.83 42.59
CA VAL B 450 -50.07 15.72 41.37
C VAL B 450 -51.48 16.23 41.67
N ARG B 451 -51.96 17.18 40.84
CA ARG B 451 -53.27 17.76 41.04
C ARG B 451 -54.32 17.04 40.19
N PRO B 452 -55.57 17.00 40.66
CA PRO B 452 -56.63 16.37 39.87
C PRO B 452 -56.99 17.21 38.66
N ALA B 453 -57.59 16.54 37.68
CA ALA B 453 -57.99 17.19 36.43
C ALA B 453 -59.45 17.61 36.55
N GLU B 454 -59.69 18.68 37.33
CA GLU B 454 -61.05 19.09 37.64
C GLU B 454 -61.86 19.38 36.37
N PHE B 455 -61.19 19.86 35.32
CA PHE B 455 -61.86 20.20 34.07
C PHE B 455 -61.16 19.48 32.91
N ILE B 456 -61.95 18.82 32.08
CA ILE B 456 -61.46 18.20 30.84
C ILE B 456 -62.01 19.04 29.70
N ILE B 457 -61.11 19.54 28.85
CA ILE B 457 -61.48 20.41 27.74
C ILE B 457 -61.09 19.71 26.45
N LEU B 458 -62.07 19.46 25.59
CA LEU B 458 -61.85 18.82 24.30
C LEU B 458 -61.96 19.88 23.21
N GLN B 459 -60.88 20.04 22.44
CA GLN B 459 -60.83 21.01 21.36
C GLN B 459 -60.86 20.24 20.05
N PHE B 460 -62.00 20.29 19.36
CA PHE B 460 -62.16 19.59 18.09
C PHE B 460 -61.88 20.55 16.93
N SER B 461 -61.02 20.11 16.03
CA SER B 461 -60.69 20.86 14.83
C SER B 461 -60.88 19.96 13.62
N GLN B 462 -61.08 20.58 12.47
CA GLN B 462 -61.39 19.85 11.24
C GLN B 462 -60.14 19.57 10.42
N GLN B 463 -58.96 19.86 10.96
CA GLN B 463 -57.69 19.53 10.31
C GLN B 463 -57.59 18.03 10.05
N ILE C 24 -79.06 -0.36 -28.03
CA ILE C 24 -78.98 -0.44 -29.48
C ILE C 24 -79.82 0.65 -30.13
N GLY C 25 -79.53 0.95 -31.39
CA GLY C 25 -80.24 1.99 -32.10
C GLY C 25 -81.69 1.67 -32.38
N ILE C 26 -82.61 2.39 -31.72
CA ILE C 26 -84.04 2.20 -31.94
C ILE C 26 -84.56 3.41 -32.71
N PRO C 27 -84.81 3.29 -34.01
CA PRO C 27 -85.23 4.46 -34.80
C PRO C 27 -86.67 4.87 -34.48
N VAL C 28 -86.95 6.14 -34.77
CA VAL C 28 -88.29 6.70 -34.67
C VAL C 28 -88.65 7.30 -36.03
N PHE C 29 -89.89 7.10 -36.45
CA PHE C 29 -90.38 7.60 -37.72
C PHE C 29 -91.31 8.79 -37.48
N ILE C 30 -91.02 9.91 -38.13
CA ILE C 30 -91.81 11.12 -38.02
C ILE C 30 -92.45 11.39 -39.38
N GLY C 31 -93.77 11.49 -39.40
CA GLY C 31 -94.47 11.75 -40.64
C GLY C 31 -95.96 11.83 -40.40
N TYR C 32 -96.69 12.09 -41.48
CA TYR C 32 -98.14 12.17 -41.44
C TYR C 32 -98.73 10.79 -41.66
N THR C 33 -99.79 10.48 -40.92
CA THR C 33 -100.40 9.15 -40.94
C THR C 33 -101.87 9.29 -41.31
N SER C 34 -102.34 8.41 -42.20
CA SER C 34 -103.71 8.51 -42.70
C SER C 34 -104.72 8.40 -41.56
N SER C 35 -104.46 7.52 -40.60
CA SER C 35 -105.29 7.42 -39.42
C SER C 35 -104.78 8.38 -38.36
N PRO C 36 -105.52 9.43 -38.01
CA PRO C 36 -105.06 10.35 -36.96
C PRO C 36 -104.91 9.64 -35.63
N VAL C 37 -103.88 10.03 -34.87
CA VAL C 37 -103.60 9.50 -33.56
C VAL C 37 -103.22 10.65 -32.64
N ASP C 38 -102.92 10.32 -31.38
CA ASP C 38 -102.53 11.32 -30.41
C ASP C 38 -101.12 11.85 -30.74
N LYS C 39 -100.66 12.78 -29.91
CA LYS C 39 -99.37 13.43 -30.12
C LYS C 39 -98.21 12.65 -29.49
N THR C 40 -98.45 11.42 -29.05
CA THR C 40 -97.42 10.58 -28.48
C THR C 40 -97.06 9.46 -29.45
N ALA C 41 -95.86 8.91 -29.25
CA ALA C 41 -95.38 7.85 -30.12
C ALA C 41 -95.94 6.50 -29.69
N ILE C 42 -95.73 5.50 -30.56
CA ILE C 42 -96.21 4.14 -30.31
C ILE C 42 -95.03 3.18 -30.46
N LYS C 43 -95.17 2.02 -29.84
CA LYS C 43 -94.15 0.98 -29.85
C LYS C 43 -94.56 -0.11 -30.82
N LEU C 44 -93.70 -0.42 -31.78
CA LEU C 44 -93.96 -1.44 -32.79
C LEU C 44 -92.84 -2.46 -32.79
N HIS C 45 -93.20 -3.74 -32.66
CA HIS C 45 -92.24 -4.84 -32.74
C HIS C 45 -92.40 -5.69 -33.98
N SER C 46 -93.50 -5.54 -34.72
CA SER C 46 -93.73 -6.31 -35.93
C SER C 46 -94.74 -5.58 -36.80
N LEU C 47 -94.80 -5.98 -38.07
CA LEU C 47 -95.74 -5.36 -38.99
C LEU C 47 -97.19 -5.60 -38.58
N ALA C 48 -97.47 -6.69 -37.86
CA ALA C 48 -98.82 -6.93 -37.38
C ALA C 48 -99.25 -5.84 -36.40
N ASP C 49 -98.35 -5.43 -35.51
CA ASP C 49 -98.66 -4.33 -34.60
C ASP C 49 -98.87 -3.03 -35.37
N PHE C 50 -98.08 -2.82 -36.43
CA PHE C 50 -98.27 -1.65 -37.28
C PHE C 50 -99.65 -1.66 -37.91
N ALA C 51 -100.06 -2.82 -38.44
CA ALA C 51 -101.40 -2.93 -39.03
C ALA C 51 -102.47 -2.79 -37.96
N ARG C 52 -102.21 -3.30 -36.76
CA ARG C 52 -103.17 -3.18 -35.67
C ARG C 52 -103.44 -1.73 -35.31
N SER C 53 -102.46 -0.85 -35.52
CA SER C 53 -102.62 0.56 -35.18
C SER C 53 -102.88 1.43 -36.40
N PHE C 54 -102.34 1.06 -37.56
CA PHE C 54 -102.39 1.90 -38.74
C PHE C 54 -102.94 1.14 -39.93
N PRO C 55 -103.59 1.84 -40.86
CA PRO C 55 -103.99 1.21 -42.12
C PRO C 55 -102.86 1.19 -43.14
N GLU C 56 -102.97 0.27 -44.08
CA GLU C 56 -101.94 0.06 -45.09
C GLU C 56 -102.01 1.14 -46.16
N SER C 57 -100.96 1.22 -46.97
CA SER C 57 -100.82 2.11 -48.14
C SER C 57 -100.46 3.53 -47.68
N GLY C 58 -99.29 3.99 -48.08
CA GLY C 58 -98.76 5.28 -47.66
C GLY C 58 -97.25 5.23 -47.77
N LEU C 59 -96.64 6.40 -47.94
CA LEU C 59 -95.19 6.47 -48.15
C LEU C 59 -94.43 5.98 -46.93
N MET C 60 -94.76 6.50 -45.75
CA MET C 60 -94.05 6.11 -44.54
C MET C 60 -94.36 4.67 -44.14
N TYR C 61 -95.58 4.20 -44.41
CA TYR C 61 -95.90 2.81 -44.13
C TYR C 61 -95.06 1.87 -44.99
N TYR C 62 -94.86 2.22 -46.25
CA TYR C 62 -94.03 1.41 -47.13
C TYR C 62 -92.59 1.34 -46.62
N SER C 63 -92.05 2.49 -46.19
CA SER C 63 -90.70 2.48 -45.62
C SER C 63 -90.64 1.69 -44.32
N VAL C 64 -91.69 1.79 -43.50
CA VAL C 64 -91.76 0.97 -42.30
C VAL C 64 -91.74 -0.51 -42.67
N ARG C 65 -92.50 -0.89 -43.70
CA ARG C 65 -92.42 -2.25 -44.22
C ARG C 65 -91.03 -2.56 -44.73
N HIS C 66 -90.40 -1.59 -45.42
CA HIS C 66 -89.05 -1.80 -45.92
C HIS C 66 -88.06 -2.00 -44.78
N PHE C 67 -88.21 -1.22 -43.70
CA PHE C 67 -87.33 -1.37 -42.55
C PHE C 67 -87.49 -2.75 -41.91
N PHE C 68 -88.73 -3.19 -41.71
CA PHE C 68 -88.97 -4.49 -41.10
C PHE C 68 -88.49 -5.62 -42.00
N GLU C 69 -88.71 -5.49 -43.31
CA GLU C 69 -88.37 -6.56 -44.24
C GLU C 69 -86.86 -6.70 -44.43
N ASN C 70 -86.09 -5.63 -44.17
CA ASN C 70 -84.64 -5.74 -44.24
C ASN C 70 -84.04 -6.39 -43.02
N GLY C 71 -84.82 -6.56 -41.94
CA GLY C 71 -84.31 -7.17 -40.73
C GLY C 71 -84.52 -6.29 -39.51
N GLY C 72 -85.38 -5.28 -39.64
CA GLY C 72 -85.67 -4.42 -38.51
C GLY C 72 -86.49 -5.14 -37.45
N GLN C 73 -86.12 -4.96 -36.19
CA GLN C 73 -86.81 -5.63 -35.09
C GLN C 73 -87.92 -4.75 -34.51
N GLN C 74 -87.56 -3.57 -34.01
CA GLN C 74 -88.53 -2.70 -33.37
C GLN C 74 -88.22 -1.25 -33.71
N ALA C 75 -89.25 -0.42 -33.66
CA ALA C 75 -89.11 1.00 -33.97
C ALA C 75 -90.33 1.74 -33.44
N TYR C 76 -90.20 3.07 -33.37
CA TYR C 76 -91.28 3.94 -32.94
C TYR C 76 -91.85 4.70 -34.14
N VAL C 77 -93.07 5.19 -33.98
CA VAL C 77 -93.74 6.00 -34.99
C VAL C 77 -94.41 7.19 -34.30
N LEU C 78 -94.16 8.39 -34.81
CA LEU C 78 -94.77 9.60 -34.31
C LEU C 78 -95.43 10.34 -35.46
N SER C 79 -96.62 10.87 -35.21
CA SER C 79 -97.44 11.50 -36.25
C SER C 79 -97.64 12.97 -35.93
N LEU C 80 -97.25 13.84 -36.87
CA LEU C 80 -97.58 15.25 -36.76
C LEU C 80 -99.03 15.53 -37.11
N GLY C 81 -99.58 14.77 -38.05
CA GLY C 81 -100.96 14.98 -38.45
C GLY C 81 -101.40 13.89 -39.40
N THR C 82 -102.52 14.14 -40.08
CA THR C 82 -103.04 13.16 -41.03
C THR C 82 -102.35 13.32 -42.38
N GLU C 83 -102.46 12.26 -43.20
CA GLU C 83 -101.73 12.23 -44.46
C GLU C 83 -102.23 13.29 -45.44
N GLN C 84 -103.48 13.73 -45.30
CA GLN C 84 -104.06 14.61 -46.32
C GLN C 84 -103.67 16.07 -46.13
N GLN C 85 -103.16 16.45 -44.96
CA GLN C 85 -102.78 17.85 -44.71
C GLN C 85 -101.32 18.12 -45.00
N LEU C 86 -100.88 17.78 -46.21
CA LEU C 86 -99.56 18.18 -46.71
C LEU C 86 -99.71 19.45 -47.53
N SER C 87 -98.94 20.48 -47.19
CA SER C 87 -99.08 21.79 -47.81
C SER C 87 -97.88 22.16 -48.66
N ASP C 88 -96.68 22.21 -48.07
CA ASP C 88 -95.49 22.65 -48.78
C ASP C 88 -94.27 22.36 -47.90
N PHE C 89 -93.09 22.68 -48.42
CA PHE C 89 -91.84 22.42 -47.69
C PHE C 89 -91.78 23.21 -46.40
N SER C 90 -92.15 24.50 -46.45
CA SER C 90 -92.07 25.33 -45.26
C SER C 90 -93.06 24.85 -44.20
N SER C 91 -94.23 24.36 -44.62
CA SER C 91 -95.17 23.79 -43.68
C SER C 91 -94.60 22.55 -43.00
N LEU C 92 -93.92 21.70 -43.76
CA LEU C 92 -93.30 20.51 -43.18
C LEU C 92 -92.22 20.89 -42.17
N ILE C 93 -91.38 21.87 -42.51
CA ILE C 93 -90.33 22.30 -41.58
C ILE C 93 -90.95 22.93 -40.34
N THR C 94 -91.96 23.78 -40.53
CA THR C 94 -92.60 24.42 -39.38
C THR C 94 -93.27 23.38 -38.47
N ALA C 95 -93.88 22.36 -39.06
CA ALA C 95 -94.47 21.30 -38.26
C ALA C 95 -93.42 20.54 -37.48
N LEU C 96 -92.22 20.37 -38.06
CA LEU C 96 -91.14 19.67 -37.36
C LEU C 96 -90.57 20.50 -36.21
N GLN C 97 -90.80 21.82 -36.21
CA GLN C 97 -90.26 22.69 -35.19
C GLN C 97 -91.18 22.83 -33.97
N GLN C 98 -92.31 22.15 -33.95
CA GLN C 98 -93.22 22.25 -32.81
C GLN C 98 -92.56 21.66 -31.56
N ALA C 99 -92.87 22.26 -30.41
CA ALA C 99 -92.16 21.91 -29.18
C ALA C 99 -92.47 20.51 -28.69
N TRP C 100 -93.69 20.02 -28.91
CA TRP C 100 -94.10 18.76 -28.29
C TRP C 100 -93.31 17.57 -28.81
N LEU C 101 -92.81 17.64 -30.04
CA LEU C 101 -91.99 16.54 -30.56
C LEU C 101 -90.70 16.41 -29.77
N ALA C 102 -90.04 17.53 -29.46
CA ALA C 102 -88.78 17.48 -28.73
C ALA C 102 -88.97 16.87 -27.35
N GLN C 103 -90.05 17.23 -26.66
CA GLN C 103 -90.30 16.69 -25.33
C GLN C 103 -90.56 15.19 -25.39
N THR C 104 -91.30 14.72 -26.39
CA THR C 104 -91.67 13.31 -26.44
C THR C 104 -90.45 12.41 -26.63
N ILE C 105 -89.58 12.77 -27.59
CA ILE C 105 -88.37 11.97 -27.80
C ILE C 105 -87.41 12.13 -26.62
N ALA C 106 -87.38 13.30 -25.99
CA ALA C 106 -86.58 13.46 -24.78
C ALA C 106 -87.09 12.56 -23.66
N ALA C 107 -88.41 12.48 -23.48
CA ALA C 107 -88.98 11.66 -22.43
C ALA C 107 -88.80 10.18 -22.73
N GLU C 108 -89.10 9.77 -23.96
CA GLU C 108 -88.97 8.37 -24.36
C GLU C 108 -87.49 8.06 -24.48
N ASN C 109 -86.99 7.13 -23.66
CA ASN C 109 -85.56 7.03 -23.44
C ASN C 109 -84.84 6.32 -24.58
N ASP C 110 -85.28 5.12 -24.95
CA ASP C 110 -84.48 4.26 -25.81
C ASP C 110 -84.51 4.65 -27.28
N ILE C 111 -85.04 5.82 -27.64
CA ILE C 111 -84.95 6.26 -29.03
C ILE C 111 -83.54 6.76 -29.32
N THR C 112 -82.98 6.30 -30.44
CA THR C 112 -81.62 6.64 -30.83
C THR C 112 -81.52 7.34 -32.17
N LEU C 113 -82.30 6.92 -33.16
CA LEU C 113 -82.23 7.47 -34.50
C LEU C 113 -83.53 8.16 -34.87
N ILE C 114 -83.41 9.17 -35.73
CA ILE C 114 -84.55 9.96 -36.19
C ILE C 114 -84.63 9.85 -37.71
N ILE C 115 -85.81 9.49 -38.22
CA ILE C 115 -86.03 9.29 -39.64
C ILE C 115 -87.24 10.10 -40.08
N THR C 116 -87.08 10.85 -41.16
CA THR C 116 -88.17 11.64 -41.75
C THR C 116 -88.25 11.35 -43.24
N PRO C 117 -88.97 10.29 -43.63
CA PRO C 117 -89.05 9.94 -45.05
C PRO C 117 -90.00 10.80 -45.87
N ASP C 118 -90.76 11.69 -45.24
CA ASP C 118 -91.78 12.45 -45.95
C ASP C 118 -91.20 13.55 -46.85
N VAL C 119 -89.89 13.80 -46.78
CA VAL C 119 -89.29 14.81 -47.66
C VAL C 119 -89.32 14.41 -49.12
N ILE C 120 -89.66 13.16 -49.43
CA ILE C 120 -89.72 12.69 -50.82
C ILE C 120 -90.87 13.36 -51.56
N ARG C 121 -92.01 13.56 -50.88
CA ARG C 121 -93.26 13.93 -51.52
C ARG C 121 -93.24 15.31 -52.15
N PHE C 122 -92.11 16.02 -52.16
CA PHE C 122 -92.06 17.39 -52.66
C PHE C 122 -91.16 17.45 -53.88
N ASP C 123 -91.59 18.21 -54.88
CA ASP C 123 -90.87 18.27 -56.16
C ASP C 123 -89.59 19.09 -56.03
N GLN C 124 -88.55 18.63 -56.74
CA GLN C 124 -87.31 19.39 -56.87
C GLN C 124 -87.47 20.38 -58.03
N THR C 125 -88.26 21.42 -57.77
CA THR C 125 -88.67 22.34 -58.84
C THR C 125 -87.50 23.09 -59.42
N GLU C 126 -86.58 23.58 -58.58
CA GLU C 126 -85.52 24.46 -59.06
C GLU C 126 -84.31 24.33 -58.15
N ILE C 127 -83.19 24.86 -58.64
CA ILE C 127 -81.93 24.86 -57.90
C ILE C 127 -81.62 26.25 -57.34
N SER C 128 -82.63 27.08 -57.16
CA SER C 128 -82.43 28.44 -56.70
C SER C 128 -82.04 28.46 -55.22
N ASP C 129 -81.67 29.65 -54.75
CA ASP C 129 -81.29 29.81 -53.35
C ASP C 129 -82.45 29.52 -52.41
N THR C 130 -83.69 29.72 -52.88
CA THR C 130 -84.86 29.42 -52.06
C THR C 130 -84.92 27.92 -51.73
N GLN C 131 -84.65 27.08 -52.73
CA GLN C 131 -84.65 25.63 -52.49
C GLN C 131 -83.45 25.21 -51.64
N ARG C 132 -82.28 25.81 -51.88
CA ARG C 132 -81.09 25.42 -51.14
C ARG C 132 -81.23 25.72 -49.66
N ASP C 133 -81.75 26.90 -49.31
CA ASP C 133 -81.89 27.25 -47.91
C ASP C 133 -82.88 26.35 -47.19
N LEU C 134 -83.97 25.98 -47.86
CA LEU C 134 -84.97 25.11 -47.24
C LEU C 134 -84.37 23.77 -46.83
N TRP C 135 -83.51 23.20 -47.69
CA TRP C 135 -82.85 21.96 -47.33
C TRP C 135 -81.95 22.14 -46.11
N LEU C 136 -81.30 23.30 -46.01
CA LEU C 136 -80.50 23.59 -44.83
C LEU C 136 -81.37 23.76 -43.59
N GLN C 137 -82.57 24.32 -43.76
CA GLN C 137 -83.50 24.42 -42.65
C GLN C 137 -83.87 23.05 -42.11
N LEU C 138 -84.17 22.12 -43.01
CA LEU C 138 -84.57 20.78 -42.58
C LEU C 138 -83.47 20.09 -41.81
N TRP C 139 -82.23 20.23 -42.29
CA TRP C 139 -81.10 19.60 -41.60
C TRP C 139 -80.90 20.18 -40.21
N GLN C 140 -81.01 21.50 -40.08
CA GLN C 140 -80.85 22.13 -38.77
C GLN C 140 -82.01 21.77 -37.85
N SER C 141 -83.23 21.74 -38.37
CA SER C 141 -84.39 21.42 -37.55
C SER C 141 -84.31 19.99 -37.02
N VAL C 142 -83.89 19.05 -37.88
CA VAL C 142 -83.72 17.68 -37.43
C VAL C 142 -82.61 17.58 -36.40
N LEU C 143 -81.50 18.28 -36.65
CA LEU C 143 -80.38 18.26 -35.70
C LEU C 143 -80.78 18.89 -34.37
N ASN C 144 -81.69 19.88 -34.40
CA ASN C 144 -82.23 20.41 -33.16
C ASN C 144 -82.98 19.35 -32.38
N LEU C 145 -83.76 18.52 -33.09
CA LEU C 145 -84.44 17.42 -32.42
C LEU C 145 -83.47 16.40 -31.86
N CYS C 146 -82.30 16.24 -32.50
CA CYS C 146 -81.31 15.28 -32.03
C CYS C 146 -80.57 15.77 -30.78
N LYS C 147 -80.67 17.05 -30.45
CA LYS C 147 -79.99 17.60 -29.29
C LYS C 147 -80.83 17.53 -28.01
N SER C 148 -82.03 16.95 -28.09
CA SER C 148 -82.83 16.77 -26.88
C SER C 148 -82.13 15.85 -25.88
N ARG C 149 -81.51 14.78 -26.37
CA ARG C 149 -80.69 13.90 -25.56
C ARG C 149 -79.38 13.63 -26.26
N ARG C 150 -78.34 13.38 -25.48
CA ARG C 150 -77.04 13.04 -26.04
C ARG C 150 -77.06 11.62 -26.59
N GLY C 151 -76.44 11.44 -27.75
CA GLY C 151 -76.35 10.14 -28.39
C GLY C 151 -77.38 9.89 -29.47
N ILE C 152 -78.23 10.86 -29.77
CA ILE C 152 -79.25 10.69 -30.80
C ILE C 152 -78.68 11.10 -32.15
N MET C 153 -78.75 10.18 -33.11
CA MET C 153 -78.32 10.44 -34.48
C MET C 153 -79.51 10.76 -35.36
N GLY C 154 -79.28 11.60 -36.36
CA GLY C 154 -80.29 11.94 -37.35
C GLY C 154 -79.87 11.44 -38.72
N LEU C 155 -80.78 10.74 -39.39
CA LEU C 155 -80.56 10.25 -40.74
C LEU C 155 -81.24 11.19 -41.72
N LEU C 156 -80.45 11.78 -42.62
CA LEU C 156 -80.87 12.92 -43.41
C LEU C 156 -80.94 12.54 -44.88
N ASP C 157 -81.65 13.36 -45.65
CA ASP C 157 -81.79 13.19 -47.09
C ASP C 157 -81.14 14.36 -47.81
N ALA C 158 -80.96 14.20 -49.12
CA ALA C 158 -80.31 15.18 -49.97
C ALA C 158 -81.15 15.46 -51.20
N PRO C 159 -80.99 16.63 -51.82
CA PRO C 159 -81.73 16.92 -53.06
C PRO C 159 -81.34 15.95 -54.18
N ASP C 160 -82.25 15.83 -55.15
CA ASP C 160 -82.11 14.82 -56.19
C ASP C 160 -80.88 15.06 -57.05
N ASP C 161 -80.70 16.31 -57.55
CA ASP C 161 -79.54 16.39 -58.43
C ASP C 161 -78.25 16.60 -57.64
N PRO C 162 -77.13 16.10 -58.14
CA PRO C 162 -75.86 16.30 -57.43
C PRO C 162 -75.45 17.76 -57.31
N THR C 163 -75.89 18.61 -58.24
CA THR C 163 -75.48 20.02 -58.20
C THR C 163 -75.99 20.70 -56.94
N LEU C 164 -77.28 20.59 -56.65
CA LEU C 164 -77.82 21.20 -55.45
C LEU C 164 -77.29 20.55 -54.18
N ALA C 165 -77.11 19.22 -54.20
CA ALA C 165 -76.58 18.53 -53.03
C ALA C 165 -75.16 18.99 -52.71
N ALA C 166 -74.33 19.15 -53.75
CA ALA C 166 -72.98 19.67 -53.53
C ALA C 166 -73.00 21.10 -53.01
N LYS C 167 -73.93 21.91 -53.52
CA LYS C 167 -74.06 23.28 -53.03
C LYS C 167 -74.47 23.31 -51.56
N CYS C 168 -75.41 22.45 -51.17
CA CYS C 168 -75.86 22.41 -49.79
C CYS C 168 -74.76 21.92 -48.86
N LEU C 169 -73.99 20.93 -49.30
CA LEU C 169 -72.93 20.38 -48.46
C LEU C 169 -71.88 21.43 -48.14
N GLN C 170 -71.49 22.22 -49.14
CA GLN C 170 -70.44 23.22 -48.93
C GLN C 170 -70.92 24.40 -48.11
N GLN C 171 -72.20 24.79 -48.28
CA GLN C 171 -72.72 26.00 -47.66
C GLN C 171 -73.39 25.76 -46.31
N PHE C 172 -73.45 24.52 -45.84
CA PHE C 172 -74.06 24.23 -44.56
C PHE C 172 -73.13 24.66 -43.42
N SER C 173 -73.67 25.43 -42.48
CA SER C 173 -72.88 25.94 -41.36
C SER C 173 -73.65 25.68 -40.07
N SER C 174 -73.14 24.76 -39.26
CA SER C 174 -73.77 24.43 -37.99
C SER C 174 -72.73 23.80 -37.07
N ALA C 175 -72.95 23.97 -35.76
CA ALA C 175 -72.09 23.35 -34.76
C ALA C 175 -72.50 21.92 -34.44
N ASP C 176 -73.60 21.45 -35.01
CA ASP C 176 -74.09 20.10 -34.76
C ASP C 176 -73.85 19.16 -35.93
N ARG C 177 -72.86 19.45 -36.77
CA ARG C 177 -72.52 18.59 -37.89
C ARG C 177 -72.12 17.19 -37.44
N GLN C 178 -71.70 17.05 -36.18
CA GLN C 178 -71.24 15.75 -35.68
C GLN C 178 -72.35 14.73 -35.63
N TRP C 179 -73.59 15.17 -35.39
CA TRP C 179 -74.71 14.26 -35.19
C TRP C 179 -75.51 13.97 -36.45
N GLY C 180 -75.07 14.45 -37.61
CA GLY C 180 -75.83 14.34 -38.84
C GLY C 180 -75.19 13.35 -39.80
N VAL C 181 -76.04 12.46 -40.34
CA VAL C 181 -75.65 11.52 -41.39
C VAL C 181 -76.65 11.64 -42.52
N VAL C 182 -76.16 11.77 -43.75
CA VAL C 182 -77.00 11.98 -44.93
C VAL C 182 -76.75 10.85 -45.92
N TYR C 183 -77.82 10.40 -46.56
CA TYR C 183 -77.75 9.32 -47.55
C TYR C 183 -78.39 9.79 -48.85
N TRP C 184 -77.86 9.29 -49.96
CA TRP C 184 -78.26 9.74 -51.30
C TRP C 184 -77.81 8.70 -52.30
N PRO C 185 -78.58 8.48 -53.38
CA PRO C 185 -79.85 9.10 -53.76
C PRO C 185 -81.06 8.33 -53.27
N LEU C 186 -82.24 8.64 -53.80
CA LEU C 186 -83.44 7.89 -53.47
C LEU C 186 -83.39 6.49 -54.09
N LEU C 187 -84.23 5.61 -53.57
CA LEU C 187 -84.24 4.21 -53.96
C LEU C 187 -85.64 3.81 -54.43
N LYS C 188 -85.68 2.91 -55.41
CA LYS C 188 -86.93 2.31 -55.87
C LYS C 188 -86.96 0.84 -55.46
N SER C 189 -88.14 0.38 -55.05
CA SER C 189 -88.31 -0.97 -54.54
C SER C 189 -89.40 -1.70 -55.32
N ALA C 190 -89.51 -3.00 -55.06
CA ALA C 190 -90.48 -3.85 -55.73
C ALA C 190 -91.92 -3.54 -55.33
N TYR C 191 -92.13 -2.76 -54.28
CA TYR C 191 -93.49 -2.45 -53.85
C TYR C 191 -94.19 -1.58 -54.89
N GLN C 192 -95.47 -1.86 -55.10
CA GLN C 192 -96.27 -1.19 -56.13
C GLN C 192 -97.57 -0.70 -55.52
N ASP C 193 -98.08 0.41 -56.07
CA ASP C 193 -99.39 0.92 -55.70
C ASP C 193 -100.47 0.19 -56.51
N ASN C 194 -101.70 0.69 -56.44
CA ASN C 194 -102.75 0.14 -57.29
C ASN C 194 -102.40 0.30 -58.76
N THR C 195 -101.88 1.47 -59.14
CA THR C 195 -101.23 1.62 -60.43
C THR C 195 -99.85 0.99 -60.37
N GLN C 196 -99.43 0.39 -61.49
CA GLN C 196 -98.17 -0.36 -61.54
C GLN C 196 -97.00 0.60 -61.76
N ASN C 197 -96.62 1.28 -60.67
CA ASN C 197 -95.47 2.16 -60.66
C ASN C 197 -94.55 1.80 -59.51
N PRO C 198 -93.24 1.74 -59.73
CA PRO C 198 -92.32 1.40 -58.63
C PRO C 198 -92.32 2.49 -57.57
N ILE C 199 -92.40 2.07 -56.31
CA ILE C 199 -92.43 3.01 -55.20
C ILE C 199 -91.02 3.51 -54.92
N VAL C 200 -90.85 4.82 -54.89
CA VAL C 200 -89.56 5.44 -54.59
C VAL C 200 -89.47 5.65 -53.08
N LEU C 201 -88.45 5.09 -52.46
CA LEU C 201 -88.28 5.15 -51.02
C LEU C 201 -86.90 5.70 -50.68
N SER C 202 -86.83 6.41 -49.56
CA SER C 202 -85.56 6.96 -49.09
C SER C 202 -84.69 5.84 -48.51
N PRO C 203 -83.38 5.91 -48.70
CA PRO C 203 -82.52 4.84 -48.16
C PRO C 203 -82.38 4.88 -46.65
N THR C 204 -82.92 5.90 -45.98
CA THR C 204 -82.78 6.00 -44.53
C THR C 204 -83.43 4.82 -43.82
N ALA C 205 -84.60 4.38 -44.30
CA ALA C 205 -85.27 3.24 -43.70
C ALA C 205 -84.43 1.97 -43.85
N ALA C 206 -83.79 1.80 -45.02
CA ALA C 206 -83.03 0.59 -45.27
C ALA C 206 -81.81 0.49 -44.35
N VAL C 207 -81.07 1.59 -44.19
CA VAL C 207 -79.86 1.53 -43.38
C VAL C 207 -80.20 1.32 -41.91
N ALA C 208 -81.30 1.92 -41.45
CA ALA C 208 -81.67 1.82 -40.05
C ALA C 208 -81.84 0.36 -39.63
N ALA C 209 -82.40 -0.47 -40.52
CA ALA C 209 -82.47 -1.90 -40.25
C ALA C 209 -81.07 -2.51 -40.19
N VAL C 210 -80.17 -2.05 -41.05
CA VAL C 210 -78.81 -2.58 -41.06
C VAL C 210 -78.10 -2.28 -39.73
N ILE C 211 -78.28 -1.07 -39.21
CA ILE C 211 -77.65 -0.71 -37.94
C ILE C 211 -78.15 -1.62 -36.83
N GLN C 212 -79.46 -1.88 -36.79
CA GLN C 212 -79.99 -2.80 -35.80
C GLN C 212 -79.41 -4.20 -35.97
N ARG C 213 -79.31 -4.67 -37.22
CA ARG C 213 -78.66 -5.95 -37.47
C ARG C 213 -77.18 -5.90 -37.14
N ASN C 214 -76.51 -4.81 -37.51
CA ASN C 214 -75.09 -4.67 -37.20
C ASN C 214 -74.85 -4.58 -35.70
N ASP C 215 -75.74 -3.87 -34.99
CA ASP C 215 -75.59 -3.74 -33.54
C ASP C 215 -75.75 -5.09 -32.84
N ASN C 216 -76.68 -5.91 -33.32
CA ASN C 216 -76.91 -7.20 -32.69
C ASN C 216 -75.84 -8.22 -33.09
N GLN C 217 -75.68 -8.45 -34.39
CA GLN C 217 -74.73 -9.47 -34.85
C GLN C 217 -73.30 -9.05 -34.60
N GLN C 218 -72.93 -7.82 -34.96
CA GLN C 218 -71.54 -7.39 -34.93
C GLN C 218 -71.25 -6.32 -33.89
N GLY C 219 -72.26 -5.62 -33.39
CA GLY C 219 -72.04 -4.59 -32.40
C GLY C 219 -72.08 -3.18 -32.99
N VAL C 220 -72.04 -2.20 -32.09
CA VAL C 220 -72.12 -0.80 -32.51
C VAL C 220 -70.85 -0.37 -33.23
N TRP C 221 -69.69 -0.85 -32.77
CA TRP C 221 -68.42 -0.39 -33.32
C TRP C 221 -68.10 -0.95 -34.70
N THR C 222 -69.04 -1.62 -35.37
CA THR C 222 -68.83 -2.10 -36.73
C THR C 222 -69.52 -1.15 -37.70
N ALA C 223 -68.76 -0.66 -38.69
CA ALA C 223 -69.30 0.32 -39.62
C ALA C 223 -70.40 -0.31 -40.47
N PRO C 224 -71.56 0.34 -40.60
CA PRO C 224 -72.65 -0.17 -41.43
C PRO C 224 -72.48 0.12 -42.92
N ALA C 225 -71.28 -0.15 -43.43
CA ALA C 225 -70.95 0.04 -44.84
C ALA C 225 -70.50 -1.28 -45.42
N ASN C 226 -70.40 -1.31 -46.76
CA ASN C 226 -70.01 -2.52 -47.50
C ASN C 226 -70.93 -3.69 -47.17
N ILE C 227 -72.22 -3.40 -47.03
CA ILE C 227 -73.21 -4.39 -46.66
C ILE C 227 -74.36 -4.33 -47.67
N ALA C 228 -74.91 -5.50 -47.97
CA ALA C 228 -75.95 -5.64 -48.99
C ALA C 228 -77.31 -5.23 -48.43
N LEU C 229 -78.10 -4.58 -49.28
CA LEU C 229 -79.48 -4.27 -48.95
C LEU C 229 -80.39 -5.38 -49.48
N SER C 230 -81.70 -5.18 -49.37
CA SER C 230 -82.66 -6.17 -49.81
C SER C 230 -83.85 -5.48 -50.48
N LYS C 231 -84.43 -6.16 -51.46
CA LYS C 231 -85.68 -5.74 -52.11
C LYS C 231 -85.56 -4.32 -52.66
N VAL C 232 -84.41 -4.03 -53.27
CA VAL C 232 -84.18 -2.75 -53.94
C VAL C 232 -83.91 -3.04 -55.41
N ILE C 233 -84.70 -2.41 -56.28
CA ILE C 233 -84.55 -2.63 -57.71
C ILE C 233 -83.29 -1.95 -58.23
N SER C 234 -83.19 -0.63 -58.01
CA SER C 234 -82.06 0.16 -58.47
C SER C 234 -82.09 1.54 -57.82
N PRO C 235 -80.94 2.17 -57.62
CA PRO C 235 -80.95 3.57 -57.18
C PRO C 235 -81.63 4.46 -58.21
N VAL C 236 -82.33 5.48 -57.71
CA VAL C 236 -83.11 6.35 -58.60
C VAL C 236 -82.19 7.12 -59.54
N ARG C 237 -80.91 7.25 -59.19
CA ARG C 237 -79.93 7.89 -60.04
C ARG C 237 -78.71 6.99 -60.18
N ALA C 238 -77.71 7.48 -60.90
CA ALA C 238 -76.59 6.65 -61.37
C ALA C 238 -75.34 6.90 -60.55
N TYR C 239 -74.26 6.24 -60.97
CA TYR C 239 -72.96 6.32 -60.32
C TYR C 239 -72.20 7.60 -60.68
N ILE C 240 -72.02 7.84 -61.99
CA ILE C 240 -71.02 8.81 -62.45
C ILE C 240 -71.33 10.20 -61.91
N GLU C 241 -72.60 10.56 -61.83
CA GLU C 241 -73.00 11.88 -61.34
C GLU C 241 -72.67 12.09 -59.87
N ALA C 242 -72.36 11.02 -59.13
CA ALA C 242 -72.14 11.11 -57.69
C ALA C 242 -70.67 11.23 -57.30
N ASN C 243 -69.78 11.41 -58.28
CA ASN C 243 -68.35 11.47 -57.96
C ASN C 243 -68.00 12.72 -57.15
N ALA C 244 -68.67 13.84 -57.41
CA ALA C 244 -68.33 15.11 -56.77
C ALA C 244 -68.88 15.24 -55.36
N LEU C 245 -69.85 14.41 -54.96
CA LEU C 245 -70.44 14.54 -53.64
C LEU C 245 -69.50 14.07 -52.54
N PHE C 246 -68.82 12.95 -52.73
CA PHE C 246 -67.85 12.50 -51.75
C PHE C 246 -66.66 13.46 -51.72
N ASN C 247 -66.15 13.73 -50.52
CA ASN C 247 -65.06 14.67 -50.33
C ASN C 247 -64.12 14.11 -49.27
N PRO C 248 -62.80 14.19 -49.52
CA PRO C 248 -61.85 13.54 -48.61
C PRO C 248 -61.76 14.20 -47.23
N ASP C 249 -61.71 15.53 -47.19
CA ASP C 249 -61.50 16.21 -45.92
C ASP C 249 -62.77 16.22 -45.07
N GLY C 250 -63.86 16.77 -45.60
CA GLY C 250 -65.07 16.86 -44.83
C GLY C 250 -66.29 17.03 -45.71
N THR C 251 -67.42 17.33 -45.05
CA THR C 251 -68.74 17.55 -45.65
C THR C 251 -69.03 16.62 -46.82
N SER C 252 -68.73 15.33 -46.66
CA SER C 252 -68.98 14.34 -47.70
C SER C 252 -70.35 13.68 -47.50
N LEU C 253 -70.74 12.89 -48.48
CA LEU C 253 -71.97 12.10 -48.43
C LEU C 253 -71.66 10.63 -48.30
N ASN C 254 -72.71 9.85 -48.05
CA ASN C 254 -72.64 8.39 -48.04
C ASN C 254 -73.52 7.86 -49.16
N LEU C 255 -72.95 7.01 -49.99
CA LEU C 255 -73.58 6.58 -51.23
C LEU C 255 -74.23 5.21 -51.07
N VAL C 256 -75.46 5.09 -51.58
CA VAL C 256 -76.10 3.79 -51.79
C VAL C 256 -75.88 3.43 -53.25
N ARG C 257 -75.16 2.33 -53.49
CA ARG C 257 -74.59 2.07 -54.80
C ARG C 257 -74.90 0.65 -55.23
N SER C 258 -75.24 0.50 -56.52
CA SER C 258 -75.43 -0.82 -57.12
C SER C 258 -74.09 -1.34 -57.63
N PHE C 259 -73.97 -2.67 -57.65
CA PHE C 259 -72.71 -3.31 -58.01
C PHE C 259 -72.91 -4.31 -59.13
N PRO C 260 -71.89 -4.54 -59.95
CA PRO C 260 -71.93 -5.62 -60.95
C PRO C 260 -71.66 -6.96 -60.30
N GLY C 261 -72.70 -7.78 -60.17
CA GLY C 261 -72.54 -9.10 -59.60
C GLY C 261 -72.39 -9.14 -58.10
N LYS C 262 -72.69 -8.04 -57.40
CA LYS C 262 -72.61 -8.02 -55.95
C LYS C 262 -73.85 -7.42 -55.28
N GLY C 263 -74.87 -7.03 -56.05
CA GLY C 263 -76.09 -6.51 -55.46
C GLY C 263 -75.97 -5.06 -55.04
N ILE C 264 -77.05 -4.58 -54.43
CA ILE C 264 -77.08 -3.21 -53.93
C ILE C 264 -76.26 -3.12 -52.65
N ARG C 265 -75.44 -2.08 -52.56
CA ARG C 265 -74.49 -1.95 -51.45
C ARG C 265 -74.59 -0.55 -50.86
N ILE C 266 -74.17 -0.42 -49.60
CA ILE C 266 -74.07 0.86 -48.93
C ILE C 266 -72.59 1.27 -48.95
N TRP C 267 -72.29 2.36 -49.65
CA TRP C 267 -70.92 2.80 -49.89
C TRP C 267 -70.70 4.13 -49.19
N GLY C 268 -70.17 4.08 -47.97
CA GLY C 268 -69.88 5.28 -47.22
C GLY C 268 -70.40 5.24 -45.80
N CYS C 269 -69.57 5.66 -44.85
CA CYS C 269 -69.95 5.68 -43.43
C CYS C 269 -69.49 6.96 -42.75
N ARG C 270 -69.51 8.08 -43.47
CA ARG C 270 -69.05 9.36 -42.94
C ARG C 270 -70.22 10.24 -42.54
N THR C 271 -70.01 11.03 -41.50
CA THR C 271 -71.00 11.98 -41.02
C THR C 271 -70.80 13.33 -41.69
N LEU C 272 -71.47 14.37 -41.18
CA LEU C 272 -71.37 15.70 -41.73
C LEU C 272 -70.21 16.51 -41.14
N GLU C 273 -69.36 15.89 -40.33
CA GLU C 273 -68.25 16.60 -39.71
C GLU C 273 -67.28 17.10 -40.78
N ASN C 274 -66.78 18.32 -40.58
CA ASN C 274 -65.93 18.98 -41.57
C ASN C 274 -64.44 18.74 -41.31
N THR C 275 -63.98 19.01 -40.09
CA THR C 275 -62.56 18.91 -39.80
C THR C 275 -62.07 17.48 -39.97
N HIS C 276 -60.91 17.34 -40.64
CA HIS C 276 -60.39 16.02 -40.94
C HIS C 276 -59.84 15.32 -39.69
N ASP C 277 -59.37 16.07 -38.71
CA ASP C 277 -58.76 15.50 -37.52
C ASP C 277 -59.78 15.00 -36.50
N SER C 278 -61.04 15.39 -36.62
CA SER C 278 -62.03 15.03 -35.62
C SER C 278 -62.27 13.52 -35.61
N PRO C 279 -62.46 12.92 -34.43
CA PRO C 279 -62.81 11.50 -34.38
C PRO C 279 -64.27 11.20 -34.68
N TRP C 280 -65.07 12.23 -34.93
CA TRP C 280 -66.49 12.07 -35.19
C TRP C 280 -66.80 11.96 -36.69
N SER C 281 -65.77 11.87 -37.53
CA SER C 281 -65.98 11.82 -38.97
C SER C 281 -66.66 10.55 -39.45
N TYR C 282 -66.75 9.52 -38.60
CA TYR C 282 -67.39 8.27 -38.96
C TYR C 282 -68.55 7.98 -38.02
N ILE C 283 -69.60 7.38 -38.56
CA ILE C 283 -70.81 7.15 -37.78
C ILE C 283 -70.56 6.13 -36.67
N GLN C 284 -69.71 5.14 -36.91
CA GLN C 284 -69.46 4.12 -35.89
C GLN C 284 -68.74 4.69 -34.69
N THR C 285 -67.75 5.57 -34.91
CA THR C 285 -66.97 6.11 -33.80
C THR C 285 -67.84 6.99 -32.91
N ARG C 286 -68.67 7.85 -33.51
CA ARG C 286 -69.54 8.70 -32.71
C ARG C 286 -70.56 7.88 -31.94
N ARG C 287 -71.12 6.85 -32.57
CA ARG C 287 -72.10 6.01 -31.87
C ARG C 287 -71.43 5.14 -30.82
N LEU C 288 -70.21 4.65 -31.11
CA LEU C 288 -69.51 3.81 -30.14
C LEU C 288 -69.20 4.59 -28.87
N VAL C 289 -68.73 5.84 -29.02
CA VAL C 289 -68.46 6.67 -27.85
C VAL C 289 -69.74 6.94 -27.08
N SER C 290 -70.81 7.29 -27.79
CA SER C 290 -72.09 7.53 -27.13
C SER C 290 -72.62 6.26 -26.46
N TYR C 291 -72.34 5.09 -27.05
CA TYR C 291 -72.68 3.84 -26.39
C TYR C 291 -71.90 3.68 -25.09
N ILE C 292 -70.62 4.05 -25.10
CA ILE C 292 -69.84 4.06 -23.87
C ILE C 292 -70.37 5.12 -22.92
N GLU C 293 -70.85 6.24 -23.45
CA GLU C 293 -71.40 7.30 -22.62
C GLU C 293 -72.57 6.82 -21.78
N ALA C 294 -73.49 6.07 -22.37
CA ALA C 294 -74.70 5.66 -21.65
C ALA C 294 -74.37 4.74 -20.50
N TYR C 295 -73.48 3.76 -20.72
CA TYR C 295 -73.15 2.80 -19.67
C TYR C 295 -72.45 3.48 -18.50
N MET C 296 -71.52 4.39 -18.79
CA MET C 296 -70.82 5.09 -17.71
C MET C 296 -71.78 5.92 -16.89
N THR C 297 -72.74 6.59 -17.53
CA THR C 297 -73.76 7.32 -16.79
C THR C 297 -74.60 6.37 -15.95
N GLN C 298 -74.97 5.23 -16.51
CA GLN C 298 -75.74 4.25 -15.75
C GLN C 298 -74.96 3.73 -14.56
N LEU C 299 -73.67 3.44 -14.75
CA LEU C 299 -72.84 3.00 -13.63
C LEU C 299 -72.63 4.12 -12.63
N GLY C 300 -72.44 5.35 -13.10
CA GLY C 300 -72.19 6.46 -12.20
C GLY C 300 -73.37 6.83 -11.32
N ARG C 301 -74.60 6.52 -11.74
CA ARG C 301 -75.76 6.84 -10.93
C ARG C 301 -75.74 6.08 -9.60
N ALA C 302 -75.15 4.89 -9.57
CA ALA C 302 -75.06 4.12 -8.33
C ALA C 302 -74.08 4.73 -7.34
N PHE C 303 -73.28 5.72 -7.75
CA PHE C 303 -72.26 6.31 -6.89
C PHE C 303 -72.55 7.78 -6.58
N VAL C 304 -73.81 8.20 -6.70
CA VAL C 304 -74.13 9.62 -6.65
C VAL C 304 -73.82 10.21 -5.28
N PHE C 305 -74.12 9.49 -4.21
CA PHE C 305 -73.87 10.00 -2.87
C PHE C 305 -72.96 9.07 -2.07
N GLU C 306 -72.11 8.30 -2.73
CA GLU C 306 -71.17 7.45 -2.03
C GLU C 306 -70.10 8.30 -1.34
N PRO C 307 -69.50 7.79 -0.27
CA PRO C 307 -68.37 8.49 0.34
C PRO C 307 -67.23 8.64 -0.67
N ASN C 308 -66.58 9.81 -0.63
CA ASN C 308 -65.54 10.13 -1.58
C ASN C 308 -64.16 9.87 -0.97
N ASN C 309 -63.81 8.59 -0.92
CA ASN C 309 -62.55 8.15 -0.33
C ASN C 309 -61.95 7.07 -1.24
N ALA C 310 -60.89 6.42 -0.73
CA ALA C 310 -60.14 5.47 -1.55
C ALA C 310 -60.97 4.24 -1.89
N ILE C 311 -61.81 3.78 -0.96
CA ILE C 311 -62.57 2.56 -1.18
C ILE C 311 -63.53 2.73 -2.36
N THR C 312 -64.20 3.88 -2.41
CA THR C 312 -65.13 4.14 -3.52
C THR C 312 -64.38 4.22 -4.85
N TRP C 313 -63.22 4.88 -4.86
CA TRP C 313 -62.45 5.01 -6.09
C TRP C 313 -62.02 3.64 -6.62
N MET C 314 -61.57 2.76 -5.72
CA MET C 314 -61.18 1.42 -6.13
C MET C 314 -62.37 0.65 -6.69
N LYS C 315 -63.54 0.79 -6.07
CA LYS C 315 -64.72 0.10 -6.56
C LYS C 315 -65.13 0.59 -7.94
N PHE C 316 -65.12 1.92 -8.14
CA PHE C 316 -65.47 2.46 -9.45
C PHE C 316 -64.44 2.09 -10.50
N LYS C 317 -63.15 2.16 -10.15
CA LYS C 317 -62.12 1.81 -11.10
C LYS C 317 -62.20 0.34 -11.50
N GLY C 318 -62.46 -0.54 -10.54
CA GLY C 318 -62.54 -1.96 -10.86
C GLY C 318 -63.67 -2.29 -11.81
N GLN C 319 -64.85 -1.75 -11.56
CA GLN C 319 -66.00 -2.03 -12.42
C GLN C 319 -65.79 -1.46 -13.81
N ALA C 320 -65.28 -0.23 -13.89
CA ALA C 320 -65.04 0.40 -15.20
C ALA C 320 -63.96 -0.34 -15.96
N HIS C 321 -62.88 -0.75 -15.29
CA HIS C 321 -61.80 -1.45 -15.96
C HIS C 321 -62.27 -2.80 -16.50
N ASN C 322 -63.09 -3.52 -15.73
CA ASN C 322 -63.55 -4.82 -16.17
C ASN C 322 -64.44 -4.70 -17.41
N TRP C 323 -65.36 -3.73 -17.41
CA TRP C 323 -66.24 -3.56 -18.56
C TRP C 323 -65.47 -3.13 -19.80
N LEU C 324 -64.50 -2.23 -19.65
CA LEU C 324 -63.69 -1.81 -20.77
C LEU C 324 -62.81 -2.95 -21.29
N ARG C 325 -62.27 -3.76 -20.36
CA ARG C 325 -61.51 -4.93 -20.78
C ARG C 325 -62.38 -5.91 -21.56
N GLN C 326 -63.63 -6.08 -21.13
CA GLN C 326 -64.56 -6.92 -21.87
C GLN C 326 -64.79 -6.38 -23.28
N LEU C 327 -64.95 -5.06 -23.41
CA LEU C 327 -65.16 -4.46 -24.72
C LEU C 327 -63.92 -4.58 -25.59
N TRP C 328 -62.73 -4.46 -24.98
CA TRP C 328 -61.49 -4.54 -25.76
C TRP C 328 -61.31 -5.91 -26.40
N LEU C 329 -61.64 -6.96 -25.66
CA LEU C 329 -61.45 -8.32 -26.15
C LEU C 329 -62.43 -8.69 -27.27
N LYS C 330 -63.42 -7.86 -27.53
CA LYS C 330 -64.32 -8.05 -28.67
C LYS C 330 -63.85 -7.27 -29.90
N GLY C 331 -62.67 -6.67 -29.83
CA GLY C 331 -62.16 -5.88 -30.94
C GLY C 331 -62.73 -4.48 -31.04
N GLY C 332 -63.41 -4.00 -30.00
CA GLY C 332 -64.01 -2.67 -30.05
C GLY C 332 -63.02 -1.53 -29.90
N LEU C 333 -61.85 -1.80 -29.34
CA LEU C 333 -60.86 -0.76 -29.08
C LEU C 333 -59.57 -1.05 -29.83
N ARG C 334 -58.89 0.00 -30.25
CA ARG C 334 -57.64 -0.10 -31.00
C ARG C 334 -56.49 -0.19 -30.01
N GLY C 335 -55.89 -1.37 -29.89
CA GLY C 335 -54.76 -1.55 -29.01
C GLY C 335 -54.28 -2.98 -28.91
N THR C 336 -52.97 -3.16 -28.72
CA THR C 336 -52.39 -4.49 -28.56
C THR C 336 -52.35 -4.92 -27.10
N GLN C 337 -52.00 -4.01 -26.20
CA GLN C 337 -52.10 -4.23 -24.76
C GLN C 337 -53.25 -3.40 -24.20
N GLU C 338 -53.43 -3.48 -22.88
CA GLU C 338 -54.51 -2.74 -22.23
C GLU C 338 -54.20 -1.25 -22.14
N ASP C 339 -52.93 -0.89 -21.97
CA ASP C 339 -52.58 0.50 -21.72
C ASP C 339 -52.93 1.40 -22.89
N GLN C 340 -52.63 0.96 -24.12
CA GLN C 340 -52.97 1.77 -25.28
C GLN C 340 -54.46 1.69 -25.59
N ALA C 341 -55.14 0.61 -25.18
CA ALA C 341 -56.55 0.47 -25.47
C ALA C 341 -57.38 1.51 -24.73
N PHE C 342 -57.17 1.65 -23.43
CA PHE C 342 -57.93 2.59 -22.62
C PHE C 342 -57.17 2.87 -21.33
N GLU C 343 -57.64 3.86 -20.59
CA GLU C 343 -57.04 4.23 -19.32
C GLU C 343 -58.05 5.00 -18.49
N VAL C 344 -58.15 4.66 -17.21
CA VAL C 344 -59.08 5.29 -16.28
C VAL C 344 -58.29 5.86 -15.11
N LEU C 345 -58.53 7.12 -14.80
CA LEU C 345 -57.87 7.81 -13.70
C LEU C 345 -58.91 8.27 -12.69
N LEU C 346 -58.69 7.94 -11.42
CA LEU C 346 -59.59 8.36 -10.35
C LEU C 346 -58.84 8.25 -9.02
N GLY C 347 -58.69 9.37 -8.33
CA GLY C 347 -58.02 9.37 -7.05
C GLY C 347 -57.90 10.77 -6.51
N VAL C 348 -57.36 10.87 -5.29
CA VAL C 348 -57.13 12.18 -4.69
C VAL C 348 -56.13 12.97 -5.53
N ASP C 349 -55.24 12.30 -6.24
CA ASP C 349 -54.38 12.90 -7.22
C ASP C 349 -54.75 12.38 -8.61
N GLU C 350 -54.08 12.94 -9.62
CA GLU C 350 -54.15 12.59 -11.05
C GLU C 350 -55.57 12.73 -11.60
N SER C 351 -56.54 13.08 -10.76
CA SER C 351 -57.88 13.39 -11.23
C SER C 351 -58.53 14.60 -10.56
N MET C 352 -58.04 15.06 -9.42
CA MET C 352 -58.64 16.18 -8.69
C MET C 352 -57.64 16.60 -7.61
N ARG C 353 -58.09 17.49 -6.72
CA ARG C 353 -57.29 17.97 -5.59
C ARG C 353 -58.11 17.85 -4.31
N GLU C 354 -57.50 18.24 -3.20
CA GLU C 354 -58.21 18.22 -1.92
C GLU C 354 -59.35 19.23 -1.90
N ALA C 355 -59.18 20.36 -2.59
CA ALA C 355 -60.24 21.35 -2.64
C ALA C 355 -61.48 20.83 -3.36
N ASP C 356 -61.29 19.89 -4.29
CA ASP C 356 -62.43 19.33 -5.00
C ASP C 356 -63.29 18.46 -4.08
N LEU C 357 -62.64 17.73 -3.16
CA LEU C 357 -63.40 16.90 -2.24
C LEU C 357 -64.29 17.74 -1.34
N ARG C 358 -63.79 18.87 -0.85
CA ARG C 358 -64.61 19.74 -0.03
C ARG C 358 -65.76 20.34 -0.84
N ALA C 359 -65.54 20.59 -2.13
CA ALA C 359 -66.63 21.01 -3.01
C ALA C 359 -67.64 19.89 -3.22
N GLY C 360 -67.26 18.65 -2.97
CA GLY C 360 -68.16 17.53 -3.06
C GLY C 360 -68.30 16.89 -4.41
N LYS C 361 -67.35 17.09 -5.31
CA LYS C 361 -67.42 16.53 -6.66
C LYS C 361 -66.28 15.54 -6.89
N MET C 362 -66.60 14.46 -7.59
CA MET C 362 -65.64 13.43 -7.94
C MET C 362 -65.40 13.47 -9.45
N ILE C 363 -64.14 13.47 -9.85
CA ILE C 363 -63.75 13.65 -11.25
C ILE C 363 -63.11 12.36 -11.73
N ILE C 364 -63.62 11.82 -12.83
CA ILE C 364 -63.10 10.59 -13.44
C ILE C 364 -62.69 10.92 -14.86
N LYS C 365 -61.45 10.55 -15.21
CA LYS C 365 -60.91 10.80 -16.54
C LYS C 365 -60.73 9.46 -17.25
N ILE C 366 -61.29 9.34 -18.45
CA ILE C 366 -61.23 8.12 -19.24
C ILE C 366 -60.68 8.47 -20.62
N ARG C 367 -59.64 7.75 -21.05
CA ARG C 367 -59.06 7.92 -22.36
C ARG C 367 -59.38 6.70 -23.22
N LEU C 368 -59.70 6.94 -24.49
CA LEU C 368 -60.13 5.88 -25.39
C LEU C 368 -59.35 5.96 -26.69
N ALA C 369 -59.33 4.84 -27.42
CA ALA C 369 -58.69 4.74 -28.73
C ALA C 369 -59.66 4.03 -29.67
N VAL C 370 -60.26 4.79 -30.58
CA VAL C 370 -61.28 4.27 -31.49
C VAL C 370 -60.61 3.66 -32.72
N LEU C 371 -61.38 2.87 -33.47
CA LEU C 371 -60.89 2.24 -34.68
C LEU C 371 -61.12 3.15 -35.89
N ILE C 372 -60.52 2.76 -37.01
CA ILE C 372 -60.65 3.48 -38.28
C ILE C 372 -61.07 2.47 -39.34
N PRO C 373 -62.13 2.73 -40.11
CA PRO C 373 -62.59 1.78 -41.13
C PRO C 373 -61.63 1.68 -42.31
N ILE D 24 -66.73 -25.06 44.18
CA ILE D 24 -67.90 -24.90 43.32
C ILE D 24 -68.97 -24.11 44.05
N GLY D 25 -69.89 -23.52 43.29
CA GLY D 25 -70.95 -22.72 43.86
C GLY D 25 -71.94 -23.50 44.68
N ILE D 26 -71.97 -23.26 45.98
CA ILE D 26 -72.92 -23.93 46.87
C ILE D 26 -73.94 -22.90 47.32
N PRO D 27 -75.15 -22.91 46.78
CA PRO D 27 -76.14 -21.89 47.12
C PRO D 27 -76.70 -22.07 48.52
N VAL D 28 -77.20 -20.96 49.08
CA VAL D 28 -77.89 -20.95 50.35
C VAL D 28 -79.27 -20.34 50.13
N PHE D 29 -80.28 -20.91 50.78
CA PHE D 29 -81.65 -20.44 50.66
C PHE D 29 -82.06 -19.74 51.95
N ILE D 30 -82.53 -18.50 51.81
CA ILE D 30 -82.99 -17.70 52.94
C ILE D 30 -84.48 -17.47 52.79
N GLY D 31 -85.25 -17.85 53.80
CA GLY D 31 -86.68 -17.67 53.74
C GLY D 31 -87.35 -18.17 55.00
N TYR D 32 -88.66 -17.94 55.06
CA TYR D 32 -89.47 -18.39 56.18
C TYR D 32 -89.88 -19.83 55.96
N THR D 33 -89.82 -20.64 57.03
CA THR D 33 -90.04 -22.07 56.94
C THR D 33 -91.12 -22.48 57.92
N SER D 34 -92.02 -23.38 57.47
CA SER D 34 -93.17 -23.75 58.28
C SER D 34 -92.76 -24.36 59.61
N SER D 35 -91.74 -25.22 59.59
CA SER D 35 -91.21 -25.80 60.82
C SER D 35 -90.15 -24.88 61.39
N PRO D 36 -90.36 -24.26 62.56
CA PRO D 36 -89.31 -23.42 63.14
C PRO D 36 -88.07 -24.23 63.47
N VAL D 37 -86.91 -23.60 63.28
CA VAL D 37 -85.62 -24.20 63.56
C VAL D 37 -84.74 -23.14 64.21
N ASP D 38 -83.50 -23.53 64.51
CA ASP D 38 -82.54 -22.61 65.12
C ASP D 38 -82.09 -21.57 64.09
N LYS D 39 -81.22 -20.67 64.54
CA LYS D 39 -80.74 -19.58 63.70
C LYS D 39 -79.53 -19.97 62.86
N THR D 40 -79.15 -21.24 62.85
CA THR D 40 -78.04 -21.74 62.05
C THR D 40 -78.57 -22.48 60.83
N ALA D 41 -77.72 -22.57 59.82
CA ALA D 41 -78.09 -23.23 58.56
C ALA D 41 -77.94 -24.74 58.69
N ILE D 42 -78.47 -25.45 57.69
CA ILE D 42 -78.42 -26.90 57.63
C ILE D 42 -77.82 -27.32 56.29
N LYS D 43 -77.30 -28.54 56.27
CA LYS D 43 -76.65 -29.10 55.09
C LYS D 43 -77.59 -30.12 54.46
N LEU D 44 -77.89 -29.94 53.17
CA LEU D 44 -78.79 -30.81 52.43
C LEU D 44 -78.10 -31.33 51.20
N HIS D 45 -78.09 -32.66 51.03
CA HIS D 45 -77.54 -33.30 49.84
C HIS D 45 -78.60 -33.95 48.97
N SER D 46 -79.83 -34.10 49.46
CA SER D 46 -80.90 -34.71 48.69
C SER D 46 -82.23 -34.26 49.29
N LEU D 47 -83.29 -34.46 48.51
CA LEU D 47 -84.63 -34.11 48.97
C LEU D 47 -85.06 -34.94 50.18
N ALA D 48 -84.52 -36.15 50.33
CA ALA D 48 -84.82 -36.95 51.51
C ALA D 48 -84.32 -36.27 52.78
N ASP D 49 -83.11 -35.70 52.74
CA ASP D 49 -82.62 -34.95 53.88
C ASP D 49 -83.47 -33.71 54.13
N PHE D 50 -83.93 -33.07 53.05
CA PHE D 50 -84.85 -31.94 53.18
C PHE D 50 -86.15 -32.37 53.86
N ALA D 51 -86.70 -33.50 53.43
CA ALA D 51 -87.91 -34.01 54.07
C ALA D 51 -87.64 -34.45 55.50
N ARG D 52 -86.44 -34.98 55.77
CA ARG D 52 -86.10 -35.41 57.11
C ARG D 52 -86.10 -34.25 58.10
N SER D 53 -85.73 -33.05 57.64
CA SER D 53 -85.68 -31.89 58.52
C SER D 53 -86.90 -30.99 58.38
N PHE D 54 -87.52 -30.96 57.20
CA PHE D 54 -88.56 -30.00 56.88
C PHE D 54 -89.82 -30.70 56.40
N PRO D 55 -90.98 -30.12 56.65
CA PRO D 55 -92.22 -30.64 56.05
C PRO D 55 -92.43 -30.08 54.65
N GLU D 56 -93.26 -30.80 53.89
CA GLU D 56 -93.51 -30.46 52.50
C GLU D 56 -94.53 -29.32 52.40
N SER D 57 -94.64 -28.76 51.19
CA SER D 57 -95.59 -27.71 50.82
C SER D 57 -95.14 -26.35 51.33
N GLY D 58 -94.90 -25.42 50.40
CA GLY D 58 -94.37 -24.11 50.71
C GLY D 58 -93.61 -23.60 49.51
N LEU D 59 -93.49 -22.28 49.41
CA LEU D 59 -92.87 -21.67 48.24
C LEU D 59 -91.39 -22.04 48.14
N MET D 60 -90.64 -21.85 49.22
CA MET D 60 -89.21 -22.13 49.19
C MET D 60 -88.92 -23.64 49.16
N TYR D 61 -89.81 -24.47 49.72
CA TYR D 61 -89.67 -25.90 49.52
C TYR D 61 -89.88 -26.29 48.06
N TYR D 62 -90.83 -25.65 47.38
CA TYR D 62 -91.03 -25.96 45.97
C TYR D 62 -89.82 -25.58 45.14
N SER D 63 -89.22 -24.42 45.41
CA SER D 63 -88.01 -24.02 44.69
C SER D 63 -86.85 -24.95 45.02
N VAL D 64 -86.73 -25.37 46.29
CA VAL D 64 -85.70 -26.34 46.67
C VAL D 64 -85.88 -27.63 45.88
N ARG D 65 -87.13 -28.09 45.74
CA ARG D 65 -87.40 -29.23 44.88
C ARG D 65 -87.03 -28.93 43.43
N HIS D 66 -87.34 -27.72 42.97
CA HIS D 66 -86.99 -27.33 41.61
C HIS D 66 -85.48 -27.32 41.41
N PHE D 67 -84.74 -26.84 42.40
CA PHE D 67 -83.28 -26.82 42.30
C PHE D 67 -82.72 -28.24 42.22
N PHE D 68 -83.20 -29.13 43.09
CA PHE D 68 -82.72 -30.51 43.09
C PHE D 68 -83.12 -31.23 41.81
N GLU D 69 -84.33 -30.99 41.31
CA GLU D 69 -84.82 -31.70 40.14
C GLU D 69 -84.15 -31.24 38.86
N ASN D 70 -83.59 -30.03 38.84
CA ASN D 70 -82.84 -29.57 37.67
C ASN D 70 -81.45 -30.16 37.62
N GLY D 71 -80.97 -30.75 38.71
CA GLY D 71 -79.63 -31.32 38.75
C GLY D 71 -78.79 -30.78 39.89
N GLY D 72 -79.43 -30.12 40.85
CA GLY D 72 -78.70 -29.61 41.99
C GLY D 72 -78.24 -30.74 42.89
N GLN D 73 -77.01 -30.64 43.39
CA GLN D 73 -76.44 -31.68 44.24
C GLN D 73 -76.62 -31.36 45.72
N GLN D 74 -76.11 -30.22 46.18
CA GLN D 74 -76.18 -29.88 47.58
C GLN D 74 -76.41 -28.38 47.73
N ALA D 75 -77.01 -27.99 48.85
CA ALA D 75 -77.32 -26.59 49.13
C ALA D 75 -77.60 -26.45 50.61
N TYR D 76 -77.60 -25.19 51.07
CA TYR D 76 -77.91 -24.85 52.45
C TYR D 76 -79.28 -24.19 52.54
N VAL D 77 -79.86 -24.22 53.74
CA VAL D 77 -81.14 -23.57 54.02
C VAL D 77 -81.03 -22.84 55.34
N LEU D 78 -81.44 -21.57 55.34
CA LEU D 78 -81.43 -20.74 56.54
C LEU D 78 -82.82 -20.13 56.71
N SER D 79 -83.31 -20.13 57.95
CA SER D 79 -84.66 -19.70 58.26
C SER D 79 -84.62 -18.47 59.16
N LEU D 80 -85.27 -17.40 58.72
CA LEU D 80 -85.47 -16.24 59.58
C LEU D 80 -86.57 -16.48 60.60
N GLY D 81 -87.60 -17.23 60.23
CA GLY D 81 -88.70 -17.49 61.13
C GLY D 81 -89.63 -18.52 60.54
N THR D 82 -90.85 -18.56 61.08
CA THR D 82 -91.86 -19.49 60.58
C THR D 82 -92.60 -18.88 59.40
N GLU D 83 -93.23 -19.76 58.61
CA GLU D 83 -93.89 -19.32 57.38
C GLU D 83 -95.05 -18.36 57.67
N GLN D 84 -95.70 -18.50 58.82
CA GLN D 84 -96.93 -17.74 59.07
C GLN D 84 -96.66 -16.28 59.41
N GLN D 85 -95.45 -15.92 59.83
CA GLN D 85 -95.18 -14.54 60.24
C GLN D 85 -94.63 -13.70 59.08
N LEU D 86 -95.34 -13.67 57.97
CA LEU D 86 -95.05 -12.74 56.88
C LEU D 86 -95.90 -11.49 57.05
N SER D 87 -95.26 -10.32 57.06
CA SER D 87 -95.94 -9.08 57.35
C SER D 87 -96.02 -8.16 56.14
N ASP D 88 -94.89 -7.77 55.56
CA ASP D 88 -94.86 -6.82 54.45
C ASP D 88 -93.45 -6.79 53.88
N PHE D 89 -93.26 -5.96 52.84
CA PHE D 89 -91.97 -5.86 52.19
C PHE D 89 -90.90 -5.30 53.14
N SER D 90 -91.26 -4.25 53.88
CA SER D 90 -90.28 -3.64 54.79
C SER D 90 -89.90 -4.61 55.90
N SER D 91 -90.85 -5.42 56.36
CA SER D 91 -90.52 -6.43 57.37
C SER D 91 -89.54 -7.45 56.83
N LEU D 92 -89.73 -7.88 55.58
CA LEU D 92 -88.80 -8.84 54.98
C LEU D 92 -87.40 -8.26 54.86
N ILE D 93 -87.30 -7.00 54.41
CA ILE D 93 -85.99 -6.35 54.28
C ILE D 93 -85.35 -6.18 55.65
N THR D 94 -86.13 -5.74 56.64
CA THR D 94 -85.59 -5.56 57.98
C THR D 94 -85.11 -6.89 58.57
N ALA D 95 -85.87 -7.97 58.32
CA ALA D 95 -85.43 -9.29 58.77
C ALA D 95 -84.14 -9.70 58.09
N LEU D 96 -83.96 -9.34 56.82
CA LEU D 96 -82.73 -9.67 56.10
C LEU D 96 -81.54 -8.86 56.59
N GLN D 97 -81.77 -7.77 57.31
CA GLN D 97 -80.69 -6.91 57.79
C GLN D 97 -80.20 -7.28 59.17
N GLN D 98 -80.71 -8.35 59.77
CA GLN D 98 -80.25 -8.76 61.09
C GLN D 98 -78.80 -9.21 61.03
N ALA D 99 -78.09 -9.06 62.15
CA ALA D 99 -76.66 -9.29 62.15
C ALA D 99 -76.30 -10.77 62.10
N TRP D 100 -77.16 -11.64 62.63
CA TRP D 100 -76.77 -13.04 62.80
C TRP D 100 -76.64 -13.78 61.48
N LEU D 101 -77.41 -13.39 60.46
CA LEU D 101 -77.27 -14.04 59.16
C LEU D 101 -75.90 -13.79 58.56
N ALA D 102 -75.41 -12.55 58.66
CA ALA D 102 -74.11 -12.23 58.09
C ALA D 102 -73.00 -13.06 58.73
N GLN D 103 -73.06 -13.23 60.06
CA GLN D 103 -72.04 -14.02 60.74
C GLN D 103 -72.09 -15.48 60.33
N THR D 104 -73.30 -16.04 60.17
CA THR D 104 -73.44 -17.46 59.87
C THR D 104 -72.86 -17.80 58.50
N ILE D 105 -73.20 -17.01 57.47
CA ILE D 105 -72.64 -17.26 56.15
C ILE D 105 -71.15 -16.96 56.14
N ALA D 106 -70.69 -15.98 56.90
CA ALA D 106 -69.26 -15.72 57.01
C ALA D 106 -68.55 -16.92 57.66
N ALA D 107 -69.15 -17.50 58.70
CA ALA D 107 -68.54 -18.64 59.36
C ALA D 107 -68.52 -19.86 58.47
N GLU D 108 -69.64 -20.17 57.82
CA GLU D 108 -69.74 -21.33 56.94
C GLU D 108 -68.98 -21.02 55.66
N ASN D 109 -67.88 -21.74 55.43
CA ASN D 109 -66.92 -21.31 54.42
C ASN D 109 -67.39 -21.58 53.01
N ASP D 110 -68.08 -22.71 52.78
CA ASP D 110 -68.30 -23.19 51.43
C ASP D 110 -69.52 -22.57 50.75
N ILE D 111 -70.23 -21.65 51.39
CA ILE D 111 -71.35 -20.99 50.74
C ILE D 111 -70.84 -19.99 49.72
N THR D 112 -71.43 -20.02 48.52
CA THR D 112 -71.00 -19.16 47.42
C THR D 112 -72.12 -18.28 46.87
N LEU D 113 -73.35 -18.80 46.78
CA LEU D 113 -74.46 -18.08 46.20
C LEU D 113 -75.55 -17.85 47.25
N ILE D 114 -76.28 -16.75 47.09
CA ILE D 114 -77.36 -16.37 48.00
C ILE D 114 -78.65 -16.28 47.20
N ILE D 115 -79.69 -16.95 47.69
CA ILE D 115 -80.99 -17.01 47.00
C ILE D 115 -82.07 -16.62 48.00
N THR D 116 -82.98 -15.73 47.58
CA THR D 116 -84.12 -15.30 48.40
C THR D 116 -85.37 -15.39 47.56
N PRO D 117 -85.99 -16.58 47.49
CA PRO D 117 -87.19 -16.74 46.64
C PRO D 117 -88.46 -16.20 47.26
N ASP D 118 -88.45 -15.78 48.52
CA ASP D 118 -89.67 -15.35 49.18
C ASP D 118 -90.19 -14.00 48.69
N VAL D 119 -89.44 -13.31 47.83
CA VAL D 119 -89.90 -12.03 47.30
C VAL D 119 -91.13 -12.17 46.42
N ILE D 120 -91.46 -13.39 46.00
CA ILE D 120 -92.61 -13.60 45.12
C ILE D 120 -93.91 -13.33 45.86
N ARG D 121 -93.96 -13.69 47.15
CA ARG D 121 -95.20 -13.67 47.94
C ARG D 121 -95.78 -12.28 48.12
N PHE D 122 -95.18 -11.24 47.55
CA PHE D 122 -95.66 -9.88 47.74
C PHE D 122 -96.14 -9.31 46.41
N ASP D 123 -97.33 -8.72 46.44
CA ASP D 123 -97.96 -8.21 45.23
C ASP D 123 -97.30 -6.93 44.73
N GLN D 124 -97.52 -6.63 43.44
CA GLN D 124 -97.06 -5.38 42.83
C GLN D 124 -98.25 -4.44 42.65
N THR D 125 -98.58 -3.72 43.74
CA THR D 125 -99.75 -2.85 43.72
C THR D 125 -99.57 -1.67 42.77
N GLU D 126 -98.47 -0.94 42.90
CA GLU D 126 -98.27 0.25 42.07
C GLU D 126 -96.82 0.35 41.65
N ILE D 127 -96.55 1.31 40.77
CA ILE D 127 -95.20 1.59 40.27
C ILE D 127 -94.65 2.88 40.89
N SER D 128 -95.14 3.26 42.07
CA SER D 128 -94.73 4.52 42.68
C SER D 128 -93.29 4.45 43.18
N ASP D 129 -92.79 5.60 43.63
CA ASP D 129 -91.43 5.67 44.16
C ASP D 129 -91.28 4.83 45.42
N THR D 130 -92.39 4.60 46.14
CA THR D 130 -92.33 3.76 47.33
C THR D 130 -91.94 2.33 46.97
N GLN D 131 -92.50 1.80 45.89
CA GLN D 131 -92.16 0.44 45.48
C GLN D 131 -90.76 0.38 44.87
N ARG D 132 -90.37 1.41 44.10
CA ARG D 132 -89.07 1.40 43.45
C ARG D 132 -87.94 1.40 44.47
N ASP D 133 -88.05 2.22 45.51
CA ASP D 133 -87.00 2.28 46.52
C ASP D 133 -86.89 0.96 47.29
N LEU D 134 -88.01 0.33 47.60
CA LEU D 134 -87.97 -0.93 48.35
C LEU D 134 -87.21 -2.01 47.60
N TRP D 135 -87.40 -2.08 46.28
CA TRP D 135 -86.66 -3.05 45.49
C TRP D 135 -85.17 -2.77 45.53
N LEU D 136 -84.79 -1.49 45.54
CA LEU D 136 -83.37 -1.13 45.61
C LEU D 136 -82.75 -1.55 46.95
N GLN D 137 -83.50 -1.37 48.05
CA GLN D 137 -82.96 -1.72 49.36
C GLN D 137 -82.76 -3.23 49.48
N LEU D 138 -83.69 -4.01 48.93
CA LEU D 138 -83.54 -5.46 48.94
C LEU D 138 -82.27 -5.88 48.18
N TRP D 139 -82.01 -5.22 47.05
CA TRP D 139 -80.78 -5.48 46.32
C TRP D 139 -79.56 -5.08 47.14
N GLN D 140 -79.61 -3.92 47.79
CA GLN D 140 -78.48 -3.48 48.61
C GLN D 140 -78.31 -4.39 49.83
N SER D 141 -79.41 -4.78 50.46
CA SER D 141 -79.32 -5.63 51.65
C SER D 141 -78.72 -6.99 51.31
N VAL D 142 -79.11 -7.57 50.19
CA VAL D 142 -78.53 -8.85 49.76
C VAL D 142 -77.06 -8.67 49.43
N LEU D 143 -76.72 -7.58 48.73
CA LEU D 143 -75.32 -7.32 48.40
C LEU D 143 -74.48 -7.10 49.65
N ASN D 144 -75.07 -6.51 50.68
CA ASN D 144 -74.38 -6.40 51.97
C ASN D 144 -74.06 -7.78 52.54
N LEU D 145 -75.02 -8.71 52.43
CA LEU D 145 -74.76 -10.07 52.89
C LEU D 145 -73.69 -10.74 52.04
N CYS D 146 -73.56 -10.35 50.78
CA CYS D 146 -72.55 -10.94 49.90
C CYS D 146 -71.15 -10.42 50.21
N LYS D 147 -71.02 -9.34 50.96
CA LYS D 147 -69.72 -8.78 51.31
C LYS D 147 -69.16 -9.34 52.61
N SER D 148 -69.86 -10.29 53.25
CA SER D 148 -69.33 -10.91 54.44
C SER D 148 -68.04 -11.67 54.14
N ARG D 149 -68.02 -12.38 53.01
CA ARG D 149 -66.81 -13.04 52.52
C ARG D 149 -66.61 -12.65 51.05
N ARG D 150 -65.36 -12.73 50.61
CA ARG D 150 -65.05 -12.45 49.22
C ARG D 150 -65.40 -13.63 48.33
N GLY D 151 -65.99 -13.35 47.18
CA GLY D 151 -66.37 -14.38 46.23
C GLY D 151 -67.82 -14.80 46.29
N ILE D 152 -68.61 -14.24 47.19
CA ILE D 152 -70.02 -14.60 47.29
C ILE D 152 -70.82 -13.81 46.28
N MET D 153 -71.57 -14.51 45.43
CA MET D 153 -72.42 -13.90 44.43
C MET D 153 -73.88 -13.94 44.89
N GLY D 154 -74.61 -12.88 44.59
CA GLY D 154 -76.02 -12.77 44.95
C GLY D 154 -76.90 -12.87 43.72
N LEU D 155 -77.96 -13.66 43.83
CA LEU D 155 -78.94 -13.82 42.76
C LEU D 155 -80.19 -13.04 43.13
N LEU D 156 -80.60 -12.11 42.28
CA LEU D 156 -81.63 -11.14 42.59
C LEU D 156 -82.83 -11.29 41.66
N ASP D 157 -83.96 -10.73 42.09
CA ASP D 157 -85.18 -10.72 41.31
C ASP D 157 -85.53 -9.30 40.90
N ALA D 158 -86.50 -9.18 40.01
CA ALA D 158 -86.94 -7.91 39.46
C ALA D 158 -88.45 -7.77 39.54
N PRO D 159 -88.97 -6.54 39.57
CA PRO D 159 -90.42 -6.36 39.59
C PRO D 159 -91.08 -6.92 38.33
N ASP D 160 -92.37 -7.21 38.46
CA ASP D 160 -93.08 -7.92 37.39
C ASP D 160 -93.14 -7.11 36.10
N ASP D 161 -93.54 -5.82 36.20
CA ASP D 161 -93.65 -5.19 34.89
C ASP D 161 -92.30 -4.65 34.43
N PRO D 162 -92.06 -4.62 33.12
CA PRO D 162 -90.79 -4.09 32.62
C PRO D 162 -90.58 -2.61 32.96
N THR D 163 -91.65 -1.85 33.14
CA THR D 163 -91.50 -0.42 33.41
C THR D 163 -90.78 -0.17 34.71
N LEU D 164 -91.23 -0.82 35.79
CA LEU D 164 -90.57 -0.64 37.09
C LEU D 164 -89.16 -1.23 37.09
N ALA D 165 -88.97 -2.38 36.45
CA ALA D 165 -87.65 -2.99 36.41
C ALA D 165 -86.65 -2.09 35.70
N ALA D 166 -87.06 -1.49 34.57
CA ALA D 166 -86.19 -0.56 33.87
C ALA D 166 -85.90 0.66 34.72
N LYS D 167 -86.90 1.15 35.46
CA LYS D 167 -86.68 2.29 36.35
C LYS D 167 -85.69 1.94 37.44
N CYS D 168 -85.81 0.76 38.03
CA CYS D 168 -84.90 0.35 39.10
C CYS D 168 -83.49 0.15 38.58
N LEU D 169 -83.35 -0.41 37.38
CA LEU D 169 -82.02 -0.65 36.82
C LEU D 169 -81.26 0.64 36.61
N GLN D 170 -81.93 1.66 36.07
CA GLN D 170 -81.25 2.93 35.78
C GLN D 170 -80.94 3.71 37.05
N GLN D 171 -81.81 3.63 38.06
CA GLN D 171 -81.68 4.46 39.25
C GLN D 171 -80.90 3.79 40.37
N PHE D 172 -80.43 2.55 40.18
CA PHE D 172 -79.69 1.87 41.24
C PHE D 172 -78.28 2.44 41.33
N SER D 173 -77.87 2.81 42.54
CA SER D 173 -76.57 3.42 42.80
C SER D 173 -75.89 2.68 43.94
N SER D 174 -74.88 1.87 43.61
CA SER D 174 -74.15 1.14 44.62
C SER D 174 -72.77 0.79 44.09
N ALA D 175 -71.80 0.69 45.00
CA ALA D 175 -70.45 0.30 44.64
C ALA D 175 -70.27 -1.22 44.57
N ASP D 176 -71.31 -1.98 44.91
CA ASP D 176 -71.26 -3.44 44.89
C ASP D 176 -72.02 -4.04 43.73
N ARG D 177 -72.21 -3.27 42.64
CA ARG D 177 -72.89 -3.77 41.46
C ARG D 177 -72.17 -4.98 40.85
N GLN D 178 -70.88 -5.14 41.15
CA GLN D 178 -70.11 -6.23 40.56
C GLN D 178 -70.59 -7.60 41.04
N TRP D 179 -71.11 -7.68 42.25
CA TRP D 179 -71.47 -8.95 42.86
C TRP D 179 -72.95 -9.32 42.69
N GLY D 180 -73.71 -8.55 41.92
CA GLY D 180 -75.14 -8.75 41.80
C GLY D 180 -75.52 -9.26 40.42
N VAL D 181 -76.35 -10.31 40.40
CA VAL D 181 -76.93 -10.87 39.18
C VAL D 181 -78.43 -10.96 39.36
N VAL D 182 -79.18 -10.49 38.38
CA VAL D 182 -80.64 -10.43 38.46
C VAL D 182 -81.23 -11.20 37.29
N TYR D 183 -82.32 -11.92 37.57
CA TYR D 183 -83.01 -12.72 36.56
C TYR D 183 -84.48 -12.31 36.53
N TRP D 184 -85.08 -12.39 35.34
CA TRP D 184 -86.44 -11.92 35.11
C TRP D 184 -86.96 -12.57 33.84
N PRO D 185 -88.27 -12.89 33.76
CA PRO D 185 -89.31 -12.73 34.77
C PRO D 185 -89.50 -13.96 35.64
N LEU D 186 -90.61 -14.01 36.37
CA LEU D 186 -90.94 -15.20 37.17
C LEU D 186 -91.31 -16.36 36.25
N LEU D 187 -91.27 -17.57 36.80
CA LEU D 187 -91.49 -18.79 36.05
C LEU D 187 -92.62 -19.59 36.70
N LYS D 188 -93.39 -20.28 35.86
CA LYS D 188 -94.41 -21.21 36.32
C LYS D 188 -93.98 -22.63 35.98
N SER D 189 -94.27 -23.57 36.90
CA SER D 189 -93.83 -24.94 36.77
C SER D 189 -95.02 -25.88 36.89
N ALA D 190 -94.76 -27.16 36.61
CA ALA D 190 -95.80 -28.18 36.65
C ALA D 190 -96.27 -28.50 38.07
N TYR D 191 -95.57 -28.03 39.09
CA TYR D 191 -95.98 -28.30 40.46
C TYR D 191 -97.30 -27.61 40.77
N GLN D 192 -98.16 -28.31 41.52
CA GLN D 192 -99.49 -27.82 41.83
C GLN D 192 -99.76 -27.95 43.33
N ASP D 193 -100.57 -27.04 43.85
CA ASP D 193 -101.02 -27.11 45.23
C ASP D 193 -102.22 -28.05 45.31
N ASN D 194 -102.89 -28.06 46.47
CA ASN D 194 -104.13 -28.82 46.59
C ASN D 194 -105.17 -28.32 45.60
N THR D 195 -105.30 -27.00 45.46
CA THR D 195 -106.02 -26.42 44.34
C THR D 195 -105.16 -26.51 43.09
N GLN D 196 -105.80 -26.73 41.94
CA GLN D 196 -105.08 -26.95 40.68
C GLN D 196 -104.70 -25.60 40.06
N ASN D 197 -103.66 -25.01 40.63
CA ASN D 197 -103.08 -23.78 40.11
C ASN D 197 -101.58 -23.94 39.91
N PRO D 198 -101.04 -23.48 38.78
CA PRO D 198 -99.60 -23.61 38.54
C PRO D 198 -98.80 -22.78 39.53
N ILE D 199 -97.76 -23.40 40.11
CA ILE D 199 -96.94 -22.70 41.10
C ILE D 199 -95.96 -21.78 40.38
N VAL D 200 -95.94 -20.52 40.78
CA VAL D 200 -95.03 -19.53 40.21
C VAL D 200 -93.74 -19.54 41.01
N LEU D 201 -92.62 -19.76 40.34
CA LEU D 201 -91.32 -19.87 41.01
C LEU D 201 -90.33 -18.91 40.36
N SER D 202 -89.41 -18.41 41.17
CA SER D 202 -88.37 -17.52 40.68
C SER D 202 -87.32 -18.31 39.91
N PRO D 203 -86.75 -17.74 38.84
CA PRO D 203 -85.74 -18.47 38.07
C PRO D 203 -84.40 -18.60 38.78
N THR D 204 -84.24 -17.96 39.95
CA THR D 204 -82.97 -18.05 40.67
C THR D 204 -82.66 -19.48 41.09
N ALA D 205 -83.68 -20.22 41.52
CA ALA D 205 -83.46 -21.61 41.91
C ALA D 205 -83.01 -22.46 40.71
N ALA D 206 -83.61 -22.22 39.54
CA ALA D 206 -83.29 -23.02 38.37
C ALA D 206 -81.85 -22.79 37.89
N VAL D 207 -81.43 -21.53 37.83
CA VAL D 207 -80.08 -21.24 37.34
C VAL D 207 -79.02 -21.76 38.30
N ALA D 208 -79.31 -21.71 39.61
CA ALA D 208 -78.35 -22.16 40.60
C ALA D 208 -77.97 -23.63 40.39
N ALA D 209 -78.96 -24.46 40.04
CA ALA D 209 -78.66 -25.84 39.68
C ALA D 209 -77.81 -25.90 38.43
N VAL D 210 -78.07 -25.01 37.46
CA VAL D 210 -77.29 -25.00 36.22
C VAL D 210 -75.83 -24.68 36.50
N ILE D 211 -75.58 -23.70 37.39
CA ILE D 211 -74.21 -23.35 37.73
C ILE D 211 -73.48 -24.54 38.34
N GLN D 212 -74.14 -25.26 39.25
CA GLN D 212 -73.52 -26.46 39.82
C GLN D 212 -73.23 -27.49 38.74
N ARG D 213 -74.19 -27.70 37.83
CA ARG D 213 -73.95 -28.60 36.71
C ARG D 213 -72.86 -28.06 35.80
N ASN D 214 -72.88 -26.76 35.51
CA ASN D 214 -71.84 -26.17 34.68
C ASN D 214 -70.48 -26.21 35.37
N ASP D 215 -70.46 -26.02 36.69
CA ASP D 215 -69.20 -26.07 37.42
C ASP D 215 -68.59 -27.46 37.36
N ASN D 216 -69.40 -28.50 37.46
CA ASN D 216 -68.88 -29.86 37.46
C ASN D 216 -68.54 -30.32 36.04
N GLN D 217 -69.52 -30.29 35.14
CA GLN D 217 -69.31 -30.78 33.78
C GLN D 217 -68.33 -29.90 33.01
N GLN D 218 -68.54 -28.59 33.03
CA GLN D 218 -67.78 -27.69 32.17
C GLN D 218 -66.84 -26.76 32.92
N GLY D 219 -67.03 -26.55 34.21
CA GLY D 219 -66.17 -25.68 34.98
C GLY D 219 -66.78 -24.31 35.22
N VAL D 220 -66.07 -23.53 36.05
CA VAL D 220 -66.55 -22.20 36.43
C VAL D 220 -66.50 -21.24 35.24
N TRP D 221 -65.45 -21.34 34.43
CA TRP D 221 -65.24 -20.37 33.35
C TRP D 221 -66.19 -20.57 32.18
N THR D 222 -67.22 -21.41 32.28
CA THR D 222 -68.21 -21.57 31.21
C THR D 222 -69.48 -20.81 31.59
N ALA D 223 -69.93 -19.93 30.70
CA ALA D 223 -71.09 -19.10 31.00
C ALA D 223 -72.34 -19.96 31.13
N PRO D 224 -73.15 -19.73 32.17
CA PRO D 224 -74.41 -20.48 32.35
C PRO D 224 -75.57 -19.91 31.52
N ALA D 225 -75.30 -19.65 30.24
CA ALA D 225 -76.29 -19.13 29.31
C ALA D 225 -76.42 -20.08 28.12
N ASN D 226 -77.48 -19.86 27.35
CA ASN D 226 -77.79 -20.71 26.19
C ASN D 226 -77.92 -22.17 26.60
N ILE D 227 -78.53 -22.40 27.76
CA ILE D 227 -78.68 -23.74 28.31
C ILE D 227 -80.16 -23.95 28.65
N ALA D 228 -80.62 -25.19 28.51
CA ALA D 228 -82.02 -25.52 28.70
C ALA D 228 -82.32 -25.79 30.18
N LEU D 229 -83.46 -25.29 30.63
CA LEU D 229 -83.97 -25.61 31.95
C LEU D 229 -84.89 -26.83 31.86
N SER D 230 -85.51 -27.18 32.98
CA SER D 230 -86.37 -28.36 33.04
C SER D 230 -87.62 -28.06 33.85
N LYS D 231 -88.71 -28.75 33.49
CA LYS D 231 -89.96 -28.71 34.24
C LYS D 231 -90.47 -27.28 34.41
N VAL D 232 -90.37 -26.50 33.34
CA VAL D 232 -90.90 -25.14 33.30
C VAL D 232 -91.95 -25.08 32.21
N ILE D 233 -93.17 -24.66 32.57
CA ILE D 233 -94.25 -24.59 31.61
C ILE D 233 -94.05 -23.42 30.66
N SER D 234 -93.93 -22.22 31.21
CA SER D 234 -93.76 -21.00 30.43
C SER D 234 -93.34 -19.86 31.33
N PRO D 235 -92.60 -18.88 30.83
CA PRO D 235 -92.34 -17.67 31.62
C PRO D 235 -93.64 -16.95 31.95
N VAL D 236 -93.68 -16.34 33.14
CA VAL D 236 -94.91 -15.70 33.59
C VAL D 236 -95.26 -14.51 32.70
N ARG D 237 -94.29 -13.99 31.97
CA ARG D 237 -94.51 -12.90 31.01
C ARG D 237 -93.89 -13.28 29.67
N ALA D 238 -93.94 -12.34 28.74
CA ALA D 238 -93.63 -12.60 27.34
C ALA D 238 -92.25 -12.10 26.97
N TYR D 239 -91.94 -12.22 25.68
CA TYR D 239 -90.64 -11.80 25.15
C TYR D 239 -90.64 -10.31 24.81
N ILE D 240 -91.63 -9.87 24.04
CA ILE D 240 -91.57 -8.57 23.39
C ILE D 240 -91.45 -7.45 24.42
N GLU D 241 -92.14 -7.59 25.55
CA GLU D 241 -92.08 -6.57 26.59
C GLU D 241 -90.71 -6.46 27.25
N ALA D 242 -89.81 -7.41 27.02
CA ALA D 242 -88.52 -7.45 27.68
C ALA D 242 -87.39 -6.87 26.84
N ASN D 243 -87.70 -6.24 25.72
CA ASN D 243 -86.65 -5.70 24.85
C ASN D 243 -85.90 -4.54 25.51
N ALA D 244 -86.59 -3.72 26.29
CA ALA D 244 -85.99 -2.54 26.88
C ALA D 244 -85.11 -2.84 28.10
N LEU D 245 -85.25 -4.02 28.70
CA LEU D 245 -84.47 -4.31 29.91
C LEU D 245 -83.01 -4.58 29.61
N PHE D 246 -82.71 -5.32 28.55
CA PHE D 246 -81.32 -5.52 28.17
C PHE D 246 -80.71 -4.21 27.68
N ASN D 247 -79.45 -3.98 28.03
CA ASN D 247 -78.78 -2.74 27.70
C ASN D 247 -77.33 -3.06 27.33
N PRO D 248 -76.82 -2.48 26.24
CA PRO D 248 -75.48 -2.85 25.76
C PRO D 248 -74.35 -2.41 26.69
N ASP D 249 -74.41 -1.18 27.18
CA ASP D 249 -73.30 -0.66 27.98
C ASP D 249 -73.29 -1.25 29.39
N GLY D 250 -74.38 -1.07 30.13
CA GLY D 250 -74.41 -1.55 31.49
C GLY D 250 -75.83 -1.68 32.01
N THR D 251 -75.92 -1.93 33.33
CA THR D 251 -77.18 -2.12 34.07
C THR D 251 -78.22 -2.90 33.25
N SER D 252 -77.80 -4.02 32.68
CA SER D 252 -78.71 -4.87 31.92
C SER D 252 -79.24 -6.01 32.79
N LEU D 253 -80.22 -6.72 32.26
CA LEU D 253 -80.80 -7.89 32.91
C LEU D 253 -80.41 -9.16 32.15
N ASN D 254 -80.72 -10.29 32.78
CA ASN D 254 -80.56 -11.61 32.16
C ASN D 254 -81.94 -12.23 32.00
N LEU D 255 -82.24 -12.69 30.79
CA LEU D 255 -83.59 -13.09 30.41
C LEU D 255 -83.73 -14.61 30.44
N VAL D 256 -84.83 -15.09 31.01
CA VAL D 256 -85.27 -16.47 30.85
C VAL D 256 -86.35 -16.47 29.78
N ARG D 257 -86.08 -17.13 28.66
CA ARG D 257 -86.88 -16.97 27.46
C ARG D 257 -87.21 -18.33 26.86
N SER D 258 -88.48 -18.49 26.47
CA SER D 258 -88.91 -19.69 25.77
C SER D 258 -88.56 -19.58 24.31
N PHE D 259 -88.38 -20.74 23.66
CA PHE D 259 -87.93 -20.78 22.29
C PHE D 259 -88.84 -21.67 21.46
N PRO D 260 -88.98 -21.38 20.17
CA PRO D 260 -89.76 -22.25 19.27
C PRO D 260 -88.95 -23.47 18.87
N GLY D 261 -89.35 -24.64 19.38
CA GLY D 261 -88.66 -25.86 19.04
C GLY D 261 -87.31 -26.04 19.72
N LYS D 262 -87.03 -25.29 20.77
CA LYS D 262 -85.78 -25.42 21.51
C LYS D 262 -85.96 -25.47 23.02
N GLY D 263 -87.20 -25.40 23.52
CA GLY D 263 -87.43 -25.45 24.94
C GLY D 263 -87.17 -24.12 25.62
N ILE D 264 -87.28 -24.14 26.95
CA ILE D 264 -87.00 -22.96 27.75
C ILE D 264 -85.49 -22.77 27.85
N ARG D 265 -85.04 -21.53 27.69
CA ARG D 265 -83.62 -21.23 27.61
C ARG D 265 -83.29 -20.06 28.55
N ILE D 266 -82.04 -20.02 28.98
CA ILE D 266 -81.52 -18.89 29.76
C ILE D 266 -80.76 -17.99 28.80
N TRP D 267 -81.23 -16.76 28.66
CA TRP D 267 -80.70 -15.81 27.67
C TRP D 267 -80.10 -14.63 28.41
N GLY D 268 -78.79 -14.66 28.62
CA GLY D 268 -78.11 -13.57 29.29
C GLY D 268 -77.19 -14.02 30.40
N CYS D 269 -75.98 -13.46 30.45
CA CYS D 269 -75.01 -13.79 31.48
C CYS D 269 -74.30 -12.54 32.01
N ARG D 270 -75.02 -11.43 32.10
CA ARG D 270 -74.43 -10.16 32.53
C ARG D 270 -74.82 -9.84 33.95
N THR D 271 -73.88 -9.23 34.68
CA THR D 271 -74.11 -8.81 36.05
C THR D 271 -74.65 -7.39 36.07
N LEU D 272 -74.67 -6.76 37.24
CA LEU D 272 -75.18 -5.40 37.40
C LEU D 272 -74.13 -4.34 37.16
N GLU D 273 -72.92 -4.73 36.73
CA GLU D 273 -71.86 -3.77 36.50
C GLU D 273 -72.25 -2.78 35.40
N ASN D 274 -71.90 -1.51 35.61
CA ASN D 274 -72.32 -0.44 34.71
C ASN D 274 -71.27 -0.14 33.64
N THR D 275 -70.02 0.05 34.05
CA THR D 275 -68.98 0.46 33.09
C THR D 275 -68.75 -0.64 32.06
N HIS D 276 -68.66 -0.24 30.80
CA HIS D 276 -68.52 -1.21 29.71
C HIS D 276 -67.14 -1.85 29.68
N ASP D 277 -66.11 -1.14 30.13
CA ASP D 277 -64.74 -1.65 30.07
C ASP D 277 -64.41 -2.60 31.20
N SER D 278 -65.24 -2.69 32.23
CA SER D 278 -64.92 -3.54 33.37
C SER D 278 -64.93 -5.02 32.96
N PRO D 279 -64.01 -5.83 33.51
CA PRO D 279 -64.05 -7.26 33.25
C PRO D 279 -65.08 -8.02 34.07
N TRP D 280 -65.81 -7.33 34.95
CA TRP D 280 -66.80 -7.95 35.81
C TRP D 280 -68.19 -7.94 35.21
N SER D 281 -68.33 -7.51 33.95
CA SER D 281 -69.65 -7.44 33.32
C SER D 281 -70.28 -8.79 33.08
N TYR D 282 -69.52 -9.88 33.17
CA TYR D 282 -70.03 -11.22 32.97
C TYR D 282 -69.87 -12.04 34.24
N ILE D 283 -70.86 -12.90 34.51
CA ILE D 283 -70.87 -13.66 35.75
C ILE D 283 -69.73 -14.67 35.78
N GLN D 284 -69.38 -15.24 34.63
CA GLN D 284 -68.31 -16.25 34.59
C GLN D 284 -66.96 -15.63 34.92
N THR D 285 -66.68 -14.44 34.38
CA THR D 285 -65.40 -13.80 34.61
C THR D 285 -65.23 -13.43 36.09
N ARG D 286 -66.28 -12.90 36.70
CA ARG D 286 -66.21 -12.56 38.13
C ARG D 286 -66.04 -13.81 38.99
N ARG D 287 -66.74 -14.89 38.65
CA ARG D 287 -66.63 -16.12 39.43
C ARG D 287 -65.30 -16.82 39.17
N LEU D 288 -64.82 -16.78 37.93
CA LEU D 288 -63.54 -17.42 37.62
C LEU D 288 -62.39 -16.77 38.38
N VAL D 289 -62.37 -15.44 38.42
CA VAL D 289 -61.31 -14.73 39.14
C VAL D 289 -61.38 -15.05 40.63
N SER D 290 -62.59 -15.05 41.20
CA SER D 290 -62.73 -15.40 42.61
C SER D 290 -62.32 -16.85 42.87
N TYR D 291 -62.61 -17.74 41.93
CA TYR D 291 -62.17 -19.12 42.06
C TYR D 291 -60.65 -19.22 42.06
N ILE D 292 -59.99 -18.44 41.19
CA ILE D 292 -58.53 -18.38 41.19
C ILE D 292 -58.04 -17.79 42.50
N GLU D 293 -58.71 -16.75 43.00
CA GLU D 293 -58.29 -16.10 44.24
C GLU D 293 -58.34 -17.05 45.42
N ALA D 294 -59.37 -17.91 45.48
CA ALA D 294 -59.50 -18.83 46.61
C ALA D 294 -58.33 -19.79 46.68
N TYR D 295 -57.91 -20.35 45.55
CA TYR D 295 -56.78 -21.26 45.55
C TYR D 295 -55.49 -20.55 45.92
N MET D 296 -55.29 -19.34 45.38
CA MET D 296 -54.07 -18.60 45.67
C MET D 296 -53.96 -18.29 47.17
N THR D 297 -55.08 -17.91 47.79
CA THR D 297 -55.09 -17.72 49.24
C THR D 297 -54.80 -19.03 49.96
N GLN D 298 -55.39 -20.14 49.48
CA GLN D 298 -55.12 -21.44 50.08
C GLN D 298 -53.65 -21.83 49.93
N LEU D 299 -53.09 -21.60 48.74
CA LEU D 299 -51.68 -21.90 48.53
C LEU D 299 -50.79 -20.98 49.35
N GLY D 300 -51.14 -19.69 49.43
CA GLY D 300 -50.32 -18.73 50.15
C GLY D 300 -50.28 -18.96 51.65
N ARG D 301 -51.29 -19.62 52.21
CA ARG D 301 -51.28 -19.87 53.65
C ARG D 301 -50.13 -20.76 54.07
N ALA D 302 -49.67 -21.65 53.17
CA ALA D 302 -48.54 -22.51 53.49
C ALA D 302 -47.21 -21.76 53.52
N PHE D 303 -47.18 -20.49 53.09
CA PHE D 303 -45.95 -19.71 53.01
C PHE D 303 -45.95 -18.54 53.99
N VAL D 304 -46.77 -18.60 55.04
CA VAL D 304 -47.04 -17.42 55.85
C VAL D 304 -45.78 -16.96 56.57
N PHE D 305 -44.97 -17.90 57.08
CA PHE D 305 -43.76 -17.53 57.81
C PHE D 305 -42.51 -18.17 57.21
N GLU D 306 -42.53 -18.47 55.92
CA GLU D 306 -41.35 -19.02 55.29
C GLU D 306 -40.27 -17.94 55.15
N PRO D 307 -39.00 -18.34 55.10
CA PRO D 307 -37.94 -17.36 54.85
C PRO D 307 -38.13 -16.68 53.50
N ASN D 308 -37.83 -15.38 53.47
CA ASN D 308 -38.06 -14.57 52.27
C ASN D 308 -36.75 -14.42 51.49
N ASN D 309 -36.43 -15.49 50.76
CA ASN D 309 -35.22 -15.53 49.95
C ASN D 309 -35.56 -16.14 48.59
N ALA D 310 -34.52 -16.44 47.81
CA ALA D 310 -34.73 -16.89 46.43
C ALA D 310 -35.36 -18.27 46.39
N ILE D 311 -35.02 -19.14 47.35
CA ILE D 311 -35.55 -20.50 47.32
C ILE D 311 -37.06 -20.49 47.47
N THR D 312 -37.58 -19.68 48.41
CA THR D 312 -39.02 -19.61 48.61
C THR D 312 -39.73 -19.05 47.39
N TRP D 313 -39.15 -18.01 46.77
CA TRP D 313 -39.77 -17.42 45.59
C TRP D 313 -39.88 -18.43 44.46
N MET D 314 -38.82 -19.22 44.25
CA MET D 314 -38.86 -20.23 43.19
C MET D 314 -39.90 -21.29 43.49
N LYS D 315 -40.02 -21.69 44.75
CA LYS D 315 -41.02 -22.69 45.11
C LYS D 315 -42.43 -22.18 44.87
N PHE D 316 -42.70 -20.93 45.28
CA PHE D 316 -44.03 -20.36 45.06
C PHE D 316 -44.31 -20.17 43.57
N LYS D 317 -43.32 -19.69 42.82
CA LYS D 317 -43.51 -19.47 41.39
C LYS D 317 -43.79 -20.78 40.67
N GLY D 318 -43.07 -21.84 41.03
CA GLY D 318 -43.26 -23.12 40.36
C GLY D 318 -44.65 -23.69 40.57
N GLN D 319 -45.12 -23.68 41.82
CA GLN D 319 -46.45 -24.22 42.11
C GLN D 319 -47.55 -23.40 41.44
N ALA D 320 -47.43 -22.07 41.48
CA ALA D 320 -48.43 -21.22 40.86
C ALA D 320 -48.41 -21.36 39.35
N HIS D 321 -47.22 -21.43 38.75
CA HIS D 321 -47.12 -21.58 37.30
C HIS D 321 -47.71 -22.90 36.84
N ASN D 322 -47.45 -23.99 37.57
CA ASN D 322 -47.97 -25.30 37.17
C ASN D 322 -49.48 -25.34 37.22
N TRP D 323 -50.08 -24.77 38.28
CA TRP D 323 -51.54 -24.77 38.39
C TRP D 323 -52.18 -23.89 37.33
N LEU D 324 -51.59 -22.72 37.05
CA LEU D 324 -52.12 -21.86 36.01
C LEU D 324 -51.97 -22.50 34.64
N ARG D 325 -50.86 -23.20 34.40
CA ARG D 325 -50.70 -23.92 33.15
C ARG D 325 -51.74 -25.00 33.00
N GLN D 326 -52.06 -25.70 34.10
CA GLN D 326 -53.12 -26.69 34.06
C GLN D 326 -54.46 -26.06 33.69
N LEU D 327 -54.77 -24.90 34.27
CA LEU D 327 -56.02 -24.22 33.95
C LEU D 327 -56.04 -23.74 32.51
N TRP D 328 -54.90 -23.29 31.99
CA TRP D 328 -54.85 -22.79 30.62
C TRP D 328 -55.16 -23.89 29.61
N LEU D 329 -54.64 -25.09 29.85
CA LEU D 329 -54.83 -26.20 28.91
C LEU D 329 -56.27 -26.72 28.90
N LYS D 330 -57.11 -26.28 29.83
CA LYS D 330 -58.53 -26.60 29.82
C LYS D 330 -59.35 -25.53 29.11
N GLY D 331 -58.69 -24.55 28.49
CA GLY D 331 -59.38 -23.47 27.83
C GLY D 331 -59.91 -22.39 28.75
N GLY D 332 -59.47 -22.36 30.01
CA GLY D 332 -59.97 -21.36 30.94
C GLY D 332 -59.39 -19.98 30.74
N LEU D 333 -58.26 -19.86 30.05
CA LEU D 333 -57.58 -18.59 29.86
C LEU D 333 -57.48 -18.27 28.37
N ARG D 334 -57.53 -16.98 28.06
CA ARG D 334 -57.46 -16.50 26.68
C ARG D 334 -55.99 -16.31 26.31
N GLY D 335 -55.47 -17.21 25.47
CA GLY D 335 -54.10 -17.11 25.04
C GLY D 335 -53.64 -18.25 24.15
N THR D 336 -52.73 -17.96 23.22
CA THR D 336 -52.18 -18.98 22.35
C THR D 336 -50.89 -19.59 22.92
N GLN D 337 -50.03 -18.78 23.51
CA GLN D 337 -48.88 -19.24 24.27
C GLN D 337 -49.11 -18.98 25.76
N GLU D 338 -48.12 -19.36 26.56
CA GLU D 338 -48.23 -19.17 28.01
C GLU D 338 -48.13 -17.70 28.39
N ASP D 339 -47.30 -16.94 27.69
CA ASP D 339 -47.00 -15.57 28.11
C ASP D 339 -48.25 -14.69 28.09
N GLN D 340 -49.06 -14.79 27.03
CA GLN D 340 -50.27 -13.98 26.98
C GLN D 340 -51.36 -14.56 27.88
N ALA D 341 -51.29 -15.85 28.20
CA ALA D 341 -52.31 -16.46 29.05
C ALA D 341 -52.24 -15.91 30.46
N PHE D 342 -51.05 -15.91 31.06
CA PHE D 342 -50.87 -15.45 32.43
C PHE D 342 -49.41 -15.10 32.64
N GLU D 343 -49.13 -14.48 33.79
CA GLU D 343 -47.77 -14.10 34.14
C GLU D 343 -47.70 -13.91 35.65
N VAL D 344 -46.63 -14.43 36.25
CA VAL D 344 -46.41 -14.36 37.69
C VAL D 344 -45.04 -13.74 37.93
N LEU D 345 -44.99 -12.74 38.81
CA LEU D 345 -43.76 -12.06 39.16
C LEU D 345 -43.54 -12.13 40.67
N LEU D 346 -42.33 -12.54 41.06
CA LEU D 346 -41.98 -12.64 42.48
C LEU D 346 -40.48 -12.67 42.59
N GLY D 347 -39.91 -11.69 43.29
CA GLY D 347 -38.48 -11.65 43.47
C GLY D 347 -38.07 -10.36 44.16
N VAL D 348 -36.77 -10.27 44.48
CA VAL D 348 -36.25 -9.07 45.12
C VAL D 348 -36.43 -7.87 44.21
N ASP D 349 -36.45 -8.09 42.90
CA ASP D 349 -36.82 -7.07 41.93
C ASP D 349 -38.16 -7.45 41.29
N GLU D 350 -38.70 -6.51 40.51
CA GLU D 350 -39.88 -6.65 39.67
C GLU D 350 -41.13 -7.00 40.48
N SER D 351 -40.99 -7.16 41.80
CA SER D 351 -42.14 -7.34 42.67
C SER D 351 -42.07 -6.58 43.98
N MET D 352 -40.91 -6.10 44.40
CA MET D 352 -40.74 -5.41 45.68
C MET D 352 -39.33 -4.82 45.70
N ARG D 353 -38.94 -4.29 46.85
CA ARG D 353 -37.61 -3.72 47.05
C ARG D 353 -36.99 -4.31 48.30
N GLU D 354 -35.75 -3.91 48.59
CA GLU D 354 -35.07 -4.40 49.78
C GLU D 354 -35.75 -3.90 51.05
N ALA D 355 -36.31 -2.69 51.01
CA ALA D 355 -37.03 -2.18 52.17
C ALA D 355 -38.27 -3.01 52.48
N ASP D 356 -38.86 -3.63 51.46
CA ASP D 356 -40.02 -4.48 51.69
C ASP D 356 -39.65 -5.74 52.46
N LEU D 357 -38.49 -6.31 52.16
CA LEU D 357 -38.04 -7.51 52.87
C LEU D 357 -37.85 -7.21 54.35
N ARG D 358 -37.24 -6.07 54.68
CA ARG D 358 -37.06 -5.70 56.08
C ARG D 358 -38.41 -5.44 56.74
N ALA D 359 -39.38 -4.90 56.00
CA ALA D 359 -40.72 -4.75 56.52
C ALA D 359 -41.39 -6.09 56.77
N GLY D 360 -40.92 -7.15 56.12
CA GLY D 360 -41.42 -8.49 56.35
C GLY D 360 -42.59 -8.92 55.50
N LYS D 361 -42.84 -8.25 54.37
CA LYS D 361 -43.97 -8.58 53.51
C LYS D 361 -43.47 -9.06 52.15
N MET D 362 -44.17 -10.05 51.60
CA MET D 362 -43.87 -10.60 50.29
C MET D 362 -44.96 -10.19 49.32
N ILE D 363 -44.57 -9.71 48.14
CA ILE D 363 -45.49 -9.18 47.16
C ILE D 363 -45.44 -10.07 45.92
N ILE D 364 -46.60 -10.58 45.51
CA ILE D 364 -46.72 -11.41 44.32
C ILE D 364 -47.71 -10.75 43.37
N LYS D 365 -47.31 -10.57 42.12
CA LYS D 365 -48.13 -9.94 41.10
C LYS D 365 -48.52 -10.97 40.05
N ILE D 366 -49.82 -11.12 39.83
CA ILE D 366 -50.35 -12.09 38.88
C ILE D 366 -51.21 -11.36 37.86
N ARG D 367 -50.94 -11.59 36.58
CA ARG D 367 -51.71 -11.02 35.49
C ARG D 367 -52.50 -12.12 34.79
N LEU D 368 -53.74 -11.81 34.43
CA LEU D 368 -54.64 -12.79 33.84
C LEU D 368 -55.27 -12.23 32.57
N ALA D 369 -55.82 -13.12 31.76
CA ALA D 369 -56.54 -12.77 30.54
C ALA D 369 -57.79 -13.63 30.48
N VAL D 370 -58.95 -13.02 30.75
CA VAL D 370 -60.21 -13.74 30.82
C VAL D 370 -60.82 -13.87 29.43
N LEU D 371 -61.78 -14.78 29.29
CA LEU D 371 -62.49 -14.99 28.04
C LEU D 371 -63.69 -14.06 27.94
N ILE D 372 -64.25 -13.99 26.74
CA ILE D 372 -65.42 -13.17 26.46
C ILE D 372 -66.49 -14.08 25.86
N PRO D 373 -67.72 -14.09 26.38
CA PRO D 373 -68.78 -14.97 25.88
C PRO D 373 -69.26 -14.57 24.49
N ILE E 24 2.09 -54.34 63.80
CA ILE E 24 0.73 -54.47 64.30
C ILE E 24 0.70 -54.24 65.81
N GLY E 25 -0.49 -53.95 66.33
CA GLY E 25 -0.65 -53.68 67.74
C GLY E 25 -0.47 -54.90 68.62
N ILE E 26 0.58 -54.90 69.43
CA ILE E 26 0.85 -55.99 70.37
C ILE E 26 0.57 -55.48 71.78
N PRO E 27 -0.55 -55.85 72.39
CA PRO E 27 -0.89 -55.32 73.71
C PRO E 27 -0.03 -55.92 74.81
N VAL E 28 0.07 -55.16 75.90
CA VAL E 28 0.75 -55.60 77.12
C VAL E 28 -0.23 -55.51 78.26
N PHE E 29 -0.19 -56.50 79.16
CA PHE E 29 -1.08 -56.57 80.30
C PHE E 29 -0.30 -56.27 81.57
N ILE E 30 -0.78 -55.29 82.34
CA ILE E 30 -0.15 -54.89 83.59
C ILE E 30 -1.11 -55.21 84.73
N GLY E 31 -0.64 -55.98 85.70
CA GLY E 31 -1.47 -56.32 86.83
C GLY E 31 -0.74 -57.23 87.78
N TYR E 32 -1.40 -57.51 88.91
CA TYR E 32 -0.86 -58.42 89.91
C TYR E 32 -1.17 -59.86 89.52
N THR E 33 -0.20 -60.75 89.78
CA THR E 33 -0.29 -62.13 89.33
C THR E 33 -0.06 -63.06 90.52
N SER E 34 -0.85 -64.14 90.58
CA SER E 34 -0.79 -65.03 91.73
C SER E 34 0.59 -65.65 91.89
N SER E 35 1.21 -66.07 90.78
CA SER E 35 2.56 -66.60 90.81
C SER E 35 3.54 -65.44 90.67
N PRO E 36 4.34 -65.13 91.69
CA PRO E 36 5.33 -64.06 91.55
C PRO E 36 6.35 -64.37 90.46
N VAL E 37 6.76 -63.34 89.73
CA VAL E 37 7.75 -63.44 88.67
C VAL E 37 8.68 -62.24 88.76
N ASP E 38 9.66 -62.21 87.87
CA ASP E 38 10.61 -61.10 87.84
C ASP E 38 9.93 -59.83 87.34
N LYS E 39 10.72 -58.76 87.28
CA LYS E 39 10.21 -57.45 86.88
C LYS E 39 10.21 -57.24 85.37
N THR E 40 10.51 -58.28 84.60
CA THR E 40 10.50 -58.20 83.15
C THR E 40 9.26 -58.89 82.59
N ALA E 41 8.87 -58.48 81.39
CA ALA E 41 7.69 -59.02 80.75
C ALA E 41 7.98 -60.37 80.12
N ILE E 42 6.91 -61.06 79.69
CA ILE E 42 7.01 -62.37 79.07
C ILE E 42 6.27 -62.33 77.74
N LYS E 43 6.63 -63.25 76.86
CA LYS E 43 6.05 -63.36 75.53
C LYS E 43 5.09 -64.53 75.50
N LEU E 44 3.84 -64.28 75.12
CA LEU E 44 2.80 -65.30 75.06
C LEU E 44 2.19 -65.34 73.67
N HIS E 45 2.17 -66.51 73.06
CA HIS E 45 1.53 -66.72 71.77
C HIS E 45 0.28 -67.57 71.84
N SER E 46 0.03 -68.24 72.96
CA SER E 46 -1.15 -69.07 73.12
C SER E 46 -1.43 -69.24 74.61
N LEU E 47 -2.64 -69.69 74.91
CA LEU E 47 -3.02 -69.94 76.30
C LEU E 47 -2.17 -71.03 76.94
N ALA E 48 -1.65 -71.97 76.14
CA ALA E 48 -0.77 -73.00 76.69
C ALA E 48 0.50 -72.38 77.26
N ASP E 49 1.08 -71.42 76.55
CA ASP E 49 2.24 -70.71 77.09
C ASP E 49 1.87 -69.93 78.34
N PHE E 50 0.68 -69.34 78.36
CA PHE E 50 0.21 -68.66 79.55
C PHE E 50 0.10 -69.63 80.74
N ALA E 51 -0.48 -70.80 80.49
CA ALA E 51 -0.56 -71.82 81.54
C ALA E 51 0.81 -72.33 81.94
N ARG E 52 1.72 -72.44 80.97
CA ARG E 52 3.07 -72.92 81.25
C ARG E 52 3.79 -72.00 82.22
N SER E 53 3.49 -70.70 82.19
CA SER E 53 4.14 -69.74 83.07
C SER E 53 3.29 -69.37 84.27
N PHE E 54 1.97 -69.39 84.12
CA PHE E 54 1.05 -68.83 85.10
C PHE E 54 0.01 -69.87 85.51
N PRO E 55 -0.47 -69.80 86.74
CA PRO E 55 -1.60 -70.64 87.14
C PRO E 55 -2.93 -69.99 86.78
N GLU E 56 -3.95 -70.83 86.67
CA GLU E 56 -5.27 -70.40 86.25
C GLU E 56 -6.01 -69.71 87.41
N SER E 57 -7.11 -69.05 87.07
CA SER E 57 -8.03 -68.36 87.99
C SER E 57 -7.45 -67.04 88.46
N GLY E 58 -8.13 -65.95 88.12
CA GLY E 58 -7.67 -64.60 88.40
C GLY E 58 -8.32 -63.66 87.40
N LEU E 59 -8.43 -62.39 87.79
CA LEU E 59 -9.13 -61.42 86.94
C LEU E 59 -8.37 -61.18 85.63
N MET E 60 -7.07 -60.90 85.73
CA MET E 60 -6.29 -60.65 84.52
C MET E 60 -6.10 -61.91 83.69
N TYR E 61 -6.02 -63.09 84.33
CA TYR E 61 -5.99 -64.32 83.55
C TYR E 61 -7.27 -64.54 82.78
N TYR E 62 -8.43 -64.22 83.37
CA TYR E 62 -9.68 -64.35 82.66
C TYR E 62 -9.74 -63.42 81.45
N SER E 63 -9.28 -62.18 81.61
CA SER E 63 -9.25 -61.26 80.48
C SER E 63 -8.25 -61.73 79.42
N VAL E 64 -7.10 -62.27 79.85
CA VAL E 64 -6.15 -62.83 78.90
C VAL E 64 -6.80 -63.96 78.11
N ARG E 65 -7.56 -64.82 78.80
CA ARG E 65 -8.32 -65.84 78.09
C ARG E 65 -9.35 -65.20 77.16
N HIS E 66 -10.00 -64.13 77.62
CA HIS E 66 -10.98 -63.44 76.77
C HIS E 66 -10.32 -62.85 75.54
N PHE E 67 -9.12 -62.28 75.69
CA PHE E 67 -8.40 -61.72 74.55
C PHE E 67 -8.04 -62.81 73.55
N PHE E 68 -7.53 -63.94 74.04
CA PHE E 68 -7.16 -65.03 73.13
C PHE E 68 -8.38 -65.64 72.47
N GLU E 69 -9.48 -65.77 73.21
CA GLU E 69 -10.66 -66.43 72.68
C GLU E 69 -11.41 -65.56 71.67
N ASN E 70 -11.20 -64.24 71.71
CA ASN E 70 -11.81 -63.38 70.70
C ASN E 70 -11.03 -63.38 69.39
N GLY E 71 -9.82 -63.92 69.38
CA GLY E 71 -9.01 -63.95 68.17
C GLY E 71 -7.65 -63.32 68.36
N GLY E 72 -7.25 -63.11 69.60
CA GLY E 72 -5.94 -62.54 69.86
C GLY E 72 -4.84 -63.55 69.56
N GLN E 73 -3.77 -63.07 68.94
CA GLN E 73 -2.66 -63.95 68.56
C GLN E 73 -1.57 -63.98 69.61
N GLN E 74 -0.99 -62.82 69.91
CA GLN E 74 0.12 -62.74 70.86
C GLN E 74 0.00 -61.47 71.68
N ALA E 75 0.57 -61.51 72.89
CA ALA E 75 0.52 -60.38 73.81
C ALA E 75 1.59 -60.58 74.88
N TYR E 76 1.87 -59.50 75.60
CA TYR E 76 2.82 -59.51 76.70
C TYR E 76 2.08 -59.42 78.03
N VAL E 77 2.77 -59.85 79.09
CA VAL E 77 2.25 -59.75 80.45
C VAL E 77 3.35 -59.24 81.36
N LEU E 78 3.04 -58.23 82.16
CA LEU E 78 3.97 -57.67 83.13
C LEU E 78 3.31 -57.64 84.49
N SER E 79 4.06 -57.99 85.52
CA SER E 79 3.53 -58.15 86.87
C SER E 79 4.20 -57.15 87.81
N LEU E 80 3.39 -56.33 88.48
CA LEU E 80 3.91 -55.47 89.54
C LEU E 80 4.15 -56.24 90.82
N GLY E 81 3.32 -57.23 91.11
CA GLY E 81 3.49 -58.01 92.31
C GLY E 81 2.56 -59.20 92.31
N THR E 82 2.39 -59.80 93.50
CA THR E 82 1.51 -60.95 93.62
C THR E 82 0.06 -60.49 93.79
N GLU E 83 -0.86 -61.41 93.48
CA GLU E 83 -2.28 -61.06 93.48
C GLU E 83 -2.78 -60.68 94.87
N GLN E 84 -2.16 -61.21 95.92
CA GLN E 84 -2.69 -61.00 97.26
C GLN E 84 -2.40 -59.62 97.83
N GLN E 85 -1.39 -58.90 97.30
CA GLN E 85 -1.02 -57.60 97.86
C GLN E 85 -1.74 -56.45 97.17
N LEU E 86 -3.07 -56.52 97.11
CA LEU E 86 -3.88 -55.39 96.69
C LEU E 86 -4.30 -54.59 97.92
N SER E 87 -4.04 -53.29 97.89
CA SER E 87 -4.26 -52.44 99.06
C SER E 87 -5.39 -51.44 98.83
N ASP E 88 -5.27 -50.58 97.82
CA ASP E 88 -6.26 -49.52 97.57
C ASP E 88 -5.96 -48.88 96.22
N PHE E 89 -6.79 -47.91 95.85
CA PHE E 89 -6.62 -47.24 94.56
C PHE E 89 -5.30 -46.48 94.49
N SER E 90 -4.96 -45.75 95.56
CA SER E 90 -3.72 -44.98 95.54
C SER E 90 -2.50 -45.90 95.48
N SER E 91 -2.59 -47.07 96.11
CA SER E 91 -1.50 -48.04 96.02
C SER E 91 -1.32 -48.52 94.58
N LEU E 92 -2.43 -48.78 93.88
CA LEU E 92 -2.35 -49.21 92.49
C LEU E 92 -1.73 -48.14 91.61
N ILE E 93 -2.13 -46.88 91.81
CA ILE E 93 -1.58 -45.79 91.02
C ILE E 93 -0.10 -45.60 91.32
N THR E 94 0.27 -45.64 92.59
CA THR E 94 1.68 -45.50 92.96
C THR E 94 2.51 -46.64 92.39
N ALA E 95 1.97 -47.86 92.41
CA ALA E 95 2.67 -48.98 91.81
C ALA E 95 2.86 -48.79 90.31
N LEU E 96 1.86 -48.22 89.63
CA LEU E 96 1.97 -47.96 88.20
C LEU E 96 2.98 -46.86 87.89
N GLN E 97 3.33 -46.03 88.87
CA GLN E 97 4.27 -44.94 88.65
C GLN E 97 5.73 -45.33 88.86
N GLN E 98 6.00 -46.59 89.19
CA GLN E 98 7.37 -47.02 89.40
C GLN E 98 8.16 -46.93 88.09
N ALA E 99 9.44 -46.60 88.21
CA ALA E 99 10.26 -46.27 87.04
C ALA E 99 10.53 -47.49 86.17
N TRP E 100 10.66 -48.67 86.77
CA TRP E 100 11.13 -49.83 86.01
C TRP E 100 10.13 -50.26 84.94
N LEU E 101 8.84 -49.99 85.13
CA LEU E 101 7.87 -50.33 84.10
C LEU E 101 8.11 -49.54 82.82
N ALA E 102 8.36 -48.23 82.96
CA ALA E 102 8.57 -47.39 81.79
C ALA E 102 9.78 -47.84 80.99
N GLN E 103 10.86 -48.21 81.67
CA GLN E 103 12.06 -48.67 80.99
C GLN E 103 11.81 -49.98 80.23
N THR E 104 11.05 -50.90 80.85
CA THR E 104 10.83 -52.20 80.23
C THR E 104 10.05 -52.09 78.93
N ILE E 105 8.94 -51.34 78.95
CA ILE E 105 8.16 -51.16 77.72
C ILE E 105 8.93 -50.33 76.71
N ALA E 106 9.71 -49.35 77.17
CA ALA E 106 10.56 -48.61 76.23
C ALA E 106 11.60 -49.52 75.59
N ALA E 107 12.20 -50.42 76.37
CA ALA E 107 13.20 -51.33 75.82
C ALA E 107 12.57 -52.34 74.88
N GLU E 108 11.46 -52.95 75.30
CA GLU E 108 10.79 -53.96 74.49
C GLU E 108 10.08 -53.25 73.34
N ASN E 109 10.52 -53.51 72.11
CA ASN E 109 10.18 -52.62 71.01
C ASN E 109 8.75 -52.79 70.53
N ASP E 110 8.31 -54.02 70.31
CA ASP E 110 7.07 -54.23 69.55
C ASP E 110 5.81 -54.07 70.38
N ILE E 111 5.88 -53.53 71.60
CA ILE E 111 4.68 -53.25 72.36
C ILE E 111 4.01 -52.00 71.84
N THR E 112 2.69 -52.07 71.63
CA THR E 112 1.93 -50.96 71.07
C THR E 112 0.79 -50.51 71.96
N LEU E 113 0.09 -51.43 72.62
CA LEU E 113 -1.08 -51.09 73.43
C LEU E 113 -0.81 -51.44 74.89
N ILE E 114 -1.41 -50.67 75.79
CA ILE E 114 -1.27 -50.85 77.23
C ILE E 114 -2.65 -51.11 77.82
N ILE E 115 -2.77 -52.18 78.60
CA ILE E 115 -4.04 -52.59 79.20
C ILE E 115 -3.83 -52.79 80.69
N THR E 116 -4.73 -52.23 81.50
CA THR E 116 -4.70 -52.38 82.96
C THR E 116 -6.09 -52.80 83.42
N PRO E 117 -6.39 -54.11 83.42
CA PRO E 117 -7.73 -54.56 83.79
C PRO E 117 -7.97 -54.63 85.29
N ASP E 118 -6.97 -54.36 86.12
CA ASP E 118 -7.11 -54.55 87.56
C ASP E 118 -7.93 -53.45 88.24
N VAL E 119 -8.32 -52.39 87.52
CA VAL E 119 -9.11 -51.33 88.13
C VAL E 119 -10.52 -51.77 88.50
N ILE E 120 -10.98 -52.90 87.96
CA ILE E 120 -12.33 -53.38 88.27
C ILE E 120 -12.44 -53.79 89.73
N ARG E 121 -11.36 -54.33 90.30
CA ARG E 121 -11.36 -54.90 91.64
C ARG E 121 -11.67 -53.88 92.73
N PHE E 122 -11.88 -52.61 92.40
CA PHE E 122 -12.10 -51.57 93.40
C PHE E 122 -13.52 -51.04 93.26
N ASP E 123 -14.20 -50.91 94.40
CA ASP E 123 -15.60 -50.50 94.41
C ASP E 123 -15.75 -49.01 94.12
N GLN E 124 -16.95 -48.63 93.65
CA GLN E 124 -17.29 -47.23 93.42
C GLN E 124 -18.14 -46.74 94.59
N THR E 125 -17.46 -46.38 95.68
CA THR E 125 -18.15 -46.04 96.92
C THR E 125 -18.95 -44.75 96.79
N GLU E 126 -18.33 -43.68 96.29
CA GLU E 126 -19.01 -42.39 96.22
C GLU E 126 -18.53 -41.63 94.99
N ILE E 127 -19.23 -40.53 94.70
CA ILE E 127 -18.94 -39.69 93.54
C ILE E 127 -18.25 -38.40 93.96
N SER E 128 -17.58 -38.39 95.10
CA SER E 128 -16.95 -37.17 95.61
C SER E 128 -15.73 -36.82 94.77
N ASP E 129 -15.14 -35.66 95.09
CA ASP E 129 -13.95 -35.21 94.37
C ASP E 129 -12.77 -36.13 94.59
N THR E 130 -12.76 -36.87 95.71
CA THR E 130 -11.67 -37.80 95.97
C THR E 130 -11.62 -38.90 94.92
N GLN E 131 -12.79 -39.45 94.56
CA GLN E 131 -12.82 -40.49 93.54
C GLN E 131 -12.56 -39.94 92.15
N ARG E 132 -13.09 -38.73 91.86
CA ARG E 132 -12.92 -38.15 90.54
C ARG E 132 -11.46 -37.89 90.23
N ASP E 133 -10.72 -37.35 91.19
CA ASP E 133 -9.30 -37.07 90.96
C ASP E 133 -8.50 -38.35 90.76
N LEU E 134 -8.79 -39.40 91.53
CA LEU E 134 -8.05 -40.63 91.41
C LEU E 134 -8.17 -41.23 90.00
N TRP E 135 -9.37 -41.16 89.42
CA TRP E 135 -9.56 -41.67 88.07
C TRP E 135 -8.73 -40.89 87.06
N LEU E 136 -8.62 -39.57 87.25
CA LEU E 136 -7.81 -38.75 86.36
C LEU E 136 -6.33 -39.12 86.44
N GLN E 137 -5.83 -39.36 87.66
CA GLN E 137 -4.42 -39.69 87.82
C GLN E 137 -4.09 -41.06 87.24
N LEU E 138 -5.03 -41.99 87.31
CA LEU E 138 -4.84 -43.27 86.65
C LEU E 138 -4.70 -43.08 85.15
N TRP E 139 -5.53 -42.22 84.57
CA TRP E 139 -5.40 -41.91 83.15
C TRP E 139 -4.08 -41.22 82.85
N GLN E 140 -3.67 -40.27 83.69
CA GLN E 140 -2.41 -39.57 83.47
C GLN E 140 -1.22 -40.50 83.65
N SER E 141 -1.26 -41.38 84.65
CA SER E 141 -0.15 -42.30 84.87
C SER E 141 0.00 -43.27 83.71
N VAL E 142 -1.13 -43.77 83.18
CA VAL E 142 -1.06 -44.65 82.02
C VAL E 142 -0.53 -43.90 80.81
N LEU E 143 -1.00 -42.66 80.60
CA LEU E 143 -0.53 -41.88 79.46
C LEU E 143 0.95 -41.56 79.60
N ASN E 144 1.44 -41.41 80.83
CA ASN E 144 2.88 -41.24 81.03
C ASN E 144 3.64 -42.47 80.56
N LEU E 145 3.11 -43.66 80.85
CA LEU E 145 3.73 -44.89 80.37
C LEU E 145 3.67 -44.99 78.85
N CYS E 146 2.67 -44.35 78.23
CA CYS E 146 2.55 -44.38 76.78
C CYS E 146 3.52 -43.43 76.09
N LYS E 147 4.13 -42.51 76.82
CA LYS E 147 5.07 -41.56 76.25
C LYS E 147 6.51 -42.06 76.24
N SER E 148 6.75 -43.30 76.69
CA SER E 148 8.09 -43.86 76.63
C SER E 148 8.56 -44.00 75.19
N ARG E 149 7.67 -44.43 74.31
CA ARG E 149 7.94 -44.51 72.88
C ARG E 149 6.79 -43.89 72.11
N ARG E 150 7.09 -43.35 70.93
CA ARG E 150 6.06 -42.80 70.08
C ARG E 150 5.25 -43.91 69.42
N GLY E 151 3.93 -43.75 69.41
CA GLY E 151 3.04 -44.71 68.79
C GLY E 151 2.37 -45.67 69.75
N ILE E 152 2.55 -45.49 71.05
CA ILE E 152 1.95 -46.40 72.04
C ILE E 152 0.58 -45.87 72.43
N MET E 153 -0.44 -46.72 72.30
CA MET E 153 -1.79 -46.40 72.71
C MET E 153 -2.05 -46.89 74.13
N GLY E 154 -2.87 -46.14 74.86
CA GLY E 154 -3.34 -46.56 76.17
C GLY E 154 -4.85 -46.75 76.13
N LEU E 155 -5.29 -47.89 76.65
CA LEU E 155 -6.72 -48.20 76.73
C LEU E 155 -7.17 -48.00 78.18
N LEU E 156 -8.16 -47.14 78.36
CA LEU E 156 -8.56 -46.70 79.69
C LEU E 156 -9.99 -47.16 80.01
N ASP E 157 -10.30 -47.16 81.30
CA ASP E 157 -11.62 -47.49 81.81
C ASP E 157 -12.25 -46.27 82.43
N ALA E 158 -13.54 -46.37 82.73
CA ALA E 158 -14.33 -45.28 83.26
C ALA E 158 -15.09 -45.72 84.49
N PRO E 159 -15.47 -44.79 85.38
CA PRO E 159 -16.27 -45.16 86.55
C PRO E 159 -17.62 -45.73 86.13
N ASP E 160 -18.21 -46.50 87.04
CA ASP E 160 -19.42 -47.25 86.71
C ASP E 160 -20.59 -46.33 86.38
N ASP E 161 -20.84 -45.31 87.23
CA ASP E 161 -22.02 -44.55 86.85
C ASP E 161 -21.68 -43.50 85.80
N PRO E 162 -22.64 -43.18 84.91
CA PRO E 162 -22.36 -42.15 83.91
C PRO E 162 -22.11 -40.77 84.50
N THR E 163 -22.62 -40.49 85.70
CA THR E 163 -22.45 -39.17 86.29
C THR E 163 -20.97 -38.87 86.55
N LEU E 164 -20.28 -39.79 87.22
CA LEU E 164 -18.86 -39.59 87.49
C LEU E 164 -18.04 -39.62 86.21
N ALA E 165 -18.38 -40.50 85.27
CA ALA E 165 -17.65 -40.57 84.01
C ALA E 165 -17.76 -39.26 83.23
N ALA E 166 -18.97 -38.68 83.18
CA ALA E 166 -19.15 -37.41 82.51
C ALA E 166 -18.37 -36.30 83.22
N LYS E 167 -18.35 -36.34 84.55
CA LYS E 167 -17.58 -35.36 85.32
C LYS E 167 -16.09 -35.48 85.02
N CYS E 168 -15.58 -36.70 84.98
CA CYS E 168 -14.16 -36.91 84.72
C CYS E 168 -13.79 -36.51 83.29
N LEU E 169 -14.68 -36.79 82.32
CA LEU E 169 -14.39 -36.44 80.94
C LEU E 169 -14.26 -34.93 80.76
N GLN E 170 -15.15 -34.16 81.38
CA GLN E 170 -15.11 -32.71 81.20
C GLN E 170 -13.94 -32.07 81.94
N GLN E 171 -13.57 -32.62 83.10
CA GLN E 171 -12.58 -31.99 83.97
C GLN E 171 -11.16 -32.49 83.72
N PHE E 172 -10.96 -33.43 82.81
CA PHE E 172 -9.62 -33.93 82.53
C PHE E 172 -8.83 -32.90 81.74
N SER E 173 -7.62 -32.60 82.20
CA SER E 173 -6.75 -31.61 81.57
C SER E 173 -5.37 -32.21 81.37
N SER E 174 -5.02 -32.50 80.13
CA SER E 174 -3.71 -33.06 79.81
C SER E 174 -3.37 -32.76 78.37
N ALA E 175 -2.07 -32.67 78.09
CA ALA E 175 -1.59 -32.49 76.73
C ALA E 175 -1.44 -33.81 75.98
N ASP E 176 -1.67 -34.94 76.65
CA ASP E 176 -1.54 -36.26 76.04
C ASP E 176 -2.89 -36.91 75.76
N ARG E 177 -3.95 -36.11 75.61
CA ARG E 177 -5.27 -36.64 75.28
C ARG E 177 -5.27 -37.38 73.95
N GLN E 178 -4.30 -37.11 73.09
CA GLN E 178 -4.26 -37.72 71.76
C GLN E 178 -4.04 -39.24 71.86
N TRP E 179 -3.30 -39.70 72.87
CA TRP E 179 -2.91 -41.10 72.96
C TRP E 179 -3.85 -41.94 73.82
N GLY E 180 -4.96 -41.38 74.30
CA GLY E 180 -5.83 -42.05 75.24
C GLY E 180 -7.15 -42.47 74.58
N VAL E 181 -7.52 -43.72 74.81
CA VAL E 181 -8.80 -44.27 74.37
C VAL E 181 -9.46 -44.93 75.57
N VAL E 182 -10.74 -44.62 75.79
CA VAL E 182 -11.48 -45.10 76.95
C VAL E 182 -12.72 -45.87 76.47
N TYR E 183 -13.02 -46.97 77.15
CA TYR E 183 -14.16 -47.80 76.83
C TYR E 183 -15.03 -47.98 78.06
N TRP E 184 -16.35 -48.07 77.84
CA TRP E 184 -17.32 -48.12 78.92
C TRP E 184 -18.61 -48.70 78.37
N PRO E 185 -19.37 -49.46 79.19
CA PRO E 185 -19.14 -49.85 80.58
C PRO E 185 -18.41 -51.18 80.72
N LEU E 186 -18.43 -51.74 81.92
CA LEU E 186 -17.85 -53.06 82.15
C LEU E 186 -18.71 -54.12 81.47
N LEU E 187 -18.10 -55.29 81.26
CA LEU E 187 -18.73 -56.38 80.54
C LEU E 187 -18.75 -57.64 81.39
N LYS E 188 -19.80 -58.43 81.24
CA LYS E 188 -19.91 -59.73 81.89
C LYS E 188 -19.84 -60.83 80.84
N SER E 189 -19.18 -61.93 81.19
CA SER E 189 -18.94 -63.02 80.26
C SER E 189 -19.41 -64.34 80.85
N ALA E 190 -19.40 -65.38 80.01
CA ALA E 190 -19.86 -66.70 80.43
C ALA E 190 -18.92 -67.38 81.41
N TYR E 191 -17.72 -66.85 81.61
CA TYR E 191 -16.78 -67.46 82.54
C TYR E 191 -17.31 -67.36 83.97
N GLN E 192 -17.11 -68.43 84.74
CA GLN E 192 -17.62 -68.53 86.10
C GLN E 192 -16.51 -68.97 87.05
N ASP E 193 -16.59 -68.52 88.29
CA ASP E 193 -15.69 -68.96 89.33
C ASP E 193 -16.21 -70.28 89.92
N ASN E 194 -15.61 -70.72 91.03
CA ASN E 194 -16.14 -71.89 91.73
C ASN E 194 -17.57 -71.65 92.18
N THR E 195 -17.85 -70.47 92.72
CA THR E 195 -19.22 -70.02 92.89
C THR E 195 -19.79 -69.60 91.54
N GLN E 196 -21.08 -69.85 91.33
CA GLN E 196 -21.72 -69.60 90.04
C GLN E 196 -22.13 -68.13 89.95
N ASN E 197 -21.14 -67.29 89.69
CA ASN E 197 -21.34 -65.88 89.46
C ASN E 197 -20.68 -65.44 88.16
N PRO E 198 -21.36 -64.66 87.34
CA PRO E 198 -20.76 -64.21 86.08
C PRO E 198 -19.56 -63.31 86.33
N ILE E 199 -18.48 -63.56 85.60
CA ILE E 199 -17.25 -62.78 85.77
C ILE E 199 -17.39 -61.47 85.01
N VAL E 200 -17.15 -60.36 85.71
CA VAL E 200 -17.20 -59.03 85.11
C VAL E 200 -15.81 -58.69 84.59
N LEU E 201 -15.72 -58.36 83.31
CA LEU E 201 -14.44 -58.09 82.66
C LEU E 201 -14.49 -56.74 81.96
N SER E 202 -13.35 -56.07 81.93
CA SER E 202 -13.25 -54.79 81.23
C SER E 202 -13.26 -55.02 79.72
N PRO E 203 -13.91 -54.14 78.96
CA PRO E 203 -13.97 -54.34 77.50
C PRO E 203 -12.64 -54.09 76.80
N THR E 204 -11.61 -53.63 77.52
CA THR E 204 -10.33 -53.34 76.89
C THR E 204 -9.69 -54.61 76.29
N ALA E 205 -9.84 -55.74 76.98
CA ALA E 205 -9.29 -56.99 76.46
C ALA E 205 -9.96 -57.38 75.16
N ALA E 206 -11.28 -57.17 75.06
CA ALA E 206 -12.00 -57.60 73.87
C ALA E 206 -11.60 -56.79 72.65
N VAL E 207 -11.51 -55.46 72.78
CA VAL E 207 -11.19 -54.62 71.64
C VAL E 207 -9.75 -54.88 71.18
N ALA E 208 -8.85 -55.15 72.12
CA ALA E 208 -7.46 -55.39 71.77
C ALA E 208 -7.33 -56.57 70.80
N ALA E 209 -8.09 -57.64 71.05
CA ALA E 209 -8.13 -58.75 70.10
C ALA E 209 -8.71 -58.29 68.77
N VAL E 210 -9.72 -57.42 68.80
CA VAL E 210 -10.33 -56.92 67.57
C VAL E 210 -9.31 -56.12 66.76
N ILE E 211 -8.53 -55.29 67.43
CA ILE E 211 -7.52 -54.49 66.74
C ILE E 211 -6.51 -55.39 66.03
N GLN E 212 -6.06 -56.46 66.72
CA GLN E 212 -5.15 -57.40 66.09
C GLN E 212 -5.80 -58.06 64.88
N ARG E 213 -7.06 -58.48 65.02
CA ARG E 213 -7.78 -59.04 63.88
C ARG E 213 -7.98 -58.01 62.78
N ASN E 214 -8.34 -56.78 63.17
CA ASN E 214 -8.53 -55.73 62.17
C ASN E 214 -7.23 -55.38 61.47
N ASP E 215 -6.12 -55.35 62.23
CA ASP E 215 -4.82 -55.04 61.62
C ASP E 215 -4.40 -56.11 60.62
N ASN E 216 -4.68 -57.38 60.93
CA ASN E 216 -4.29 -58.45 60.03
C ASN E 216 -5.24 -58.54 58.83
N GLN E 217 -6.53 -58.74 59.10
CA GLN E 217 -7.50 -58.93 58.02
C GLN E 217 -7.69 -57.64 57.21
N GLN E 218 -7.90 -56.52 57.88
CA GLN E 218 -8.28 -55.28 57.20
C GLN E 218 -7.22 -54.19 57.25
N GLY E 219 -6.25 -54.28 58.16
CA GLY E 219 -5.22 -53.27 58.26
C GLY E 219 -5.46 -52.29 59.40
N VAL E 220 -4.44 -51.46 59.63
CA VAL E 220 -4.50 -50.50 60.73
C VAL E 220 -5.51 -49.39 60.43
N TRP E 221 -5.60 -48.97 59.17
CA TRP E 221 -6.44 -47.83 58.82
C TRP E 221 -7.93 -48.16 58.81
N THR E 222 -8.35 -49.33 59.29
CA THR E 222 -9.77 -49.67 59.40
C THR E 222 -10.21 -49.49 60.84
N ALA E 223 -11.27 -48.71 61.05
CA ALA E 223 -11.73 -48.40 62.39
C ALA E 223 -12.24 -49.68 63.07
N PRO E 224 -11.84 -49.93 64.32
CA PRO E 224 -12.33 -51.10 65.07
C PRO E 224 -13.69 -50.88 65.71
N ALA E 225 -14.63 -50.36 64.94
CA ALA E 225 -16.00 -50.10 65.38
C ALA E 225 -16.97 -50.85 64.48
N ASN E 226 -18.22 -50.92 64.94
CA ASN E 226 -19.29 -51.64 64.24
C ASN E 226 -18.89 -53.09 63.97
N ILE E 227 -18.26 -53.71 64.97
CA ILE E 227 -17.78 -55.08 64.86
C ILE E 227 -18.30 -55.87 66.05
N ALA E 228 -18.61 -57.14 65.80
CA ALA E 228 -19.21 -58.00 66.82
C ALA E 228 -18.15 -58.53 67.78
N LEU E 229 -18.53 -58.64 69.05
CA LEU E 229 -17.69 -59.27 70.06
C LEU E 229 -18.05 -60.75 70.17
N SER E 230 -17.44 -61.43 71.13
CA SER E 230 -17.69 -62.85 71.33
C SER E 230 -17.73 -63.17 72.81
N LYS E 231 -18.56 -64.16 73.16
CA LYS E 231 -18.64 -64.70 74.52
C LYS E 231 -18.89 -63.61 75.56
N VAL E 232 -19.81 -62.70 75.23
CA VAL E 232 -20.22 -61.64 76.14
C VAL E 232 -21.72 -61.78 76.38
N ILE E 233 -22.11 -61.90 77.65
CA ILE E 233 -23.52 -62.09 77.98
C ILE E 233 -24.28 -60.78 77.77
N SER E 234 -23.85 -59.71 78.43
CA SER E 234 -24.51 -58.42 78.36
C SER E 234 -23.62 -57.34 78.98
N PRO E 235 -23.71 -56.10 78.53
CA PRO E 235 -23.02 -55.01 79.23
C PRO E 235 -23.53 -54.88 80.66
N VAL E 236 -22.61 -54.54 81.57
CA VAL E 236 -22.96 -54.46 82.99
C VAL E 236 -23.99 -53.36 83.23
N ARG E 237 -24.10 -52.40 82.31
CA ARG E 237 -25.10 -51.35 82.40
C ARG E 237 -25.84 -51.23 81.06
N ALA E 238 -26.72 -50.26 80.97
CA ALA E 238 -27.68 -50.17 79.88
C ALA E 238 -27.22 -49.15 78.83
N TYR E 239 -28.10 -48.93 77.85
CA TYR E 239 -27.82 -48.03 76.74
C TYR E 239 -28.29 -46.61 77.08
N ILE E 240 -29.51 -46.49 77.61
CA ILE E 240 -30.15 -45.18 77.74
C ILE E 240 -29.32 -44.26 78.65
N GLU E 241 -28.73 -44.81 79.70
CA GLU E 241 -27.94 -44.00 80.62
C GLU E 241 -26.64 -43.49 80.02
N ALA E 242 -26.25 -43.98 78.84
CA ALA E 242 -24.99 -43.62 78.22
C ALA E 242 -25.14 -42.54 77.15
N ASN E 243 -26.30 -41.89 77.06
CA ASN E 243 -26.50 -40.89 76.02
C ASN E 243 -25.65 -39.65 76.25
N ALA E 244 -25.41 -39.27 77.51
CA ALA E 244 -24.69 -38.05 77.83
C ALA E 244 -23.18 -38.19 77.74
N LEU E 245 -22.66 -39.42 77.70
CA LEU E 245 -21.21 -39.59 77.66
C LEU E 245 -20.62 -39.26 76.30
N PHE E 246 -21.27 -39.67 75.22
CA PHE E 246 -20.80 -39.29 73.90
C PHE E 246 -20.99 -37.79 73.69
N ASN E 247 -20.01 -37.17 73.02
CA ASN E 247 -20.02 -35.74 72.81
C ASN E 247 -19.50 -35.45 71.40
N PRO E 248 -20.16 -34.55 70.67
CA PRO E 248 -19.78 -34.33 69.26
C PRO E 248 -18.43 -33.67 69.07
N ASP E 249 -18.14 -32.62 69.86
CA ASP E 249 -16.92 -31.87 69.64
C ASP E 249 -15.69 -32.61 70.18
N GLY E 250 -15.69 -32.96 71.45
CA GLY E 250 -14.55 -33.62 72.02
C GLY E 250 -14.90 -34.36 73.29
N THR E 251 -13.83 -34.81 73.98
CA THR E 251 -13.89 -35.57 75.24
C THR E 251 -15.05 -36.56 75.29
N SER E 252 -15.24 -37.33 74.22
CA SER E 252 -16.29 -38.32 74.16
C SER E 252 -15.77 -39.70 74.56
N LEU E 253 -16.70 -40.63 74.74
CA LEU E 253 -16.37 -42.02 75.06
C LEU E 253 -16.66 -42.92 73.86
N ASN E 254 -16.26 -44.18 74.01
CA ASN E 254 -16.57 -45.22 73.05
C ASN E 254 -17.41 -46.28 73.75
N LEU E 255 -18.57 -46.59 73.16
CA LEU E 255 -19.58 -47.41 73.81
C LEU E 255 -19.50 -48.85 73.34
N VAL E 256 -19.61 -49.78 74.28
CA VAL E 256 -19.85 -51.19 73.98
C VAL E 256 -21.33 -51.45 74.26
N ARG E 257 -22.08 -51.76 73.20
CA ARG E 257 -23.53 -51.73 73.26
C ARG E 257 -24.10 -52.99 72.61
N SER E 258 -25.07 -53.60 73.29
CA SER E 258 -25.78 -54.76 72.74
C SER E 258 -26.83 -54.28 71.74
N PHE E 259 -27.18 -55.16 70.81
CA PHE E 259 -28.09 -54.81 69.74
C PHE E 259 -29.20 -55.84 69.62
N PRO E 260 -30.38 -55.42 69.18
CA PRO E 260 -31.48 -56.37 68.95
C PRO E 260 -31.29 -57.13 67.64
N GLY E 261 -30.97 -58.42 67.76
CA GLY E 261 -30.76 -59.24 66.59
C GLY E 261 -29.45 -59.01 65.86
N LYS E 262 -28.48 -58.37 66.52
CA LYS E 262 -27.18 -58.14 65.91
C LYS E 262 -26.01 -58.47 66.83
N GLY E 263 -26.27 -58.92 68.06
CA GLY E 263 -25.20 -59.28 68.97
C GLY E 263 -24.57 -58.08 69.64
N ILE E 264 -23.52 -58.37 70.42
CA ILE E 264 -22.79 -57.30 71.10
C ILE E 264 -21.90 -56.58 70.08
N ARG E 265 -21.94 -55.25 70.13
CA ARG E 265 -21.24 -54.42 69.15
C ARG E 265 -20.39 -53.39 69.86
N ILE E 266 -19.35 -52.93 69.16
CA ILE E 266 -18.50 -51.84 69.62
C ILE E 266 -18.95 -50.57 68.90
N TRP E 267 -19.45 -49.61 69.67
CA TRP E 267 -20.05 -48.40 69.12
C TRP E 267 -19.20 -47.21 69.53
N GLY E 268 -18.29 -46.79 68.64
CA GLY E 268 -17.45 -45.64 68.91
C GLY E 268 -15.99 -45.88 68.63
N CYS E 269 -15.34 -44.94 67.96
CA CYS E 269 -13.92 -45.04 67.63
C CYS E 269 -13.20 -43.71 67.86
N ARG E 270 -13.58 -42.98 68.91
CA ARG E 270 -13.01 -41.68 69.19
C ARG E 270 -12.06 -41.75 70.37
N THR E 271 -11.00 -40.94 70.30
CA THR E 271 -10.01 -40.87 71.37
C THR E 271 -10.41 -39.76 72.36
N LEU E 272 -9.48 -39.38 73.22
CA LEU E 272 -9.72 -38.36 74.23
C LEU E 272 -9.44 -36.95 73.73
N GLU E 273 -9.15 -36.79 72.44
CA GLU E 273 -8.85 -35.48 71.90
C GLU E 273 -10.06 -34.55 72.02
N ASN E 274 -9.80 -33.29 72.34
CA ASN E 274 -10.86 -32.32 72.60
C ASN E 274 -11.19 -31.48 71.37
N THR E 275 -10.19 -30.91 70.71
CA THR E 275 -10.44 -30.03 69.58
C THR E 275 -11.07 -30.80 68.43
N HIS E 276 -12.10 -30.20 67.82
CA HIS E 276 -12.83 -30.85 66.75
C HIS E 276 -12.02 -30.91 65.46
N ASP E 277 -11.10 -29.98 65.26
CA ASP E 277 -10.32 -29.91 64.03
C ASP E 277 -9.15 -30.88 64.00
N SER E 278 -8.76 -31.44 65.14
CA SER E 278 -7.58 -32.27 65.18
C SER E 278 -7.80 -33.56 64.38
N PRO E 279 -6.79 -34.03 63.65
CA PRO E 279 -6.90 -35.31 62.95
C PRO E 279 -6.73 -36.52 63.87
N TRP E 280 -6.46 -36.31 65.15
CA TRP E 280 -6.24 -37.38 66.10
C TRP E 280 -7.51 -37.79 66.83
N SER E 281 -8.66 -37.24 66.43
CA SER E 281 -9.91 -37.52 67.12
C SER E 281 -10.38 -38.96 66.95
N TYR E 282 -9.81 -39.72 66.03
CA TYR E 282 -10.16 -41.11 65.82
C TYR E 282 -8.95 -41.99 66.02
N ILE E 283 -9.19 -43.19 66.56
CA ILE E 283 -8.10 -44.08 66.92
C ILE E 283 -7.38 -44.59 65.67
N GLN E 284 -8.12 -44.80 64.57
CA GLN E 284 -7.50 -45.34 63.37
C GLN E 284 -6.53 -44.34 62.75
N THR E 285 -6.89 -43.05 62.75
CA THR E 285 -6.04 -42.05 62.11
C THR E 285 -4.71 -41.88 62.86
N ARG E 286 -4.78 -41.75 64.19
CA ARG E 286 -3.57 -41.59 64.97
C ARG E 286 -2.68 -42.82 64.89
N ARG E 287 -3.28 -44.02 64.88
CA ARG E 287 -2.49 -45.23 64.76
C ARG E 287 -1.93 -45.38 63.34
N LEU E 288 -2.71 -44.99 62.33
CA LEU E 288 -2.22 -45.08 60.95
C LEU E 288 -1.02 -44.18 60.74
N VAL E 289 -1.06 -42.96 61.27
CA VAL E 289 0.07 -42.04 61.14
C VAL E 289 1.29 -42.60 61.85
N SER E 290 1.09 -43.15 63.05
CA SER E 290 2.21 -43.76 63.77
C SER E 290 2.76 -44.95 63.01
N TYR E 291 1.88 -45.73 62.36
CA TYR E 291 2.35 -46.85 61.56
C TYR E 291 3.18 -46.36 60.38
N ILE E 292 2.76 -45.27 59.73
CA ILE E 292 3.56 -44.68 58.67
C ILE E 292 4.86 -44.14 59.22
N GLU E 293 4.81 -43.50 60.39
CA GLU E 293 6.01 -42.94 60.99
C GLU E 293 7.04 -44.01 61.31
N ALA E 294 6.62 -45.16 61.82
CA ALA E 294 7.56 -46.22 62.16
C ALA E 294 8.32 -46.73 60.94
N TYR E 295 7.62 -46.90 59.81
CA TYR E 295 8.28 -47.37 58.61
C TYR E 295 9.28 -46.35 58.09
N MET E 296 8.91 -45.06 58.10
CA MET E 296 9.81 -44.03 57.61
C MET E 296 11.07 -43.95 58.46
N THR E 297 10.93 -44.10 59.78
CA THR E 297 12.10 -44.16 60.65
C THR E 297 12.98 -45.35 60.31
N GLN E 298 12.36 -46.51 60.05
CA GLN E 298 13.13 -47.69 59.65
C GLN E 298 13.84 -47.46 58.33
N LEU E 299 13.15 -46.86 57.36
CA LEU E 299 13.79 -46.57 56.08
C LEU E 299 14.85 -45.50 56.23
N GLY E 300 14.60 -44.49 57.07
CA GLY E 300 15.57 -43.40 57.26
C GLY E 300 16.86 -43.84 57.90
N ARG E 301 16.84 -44.91 58.69
CA ARG E 301 18.05 -45.37 59.35
C ARG E 301 19.11 -45.82 58.35
N ALA E 302 18.68 -46.32 57.18
CA ALA E 302 19.62 -46.72 56.16
C ALA E 302 20.32 -45.55 55.49
N PHE E 303 19.86 -44.32 55.72
CA PHE E 303 20.41 -43.13 55.09
C PHE E 303 21.12 -42.21 56.07
N VAL E 304 21.55 -42.73 57.22
CA VAL E 304 21.98 -41.86 58.32
C VAL E 304 23.25 -41.11 57.94
N PHE E 305 24.17 -41.74 57.22
CA PHE E 305 25.41 -41.09 56.83
C PHE E 305 25.65 -41.12 55.33
N GLU E 306 24.59 -41.22 54.53
CA GLU E 306 24.74 -41.19 53.09
C GLU E 306 25.16 -39.79 52.62
N PRO E 307 25.84 -39.70 51.48
CA PRO E 307 26.13 -38.38 50.92
C PRO E 307 24.86 -37.61 50.64
N ASN E 308 24.89 -36.32 50.93
CA ASN E 308 23.70 -35.47 50.82
C ASN E 308 23.73 -34.72 49.49
N ASN E 309 23.40 -35.45 48.43
CA ASN E 309 23.39 -34.90 47.07
C ASN E 309 22.14 -35.39 46.36
N ALA E 310 22.09 -35.15 45.05
CA ALA E 310 20.88 -35.44 44.28
C ALA E 310 20.62 -36.93 44.17
N ILE E 311 21.68 -37.74 44.08
CA ILE E 311 21.51 -39.19 43.92
C ILE E 311 20.80 -39.77 45.13
N THR E 312 21.22 -39.37 46.33
CA THR E 312 20.57 -39.85 47.55
C THR E 312 19.12 -39.39 47.63
N TRP E 313 18.86 -38.15 47.25
CA TRP E 313 17.49 -37.64 47.31
C TRP E 313 16.57 -38.41 46.37
N MET E 314 17.05 -38.72 45.17
CA MET E 314 16.24 -39.50 44.23
C MET E 314 16.00 -40.91 44.77
N LYS E 315 17.00 -41.51 45.39
CA LYS E 315 16.84 -42.85 45.95
C LYS E 315 15.82 -42.86 47.08
N PHE E 316 15.91 -41.88 47.99
CA PHE E 316 14.96 -41.81 49.08
C PHE E 316 13.55 -41.49 48.58
N LYS E 317 13.44 -40.59 47.62
CA LYS E 317 12.14 -40.23 47.08
C LYS E 317 11.47 -41.42 46.40
N GLY E 318 12.24 -42.20 45.65
CA GLY E 318 11.66 -43.32 44.94
C GLY E 318 11.10 -44.38 45.87
N GLN E 319 11.86 -44.73 46.91
CA GLN E 319 11.42 -45.76 47.85
C GLN E 319 10.17 -45.31 48.61
N ALA E 320 10.18 -44.07 49.09
CA ALA E 320 9.03 -43.55 49.84
C ALA E 320 7.80 -43.44 48.96
N HIS E 321 7.98 -42.98 47.72
CA HIS E 321 6.85 -42.85 46.80
C HIS E 321 6.23 -44.20 46.49
N ASN E 322 7.07 -45.22 46.27
CA ASN E 322 6.56 -46.55 45.95
C ASN E 322 5.78 -47.14 47.11
N TRP E 323 6.30 -46.99 48.34
CA TRP E 323 5.61 -47.54 49.49
C TRP E 323 4.29 -46.82 49.75
N LEU E 324 4.28 -45.50 49.60
CA LEU E 324 3.03 -44.75 49.79
C LEU E 324 2.02 -45.08 48.69
N ARG E 325 2.50 -45.25 47.46
CA ARG E 325 1.61 -45.67 46.38
C ARG E 325 1.01 -47.03 46.66
N GLN E 326 1.81 -47.94 47.21
CA GLN E 326 1.29 -49.26 47.61
C GLN E 326 0.19 -49.11 48.66
N LEU E 327 0.40 -48.25 49.64
CA LEU E 327 -0.60 -48.06 50.69
C LEU E 327 -1.85 -47.37 50.13
N TRP E 328 -1.68 -46.47 49.16
CA TRP E 328 -2.84 -45.78 48.59
C TRP E 328 -3.77 -46.75 47.87
N LEU E 329 -3.21 -47.69 47.12
CA LEU E 329 -4.00 -48.63 46.34
C LEU E 329 -4.76 -49.63 47.21
N LYS E 330 -4.46 -49.70 48.50
CA LYS E 330 -5.23 -50.51 49.45
C LYS E 330 -6.35 -49.72 50.10
N GLY E 331 -6.57 -48.48 49.67
CA GLY E 331 -7.59 -47.64 50.26
C GLY E 331 -7.21 -46.97 51.55
N GLY E 332 -5.93 -46.97 51.91
CA GLY E 332 -5.49 -46.37 53.16
C GLY E 332 -5.47 -44.86 53.15
N LEU E 333 -5.40 -44.24 51.97
CA LEU E 333 -5.28 -42.80 51.85
C LEU E 333 -6.47 -42.24 51.08
N ARG E 334 -6.91 -41.04 51.48
CA ARG E 334 -8.05 -40.37 50.87
C ARG E 334 -7.55 -39.61 49.65
N GLY E 335 -7.91 -40.09 48.46
CA GLY E 335 -7.53 -39.42 47.24
C GLY E 335 -7.91 -40.17 45.98
N THR E 336 -8.24 -39.42 44.91
CA THR E 336 -8.57 -40.02 43.64
C THR E 336 -7.34 -40.20 42.75
N GLN E 337 -6.44 -39.22 42.73
CA GLN E 337 -5.13 -39.35 42.10
C GLN E 337 -4.05 -39.44 43.17
N GLU E 338 -2.80 -39.53 42.72
CA GLU E 338 -1.68 -39.63 43.64
C GLU E 338 -1.42 -38.31 44.35
N ASP E 339 -1.60 -37.19 43.65
CA ASP E 339 -1.18 -35.90 44.20
C ASP E 339 -1.97 -35.54 45.46
N GLN E 340 -3.29 -35.76 45.45
CA GLN E 340 -4.07 -35.45 46.65
C GLN E 340 -3.85 -36.50 47.74
N ALA E 341 -3.47 -37.72 47.37
CA ALA E 341 -3.27 -38.77 48.36
C ALA E 341 -2.09 -38.46 49.26
N PHE E 342 -0.94 -38.13 48.67
CA PHE E 342 0.26 -37.85 49.43
C PHE E 342 1.22 -37.04 48.57
N GLU E 343 2.26 -36.51 49.21
CA GLU E 343 3.28 -35.75 48.52
C GLU E 343 4.56 -35.77 49.35
N VAL E 344 5.69 -35.99 48.68
CA VAL E 344 7.00 -36.04 49.32
C VAL E 344 7.90 -35.01 48.67
N LEU E 345 8.54 -34.17 49.48
CA LEU E 345 9.46 -33.14 49.00
C LEU E 345 10.83 -33.39 49.59
N LEU E 346 11.85 -33.38 48.72
CA LEU E 346 13.22 -33.57 49.16
C LEU E 346 14.15 -33.07 48.07
N GLY E 347 14.96 -32.07 48.39
CA GLY E 347 15.91 -31.53 47.42
C GLY E 347 16.63 -30.34 48.00
N VAL E 348 17.59 -29.83 47.21
CA VAL E 348 18.33 -28.65 47.63
C VAL E 348 17.40 -27.46 47.83
N ASP E 349 16.27 -27.45 47.12
CA ASP E 349 15.19 -26.51 47.37
C ASP E 349 13.95 -27.28 47.81
N GLU E 350 12.90 -26.51 48.12
CA GLU E 350 11.56 -26.95 48.55
C GLU E 350 11.61 -27.83 49.78
N SER E 351 12.80 -28.11 50.32
CA SER E 351 12.91 -28.80 51.60
C SER E 351 14.00 -28.29 52.51
N MET E 352 14.98 -27.54 52.01
CA MET E 352 16.07 -27.00 52.83
C MET E 352 16.81 -25.96 51.99
N ARG E 353 17.93 -25.47 52.51
CA ARG E 353 18.76 -24.49 51.83
C ARG E 353 20.21 -24.99 51.82
N GLU E 354 21.09 -24.22 51.18
CA GLU E 354 22.50 -24.59 51.13
C GLU E 354 23.13 -24.55 52.51
N ALA E 355 22.66 -23.66 53.39
CA ALA E 355 23.20 -23.63 54.74
C ALA E 355 22.85 -24.89 55.51
N ASP E 356 21.73 -25.54 55.18
CA ASP E 356 21.36 -26.77 55.85
C ASP E 356 22.31 -27.91 55.50
N LEU E 357 22.77 -27.95 54.24
CA LEU E 357 23.71 -28.99 53.83
C LEU E 357 25.01 -28.89 54.61
N ARG E 358 25.53 -27.68 54.79
CA ARG E 358 26.75 -27.51 55.56
C ARG E 358 26.54 -27.85 57.02
N ALA E 359 25.34 -27.60 57.54
CA ALA E 359 24.99 -28.05 58.88
C ALA E 359 24.94 -29.57 58.97
N GLY E 360 24.77 -30.25 57.84
CA GLY E 360 24.79 -31.69 57.81
C GLY E 360 23.48 -32.38 58.07
N LYS E 361 22.35 -31.68 57.95
CA LYS E 361 21.05 -32.27 58.21
C LYS E 361 20.22 -32.30 56.93
N MET E 362 19.47 -33.39 56.76
CA MET E 362 18.59 -33.58 55.62
C MET E 362 17.14 -33.47 56.07
N ILE E 363 16.34 -32.72 55.34
CA ILE E 363 14.96 -32.42 55.72
C ILE E 363 14.03 -33.01 54.68
N ILE E 364 13.10 -33.84 55.13
CA ILE E 364 12.10 -34.46 54.27
C ILE E 364 10.72 -34.07 54.79
N LYS E 365 9.88 -33.56 53.89
CA LYS E 365 8.52 -33.14 54.22
C LYS E 365 7.53 -34.06 53.52
N ILE E 366 6.64 -34.67 54.31
CA ILE E 366 5.63 -35.60 53.80
C ILE E 366 4.26 -35.10 54.19
N ARG E 367 3.37 -34.99 53.21
CA ARG E 367 1.99 -34.57 53.44
C ARG E 367 1.07 -35.77 53.23
N LEU E 368 0.08 -35.91 54.11
CA LEU E 368 -0.82 -37.05 54.09
C LEU E 368 -2.27 -36.58 54.15
N ALA E 369 -3.17 -37.45 53.69
CA ALA E 369 -4.61 -37.20 53.74
C ALA E 369 -5.27 -38.45 54.31
N VAL E 370 -5.74 -38.36 55.55
CA VAL E 370 -6.32 -39.49 56.26
C VAL E 370 -7.80 -39.61 55.92
N LEU E 371 -8.39 -40.77 56.22
CA LEU E 371 -9.80 -41.02 55.98
C LEU E 371 -10.63 -40.62 57.20
N ILE E 372 -11.94 -40.57 56.98
CA ILE E 372 -12.90 -40.23 58.03
C ILE E 372 -13.94 -41.34 58.07
N PRO E 373 -14.22 -41.94 59.25
CA PRO E 373 -15.21 -43.02 59.35
C PRO E 373 -16.64 -42.54 59.13
N ILE F 24 58.66 -58.91 11.24
CA ILE F 24 58.30 -59.59 12.49
C ILE F 24 59.51 -59.66 13.41
N GLY F 25 59.25 -59.88 14.70
CA GLY F 25 60.30 -59.92 15.70
C GLY F 25 61.23 -61.10 15.54
N ILE F 26 62.48 -60.84 15.17
CA ILE F 26 63.49 -61.89 15.04
C ILE F 26 64.48 -61.74 16.19
N PRO F 27 64.40 -62.58 17.21
CA PRO F 27 65.28 -62.42 18.38
C PRO F 27 66.71 -62.82 18.08
N VAL F 28 67.63 -62.27 18.87
CA VAL F 28 69.04 -62.62 18.84
C VAL F 28 69.45 -63.07 20.24
N PHE F 29 70.27 -64.11 20.30
CA PHE F 29 70.74 -64.66 21.57
C PHE F 29 72.21 -64.28 21.76
N ILE F 30 72.51 -63.68 22.90
CA ILE F 30 73.86 -63.27 23.26
C ILE F 30 74.30 -64.10 24.46
N GLY F 31 75.42 -64.80 24.32
CA GLY F 31 75.92 -65.62 25.39
C GLY F 31 77.19 -66.32 24.98
N TYR F 32 77.75 -67.06 25.93
CA TYR F 32 78.97 -67.83 25.70
C TYR F 32 78.61 -69.20 25.15
N THR F 33 79.40 -69.66 24.18
CA THR F 33 79.13 -70.92 23.48
C THR F 33 80.33 -71.84 23.62
N SER F 34 80.06 -73.12 23.90
CA SER F 34 81.14 -74.07 24.15
C SER F 34 82.07 -74.18 22.95
N SER F 35 81.51 -74.17 21.75
CA SER F 35 82.31 -74.15 20.53
C SER F 35 82.63 -72.72 20.17
N PRO F 36 83.88 -72.28 20.24
CA PRO F 36 84.21 -70.90 19.84
C PRO F 36 83.90 -70.66 18.37
N VAL F 37 83.43 -69.45 18.07
CA VAL F 37 83.12 -69.04 16.72
C VAL F 37 83.63 -67.60 16.53
N ASP F 38 83.39 -67.06 15.33
CA ASP F 38 83.81 -65.71 15.03
C ASP F 38 82.93 -64.70 15.78
N LYS F 39 83.23 -63.43 15.59
CA LYS F 39 82.53 -62.35 16.28
C LYS F 39 81.26 -61.91 15.57
N THR F 40 80.83 -62.65 14.54
CA THR F 40 79.60 -62.35 13.82
C THR F 40 78.51 -63.34 14.19
N ALA F 41 77.27 -62.94 13.96
CA ALA F 41 76.12 -63.77 14.29
C ALA F 41 75.87 -64.80 13.19
N ILE F 42 75.00 -65.76 13.50
CA ILE F 42 74.63 -66.83 12.57
C ILE F 42 73.13 -66.86 12.44
N LYS F 43 72.67 -67.43 11.32
CA LYS F 43 71.24 -67.53 11.02
C LYS F 43 70.79 -68.97 11.27
N LEU F 44 69.76 -69.13 12.10
CA LEU F 44 69.22 -70.43 12.45
C LEU F 44 67.73 -70.47 12.15
N HIS F 45 67.31 -71.47 11.37
CA HIS F 45 65.90 -71.69 11.08
C HIS F 45 65.34 -72.94 11.73
N SER F 46 66.19 -73.83 12.26
CA SER F 46 65.73 -75.04 12.90
C SER F 46 66.82 -75.54 13.84
N LEU F 47 66.43 -76.45 14.74
CA LEU F 47 67.39 -77.01 15.68
C LEU F 47 68.48 -77.80 14.98
N ALA F 48 68.20 -78.36 13.80
CA ALA F 48 69.22 -79.06 13.04
C ALA F 48 70.35 -78.12 12.64
N ASP F 49 70.00 -76.91 12.20
CA ASP F 49 71.04 -75.92 11.88
C ASP F 49 71.82 -75.53 13.13
N PHE F 50 71.13 -75.44 14.27
CA PHE F 50 71.83 -75.16 15.53
C PHE F 50 72.82 -76.27 15.86
N ALA F 51 72.40 -77.53 15.70
CA ALA F 51 73.31 -78.64 15.93
C ALA F 51 74.43 -78.67 14.90
N ARG F 52 74.12 -78.28 13.66
CA ARG F 52 75.14 -78.24 12.62
C ARG F 52 76.25 -77.26 12.96
N SER F 53 75.94 -76.20 13.71
CA SER F 53 76.93 -75.20 14.06
C SER F 53 77.43 -75.35 15.48
N PHE F 54 76.60 -75.83 16.39
CA PHE F 54 76.93 -75.85 17.81
C PHE F 54 76.75 -77.26 18.38
N PRO F 55 77.51 -77.59 19.42
CA PRO F 55 77.26 -78.84 20.14
C PRO F 55 76.17 -78.68 21.20
N GLU F 56 75.59 -79.81 21.57
CA GLU F 56 74.48 -79.82 22.50
C GLU F 56 74.99 -79.65 23.94
N SER F 57 74.05 -79.38 24.85
CA SER F 57 74.27 -79.24 26.29
C SER F 57 74.87 -77.89 26.63
N GLY F 58 74.13 -77.08 27.38
CA GLY F 58 74.52 -75.72 27.71
C GLY F 58 73.26 -74.94 28.04
N LEU F 59 73.42 -73.88 28.84
CA LEU F 59 72.27 -73.11 29.28
C LEU F 59 71.57 -72.42 28.11
N MET F 60 72.33 -71.70 27.29
CA MET F 60 71.73 -70.99 26.16
C MET F 60 71.21 -71.95 25.11
N TYR F 61 71.88 -73.09 24.90
CA TYR F 61 71.38 -74.08 23.96
C TYR F 61 70.03 -74.62 24.39
N TYR F 62 69.85 -74.86 25.70
CA TYR F 62 68.57 -75.35 26.19
C TYR F 62 67.46 -74.32 25.96
N SER F 63 67.75 -73.04 26.21
CA SER F 63 66.77 -72.00 25.94
C SER F 63 66.49 -71.89 24.45
N VAL F 64 67.51 -72.03 23.62
CA VAL F 64 67.30 -72.06 22.17
C VAL F 64 66.37 -73.21 21.80
N ARG F 65 66.59 -74.38 22.40
CA ARG F 65 65.65 -75.49 22.20
C ARG F 65 64.28 -75.14 22.73
N HIS F 66 64.21 -74.46 23.89
CA HIS F 66 62.93 -74.05 24.45
C HIS F 66 62.21 -73.08 23.52
N PHE F 67 62.96 -72.14 22.92
CA PHE F 67 62.35 -71.19 22.00
C PHE F 67 61.79 -71.90 20.77
N PHE F 68 62.58 -72.81 20.19
CA PHE F 68 62.10 -73.53 19.01
C PHE F 68 60.92 -74.44 19.34
N GLU F 69 60.97 -75.10 20.50
CA GLU F 69 59.92 -76.05 20.85
C GLU F 69 58.61 -75.37 21.20
N ASN F 70 58.65 -74.09 21.59
CA ASN F 70 57.42 -73.36 21.84
C ASN F 70 56.75 -72.87 20.56
N GLY F 71 57.46 -72.92 19.43
CA GLY F 71 56.90 -72.46 18.18
C GLY F 71 57.77 -71.43 17.50
N GLY F 72 59.02 -71.29 17.95
CA GLY F 72 59.92 -70.35 17.32
C GLY F 72 60.35 -70.81 15.95
N GLN F 73 60.35 -69.89 14.99
CA GLN F 73 60.71 -70.22 13.61
C GLN F 73 62.20 -69.99 13.34
N GLN F 74 62.67 -68.76 13.53
CA GLN F 74 64.06 -68.43 13.23
C GLN F 74 64.57 -67.44 14.25
N ALA F 75 65.89 -67.45 14.45
CA ALA F 75 66.54 -66.57 15.41
C ALA F 75 68.03 -66.52 15.11
N TYR F 76 68.70 -65.53 15.69
CA TYR F 76 70.13 -65.35 15.56
C TYR F 76 70.83 -65.75 16.86
N VAL F 77 72.12 -66.05 16.74
CA VAL F 77 72.95 -66.36 17.90
C VAL F 77 74.28 -65.63 17.76
N LEU F 78 74.69 -64.93 18.81
CA LEU F 78 75.96 -64.23 18.85
C LEU F 78 76.74 -64.66 20.09
N SER F 79 78.04 -64.88 19.93
CA SER F 79 78.88 -65.43 20.99
C SER F 79 79.93 -64.41 21.37
N LEU F 80 79.97 -64.05 22.66
CA LEU F 80 81.06 -63.23 23.18
C LEU F 80 82.32 -64.04 23.39
N GLY F 81 82.19 -65.32 23.75
CA GLY F 81 83.34 -66.16 23.97
C GLY F 81 82.90 -67.59 24.21
N THR F 82 83.84 -68.39 24.73
CA THR F 82 83.54 -69.78 25.01
C THR F 82 82.86 -69.92 26.37
N GLU F 83 82.20 -71.07 26.55
CA GLU F 83 81.40 -71.28 27.76
C GLU F 83 82.24 -71.31 29.02
N GLN F 84 83.52 -71.69 28.91
CA GLN F 84 84.32 -71.90 30.10
C GLN F 84 84.88 -70.60 30.70
N GLN F 85 84.88 -69.50 29.95
CA GLN F 85 85.44 -68.25 30.45
C GLN F 85 84.36 -67.36 31.08
N LEU F 86 83.61 -67.91 32.04
CA LEU F 86 82.72 -67.11 32.86
C LEU F 86 83.42 -66.73 34.15
N SER F 87 83.45 -65.44 34.46
CA SER F 87 84.21 -64.94 35.60
C SER F 87 83.32 -64.40 36.71
N ASP F 88 82.49 -63.41 36.42
CA ASP F 88 81.67 -62.76 37.43
C ASP F 88 80.67 -61.85 36.72
N PHE F 89 79.82 -61.19 37.53
CA PHE F 89 78.80 -60.31 36.97
C PHE F 89 79.41 -59.13 36.23
N SER F 90 80.43 -58.50 36.83
CA SER F 90 81.05 -57.35 36.20
C SER F 90 81.73 -57.74 34.90
N SER F 91 82.33 -58.93 34.84
CA SER F 91 82.91 -59.40 33.60
C SER F 91 81.85 -59.58 32.52
N LEU F 92 80.68 -60.11 32.89
CA LEU F 92 79.61 -60.28 31.92
C LEU F 92 79.12 -58.93 31.40
N ILE F 93 78.95 -57.96 32.29
CA ILE F 93 78.52 -56.63 31.88
C ILE F 93 79.57 -55.97 30.99
N THR F 94 80.84 -56.07 31.39
CA THR F 94 81.90 -55.47 30.59
C THR F 94 81.99 -56.12 29.22
N ALA F 95 81.80 -57.43 29.14
CA ALA F 95 81.79 -58.10 27.85
C ALA F 95 80.63 -57.62 26.97
N LEU F 96 79.47 -57.36 27.58
CA LEU F 96 78.33 -56.86 26.83
C LEU F 96 78.54 -55.45 26.33
N GLN F 97 79.48 -54.70 26.91
CA GLN F 97 79.72 -53.31 26.53
C GLN F 97 80.72 -53.18 25.40
N GLN F 98 81.26 -54.27 24.87
CA GLN F 98 82.22 -54.19 23.79
C GLN F 98 81.56 -53.62 22.54
N ALA F 99 82.34 -52.85 21.76
CA ALA F 99 81.77 -52.09 20.66
C ALA F 99 81.30 -52.98 19.51
N TRP F 100 81.96 -54.10 19.28
CA TRP F 100 81.67 -54.89 18.08
C TRP F 100 80.26 -55.47 18.10
N LEU F 101 79.69 -55.72 19.28
CA LEU F 101 78.33 -56.22 19.33
C LEU F 101 77.34 -55.19 18.79
N ALA F 102 77.51 -53.92 19.17
CA ALA F 102 76.59 -52.88 18.71
C ALA F 102 76.61 -52.74 17.20
N GLN F 103 77.80 -52.81 16.60
CA GLN F 103 77.90 -52.68 15.15
C GLN F 103 77.24 -53.86 14.43
N THR F 104 77.41 -55.08 14.97
CA THR F 104 76.88 -56.26 14.29
C THR F 104 75.36 -56.25 14.23
N ILE F 105 74.71 -55.96 15.37
CA ILE F 105 73.25 -55.90 15.36
C ILE F 105 72.76 -54.69 14.57
N ALA F 106 73.51 -53.59 14.59
CA ALA F 106 73.16 -52.45 13.75
C ALA F 106 73.23 -52.81 12.27
N ALA F 107 74.28 -53.54 11.87
CA ALA F 107 74.42 -53.92 10.47
C ALA F 107 73.38 -54.94 10.06
N GLU F 108 73.19 -55.98 10.88
CA GLU F 108 72.23 -57.04 10.58
C GLU F 108 70.84 -56.44 10.78
N ASN F 109 70.05 -56.39 9.71
CA ASN F 109 68.87 -55.52 9.70
C ASN F 109 67.70 -56.13 10.48
N ASP F 110 67.32 -57.36 10.16
CA ASP F 110 66.03 -57.88 10.62
C ASP F 110 66.04 -58.33 12.08
N ILE F 111 67.07 -58.02 12.86
CA ILE F 111 67.03 -58.33 14.28
C ILE F 111 66.14 -57.33 15.00
N THR F 112 65.25 -57.84 15.85
CA THR F 112 64.28 -57.00 16.56
C THR F 112 64.39 -57.13 18.08
N LEU F 113 64.62 -58.32 18.61
CA LEU F 113 64.63 -58.55 20.04
C LEU F 113 66.03 -59.01 20.47
N ILE F 114 66.39 -58.66 21.72
CA ILE F 114 67.67 -59.02 22.30
C ILE F 114 67.41 -59.86 23.55
N ILE F 115 68.07 -61.01 23.63
CA ILE F 115 67.90 -61.95 24.74
C ILE F 115 69.26 -62.30 25.31
N THR F 116 69.40 -62.23 26.63
CA THR F 116 70.63 -62.60 27.33
C THR F 116 70.28 -63.54 28.47
N PRO F 117 70.19 -64.85 28.19
CA PRO F 117 69.81 -65.80 29.23
C PRO F 117 70.94 -66.16 30.20
N ASP F 118 72.17 -65.71 29.96
CA ASP F 118 73.30 -66.12 30.77
C ASP F 118 73.33 -65.48 32.15
N VAL F 119 72.44 -64.54 32.44
CA VAL F 119 72.39 -63.93 33.77
C VAL F 119 71.94 -64.90 34.84
N ILE F 120 71.45 -66.08 34.46
CA ILE F 120 71.00 -67.08 35.43
C ILE F 120 72.18 -67.65 36.20
N ARG F 121 73.32 -67.85 35.52
CA ARG F 121 74.45 -68.60 36.05
C ARG F 121 75.11 -67.96 37.26
N PHE F 122 74.61 -66.85 37.77
CA PHE F 122 75.26 -66.15 38.86
C PHE F 122 74.37 -66.15 40.10
N ASP F 123 74.99 -66.38 41.26
CA ASP F 123 74.25 -66.52 42.50
C ASP F 123 73.70 -65.19 42.98
N GLN F 124 72.50 -65.23 43.56
CA GLN F 124 71.91 -64.07 44.23
C GLN F 124 72.42 -64.06 45.68
N THR F 125 73.70 -63.68 45.81
CA THR F 125 74.38 -63.82 47.10
C THR F 125 73.77 -62.90 48.17
N GLU F 126 73.46 -61.66 47.80
CA GLU F 126 73.04 -60.69 48.81
C GLU F 126 72.13 -59.64 48.17
N ILE F 127 71.46 -58.88 49.02
CA ILE F 127 70.57 -57.80 48.58
C ILE F 127 71.22 -56.43 48.80
N SER F 128 72.54 -56.38 48.87
CA SER F 128 73.24 -55.14 49.14
C SER F 128 73.17 -54.20 47.93
N ASP F 129 73.64 -52.97 48.15
CA ASP F 129 73.65 -51.97 47.07
C ASP F 129 74.57 -52.40 45.94
N THR F 130 75.60 -53.19 46.24
CA THR F 130 76.49 -53.68 45.19
C THR F 130 75.73 -54.56 44.20
N GLN F 131 74.87 -55.44 44.72
CA GLN F 131 74.08 -56.30 43.85
C GLN F 131 72.99 -55.50 43.12
N ARG F 132 72.37 -54.55 43.82
CA ARG F 132 71.28 -53.79 43.21
C ARG F 132 71.78 -52.96 42.03
N ASP F 133 72.94 -52.32 42.19
CA ASP F 133 73.46 -51.49 41.10
C ASP F 133 73.83 -52.32 39.89
N LEU F 134 74.44 -53.50 40.09
CA LEU F 134 74.87 -54.31 38.96
C LEU F 134 73.71 -54.70 38.07
N TRP F 135 72.54 -54.99 38.67
CA TRP F 135 71.36 -55.31 37.87
C TRP F 135 70.94 -54.13 37.02
N LEU F 136 71.05 -52.92 37.55
CA LEU F 136 70.69 -51.72 36.79
C LEU F 136 71.61 -51.52 35.59
N GLN F 137 72.91 -51.77 35.77
CA GLN F 137 73.86 -51.57 34.68
C GLN F 137 73.66 -52.60 33.57
N LEU F 138 73.28 -53.83 33.95
CA LEU F 138 72.92 -54.82 32.95
C LEU F 138 71.72 -54.34 32.14
N TRP F 139 70.73 -53.75 32.81
CA TRP F 139 69.57 -53.21 32.11
C TRP F 139 69.97 -52.05 31.21
N GLN F 140 70.84 -51.16 31.69
CA GLN F 140 71.26 -50.02 30.89
C GLN F 140 72.14 -50.47 29.73
N SER F 141 73.03 -51.44 29.96
CA SER F 141 73.90 -51.91 28.88
C SER F 141 73.10 -52.57 27.77
N VAL F 142 72.09 -53.36 28.14
CA VAL F 142 71.23 -53.98 27.13
C VAL F 142 70.44 -52.90 26.38
N LEU F 143 69.91 -51.92 27.11
CA LEU F 143 69.17 -50.84 26.47
C LEU F 143 70.06 -50.02 25.55
N ASN F 144 71.36 -49.90 25.90
CA ASN F 144 72.30 -49.26 24.99
C ASN F 144 72.42 -50.04 23.69
N LEU F 145 72.46 -51.37 23.78
CA LEU F 145 72.49 -52.19 22.58
C LEU F 145 71.21 -52.06 21.77
N CYS F 146 70.09 -51.77 22.43
CA CYS F 146 68.83 -51.61 21.73
C CYS F 146 68.73 -50.28 20.99
N LYS F 147 69.62 -49.33 21.28
CA LYS F 147 69.58 -48.03 20.64
C LYS F 147 70.38 -47.98 19.34
N SER F 148 71.00 -49.09 18.94
CA SER F 148 71.74 -49.10 17.68
C SER F 148 70.80 -48.85 16.50
N ARG F 149 69.61 -49.43 16.53
CA ARG F 149 68.58 -49.17 15.55
C ARG F 149 67.26 -48.92 16.27
N ARG F 150 66.40 -48.14 15.63
CA ARG F 150 65.09 -47.86 16.21
C ARG F 150 64.16 -49.05 16.00
N GLY F 151 63.38 -49.36 17.04
CA GLY F 151 62.45 -50.48 17.01
C GLY F 151 62.96 -51.74 17.66
N ILE F 152 64.16 -51.74 18.20
CA ILE F 152 64.72 -52.93 18.85
C ILE F 152 64.26 -52.97 20.29
N MET F 153 63.64 -54.09 20.69
CA MET F 153 63.22 -54.29 22.06
C MET F 153 64.21 -55.20 22.78
N GLY F 154 64.37 -54.97 24.07
CA GLY F 154 65.21 -55.78 24.93
C GLY F 154 64.37 -56.53 25.95
N LEU F 155 64.57 -57.83 26.06
CA LEU F 155 63.89 -58.67 27.02
C LEU F 155 64.82 -58.89 28.21
N LEU F 156 64.36 -58.47 29.39
CA LEU F 156 65.23 -58.32 30.56
C LEU F 156 64.82 -59.31 31.65
N ASP F 157 65.74 -59.54 32.58
CA ASP F 157 65.51 -60.41 33.72
C ASP F 157 65.55 -59.61 35.01
N ALA F 158 65.10 -60.23 36.09
CA ALA F 158 65.01 -59.61 37.40
C ALA F 158 65.65 -60.49 38.46
N PRO F 159 66.09 -59.90 39.57
CA PRO F 159 66.64 -60.72 40.66
C PRO F 159 65.60 -61.67 41.23
N ASP F 160 66.10 -62.73 41.88
CA ASP F 160 65.23 -63.81 42.32
C ASP F 160 64.24 -63.35 43.39
N ASP F 161 64.73 -62.64 44.44
CA ASP F 161 63.71 -62.35 45.42
C ASP F 161 62.93 -61.09 45.05
N PRO F 162 61.65 -61.03 45.42
CA PRO F 162 60.86 -59.82 45.10
C PRO F 162 61.39 -58.56 45.76
N THR F 163 62.09 -58.68 46.90
CA THR F 163 62.57 -57.50 47.60
C THR F 163 63.58 -56.71 46.75
N LEU F 164 64.59 -57.41 46.23
CA LEU F 164 65.58 -56.73 45.39
C LEU F 164 64.98 -56.26 44.07
N ALA F 165 64.07 -57.06 43.49
CA ALA F 165 63.44 -56.65 42.23
C ALA F 165 62.63 -55.38 42.41
N ALA F 166 61.88 -55.28 43.51
CA ALA F 166 61.13 -54.07 43.78
C ALA F 166 62.05 -52.89 44.01
N LYS F 167 63.19 -53.11 44.68
CA LYS F 167 64.16 -52.04 44.89
C LYS F 167 64.73 -51.56 43.57
N CYS F 168 65.07 -52.49 42.67
CA CYS F 168 65.64 -52.11 41.38
C CYS F 168 64.62 -51.38 40.51
N LEU F 169 63.36 -51.81 40.55
CA LEU F 169 62.33 -51.17 39.74
C LEU F 169 62.14 -49.70 40.13
N GLN F 170 62.11 -49.43 41.44
CA GLN F 170 61.88 -48.06 41.89
C GLN F 170 63.08 -47.17 41.67
N GLN F 171 64.29 -47.71 41.80
CA GLN F 171 65.51 -46.91 41.75
C GLN F 171 66.11 -46.81 40.35
N PHE F 172 65.55 -47.47 39.36
CA PHE F 172 66.09 -47.40 38.01
C PHE F 172 65.77 -46.05 37.39
N SER F 173 66.80 -45.39 36.84
CA SER F 173 66.65 -44.07 36.24
C SER F 173 67.31 -44.07 34.88
N SER F 174 66.50 -44.01 33.83
CA SER F 174 67.03 -43.98 32.46
C SER F 174 65.97 -43.38 31.55
N ALA F 175 66.44 -42.75 30.47
CA ALA F 175 65.54 -42.21 29.45
C ALA F 175 65.10 -43.26 28.44
N ASP F 176 65.62 -44.48 28.53
CA ASP F 176 65.30 -45.55 27.59
C ASP F 176 64.37 -46.60 28.19
N ARG F 177 63.60 -46.22 29.21
CA ARG F 177 62.64 -47.15 29.81
C ARG F 177 61.59 -47.62 28.83
N GLN F 178 61.39 -46.89 27.74
CA GLN F 178 60.37 -47.24 26.76
C GLN F 178 60.69 -48.56 26.06
N TRP F 179 61.98 -48.85 25.86
CA TRP F 179 62.40 -50.00 25.08
C TRP F 179 62.67 -51.24 25.91
N GLY F 180 62.40 -51.22 27.22
CA GLY F 180 62.75 -52.31 28.11
C GLY F 180 61.52 -53.07 28.57
N VAL F 181 61.60 -54.40 28.48
CA VAL F 181 60.57 -55.31 28.98
C VAL F 181 61.26 -56.34 29.85
N VAL F 182 60.72 -56.57 31.05
CA VAL F 182 61.31 -57.47 32.04
C VAL F 182 60.31 -58.54 32.40
N TYR F 183 60.80 -59.77 32.58
CA TYR F 183 59.97 -60.90 32.95
C TYR F 183 60.54 -61.56 34.19
N TRP F 184 59.66 -62.13 35.01
CA TRP F 184 60.02 -62.68 36.31
C TRP F 184 58.91 -63.61 36.76
N PRO F 185 59.23 -64.70 37.47
CA PRO F 185 60.55 -65.19 37.88
C PRO F 185 61.16 -66.17 36.89
N LEU F 186 62.19 -66.89 37.32
CA LEU F 186 62.78 -67.91 36.47
C LEU F 186 61.83 -69.11 36.36
N LEU F 187 62.08 -69.94 35.35
CA LEU F 187 61.22 -71.07 35.03
C LEU F 187 62.03 -72.36 35.02
N LYS F 188 61.40 -73.45 35.43
CA LYS F 188 61.97 -74.79 35.35
C LYS F 188 61.23 -75.59 34.30
N SER F 189 61.97 -76.40 33.54
CA SER F 189 61.41 -77.16 32.43
C SER F 189 61.75 -78.63 32.58
N ALA F 190 61.12 -79.44 31.71
CA ALA F 190 61.31 -80.88 31.74
C ALA F 190 62.70 -81.32 31.31
N TYR F 191 63.49 -80.43 30.73
CA TYR F 191 64.84 -80.79 30.29
C TYR F 191 65.72 -81.10 31.49
N GLN F 192 66.55 -82.13 31.34
CA GLN F 192 67.41 -82.62 32.41
C GLN F 192 68.84 -82.76 31.91
N ASP F 193 69.79 -82.56 32.82
CA ASP F 193 71.19 -82.80 32.52
C ASP F 193 71.51 -84.28 32.70
N ASN F 194 72.80 -84.64 32.68
CA ASN F 194 73.19 -86.00 32.99
C ASN F 194 72.75 -86.39 34.39
N THR F 195 72.95 -85.50 35.36
CA THR F 195 72.31 -85.62 36.65
C THR F 195 70.84 -85.23 36.53
N GLN F 196 69.98 -85.91 37.28
CA GLN F 196 68.53 -85.72 37.17
C GLN F 196 68.11 -84.51 38.00
N ASN F 197 68.37 -83.33 37.44
CA ASN F 197 67.95 -82.07 38.04
C ASN F 197 67.20 -81.23 37.02
N PRO F 198 66.07 -80.63 37.39
CA PRO F 198 65.32 -79.80 36.43
C PRO F 198 66.13 -78.58 36.03
N ILE F 199 66.16 -78.31 34.73
CA ILE F 199 66.90 -77.17 34.21
C ILE F 199 66.10 -75.89 34.43
N VAL F 200 66.73 -74.90 35.05
CA VAL F 200 66.09 -73.60 35.29
C VAL F 200 66.39 -72.70 34.09
N LEU F 201 65.34 -72.18 33.47
CA LEU F 201 65.48 -71.37 32.27
C LEU F 201 64.74 -70.05 32.46
N SER F 202 65.27 -69.01 31.82
CA SER F 202 64.65 -67.69 31.90
C SER F 202 63.41 -67.66 31.00
N PRO F 203 62.35 -66.96 31.40
CA PRO F 203 61.14 -66.91 30.58
C PRO F 203 61.30 -66.08 29.32
N THR F 204 62.43 -65.40 29.13
CA THR F 204 62.61 -64.56 27.95
C THR F 204 62.57 -65.38 26.67
N ALA F 205 63.17 -66.57 26.69
CA ALA F 205 63.14 -67.43 25.51
C ALA F 205 61.72 -67.87 25.19
N ALA F 206 60.92 -68.16 26.22
CA ALA F 206 59.57 -68.65 26.00
C ALA F 206 58.67 -67.59 25.36
N VAL F 207 58.73 -66.35 25.86
CA VAL F 207 57.87 -65.30 25.33
C VAL F 207 58.27 -64.95 23.91
N ALA F 208 59.58 -64.97 23.62
CA ALA F 208 60.05 -64.60 22.28
C ALA F 208 59.42 -65.48 21.21
N ALA F 209 59.26 -66.77 21.49
CA ALA F 209 58.54 -67.65 20.57
C ALA F 209 57.08 -67.23 20.46
N VAL F 210 56.46 -66.81 21.56
CA VAL F 210 55.07 -66.39 21.54
C VAL F 210 54.89 -65.17 20.64
N ILE F 211 55.81 -64.20 20.73
CA ILE F 211 55.71 -63.01 19.90
C ILE F 211 55.77 -63.38 18.42
N GLN F 212 56.68 -64.28 18.05
CA GLN F 212 56.74 -64.74 16.67
C GLN F 212 55.44 -65.42 16.25
N ARG F 213 54.89 -66.27 17.14
CA ARG F 213 53.59 -66.87 16.86
C ARG F 213 52.49 -65.83 16.83
N ASN F 214 52.52 -64.89 17.78
CA ASN F 214 51.51 -63.84 17.80
C ASN F 214 51.62 -62.93 16.58
N ASP F 215 52.85 -62.63 16.16
CA ASP F 215 53.04 -61.77 14.99
C ASP F 215 52.51 -62.44 13.73
N ASN F 216 52.71 -63.75 13.60
CA ASN F 216 52.25 -64.45 12.39
C ASN F 216 50.75 -64.70 12.44
N GLN F 217 50.27 -65.38 13.48
CA GLN F 217 48.86 -65.73 13.56
C GLN F 217 47.98 -64.51 13.77
N GLN F 218 48.34 -63.65 14.73
CA GLN F 218 47.47 -62.56 15.13
C GLN F 218 48.02 -61.17 14.78
N GLY F 219 49.31 -61.04 14.51
CA GLY F 219 49.90 -59.76 14.18
C GLY F 219 50.63 -59.13 15.35
N VAL F 220 51.30 -58.03 15.04
CA VAL F 220 52.11 -57.33 16.05
C VAL F 220 51.21 -56.66 17.08
N TRP F 221 50.09 -56.09 16.64
CA TRP F 221 49.24 -55.31 17.54
C TRP F 221 48.44 -56.17 18.52
N THR F 222 48.70 -57.46 18.64
CA THR F 222 48.04 -58.30 19.62
C THR F 222 48.98 -58.52 20.81
N ALA F 223 48.49 -58.23 22.01
CA ALA F 223 49.33 -58.32 23.19
C ALA F 223 49.72 -59.78 23.45
N PRO F 224 51.00 -60.05 23.69
CA PRO F 224 51.46 -61.41 23.99
C PRO F 224 51.24 -61.83 25.45
N ALA F 225 50.04 -61.58 25.95
CA ALA F 225 49.66 -61.93 27.31
C ALA F 225 48.43 -62.83 27.27
N ASN F 226 48.12 -63.43 28.42
CA ASN F 226 47.00 -64.35 28.56
C ASN F 226 47.11 -65.50 27.57
N ILE F 227 48.33 -65.98 27.38
CA ILE F 227 48.62 -67.05 26.43
C ILE F 227 49.40 -68.14 27.13
N ALA F 228 49.12 -69.39 26.76
CA ALA F 228 49.71 -70.55 27.41
C ALA F 228 51.12 -70.80 26.91
N LEU F 229 51.99 -71.23 27.82
CA LEU F 229 53.33 -71.65 27.48
C LEU F 229 53.35 -73.16 27.23
N SER F 230 54.53 -73.72 27.02
CA SER F 230 54.68 -75.15 26.77
C SER F 230 55.92 -75.68 27.47
N LYS F 231 55.83 -76.93 27.91
CA LYS F 231 56.95 -77.66 28.49
C LYS F 231 57.60 -76.91 29.65
N VAL F 232 56.74 -76.36 30.52
CA VAL F 232 57.18 -75.68 31.73
C VAL F 232 56.57 -76.42 32.91
N ILE F 233 57.41 -76.86 33.84
CA ILE F 233 56.93 -77.61 35.00
C ILE F 233 56.23 -76.67 35.98
N SER F 234 56.93 -75.62 36.42
CA SER F 234 56.41 -74.66 37.38
C SER F 234 57.33 -73.45 37.46
N PRO F 235 56.80 -72.27 37.78
CA PRO F 235 57.68 -71.13 38.05
C PRO F 235 58.59 -71.42 39.24
N VAL F 236 59.81 -70.90 39.18
CA VAL F 236 60.78 -71.18 40.24
C VAL F 236 60.34 -70.58 41.56
N ARG F 237 59.45 -69.60 41.53
CA ARG F 237 58.88 -69.02 42.74
C ARG F 237 57.36 -68.97 42.61
N ALA F 238 56.72 -68.42 43.64
CA ALA F 238 55.28 -68.56 43.83
C ALA F 238 54.54 -67.28 43.44
N TYR F 239 53.23 -67.31 43.68
CA TYR F 239 52.34 -66.19 43.37
C TYR F 239 52.40 -65.08 44.40
N ILE F 240 52.19 -65.43 45.67
CA ILE F 240 51.87 -64.43 46.69
C ILE F 240 53.00 -63.42 46.85
N GLU F 241 54.25 -63.88 46.73
CA GLU F 241 55.40 -62.99 46.87
C GLU F 241 55.50 -61.97 45.74
N ALA F 242 54.76 -62.14 44.66
CA ALA F 242 54.87 -61.29 43.48
C ALA F 242 53.82 -60.18 43.44
N ASN F 243 53.04 -60.00 44.52
CA ASN F 243 51.99 -58.99 44.50
C ASN F 243 52.55 -57.57 44.46
N ALA F 244 53.69 -57.33 45.09
CA ALA F 244 54.25 -55.99 45.20
C ALA F 244 55.01 -55.55 43.95
N LEU F 245 55.36 -56.46 43.06
CA LEU F 245 56.13 -56.09 41.88
C LEU F 245 55.29 -55.35 40.85
N PHE F 246 54.07 -55.79 40.60
CA PHE F 246 53.19 -55.07 39.69
C PHE F 246 52.79 -53.74 40.31
N ASN F 247 52.73 -52.71 39.48
CA ASN F 247 52.43 -51.36 39.93
C ASN F 247 51.52 -50.69 38.92
N PRO F 248 50.47 -50.01 39.37
CA PRO F 248 49.48 -49.45 38.44
C PRO F 248 50.01 -48.32 37.58
N ASP F 249 50.73 -47.38 38.17
CA ASP F 249 51.17 -46.19 37.43
C ASP F 249 52.32 -46.52 36.49
N GLY F 250 53.42 -47.03 37.03
CA GLY F 250 54.58 -47.29 36.21
C GLY F 250 55.52 -48.29 36.86
N THR F 251 56.70 -48.43 36.24
CA THR F 251 57.79 -49.33 36.64
C THR F 251 57.27 -50.67 37.18
N SER F 252 56.35 -51.30 36.46
CA SER F 252 55.81 -52.60 36.85
C SER F 252 56.57 -53.72 36.15
N LEU F 253 56.28 -54.95 36.57
CA LEU F 253 56.84 -56.14 35.95
C LEU F 253 55.75 -56.91 35.19
N ASN F 254 56.20 -57.90 34.43
CA ASN F 254 55.31 -58.82 33.74
C ASN F 254 55.52 -60.22 34.32
N LEU F 255 54.44 -60.85 34.73
CA LEU F 255 54.48 -62.08 35.51
C LEU F 255 54.25 -63.30 34.63
N VAL F 256 55.07 -64.32 34.80
CA VAL F 256 54.81 -65.66 34.28
C VAL F 256 54.18 -66.46 35.42
N ARG F 257 52.94 -66.90 35.21
CA ARG F 257 52.12 -67.37 36.33
C ARG F 257 51.47 -68.70 35.97
N SER F 258 51.44 -69.60 36.95
CA SER F 258 50.73 -70.86 36.81
C SER F 258 49.27 -70.69 37.22
N PHE F 259 48.42 -71.53 36.66
CA PHE F 259 46.99 -71.40 36.86
C PHE F 259 46.38 -72.73 37.32
N PRO F 260 45.29 -72.67 38.09
CA PRO F 260 44.56 -73.89 38.43
C PRO F 260 43.67 -74.33 37.27
N GLY F 261 44.06 -75.42 36.60
CA GLY F 261 43.28 -75.94 35.51
C GLY F 261 43.37 -75.15 34.22
N LYS F 262 44.37 -74.27 34.09
CA LYS F 262 44.55 -73.53 32.85
C LYS F 262 45.99 -73.52 32.35
N GLY F 263 46.91 -74.19 33.04
CA GLY F 263 48.28 -74.27 32.58
C GLY F 263 49.09 -73.04 32.92
N ILE F 264 50.34 -73.05 32.45
CA ILE F 264 51.22 -71.91 32.65
C ILE F 264 50.82 -70.77 31.72
N ARG F 265 50.78 -69.57 32.26
CA ARG F 265 50.28 -68.41 31.52
C ARG F 265 51.26 -67.25 31.66
N ILE F 266 51.19 -66.33 30.70
CA ILE F 266 51.95 -65.09 30.73
C ILE F 266 51.00 -63.99 31.19
N TRP F 267 51.27 -63.41 32.36
CA TRP F 267 50.38 -62.46 33.00
C TRP F 267 51.09 -61.11 33.06
N GLY F 268 50.83 -60.26 32.07
CA GLY F 268 51.42 -58.94 32.04
C GLY F 268 52.05 -58.59 30.70
N CYS F 269 51.77 -57.38 30.20
CA CYS F 269 52.31 -56.92 28.93
C CYS F 269 52.78 -55.48 29.02
N ARG F 270 53.35 -55.09 30.16
CA ARG F 270 53.79 -53.71 30.38
C ARG F 270 55.30 -53.60 30.26
N THR F 271 55.75 -52.45 29.77
CA THR F 271 57.17 -52.16 29.63
C THR F 271 57.67 -51.47 30.89
N LEU F 272 58.89 -50.91 30.83
CA LEU F 272 59.48 -50.22 31.95
C LEU F 272 59.12 -48.74 32.02
N GLU F 273 58.21 -48.28 31.16
CA GLU F 273 57.84 -46.88 31.14
C GLU F 273 57.16 -46.49 32.45
N ASN F 274 57.50 -45.29 32.94
CA ASN F 274 57.03 -44.83 34.25
C ASN F 274 55.74 -44.01 34.15
N THR F 275 55.72 -43.00 33.30
CA THR F 275 54.56 -42.11 33.23
C THR F 275 53.32 -42.87 32.78
N HIS F 276 52.21 -42.61 33.48
CA HIS F 276 50.98 -43.33 33.21
C HIS F 276 50.34 -42.90 31.89
N ASP F 277 50.57 -41.65 31.46
CA ASP F 277 49.94 -41.13 30.26
C ASP F 277 50.63 -41.57 28.98
N SER F 278 51.85 -42.09 29.06
CA SER F 278 52.60 -42.42 27.86
C SER F 278 51.92 -43.56 27.11
N PRO F 279 51.92 -43.52 25.77
CA PRO F 279 51.39 -44.65 24.99
C PRO F 279 52.34 -45.82 24.88
N TRP F 280 53.54 -45.71 25.44
CA TRP F 280 54.55 -46.77 25.38
C TRP F 280 54.49 -47.72 26.56
N SER F 281 53.48 -47.59 27.42
CA SER F 281 53.39 -48.41 28.62
C SER F 281 53.11 -49.88 28.31
N TYR F 282 52.74 -50.23 27.08
CA TYR F 282 52.48 -51.61 26.70
C TYR F 282 53.40 -52.00 25.56
N ILE F 283 53.80 -53.27 25.57
CA ILE F 283 54.77 -53.76 24.59
C ILE F 283 54.17 -53.75 23.18
N GLN F 284 52.87 -54.05 23.07
CA GLN F 284 52.26 -54.11 21.75
C GLN F 284 52.19 -52.74 21.09
N THR F 285 51.87 -51.70 21.85
CA THR F 285 51.75 -50.37 21.28
C THR F 285 53.08 -49.85 20.77
N ARG F 286 54.15 -50.03 21.55
CA ARG F 286 55.46 -49.59 21.13
C ARG F 286 55.94 -50.36 19.90
N ARG F 287 55.70 -51.66 19.86
CA ARG F 287 56.11 -52.47 18.71
C ARG F 287 55.24 -52.16 17.49
N LEU F 288 53.94 -51.91 17.71
CA LEU F 288 53.07 -51.59 16.59
C LEU F 288 53.48 -50.30 15.91
N VAL F 289 53.80 -49.27 16.70
CA VAL F 289 54.23 -48.00 16.13
C VAL F 289 55.54 -48.16 15.38
N SER F 290 56.49 -48.91 15.95
CA SER F 290 57.75 -49.17 15.26
C SER F 290 57.52 -49.96 13.98
N TYR F 291 56.57 -50.89 13.99
CA TYR F 291 56.25 -51.63 12.77
C TYR F 291 55.69 -50.71 11.70
N ILE F 292 54.83 -49.76 12.11
CA ILE F 292 54.32 -48.77 11.16
C ILE F 292 55.46 -47.86 10.68
N GLU F 293 56.35 -47.48 11.60
CA GLU F 293 57.47 -46.61 11.25
C GLU F 293 58.38 -47.25 10.21
N ALA F 294 58.66 -48.54 10.34
CA ALA F 294 59.57 -49.21 9.41
C ALA F 294 59.00 -49.20 7.99
N TYR F 295 57.70 -49.46 7.85
CA TYR F 295 57.10 -49.44 6.52
C TYR F 295 57.13 -48.04 5.92
N MET F 296 56.85 -47.02 6.74
CA MET F 296 56.85 -45.65 6.24
C MET F 296 58.24 -45.26 5.75
N THR F 297 59.29 -45.66 6.47
CA THR F 297 60.64 -45.40 6.01
C THR F 297 60.93 -46.12 4.69
N GLN F 298 60.46 -47.36 4.58
CA GLN F 298 60.65 -48.11 3.33
C GLN F 298 59.91 -47.44 2.18
N LEU F 299 58.69 -46.99 2.42
CA LEU F 299 57.95 -46.27 1.38
C LEU F 299 58.58 -44.93 1.07
N GLY F 300 59.07 -44.22 2.09
CA GLY F 300 59.65 -42.91 1.89
C GLY F 300 60.94 -42.92 1.10
N ARG F 301 61.68 -44.04 1.11
CA ARG F 301 62.93 -44.11 0.37
C ARG F 301 62.70 -43.98 -1.12
N ALA F 302 61.55 -44.42 -1.62
CA ALA F 302 61.24 -44.29 -3.04
C ALA F 302 60.95 -42.85 -3.45
N PHE F 303 60.82 -41.93 -2.51
CA PHE F 303 60.48 -40.54 -2.80
C PHE F 303 61.60 -39.59 -2.44
N VAL F 304 62.84 -40.07 -2.33
CA VAL F 304 63.91 -39.29 -1.74
C VAL F 304 64.23 -38.07 -2.60
N PHE F 305 64.23 -38.22 -3.93
CA PHE F 305 64.54 -37.10 -4.81
C PHE F 305 63.41 -36.82 -5.79
N GLU F 306 62.18 -37.16 -5.44
CA GLU F 306 61.05 -36.87 -6.30
C GLU F 306 60.79 -35.36 -6.32
N PRO F 307 60.18 -34.85 -7.40
CA PRO F 307 59.78 -33.44 -7.40
C PRO F 307 58.80 -33.15 -6.28
N ASN F 308 58.96 -31.98 -5.66
CA ASN F 308 58.14 -31.61 -4.50
C ASN F 308 56.99 -30.71 -4.94
N ASN F 309 55.99 -31.35 -5.53
CA ASN F 309 54.81 -30.64 -6.04
C ASN F 309 53.57 -31.44 -5.67
N ALA F 310 52.43 -31.04 -6.24
CA ALA F 310 51.15 -31.62 -5.85
C ALA F 310 51.04 -33.09 -6.28
N ILE F 311 51.60 -33.43 -7.44
CA ILE F 311 51.48 -34.79 -7.95
C ILE F 311 52.15 -35.77 -7.00
N THR F 312 53.34 -35.43 -6.52
CA THR F 312 54.05 -36.31 -5.59
C THR F 312 53.29 -36.45 -4.28
N TRP F 313 52.73 -35.34 -3.77
CA TRP F 313 51.98 -35.41 -2.52
C TRP F 313 50.77 -36.31 -2.64
N MET F 314 50.05 -36.23 -3.76
CA MET F 314 48.90 -37.10 -3.97
C MET F 314 49.32 -38.56 -4.04
N LYS F 315 50.44 -38.84 -4.71
CA LYS F 315 50.93 -40.22 -4.81
C LYS F 315 51.31 -40.76 -3.43
N PHE F 316 52.02 -39.98 -2.63
CA PHE F 316 52.41 -40.42 -1.31
C PHE F 316 51.20 -40.58 -0.40
N LYS F 317 50.26 -39.63 -0.47
CA LYS F 317 49.06 -39.72 0.37
C LYS F 317 48.23 -40.94 0.01
N GLY F 318 48.10 -41.23 -1.29
CA GLY F 318 47.29 -42.37 -1.70
C GLY F 318 47.84 -43.69 -1.21
N GLN F 319 49.15 -43.89 -1.38
CA GLN F 319 49.77 -45.14 -0.95
C GLN F 319 49.70 -45.29 0.57
N ALA F 320 49.99 -44.22 1.30
CA ALA F 320 49.94 -44.29 2.76
C ALA F 320 48.52 -44.51 3.26
N HIS F 321 47.54 -43.85 2.65
CA HIS F 321 46.15 -44.02 3.07
C HIS F 321 45.67 -45.44 2.83
N ASN F 322 46.04 -46.03 1.69
CA ASN F 322 45.59 -47.39 1.39
C ASN F 322 46.17 -48.39 2.37
N TRP F 323 47.46 -48.27 2.68
CA TRP F 323 48.09 -49.20 3.61
C TRP F 323 47.50 -49.06 5.02
N LEU F 324 47.27 -47.83 5.46
CA LEU F 324 46.68 -47.61 6.78
C LEU F 324 45.24 -48.11 6.82
N ARG F 325 44.49 -47.92 5.73
CA ARG F 325 43.13 -48.45 5.66
C ARG F 325 43.15 -49.98 5.73
N GLN F 326 44.12 -50.61 5.07
CA GLN F 326 44.26 -52.05 5.17
C GLN F 326 44.53 -52.48 6.61
N LEU F 327 45.40 -51.76 7.32
CA LEU F 327 45.70 -52.10 8.70
C LEU F 327 44.49 -51.86 9.60
N TRP F 328 43.71 -50.83 9.32
CA TRP F 328 42.55 -50.52 10.15
C TRP F 328 41.52 -51.64 10.09
N LEU F 329 41.28 -52.19 8.91
CA LEU F 329 40.27 -53.22 8.73
C LEU F 329 40.66 -54.56 9.35
N LYS F 330 41.90 -54.70 9.81
CA LYS F 330 42.32 -55.87 10.56
C LYS F 330 42.20 -55.67 12.06
N GLY F 331 41.60 -54.55 12.49
CA GLY F 331 41.46 -54.26 13.89
C GLY F 331 42.70 -53.69 14.56
N GLY F 332 43.70 -53.28 13.77
CA GLY F 332 44.93 -52.76 14.36
C GLY F 332 44.82 -51.36 14.93
N LEU F 333 43.82 -50.59 14.51
CA LEU F 333 43.66 -49.21 14.94
C LEU F 333 42.33 -49.02 15.65
N ARG F 334 42.33 -48.12 16.63
CA ARG F 334 41.15 -47.83 17.43
C ARG F 334 40.33 -46.75 16.70
N GLY F 335 39.19 -47.15 16.15
CA GLY F 335 38.32 -46.21 15.48
C GLY F 335 37.13 -46.84 14.80
N THR F 336 36.01 -46.12 14.77
CA THR F 336 34.81 -46.60 14.10
C THR F 336 34.76 -46.17 12.63
N GLN F 337 35.16 -44.93 12.33
CA GLN F 337 35.34 -44.47 10.97
C GLN F 337 36.84 -44.30 10.69
N GLU F 338 37.15 -43.84 9.48
CA GLU F 338 38.54 -43.66 9.08
C GLU F 338 39.17 -42.45 9.77
N ASP F 339 38.37 -41.39 9.99
CA ASP F 339 38.94 -40.14 10.48
C ASP F 339 39.54 -40.29 11.87
N GLN F 340 38.85 -41.00 12.77
CA GLN F 340 39.40 -41.21 14.10
C GLN F 340 40.50 -42.25 14.10
N ALA F 341 40.49 -43.16 13.13
CA ALA F 341 41.50 -44.21 13.07
C ALA F 341 42.89 -43.63 12.80
N PHE F 342 43.00 -42.81 11.77
CA PHE F 342 44.29 -42.23 11.40
C PHE F 342 44.05 -41.01 10.54
N GLU F 343 45.12 -40.26 10.29
CA GLU F 343 45.05 -39.07 9.45
C GLU F 343 46.44 -38.75 8.94
N VAL F 344 46.53 -38.45 7.64
CA VAL F 344 47.80 -38.13 6.99
C VAL F 344 47.67 -36.74 6.37
N LEU F 345 48.65 -35.88 6.65
CA LEU F 345 48.68 -34.52 6.14
C LEU F 345 49.95 -34.33 5.31
N LEU F 346 49.79 -33.82 4.09
CA LEU F 346 50.93 -33.56 3.21
C LEU F 346 50.48 -32.57 2.14
N GLY F 347 51.11 -31.41 2.10
CA GLY F 347 50.77 -30.42 1.10
C GLY F 347 51.57 -29.15 1.32
N VAL F 348 51.39 -28.20 0.40
CA VAL F 348 52.06 -26.91 0.54
C VAL F 348 51.58 -26.20 1.80
N ASP F 349 50.36 -26.48 2.23
CA ASP F 349 49.85 -26.05 3.51
C ASP F 349 49.62 -27.27 4.40
N GLU F 350 49.23 -27.00 5.65
CA GLU F 350 48.86 -27.95 6.71
C GLU F 350 49.98 -28.93 7.01
N SER F 351 51.11 -28.83 6.30
CA SER F 351 52.29 -29.62 6.64
C SER F 351 53.60 -28.86 6.55
N MET F 352 53.66 -27.72 5.87
CA MET F 352 54.90 -26.97 5.67
C MET F 352 54.52 -25.61 5.08
N ARG F 353 55.53 -24.86 4.66
CA ARG F 353 55.35 -23.55 4.05
C ARG F 353 56.14 -23.50 2.74
N GLU F 354 56.06 -22.35 2.06
CA GLU F 354 56.83 -22.18 0.83
C GLU F 354 58.32 -22.19 1.10
N ALA F 355 58.75 -21.63 2.23
CA ALA F 355 60.18 -21.61 2.55
C ALA F 355 60.72 -23.02 2.74
N ASP F 356 59.87 -23.95 3.15
CA ASP F 356 60.32 -25.34 3.33
C ASP F 356 60.64 -25.99 1.98
N LEU F 357 59.82 -25.72 0.97
CA LEU F 357 60.09 -26.26 -0.37
C LEU F 357 61.41 -25.73 -0.91
N ARG F 358 61.65 -24.42 -0.76
CA ARG F 358 62.88 -23.84 -1.26
C ARG F 358 64.08 -24.30 -0.43
N ALA F 359 63.83 -24.76 0.79
CA ALA F 359 64.88 -25.41 1.57
C ALA F 359 65.10 -26.84 1.12
N GLY F 360 64.14 -27.44 0.43
CA GLY F 360 64.30 -28.76 -0.14
C GLY F 360 63.83 -29.92 0.71
N LYS F 361 62.99 -29.69 1.71
CA LYS F 361 62.52 -30.75 2.59
C LYS F 361 61.00 -30.88 2.51
N MET F 362 60.53 -32.13 2.56
CA MET F 362 59.11 -32.44 2.54
C MET F 362 58.71 -32.99 3.91
N ILE F 363 57.60 -32.48 4.45
CA ILE F 363 57.17 -32.81 5.80
C ILE F 363 55.83 -33.54 5.72
N ILE F 364 55.75 -34.70 6.33
CA ILE F 364 54.53 -35.51 6.38
C ILE F 364 54.15 -35.73 7.84
N LYS F 365 52.90 -35.43 8.17
CA LYS F 365 52.39 -35.60 9.52
C LYS F 365 51.36 -36.72 9.54
N ILE F 366 51.57 -37.69 10.43
CA ILE F 366 50.69 -38.84 10.56
C ILE F 366 50.23 -38.95 12.00
N ARG F 367 48.91 -39.05 12.19
CA ARG F 367 48.32 -39.22 13.50
C ARG F 367 47.73 -40.63 13.61
N LEU F 368 47.90 -41.24 14.78
CA LEU F 368 47.48 -42.62 15.00
C LEU F 368 46.70 -42.74 16.29
N ALA F 369 45.91 -43.81 16.39
CA ALA F 369 45.14 -44.13 17.58
C ALA F 369 45.36 -45.60 17.90
N VAL F 370 46.13 -45.86 18.96
CA VAL F 370 46.50 -47.22 19.34
C VAL F 370 45.41 -47.84 20.21
N LEU F 371 45.44 -49.16 20.37
CA LEU F 371 44.49 -49.87 21.21
C LEU F 371 45.01 -49.98 22.64
N ILE F 372 44.12 -50.41 23.53
CA ILE F 372 44.43 -50.60 24.93
C ILE F 372 44.00 -52.02 25.31
N PRO F 373 44.88 -52.82 25.93
CA PRO F 373 44.54 -54.21 26.30
C PRO F 373 43.51 -54.29 27.42
N ILE G 24 46.32 -34.21 -60.95
CA ILE G 24 47.22 -35.16 -60.33
C ILE G 24 48.66 -34.91 -60.77
N GLY G 25 49.61 -35.41 -59.98
CA GLY G 25 51.01 -35.21 -60.27
C GLY G 25 51.49 -35.92 -61.51
N ILE G 26 51.86 -35.15 -62.54
CA ILE G 26 52.39 -35.73 -63.78
C ILE G 26 53.88 -35.41 -63.85
N PRO G 27 54.75 -36.38 -63.58
CA PRO G 27 56.18 -36.09 -63.55
C PRO G 27 56.76 -35.87 -64.94
N VAL G 28 57.88 -35.16 -64.97
CA VAL G 28 58.66 -34.95 -66.18
C VAL G 28 60.08 -35.42 -65.92
N PHE G 29 60.66 -36.08 -66.92
CA PHE G 29 62.01 -36.62 -66.82
C PHE G 29 62.96 -35.78 -67.67
N ILE G 30 64.03 -35.29 -67.05
CA ILE G 30 65.03 -34.48 -67.71
C ILE G 30 66.34 -35.25 -67.72
N GLY G 31 66.90 -35.47 -68.91
CA GLY G 31 68.15 -36.19 -69.01
C GLY G 31 68.59 -36.30 -70.45
N TYR G 32 69.78 -36.86 -70.63
CA TYR G 32 70.32 -37.11 -71.95
C TYR G 32 69.78 -38.42 -72.49
N THR G 33 69.44 -38.43 -73.78
CA THR G 33 68.80 -39.57 -74.42
C THR G 33 69.60 -40.00 -75.63
N SER G 34 69.74 -41.32 -75.81
CA SER G 34 70.60 -41.85 -76.86
C SER G 34 70.13 -41.39 -78.24
N SER G 35 68.82 -41.39 -78.47
CA SER G 35 68.26 -40.90 -79.72
C SER G 35 68.03 -39.40 -79.59
N PRO G 36 68.73 -38.56 -80.35
CA PRO G 36 68.48 -37.12 -80.28
C PRO G 36 67.07 -36.78 -80.75
N VAL G 37 66.47 -35.79 -80.10
CA VAL G 37 65.13 -35.31 -80.42
C VAL G 37 65.14 -33.79 -80.34
N ASP G 38 63.97 -33.20 -80.58
CA ASP G 38 63.83 -31.75 -80.51
C ASP G 38 63.89 -31.28 -79.06
N LYS G 39 63.79 -29.97 -78.88
CA LYS G 39 63.89 -29.36 -77.55
C LYS G 39 62.56 -29.32 -76.82
N THR G 40 61.53 -29.96 -77.35
CA THR G 40 60.22 -30.03 -76.71
C THR G 40 60.02 -31.41 -76.09
N ALA G 41 59.11 -31.47 -75.12
CA ALA G 41 58.84 -32.70 -74.41
C ALA G 41 57.86 -33.57 -75.20
N ILE G 42 57.72 -34.81 -74.75
CA ILE G 42 56.84 -35.79 -75.38
C ILE G 42 55.90 -36.36 -74.33
N LYS G 43 54.78 -36.89 -74.80
CA LYS G 43 53.74 -37.45 -73.94
C LYS G 43 53.81 -38.97 -74.03
N LEU G 44 53.95 -39.62 -72.87
CA LEU G 44 54.05 -41.08 -72.79
C LEU G 44 52.99 -41.60 -71.85
N HIS G 45 52.19 -42.56 -72.33
CA HIS G 45 51.19 -43.24 -71.51
C HIS G 45 51.52 -44.70 -71.24
N SER G 46 52.50 -45.27 -71.94
CA SER G 46 52.89 -46.65 -71.74
C SER G 46 54.31 -46.84 -72.26
N LEU G 47 54.92 -47.95 -71.85
CA LEU G 47 56.27 -48.26 -72.30
C LEU G 47 56.33 -48.49 -73.80
N ALA G 48 55.23 -48.92 -74.42
CA ALA G 48 55.20 -49.08 -75.87
C ALA G 48 55.40 -47.73 -76.57
N ASP G 49 54.75 -46.68 -76.08
CA ASP G 49 54.98 -45.35 -76.63
C ASP G 49 56.41 -44.90 -76.38
N PHE G 50 56.98 -45.24 -75.22
CA PHE G 50 58.38 -44.94 -74.96
C PHE G 50 59.28 -45.66 -75.95
N ALA G 51 59.01 -46.94 -76.22
CA ALA G 51 59.79 -47.69 -77.20
C ALA G 51 59.57 -47.14 -78.60
N ARG G 52 58.34 -46.69 -78.89
CA ARG G 52 58.04 -46.14 -80.20
C ARG G 52 58.87 -44.90 -80.51
N SER G 53 59.17 -44.10 -79.49
CA SER G 53 59.94 -42.87 -79.69
C SER G 53 61.41 -43.05 -79.35
N PHE G 54 61.74 -43.94 -78.42
CA PHE G 54 63.08 -44.04 -77.86
C PHE G 54 63.60 -45.46 -77.97
N PRO G 55 64.91 -45.62 -78.11
CA PRO G 55 65.50 -46.96 -78.03
C PRO G 55 65.77 -47.38 -76.59
N GLU G 56 65.90 -48.68 -76.40
CA GLU G 56 66.07 -49.26 -75.08
C GLU G 56 67.53 -49.12 -74.62
N SER G 57 67.74 -49.39 -73.32
CA SER G 57 69.05 -49.40 -72.66
C SER G 57 69.55 -47.99 -72.38
N GLY G 58 69.73 -47.67 -71.12
CA GLY G 58 70.11 -46.34 -70.68
C GLY G 58 69.59 -46.14 -69.27
N LEU G 59 70.25 -45.22 -68.53
CA LEU G 59 69.90 -45.02 -67.12
C LEU G 59 68.49 -44.47 -66.97
N MET G 60 68.18 -43.39 -67.69
CA MET G 60 66.85 -42.79 -67.57
C MET G 60 65.76 -43.64 -68.21
N TYR G 61 66.10 -44.43 -69.23
CA TYR G 61 65.13 -45.41 -69.72
C TYR G 61 64.83 -46.48 -68.68
N TYR G 62 65.85 -46.92 -67.93
CA TYR G 62 65.60 -47.91 -66.89
C TYR G 62 64.71 -47.36 -65.79
N SER G 63 64.94 -46.11 -65.38
CA SER G 63 64.09 -45.48 -64.38
C SER G 63 62.67 -45.28 -64.92
N VAL G 64 62.54 -44.90 -66.19
CA VAL G 64 61.22 -44.77 -66.80
C VAL G 64 60.50 -46.11 -66.76
N ARG G 65 61.21 -47.20 -67.07
CA ARG G 65 60.63 -48.54 -66.90
C ARG G 65 60.27 -48.79 -65.45
N HIS G 66 61.14 -48.38 -64.53
CA HIS G 66 60.87 -48.57 -63.11
C HIS G 66 59.63 -47.79 -62.68
N PHE G 67 59.47 -46.56 -63.19
CA PHE G 67 58.29 -45.77 -62.86
C PHE G 67 57.01 -46.43 -63.37
N PHE G 68 57.03 -46.89 -64.63
CA PHE G 68 55.85 -47.54 -65.19
C PHE G 68 55.55 -48.85 -64.48
N GLU G 69 56.58 -49.62 -64.14
CA GLU G 69 56.37 -50.94 -63.55
C GLU G 69 55.90 -50.85 -62.10
N ASN G 70 56.14 -49.73 -61.43
CA ASN G 70 55.61 -49.55 -60.08
C ASN G 70 54.14 -49.16 -60.08
N GLY G 71 53.59 -48.76 -61.23
CA GLY G 71 52.20 -48.36 -61.31
C GLY G 71 52.02 -46.98 -61.91
N GLY G 72 53.07 -46.45 -62.53
CA GLY G 72 52.97 -45.15 -63.17
C GLY G 72 52.10 -45.21 -64.41
N GLN G 73 51.25 -44.20 -64.58
CA GLN G 73 50.32 -44.17 -65.71
C GLN G 73 50.90 -43.37 -66.88
N GLN G 74 51.21 -42.09 -66.66
CA GLN G 74 51.70 -41.24 -67.72
C GLN G 74 52.76 -40.30 -67.18
N ALA G 75 53.65 -39.85 -68.07
CA ALA G 75 54.75 -38.96 -67.70
C ALA G 75 55.30 -38.33 -68.96
N TYR G 76 56.11 -37.28 -68.75
CA TYR G 76 56.77 -36.57 -69.85
C TYR G 76 58.26 -36.88 -69.83
N VAL G 77 58.90 -36.65 -70.98
CA VAL G 77 60.34 -36.83 -71.13
C VAL G 77 60.90 -35.65 -71.90
N LEU G 78 61.95 -35.04 -71.37
CA LEU G 78 62.63 -33.92 -72.02
C LEU G 78 64.11 -34.23 -72.11
N SER G 79 64.72 -33.91 -73.26
CA SER G 79 66.11 -34.26 -73.53
C SER G 79 66.92 -32.99 -73.71
N LEU G 80 67.98 -32.85 -72.90
CA LEU G 80 68.94 -31.78 -73.13
C LEU G 80 69.88 -32.08 -74.28
N GLY G 81 70.23 -33.35 -74.46
CA GLY G 81 71.12 -33.73 -75.52
C GLY G 81 71.19 -35.24 -75.65
N THR G 82 72.20 -35.71 -76.38
CA THR G 82 72.38 -37.14 -76.56
C THR G 82 73.14 -37.75 -75.39
N GLU G 83 73.01 -39.06 -75.24
CA GLU G 83 73.59 -39.74 -74.08
C GLU G 83 75.11 -39.66 -74.07
N GLN G 84 75.74 -39.55 -75.24
CA GLN G 84 77.19 -39.62 -75.30
C GLN G 84 77.88 -38.33 -74.86
N GLN G 85 77.18 -37.20 -74.87
CA GLN G 85 77.81 -35.93 -74.52
C GLN G 85 77.66 -35.58 -73.04
N LEU G 86 78.07 -36.51 -72.17
CA LEU G 86 78.19 -36.23 -70.75
C LEU G 86 79.63 -35.80 -70.46
N SER G 87 79.79 -34.65 -69.81
CA SER G 87 81.10 -34.07 -69.59
C SER G 87 81.51 -34.06 -68.12
N ASP G 88 80.72 -33.44 -67.25
CA ASP G 88 81.07 -33.31 -65.84
C ASP G 88 79.86 -32.74 -65.10
N PHE G 89 80.02 -32.58 -63.77
CA PHE G 89 78.93 -32.08 -62.94
C PHE G 89 78.56 -30.65 -63.32
N SER G 90 79.55 -29.79 -63.54
CA SER G 90 79.26 -28.40 -63.87
C SER G 90 78.57 -28.29 -65.22
N SER G 91 78.94 -29.17 -66.16
CA SER G 91 78.27 -29.18 -67.47
C SER G 91 76.80 -29.55 -67.31
N LEU G 92 76.50 -30.53 -66.45
CA LEU G 92 75.11 -30.93 -66.25
C LEU G 92 74.30 -29.79 -65.63
N ILE G 93 74.87 -29.10 -64.63
CA ILE G 93 74.17 -27.98 -64.01
C ILE G 93 73.98 -26.85 -65.01
N THR G 94 75.02 -26.54 -65.78
CA THR G 94 74.91 -25.47 -66.77
C THR G 94 73.86 -25.82 -67.83
N ALA G 95 73.80 -27.08 -68.24
CA ALA G 95 72.77 -27.51 -69.18
C ALA G 95 71.37 -27.37 -68.58
N LEU G 96 71.24 -27.62 -67.28
CA LEU G 96 69.94 -27.49 -66.62
C LEU G 96 69.52 -26.04 -66.48
N GLN G 97 70.45 -25.09 -66.61
CA GLN G 97 70.14 -23.67 -66.45
C GLN G 97 69.76 -23.00 -67.76
N GLN G 98 69.68 -23.74 -68.87
CA GLN G 98 69.30 -23.14 -70.14
C GLN G 98 67.85 -22.67 -70.08
N ALA G 99 67.56 -21.57 -70.78
CA ALA G 99 66.28 -20.89 -70.64
C ALA G 99 65.13 -21.70 -71.24
N TRP G 100 65.40 -22.47 -72.30
CA TRP G 100 64.31 -23.10 -73.04
C TRP G 100 63.60 -24.16 -72.22
N LEU G 101 64.28 -24.79 -71.24
CA LEU G 101 63.61 -25.76 -70.39
C LEU G 101 62.53 -25.10 -69.54
N ALA G 102 62.82 -23.93 -68.98
CA ALA G 102 61.85 -23.25 -68.13
C ALA G 102 60.59 -22.88 -68.91
N GLN G 103 60.76 -22.41 -70.15
CA GLN G 103 59.61 -22.04 -70.96
C GLN G 103 58.76 -23.25 -71.31
N THR G 104 59.39 -24.39 -71.62
CA THR G 104 58.65 -25.57 -72.04
C THR G 104 57.76 -26.10 -70.92
N ILE G 105 58.31 -26.25 -69.72
CA ILE G 105 57.50 -26.72 -68.60
C ILE G 105 56.46 -25.69 -68.20
N ALA G 106 56.80 -24.40 -68.30
CA ALA G 106 55.80 -23.38 -68.04
C ALA G 106 54.65 -23.44 -69.04
N ALA G 107 54.97 -23.66 -70.31
CA ALA G 107 53.93 -23.75 -71.33
C ALA G 107 53.06 -24.99 -71.15
N GLU G 108 53.69 -26.15 -70.93
CA GLU G 108 52.96 -27.40 -70.74
C GLU G 108 52.32 -27.37 -69.36
N ASN G 109 50.99 -27.31 -69.32
CA ASN G 109 50.31 -26.96 -68.09
C ASN G 109 50.31 -28.10 -67.07
N ASP G 110 50.14 -29.34 -67.52
CA ASP G 110 49.83 -30.43 -66.61
C ASP G 110 51.06 -31.04 -65.93
N ILE G 111 52.26 -30.51 -66.16
CA ILE G 111 53.44 -31.02 -65.47
C ILE G 111 53.44 -30.54 -64.02
N THR G 112 53.70 -31.47 -63.11
CA THR G 112 53.68 -31.17 -61.67
C THR G 112 54.99 -31.49 -60.98
N LEU G 113 55.65 -32.58 -61.34
CA LEU G 113 56.87 -33.01 -60.67
C LEU G 113 58.05 -33.00 -61.65
N ILE G 114 59.24 -32.76 -61.12
CA ILE G 114 60.46 -32.70 -61.91
C ILE G 114 61.43 -33.75 -61.37
N ILE G 115 61.96 -34.57 -62.28
CA ILE G 115 62.85 -35.67 -61.93
C ILE G 115 64.11 -35.57 -62.79
N THR G 116 65.28 -35.69 -62.15
CA THR G 116 66.56 -35.67 -62.84
C THR G 116 67.38 -36.86 -62.36
N PRO G 117 67.17 -38.05 -62.96
CA PRO G 117 67.90 -39.23 -62.51
C PRO G 117 69.34 -39.32 -62.98
N ASP G 118 69.79 -38.41 -63.85
CA ASP G 118 71.13 -38.50 -64.42
C ASP G 118 72.23 -38.13 -63.43
N VAL G 119 71.90 -37.65 -62.24
CA VAL G 119 72.91 -37.32 -61.25
C VAL G 119 73.67 -38.53 -60.75
N ILE G 120 73.16 -39.74 -61.01
CA ILE G 120 73.82 -40.96 -60.56
C ILE G 120 75.13 -41.18 -61.30
N ARG G 121 75.18 -40.83 -62.59
CA ARG G 121 76.30 -41.16 -63.46
C ARG G 121 77.60 -40.48 -63.07
N PHE G 122 77.63 -39.69 -61.99
CA PHE G 122 78.82 -38.97 -61.59
C PHE G 122 79.32 -39.51 -60.26
N ASP G 123 80.63 -39.77 -60.19
CA ASP G 123 81.22 -40.39 -59.02
C ASP G 123 81.34 -39.41 -57.86
N GLN G 124 81.47 -39.96 -56.64
CA GLN G 124 81.72 -39.17 -55.44
C GLN G 124 83.17 -39.32 -55.03
N THR G 125 84.02 -38.47 -55.62
CA THR G 125 85.45 -38.55 -55.36
C THR G 125 85.79 -38.11 -53.95
N GLU G 126 85.53 -36.84 -53.60
CA GLU G 126 85.91 -36.33 -52.31
C GLU G 126 84.71 -35.63 -51.67
N ILE G 127 84.89 -35.29 -50.39
CA ILE G 127 83.87 -34.58 -49.62
C ILE G 127 84.25 -33.10 -49.45
N SER G 128 85.06 -32.57 -50.35
CA SER G 128 85.55 -31.21 -50.23
C SER G 128 84.43 -30.20 -50.45
N ASP G 129 84.76 -28.93 -50.23
CA ASP G 129 83.78 -27.86 -50.44
C ASP G 129 83.39 -27.74 -51.90
N THR G 130 84.26 -28.18 -52.81
CA THR G 130 83.93 -28.14 -54.24
C THR G 130 82.73 -29.04 -54.55
N GLN G 131 82.71 -30.23 -53.97
CA GLN G 131 81.59 -31.14 -54.19
C GLN G 131 80.34 -30.65 -53.48
N ARG G 132 80.49 -30.11 -52.26
CA ARG G 132 79.33 -29.67 -51.50
C ARG G 132 78.60 -28.54 -52.20
N ASP G 133 79.34 -27.56 -52.74
CA ASP G 133 78.69 -26.45 -53.42
C ASP G 133 77.98 -26.90 -54.68
N LEU G 134 78.56 -27.83 -55.44
CA LEU G 134 77.94 -28.29 -56.67
C LEU G 134 76.59 -28.94 -56.39
N TRP G 135 76.49 -29.72 -55.32
CA TRP G 135 75.21 -30.32 -54.96
C TRP G 135 74.19 -29.25 -54.60
N LEU G 136 74.63 -28.17 -53.96
CA LEU G 136 73.70 -27.11 -53.58
C LEU G 136 73.14 -26.39 -54.81
N GLN G 137 73.98 -26.13 -55.82
CA GLN G 137 73.51 -25.43 -57.01
C GLN G 137 72.56 -26.29 -57.82
N LEU G 138 72.79 -27.61 -57.85
CA LEU G 138 71.87 -28.50 -58.53
C LEU G 138 70.49 -28.44 -57.88
N TRP G 139 70.46 -28.38 -56.56
CA TRP G 139 69.19 -28.19 -55.86
C TRP G 139 68.57 -26.85 -56.19
N GLN G 140 69.39 -25.79 -56.21
CA GLN G 140 68.87 -24.46 -56.53
C GLN G 140 68.42 -24.37 -57.98
N SER G 141 69.18 -24.96 -58.90
CA SER G 141 68.81 -24.92 -60.31
C SER G 141 67.48 -25.63 -60.55
N VAL G 142 67.29 -26.78 -59.92
CA VAL G 142 66.02 -27.50 -60.06
C VAL G 142 64.89 -26.69 -59.45
N LEU G 143 65.12 -26.10 -58.28
CA LEU G 143 64.09 -25.29 -57.63
C LEU G 143 63.75 -24.06 -58.47
N ASN G 144 64.73 -23.52 -59.19
CA ASN G 144 64.44 -22.44 -60.13
C ASN G 144 63.50 -22.90 -61.22
N LEU G 145 63.70 -24.12 -61.72
CA LEU G 145 62.79 -24.67 -62.73
C LEU G 145 61.40 -24.91 -62.13
N CYS G 146 61.32 -25.15 -60.82
CA CYS G 146 60.04 -25.38 -60.18
C CYS G 146 59.25 -24.09 -59.96
N LYS G 147 59.89 -22.93 -60.08
CA LYS G 147 59.23 -21.65 -59.89
C LYS G 147 58.63 -21.10 -61.16
N SER G 148 58.71 -21.82 -62.28
CA SER G 148 58.08 -21.36 -63.51
C SER G 148 56.56 -21.28 -63.34
N ARG G 149 55.97 -22.28 -62.69
CA ARG G 149 54.56 -22.26 -62.34
C ARG G 149 54.40 -22.65 -60.88
N ARG G 150 53.34 -22.14 -60.26
CA ARG G 150 53.04 -22.52 -58.89
C ARG G 150 52.52 -23.94 -58.83
N GLY G 151 52.88 -24.66 -57.77
CA GLY G 151 52.45 -26.03 -57.57
C GLY G 151 53.41 -27.08 -58.07
N ILE G 152 54.50 -26.69 -58.74
CA ILE G 152 55.46 -27.65 -59.24
C ILE G 152 56.41 -28.05 -58.11
N MET G 153 56.49 -29.35 -57.85
CA MET G 153 57.37 -29.90 -56.84
C MET G 153 58.59 -30.54 -57.49
N GLY G 154 59.74 -30.40 -56.86
CA GLY G 154 60.99 -30.96 -57.34
C GLY G 154 61.43 -32.12 -56.46
N LEU G 155 61.84 -33.21 -57.10
CA LEU G 155 62.36 -34.37 -56.40
C LEU G 155 63.87 -34.40 -56.56
N LEU G 156 64.59 -34.41 -55.45
CA LEU G 156 66.03 -34.20 -55.43
C LEU G 156 66.75 -35.44 -54.89
N ASP G 157 68.04 -35.51 -55.18
CA ASP G 157 68.90 -36.58 -54.70
C ASP G 157 69.93 -36.01 -53.73
N ALA G 158 70.64 -36.91 -53.06
CA ALA G 158 71.64 -36.56 -52.05
C ALA G 158 72.94 -37.31 -52.32
N PRO G 159 74.07 -36.77 -51.84
CA PRO G 159 75.34 -37.47 -52.00
C PRO G 159 75.33 -38.82 -51.29
N ASP G 160 76.23 -39.70 -51.73
CA ASP G 160 76.21 -41.08 -51.27
C ASP G 160 76.52 -41.18 -49.78
N ASP G 161 77.60 -40.51 -49.32
CA ASP G 161 77.83 -40.77 -47.91
C ASP G 161 76.99 -39.85 -47.04
N PRO G 162 76.59 -40.31 -45.85
CA PRO G 162 75.81 -39.45 -44.95
C PRO G 162 76.53 -38.19 -44.51
N THR G 163 77.86 -38.21 -44.48
CA THR G 163 78.61 -37.04 -44.02
C THR G 163 78.38 -35.84 -44.91
N LEU G 164 78.54 -36.02 -46.23
CA LEU G 164 78.33 -34.92 -47.16
C LEU G 164 76.86 -34.50 -47.21
N ALA G 165 75.95 -35.47 -47.16
CA ALA G 165 74.53 -35.13 -47.20
C ALA G 165 74.12 -34.29 -46.00
N ALA G 166 74.62 -34.66 -44.80
CA ALA G 166 74.33 -33.87 -43.62
C ALA G 166 74.95 -32.47 -43.73
N LYS G 167 76.14 -32.38 -44.31
CA LYS G 167 76.77 -31.07 -44.50
C LYS G 167 75.95 -30.22 -45.45
N CYS G 168 75.47 -30.80 -46.54
CA CYS G 168 74.67 -30.05 -47.51
C CYS G 168 73.35 -29.61 -46.93
N LEU G 169 72.72 -30.48 -46.13
CA LEU G 169 71.42 -30.14 -45.54
C LEU G 169 71.52 -28.94 -44.61
N GLN G 170 72.56 -28.90 -43.78
CA GLN G 170 72.69 -27.80 -42.82
C GLN G 170 73.09 -26.50 -43.50
N GLN G 171 73.90 -26.57 -44.55
CA GLN G 171 74.47 -25.38 -45.18
C GLN G 171 73.64 -24.85 -46.33
N PHE G 172 72.53 -25.50 -46.68
CA PHE G 172 71.71 -25.03 -47.79
C PHE G 172 70.92 -23.79 -47.38
N SER G 173 71.01 -22.74 -48.19
CA SER G 173 70.35 -21.46 -47.91
C SER G 173 69.57 -21.03 -49.14
N SER G 174 68.25 -21.14 -49.07
CA SER G 174 67.39 -20.73 -50.18
C SER G 174 66.01 -20.43 -49.65
N ALA G 175 65.32 -19.50 -50.33
CA ALA G 175 63.95 -19.17 -49.98
C ALA G 175 62.93 -20.11 -50.61
N ASP G 176 63.38 -21.06 -51.44
CA ASP G 176 62.49 -22.00 -52.11
C ASP G 176 62.58 -23.40 -51.50
N ARG G 177 62.99 -23.50 -50.23
CA ARG G 177 63.05 -24.80 -49.55
C ARG G 177 61.69 -25.47 -49.48
N GLN G 178 60.61 -24.70 -49.60
CA GLN G 178 59.26 -25.26 -49.47
C GLN G 178 58.94 -26.22 -50.61
N TRP G 179 59.51 -25.99 -51.78
CA TRP G 179 59.18 -26.77 -52.98
C TRP G 179 60.11 -27.95 -53.23
N GLY G 180 61.05 -28.23 -52.33
CA GLY G 180 62.06 -29.25 -52.55
C GLY G 180 61.83 -30.46 -51.66
N VAL G 181 61.91 -31.64 -52.28
CA VAL G 181 61.84 -32.92 -51.59
C VAL G 181 63.03 -33.76 -52.03
N VAL G 182 63.75 -34.34 -51.08
CA VAL G 182 64.96 -35.10 -51.34
C VAL G 182 64.81 -36.52 -50.80
N TYR G 183 65.31 -37.49 -51.56
CA TYR G 183 65.25 -38.89 -51.18
C TYR G 183 66.65 -39.49 -51.20
N TRP G 184 66.89 -40.44 -50.30
CA TRP G 184 68.21 -41.02 -50.11
C TRP G 184 68.05 -42.35 -49.39
N PRO G 185 68.91 -43.35 -49.69
CA PRO G 185 70.00 -43.37 -50.66
C PRO G 185 69.59 -43.89 -52.02
N LEU G 186 70.56 -44.22 -52.87
CA LEU G 186 70.27 -44.82 -54.16
C LEU G 186 69.76 -46.24 -53.98
N LEU G 187 69.12 -46.75 -55.03
CA LEU G 187 68.48 -48.07 -54.99
C LEU G 187 69.02 -48.94 -56.11
N LYS G 188 69.11 -50.24 -55.84
CA LYS G 188 69.47 -51.23 -56.84
C LYS G 188 68.26 -52.10 -57.15
N SER G 189 68.10 -52.46 -58.43
CA SER G 189 66.94 -53.19 -58.88
C SER G 189 67.37 -54.44 -59.64
N ALA G 190 66.38 -55.28 -59.96
CA ALA G 190 66.63 -56.54 -60.65
C ALA G 190 67.06 -56.35 -62.09
N TYR G 191 66.93 -55.15 -62.65
CA TYR G 191 67.33 -54.92 -64.03
C TYR G 191 68.84 -55.07 -64.18
N GLN G 192 69.24 -55.68 -65.30
CA GLN G 192 70.65 -55.98 -65.56
C GLN G 192 71.02 -55.50 -66.96
N ASP G 193 72.29 -55.12 -67.11
CA ASP G 193 72.84 -54.76 -68.41
C ASP G 193 73.27 -56.05 -69.13
N ASN G 194 73.99 -55.89 -70.25
CA ASN G 194 74.57 -57.05 -70.91
C ASN G 194 75.53 -57.79 -69.98
N THR G 195 76.37 -57.04 -69.26
CA THR G 195 77.10 -57.60 -68.14
C THR G 195 76.15 -57.75 -66.95
N GLN G 196 76.36 -58.81 -66.17
CA GLN G 196 75.44 -59.14 -65.07
C GLN G 196 75.81 -58.31 -63.83
N ASN G 197 75.41 -57.05 -63.87
CA ASN G 197 75.57 -56.14 -62.74
C ASN G 197 74.24 -55.48 -62.41
N PRO G 198 73.88 -55.41 -61.12
CA PRO G 198 72.61 -54.78 -60.75
C PRO G 198 72.62 -53.29 -61.09
N ILE G 199 71.52 -52.83 -61.69
CA ILE G 199 71.42 -51.43 -62.08
C ILE G 199 71.04 -50.59 -60.87
N VAL G 200 71.82 -49.55 -60.62
CA VAL G 200 71.57 -48.64 -59.51
C VAL G 200 70.67 -47.51 -60.01
N LEU G 201 69.53 -47.32 -59.35
CA LEU G 201 68.54 -46.34 -59.77
C LEU G 201 68.19 -45.44 -58.59
N SER G 202 67.89 -44.18 -58.91
CA SER G 202 67.49 -43.23 -57.89
C SER G 202 66.06 -43.52 -57.43
N PRO G 203 65.77 -43.33 -56.14
CA PRO G 203 64.40 -43.61 -55.66
C PRO G 203 63.37 -42.59 -56.12
N THR G 204 63.79 -41.52 -56.79
CA THR G 204 62.83 -40.50 -57.24
C THR G 204 61.82 -41.08 -58.23
N ALA G 205 62.28 -41.96 -59.13
CA ALA G 205 61.37 -42.58 -60.08
C ALA G 205 60.34 -43.45 -59.37
N ALA G 206 60.76 -44.16 -58.33
CA ALA G 206 59.85 -45.07 -57.64
C ALA G 206 58.76 -44.32 -56.90
N VAL G 207 59.11 -43.26 -56.18
CA VAL G 207 58.11 -42.53 -55.40
C VAL G 207 57.12 -41.83 -56.32
N ALA G 208 57.60 -41.33 -57.46
CA ALA G 208 56.72 -40.62 -58.38
C ALA G 208 55.56 -41.49 -58.84
N ALA G 209 55.81 -42.77 -59.09
CA ALA G 209 54.73 -43.69 -59.37
C ALA G 209 53.80 -43.84 -58.18
N VAL G 210 54.36 -43.85 -56.96
CA VAL G 210 53.54 -43.99 -55.76
C VAL G 210 52.60 -42.79 -55.62
N ILE G 211 53.11 -41.58 -55.88
CA ILE G 211 52.25 -40.40 -55.78
C ILE G 211 51.09 -40.48 -56.76
N GLN G 212 51.36 -40.91 -57.99
CA GLN G 212 50.27 -41.09 -58.95
C GLN G 212 49.27 -42.13 -58.46
N ARG G 213 49.76 -43.25 -57.92
CA ARG G 213 48.87 -44.24 -57.34
C ARG G 213 48.16 -43.69 -56.12
N ASN G 214 48.88 -42.96 -55.27
CA ASN G 214 48.26 -42.37 -54.09
C ASN G 214 47.25 -41.28 -54.49
N ASP G 215 47.56 -40.53 -55.53
CA ASP G 215 46.63 -39.49 -55.99
C ASP G 215 45.33 -40.09 -56.49
N ASN G 216 45.41 -41.21 -57.20
CA ASN G 216 44.20 -41.82 -57.76
C ASN G 216 43.44 -42.60 -56.69
N GLN G 217 44.10 -43.56 -56.06
CA GLN G 217 43.42 -44.42 -55.08
C GLN G 217 43.02 -43.64 -53.84
N GLN G 218 43.94 -42.87 -53.27
CA GLN G 218 43.71 -42.23 -51.98
C GLN G 218 43.61 -40.72 -52.03
N GLY G 219 44.10 -40.08 -53.09
CA GLY G 219 44.03 -38.64 -53.20
C GLY G 219 45.34 -37.96 -52.86
N VAL G 220 45.35 -36.64 -53.09
CA VAL G 220 46.56 -35.86 -52.87
C VAL G 220 46.89 -35.73 -51.38
N TRP G 221 45.85 -35.58 -50.55
CA TRP G 221 46.07 -35.33 -49.12
C TRP G 221 46.53 -36.56 -48.36
N THR G 222 46.89 -37.67 -49.01
CA THR G 222 47.42 -38.83 -48.32
C THR G 222 48.92 -38.88 -48.51
N ALA G 223 49.65 -38.97 -47.39
CA ALA G 223 51.10 -38.93 -47.44
C ALA G 223 51.64 -40.17 -48.16
N PRO G 224 52.58 -40.01 -49.09
CA PRO G 224 53.20 -41.14 -49.79
C PRO G 224 54.31 -41.81 -48.99
N ALA G 225 54.05 -42.08 -47.72
CA ALA G 225 54.99 -42.74 -46.83
C ALA G 225 54.36 -44.01 -46.28
N ASN G 226 55.20 -44.85 -45.68
CA ASN G 226 54.78 -46.14 -45.12
C ASN G 226 54.11 -46.99 -46.19
N ILE G 227 54.65 -46.96 -47.40
CA ILE G 227 54.10 -47.68 -48.54
C ILE G 227 55.22 -48.50 -49.18
N ALA G 228 54.85 -49.67 -49.71
CA ALA G 228 55.81 -50.60 -50.26
C ALA G 228 56.14 -50.25 -51.71
N LEU G 229 57.42 -50.37 -52.06
CA LEU G 229 57.86 -50.25 -53.44
C LEU G 229 57.88 -51.63 -54.08
N SER G 230 58.37 -51.70 -55.32
CA SER G 230 58.38 -52.95 -56.06
C SER G 230 59.69 -53.08 -56.83
N LYS G 231 60.10 -54.34 -57.03
CA LYS G 231 61.26 -54.68 -57.86
C LYS G 231 62.51 -53.93 -57.41
N VAL G 232 62.71 -53.86 -56.09
CA VAL G 232 63.90 -53.28 -55.50
C VAL G 232 64.61 -54.36 -54.70
N ILE G 233 65.88 -54.60 -55.02
CA ILE G 233 66.63 -55.63 -54.33
C ILE G 233 66.99 -55.18 -52.92
N SER G 234 67.68 -54.05 -52.81
CA SER G 234 68.11 -53.51 -51.53
C SER G 234 68.58 -52.07 -51.71
N PRO G 235 68.46 -51.23 -50.68
CA PRO G 235 69.07 -49.90 -50.75
C PRO G 235 70.58 -50.01 -50.91
N VAL G 236 71.17 -49.07 -51.67
CA VAL G 236 72.60 -49.13 -51.94
C VAL G 236 73.41 -48.95 -50.67
N ARG G 237 72.81 -48.39 -49.63
CA ARG G 237 73.46 -48.25 -48.33
C ARG G 237 72.53 -48.78 -47.25
N ALA G 238 72.97 -48.62 -46.00
CA ALA G 238 72.33 -49.28 -44.86
C ALA G 238 71.45 -48.32 -44.08
N TYR G 239 70.91 -48.83 -42.97
CA TYR G 239 70.03 -48.06 -42.10
C TYR G 239 70.83 -47.23 -41.10
N ILE G 240 71.76 -47.87 -40.40
CA ILE G 240 72.35 -47.26 -39.20
C ILE G 240 73.06 -45.96 -39.54
N GLU G 241 73.72 -45.91 -40.70
CA GLU G 241 74.43 -44.70 -41.11
C GLU G 241 73.49 -43.53 -41.40
N ALA G 242 72.19 -43.77 -41.51
CA ALA G 242 71.23 -42.74 -41.90
C ALA G 242 70.54 -42.09 -40.71
N ASN G 243 70.96 -42.39 -39.49
CA ASN G 243 70.28 -41.83 -38.32
C ASN G 243 70.46 -40.32 -38.21
N ALA G 244 71.61 -39.80 -38.62
CA ALA G 244 71.90 -38.38 -38.47
C ALA G 244 71.22 -37.50 -39.52
N LEU G 245 70.75 -38.08 -40.63
CA LEU G 245 70.16 -37.26 -41.68
C LEU G 245 68.78 -36.74 -41.31
N PHE G 246 67.94 -37.56 -40.69
CA PHE G 246 66.65 -37.08 -40.23
C PHE G 246 66.84 -36.09 -39.09
N ASN G 247 66.02 -35.04 -39.08
CA ASN G 247 66.12 -33.99 -38.10
C ASN G 247 64.73 -33.54 -37.70
N PRO G 248 64.47 -33.38 -36.39
CA PRO G 248 63.10 -33.08 -35.94
C PRO G 248 62.61 -31.70 -36.35
N ASP G 249 63.45 -30.67 -36.20
CA ASP G 249 62.99 -29.30 -36.45
C ASP G 249 62.87 -29.02 -37.95
N GLY G 250 63.96 -29.19 -38.69
CA GLY G 250 63.95 -28.87 -40.10
C GLY G 250 65.08 -29.54 -40.84
N THR G 251 65.23 -29.14 -42.11
CA THR G 251 66.23 -29.64 -43.06
C THR G 251 66.48 -31.15 -42.91
N SER G 252 65.41 -31.93 -42.86
CA SER G 252 65.54 -33.38 -42.76
C SER G 252 65.45 -34.03 -44.13
N LEU G 253 65.75 -35.32 -44.17
CA LEU G 253 65.64 -36.13 -45.38
C LEU G 253 64.49 -37.11 -45.27
N ASN G 254 64.18 -37.75 -46.39
CA ASN G 254 63.20 -38.83 -46.45
C ASN G 254 63.91 -40.11 -46.83
N LEU G 255 63.70 -41.16 -46.04
CA LEU G 255 64.49 -42.38 -46.13
C LEU G 255 63.74 -43.46 -46.89
N VAL G 256 64.43 -44.15 -47.79
CA VAL G 256 63.97 -45.40 -48.37
C VAL G 256 64.67 -46.53 -47.63
N ARG G 257 63.89 -47.35 -46.92
CA ARG G 257 64.42 -48.26 -45.94
C ARG G 257 63.81 -49.63 -46.10
N SER G 258 64.67 -50.66 -46.07
CA SER G 258 64.22 -52.04 -46.09
C SER G 258 63.75 -52.46 -44.70
N PHE G 259 62.85 -53.43 -44.67
CA PHE G 259 62.23 -53.85 -43.43
C PHE G 259 62.32 -55.36 -43.28
N PRO G 260 62.39 -55.86 -42.04
CA PRO G 260 62.37 -57.31 -41.80
C PRO G 260 60.95 -57.86 -41.89
N GLY G 261 60.69 -58.61 -42.96
CA GLY G 261 59.37 -59.20 -43.14
C GLY G 261 58.30 -58.23 -43.58
N LYS G 262 58.68 -57.06 -44.10
CA LYS G 262 57.72 -56.10 -44.60
C LYS G 262 58.09 -55.51 -45.96
N GLY G 263 59.20 -55.93 -46.56
CA GLY G 263 59.59 -55.43 -47.85
C GLY G 263 60.25 -54.07 -47.77
N ILE G 264 60.55 -53.53 -48.95
CA ILE G 264 61.13 -52.19 -49.04
C ILE G 264 60.04 -51.15 -48.80
N ARG G 265 60.36 -50.16 -47.96
CA ARG G 265 59.38 -49.17 -47.54
C ARG G 265 59.93 -47.77 -47.74
N ILE G 266 59.03 -46.81 -47.89
CA ILE G 266 59.38 -45.39 -47.96
C ILE G 266 59.14 -44.80 -46.58
N TRP G 267 60.20 -44.32 -45.95
CA TRP G 267 60.16 -43.84 -44.56
C TRP G 267 60.48 -42.36 -44.56
N GLY G 268 59.44 -41.52 -44.54
CA GLY G 268 59.63 -40.09 -44.49
C GLY G 268 58.82 -39.32 -45.52
N CYS G 269 58.19 -38.24 -45.09
CA CYS G 269 57.38 -37.41 -45.99
C CYS G 269 57.61 -35.93 -45.74
N ARG G 270 58.84 -35.55 -45.40
CA ARG G 270 59.16 -34.17 -45.07
C ARG G 270 59.90 -33.50 -46.23
N THR G 271 59.61 -32.21 -46.42
CA THR G 271 60.25 -31.41 -47.44
C THR G 271 61.52 -30.77 -46.88
N LEU G 272 62.08 -29.81 -47.59
CA LEU G 272 63.29 -29.13 -47.18
C LEU G 272 63.02 -27.91 -46.30
N GLU G 273 61.78 -27.69 -45.90
CA GLU G 273 61.44 -26.53 -45.08
C GLU G 273 62.14 -26.62 -43.73
N ASN G 274 62.63 -25.47 -43.24
CA ASN G 274 63.42 -25.42 -42.02
C ASN G 274 62.58 -25.13 -40.79
N THR G 275 61.75 -24.08 -40.85
CA THR G 275 60.99 -23.68 -39.67
C THR G 275 60.00 -24.77 -39.27
N HIS G 276 59.95 -25.05 -37.96
CA HIS G 276 59.09 -26.11 -37.45
C HIS G 276 57.62 -25.72 -37.53
N ASP G 277 57.30 -24.44 -37.44
CA ASP G 277 55.93 -23.97 -37.41
C ASP G 277 55.27 -23.95 -38.78
N SER G 278 56.04 -24.03 -39.86
CA SER G 278 55.48 -23.89 -41.19
C SER G 278 54.57 -25.07 -41.51
N PRO G 279 53.45 -24.83 -42.22
CA PRO G 279 52.61 -25.94 -42.68
C PRO G 279 53.14 -26.65 -43.91
N TRP G 280 54.26 -26.19 -44.46
CA TRP G 280 54.84 -26.75 -45.67
C TRP G 280 55.87 -27.84 -45.37
N SER G 281 56.03 -28.22 -44.10
CA SER G 281 57.03 -29.21 -43.72
C SER G 281 56.71 -30.60 -44.25
N TYR G 282 55.50 -30.85 -44.72
CA TYR G 282 55.11 -32.14 -45.26
C TYR G 282 54.72 -32.00 -46.72
N ILE G 283 55.07 -33.02 -47.52
CA ILE G 283 54.84 -32.95 -48.96
C ILE G 283 53.35 -32.96 -49.27
N GLN G 284 52.55 -33.67 -48.49
CA GLN G 284 51.12 -33.75 -48.76
C GLN G 284 50.43 -32.41 -48.52
N THR G 285 50.80 -31.71 -47.45
CA THR G 285 50.17 -30.43 -47.14
C THR G 285 50.48 -29.39 -48.21
N ARG G 286 51.74 -29.35 -48.67
CA ARG G 286 52.11 -28.41 -49.72
C ARG G 286 51.39 -28.75 -51.02
N ARG G 287 51.28 -30.03 -51.35
CA ARG G 287 50.61 -30.42 -52.59
C ARG G 287 49.10 -30.27 -52.49
N LEU G 288 48.54 -30.55 -51.31
CA LEU G 288 47.10 -30.42 -51.13
C LEU G 288 46.66 -28.96 -51.29
N VAL G 289 47.41 -28.03 -50.70
CA VAL G 289 47.07 -26.61 -50.83
C VAL G 289 47.16 -26.18 -52.29
N SER G 290 48.24 -26.57 -52.97
CA SER G 290 48.40 -26.22 -54.38
C SER G 290 47.30 -26.84 -55.23
N TYR G 291 46.85 -28.04 -54.87
CA TYR G 291 45.72 -28.64 -55.57
C TYR G 291 44.46 -27.81 -55.36
N ILE G 292 44.26 -27.29 -54.15
CA ILE G 292 43.15 -26.36 -53.91
C ILE G 292 43.37 -25.07 -54.68
N GLU G 293 44.63 -24.62 -54.78
CA GLU G 293 44.94 -23.41 -55.52
C GLU G 293 44.52 -23.51 -56.98
N ALA G 294 44.81 -24.64 -57.63
CA ALA G 294 44.51 -24.77 -59.05
C ALA G 294 43.01 -24.71 -59.31
N TYR G 295 42.21 -25.39 -58.49
CA TYR G 295 40.76 -25.38 -58.70
C TYR G 295 40.18 -23.99 -58.49
N MET G 296 40.63 -23.29 -57.45
CA MET G 296 40.12 -21.94 -57.18
C MET G 296 40.45 -20.99 -58.31
N THR G 297 41.65 -21.09 -58.87
CA THR G 297 41.99 -20.29 -60.04
C THR G 297 41.11 -20.63 -61.22
N GLN G 298 40.86 -21.93 -61.43
CA GLN G 298 39.98 -22.35 -62.52
C GLN G 298 38.57 -21.82 -62.31
N LEU G 299 38.06 -21.91 -61.09
CA LEU G 299 36.73 -21.39 -60.80
C LEU G 299 36.70 -19.87 -60.92
N GLY G 300 37.74 -19.19 -60.45
CA GLY G 300 37.77 -17.74 -60.49
C GLY G 300 37.85 -17.15 -61.87
N ARG G 301 38.37 -17.91 -62.84
CA ARG G 301 38.46 -17.39 -64.21
C ARG G 301 37.08 -17.12 -64.80
N ALA G 302 36.06 -17.87 -64.37
CA ALA G 302 34.71 -17.64 -64.86
C ALA G 302 34.09 -16.36 -64.32
N PHE G 303 34.72 -15.71 -63.34
CA PHE G 303 34.17 -14.52 -62.70
C PHE G 303 35.00 -13.28 -63.00
N VAL G 304 35.80 -13.29 -64.06
CA VAL G 304 36.82 -12.27 -64.25
C VAL G 304 36.19 -10.89 -64.46
N PHE G 305 35.10 -10.82 -65.21
CA PHE G 305 34.46 -9.54 -65.47
C PHE G 305 32.98 -9.53 -65.05
N GLU G 306 32.61 -10.35 -64.09
CA GLU G 306 31.24 -10.33 -63.60
C GLU G 306 30.97 -9.05 -62.80
N PRO G 307 29.72 -8.62 -62.74
CA PRO G 307 29.38 -7.48 -61.88
C PRO G 307 29.72 -7.76 -60.42
N ASN G 308 30.21 -6.74 -59.74
CA ASN G 308 30.67 -6.89 -58.35
C ASN G 308 29.58 -6.43 -57.39
N ASN G 309 28.59 -7.29 -57.21
CA ASN G 309 27.46 -7.01 -56.33
C ASN G 309 27.17 -8.25 -55.50
N ALA G 310 26.03 -8.22 -54.80
CA ALA G 310 25.71 -9.28 -53.85
C ALA G 310 25.42 -10.60 -54.57
N ILE G 311 24.81 -10.54 -55.75
CA ILE G 311 24.43 -11.76 -56.46
C ILE G 311 25.68 -12.55 -56.83
N THR G 312 26.71 -11.87 -57.34
CA THR G 312 27.94 -12.55 -57.73
C THR G 312 28.64 -13.15 -56.51
N TRP G 313 28.67 -12.42 -55.39
CA TRP G 313 29.32 -12.94 -54.19
C TRP G 313 28.64 -14.21 -53.70
N MET G 314 27.30 -14.23 -53.72
CA MET G 314 26.58 -15.43 -53.29
C MET G 314 26.86 -16.60 -54.21
N LYS G 315 26.93 -16.34 -55.52
CA LYS G 315 27.22 -17.42 -56.48
C LYS G 315 28.61 -17.99 -56.25
N PHE G 316 29.61 -17.12 -56.05
CA PHE G 316 30.96 -17.60 -55.81
C PHE G 316 31.06 -18.34 -54.48
N LYS G 317 30.41 -17.81 -53.44
CA LYS G 317 30.45 -18.45 -52.13
C LYS G 317 29.81 -19.82 -52.17
N GLY G 318 28.68 -19.95 -52.87
CA GLY G 318 28.00 -21.23 -52.92
C GLY G 318 28.82 -22.32 -53.60
N GLN G 319 29.40 -21.98 -54.75
CA GLN G 319 30.21 -22.97 -55.47
C GLN G 319 31.44 -23.37 -54.69
N ALA G 320 32.13 -22.39 -54.08
CA ALA G 320 33.31 -22.69 -53.30
C ALA G 320 32.97 -23.49 -52.05
N HIS G 321 31.88 -23.14 -51.38
CA HIS G 321 31.48 -23.86 -50.18
C HIS G 321 31.12 -25.31 -50.49
N ASN G 322 30.41 -25.53 -51.60
CA ASN G 322 30.01 -26.89 -51.96
C ASN G 322 31.22 -27.77 -52.28
N TRP G 323 32.17 -27.22 -53.03
CA TRP G 323 33.36 -28.00 -53.37
C TRP G 323 34.21 -28.30 -52.14
N LEU G 324 34.36 -27.31 -51.24
CA LEU G 324 35.12 -27.54 -50.01
C LEU G 324 34.41 -28.53 -49.11
N ARG G 325 33.07 -28.47 -49.04
CA ARG G 325 32.32 -29.44 -48.27
C ARG G 325 32.51 -30.84 -48.83
N GLN G 326 32.55 -30.97 -50.15
CA GLN G 326 32.83 -32.26 -50.77
C GLN G 326 34.20 -32.79 -50.35
N LEU G 327 35.21 -31.91 -50.35
CA LEU G 327 36.56 -32.32 -49.96
C LEU G 327 36.62 -32.69 -48.49
N TRP G 328 35.87 -31.98 -47.64
CA TRP G 328 35.89 -32.26 -46.21
C TRP G 328 35.35 -33.65 -45.91
N LEU G 329 34.27 -34.05 -46.59
CA LEU G 329 33.65 -35.34 -46.34
C LEU G 329 34.50 -36.52 -46.81
N LYS G 330 35.58 -36.27 -47.55
CA LYS G 330 36.53 -37.30 -47.92
C LYS G 330 37.69 -37.39 -46.93
N GLY G 331 37.62 -36.66 -45.83
CA GLY G 331 38.69 -36.64 -44.86
C GLY G 331 39.89 -35.79 -45.23
N GLY G 332 39.75 -34.92 -46.23
CA GLY G 332 40.87 -34.10 -46.65
C GLY G 332 41.17 -32.94 -45.73
N LEU G 333 40.22 -32.54 -44.89
CA LEU G 333 40.38 -31.39 -44.01
C LEU G 333 40.23 -31.82 -42.56
N ARG G 334 40.96 -31.13 -41.69
CA ARG G 334 40.96 -31.43 -40.25
C ARG G 334 39.83 -30.63 -39.61
N GLY G 335 38.76 -31.32 -39.22
CA GLY G 335 37.64 -30.67 -38.57
C GLY G 335 36.48 -31.59 -38.27
N THR G 336 35.77 -31.32 -37.17
CA THR G 336 34.59 -32.09 -36.81
C THR G 336 33.31 -31.50 -37.38
N GLN G 337 33.18 -30.18 -37.37
CA GLN G 337 32.11 -29.47 -38.06
C GLN G 337 32.69 -28.74 -39.27
N GLU G 338 31.81 -28.03 -39.98
CA GLU G 338 32.24 -27.28 -41.17
C GLU G 338 33.07 -26.06 -40.78
N ASP G 339 32.72 -25.40 -39.68
CA ASP G 339 33.34 -24.12 -39.35
C ASP G 339 34.84 -24.25 -39.12
N GLN G 340 35.26 -25.29 -38.38
CA GLN G 340 36.69 -25.48 -38.16
C GLN G 340 37.38 -26.05 -39.38
N ALA G 341 36.63 -26.72 -40.26
CA ALA G 341 37.23 -27.32 -41.45
C ALA G 341 37.72 -26.24 -42.41
N PHE G 342 36.87 -25.27 -42.74
CA PHE G 342 37.22 -24.22 -43.67
C PHE G 342 36.27 -23.05 -43.45
N GLU G 343 36.59 -21.93 -44.11
CA GLU G 343 35.78 -20.72 -43.99
C GLU G 343 36.07 -19.82 -45.19
N VAL G 344 35.01 -19.30 -45.80
CA VAL G 344 35.11 -18.45 -46.98
C VAL G 344 34.41 -17.14 -46.68
N LEU G 345 35.09 -16.02 -46.96
CA LEU G 345 34.55 -14.69 -46.75
C LEU G 345 34.57 -13.91 -48.06
N LEU G 346 33.44 -13.29 -48.39
CA LEU G 346 33.33 -12.49 -49.61
C LEU G 346 32.13 -11.58 -49.48
N GLY G 347 32.34 -10.28 -49.52
CA GLY G 347 31.24 -9.34 -49.42
C GLY G 347 31.77 -7.92 -49.35
N VAL G 348 30.83 -6.96 -49.37
CA VAL G 348 31.20 -5.56 -49.27
C VAL G 348 31.91 -5.28 -47.95
N ASP G 349 31.60 -6.07 -46.92
CA ASP G 349 32.32 -6.06 -45.67
C ASP G 349 33.09 -7.37 -45.51
N GLU G 350 33.90 -7.43 -44.46
CA GLU G 350 34.64 -8.60 -44.00
C GLU G 350 35.56 -9.17 -45.08
N SER G 351 35.58 -8.57 -46.26
CA SER G 351 36.55 -8.94 -47.29
C SER G 351 37.14 -7.77 -48.04
N MET G 352 36.54 -6.58 -48.00
CA MET G 352 37.01 -5.42 -48.75
C MET G 352 36.22 -4.22 -48.27
N ARG G 353 36.40 -3.08 -48.94
CA ARG G 353 35.69 -1.85 -48.63
C ARG G 353 35.06 -1.30 -49.89
N GLU G 354 34.34 -0.18 -49.75
CA GLU G 354 33.71 0.45 -50.90
C GLU G 354 34.75 0.98 -51.88
N ALA G 355 35.88 1.45 -51.36
CA ALA G 355 36.94 1.93 -52.24
C ALA G 355 37.51 0.81 -53.11
N ASP G 356 37.46 -0.42 -52.61
CA ASP G 356 37.95 -1.55 -53.40
C ASP G 356 37.05 -1.82 -54.60
N LEU G 357 35.74 -1.68 -54.42
CA LEU G 357 34.81 -1.88 -55.53
C LEU G 357 35.06 -0.87 -56.64
N ARG G 358 35.28 0.39 -56.29
CA ARG G 358 35.59 1.41 -57.29
C ARG G 358 36.92 1.12 -57.96
N ALA G 359 37.88 0.57 -57.22
CA ALA G 359 39.14 0.15 -57.82
C ALA G 359 38.95 -1.03 -58.77
N GLY G 360 37.85 -1.76 -58.65
CA GLY G 360 37.53 -2.83 -59.55
C GLY G 360 38.08 -4.20 -59.21
N LYS G 361 38.48 -4.42 -57.96
CA LYS G 361 39.04 -5.70 -57.56
C LYS G 361 38.15 -6.37 -56.53
N MET G 362 38.05 -7.70 -56.63
CA MET G 362 37.28 -8.52 -55.70
C MET G 362 38.24 -9.33 -54.85
N ILE G 363 38.01 -9.34 -53.54
CA ILE G 363 38.89 -9.99 -52.59
C ILE G 363 38.14 -11.13 -51.93
N ILE G 364 38.71 -12.33 -51.99
CA ILE G 364 38.14 -13.52 -51.38
C ILE G 364 39.16 -14.09 -50.41
N LYS G 365 38.73 -14.34 -49.17
CA LYS G 365 39.59 -14.86 -48.13
C LYS G 365 39.14 -16.27 -47.76
N ILE G 366 40.06 -17.23 -47.85
CA ILE G 366 39.78 -18.63 -47.58
C ILE G 366 40.72 -19.12 -46.50
N ARG G 367 40.15 -19.72 -45.46
CA ARG G 367 40.93 -20.30 -44.36
C ARG G 367 40.82 -21.81 -44.41
N LEU G 368 41.93 -22.49 -44.14
CA LEU G 368 42.00 -23.94 -44.24
C LEU G 368 42.64 -24.53 -42.99
N ALA G 369 42.40 -25.82 -42.77
CA ALA G 369 42.99 -26.56 -41.68
C ALA G 369 43.49 -27.89 -42.23
N VAL G 370 44.81 -28.03 -42.37
CA VAL G 370 45.42 -29.20 -42.98
C VAL G 370 45.61 -30.29 -41.95
N LEU G 371 45.84 -31.52 -42.40
CA LEU G 371 46.09 -32.65 -41.53
C LEU G 371 47.56 -32.77 -41.21
N ILE G 372 47.87 -33.61 -40.23
CA ILE G 372 49.23 -33.88 -39.78
C ILE G 372 49.46 -35.38 -39.87
N PRO G 373 50.52 -35.84 -40.53
CA PRO G 373 50.79 -37.28 -40.68
C PRO G 373 51.19 -37.94 -39.37
N ILE H 24 -22.51 -4.97 -80.60
CA ILE H 24 -21.41 -5.61 -81.32
C ILE H 24 -21.01 -4.76 -82.52
N GLY H 25 -19.80 -5.00 -83.03
CA GLY H 25 -19.29 -4.24 -84.15
C GLY H 25 -19.99 -4.54 -85.46
N ILE H 26 -20.71 -3.55 -85.98
CA ILE H 26 -21.39 -3.70 -87.26
C ILE H 26 -20.65 -2.84 -88.29
N PRO H 27 -19.86 -3.44 -89.17
CA PRO H 27 -19.07 -2.66 -90.12
C PRO H 27 -19.93 -2.04 -91.22
N VAL H 28 -19.40 -0.97 -91.79
CA VAL H 28 -19.99 -0.30 -92.93
C VAL H 28 -18.97 -0.26 -94.05
N PHE H 29 -19.42 -0.48 -95.28
CA PHE H 29 -18.55 -0.50 -96.45
C PHE H 29 -18.80 0.76 -97.27
N ILE H 30 -17.73 1.50 -97.55
CA ILE H 30 -17.81 2.72 -98.34
C ILE H 30 -17.03 2.51 -99.63
N GLY H 31 -17.70 2.71 -100.75
CA GLY H 31 -17.06 2.52 -102.04
C GLY H 31 -18.04 2.77 -103.16
N TYR H 32 -17.51 2.71 -104.39
CA TYR H 32 -18.32 2.88 -105.59
C TYR H 32 -18.97 1.56 -105.96
N THR H 33 -20.23 1.64 -106.39
CA THR H 33 -21.02 0.46 -106.73
C THR H 33 -21.50 0.55 -108.17
N SER H 34 -21.45 -0.57 -108.88
CA SER H 34 -21.81 -0.58 -110.30
C SER H 34 -23.24 -0.12 -110.51
N SER H 35 -24.16 -0.58 -109.65
CA SER H 35 -25.55 -0.14 -109.71
C SER H 35 -25.69 1.13 -108.88
N PRO H 36 -25.98 2.28 -109.49
CA PRO H 36 -26.17 3.50 -108.69
C PRO H 36 -27.35 3.37 -107.74
N VAL H 37 -27.21 3.94 -106.56
CA VAL H 37 -28.23 3.94 -105.53
C VAL H 37 -28.28 5.33 -104.89
N ASP H 38 -29.19 5.49 -103.93
CA ASP H 38 -29.32 6.76 -103.24
C ASP H 38 -28.13 6.99 -102.31
N LYS H 39 -28.13 8.12 -101.62
CA LYS H 39 -27.05 8.51 -100.74
C LYS H 39 -27.17 7.94 -99.34
N THR H 40 -28.14 7.06 -99.11
CA THR H 40 -28.33 6.42 -97.82
C THR H 40 -27.81 4.98 -97.86
N ALA H 41 -27.47 4.47 -96.69
CA ALA H 41 -26.93 3.12 -96.58
C ALA H 41 -28.05 2.09 -96.62
N ILE H 42 -27.65 0.82 -96.76
CA ILE H 42 -28.58 -0.30 -96.82
C ILE H 42 -28.18 -1.33 -95.77
N LYS H 43 -29.15 -2.16 -95.38
CA LYS H 43 -28.96 -3.19 -94.38
C LYS H 43 -28.87 -4.54 -95.07
N LEU H 44 -27.78 -5.26 -94.81
CA LEU H 44 -27.54 -6.57 -95.42
C LEU H 44 -27.30 -7.60 -94.33
N HIS H 45 -28.06 -8.69 -94.36
CA HIS H 45 -27.87 -9.80 -93.44
C HIS H 45 -27.35 -11.06 -94.11
N SER H 46 -27.35 -11.11 -95.44
CA SER H 46 -26.85 -12.27 -96.16
C SER H 46 -26.49 -11.84 -97.58
N LEU H 47 -25.72 -12.71 -98.25
CA LEU H 47 -25.33 -12.43 -99.63
C LEU H 47 -26.53 -12.37 -100.57
N ALA H 48 -27.62 -13.08 -100.23
CA ALA H 48 -28.83 -13.00 -101.04
C ALA H 48 -29.40 -11.59 -101.05
N ASP H 49 -29.42 -10.94 -99.88
CA ASP H 49 -29.86 -9.55 -99.83
C ASP H 49 -28.91 -8.64 -100.60
N PHE H 50 -27.62 -8.93 -100.54
CA PHE H 50 -26.64 -8.18 -101.33
C PHE H 50 -26.91 -8.34 -102.82
N ALA H 51 -27.17 -9.57 -103.27
CA ALA H 51 -27.51 -9.80 -104.66
C ALA H 51 -28.84 -9.16 -105.02
N ARG H 52 -29.79 -9.16 -104.08
CA ARG H 52 -31.09 -8.54 -104.33
C ARG H 52 -30.96 -7.06 -104.59
N SER H 53 -29.97 -6.40 -103.99
CA SER H 53 -29.79 -4.97 -104.16
C SER H 53 -28.70 -4.63 -105.17
N PHE H 54 -27.68 -5.46 -105.28
CA PHE H 54 -26.50 -5.15 -106.08
C PHE H 54 -26.20 -6.27 -107.06
N PRO H 55 -25.60 -5.94 -108.21
CA PRO H 55 -25.11 -6.98 -109.12
C PRO H 55 -23.72 -7.45 -108.73
N GLU H 56 -23.39 -8.66 -109.18
CA GLU H 56 -22.14 -9.32 -108.83
C GLU H 56 -20.98 -8.74 -109.63
N SER H 57 -19.77 -9.09 -109.21
CA SER H 57 -18.49 -8.74 -109.85
C SER H 57 -18.11 -7.30 -109.55
N GLY H 58 -16.99 -7.12 -108.86
CA GLY H 58 -16.54 -5.82 -108.40
C GLY H 58 -15.66 -6.03 -107.18
N LEU H 59 -14.78 -5.07 -106.92
CA LEU H 59 -13.82 -5.22 -105.84
C LEU H 59 -14.51 -5.24 -104.49
N MET H 60 -15.37 -4.27 -104.21
CA MET H 60 -16.03 -4.21 -102.92
C MET H 60 -17.03 -5.35 -102.74
N TYR H 61 -17.66 -5.80 -103.83
CA TYR H 61 -18.54 -6.96 -103.75
C TYR H 61 -17.76 -8.22 -103.37
N TYR H 62 -16.56 -8.39 -103.93
CA TYR H 62 -15.75 -9.55 -103.57
C TYR H 62 -15.38 -9.52 -102.09
N SER H 63 -15.00 -8.35 -101.58
CA SER H 63 -14.68 -8.23 -100.16
C SER H 63 -15.92 -8.47 -99.30
N VAL H 64 -17.08 -7.98 -99.74
CA VAL H 64 -18.32 -8.25 -99.03
C VAL H 64 -18.58 -9.75 -98.98
N ARG H 65 -18.36 -10.44 -100.11
CA ARG H 65 -18.44 -11.90 -100.11
C ARG H 65 -17.40 -12.50 -99.16
N HIS H 66 -16.19 -11.94 -99.16
CA HIS H 66 -15.14 -12.43 -98.26
C HIS H 66 -15.55 -12.25 -96.81
N PHE H 67 -16.14 -11.10 -96.49
CA PHE H 67 -16.58 -10.86 -95.11
C PHE H 67 -17.67 -11.84 -94.69
N PHE H 68 -18.65 -12.08 -95.56
CA PHE H 68 -19.71 -13.02 -95.24
C PHE H 68 -19.18 -14.44 -95.15
N GLU H 69 -18.27 -14.82 -96.03
CA GLU H 69 -17.77 -16.19 -96.07
C GLU H 69 -16.85 -16.51 -94.91
N ASN H 70 -16.24 -15.49 -94.29
CA ASN H 70 -15.43 -15.72 -93.11
C ASN H 70 -16.26 -15.91 -91.85
N GLY H 71 -17.55 -15.58 -91.89
CA GLY H 71 -18.40 -15.71 -90.73
C GLY H 71 -19.13 -14.43 -90.37
N GLY H 72 -19.10 -13.44 -91.27
CA GLY H 72 -19.78 -12.20 -91.02
C GLY H 72 -21.29 -12.38 -91.07
N GLN H 73 -22.00 -11.75 -90.12
CA GLN H 73 -23.44 -11.89 -90.03
C GLN H 73 -24.16 -10.77 -90.78
N GLN H 74 -23.92 -9.52 -90.40
CA GLN H 74 -24.60 -8.39 -91.00
C GLN H 74 -23.65 -7.21 -91.14
N ALA H 75 -23.93 -6.35 -92.11
CA ALA H 75 -23.10 -5.18 -92.37
C ALA H 75 -23.89 -4.20 -93.22
N TYR H 76 -23.38 -2.97 -93.29
CA TYR H 76 -23.97 -1.92 -94.10
C TYR H 76 -23.10 -1.65 -95.31
N VAL H 77 -23.72 -1.03 -96.32
CA VAL H 77 -23.02 -0.63 -97.54
C VAL H 77 -23.47 0.78 -97.91
N LEU H 78 -22.51 1.66 -98.18
CA LEU H 78 -22.78 3.02 -98.59
C LEU H 78 -22.01 3.30 -99.87
N SER H 79 -22.66 3.98 -100.81
CA SER H 79 -22.11 4.22 -102.14
C SER H 79 -21.92 5.71 -102.36
N LEU H 80 -20.69 6.11 -102.69
CA LEU H 80 -20.44 7.48 -103.11
C LEU H 80 -20.87 7.72 -104.55
N GLY H 81 -20.73 6.71 -105.41
CA GLY H 81 -21.12 6.85 -106.78
C GLY H 81 -21.06 5.52 -107.49
N THR H 82 -21.07 5.57 -108.83
CA THR H 82 -21.01 4.36 -109.62
C THR H 82 -19.56 3.91 -109.78
N GLU H 83 -19.39 2.63 -110.12
CA GLU H 83 -18.05 2.05 -110.19
C GLU H 83 -17.20 2.68 -111.27
N GLN H 84 -17.83 3.21 -112.33
CA GLN H 84 -17.05 3.67 -113.48
C GLN H 84 -16.44 5.06 -113.29
N GLN H 85 -16.89 5.83 -112.30
CA GLN H 85 -16.35 7.17 -112.10
C GLN H 85 -15.21 7.19 -111.08
N LEU H 86 -14.19 6.37 -111.31
CA LEU H 86 -12.96 6.44 -110.54
C LEU H 86 -11.96 7.31 -111.30
N SER H 87 -11.42 8.32 -110.62
CA SER H 87 -10.55 9.30 -111.26
C SER H 87 -9.12 9.22 -110.77
N ASP H 88 -8.89 9.38 -109.48
CA ASP H 88 -7.53 9.41 -108.92
C ASP H 88 -7.64 9.38 -107.40
N PHE H 89 -6.47 9.37 -106.75
CA PHE H 89 -6.42 9.31 -105.29
C PHE H 89 -7.07 10.53 -104.66
N SER H 90 -6.76 11.72 -105.18
CA SER H 90 -7.32 12.94 -104.61
C SER H 90 -8.82 13.00 -104.79
N SER H 91 -9.32 12.47 -105.91
CA SER H 91 -10.77 12.40 -106.10
C SER H 91 -11.43 11.50 -105.07
N LEU H 92 -10.79 10.36 -104.76
CA LEU H 92 -11.33 9.46 -103.76
C LEU H 92 -11.36 10.12 -102.38
N ILE H 93 -10.28 10.82 -102.02
CA ILE H 93 -10.22 11.49 -100.73
C ILE H 93 -11.26 12.61 -100.66
N THR H 94 -11.37 13.39 -101.73
CA THR H 94 -12.36 14.47 -101.75
C THR H 94 -13.77 13.92 -101.66
N ALA H 95 -14.04 12.80 -102.34
CA ALA H 95 -15.35 12.17 -102.24
C ALA H 95 -15.62 11.69 -100.83
N LEU H 96 -14.60 11.20 -100.12
CA LEU H 96 -14.77 10.76 -98.75
C LEU H 96 -15.00 11.93 -97.79
N GLN H 97 -14.66 13.15 -98.18
CA GLN H 97 -14.81 14.31 -97.33
C GLN H 97 -16.18 14.98 -97.46
N GLN H 98 -17.07 14.45 -98.29
CA GLN H 98 -18.39 15.06 -98.45
C GLN H 98 -19.18 14.95 -97.15
N ALA H 99 -19.99 15.97 -96.88
CA ALA H 99 -20.65 16.10 -95.59
C ALA H 99 -21.71 15.02 -95.37
N TRP H 100 -22.40 14.59 -96.42
CA TRP H 100 -23.56 13.72 -96.23
C TRP H 100 -23.18 12.36 -95.67
N LEU H 101 -21.96 11.89 -95.92
CA LEU H 101 -21.54 10.62 -95.35
C LEU H 101 -21.48 10.68 -93.83
N ALA H 102 -20.92 11.77 -93.28
CA ALA H 102 -20.79 11.89 -91.85
C ALA H 102 -22.16 11.90 -91.16
N GLN H 103 -23.12 12.61 -91.76
CA GLN H 103 -24.46 12.66 -91.18
C GLN H 103 -25.13 11.29 -91.20
N THR H 104 -24.95 10.53 -92.28
CA THR H 104 -25.62 9.24 -92.40
C THR H 104 -25.14 8.25 -91.34
N ILE H 105 -23.82 8.12 -91.19
CA ILE H 105 -23.29 7.22 -90.17
C ILE H 105 -23.60 7.74 -88.77
N ALA H 106 -23.59 9.05 -88.58
CA ALA H 106 -23.99 9.59 -87.29
C ALA H 106 -25.45 9.28 -86.99
N ALA H 107 -26.33 9.39 -87.98
CA ALA H 107 -27.74 9.10 -87.78
C ALA H 107 -27.97 7.61 -87.55
N GLU H 108 -27.36 6.76 -88.38
CA GLU H 108 -27.54 5.31 -88.27
C GLU H 108 -26.75 4.85 -87.05
N ASN H 109 -27.45 4.34 -86.03
CA ASN H 109 -26.85 4.23 -84.71
C ASN H 109 -25.87 3.07 -84.62
N ASP H 110 -26.26 1.88 -85.08
CA ASP H 110 -25.51 0.68 -84.72
C ASP H 110 -24.26 0.45 -85.57
N ILE H 111 -23.81 1.43 -86.35
CA ILE H 111 -22.57 1.29 -87.09
C ILE H 111 -21.39 1.49 -86.14
N THR H 112 -20.42 0.60 -86.21
CA THR H 112 -19.26 0.62 -85.32
C THR H 112 -17.93 0.70 -86.07
N LEU H 113 -17.80 -0.01 -87.19
CA LEU H 113 -16.54 -0.07 -87.92
C LEU H 113 -16.72 0.54 -89.30
N ILE H 114 -15.64 1.13 -89.82
CA ILE H 114 -15.62 1.77 -91.13
C ILE H 114 -14.57 1.08 -91.99
N ILE H 115 -14.96 0.67 -93.19
CA ILE H 115 -14.08 -0.05 -94.11
C ILE H 115 -14.12 0.64 -95.47
N THR H 116 -12.94 0.89 -96.03
CA THR H 116 -12.81 1.49 -97.37
C THR H 116 -11.87 0.63 -98.20
N PRO H 117 -12.39 -0.42 -98.85
CA PRO H 117 -11.51 -1.32 -99.62
C PRO H 117 -11.11 -0.79 -100.98
N ASP H 118 -11.62 0.36 -101.40
CA ASP H 118 -11.37 0.82 -102.77
C ASP H 118 -9.98 1.41 -102.97
N VAL H 119 -9.18 1.56 -101.91
CA VAL H 119 -7.83 2.10 -102.06
C VAL H 119 -6.90 1.17 -102.82
N ILE H 120 -7.27 -0.10 -102.97
CA ILE H 120 -6.41 -1.06 -103.67
C ILE H 120 -6.32 -0.71 -105.15
N ARG H 121 -7.39 -0.16 -105.72
CA ARG H 121 -7.49 0.08 -107.15
C ARG H 121 -6.48 1.12 -107.66
N PHE H 122 -5.63 1.68 -106.80
CA PHE H 122 -4.70 2.71 -107.22
C PHE H 122 -3.27 2.20 -107.07
N ASP H 123 -2.46 2.44 -108.11
CA ASP H 123 -1.10 1.92 -108.14
C ASP H 123 -0.16 2.71 -107.24
N GLN H 124 0.93 2.05 -106.83
CA GLN H 124 1.97 2.69 -106.02
C GLN H 124 3.14 3.06 -106.92
N THR H 125 2.96 4.16 -107.66
CA THR H 125 3.92 4.52 -108.70
C THR H 125 5.28 4.92 -108.12
N GLU H 126 5.30 5.85 -107.18
CA GLU H 126 6.55 6.24 -106.57
C GLU H 126 6.38 6.39 -105.06
N ILE H 127 7.51 6.58 -104.38
CA ILE H 127 7.55 6.75 -102.93
C ILE H 127 7.79 8.21 -102.55
N SER H 128 7.46 9.15 -103.44
CA SER H 128 7.73 10.55 -103.20
C SER H 128 6.84 11.10 -102.09
N ASP H 129 7.12 12.36 -101.72
CA ASP H 129 6.34 13.01 -100.67
C ASP H 129 4.88 13.18 -101.09
N THR H 130 4.61 13.22 -102.40
CA THR H 130 3.24 13.35 -102.88
C THR H 130 2.40 12.15 -102.46
N GLN H 131 2.95 10.94 -102.59
CA GLN H 131 2.22 9.75 -102.19
C GLN H 131 2.10 9.65 -100.67
N ARG H 132 3.17 10.02 -99.95
CA ARG H 132 3.15 9.89 -98.49
C ARG H 132 2.07 10.77 -97.87
N ASP H 133 1.96 12.02 -98.35
CA ASP H 133 0.93 12.91 -97.80
C ASP H 133 -0.47 12.41 -98.11
N LEU H 134 -0.70 11.89 -99.32
CA LEU H 134 -2.02 11.41 -99.68
C LEU H 134 -2.48 10.28 -98.77
N TRP H 135 -1.58 9.37 -98.43
CA TRP H 135 -1.94 8.28 -97.52
C TRP H 135 -2.32 8.82 -96.14
N LEU H 136 -1.61 9.84 -95.67
CA LEU H 136 -1.93 10.43 -94.37
C LEU H 136 -3.31 11.07 -94.37
N GLN H 137 -3.67 11.76 -95.46
CA GLN H 137 -4.97 12.43 -95.51
C GLN H 137 -6.10 11.43 -95.62
N LEU H 138 -5.86 10.30 -96.29
CA LEU H 138 -6.86 9.23 -96.30
C LEU H 138 -7.12 8.73 -94.89
N TRP H 139 -6.05 8.57 -94.10
CA TRP H 139 -6.21 8.18 -92.71
C TRP H 139 -6.93 9.25 -91.91
N GLN H 140 -6.57 10.51 -92.12
CA GLN H 140 -7.21 11.60 -91.39
C GLN H 140 -8.68 11.75 -91.78
N SER H 141 -8.98 11.62 -93.07
CA SER H 141 -10.36 11.75 -93.52
C SER H 141 -11.23 10.64 -92.95
N VAL H 142 -10.72 9.41 -92.91
CA VAL H 142 -11.46 8.31 -92.31
C VAL H 142 -11.65 8.55 -90.82
N LEU H 143 -10.60 9.00 -90.14
CA LEU H 143 -10.70 9.26 -88.70
C LEU H 143 -11.68 10.39 -88.43
N ASN H 144 -11.79 11.35 -89.34
CA ASN H 144 -12.82 12.38 -89.20
C ASN H 144 -14.21 11.77 -89.26
N LEU H 145 -14.42 10.80 -90.16
CA LEU H 145 -15.70 10.12 -90.22
C LEU H 145 -15.96 9.30 -88.96
N CYS H 146 -14.89 8.86 -88.29
CA CYS H 146 -15.03 8.08 -87.06
C CYS H 146 -15.39 8.95 -85.86
N LYS H 147 -15.24 10.26 -85.96
CA LYS H 147 -15.55 11.16 -84.85
C LYS H 147 -16.98 11.64 -84.86
N SER H 148 -17.81 11.17 -85.79
CA SER H 148 -19.22 11.54 -85.79
C SER H 148 -19.91 11.03 -84.52
N ARG H 149 -19.58 9.81 -84.11
CA ARG H 149 -20.09 9.24 -82.86
C ARG H 149 -18.93 8.63 -82.10
N ARG H 150 -19.05 8.62 -80.77
CA ARG H 150 -18.04 8.00 -79.94
C ARG H 150 -18.14 6.48 -80.03
N GLY H 151 -16.99 5.81 -80.16
CA GLY H 151 -16.93 4.37 -80.21
C GLY H 151 -16.79 3.79 -81.61
N ILE H 152 -16.61 4.63 -82.63
CA ILE H 152 -16.49 4.15 -84.00
C ILE H 152 -15.03 3.90 -84.32
N MET H 153 -14.72 2.68 -84.78
CA MET H 153 -13.39 2.31 -85.20
C MET H 153 -13.23 2.51 -86.70
N GLY H 154 -12.03 2.89 -87.12
CA GLY H 154 -11.67 2.96 -88.52
C GLY H 154 -10.58 1.96 -88.83
N LEU H 155 -10.79 1.17 -89.88
CA LEU H 155 -9.81 0.19 -90.33
C LEU H 155 -9.10 0.74 -91.56
N LEU H 156 -7.79 0.86 -91.48
CA LEU H 156 -7.00 1.54 -92.49
C LEU H 156 -6.08 0.56 -93.22
N ASP H 157 -5.59 1.00 -94.37
CA ASP H 157 -4.66 0.25 -95.18
C ASP H 157 -3.33 1.00 -95.26
N ALA H 158 -2.31 0.32 -95.77
CA ALA H 158 -0.96 0.85 -95.84
C ALA H 158 -0.41 0.70 -97.25
N PRO H 159 0.57 1.52 -97.63
CA PRO H 159 1.20 1.36 -98.95
C PRO H 159 1.89 0.01 -99.07
N ASP H 160 2.07 -0.41 -100.32
CA ASP H 160 2.55 -1.77 -100.60
C ASP H 160 3.96 -1.98 -100.06
N ASP H 161 4.88 -1.04 -100.36
CA ASP H 161 6.21 -1.39 -99.86
C ASP H 161 6.37 -0.98 -98.40
N PRO H 162 7.17 -1.73 -97.64
CA PRO H 162 7.39 -1.36 -96.24
C PRO H 162 8.06 -0.02 -96.05
N THR H 163 8.83 0.45 -97.04
CA THR H 163 9.54 1.71 -96.90
C THR H 163 8.57 2.88 -96.76
N LEU H 164 7.59 2.96 -97.65
CA LEU H 164 6.61 4.04 -97.55
C LEU H 164 5.73 3.90 -96.32
N ALA H 165 5.35 2.66 -95.98
CA ALA H 165 4.52 2.45 -94.80
C ALA H 165 5.24 2.89 -93.53
N ALA H 166 6.53 2.56 -93.41
CA ALA H 166 7.29 2.99 -92.25
C ALA H 166 7.43 4.51 -92.23
N LYS H 167 7.60 5.13 -93.39
CA LYS H 167 7.68 6.58 -93.46
C LYS H 167 6.37 7.22 -93.02
N CYS H 168 5.25 6.67 -93.48
CA CYS H 168 3.95 7.22 -93.11
C CYS H 168 3.65 7.04 -91.63
N LEU H 169 4.04 5.89 -91.07
CA LEU H 169 3.79 5.62 -89.67
C LEU H 169 4.50 6.62 -88.77
N GLN H 170 5.76 6.93 -89.08
CA GLN H 170 6.54 7.83 -88.24
C GLN H 170 6.10 9.28 -88.40
N GLN H 171 5.67 9.67 -89.60
CA GLN H 171 5.38 11.08 -89.89
C GLN H 171 3.91 11.44 -89.69
N PHE H 172 3.06 10.49 -89.30
CA PHE H 172 1.65 10.79 -89.09
C PHE H 172 1.49 11.57 -87.78
N SER H 173 0.74 12.67 -87.85
CA SER H 173 0.53 13.53 -86.69
C SER H 173 -0.96 13.83 -86.58
N SER H 174 -1.62 13.25 -85.59
CA SER H 174 -3.04 13.49 -85.37
C SER H 174 -3.39 13.19 -83.93
N ALA H 175 -4.42 13.87 -83.43
CA ALA H 175 -4.91 13.62 -82.08
C ALA H 175 -5.90 12.47 -82.03
N ASP H 176 -6.27 11.90 -83.18
CA ASP H 176 -7.23 10.81 -83.25
C ASP H 176 -6.56 9.46 -83.53
N ARG H 177 -5.27 9.32 -83.20
CA ARG H 177 -4.59 8.05 -83.38
C ARG H 177 -5.22 6.93 -82.58
N GLN H 178 -5.99 7.26 -81.53
CA GLN H 178 -6.58 6.24 -80.68
C GLN H 178 -7.60 5.40 -81.42
N TRP H 179 -8.29 5.99 -82.40
CA TRP H 179 -9.39 5.34 -83.08
C TRP H 179 -8.98 4.65 -84.39
N GLY H 180 -7.69 4.60 -84.71
CA GLY H 180 -7.23 4.08 -85.98
C GLY H 180 -6.52 2.75 -85.82
N VAL H 181 -6.90 1.80 -86.68
CA VAL H 181 -6.27 0.49 -86.75
C VAL H 181 -5.92 0.22 -88.21
N VAL H 182 -4.68 -0.19 -88.47
CA VAL H 182 -4.18 -0.39 -89.82
C VAL H 182 -3.71 -1.83 -89.97
N TYR H 183 -3.98 -2.42 -91.13
CA TYR H 183 -3.60 -3.79 -91.44
C TYR H 183 -2.79 -3.82 -92.73
N TRP H 184 -1.83 -4.74 -92.78
CA TRP H 184 -0.90 -4.82 -93.91
C TRP H 184 -0.29 -6.21 -93.92
N PRO H 185 0.02 -6.77 -95.11
CA PRO H 185 -0.17 -6.23 -96.47
C PRO H 185 -1.50 -6.64 -97.09
N LEU H 186 -1.61 -6.46 -98.40
CA LEU H 186 -2.79 -6.90 -99.12
C LEU H 186 -2.82 -8.42 -99.19
N LEU H 187 -4.01 -8.96 -99.45
CA LEU H 187 -4.25 -10.39 -99.45
C LEU H 187 -4.82 -10.84 -100.79
N LYS H 188 -4.46 -12.05 -101.20
CA LYS H 188 -5.00 -12.66 -102.40
C LYS H 188 -5.86 -13.86 -102.00
N SER H 189 -6.98 -14.05 -102.71
CA SER H 189 -7.94 -15.08 -102.38
C SER H 189 -8.22 -15.95 -103.60
N ALA H 190 -8.97 -17.04 -103.35
CA ALA H 190 -9.29 -17.98 -104.41
C ALA H 190 -10.27 -17.43 -105.43
N TYR H 191 -10.91 -16.30 -105.16
CA TYR H 191 -11.85 -15.73 -106.10
C TYR H 191 -11.14 -15.29 -107.38
N GLN H 192 -11.79 -15.52 -108.52
CA GLN H 192 -11.22 -15.24 -109.83
C GLN H 192 -12.20 -14.45 -110.67
N ASP H 193 -11.66 -13.61 -111.55
CA ASP H 193 -12.48 -12.89 -112.52
C ASP H 193 -12.73 -13.80 -113.73
N ASN H 194 -13.28 -13.22 -114.81
CA ASN H 194 -13.43 -13.98 -116.04
C ASN H 194 -12.06 -14.43 -116.56
N THR H 195 -11.07 -13.55 -116.51
CA THR H 195 -9.69 -13.96 -116.68
C THR H 195 -9.20 -14.63 -115.40
N GLN H 196 -8.35 -15.64 -115.55
CA GLN H 196 -7.91 -16.45 -114.41
C GLN H 196 -6.74 -15.75 -113.70
N ASN H 197 -7.10 -14.73 -112.92
CA ASN H 197 -6.15 -14.01 -112.08
C ASN H 197 -6.65 -13.96 -110.65
N PRO H 198 -5.78 -14.21 -109.67
CA PRO H 198 -6.22 -14.17 -108.26
C PRO H 198 -6.62 -12.76 -107.87
N ILE H 199 -7.76 -12.64 -107.19
CA ILE H 199 -8.26 -11.34 -106.77
C ILE H 199 -7.52 -10.90 -105.51
N VAL H 200 -6.97 -9.69 -105.56
CA VAL H 200 -6.26 -9.12 -104.41
C VAL H 200 -7.26 -8.33 -103.57
N LEU H 201 -7.36 -8.67 -102.30
CA LEU H 201 -8.33 -8.07 -101.40
C LEU H 201 -7.63 -7.52 -100.16
N SER H 202 -8.17 -6.43 -99.62
CA SER H 202 -7.63 -5.85 -98.41
C SER H 202 -8.00 -6.73 -97.21
N PRO H 203 -7.09 -6.88 -96.23
CA PRO H 203 -7.41 -7.72 -95.07
C PRO H 203 -8.43 -7.12 -94.14
N THR H 204 -8.88 -5.88 -94.38
CA THR H 204 -9.85 -5.25 -93.48
C THR H 204 -11.18 -6.02 -93.47
N ALA H 205 -11.60 -6.53 -94.62
CA ALA H 205 -12.84 -7.29 -94.67
C ALA H 205 -12.74 -8.57 -93.84
N ALA H 206 -11.58 -9.23 -93.87
CA ALA H 206 -11.44 -10.49 -93.16
C ALA H 206 -11.49 -10.29 -91.65
N VAL H 207 -10.78 -9.29 -91.12
CA VAL H 207 -10.74 -9.08 -89.68
C VAL H 207 -12.12 -8.65 -89.17
N ALA H 208 -12.84 -7.87 -89.97
CA ALA H 208 -14.16 -7.40 -89.54
C ALA H 208 -15.09 -8.57 -89.25
N ALA H 209 -15.06 -9.60 -90.09
CA ALA H 209 -15.82 -10.81 -89.80
C ALA H 209 -15.30 -11.47 -88.52
N VAL H 210 -13.99 -11.46 -88.31
CA VAL H 210 -13.42 -12.06 -87.10
C VAL H 210 -13.91 -11.32 -85.86
N ILE H 211 -13.95 -9.99 -85.91
CA ILE H 211 -14.42 -9.20 -84.77
C ILE H 211 -15.86 -9.57 -84.43
N GLN H 212 -16.71 -9.69 -85.46
CA GLN H 212 -18.09 -10.09 -85.20
C GLN H 212 -18.15 -11.49 -84.57
N ARG H 213 -17.35 -12.42 -85.09
CA ARG H 213 -17.29 -13.74 -84.49
C ARG H 213 -16.70 -13.69 -83.09
N ASN H 214 -15.65 -12.89 -82.89
CA ASN H 214 -15.05 -12.77 -81.56
C ASN H 214 -16.02 -12.11 -80.59
N ASP H 215 -16.77 -11.11 -81.05
CA ASP H 215 -17.72 -10.44 -80.17
C ASP H 215 -18.84 -11.38 -79.74
N ASN H 216 -19.29 -12.25 -80.64
CA ASN H 216 -20.37 -13.18 -80.31
C ASN H 216 -19.86 -14.35 -79.48
N GLN H 217 -18.88 -15.09 -80.01
CA GLN H 217 -18.39 -16.28 -79.32
C GLN H 217 -17.63 -15.92 -78.04
N GLN H 218 -16.71 -14.96 -78.13
CA GLN H 218 -15.81 -14.68 -77.01
C GLN H 218 -16.03 -13.32 -76.37
N GLY H 219 -16.70 -12.39 -77.04
CA GLY H 219 -16.94 -11.07 -76.50
C GLY H 219 -15.99 -10.02 -77.04
N VAL H 220 -16.30 -8.76 -76.69
CA VAL H 220 -15.51 -7.64 -77.20
C VAL H 220 -14.12 -7.63 -76.58
N TRP H 221 -14.01 -7.99 -75.30
CA TRP H 221 -12.73 -7.88 -74.60
C TRP H 221 -11.74 -8.96 -74.99
N THR H 222 -11.99 -9.76 -76.03
CA THR H 222 -11.03 -10.74 -76.51
C THR H 222 -10.33 -10.19 -77.74
N ALA H 223 -9.01 -10.18 -77.72
CA ALA H 223 -8.25 -9.62 -78.82
C ALA H 223 -8.45 -10.43 -80.10
N PRO H 224 -8.71 -9.78 -81.23
CA PRO H 224 -8.88 -10.49 -82.51
C PRO H 224 -7.55 -10.82 -83.19
N ALA H 225 -6.62 -11.38 -82.42
CA ALA H 225 -5.32 -11.78 -82.90
C ALA H 225 -5.10 -13.26 -82.64
N ASN H 226 -4.06 -13.81 -83.28
CA ASN H 226 -3.74 -15.24 -83.17
C ASN H 226 -4.93 -16.11 -83.57
N ILE H 227 -5.63 -15.69 -84.62
CA ILE H 227 -6.81 -16.38 -85.10
C ILE H 227 -6.67 -16.64 -86.59
N ALA H 228 -7.18 -17.79 -87.03
CA ALA H 228 -7.03 -18.22 -88.41
C ALA H 228 -8.02 -17.52 -89.32
N LEU H 229 -7.58 -17.21 -90.53
CA LEU H 229 -8.45 -16.67 -91.57
C LEU H 229 -9.00 -17.82 -92.41
N SER H 230 -9.72 -17.46 -93.48
CA SER H 230 -10.30 -18.46 -94.36
C SER H 230 -10.21 -17.99 -95.80
N LYS H 231 -10.05 -18.97 -96.70
CA LYS H 231 -10.08 -18.73 -98.15
C LYS H 231 -9.08 -17.65 -98.57
N VAL H 232 -7.88 -17.72 -98.00
CA VAL H 232 -6.78 -16.83 -98.36
C VAL H 232 -5.64 -17.68 -98.88
N ILE H 233 -5.19 -17.38 -100.10
CA ILE H 233 -4.11 -18.16 -100.70
C ILE H 233 -2.77 -17.82 -100.03
N SER H 234 -2.40 -16.55 -100.04
CA SER H 234 -1.14 -16.09 -99.47
C SER H 234 -1.14 -14.58 -99.35
N PRO H 235 -0.42 -14.01 -98.38
CA PRO H 235 -0.24 -12.55 -98.36
C PRO H 235 0.47 -12.08 -99.62
N VAL H 236 0.09 -10.89 -100.09
CA VAL H 236 0.65 -10.37 -101.34
C VAL H 236 2.14 -10.11 -101.20
N ARG H 237 2.63 -9.98 -99.97
CA ARG H 237 4.05 -9.80 -99.71
C ARG H 237 4.49 -10.77 -98.62
N ALA H 238 5.76 -10.67 -98.23
CA ALA H 238 6.40 -11.67 -97.40
C ALA H 238 6.45 -11.22 -95.94
N TYR H 239 7.09 -12.06 -95.11
CA TYR H 239 7.21 -11.81 -93.69
C TYR H 239 8.45 -10.99 -93.39
N ILE H 240 9.59 -11.35 -93.98
CA ILE H 240 10.88 -10.79 -93.59
C ILE H 240 10.91 -9.29 -93.80
N GLU H 241 10.28 -8.81 -94.88
CA GLU H 241 10.27 -7.38 -95.17
C GLU H 241 9.43 -6.57 -94.17
N ALA H 242 8.64 -7.23 -93.33
CA ALA H 242 7.73 -6.55 -92.41
C ALA H 242 8.29 -6.41 -91.01
N ASN H 243 9.58 -6.68 -90.81
CA ASN H 243 10.15 -6.61 -89.46
C ASN H 243 10.21 -5.18 -88.94
N ALA H 244 10.45 -4.20 -89.81
CA ALA H 244 10.62 -2.81 -89.40
C ALA H 244 9.30 -2.09 -89.15
N LEU H 245 8.17 -2.63 -89.61
CA LEU H 245 6.90 -1.94 -89.43
C LEU H 245 6.40 -2.02 -87.99
N PHE H 246 6.51 -3.18 -87.35
CA PHE H 246 6.14 -3.29 -85.95
C PHE H 246 7.12 -2.49 -85.09
N ASN H 247 6.59 -1.83 -84.06
CA ASN H 247 7.38 -0.98 -83.19
C ASN H 247 6.90 -1.16 -81.76
N PRO H 248 7.82 -1.29 -80.80
CA PRO H 248 7.43 -1.58 -79.42
C PRO H 248 6.68 -0.45 -78.74
N ASP H 249 7.17 0.79 -78.87
CA ASP H 249 6.59 1.90 -78.14
C ASP H 249 5.27 2.34 -78.74
N GLY H 250 5.28 2.72 -80.01
CA GLY H 250 4.07 3.21 -80.64
C GLY H 250 4.13 3.11 -82.14
N THR H 251 3.13 3.75 -82.78
CA THR H 251 2.95 3.80 -84.24
C THR H 251 3.32 2.49 -84.94
N SER H 252 2.86 1.36 -84.40
CA SER H 252 3.13 0.07 -85.00
C SER H 252 1.98 -0.36 -85.90
N LEU H 253 2.22 -1.43 -86.65
CA LEU H 253 1.22 -2.01 -87.53
C LEU H 253 0.74 -3.35 -86.97
N ASN H 254 -0.29 -3.90 -87.62
CA ASN H 254 -0.79 -5.23 -87.34
C ASN H 254 -0.61 -6.09 -88.57
N LEU H 255 0.04 -7.24 -88.41
CA LEU H 255 0.49 -8.05 -89.52
C LEU H 255 -0.48 -9.20 -89.78
N VAL H 256 -0.78 -9.44 -91.06
CA VAL H 256 -1.44 -10.66 -91.50
C VAL H 256 -0.36 -11.55 -92.10
N ARG H 257 -0.10 -12.69 -91.45
CA ARG H 257 1.09 -13.48 -91.73
C ARG H 257 0.72 -14.95 -91.85
N SER H 258 1.25 -15.59 -92.88
CA SER H 258 1.07 -17.04 -93.07
C SER H 258 2.02 -17.80 -92.16
N PHE H 259 1.65 -19.02 -91.82
CA PHE H 259 2.41 -19.81 -90.87
C PHE H 259 2.68 -21.19 -91.43
N PRO H 260 3.80 -21.81 -91.04
CA PRO H 260 4.10 -23.18 -91.47
C PRO H 260 3.28 -24.19 -90.67
N GLY H 261 2.31 -24.82 -91.33
CA GLY H 261 1.48 -25.81 -90.66
C GLY H 261 0.45 -25.23 -89.72
N LYS H 262 0.14 -23.94 -89.83
CA LYS H 262 -0.87 -23.33 -88.99
C LYS H 262 -1.84 -22.44 -89.75
N GLY H 263 -1.70 -22.31 -91.07
CA GLY H 263 -2.61 -21.51 -91.85
C GLY H 263 -2.32 -20.02 -91.77
N ILE H 264 -3.19 -19.25 -92.40
CA ILE H 264 -3.07 -17.79 -92.36
C ILE H 264 -3.52 -17.28 -91.00
N ARG H 265 -2.73 -16.39 -90.42
CA ARG H 265 -2.97 -15.90 -89.07
C ARG H 265 -2.95 -14.38 -89.05
N ILE H 266 -3.63 -13.81 -88.06
CA ILE H 266 -3.61 -12.38 -87.81
C ILE H 266 -2.64 -12.13 -86.67
N TRP H 267 -1.56 -11.41 -86.96
CA TRP H 267 -0.46 -11.21 -86.00
C TRP H 267 -0.40 -9.73 -85.65
N GLY H 268 -1.03 -9.35 -84.54
CA GLY H 268 -1.00 -7.97 -84.09
C GLY H 268 -2.37 -7.43 -83.73
N CYS H 269 -2.44 -6.74 -82.59
CA CYS H 269 -3.69 -6.14 -82.12
C CYS H 269 -3.47 -4.73 -81.58
N ARG H 270 -2.58 -3.96 -82.20
CA ARG H 270 -2.25 -2.63 -81.74
C ARG H 270 -2.86 -1.58 -82.64
N THR H 271 -3.25 -0.46 -82.03
CA THR H 271 -3.82 0.66 -82.75
C THR H 271 -2.72 1.64 -83.15
N LEU H 272 -3.10 2.83 -83.58
CA LEU H 272 -2.15 3.85 -84.00
C LEU H 272 -1.65 4.72 -82.86
N GLU H 273 -2.02 4.39 -81.62
CA GLU H 273 -1.58 5.19 -80.48
C GLU H 273 -0.06 5.16 -80.34
N ASN H 274 0.50 6.31 -79.98
CA ASN H 274 1.95 6.47 -79.91
C ASN H 274 2.51 6.24 -78.50
N THR H 275 1.92 6.90 -77.51
CA THR H 275 2.44 6.81 -76.15
C THR H 275 2.32 5.39 -75.62
N HIS H 276 3.39 4.91 -74.97
CA HIS H 276 3.42 3.55 -74.47
C HIS H 276 2.54 3.36 -73.25
N ASP H 277 2.31 4.42 -72.48
CA ASP H 277 1.51 4.33 -71.26
C ASP H 277 0.01 4.34 -71.51
N SER H 278 -0.43 4.73 -72.70
CA SER H 278 -1.86 4.87 -72.94
C SER H 278 -2.55 3.51 -72.88
N PRO H 279 -3.75 3.43 -72.31
CA PRO H 279 -4.50 2.18 -72.34
C PRO H 279 -5.19 1.91 -73.66
N TRP H 280 -5.09 2.81 -74.64
CA TRP H 280 -5.71 2.66 -75.93
C TRP H 280 -4.81 2.01 -76.96
N SER H 281 -3.64 1.53 -76.54
CA SER H 281 -2.68 0.95 -77.48
C SER H 281 -3.16 -0.37 -78.09
N TYR H 282 -4.21 -0.98 -77.55
CA TYR H 282 -4.75 -2.21 -78.09
C TYR H 282 -6.20 -2.01 -78.48
N ILE H 283 -6.61 -2.69 -79.56
CA ILE H 283 -7.94 -2.49 -80.11
C ILE H 283 -9.01 -3.01 -79.16
N GLN H 284 -8.71 -4.10 -78.42
CA GLN H 284 -9.72 -4.67 -77.54
C GLN H 284 -10.02 -3.74 -76.36
N THR H 285 -9.00 -3.07 -75.82
CA THR H 285 -9.20 -2.23 -74.65
C THR H 285 -10.04 -0.99 -75.00
N ARG H 286 -9.70 -0.33 -76.10
CA ARG H 286 -10.46 0.86 -76.51
C ARG H 286 -11.89 0.50 -76.87
N ARG H 287 -12.10 -0.64 -77.53
CA ARG H 287 -13.45 -1.07 -77.87
C ARG H 287 -14.21 -1.52 -76.63
N LEU H 288 -13.53 -2.18 -75.69
CA LEU H 288 -14.19 -2.61 -74.47
C LEU H 288 -14.68 -1.42 -73.65
N VAL H 289 -13.85 -0.38 -73.54
CA VAL H 289 -14.25 0.82 -72.81
C VAL H 289 -15.44 1.49 -73.49
N SER H 290 -15.41 1.58 -74.82
CA SER H 290 -16.53 2.14 -75.56
C SER H 290 -17.79 1.31 -75.37
N TYR H 291 -17.64 -0.02 -75.33
CA TYR H 291 -18.78 -0.89 -75.08
C TYR H 291 -19.36 -0.64 -73.69
N ILE H 292 -18.49 -0.47 -72.69
CA ILE H 292 -18.97 -0.12 -71.35
C ILE H 292 -19.61 1.27 -71.37
N GLU H 293 -19.00 2.21 -72.09
CA GLU H 293 -19.53 3.57 -72.15
C GLU H 293 -20.93 3.61 -72.76
N ALA H 294 -21.17 2.81 -73.81
CA ALA H 294 -22.47 2.82 -74.46
C ALA H 294 -23.58 2.36 -73.52
N TYR H 295 -23.32 1.31 -72.73
CA TYR H 295 -24.34 0.82 -71.81
C TYR H 295 -24.65 1.85 -70.72
N MET H 296 -23.61 2.48 -70.18
CA MET H 296 -23.82 3.46 -69.12
C MET H 296 -24.64 4.65 -69.61
N THR H 297 -24.39 5.08 -70.85
CA THR H 297 -25.23 6.12 -71.44
C THR H 297 -26.67 5.65 -71.57
N GLN H 298 -26.87 4.41 -71.99
CA GLN H 298 -28.23 3.87 -72.08
C GLN H 298 -28.88 3.79 -70.71
N LEU H 299 -28.14 3.34 -69.70
CA LEU H 299 -28.68 3.29 -68.35
C LEU H 299 -28.90 4.70 -67.79
N GLY H 300 -27.98 5.62 -68.07
CA GLY H 300 -28.10 6.98 -67.57
C GLY H 300 -29.29 7.74 -68.12
N ARG H 301 -29.75 7.39 -69.32
CA ARG H 301 -30.89 8.09 -69.92
C ARG H 301 -32.16 7.92 -69.08
N ALA H 302 -32.28 6.79 -68.38
CA ALA H 302 -33.45 6.58 -67.53
C ALA H 302 -33.43 7.44 -66.27
N PHE H 303 -32.32 8.12 -65.98
CA PHE H 303 -32.20 8.92 -64.77
C PHE H 303 -32.06 10.41 -65.08
N VAL H 304 -32.52 10.85 -66.24
CA VAL H 304 -32.20 12.19 -66.72
C VAL H 304 -32.84 13.25 -65.83
N PHE H 305 -34.06 13.01 -65.35
CA PHE H 305 -34.74 13.98 -64.51
C PHE H 305 -35.19 13.39 -63.18
N GLU H 306 -34.53 12.34 -62.71
CA GLU H 306 -34.86 11.76 -61.42
C GLU H 306 -34.48 12.72 -60.29
N PRO H 307 -35.16 12.63 -59.15
CA PRO H 307 -34.74 13.41 -57.98
C PRO H 307 -33.31 13.07 -57.59
N ASN H 308 -32.55 14.09 -57.23
CA ASN H 308 -31.12 13.92 -56.93
C ASN H 308 -30.93 13.81 -55.41
N ASN H 309 -31.25 12.62 -54.90
CA ASN H 309 -31.16 12.35 -53.46
C ASN H 309 -30.54 10.97 -53.28
N ALA H 310 -30.59 10.48 -52.03
CA ALA H 310 -29.91 9.23 -51.69
C ALA H 310 -30.57 8.02 -52.36
N ILE H 311 -31.90 8.06 -52.49
CA ILE H 311 -32.62 6.91 -53.06
C ILE H 311 -32.19 6.69 -54.50
N THR H 312 -32.09 7.77 -55.28
CA THR H 312 -31.66 7.64 -56.67
C THR H 312 -30.22 7.16 -56.76
N TRP H 313 -29.35 7.66 -55.89
CA TRP H 313 -27.96 7.24 -55.91
C TRP H 313 -27.82 5.76 -55.62
N MET H 314 -28.57 5.25 -54.65
CA MET H 314 -28.53 3.82 -54.34
C MET H 314 -29.05 2.99 -55.51
N LYS H 315 -30.11 3.47 -56.17
CA LYS H 315 -30.65 2.74 -57.31
C LYS H 315 -29.65 2.69 -58.46
N PHE H 316 -29.02 3.82 -58.78
CA PHE H 316 -28.03 3.84 -59.84
C PHE H 316 -26.81 3.00 -59.49
N LYS H 317 -26.36 3.09 -58.23
CA LYS H 317 -25.18 2.33 -57.81
C LYS H 317 -25.44 0.83 -57.90
N GLY H 318 -26.64 0.40 -57.50
CA GLY H 318 -26.94 -1.03 -57.51
C GLY H 318 -26.95 -1.62 -58.90
N GLN H 319 -27.58 -0.93 -59.84
CA GLN H 319 -27.66 -1.43 -61.21
C GLN H 319 -26.28 -1.48 -61.86
N ALA H 320 -25.49 -0.41 -61.69
CA ALA H 320 -24.16 -0.38 -62.29
C ALA H 320 -23.25 -1.43 -61.66
N HIS H 321 -23.34 -1.61 -60.34
CA HIS H 321 -22.50 -2.59 -59.67
C HIS H 321 -22.83 -4.01 -60.13
N ASN H 322 -24.12 -4.31 -60.29
CA ASN H 322 -24.52 -5.65 -60.71
C ASN H 322 -24.04 -5.96 -62.12
N TRP H 323 -24.16 -4.99 -63.04
CA TRP H 323 -23.73 -5.23 -64.41
C TRP H 323 -22.22 -5.37 -64.50
N LEU H 324 -21.47 -4.55 -63.76
CA LEU H 324 -20.02 -4.65 -63.76
C LEU H 324 -19.57 -5.96 -63.13
N ARG H 325 -20.26 -6.39 -62.06
CA ARG H 325 -19.95 -7.69 -61.47
C ARG H 325 -20.23 -8.81 -62.47
N GLN H 326 -21.31 -8.69 -63.24
CA GLN H 326 -21.59 -9.68 -64.28
C GLN H 326 -20.47 -9.72 -65.31
N LEU H 327 -19.97 -8.55 -65.72
CA LEU H 327 -18.89 -8.51 -66.69
C LEU H 327 -17.58 -9.04 -66.10
N TRP H 328 -17.36 -8.80 -64.80
CA TRP H 328 -16.13 -9.27 -64.18
C TRP H 328 -16.05 -10.79 -64.16
N LEU H 329 -17.17 -11.45 -63.87
CA LEU H 329 -17.19 -12.90 -63.77
C LEU H 329 -17.02 -13.60 -65.12
N LYS H 330 -17.07 -12.86 -66.22
CA LYS H 330 -16.78 -13.40 -67.54
C LYS H 330 -15.31 -13.21 -67.92
N GLY H 331 -14.48 -12.71 -67.00
CA GLY H 331 -13.09 -12.46 -67.28
C GLY H 331 -12.81 -11.18 -68.02
N GLY H 332 -13.78 -10.27 -68.12
CA GLY H 332 -13.58 -9.03 -68.85
C GLY H 332 -12.73 -8.01 -68.13
N LEU H 333 -12.62 -8.12 -66.80
CA LEU H 333 -11.91 -7.14 -65.99
C LEU H 333 -10.76 -7.81 -65.26
N ARG H 334 -9.66 -7.08 -65.11
CA ARG H 334 -8.45 -7.57 -64.45
C ARG H 334 -8.61 -7.35 -62.95
N GLY H 335 -8.80 -8.44 -62.21
CA GLY H 335 -8.92 -8.35 -60.76
C GLY H 335 -9.24 -9.66 -60.09
N THR H 336 -8.73 -9.85 -58.88
CA THR H 336 -9.02 -11.05 -58.10
C THR H 336 -10.25 -10.89 -57.22
N GLN H 337 -10.42 -9.73 -56.59
CA GLN H 337 -11.64 -9.36 -55.89
C GLN H 337 -12.39 -8.29 -56.68
N GLU H 338 -13.52 -7.85 -56.13
CA GLU H 338 -14.31 -6.84 -56.80
C GLU H 338 -13.66 -5.47 -56.74
N ASP H 339 -12.98 -5.15 -55.64
CA ASP H 339 -12.48 -3.79 -55.44
C ASP H 339 -11.45 -3.40 -56.48
N GLN H 340 -10.52 -4.31 -56.81
CA GLN H 340 -9.52 -3.98 -57.82
C GLN H 340 -10.11 -4.05 -59.22
N ALA H 341 -11.18 -4.82 -59.41
CA ALA H 341 -11.77 -4.94 -60.74
C ALA H 341 -12.41 -3.62 -61.18
N PHE H 342 -13.23 -3.02 -60.33
CA PHE H 342 -13.91 -1.79 -60.66
C PHE H 342 -14.35 -1.10 -59.38
N GLU H 343 -14.78 0.15 -59.51
CA GLU H 343 -15.28 0.92 -58.38
C GLU H 343 -16.17 2.03 -58.90
N VAL H 344 -17.32 2.22 -58.25
CA VAL H 344 -18.29 3.24 -58.62
C VAL H 344 -18.53 4.14 -57.41
N LEU H 345 -18.43 5.44 -57.61
CA LEU H 345 -18.65 6.43 -56.57
C LEU H 345 -19.80 7.34 -56.97
N LEU H 346 -20.75 7.52 -56.05
CA LEU H 346 -21.90 8.39 -56.30
C LEU H 346 -22.54 8.74 -54.96
N GLY H 347 -22.56 10.03 -54.64
CA GLY H 347 -23.16 10.46 -53.38
C GLY H 347 -22.97 11.95 -53.21
N VAL H 348 -23.57 12.47 -52.13
CA VAL H 348 -23.41 13.89 -51.81
C VAL H 348 -21.96 14.23 -51.58
N ASP H 349 -21.16 13.26 -51.14
CA ASP H 349 -19.72 13.38 -51.08
C ASP H 349 -19.09 12.37 -52.03
N GLU H 350 -17.75 12.43 -52.11
CA GLU H 350 -16.86 11.57 -52.90
C GLU H 350 -17.20 11.59 -54.38
N SER H 351 -18.23 12.34 -54.78
CA SER H 351 -18.51 12.54 -56.20
C SER H 351 -18.95 13.95 -56.56
N MET H 352 -19.39 14.78 -55.62
CA MET H 352 -19.81 16.15 -55.90
C MET H 352 -19.94 16.87 -54.56
N ARG H 353 -20.47 18.09 -54.60
CA ARG H 353 -20.70 18.91 -53.42
C ARG H 353 -22.14 19.39 -53.41
N GLU H 354 -22.50 20.11 -52.34
CA GLU H 354 -23.86 20.65 -52.24
C GLU H 354 -24.13 21.69 -53.31
N ALA H 355 -23.09 22.43 -53.73
CA ALA H 355 -23.27 23.39 -54.80
C ALA H 355 -23.60 22.72 -56.13
N ASP H 356 -23.13 21.49 -56.32
CA ASP H 356 -23.43 20.77 -57.55
C ASP H 356 -24.91 20.39 -57.62
N LEU H 357 -25.51 20.03 -56.48
CA LEU H 357 -26.92 19.68 -56.47
C LEU H 357 -27.79 20.86 -56.89
N ARG H 358 -27.47 22.05 -56.38
CA ARG H 358 -28.23 23.23 -56.76
C ARG H 358 -28.01 23.58 -58.23
N ALA H 359 -26.83 23.29 -58.76
CA ALA H 359 -26.59 23.43 -60.19
C ALA H 359 -27.40 22.43 -60.99
N GLY H 360 -27.84 21.34 -60.37
CA GLY H 360 -28.70 20.37 -61.01
C GLY H 360 -27.99 19.28 -61.79
N LYS H 361 -26.70 19.04 -61.53
CA LYS H 361 -25.95 18.02 -62.24
C LYS H 361 -25.52 16.92 -61.29
N MET H 362 -25.56 15.69 -61.78
CA MET H 362 -25.16 14.51 -61.02
C MET H 362 -23.86 13.97 -61.60
N ILE H 363 -22.90 13.67 -60.73
CA ILE H 363 -21.56 13.26 -61.15
C ILE H 363 -21.32 11.83 -60.68
N ILE H 364 -20.97 10.95 -61.61
CA ILE H 364 -20.67 9.55 -61.32
C ILE H 364 -19.26 9.27 -61.81
N LYS H 365 -18.44 8.70 -60.93
CA LYS H 365 -17.05 8.36 -61.24
C LYS H 365 -16.90 6.85 -61.23
N ILE H 366 -16.40 6.30 -62.34
CA ILE H 366 -16.22 4.86 -62.51
C ILE H 366 -14.76 4.59 -62.83
N ARG H 367 -14.14 3.70 -62.07
CA ARG H 367 -12.76 3.28 -62.31
C ARG H 367 -12.74 1.85 -62.84
N LEU H 368 -11.89 1.61 -63.82
CA LEU H 368 -11.83 0.32 -64.49
C LEU H 368 -10.38 -0.17 -64.55
N ALA H 369 -10.23 -1.49 -64.72
CA ALA H 369 -8.93 -2.13 -64.88
C ALA H 369 -9.02 -3.07 -66.07
N VAL H 370 -8.38 -2.69 -67.17
CA VAL H 370 -8.46 -3.44 -68.41
C VAL H 370 -7.40 -4.54 -68.42
N LEU H 371 -7.54 -5.50 -69.33
CA LEU H 371 -6.59 -6.60 -69.47
C LEU H 371 -5.50 -6.23 -70.47
N ILE H 372 -4.45 -7.05 -70.47
CA ILE H 372 -3.31 -6.88 -71.37
C ILE H 372 -3.10 -8.20 -72.11
N PRO H 373 -3.04 -8.20 -73.45
CA PRO H 373 -2.85 -9.44 -74.21
C PRO H 373 -1.47 -10.05 -74.03
N THR I 2 11.45 -25.93 66.05
CA THR I 2 12.88 -25.81 65.86
C THR I 2 13.62 -26.89 66.64
N THR I 3 13.70 -28.09 66.07
CA THR I 3 14.43 -29.17 66.71
C THR I 3 15.93 -28.87 66.71
N ILE I 4 16.57 -29.13 67.84
CA ILE I 4 18.01 -28.96 67.98
C ILE I 4 18.67 -30.30 67.68
N THR I 5 19.37 -30.38 66.56
CA THR I 5 20.09 -31.59 66.17
C THR I 5 21.38 -31.65 66.98
N THR I 6 21.49 -32.64 67.84
CA THR I 6 22.64 -32.78 68.74
C THR I 6 23.31 -34.14 68.67
N TYR I 7 22.62 -35.18 68.22
CA TYR I 7 23.21 -36.48 68.02
C TYR I 7 22.83 -37.01 66.65
N PRO I 8 23.71 -37.78 66.02
CA PRO I 8 23.37 -38.36 64.70
C PRO I 8 22.23 -39.36 64.82
N GLY I 9 21.28 -39.25 63.89
CA GLY I 9 20.12 -40.12 63.92
C GLY I 9 19.02 -39.55 63.04
N VAL I 10 17.80 -40.02 63.31
CA VAL I 10 16.61 -39.60 62.56
C VAL I 10 15.66 -38.91 63.54
N TYR I 11 15.19 -37.73 63.15
CA TYR I 11 14.30 -36.91 63.98
C TYR I 11 12.91 -36.86 63.35
N ILE I 12 11.89 -36.79 64.21
CA ILE I 12 10.50 -36.80 63.78
C ILE I 12 9.88 -35.46 64.15
N GLU I 13 9.23 -34.82 63.19
CA GLU I 13 8.49 -33.59 63.41
C GLU I 13 7.03 -33.79 63.03
N GLU I 14 6.15 -33.14 63.78
CA GLU I 14 4.73 -33.11 63.48
C GLU I 14 4.28 -31.67 63.40
N ASP I 15 3.50 -31.35 62.37
CA ASP I 15 3.02 -29.99 62.20
C ASP I 15 2.15 -29.60 63.38
N ALA I 16 2.40 -28.43 63.95
CA ALA I 16 1.67 -27.94 65.11
C ALA I 16 0.98 -26.61 64.85
N SER I 17 1.02 -26.11 63.62
CA SER I 17 0.30 -24.89 63.28
C SER I 17 -1.19 -25.10 63.47
N LEU I 18 -1.87 -24.04 63.93
CA LEU I 18 -3.28 -24.15 64.28
C LEU I 18 -4.14 -24.40 63.04
N SER I 19 -5.12 -25.28 63.19
CA SER I 19 -6.14 -25.50 62.18
C SER I 19 -7.47 -25.00 62.75
N LEU I 20 -8.11 -24.10 62.02
CA LEU I 20 -9.25 -23.34 62.55
C LEU I 20 -10.49 -23.61 61.71
N SER I 21 -11.59 -23.92 62.39
CA SER I 21 -12.89 -24.03 61.76
C SER I 21 -13.96 -23.83 62.81
N VAL I 22 -15.15 -23.46 62.37
CA VAL I 22 -16.26 -23.16 63.26
C VAL I 22 -17.22 -24.34 63.27
N SER I 23 -17.63 -24.75 64.48
CA SER I 23 -18.54 -25.87 64.66
C SER I 23 -19.86 -25.36 65.23
N SER I 24 -20.96 -25.87 64.67
CA SER I 24 -22.29 -25.46 65.10
C SER I 24 -22.62 -26.09 66.45
N SER I 25 -23.14 -25.27 67.37
CA SER I 25 -23.50 -25.74 68.69
C SER I 25 -25.00 -25.96 68.78
N ALA I 26 -25.49 -26.30 69.96
CA ALA I 26 -26.92 -26.46 70.21
C ALA I 26 -27.50 -25.10 70.57
N THR I 27 -28.55 -24.70 69.85
CA THR I 27 -29.13 -23.37 69.99
C THR I 27 -30.50 -23.39 70.64
N ALA I 28 -30.82 -24.40 71.44
CA ALA I 28 -32.14 -24.54 72.02
C ALA I 28 -32.13 -25.00 73.47
N VAL I 29 -31.00 -24.91 74.17
CA VAL I 29 -30.93 -25.35 75.56
C VAL I 29 -31.62 -24.31 76.45
N PRO I 30 -32.72 -24.67 77.12
CA PRO I 30 -33.44 -23.70 77.94
C PRO I 30 -33.07 -23.79 79.42
N VAL I 31 -33.52 -22.79 80.16
CA VAL I 31 -33.42 -22.77 81.62
C VAL I 31 -34.80 -22.40 82.17
N PHE I 32 -35.31 -23.21 83.09
CA PHE I 32 -36.61 -23.01 83.68
C PHE I 32 -36.48 -22.41 85.08
N ALA I 33 -37.38 -21.49 85.40
CA ALA I 33 -37.43 -20.87 86.71
C ALA I 33 -38.30 -21.71 87.63
N VAL I 34 -37.81 -21.93 88.85
CA VAL I 34 -38.49 -22.74 89.85
C VAL I 34 -38.71 -21.90 91.09
N ALA I 35 -39.89 -22.03 91.68
CA ALA I 35 -40.22 -21.27 92.88
C ALA I 35 -39.36 -21.74 94.07
N GLY I 36 -39.26 -20.87 95.06
CA GLY I 36 -38.39 -21.16 96.20
C GLY I 36 -38.87 -22.33 97.03
N ASP I 37 -40.19 -22.45 97.22
CA ASP I 37 -40.75 -23.47 98.10
C ASP I 37 -40.67 -24.87 97.52
N ASN I 38 -40.29 -25.03 96.26
CA ASN I 38 -40.23 -26.36 95.66
C ASN I 38 -39.16 -27.20 96.34
N PRO I 39 -39.46 -28.41 96.78
CA PRO I 39 -38.47 -29.20 97.52
C PRO I 39 -37.39 -29.79 96.63
N LEU I 40 -37.69 -30.04 95.35
CA LEU I 40 -36.70 -30.67 94.48
C LEU I 40 -35.49 -29.77 94.26
N ILE I 41 -35.72 -28.47 94.06
CA ILE I 41 -34.63 -27.55 93.76
C ILE I 41 -33.95 -27.01 95.01
N SER I 42 -34.61 -27.07 96.17
CA SER I 42 -34.02 -26.54 97.39
C SER I 42 -32.79 -27.33 97.80
N GLY I 43 -31.75 -26.61 98.21
CA GLY I 43 -30.53 -27.25 98.67
C GLY I 43 -29.58 -27.69 97.57
N LYS I 44 -29.66 -27.11 96.38
CA LYS I 44 -28.79 -27.49 95.29
C LYS I 44 -28.68 -26.32 94.32
N PRO I 45 -27.54 -26.16 93.64
CA PRO I 45 -27.40 -25.04 92.69
C PRO I 45 -28.33 -25.15 91.50
N TYR I 46 -28.34 -26.31 90.84
CA TYR I 46 -29.18 -26.49 89.66
C TYR I 46 -29.45 -27.98 89.46
N ILE I 47 -30.45 -28.26 88.64
CA ILE I 47 -30.83 -29.63 88.29
C ILE I 47 -30.88 -29.73 86.77
N ARG I 48 -30.24 -30.75 86.22
CA ARG I 48 -30.27 -31.03 84.80
C ARG I 48 -31.20 -32.21 84.54
N ILE I 49 -32.19 -32.00 83.69
CA ILE I 49 -33.20 -33.01 83.38
C ILE I 49 -33.17 -33.28 81.88
N SER I 50 -33.03 -34.54 81.50
CA SER I 50 -32.89 -34.93 80.11
C SER I 50 -34.11 -35.63 79.54
N ASN I 51 -35.12 -35.93 80.36
CA ASN I 51 -36.29 -36.64 79.87
C ASN I 51 -37.45 -36.40 80.83
N TRP I 52 -38.67 -36.52 80.30
CA TRP I 52 -39.85 -36.39 81.14
C TRP I 52 -39.91 -37.51 82.18
N LEU I 53 -39.58 -38.75 81.77
CA LEU I 53 -39.51 -39.84 82.72
C LEU I 53 -38.41 -39.63 83.74
N GLU I 54 -37.29 -39.03 83.32
CA GLU I 54 -36.20 -38.75 84.25
C GLU I 54 -36.65 -37.78 85.35
N TYR I 55 -37.46 -36.78 84.97
CA TYR I 55 -38.00 -35.86 85.98
C TYR I 55 -38.84 -36.60 87.00
N LEU I 56 -39.66 -37.55 86.54
CA LEU I 56 -40.43 -38.36 87.48
C LEU I 56 -39.51 -39.22 88.34
N THR I 57 -38.40 -39.69 87.78
CA THR I 57 -37.44 -40.46 88.56
C THR I 57 -36.83 -39.63 89.67
N LEU I 58 -36.47 -38.38 89.38
CA LEU I 58 -35.98 -37.49 90.42
C LEU I 58 -37.05 -37.22 91.47
N LYS I 59 -38.30 -37.06 91.04
CA LYS I 59 -39.41 -36.95 91.96
C LYS I 59 -39.69 -38.31 92.61
N ASN I 60 -40.56 -38.29 93.62
CA ASN I 60 -41.01 -39.52 94.27
C ASN I 60 -42.51 -39.68 94.27
N GLU I 61 -43.24 -38.76 93.64
CA GLU I 61 -44.69 -38.85 93.53
C GLU I 61 -45.11 -39.09 92.08
N GLN I 62 -46.41 -39.27 91.89
CA GLN I 62 -46.95 -39.39 90.54
C GLN I 62 -47.12 -38.01 89.92
N PHE I 63 -47.60 -37.98 88.69
CA PHE I 63 -47.79 -36.71 88.00
C PHE I 63 -48.85 -35.87 88.72
N ASP I 64 -48.52 -34.61 88.97
CA ASP I 64 -49.42 -33.70 89.68
C ASP I 64 -49.86 -32.60 88.73
N PRO I 65 -51.15 -32.51 88.40
CA PRO I 65 -51.64 -31.42 87.55
C PRO I 65 -51.85 -30.09 88.28
N ALA I 66 -51.58 -30.04 89.59
CA ALA I 66 -51.79 -28.83 90.37
C ALA I 66 -50.53 -28.01 90.57
N ASN I 67 -49.35 -28.57 90.28
CA ASN I 67 -48.10 -27.86 90.43
C ASN I 67 -47.62 -27.38 89.06
N THR I 68 -47.24 -26.10 88.99
CA THR I 68 -46.86 -25.50 87.72
C THR I 68 -45.63 -26.15 87.11
N LEU I 69 -44.72 -26.67 87.95
CA LEU I 69 -43.48 -27.24 87.44
C LEU I 69 -43.75 -28.48 86.60
N ASP I 70 -44.65 -29.35 87.07
CA ASP I 70 -44.86 -30.62 86.39
C ASP I 70 -45.56 -30.42 85.04
N ILE I 71 -46.61 -29.60 85.01
CA ILE I 71 -47.33 -29.37 83.76
C ILE I 71 -46.44 -28.67 82.75
N SER I 72 -45.64 -27.70 83.20
CA SER I 72 -44.75 -27.00 82.29
C SER I 72 -43.72 -27.94 81.70
N LEU I 73 -43.16 -28.84 82.53
CA LEU I 73 -42.13 -29.75 82.04
C LEU I 73 -42.70 -30.74 81.04
N ARG I 74 -43.87 -31.31 81.31
CA ARG I 74 -44.46 -32.27 80.38
C ARG I 74 -44.92 -31.59 79.10
N ALA I 75 -45.37 -30.33 79.20
CA ALA I 75 -45.70 -29.58 78.00
C ALA I 75 -44.47 -29.32 77.15
N TYR I 76 -43.34 -29.00 77.79
CA TYR I 76 -42.10 -28.77 77.06
C TYR I 76 -41.63 -30.04 76.37
N PHE I 77 -41.68 -31.18 77.07
CA PHE I 77 -41.17 -32.42 76.51
C PHE I 77 -42.09 -33.00 75.44
N ILE I 78 -43.40 -32.87 75.60
CA ILE I 78 -44.33 -33.39 74.61
C ILE I 78 -44.20 -32.65 73.27
N ASN I 79 -43.69 -31.42 73.29
CA ASN I 79 -43.47 -30.65 72.08
C ASN I 79 -42.09 -30.87 71.48
N GLY I 80 -41.30 -31.78 72.06
CA GLY I 80 -39.94 -31.98 71.62
C GLY I 80 -38.96 -31.07 72.35
N GLY I 81 -37.68 -31.38 72.20
CA GLY I 81 -36.65 -30.57 72.83
C GLY I 81 -35.49 -31.44 73.27
N GLY I 82 -34.81 -30.96 74.31
CA GLY I 82 -33.68 -31.66 74.87
C GLY I 82 -33.53 -31.45 76.36
N TYR I 83 -32.32 -31.59 76.87
CA TYR I 83 -32.09 -31.41 78.30
C TYR I 83 -32.30 -29.96 78.70
N CYS I 84 -32.83 -29.75 79.90
CA CYS I 84 -33.10 -28.42 80.43
C CYS I 84 -32.60 -28.33 81.86
N TYR I 85 -32.30 -27.11 82.29
CA TYR I 85 -31.81 -26.85 83.64
C TYR I 85 -32.91 -26.21 84.47
N LEU I 86 -32.93 -26.54 85.76
CA LEU I 86 -33.84 -25.93 86.72
C LEU I 86 -33.04 -25.09 87.70
N VAL I 87 -33.38 -23.81 87.79
CA VAL I 87 -32.69 -22.87 88.67
C VAL I 87 -33.73 -22.08 89.45
N GLN I 88 -33.44 -21.82 90.72
CA GLN I 88 -34.31 -20.96 91.52
C GLN I 88 -34.31 -19.55 90.95
N THR I 89 -35.44 -18.87 91.07
CA THR I 89 -35.57 -17.54 90.50
C THR I 89 -34.57 -16.57 91.12
N THR I 90 -34.38 -16.63 92.43
CA THR I 90 -33.44 -15.73 93.10
C THR I 90 -31.99 -16.06 92.79
N ASP I 91 -31.71 -17.21 92.18
CA ASP I 91 -30.34 -17.61 91.86
C ASP I 91 -30.04 -17.56 90.36
N LEU I 92 -30.95 -16.98 89.56
CA LEU I 92 -30.74 -16.94 88.13
C LEU I 92 -29.54 -16.07 87.76
N GLU I 93 -29.37 -14.94 88.46
CA GLU I 93 -28.28 -14.03 88.11
C GLU I 93 -26.92 -14.64 88.36
N LYS I 94 -26.83 -15.67 89.21
CA LYS I 94 -25.57 -16.31 89.52
C LYS I 94 -25.31 -17.53 88.65
N GLN I 95 -26.28 -18.44 88.56
CA GLN I 95 -26.04 -19.74 87.94
C GLN I 95 -26.01 -19.66 86.42
N VAL I 96 -26.83 -18.77 85.83
CA VAL I 96 -26.90 -18.72 84.36
C VAL I 96 -25.56 -18.39 83.71
N PRO I 97 -24.81 -17.38 84.16
CA PRO I 97 -23.48 -17.16 83.55
C PRO I 97 -22.53 -18.31 83.79
N LYS I 98 -22.74 -19.11 84.83
CA LYS I 98 -21.87 -20.24 85.11
C LYS I 98 -22.11 -21.42 84.17
N LEU I 99 -23.18 -21.40 83.38
CA LEU I 99 -23.50 -22.46 82.45
C LEU I 99 -23.33 -21.91 81.03
N ASP I 100 -22.28 -22.36 80.34
CA ASP I 100 -21.96 -21.85 79.02
C ASP I 100 -22.80 -22.44 77.89
N ASP I 101 -23.56 -23.51 78.16
CA ASP I 101 -24.39 -24.13 77.15
C ASP I 101 -25.82 -23.59 77.13
N VAL I 102 -26.16 -22.70 78.06
CA VAL I 102 -27.52 -22.18 78.14
C VAL I 102 -27.76 -21.19 77.01
N THR I 103 -28.87 -21.36 76.30
CA THR I 103 -29.24 -20.48 75.20
C THR I 103 -30.54 -19.73 75.45
N LEU I 104 -31.55 -20.37 76.01
CA LEU I 104 -32.85 -19.76 76.23
C LEU I 104 -33.14 -19.64 77.71
N LEU I 105 -33.80 -18.55 78.09
CA LEU I 105 -34.30 -18.35 79.44
C LEU I 105 -35.82 -18.36 79.39
N VAL I 106 -36.43 -19.24 80.18
CA VAL I 106 -37.87 -19.49 80.12
C VAL I 106 -38.48 -19.08 81.46
N ALA I 107 -39.54 -18.27 81.40
CA ALA I 107 -40.17 -17.78 82.61
C ALA I 107 -40.80 -18.93 83.40
N ALA I 108 -41.44 -19.87 82.71
CA ALA I 108 -42.09 -21.03 83.33
C ALA I 108 -43.13 -20.63 84.36
N GLY I 109 -43.79 -19.50 84.14
CA GLY I 109 -44.94 -19.12 84.94
C GLY I 109 -44.65 -18.31 86.19
N GLU I 110 -43.57 -17.54 86.22
CA GLU I 110 -43.31 -16.66 87.36
C GLU I 110 -42.44 -15.50 86.91
N ASN I 111 -42.41 -14.47 87.76
CA ASN I 111 -41.77 -13.21 87.42
C ASN I 111 -40.25 -13.39 87.36
N ILE I 112 -39.68 -13.19 86.18
CA ILE I 112 -38.24 -13.24 85.98
C ILE I 112 -37.79 -11.97 85.27
N THR I 113 -38.53 -10.88 85.45
CA THR I 113 -38.22 -9.64 84.75
C THR I 113 -36.85 -9.10 85.15
N THR I 114 -36.54 -9.13 86.44
CA THR I 114 -35.26 -8.61 86.90
C THR I 114 -34.09 -9.41 86.33
N ALA I 115 -34.23 -10.73 86.29
CA ALA I 115 -33.15 -11.57 85.80
C ALA I 115 -32.86 -11.31 84.32
N VAL I 116 -33.92 -11.10 83.52
CA VAL I 116 -33.74 -10.91 82.09
C VAL I 116 -32.96 -9.64 81.80
N SER I 117 -33.30 -8.55 82.48
CA SER I 117 -32.69 -7.26 82.18
C SER I 117 -31.20 -7.26 82.53
N THR I 118 -30.80 -8.04 83.53
CA THR I 118 -29.41 -8.08 83.96
C THR I 118 -28.61 -9.18 83.28
N LEU I 119 -29.23 -10.02 82.47
CA LEU I 119 -28.55 -11.13 81.80
C LEU I 119 -28.56 -11.00 80.28
N CYS I 120 -29.72 -10.78 79.69
CA CYS I 120 -29.84 -10.71 78.23
C CYS I 120 -29.29 -9.37 77.75
N LYS I 121 -28.03 -9.35 77.37
CA LYS I 121 -27.35 -8.16 76.90
C LYS I 121 -26.55 -8.52 75.66
N PRO I 122 -26.22 -7.55 74.82
CA PRO I 122 -25.50 -7.86 73.58
C PRO I 122 -24.20 -8.59 73.83
N GLY I 123 -23.95 -9.61 73.01
CA GLY I 123 -22.76 -10.44 73.14
C GLY I 123 -22.90 -11.61 74.08
N LYS I 124 -23.94 -11.63 74.92
CA LYS I 124 -24.12 -12.73 75.87
C LYS I 124 -24.65 -13.99 75.22
N GLY I 125 -25.42 -13.88 74.15
CA GLY I 125 -25.95 -15.03 73.45
C GLY I 125 -27.22 -15.63 74.04
N LEU I 126 -27.79 -15.02 75.07
CA LEU I 126 -29.00 -15.53 75.67
C LEU I 126 -30.24 -14.95 75.00
N PHE I 127 -31.36 -15.64 75.17
CA PHE I 127 -32.66 -15.16 74.71
C PHE I 127 -33.71 -15.54 75.74
N ALA I 128 -34.74 -14.72 75.86
CA ALA I 128 -35.74 -14.87 76.91
C ALA I 128 -37.12 -15.05 76.32
N ILE I 129 -37.93 -15.86 76.99
CA ILE I 129 -39.32 -16.10 76.62
C ILE I 129 -40.20 -15.77 77.82
N PHE I 130 -41.16 -14.87 77.62
CA PHE I 130 -42.02 -14.40 78.70
C PHE I 130 -43.39 -15.08 78.61
N ASP I 131 -44.26 -14.69 79.53
CA ASP I 131 -45.64 -15.15 79.56
C ASP I 131 -46.58 -13.94 79.49
N GLY I 132 -47.61 -14.05 78.65
CA GLY I 132 -48.55 -12.99 78.50
C GLY I 132 -49.48 -12.86 79.70
N PRO I 133 -50.34 -11.86 79.67
CA PRO I 133 -51.29 -11.66 80.77
C PRO I 133 -52.27 -12.82 80.87
N THR I 134 -52.70 -13.10 82.10
CA THR I 134 -53.61 -14.22 82.35
C THR I 134 -55.08 -13.86 82.13
N THR I 135 -55.40 -12.58 81.99
CA THR I 135 -56.77 -12.12 81.89
C THR I 135 -57.17 -11.95 80.42
N GLU I 136 -58.35 -11.37 80.20
CA GLU I 136 -58.80 -11.05 78.85
C GLU I 136 -57.90 -10.00 78.23
N LEU I 137 -57.69 -10.12 76.92
CA LEU I 137 -56.90 -9.14 76.19
C LEU I 137 -57.73 -7.86 76.03
N LYS I 138 -57.26 -6.78 76.66
CA LYS I 138 -58.03 -5.55 76.67
C LYS I 138 -58.07 -4.94 75.28
N SER I 139 -59.26 -4.46 74.87
CA SER I 139 -59.50 -4.15 73.47
C SER I 139 -58.65 -2.99 72.98
N ASP I 140 -58.49 -1.94 73.80
CA ASP I 140 -57.80 -0.74 73.33
C ASP I 140 -56.31 -0.96 73.12
N GLY I 141 -55.75 -2.07 73.59
CA GLY I 141 -54.38 -2.42 73.28
C GLY I 141 -53.31 -1.89 74.21
N THR I 142 -53.66 -1.53 75.44
CA THR I 142 -52.68 -1.00 76.39
C THR I 142 -52.17 -2.05 77.36
N SER I 143 -52.51 -3.32 77.16
CA SER I 143 -52.04 -4.37 78.07
C SER I 143 -50.65 -4.84 77.70
N ASN I 144 -49.75 -3.87 77.49
CA ASN I 144 -48.34 -4.13 77.23
C ASN I 144 -47.42 -3.28 78.10
N SER I 145 -47.98 -2.45 78.97
CA SER I 145 -47.17 -1.46 79.70
C SER I 145 -46.18 -2.13 80.64
N ASP I 146 -46.55 -3.26 81.25
CA ASP I 146 -45.67 -3.90 82.22
C ASP I 146 -44.38 -4.41 81.58
N TYR I 147 -44.39 -4.64 80.27
CA TYR I 147 -43.22 -5.21 79.60
C TYR I 147 -42.23 -4.15 79.19
N ASP I 148 -40.95 -4.46 79.33
CA ASP I 148 -39.81 -3.61 78.98
C ASP I 148 -39.37 -3.91 77.55
N PRO I 149 -39.27 -2.90 76.68
CA PRO I 149 -38.89 -3.17 75.29
C PRO I 149 -37.45 -3.65 75.13
N ASN I 150 -37.20 -4.90 75.49
CA ASN I 150 -35.89 -5.54 75.34
C ASN I 150 -35.85 -6.34 74.04
N PRO I 151 -34.91 -6.06 73.14
CA PRO I 151 -34.86 -6.78 71.85
C PRO I 151 -34.43 -8.24 71.98
N PHE I 152 -34.14 -8.72 73.19
CA PHE I 152 -33.72 -10.10 73.40
C PHE I 152 -34.83 -10.95 74.01
N ALA I 153 -36.07 -10.48 74.02
CA ALA I 153 -37.16 -11.18 74.68
C ALA I 153 -38.40 -11.18 73.79
N ALA I 154 -39.28 -12.15 74.06
CA ALA I 154 -40.56 -12.26 73.37
C ALA I 154 -41.62 -12.70 74.36
N VAL I 155 -42.86 -12.31 74.08
CA VAL I 155 -44.00 -12.62 74.95
C VAL I 155 -45.04 -13.38 74.14
N TYR I 156 -45.57 -14.44 74.73
CA TYR I 156 -46.54 -15.30 74.07
C TYR I 156 -47.85 -15.32 74.86
N TYR I 157 -48.97 -15.34 74.13
CA TYR I 157 -50.30 -15.27 74.69
C TYR I 157 -51.23 -16.12 73.84
N PRO I 158 -52.23 -16.78 74.45
CA PRO I 158 -52.54 -16.86 75.89
C PRO I 158 -52.02 -18.13 76.53
N TRP I 159 -52.32 -18.34 77.82
CA TRP I 159 -51.94 -19.56 78.49
C TRP I 159 -52.70 -20.74 77.92
N LEU I 160 -52.06 -21.91 77.94
CA LEU I 160 -52.60 -23.10 77.32
C LEU I 160 -53.26 -24.01 78.36
N THR I 161 -54.26 -24.77 77.90
CA THR I 161 -54.96 -25.74 78.73
C THR I 161 -55.05 -27.06 77.99
N ALA I 162 -55.08 -28.15 78.76
CA ALA I 162 -55.15 -29.49 78.21
C ALA I 162 -56.17 -30.30 78.99
N ASP I 163 -56.40 -31.53 78.53
CA ASP I 163 -57.35 -32.41 79.21
C ASP I 163 -56.89 -32.75 80.62
N TRP I 164 -55.58 -33.00 80.79
CA TRP I 164 -55.06 -33.36 82.10
C TRP I 164 -55.04 -32.18 83.07
N THR I 165 -55.08 -30.95 82.56
CA THR I 165 -55.13 -29.78 83.44
C THR I 165 -56.46 -29.74 84.18
N THR I 166 -56.40 -29.39 85.47
CA THR I 166 -57.58 -29.37 86.32
C THR I 166 -57.97 -27.95 86.72
N THR I 167 -57.05 -27.18 87.30
CA THR I 167 -57.35 -25.82 87.71
C THR I 167 -56.23 -24.83 87.43
N ILE I 168 -55.06 -25.26 87.00
CA ILE I 168 -53.94 -24.38 86.70
C ILE I 168 -53.58 -24.57 85.24
N ASP I 169 -53.54 -23.47 84.49
CA ASP I 169 -53.26 -23.51 83.07
C ASP I 169 -51.77 -23.46 82.79
N ILE I 170 -51.37 -24.14 81.72
CA ILE I 170 -49.95 -24.23 81.36
C ILE I 170 -49.46 -22.87 80.87
N PRO I 171 -48.36 -22.36 81.40
CA PRO I 171 -47.78 -21.13 80.84
C PRO I 171 -47.33 -21.36 79.40
N PRO I 172 -47.57 -20.40 78.51
CA PRO I 172 -47.21 -20.61 77.09
C PRO I 172 -45.73 -20.78 76.86
N SER I 173 -44.88 -20.16 77.68
CA SER I 173 -43.44 -20.21 77.43
C SER I 173 -42.89 -21.62 77.51
N ALA I 174 -43.49 -22.47 78.36
CA ALA I 174 -43.02 -23.84 78.49
C ALA I 174 -43.18 -24.60 77.17
N ALA I 175 -44.34 -24.48 76.53
CA ALA I 175 -44.56 -25.16 75.26
C ALA I 175 -43.78 -24.51 74.13
N ILE I 176 -43.63 -23.18 74.15
CA ILE I 176 -42.93 -22.48 73.08
C ILE I 176 -41.47 -22.89 73.04
N ALA I 177 -40.86 -23.11 74.20
CA ALA I 177 -39.47 -23.52 74.24
C ALA I 177 -39.26 -24.84 73.50
N GLY I 178 -40.20 -25.78 73.66
CA GLY I 178 -40.11 -27.02 72.92
C GLY I 178 -40.25 -26.81 71.42
N VAL I 179 -41.08 -25.85 71.02
CA VAL I 179 -41.26 -25.57 69.61
C VAL I 179 -39.97 -25.04 69.00
N TYR I 180 -39.21 -24.27 69.78
CA TYR I 180 -37.96 -23.70 69.28
C TYR I 180 -36.98 -24.80 68.89
N CYS I 181 -36.85 -25.83 69.72
CA CYS I 181 -35.91 -26.91 69.41
C CYS I 181 -36.36 -27.71 68.18
N SER I 182 -37.66 -27.99 68.07
CA SER I 182 -38.15 -28.77 66.94
C SER I 182 -37.95 -28.01 65.64
N VAL I 183 -38.24 -26.72 65.62
CA VAL I 183 -38.04 -25.93 64.42
C VAL I 183 -36.56 -25.81 64.08
N ASP I 184 -35.73 -25.59 65.10
CA ASP I 184 -34.29 -25.44 64.87
C ASP I 184 -33.68 -26.71 64.29
N SER I 185 -34.09 -27.87 64.81
CA SER I 185 -33.51 -29.12 64.35
C SER I 185 -33.97 -29.46 62.94
N THR I 186 -35.22 -29.16 62.60
CA THR I 186 -35.78 -29.53 61.31
C THR I 186 -35.42 -28.52 60.22
N ARG I 187 -35.71 -27.25 60.44
CA ARG I 187 -35.53 -26.23 59.41
C ARG I 187 -34.31 -25.33 59.64
N GLY I 188 -33.93 -25.10 60.88
CA GLY I 188 -32.79 -24.24 61.16
C GLY I 188 -33.13 -23.09 62.08
N VAL I 189 -32.11 -22.46 62.65
CA VAL I 189 -32.33 -21.35 63.57
C VAL I 189 -32.92 -20.13 62.86
N TRP I 190 -32.52 -19.88 61.62
CA TRP I 190 -33.04 -18.73 60.87
C TRP I 190 -34.50 -18.88 60.49
N LYS I 191 -35.08 -20.07 60.61
CA LYS I 191 -36.49 -20.27 60.34
C LYS I 191 -37.33 -19.67 61.46
N ALA I 192 -38.43 -19.05 61.08
CA ALA I 192 -39.32 -18.43 62.07
C ALA I 192 -40.05 -19.51 62.86
N PRO I 193 -40.02 -19.46 64.19
CA PRO I 193 -40.77 -20.42 65.01
C PRO I 193 -42.26 -20.08 65.06
N ALA I 194 -42.88 -20.01 63.89
CA ALA I 194 -44.29 -19.72 63.77
C ALA I 194 -44.86 -20.51 62.60
N ASN I 195 -46.18 -20.48 62.46
CA ASN I 195 -46.90 -21.29 61.47
C ASN I 195 -46.57 -22.77 61.65
N VAL I 196 -46.43 -23.19 62.90
CA VAL I 196 -46.13 -24.58 63.23
C VAL I 196 -47.10 -25.04 64.30
N PRO I 197 -47.52 -26.31 64.29
CA PRO I 197 -48.51 -26.77 65.26
C PRO I 197 -47.89 -27.04 66.63
N ILE I 198 -48.76 -27.09 67.63
CA ILE I 198 -48.38 -27.48 68.98
C ILE I 198 -48.63 -28.98 69.12
N GLN I 199 -47.58 -29.74 69.43
CA GLN I 199 -47.64 -31.19 69.33
C GLN I 199 -48.39 -31.83 70.49
N GLY I 200 -48.58 -31.10 71.58
CA GLY I 200 -49.18 -31.68 72.76
C GLY I 200 -50.68 -31.77 72.79
N GLY I 201 -51.36 -31.35 71.72
CA GLY I 201 -52.81 -31.31 71.75
C GLY I 201 -53.35 -30.31 72.75
N LEU I 202 -52.67 -29.19 72.91
CA LEU I 202 -53.06 -28.17 73.87
C LEU I 202 -53.97 -27.15 73.20
N GLN I 203 -54.81 -26.51 74.02
CA GLN I 203 -55.78 -25.56 73.52
C GLN I 203 -55.61 -24.22 74.21
N PRO I 204 -55.66 -23.12 73.48
CA PRO I 204 -55.58 -21.80 74.12
C PRO I 204 -56.76 -21.54 75.02
N LYS I 205 -56.51 -20.80 76.10
CA LYS I 205 -57.56 -20.52 77.07
C LYS I 205 -58.61 -19.57 76.51
N TYR I 206 -58.19 -18.60 75.70
CA TYR I 206 -59.11 -17.65 75.10
C TYR I 206 -58.89 -17.59 73.60
N PRO I 207 -59.95 -17.33 72.83
CA PRO I 207 -59.78 -17.12 71.38
C PRO I 207 -59.38 -15.70 71.08
N VAL I 208 -58.58 -15.55 70.03
CA VAL I 208 -58.10 -14.26 69.57
C VAL I 208 -58.58 -14.04 68.15
N THR I 209 -59.32 -12.95 67.94
CA THR I 209 -59.82 -12.60 66.62
C THR I 209 -58.70 -12.06 65.74
N ASP I 210 -58.99 -12.00 64.44
CA ASP I 210 -57.99 -11.49 63.50
C ASP I 210 -57.67 -10.02 63.78
N ASP I 211 -58.69 -9.22 64.07
CA ASP I 211 -58.46 -7.79 64.30
C ASP I 211 -57.80 -7.53 65.65
N LEU I 212 -58.10 -8.37 66.65
CA LEU I 212 -57.49 -8.19 67.96
C LEU I 212 -55.98 -8.41 67.91
N GLN I 213 -55.55 -9.44 67.18
CA GLN I 213 -54.11 -9.64 66.97
C GLN I 213 -53.50 -8.45 66.25
N ALA I 214 -54.21 -7.91 65.25
CA ALA I 214 -53.71 -6.76 64.52
C ALA I 214 -53.46 -5.56 65.43
N GLN I 215 -54.17 -5.48 66.56
CA GLN I 215 -53.98 -4.36 67.47
C GLN I 215 -52.68 -4.52 68.26
N TYR I 216 -52.30 -5.76 68.59
CA TYR I 216 -51.16 -6.03 69.44
C TYR I 216 -49.92 -6.45 68.65
N ASN I 217 -49.92 -6.34 67.34
CA ASN I 217 -48.79 -6.78 66.53
C ASN I 217 -47.80 -5.66 66.25
N GLN I 218 -47.95 -4.51 66.88
CA GLN I 218 -47.04 -3.38 66.68
C GLN I 218 -46.32 -3.06 68.00
N GLY I 219 -45.14 -2.46 67.85
CA GLY I 219 -44.35 -2.12 69.03
C GLY I 219 -43.95 -3.36 69.80
N LYS I 220 -44.18 -3.32 71.12
CA LYS I 220 -43.91 -4.48 71.98
C LYS I 220 -45.00 -5.50 71.73
N ALA I 221 -44.83 -6.28 70.66
CA ALA I 221 -45.87 -7.18 70.19
C ALA I 221 -45.99 -8.40 71.09
N LEU I 222 -47.18 -9.01 71.06
CA LEU I 222 -47.46 -10.26 71.75
C LEU I 222 -47.72 -11.33 70.70
N ASN I 223 -46.80 -12.27 70.56
CA ASN I 223 -47.00 -13.39 69.65
C ASN I 223 -48.17 -14.24 70.14
N MET I 224 -49.02 -14.66 69.20
CA MET I 224 -50.32 -15.23 69.54
C MET I 224 -50.37 -16.70 69.17
N ILE I 225 -51.02 -17.49 70.03
CA ILE I 225 -51.31 -18.89 69.74
C ILE I 225 -52.79 -19.00 69.43
N ARG I 226 -53.12 -19.36 68.21
CA ARG I 226 -54.50 -19.33 67.73
C ARG I 226 -54.87 -20.67 67.11
N THR I 227 -56.18 -20.94 67.10
CA THR I 227 -56.73 -22.14 66.49
C THR I 227 -57.35 -21.79 65.15
N PHE I 228 -57.04 -22.58 64.13
CA PHE I 228 -57.56 -22.33 62.80
C PHE I 228 -58.45 -23.49 62.36
N PRO I 229 -59.49 -23.20 61.56
CA PRO I 229 -60.47 -24.25 61.24
C PRO I 229 -59.90 -25.46 60.54
N LYS I 230 -58.89 -25.29 59.69
CA LYS I 230 -58.36 -26.38 58.90
C LYS I 230 -56.96 -26.81 59.31
N SER I 231 -56.31 -26.08 60.23
CA SER I 231 -54.95 -26.39 60.62
C SER I 231 -54.79 -26.64 62.13
N GLY I 232 -55.87 -26.55 62.90
CA GLY I 232 -55.75 -26.77 64.33
C GLY I 232 -55.11 -25.59 65.01
N THR I 233 -54.32 -25.87 66.05
CA THR I 233 -53.65 -24.84 66.82
C THR I 233 -52.27 -24.56 66.25
N LEU I 234 -51.99 -23.27 66.01
CA LEU I 234 -50.74 -22.85 65.41
C LEU I 234 -50.15 -21.69 66.21
N VAL I 235 -48.85 -21.50 66.06
CA VAL I 235 -48.15 -20.36 66.66
C VAL I 235 -48.11 -19.25 65.61
N TRP I 236 -48.71 -18.11 65.93
CA TRP I 236 -48.87 -17.01 64.99
C TRP I 236 -48.13 -15.79 65.51
N GLY I 237 -47.13 -15.34 64.77
CA GLY I 237 -46.35 -14.18 65.16
C GLY I 237 -44.97 -14.52 65.69
N ALA I 238 -43.96 -13.81 65.20
CA ALA I 238 -42.57 -14.07 65.59
C ALA I 238 -41.83 -12.76 65.82
N ARG I 239 -42.46 -11.83 66.53
CA ARG I 239 -41.88 -10.53 66.78
C ARG I 239 -41.30 -10.44 68.18
N THR I 240 -40.21 -9.68 68.30
CA THR I 240 -39.58 -9.41 69.59
C THR I 240 -40.25 -8.19 70.23
N LEU I 241 -39.64 -7.66 71.29
CA LEU I 241 -40.16 -6.51 72.00
C LEU I 241 -39.59 -5.20 71.49
N GLU I 242 -38.79 -5.23 70.42
CA GLU I 242 -38.24 -4.04 69.81
C GLU I 242 -38.71 -3.98 68.36
N ASP I 243 -39.16 -2.80 67.94
CA ASP I 243 -39.82 -2.64 66.65
C ASP I 243 -38.92 -2.06 65.56
N ASN I 244 -37.63 -1.84 65.84
CA ASN I 244 -36.76 -1.30 64.82
C ASN I 244 -36.42 -2.38 63.79
N ASP I 245 -35.91 -1.94 62.64
CA ASP I 245 -35.67 -2.86 61.53
C ASP I 245 -34.58 -3.87 61.84
N ASN I 246 -33.68 -3.55 62.78
CA ASN I 246 -32.57 -4.44 63.08
C ASN I 246 -33.05 -5.72 63.77
N TRP I 247 -33.87 -5.58 64.81
CA TRP I 247 -34.23 -6.69 65.66
C TRP I 247 -35.74 -6.79 65.83
N ARG I 248 -36.47 -6.68 64.71
CA ARG I 248 -37.93 -6.77 64.77
C ARG I 248 -38.40 -8.21 64.94
N TYR I 249 -37.66 -9.15 64.37
CA TYR I 249 -38.09 -10.54 64.31
C TYR I 249 -37.20 -11.43 65.17
N ILE I 250 -37.81 -12.46 65.75
CA ILE I 250 -37.04 -13.42 66.55
C ILE I 250 -35.95 -14.12 65.75
N PRO I 251 -36.21 -14.63 64.53
CA PRO I 251 -35.14 -15.36 63.83
C PRO I 251 -33.89 -14.54 63.58
N VAL I 252 -34.04 -13.25 63.27
CA VAL I 252 -32.88 -12.41 63.02
C VAL I 252 -32.03 -12.29 64.28
N ARG I 253 -32.68 -12.06 65.43
CA ARG I 253 -31.95 -11.93 66.67
C ARG I 253 -31.30 -13.24 67.09
N ARG I 254 -32.01 -14.36 66.91
CA ARG I 254 -31.47 -15.65 67.34
C ARG I 254 -30.38 -16.13 66.39
N LEU I 255 -30.49 -15.79 65.10
CA LEU I 255 -29.45 -16.18 64.16
C LEU I 255 -28.13 -15.51 64.50
N PHE I 256 -28.16 -14.23 64.86
CA PHE I 256 -26.94 -13.54 65.25
C PHE I 256 -26.39 -14.10 66.55
N ASN I 257 -27.28 -14.52 67.46
CA ASN I 257 -26.83 -15.12 68.71
C ASN I 257 -26.03 -16.39 68.47
N SER I 258 -26.53 -17.26 67.58
CA SER I 258 -25.82 -18.49 67.28
C SER I 258 -24.53 -18.22 66.52
N ALA I 259 -24.55 -17.29 65.57
CA ALA I 259 -23.36 -16.97 64.81
C ALA I 259 -22.27 -16.39 65.71
N GLU I 260 -22.63 -15.49 66.61
CA GLU I 260 -21.65 -14.94 67.53
C GLU I 260 -21.12 -16.00 68.48
N ARG I 261 -22.00 -16.85 69.00
CA ARG I 261 -21.56 -17.90 69.92
C ARG I 261 -20.63 -18.89 69.23
N ASP I 262 -20.94 -19.26 67.99
CA ASP I 262 -20.11 -20.23 67.28
C ASP I 262 -18.74 -19.68 66.97
N ILE I 263 -18.68 -18.45 66.45
CA ILE I 263 -17.40 -17.85 66.09
C ILE I 263 -16.58 -17.54 67.34
N LYS I 264 -17.24 -17.10 68.41
CA LYS I 264 -16.52 -16.82 69.65
C LYS I 264 -15.85 -18.07 70.20
N ASN I 265 -16.56 -19.20 70.18
CA ASN I 265 -15.96 -20.45 70.65
C ASN I 265 -14.80 -20.87 69.75
N ALA I 266 -14.97 -20.71 68.44
CA ALA I 266 -13.90 -21.08 67.51
C ALA I 266 -12.68 -20.18 67.69
N MET I 267 -12.89 -18.90 68.00
CA MET I 267 -11.79 -17.96 68.09
C MET I 267 -10.96 -18.12 69.35
N SER I 268 -11.49 -18.82 70.37
CA SER I 268 -10.72 -19.03 71.60
C SER I 268 -9.52 -19.93 71.40
N PHE I 269 -9.46 -20.68 70.30
CA PHE I 269 -8.30 -21.51 69.98
C PHE I 269 -7.22 -20.73 69.25
N ALA I 270 -7.43 -19.45 68.97
CA ALA I 270 -6.48 -18.61 68.26
C ALA I 270 -6.20 -17.32 69.01
N VAL I 271 -6.22 -17.36 70.35
CA VAL I 271 -6.08 -16.15 71.13
C VAL I 271 -4.64 -15.64 71.06
N PHE I 272 -3.70 -16.41 71.59
CA PHE I 272 -2.32 -15.95 71.70
C PHE I 272 -1.47 -16.33 70.48
N GLU I 273 -2.11 -16.59 69.34
CA GLU I 273 -1.36 -16.89 68.14
C GLU I 273 -0.63 -15.63 67.64
N PRO I 274 0.42 -15.79 66.85
CA PRO I 274 1.10 -14.63 66.28
C PRO I 274 0.13 -13.77 65.48
N ASN I 275 0.27 -12.45 65.61
CA ASN I 275 -0.63 -11.51 64.94
C ASN I 275 0.07 -11.00 63.69
N SER I 276 0.06 -11.84 62.65
CA SER I 276 0.72 -11.52 61.39
C SER I 276 -0.14 -12.05 60.25
N GLN I 277 0.39 -11.99 59.04
CA GLN I 277 -0.36 -12.39 57.85
C GLN I 277 -0.80 -13.86 57.86
N PRO I 278 0.06 -14.84 58.19
CA PRO I 278 -0.40 -16.23 58.15
C PRO I 278 -1.61 -16.51 59.04
N THR I 279 -1.67 -15.88 60.21
CA THR I 279 -2.83 -16.05 61.07
C THR I 279 -4.07 -15.44 60.44
N TRP I 280 -3.93 -14.28 59.80
CA TRP I 280 -5.09 -13.61 59.20
C TRP I 280 -5.68 -14.46 58.07
N GLU I 281 -4.84 -15.16 57.32
CA GLU I 281 -5.35 -16.01 56.25
C GLU I 281 -6.18 -17.16 56.81
N ARG I 282 -5.76 -17.70 57.96
CA ARG I 282 -6.46 -18.85 58.53
C ARG I 282 -7.79 -18.45 59.15
N VAL I 283 -7.82 -17.31 59.85
CA VAL I 283 -9.08 -16.86 60.44
C VAL I 283 -10.07 -16.43 59.36
N ARG I 284 -9.57 -15.79 58.30
CA ARG I 284 -10.46 -15.37 57.22
C ARG I 284 -11.08 -16.57 56.51
N SER I 285 -10.28 -17.61 56.27
CA SER I 285 -10.80 -18.81 55.61
C SER I 285 -11.84 -19.51 56.47
N ALA I 286 -11.58 -19.62 57.77
CA ALA I 286 -12.49 -20.35 58.66
C ALA I 286 -13.84 -19.65 58.76
N VAL I 287 -13.82 -18.33 58.89
CA VAL I 287 -15.08 -17.58 58.98
C VAL I 287 -15.81 -17.60 57.65
N ASN I 288 -15.06 -17.49 56.55
CA ASN I 288 -15.69 -17.49 55.22
C ASN I 288 -16.41 -18.81 54.95
N ASN I 289 -15.81 -19.92 55.34
CA ASN I 289 -16.45 -21.22 55.14
C ASN I 289 -17.73 -21.33 55.96
N TYR I 290 -17.71 -20.86 57.20
CA TYR I 290 -18.90 -20.93 58.06
C TYR I 290 -20.03 -20.10 57.48
N LEU I 291 -19.73 -18.88 57.02
CA LEU I 291 -20.78 -18.04 56.45
C LEU I 291 -21.23 -18.56 55.09
N TYR I 292 -20.32 -19.18 54.33
CA TYR I 292 -20.70 -19.77 53.06
C TYR I 292 -21.68 -20.91 53.27
N SER I 293 -21.46 -21.72 54.30
CA SER I 293 -22.39 -22.81 54.60
C SER I 293 -23.78 -22.28 54.95
N LEU I 294 -23.83 -21.18 55.71
CA LEU I 294 -25.13 -20.59 56.06
C LEU I 294 -25.84 -20.07 54.82
N TRP I 295 -25.10 -19.49 53.88
CA TRP I 295 -25.73 -18.98 52.67
C TRP I 295 -26.22 -20.13 51.78
N GLN I 296 -25.49 -21.25 51.76
CA GLN I 296 -25.92 -22.40 50.98
C GLN I 296 -27.24 -22.94 51.49
N GLN I 297 -27.40 -23.02 52.82
CA GLN I 297 -28.63 -23.53 53.41
C GLN I 297 -29.79 -22.55 53.31
N GLY I 298 -29.53 -21.31 52.90
CA GLY I 298 -30.57 -20.31 52.79
C GLY I 298 -30.73 -19.40 53.99
N GLY I 299 -29.80 -19.40 54.92
CA GLY I 299 -29.90 -18.55 56.09
C GLY I 299 -29.54 -17.09 55.85
N LEU I 300 -28.91 -16.79 54.71
CA LEU I 300 -28.57 -15.42 54.34
C LEU I 300 -29.12 -15.12 52.96
N ALA I 301 -29.55 -13.88 52.75
CA ALA I 301 -30.18 -13.47 51.51
C ALA I 301 -29.17 -12.79 50.60
N GLY I 302 -29.14 -13.20 49.33
CA GLY I 302 -28.24 -12.61 48.36
C GLY I 302 -28.00 -13.50 47.16
N ASN I 303 -27.91 -12.89 45.97
CA ASN I 303 -27.67 -13.67 44.75
C ASN I 303 -26.30 -14.33 44.79
N LYS I 304 -25.29 -13.61 45.26
CA LYS I 304 -23.92 -14.10 45.33
C LYS I 304 -23.41 -13.94 46.76
N PRO I 305 -22.43 -14.74 47.16
CA PRO I 305 -21.96 -14.69 48.56
C PRO I 305 -21.49 -13.32 49.00
N ASP I 306 -20.81 -12.56 48.13
CA ASP I 306 -20.35 -11.23 48.51
C ASP I 306 -21.49 -10.26 48.74
N ASP I 307 -22.70 -10.58 48.26
CA ASP I 307 -23.87 -9.78 48.58
C ASP I 307 -24.52 -10.17 49.89
N ALA I 308 -24.10 -11.27 50.50
CA ALA I 308 -24.69 -11.75 51.74
C ALA I 308 -23.81 -11.50 52.96
N TYR I 309 -22.49 -11.49 52.80
CA TYR I 309 -21.59 -11.32 53.94
C TYR I 309 -20.25 -10.82 53.46
N PHE I 310 -19.48 -10.30 54.40
CA PHE I 310 -18.09 -9.91 54.13
C PHE I 310 -17.30 -10.03 55.43
N VAL I 311 -16.05 -10.44 55.30
CA VAL I 311 -15.12 -10.57 56.43
C VAL I 311 -13.87 -9.78 56.10
N GLN I 312 -13.49 -8.88 57.01
CA GLN I 312 -12.33 -8.03 56.82
C GLN I 312 -11.36 -8.19 57.97
N ILE I 313 -10.09 -8.40 57.64
CA ILE I 313 -9.02 -8.42 58.63
C ILE I 313 -7.70 -8.19 57.89
N GLY I 314 -6.85 -7.36 58.47
CA GLY I 314 -5.58 -7.06 57.83
C GLY I 314 -4.83 -5.98 58.58
N LYS I 315 -3.63 -5.71 58.08
CA LYS I 315 -2.76 -4.71 58.70
C LYS I 315 -3.23 -3.29 58.43
N ASP I 316 -3.88 -3.05 57.29
CA ASP I 316 -4.38 -1.73 56.96
C ASP I 316 -5.88 -1.72 56.70
N ILE I 317 -6.57 -2.82 56.94
CA ILE I 317 -8.00 -2.92 56.66
C ILE I 317 -8.83 -2.66 57.91
N THR I 318 -8.47 -3.27 59.02
CA THR I 318 -9.26 -3.17 60.25
C THR I 318 -8.51 -2.59 61.43
N MET I 319 -7.21 -2.84 61.55
CA MET I 319 -6.43 -2.37 62.69
C MET I 319 -5.24 -1.56 62.18
N THR I 320 -4.70 -0.74 63.06
CA THR I 320 -3.54 0.09 62.75
C THR I 320 -2.29 -0.49 63.39
N ASP I 321 -1.17 0.20 63.19
CA ASP I 321 0.10 -0.27 63.73
C ASP I 321 0.09 -0.24 65.26
N ASP I 322 -0.52 0.78 65.85
CA ASP I 322 -0.58 0.87 67.30
C ASP I 322 -1.47 -0.22 67.89
N ASP I 323 -2.51 -0.63 67.16
CA ASP I 323 -3.35 -1.71 67.64
C ASP I 323 -2.57 -3.02 67.76
N ILE I 324 -1.73 -3.31 66.76
CA ILE I 324 -0.93 -4.53 66.80
C ILE I 324 0.05 -4.49 67.97
N LYS I 325 0.70 -3.33 68.17
CA LYS I 325 1.65 -3.22 69.27
C LYS I 325 0.98 -3.31 70.63
N GLN I 326 -0.33 -3.05 70.71
CA GLN I 326 -1.08 -3.21 71.94
C GLN I 326 -1.78 -4.55 72.04
N GLY I 327 -1.54 -5.46 71.11
CA GLY I 327 -2.07 -6.81 71.20
C GLY I 327 -3.53 -6.96 70.85
N LYS I 328 -4.03 -6.17 69.90
CA LYS I 328 -5.42 -6.23 69.48
C LYS I 328 -5.50 -6.71 68.04
N MET I 329 -6.32 -7.74 67.81
CA MET I 329 -6.65 -8.18 66.47
C MET I 329 -8.15 -7.98 66.26
N ILE I 330 -8.50 -7.24 65.21
CA ILE I 330 -9.87 -6.78 65.00
C ILE I 330 -10.41 -7.40 63.72
N ILE I 331 -11.58 -8.01 63.81
CA ILE I 331 -12.26 -8.64 62.68
C ILE I 331 -13.63 -8.01 62.54
N LYS I 332 -13.95 -7.56 61.33
CA LYS I 332 -15.26 -6.99 61.01
C LYS I 332 -16.05 -7.99 60.18
N ILE I 333 -17.25 -8.31 60.64
CA ILE I 333 -18.11 -9.30 60.00
C ILE I 333 -19.47 -8.68 59.73
N GLY I 334 -19.92 -8.74 58.48
CA GLY I 334 -21.24 -8.29 58.09
C GLY I 334 -22.10 -9.46 57.68
N MET I 335 -23.39 -9.39 57.99
CA MET I 335 -24.30 -10.48 57.70
C MET I 335 -25.64 -9.92 57.27
N ALA I 336 -26.23 -10.52 56.25
CA ALA I 336 -27.55 -10.15 55.75
C ALA I 336 -28.51 -11.28 56.09
N ALA I 337 -29.10 -11.22 57.29
CA ALA I 337 -29.99 -12.27 57.74
C ALA I 337 -31.29 -12.26 56.94
N VAL I 338 -31.83 -13.45 56.70
CA VAL I 338 -33.10 -13.58 55.99
C VAL I 338 -34.24 -13.35 56.97
N ARG I 339 -35.29 -12.69 56.50
CA ARG I 339 -36.37 -12.28 57.38
C ARG I 339 -37.67 -13.01 57.02
N PRO I 340 -38.54 -13.25 58.00
CA PRO I 340 -39.80 -13.93 57.70
C PRO I 340 -40.69 -13.10 56.79
N ALA I 341 -41.48 -13.80 55.98
CA ALA I 341 -42.43 -13.16 55.07
C ALA I 341 -43.76 -13.02 55.80
N GLU I 342 -43.76 -12.19 56.85
CA GLU I 342 -44.89 -12.12 57.77
C GLU I 342 -46.20 -11.84 57.05
N PHE I 343 -46.16 -11.00 56.02
CA PHE I 343 -47.34 -10.66 55.23
C PHE I 343 -47.13 -11.10 53.80
N ILE I 344 -48.15 -11.72 53.21
CA ILE I 344 -48.14 -12.10 51.81
C ILE I 344 -49.21 -11.30 51.10
N ILE I 345 -48.81 -10.53 50.09
CA ILE I 345 -49.69 -9.62 49.39
C ILE I 345 -49.83 -10.10 47.95
N LEU I 346 -51.05 -10.40 47.54
CA LEU I 346 -51.37 -10.84 46.19
C LEU I 346 -52.16 -9.75 45.48
N GLN I 347 -51.66 -9.32 44.32
CA GLN I 347 -52.34 -8.31 43.53
C GLN I 347 -52.54 -8.82 42.11
N PHE I 348 -53.76 -8.69 41.61
CA PHE I 348 -54.14 -9.19 40.29
C PHE I 348 -54.52 -8.02 39.39
N THR I 349 -54.49 -8.28 38.09
CA THR I 349 -54.86 -7.28 37.10
C THR I 349 -55.91 -7.84 36.13
N THR J 2 63.30 -29.74 16.51
CA THR J 2 63.97 -29.08 15.39
C THR J 2 65.07 -29.95 14.81
N THR J 3 64.69 -30.88 13.94
CA THR J 3 65.66 -31.74 13.28
C THR J 3 66.52 -30.91 12.34
N ILE J 4 67.84 -31.14 12.39
CA ILE J 4 68.77 -30.47 11.50
C ILE J 4 69.04 -31.40 10.33
N THR J 5 68.59 -30.99 9.13
CA THR J 5 68.78 -31.78 7.93
C THR J 5 70.19 -31.54 7.39
N THR J 6 71.00 -32.58 7.38
CA THR J 6 72.38 -32.48 6.93
C THR J 6 72.73 -33.45 5.81
N TYR J 7 72.07 -34.60 5.73
CA TYR J 7 72.30 -35.57 4.67
C TYR J 7 70.98 -35.90 4.00
N PRO J 8 70.98 -36.14 2.69
CA PRO J 8 69.74 -36.55 2.01
C PRO J 8 69.28 -37.91 2.52
N GLY J 9 67.97 -38.02 2.74
CA GLY J 9 67.41 -39.25 3.27
C GLY J 9 66.04 -39.01 3.86
N VAL J 10 65.64 -39.91 4.75
CA VAL J 10 64.34 -39.85 5.42
C VAL J 10 64.58 -39.72 6.92
N TYR J 11 63.92 -38.75 7.53
CA TYR J 11 64.08 -38.46 8.95
C TYR J 11 62.79 -38.82 9.69
N ILE J 12 62.94 -39.30 10.92
CA ILE J 12 61.82 -39.73 11.75
C ILE J 12 61.71 -38.80 12.95
N GLU J 13 60.50 -38.29 13.18
CA GLU J 13 60.19 -37.45 14.33
C GLU J 13 59.06 -38.09 15.12
N GLU J 14 59.11 -37.92 16.44
CA GLU J 14 58.02 -38.34 17.31
C GLU J 14 57.60 -37.16 18.18
N ASP J 15 56.29 -37.01 18.35
CA ASP J 15 55.77 -35.92 19.16
C ASP J 15 56.26 -36.09 20.60
N ALA J 16 56.79 -35.02 21.17
CA ALA J 16 57.33 -35.04 22.52
C ALA J 16 56.63 -34.06 23.43
N SER J 17 55.59 -33.39 22.96
CA SER J 17 54.84 -32.47 23.81
C SER J 17 54.18 -33.24 24.95
N LEU J 18 54.13 -32.60 26.12
CA LEU J 18 53.64 -33.27 27.31
C LEU J 18 52.17 -33.62 27.20
N SER J 19 51.82 -34.81 27.69
CA SER J 19 50.44 -35.23 27.83
C SER J 19 50.13 -35.35 29.32
N LEU J 20 49.12 -34.63 29.78
CA LEU J 20 48.89 -34.45 31.20
C LEU J 20 47.54 -35.04 31.59
N SER J 21 47.53 -35.84 32.65
CA SER J 21 46.31 -36.38 33.22
C SER J 21 46.56 -36.72 34.67
N VAL J 22 45.48 -36.72 35.46
CA VAL J 22 45.55 -36.98 36.90
C VAL J 22 45.15 -38.43 37.16
N SER J 23 45.94 -39.12 37.98
CA SER J 23 45.70 -40.50 38.33
C SER J 23 45.37 -40.60 39.81
N SER J 24 44.41 -41.45 40.14
CA SER J 24 43.98 -41.61 41.52
C SER J 24 44.94 -42.53 42.27
N SER J 25 45.43 -42.07 43.42
CA SER J 25 46.36 -42.83 44.23
C SER J 25 45.59 -43.63 45.28
N ALA J 26 46.31 -44.21 46.24
CA ALA J 26 45.70 -44.94 47.34
C ALA J 26 45.56 -43.99 48.52
N THR J 27 44.37 -43.91 49.10
CA THR J 27 44.04 -42.94 50.13
C THR J 27 43.84 -43.58 51.50
N ALA J 28 44.43 -44.74 51.75
CA ALA J 28 44.22 -45.45 53.00
C ALA J 28 45.47 -46.08 53.58
N VAL J 29 46.66 -45.65 53.15
CA VAL J 29 47.90 -46.24 53.64
C VAL J 29 48.21 -45.69 55.02
N PRO J 30 48.18 -46.51 56.08
CA PRO J 30 48.40 -46.01 57.43
C PRO J 30 49.83 -46.21 57.91
N VAL J 31 50.12 -45.57 59.04
CA VAL J 31 51.36 -45.78 59.80
C VAL J 31 50.98 -46.07 61.24
N PHE J 32 51.55 -47.14 61.78
CA PHE J 32 51.30 -47.53 63.17
C PHE J 32 52.48 -47.15 64.05
N ALA J 33 52.16 -46.64 65.23
CA ALA J 33 53.17 -46.29 66.22
C ALA J 33 53.55 -47.52 67.03
N VAL J 34 54.85 -47.70 67.26
CA VAL J 34 55.38 -48.84 67.98
C VAL J 34 56.20 -48.35 69.16
N ALA J 35 56.05 -49.00 70.30
CA ALA J 35 56.78 -48.62 71.50
C ALA J 35 58.28 -48.89 71.32
N GLY J 36 59.07 -48.23 72.16
CA GLY J 36 60.51 -48.32 72.02
C GLY J 36 61.06 -49.70 72.33
N ASP J 37 60.50 -50.38 73.33
CA ASP J 37 61.04 -51.65 73.80
C ASP J 37 60.74 -52.81 72.86
N ASN J 38 59.92 -52.61 71.84
CA ASN J 38 59.56 -53.71 70.95
C ASN J 38 60.78 -54.17 70.16
N PRO J 39 61.10 -55.47 70.17
CA PRO J 39 62.32 -55.92 69.47
C PRO J 39 62.20 -55.93 67.96
N LEU J 40 60.98 -56.07 67.43
CA LEU J 40 60.82 -56.16 65.97
C LEU J 40 61.23 -54.86 65.29
N ILE J 41 60.86 -53.72 65.88
CA ILE J 41 61.14 -52.43 65.24
C ILE J 41 62.53 -51.90 65.60
N SER J 42 63.15 -52.39 66.67
CA SER J 42 64.44 -51.87 67.09
C SER J 42 65.52 -52.19 66.07
N GLY J 43 66.38 -51.22 65.82
CA GLY J 43 67.49 -51.42 64.89
C GLY J 43 67.14 -51.31 63.43
N LYS J 44 66.06 -50.61 63.09
CA LYS J 44 65.66 -50.47 61.70
C LYS J 44 64.81 -49.22 61.57
N PRO J 45 64.86 -48.54 60.41
CA PRO J 45 64.04 -47.32 60.26
C PRO J 45 62.54 -47.60 60.27
N TYR J 46 62.08 -48.55 59.47
CA TYR J 46 60.65 -48.85 59.41
C TYR J 46 60.46 -50.27 58.92
N ILE J 47 59.26 -50.79 59.15
CA ILE J 47 58.87 -52.13 58.71
C ILE J 47 57.59 -52.01 57.90
N ARG J 48 57.57 -52.62 56.72
CA ARG J 48 56.38 -52.66 55.87
C ARG J 48 55.76 -54.05 55.99
N ILE J 49 54.48 -54.09 56.35
CA ILE J 49 53.76 -55.34 56.55
C ILE J 49 52.56 -55.33 55.62
N SER J 50 52.42 -56.39 54.81
CA SER J 50 51.37 -56.46 53.81
C SER J 50 50.28 -57.47 54.13
N ASN J 51 50.43 -58.24 55.21
CA ASN J 51 49.43 -59.24 55.55
C ASN J 51 49.57 -59.61 57.01
N TRP J 52 48.47 -60.10 57.60
CA TRP J 52 48.52 -60.56 58.98
C TRP J 52 49.45 -61.75 59.14
N LEU J 53 49.39 -62.69 58.18
CA LEU J 53 50.31 -63.82 58.21
C LEU J 53 51.75 -63.38 58.01
N GLU J 54 51.96 -62.36 57.17
CA GLU J 54 53.32 -61.84 56.98
C GLU J 54 53.88 -61.28 58.28
N TYR J 55 53.05 -60.61 59.07
CA TYR J 55 53.51 -60.10 60.36
C TYR J 55 53.96 -61.24 61.27
N LEU J 56 53.22 -62.34 61.28
CA LEU J 56 53.65 -63.51 62.03
C LEU J 56 54.94 -64.09 61.47
N THR J 57 55.10 -64.04 60.15
CA THR J 57 56.33 -64.52 59.53
C THR J 57 57.54 -63.70 59.98
N LEU J 58 57.40 -62.38 60.04
CA LEU J 58 58.47 -61.54 60.56
C LEU J 58 58.73 -61.84 62.03
N LYS J 59 57.69 -62.17 62.78
CA LYS J 59 57.84 -62.60 64.15
C LYS J 59 58.34 -64.05 64.20
N ASN J 60 58.68 -64.49 65.40
CA ASN J 60 59.07 -65.88 65.62
C ASN J 60 58.23 -66.56 66.69
N GLU J 61 57.23 -65.89 67.24
CA GLU J 61 56.35 -66.46 68.25
C GLU J 61 54.94 -66.62 67.70
N GLN J 62 54.09 -67.25 68.49
CA GLN J 62 52.68 -67.35 68.14
C GLN J 62 51.96 -66.05 68.48
N PHE J 63 50.67 -65.99 68.17
CA PHE J 63 49.89 -64.80 68.46
C PHE J 63 49.85 -64.54 69.96
N ASP J 64 50.14 -63.29 70.34
CA ASP J 64 50.16 -62.90 71.75
C ASP J 64 49.04 -61.91 72.01
N PRO J 65 48.05 -62.25 72.84
CA PRO J 65 46.99 -61.28 73.18
C PRO J 65 47.38 -60.28 74.25
N ALA J 66 48.62 -60.30 74.74
CA ALA J 66 49.06 -59.39 75.79
C ALA J 66 49.85 -58.21 75.27
N ASN J 67 50.35 -58.27 74.04
CA ASN J 67 51.10 -57.18 73.44
C ASN J 67 50.17 -56.36 72.56
N THR J 68 50.19 -55.03 72.76
CA THR J 68 49.27 -54.16 72.04
C THR J 68 49.52 -54.19 70.54
N LEU J 69 50.75 -54.46 70.11
CA LEU J 69 51.07 -54.43 68.68
C LEU J 69 50.33 -55.53 67.94
N ASP J 70 50.29 -56.74 68.51
CA ASP J 70 49.71 -57.87 67.80
C ASP J 70 48.19 -57.72 67.66
N ILE J 71 47.51 -57.36 68.75
CA ILE J 71 46.06 -57.25 68.71
C ILE J 71 45.63 -56.13 67.77
N SER J 72 46.34 -55.00 67.79
CA SER J 72 46.01 -53.89 66.91
C SER J 72 46.15 -54.29 65.44
N LEU J 73 47.22 -55.01 65.11
CA LEU J 73 47.45 -55.41 63.72
C LEU J 73 46.39 -56.40 63.25
N ARG J 74 46.04 -57.39 64.07
CA ARG J 74 45.02 -58.35 63.67
C ARG J 74 43.64 -57.69 63.62
N ALA J 75 43.39 -56.70 64.47
CA ALA J 75 42.14 -55.96 64.38
C ALA J 75 42.09 -55.13 63.10
N TYR J 76 43.21 -54.53 62.72
CA TYR J 76 43.25 -53.75 61.48
C TYR J 76 43.05 -54.62 60.26
N PHE J 77 43.69 -55.80 60.23
CA PHE J 77 43.60 -56.65 59.06
C PHE J 77 42.26 -57.36 58.94
N ILE J 78 41.65 -57.75 60.08
CA ILE J 78 40.36 -58.42 60.03
C ILE J 78 39.27 -57.49 59.50
N ASN J 79 39.46 -56.17 59.62
CA ASN J 79 38.51 -55.20 59.11
C ASN J 79 38.80 -54.80 57.67
N GLY J 80 39.78 -55.43 57.03
CA GLY J 80 40.18 -55.05 55.70
C GLY J 80 41.24 -53.96 55.70
N GLY J 81 41.84 -53.75 54.55
CA GLY J 81 42.86 -52.73 54.42
C GLY J 81 43.95 -53.18 53.45
N GLY J 82 45.15 -52.64 53.70
CA GLY J 82 46.30 -52.97 52.87
C GLY J 82 47.59 -52.95 53.66
N TYR J 83 48.70 -52.71 52.97
CA TYR J 83 50.00 -52.68 53.64
C TYR J 83 50.10 -51.48 54.57
N CYS J 84 50.79 -51.67 55.69
CA CYS J 84 50.98 -50.62 56.68
C CYS J 84 52.42 -50.58 57.12
N TYR J 85 52.86 -49.41 57.58
CA TYR J 85 54.23 -49.22 58.04
C TYR J 85 54.27 -49.16 59.56
N LEU J 86 55.36 -49.66 60.13
CA LEU J 86 55.61 -49.58 61.57
C LEU J 86 56.81 -48.68 61.79
N VAL J 87 56.63 -47.63 62.58
CA VAL J 87 57.68 -46.66 62.86
C VAL J 87 57.71 -46.40 64.37
N GLN J 88 58.92 -46.26 64.92
CA GLN J 88 59.07 -45.90 66.32
C GLN J 88 58.45 -44.52 66.57
N THR J 89 57.87 -44.36 67.76
CA THR J 89 57.21 -43.10 68.08
C THR J 89 58.18 -41.93 68.05
N THR J 90 59.37 -42.11 68.60
CA THR J 90 60.38 -41.05 68.61
C THR J 90 60.96 -40.77 67.23
N ASP J 91 60.70 -41.64 66.25
CA ASP J 91 61.22 -41.47 64.90
C ASP J 91 60.13 -41.07 63.91
N LEU J 92 58.93 -40.76 64.39
CA LEU J 92 57.83 -40.43 63.48
C LEU J 92 58.11 -39.14 62.72
N GLU J 93 58.67 -38.14 63.39
CA GLU J 93 58.90 -36.85 62.74
C GLU J 93 59.91 -36.95 61.61
N LYS J 94 60.74 -38.00 61.62
CA LYS J 94 61.75 -38.16 60.58
C LYS J 94 61.27 -39.06 59.44
N GLN J 95 60.73 -40.23 59.77
CA GLN J 95 60.45 -41.24 58.76
C GLN J 95 59.18 -40.91 57.95
N VAL J 96 58.18 -40.31 58.59
CA VAL J 96 56.92 -40.06 57.90
C VAL J 96 57.08 -39.16 56.68
N PRO J 97 57.79 -38.02 56.75
CA PRO J 97 58.01 -37.24 55.51
C PRO J 97 58.81 -38.00 54.46
N LYS J 98 59.62 -38.96 54.87
CA LYS J 98 60.42 -39.73 53.92
C LYS J 98 59.59 -40.75 53.14
N LEU J 99 58.35 -41.00 53.55
CA LEU J 99 57.46 -41.96 52.88
C LEU J 99 56.35 -41.17 52.21
N ASP J 100 56.40 -41.09 50.88
CA ASP J 100 55.45 -40.28 50.13
C ASP J 100 54.13 -40.98 49.85
N ASP J 101 54.02 -42.28 50.16
CA ASP J 101 52.76 -43.00 49.98
C ASP J 101 51.90 -43.01 51.23
N VAL J 102 52.36 -42.36 52.31
CA VAL J 102 51.61 -42.36 53.56
C VAL J 102 50.41 -41.43 53.46
N THR J 103 49.27 -41.90 53.94
CA THR J 103 48.04 -41.11 53.98
C THR J 103 47.49 -40.92 55.38
N LEU J 104 47.49 -41.97 56.19
CA LEU J 104 46.90 -41.94 57.53
C LEU J 104 47.95 -42.15 58.59
N LEU J 105 47.75 -41.53 59.75
CA LEU J 105 48.60 -41.72 60.92
C LEU J 105 47.73 -42.30 62.02
N VAL J 106 48.15 -43.42 62.60
CA VAL J 106 47.36 -44.16 63.57
C VAL J 106 48.12 -44.20 64.89
N ALA J 107 47.44 -43.84 65.98
CA ALA J 107 48.08 -43.83 67.28
C ALA J 107 48.48 -45.23 67.73
N ALA J 108 47.62 -46.21 67.49
CA ALA J 108 47.87 -47.61 67.86
C ALA J 108 48.11 -47.77 69.35
N GLY J 109 47.46 -46.95 70.17
CA GLY J 109 47.46 -47.15 71.60
C GLY J 109 48.59 -46.52 72.37
N GLU J 110 49.17 -45.42 71.87
CA GLU J 110 50.18 -44.70 72.63
C GLU J 110 50.23 -43.25 72.17
N ASN J 111 50.86 -42.42 73.00
CA ASN J 111 50.82 -40.97 72.82
C ASN J 111 51.63 -40.57 71.58
N ILE J 112 50.94 -39.99 70.59
CA ILE J 112 51.58 -39.46 69.39
C ILE J 112 51.12 -38.03 69.17
N THR J 113 50.77 -37.34 70.25
CA THR J 113 50.24 -35.98 70.13
C THR J 113 51.27 -35.03 69.53
N THR J 114 52.53 -35.14 69.97
CA THR J 114 53.57 -34.25 69.46
C THR J 114 53.80 -34.45 67.97
N ALA J 115 53.80 -35.70 67.52
CA ALA J 115 54.05 -35.98 66.11
C ALA J 115 52.95 -35.42 65.23
N VAL J 116 51.70 -35.50 65.68
CA VAL J 116 50.57 -35.04 64.86
C VAL J 116 50.64 -33.54 64.62
N SER J 117 50.96 -32.78 65.66
CA SER J 117 50.96 -31.32 65.54
C SER J 117 52.06 -30.84 64.60
N THR J 118 53.18 -31.56 64.54
CA THR J 118 54.29 -31.16 63.70
C THR J 118 54.26 -31.78 62.31
N LEU J 119 53.30 -32.65 62.02
CA LEU J 119 53.21 -33.31 60.72
C LEU J 119 51.93 -32.95 59.97
N CYS J 120 50.77 -33.08 60.61
CA CYS J 120 49.49 -32.83 59.96
C CYS J 120 49.30 -31.32 59.81
N LYS J 121 49.69 -30.80 58.67
CA LYS J 121 49.58 -29.37 58.37
C LYS J 121 49.00 -29.22 56.97
N PRO J 122 48.42 -28.07 56.65
CA PRO J 122 47.79 -27.90 55.34
C PRO J 122 48.78 -28.15 54.21
N GLY J 123 48.31 -28.87 53.19
CA GLY J 123 49.12 -29.21 52.04
C GLY J 123 49.93 -30.48 52.18
N LYS J 124 50.09 -31.00 53.40
CA LYS J 124 50.88 -32.20 53.61
C LYS J 124 50.16 -33.47 53.17
N GLY J 125 48.83 -33.49 53.22
CA GLY J 125 48.07 -34.65 52.78
C GLY J 125 47.92 -35.76 53.80
N LEU J 126 48.33 -35.54 55.04
CA LEU J 126 48.22 -36.57 56.07
C LEU J 126 46.94 -36.39 56.89
N PHE J 127 46.54 -37.47 57.56
CA PHE J 127 45.42 -37.45 58.47
C PHE J 127 45.74 -38.34 59.67
N ALA J 128 45.19 -37.98 60.82
CA ALA J 128 45.51 -38.64 62.08
C ALA J 128 44.26 -39.24 62.71
N ILE J 129 44.44 -40.37 63.37
CA ILE J 129 43.38 -41.04 64.12
C ILE J 129 43.86 -41.24 65.55
N PHE J 130 43.09 -40.72 66.51
CA PHE J 130 43.46 -40.77 67.91
C PHE J 130 42.70 -41.89 68.63
N ASP J 131 43.00 -42.04 69.92
CA ASP J 131 42.32 -42.98 70.79
C ASP J 131 41.64 -42.21 71.91
N GLY J 132 40.38 -42.57 72.20
CA GLY J 132 39.64 -41.92 73.24
C GLY J 132 40.12 -42.33 74.62
N PRO J 133 39.58 -41.68 75.65
CA PRO J 133 39.97 -42.02 77.02
C PRO J 133 39.58 -43.45 77.38
N THR J 134 40.39 -44.07 78.24
CA THR J 134 40.18 -45.45 78.63
C THR J 134 39.18 -45.61 79.76
N THR J 135 38.79 -44.53 80.42
CA THR J 135 37.92 -44.59 81.58
C THR J 135 36.47 -44.35 81.18
N GLU J 136 35.60 -44.22 82.17
CA GLU J 136 34.21 -43.88 81.91
C GLU J 136 34.09 -42.48 81.32
N LEU J 137 33.09 -42.30 80.47
CA LEU J 137 32.82 -41.00 79.87
C LEU J 137 32.18 -40.11 80.91
N LYS J 138 32.85 -39.02 81.26
CA LYS J 138 32.36 -38.14 82.30
C LYS J 138 31.12 -37.40 81.82
N SER J 139 30.09 -37.36 82.67
CA SER J 139 28.76 -36.94 82.22
C SER J 139 28.72 -35.48 81.79
N ASP J 140 29.42 -34.60 82.51
CA ASP J 140 29.35 -33.17 82.23
C ASP J 140 29.96 -32.80 80.89
N GLY J 141 30.69 -33.70 80.24
CA GLY J 141 31.21 -33.43 78.92
C GLY J 141 32.56 -32.76 78.84
N THR J 142 33.35 -32.80 79.91
CA THR J 142 34.64 -32.12 79.95
C THR J 142 35.81 -33.05 79.65
N SER J 143 35.56 -34.29 79.24
CA SER J 143 36.65 -35.22 78.95
C SER J 143 37.15 -35.05 77.52
N ASN J 144 37.39 -33.80 77.13
CA ASN J 144 37.98 -33.46 75.84
C ASN J 144 39.13 -32.49 75.96
N SER J 145 39.49 -32.07 77.17
CA SER J 145 40.46 -30.98 77.35
C SER J 145 41.84 -31.36 76.85
N ASP J 146 42.24 -32.64 77.01
CA ASP J 146 43.59 -33.04 76.61
C ASP J 146 43.80 -32.94 75.11
N TYR J 147 42.73 -32.95 74.32
CA TYR J 147 42.87 -32.95 72.87
C TYR J 147 42.98 -31.54 72.32
N ASP J 148 43.83 -31.39 71.30
CA ASP J 148 44.11 -30.16 70.58
C ASP J 148 43.19 -30.03 69.37
N PRO J 149 42.44 -28.94 69.23
CA PRO J 149 41.50 -28.82 68.11
C PRO J 149 42.19 -28.70 66.76
N ASN J 150 42.71 -29.81 66.25
CA ASN J 150 43.35 -29.89 64.95
C ASN J 150 42.36 -30.39 63.91
N PRO J 151 42.14 -29.66 62.81
CA PRO J 151 41.17 -30.11 61.80
C PRO J 151 41.64 -31.29 60.97
N PHE J 152 42.83 -31.83 61.23
CA PHE J 152 43.35 -32.97 60.49
C PHE J 152 43.33 -34.26 61.30
N ALA J 153 42.63 -34.28 62.44
CA ALA J 153 42.64 -35.42 63.33
C ALA J 153 41.22 -35.75 63.79
N ALA J 154 41.04 -36.99 64.23
CA ALA J 154 39.78 -37.45 64.77
C ALA J 154 40.04 -38.39 65.94
N VAL J 155 39.06 -38.48 66.85
CA VAL J 155 39.17 -39.28 68.05
C VAL J 155 37.99 -40.24 68.09
N TYR J 156 38.27 -41.50 68.41
CA TYR J 156 37.26 -42.55 68.45
C TYR J 156 37.21 -43.16 69.84
N TYR J 157 35.99 -43.50 70.27
CA TYR J 157 35.71 -44.01 71.61
C TYR J 157 34.58 -45.01 71.52
N PRO J 158 34.60 -46.07 72.34
CA PRO J 158 35.63 -46.47 73.30
C PRO J 158 36.55 -47.56 72.78
N TRP J 159 37.46 -48.05 73.62
CA TRP J 159 38.33 -49.14 73.23
C TRP J 159 37.54 -50.43 73.04
N LEU J 160 37.97 -51.25 72.09
CA LEU J 160 37.25 -52.44 71.70
C LEU J 160 37.83 -53.68 72.39
N THR J 161 36.97 -54.67 72.62
CA THR J 161 37.36 -55.94 73.19
C THR J 161 36.80 -57.07 72.36
N ALA J 162 37.49 -58.21 72.38
CA ALA J 162 37.09 -59.38 71.61
C ALA J 162 37.26 -60.63 72.47
N ASP J 163 36.86 -61.76 71.92
CA ASP J 163 36.99 -63.03 72.64
C ASP J 163 38.45 -63.37 72.89
N TRP J 164 39.32 -63.14 71.91
CA TRP J 164 40.72 -63.47 72.08
C TRP J 164 41.44 -62.53 73.04
N THR J 165 40.89 -61.35 73.29
CA THR J 165 41.50 -60.43 74.26
C THR J 165 41.40 -61.00 75.66
N THR J 166 42.47 -60.86 76.43
CA THR J 166 42.55 -61.41 77.77
C THR J 166 42.56 -60.32 78.84
N THR J 167 43.49 -59.37 78.75
CA THR J 167 43.58 -58.31 79.75
C THR J 167 43.90 -56.94 79.16
N ILE J 168 44.12 -56.83 77.86
CA ILE J 168 44.42 -55.55 77.22
C ILE J 168 43.42 -55.37 76.08
N ASP J 169 42.76 -54.21 76.07
CA ASP J 169 41.72 -53.94 75.08
C ASP J 169 42.31 -53.30 73.83
N ILE J 170 41.69 -53.61 72.70
CA ILE J 170 42.16 -53.11 71.41
C ILE J 170 41.92 -51.61 71.32
N PRO J 171 42.90 -50.79 70.96
CA PRO J 171 42.65 -49.38 70.70
C PRO J 171 41.72 -49.21 69.51
N PRO J 172 40.76 -48.29 69.59
CA PRO J 172 39.80 -48.13 68.48
C PRO J 172 40.44 -47.70 67.18
N SER J 173 41.54 -46.93 67.24
CA SER J 173 42.15 -46.41 66.02
C SER J 173 42.65 -47.53 65.12
N ALA J 174 43.04 -48.67 65.69
CA ALA J 174 43.52 -49.78 64.89
C ALA J 174 42.41 -50.33 63.99
N ALA J 175 41.22 -50.52 64.55
CA ALA J 175 40.11 -51.05 63.76
C ALA J 175 39.53 -49.99 62.83
N ILE J 176 39.55 -48.73 63.25
CA ILE J 176 38.99 -47.66 62.43
C ILE J 176 39.78 -47.50 61.14
N ALA J 177 41.11 -47.63 61.22
CA ALA J 177 41.94 -47.52 60.02
C ALA J 177 41.55 -48.57 58.98
N GLY J 178 41.22 -49.77 59.43
CA GLY J 178 40.74 -50.78 58.51
C GLY J 178 39.42 -50.42 57.87
N VAL J 179 38.55 -49.75 58.63
CA VAL J 179 37.26 -49.34 58.09
C VAL J 179 37.45 -48.30 56.99
N TYR J 180 38.46 -47.44 57.14
CA TYR J 180 38.69 -46.38 56.16
C TYR J 180 38.99 -46.96 54.79
N CYS J 181 39.82 -48.01 54.73
CA CYS J 181 40.17 -48.59 53.45
C CYS J 181 38.97 -49.29 52.81
N SER J 182 38.18 -50.01 53.63
CA SER J 182 37.02 -50.72 53.09
C SER J 182 35.98 -49.74 52.54
N VAL J 183 35.73 -48.66 53.27
CA VAL J 183 34.75 -47.67 52.81
C VAL J 183 35.26 -46.96 51.56
N ASP J 184 36.55 -46.59 51.54
CA ASP J 184 37.10 -45.89 50.39
C ASP J 184 37.07 -46.76 49.14
N SER J 185 37.41 -48.04 49.29
CA SER J 185 37.44 -48.93 48.13
C SER J 185 36.03 -49.19 47.60
N THR J 186 35.06 -49.34 48.49
CA THR J 186 33.70 -49.70 48.09
C THR J 186 32.91 -48.50 47.60
N ARG J 187 32.92 -47.41 48.37
CA ARG J 187 32.07 -46.26 48.08
C ARG J 187 32.83 -45.03 47.64
N GLY J 188 34.05 -44.83 48.12
CA GLY J 188 34.83 -43.65 47.75
C GLY J 188 35.33 -42.87 48.94
N VAL J 189 36.33 -42.01 48.72
CA VAL J 189 36.90 -41.24 49.81
C VAL J 189 35.95 -40.17 50.33
N TRP J 190 34.96 -39.77 49.52
CA TRP J 190 34.01 -38.76 49.94
C TRP J 190 32.87 -39.34 50.78
N LYS J 191 32.75 -40.66 50.85
CA LYS J 191 31.72 -41.29 51.66
C LYS J 191 32.10 -41.24 53.13
N ALA J 192 31.11 -41.02 53.98
CA ALA J 192 31.37 -40.92 55.41
C ALA J 192 31.74 -42.30 55.97
N PRO J 193 32.87 -42.43 56.66
CA PRO J 193 33.23 -43.70 57.29
C PRO J 193 32.45 -43.97 58.57
N ALA J 194 31.13 -43.95 58.44
CA ALA J 194 30.22 -44.19 59.56
C ALA J 194 29.01 -44.95 59.06
N ASN J 195 28.18 -45.40 60.00
CA ASN J 195 27.02 -46.25 59.70
C ASN J 195 27.47 -47.50 58.96
N VAL J 196 28.62 -48.03 59.36
CA VAL J 196 29.17 -49.25 58.75
C VAL J 196 29.56 -50.20 59.87
N PRO J 197 29.46 -51.51 59.66
CA PRO J 197 29.76 -52.46 60.73
C PRO J 197 31.26 -52.67 60.91
N ILE J 198 31.62 -53.21 62.07
CA ILE J 198 32.98 -53.62 62.36
C ILE J 198 33.09 -55.11 62.05
N GLN J 199 33.99 -55.45 61.13
CA GLN J 199 34.00 -56.79 60.55
C GLN J 199 34.57 -57.85 61.50
N GLY J 200 35.34 -57.43 62.50
CA GLY J 200 36.03 -58.38 63.34
C GLY J 200 35.22 -59.01 64.45
N GLY J 201 33.93 -58.68 64.55
CA GLY J 201 33.14 -59.16 65.67
C GLY J 201 33.61 -58.61 67.00
N LEU J 202 34.08 -57.37 67.00
CA LEU J 202 34.57 -56.72 68.21
C LEU J 202 33.43 -56.03 68.94
N GLN J 203 33.60 -55.89 70.26
CA GLN J 203 32.56 -55.29 71.08
C GLN J 203 33.12 -54.11 71.86
N PRO J 204 32.38 -53.01 71.92
CA PRO J 204 32.85 -51.86 72.71
C PRO J 204 32.91 -52.19 74.19
N LYS J 205 33.90 -51.58 74.86
CA LYS J 205 34.09 -51.86 76.28
C LYS J 205 32.97 -51.29 77.13
N TYR J 206 32.45 -50.12 76.77
CA TYR J 206 31.38 -49.50 77.53
C TYR J 206 30.23 -49.12 76.60
N PRO J 207 29.00 -49.19 77.09
CA PRO J 207 27.86 -48.71 76.29
C PRO J 207 27.72 -47.20 76.38
N VAL J 208 27.30 -46.61 75.27
CA VAL J 208 27.10 -45.17 75.18
C VAL J 208 25.63 -44.92 74.88
N THR J 209 24.97 -44.16 75.75
CA THR J 209 23.57 -43.84 75.57
C THR J 209 23.40 -42.80 74.46
N ASP J 210 22.16 -42.65 74.00
CA ASP J 210 21.87 -41.69 72.93
C ASP J 210 22.17 -40.26 73.39
N ASP J 211 21.79 -39.92 74.63
CA ASP J 211 21.99 -38.56 75.09
C ASP J 211 23.45 -38.28 75.41
N LEU J 212 24.20 -39.28 75.86
CA LEU J 212 25.61 -39.08 76.18
C LEU J 212 26.41 -38.74 74.93
N GLN J 213 26.11 -39.41 73.81
CA GLN J 213 26.74 -39.03 72.54
C GLN J 213 26.39 -37.60 72.16
N ALA J 214 25.12 -37.21 72.37
CA ALA J 214 24.69 -35.87 72.04
C ALA J 214 25.48 -34.81 72.81
N GLN J 215 25.99 -35.17 74.00
CA GLN J 215 26.78 -34.23 74.77
C GLN J 215 28.16 -34.01 74.16
N TYR J 216 28.73 -35.06 73.56
CA TYR J 216 30.10 -35.03 73.06
C TYR J 216 30.18 -34.85 71.55
N ASN J 217 29.07 -34.54 70.88
CA ASN J 217 29.06 -34.42 69.43
C ASN J 217 29.33 -33.00 68.95
N GLN J 218 29.65 -32.07 69.86
CA GLN J 218 29.91 -30.69 69.50
C GLN J 218 31.37 -30.33 69.76
N GLY J 219 31.84 -29.32 69.05
CA GLY J 219 33.22 -28.89 69.21
C GLY J 219 34.18 -30.00 68.83
N LYS J 220 35.17 -30.24 69.69
CA LYS J 220 36.12 -31.34 69.49
C LYS J 220 35.40 -32.64 69.82
N ALA J 221 34.64 -33.13 68.84
CA ALA J 221 33.74 -34.26 69.04
C ALA J 221 34.52 -35.56 69.14
N LEU J 222 33.88 -36.54 69.78
CA LEU J 222 34.40 -37.90 69.87
C LEU J 222 33.46 -38.81 69.09
N ASN J 223 33.95 -39.33 67.96
CA ASN J 223 33.16 -40.29 67.18
C ASN J 223 32.99 -41.57 67.98
N MET J 224 31.79 -42.14 67.91
CA MET J 224 31.37 -43.17 68.84
C MET J 224 31.19 -44.50 68.13
N ILE J 225 31.63 -45.58 68.78
CA ILE J 225 31.36 -46.94 68.31
C ILE J 225 30.29 -47.51 69.22
N ARG J 226 29.11 -47.77 68.66
CA ARG J 226 27.95 -48.17 69.44
C ARG J 226 27.35 -49.46 68.87
N THR J 227 26.64 -50.18 69.73
CA THR J 227 25.94 -51.39 69.33
C THR J 227 24.45 -51.11 69.25
N PHE J 228 23.83 -51.56 68.16
CA PHE J 228 22.41 -51.33 67.96
C PHE J 228 21.65 -52.65 67.93
N PRO J 229 20.40 -52.66 68.40
CA PRO J 229 19.68 -53.94 68.53
C PRO J 229 19.52 -54.71 67.24
N LYS J 230 19.32 -54.03 66.11
CA LYS J 230 19.05 -54.70 64.85
C LYS J 230 20.20 -54.64 63.86
N SER J 231 21.27 -53.90 64.15
CA SER J 231 22.38 -53.76 63.23
C SER J 231 23.72 -54.17 63.83
N GLY J 232 23.75 -54.59 65.09
CA GLY J 232 25.01 -54.97 65.71
C GLY J 232 25.84 -53.75 66.04
N THR J 233 27.15 -53.88 65.88
CA THR J 233 28.08 -52.80 66.22
C THR J 233 28.34 -51.95 64.98
N LEU J 234 28.18 -50.63 65.13
CA LEU J 234 28.36 -49.69 64.04
C LEU J 234 29.25 -48.54 64.48
N VAL J 235 29.84 -47.86 63.50
CA VAL J 235 30.61 -46.65 63.74
C VAL J 235 29.68 -45.46 63.58
N TRP J 236 29.55 -44.67 64.64
CA TRP J 236 28.59 -43.57 64.69
C TRP J 236 29.35 -42.26 64.89
N GLY J 237 29.22 -41.36 63.93
CA GLY J 237 29.90 -40.07 64.01
C GLY J 237 31.12 -39.98 63.12
N ALA J 238 31.22 -38.89 62.35
CA ALA J 238 32.32 -38.70 61.41
C ALA J 238 32.82 -37.26 61.48
N ARG J 239 33.00 -36.74 62.69
CA ARG J 239 33.41 -35.37 62.90
C ARG J 239 34.88 -35.28 63.27
N THR J 240 35.53 -34.21 62.80
CA THR J 240 36.91 -33.92 63.14
C THR J 240 36.97 -33.16 64.46
N LEU J 241 38.14 -32.59 64.79
CA LEU J 241 38.34 -31.83 66.01
C LEU J 241 38.16 -30.34 65.80
N GLU J 242 37.63 -29.92 64.66
CA GLU J 242 37.35 -28.52 64.38
C GLU J 242 35.91 -28.38 63.96
N ASP J 243 35.20 -27.42 64.55
CA ASP J 243 33.76 -27.32 64.40
C ASP J 243 33.32 -26.27 63.39
N ASN J 244 34.24 -25.64 62.66
CA ASN J 244 33.83 -24.66 61.66
C ASN J 244 33.22 -25.36 60.45
N ASP J 245 32.53 -24.56 59.64
CA ASP J 245 31.80 -25.13 58.51
C ASP J 245 32.73 -25.71 57.45
N ASN J 246 33.98 -25.25 57.40
CA ASN J 246 34.89 -25.74 56.37
C ASN J 246 35.28 -27.20 56.61
N TRP J 247 35.68 -27.54 57.82
CA TRP J 247 36.29 -28.83 58.12
C TRP J 247 35.60 -29.51 59.30
N ARG J 248 34.26 -29.49 59.30
CA ARG J 248 33.53 -30.12 60.39
C ARG J 248 33.53 -31.64 60.26
N TYR J 249 33.51 -32.15 59.03
CA TYR J 249 33.33 -33.57 58.76
C TYR J 249 34.60 -34.19 58.22
N ILE J 250 34.84 -35.44 58.59
CA ILE J 250 36.00 -36.17 58.08
C ILE J 250 35.99 -36.29 56.56
N PRO J 251 34.90 -36.68 55.90
CA PRO J 251 34.96 -36.86 54.45
C PRO J 251 35.38 -35.61 53.69
N VAL J 252 34.94 -34.44 54.12
CA VAL J 252 35.29 -33.21 53.42
C VAL J 252 36.79 -32.97 53.52
N ARG J 253 37.36 -33.15 54.72
CA ARG J 253 38.80 -32.94 54.91
C ARG J 253 39.60 -33.98 54.13
N ARG J 254 39.16 -35.25 54.16
CA ARG J 254 39.93 -36.29 53.49
C ARG J 254 39.80 -36.20 51.97
N LEU J 255 38.64 -35.74 51.48
CA LEU J 255 38.47 -35.57 50.04
C LEU J 255 39.44 -34.53 49.49
N PHE J 256 39.61 -33.43 50.21
CA PHE J 256 40.55 -32.40 49.76
C PHE J 256 41.98 -32.93 49.82
N ASN J 257 42.29 -33.75 50.81
CA ASN J 257 43.63 -34.33 50.91
C ASN J 257 43.96 -35.18 49.69
N SER J 258 43.01 -36.02 49.26
CA SER J 258 43.24 -36.86 48.10
C SER J 258 43.33 -36.04 46.82
N ALA J 259 42.46 -35.03 46.68
CA ALA J 259 42.48 -34.20 45.47
C ALA J 259 43.77 -33.42 45.36
N GLU J 260 44.25 -32.83 46.46
CA GLU J 260 45.50 -32.09 46.42
C GLU J 260 46.68 -33.01 46.11
N ARG J 261 46.70 -34.20 46.72
CA ARG J 261 47.80 -35.14 46.47
C ARG J 261 47.81 -35.59 45.02
N ASP J 262 46.64 -35.88 44.45
CA ASP J 262 46.58 -36.37 43.07
C ASP J 262 47.02 -35.29 42.09
N ILE J 263 46.53 -34.06 42.27
CA ILE J 263 46.89 -32.98 41.35
C ILE J 263 48.35 -32.61 41.53
N LYS J 264 48.85 -32.59 42.77
CA LYS J 264 50.24 -32.24 43.01
C LYS J 264 51.18 -33.20 42.29
N ASN J 265 50.89 -34.50 42.35
CA ASN J 265 51.70 -35.47 41.62
C ASN J 265 51.57 -35.26 40.12
N ALA J 266 50.38 -34.93 39.64
CA ALA J 266 50.17 -34.71 38.21
C ALA J 266 50.97 -33.51 37.71
N MET J 267 51.02 -32.44 38.49
CA MET J 267 51.69 -31.23 38.05
C MET J 267 53.21 -31.32 38.10
N SER J 268 53.75 -32.33 38.80
CA SER J 268 55.21 -32.50 38.83
C SER J 268 55.79 -32.84 37.47
N PHE J 269 54.97 -33.31 36.54
CA PHE J 269 55.42 -33.58 35.17
C PHE J 269 55.36 -32.35 34.28
N ALA J 270 54.89 -31.22 34.79
CA ALA J 270 54.76 -29.99 34.02
C ALA J 270 55.41 -28.82 34.72
N VAL J 271 56.51 -29.06 35.44
CA VAL J 271 57.12 -27.99 36.21
C VAL J 271 57.81 -26.99 35.31
N PHE J 272 58.84 -27.42 34.58
CA PHE J 272 59.66 -26.51 33.78
C PHE J 272 59.14 -26.34 32.37
N GLU J 273 57.86 -26.62 32.13
CA GLU J 273 57.29 -26.44 30.81
C GLU J 273 57.18 -24.95 30.48
N PRO J 274 57.10 -24.60 29.19
CA PRO J 274 56.89 -23.20 28.82
C PRO J 274 55.62 -22.65 29.45
N ASN J 275 55.70 -21.41 29.95
CA ASN J 275 54.58 -20.78 30.64
C ASN J 275 53.86 -19.87 29.66
N SER J 276 53.05 -20.48 28.80
CA SER J 276 52.32 -19.75 27.77
C SER J 276 50.96 -20.41 27.58
N GLN J 277 50.24 -19.97 26.55
CA GLN J 277 48.88 -20.45 26.32
C GLN J 277 48.79 -21.95 26.07
N PRO J 278 49.62 -22.57 25.23
CA PRO J 278 49.47 -24.03 25.01
C PRO J 278 49.58 -24.85 26.28
N THR J 279 50.46 -24.46 27.21
CA THR J 279 50.55 -25.19 28.46
C THR J 279 49.30 -24.99 29.32
N TRP J 280 48.77 -23.77 29.34
CA TRP J 280 47.59 -23.48 30.15
C TRP J 280 46.38 -24.29 29.67
N GLU J 281 46.26 -24.49 28.36
CA GLU J 281 45.16 -25.29 27.84
C GLU J 281 45.26 -26.75 28.30
N ARG J 282 46.48 -27.28 28.33
CA ARG J 282 46.64 -28.69 28.70
C ARG J 282 46.38 -28.92 30.18
N VAL J 283 46.87 -28.03 31.04
CA VAL J 283 46.65 -28.19 32.48
C VAL J 283 45.18 -27.97 32.81
N ARG J 284 44.52 -27.02 32.15
CA ARG J 284 43.10 -26.79 32.40
C ARG J 284 42.27 -28.00 32.00
N SER J 285 42.60 -28.61 30.85
CA SER J 285 41.86 -29.79 30.41
C SER J 285 42.05 -30.96 31.35
N ALA J 286 43.29 -31.16 31.84
CA ALA J 286 43.56 -32.29 32.72
C ALA J 286 42.83 -32.17 34.04
N VAL J 287 42.83 -30.96 34.63
CA VAL J 287 42.17 -30.76 35.91
C VAL J 287 40.66 -30.83 35.75
N ASN J 288 40.13 -30.28 34.65
CA ASN J 288 38.69 -30.31 34.44
C ASN J 288 38.17 -31.74 34.34
N ASN J 289 38.91 -32.61 33.65
CA ASN J 289 38.48 -34.01 33.53
C ASN J 289 38.48 -34.70 34.87
N TYR J 290 39.49 -34.44 35.70
CA TYR J 290 39.56 -35.08 37.02
C TYR J 290 38.39 -34.66 37.90
N LEU J 291 38.08 -33.36 37.90
CA LEU J 291 36.95 -32.89 38.70
C LEU J 291 35.62 -33.33 38.12
N TYR J 292 35.53 -33.40 36.78
CA TYR J 292 34.30 -33.88 36.16
C TYR J 292 34.03 -35.34 36.54
N SER J 293 35.09 -36.16 36.57
CA SER J 293 34.92 -37.55 36.98
C SER J 293 34.44 -37.65 38.43
N LEU J 294 34.97 -36.79 39.30
CA LEU J 294 34.52 -36.78 40.69
C LEU J 294 33.07 -36.37 40.79
N TRP J 295 32.64 -35.41 39.98
CA TRP J 295 31.24 -34.98 40.01
C TRP J 295 30.32 -36.07 39.48
N GLN J 296 30.76 -36.81 38.46
CA GLN J 296 29.94 -37.90 37.93
C GLN J 296 29.70 -38.97 38.99
N GLN J 297 30.73 -39.32 39.75
CA GLN J 297 30.60 -40.34 40.79
C GLN J 297 29.81 -39.85 42.00
N GLY J 298 29.50 -38.56 42.07
CA GLY J 298 28.74 -38.02 43.18
C GLY J 298 29.55 -37.42 44.29
N GLY J 299 30.86 -37.19 44.10
CA GLY J 299 31.68 -36.61 45.14
C GLY J 299 31.53 -35.10 45.31
N LEU J 300 30.94 -34.42 44.34
CA LEU J 300 30.71 -32.99 44.40
C LEU J 300 29.24 -32.69 44.18
N ALA J 301 28.72 -31.70 44.89
CA ALA J 301 27.30 -31.37 44.87
C ALA J 301 27.05 -30.23 43.88
N GLY J 302 26.02 -30.38 43.06
CA GLY J 302 25.67 -29.37 42.08
C GLY J 302 24.90 -29.92 40.91
N ASN J 303 23.92 -29.16 40.42
CA ASN J 303 23.12 -29.60 39.28
C ASN J 303 23.97 -29.72 38.03
N LYS J 304 24.87 -28.77 37.81
CA LYS J 304 25.71 -28.71 36.62
C LYS J 304 27.17 -28.61 37.06
N PRO J 305 28.10 -29.04 36.20
CA PRO J 305 29.53 -29.04 36.61
C PRO J 305 30.04 -27.67 37.03
N ASP J 306 29.60 -26.59 36.39
CA ASP J 306 30.07 -25.26 36.77
C ASP J 306 29.55 -24.83 38.13
N ASP J 307 28.53 -25.52 38.65
CA ASP J 307 28.07 -25.27 40.02
C ASP J 307 28.86 -26.06 41.05
N ALA J 308 29.72 -26.99 40.63
CA ALA J 308 30.46 -27.83 41.54
C ALA J 308 31.94 -27.47 41.62
N TYR J 309 32.52 -26.95 40.55
CA TYR J 309 33.95 -26.66 40.54
C TYR J 309 34.25 -25.62 39.46
N PHE J 310 35.42 -25.00 39.58
CA PHE J 310 35.91 -24.08 38.57
C PHE J 310 37.43 -24.08 38.61
N VAL J 311 38.04 -23.99 37.43
CA VAL J 311 39.49 -23.94 37.30
C VAL J 311 39.85 -22.69 36.51
N GLN J 312 40.75 -21.87 37.05
CA GLN J 312 41.15 -20.63 36.43
C GLN J 312 42.66 -20.60 36.27
N ILE J 313 43.11 -20.27 35.06
CA ILE J 313 44.53 -20.06 34.78
C ILE J 313 44.63 -19.27 33.49
N GLY J 314 45.53 -18.29 33.48
CA GLY J 314 45.68 -17.46 32.30
C GLY J 314 46.61 -16.30 32.55
N LYS J 315 46.83 -15.52 31.49
CA LYS J 315 47.73 -14.37 31.55
C LYS J 315 47.12 -13.20 32.30
N ASP J 316 45.78 -13.06 32.27
CA ASP J 316 45.12 -11.98 32.98
C ASP J 316 44.08 -12.50 33.97
N ILE J 317 43.98 -13.80 34.17
CA ILE J 317 42.97 -14.39 35.05
C ILE J 317 43.51 -14.59 36.45
N THR J 318 44.68 -15.23 36.58
CA THR J 318 45.23 -15.59 37.88
C THR J 318 46.58 -14.97 38.18
N MET J 319 47.42 -14.73 37.16
CA MET J 319 48.75 -14.17 37.37
C MET J 319 48.94 -12.96 36.48
N THR J 320 49.91 -12.13 36.82
CA THR J 320 50.20 -10.91 36.10
C THR J 320 51.49 -11.07 35.29
N ASP J 321 51.89 -9.98 34.63
CA ASP J 321 53.09 -10.00 33.80
C ASP J 321 54.35 -10.25 34.63
N ASP J 322 54.45 -9.60 35.80
CA ASP J 322 55.63 -9.79 36.64
C ASP J 322 55.67 -11.19 37.23
N ASP J 323 54.51 -11.81 37.43
CA ASP J 323 54.49 -13.20 37.90
C ASP J 323 55.12 -14.13 36.89
N ILE J 324 54.81 -13.95 35.60
CA ILE J 324 55.38 -14.79 34.56
C ILE J 324 56.88 -14.58 34.48
N LYS J 325 57.33 -13.33 34.52
CA LYS J 325 58.76 -13.04 34.43
C LYS J 325 59.54 -13.59 35.61
N GLN J 326 58.88 -13.82 36.74
CA GLN J 326 59.52 -14.41 37.92
C GLN J 326 59.35 -15.91 37.99
N GLY J 327 58.71 -16.53 36.99
CA GLY J 327 58.62 -17.97 36.93
C GLY J 327 57.53 -18.60 37.78
N LYS J 328 56.39 -17.92 37.93
CA LYS J 328 55.28 -18.43 38.72
C LYS J 328 54.09 -18.71 37.81
N MET J 329 53.54 -19.92 37.92
CA MET J 329 52.26 -20.25 37.30
C MET J 329 51.26 -20.51 38.42
N ILE J 330 50.14 -19.80 38.39
CA ILE J 330 49.17 -19.80 39.47
C ILE J 330 47.87 -20.39 38.95
N ILE J 331 47.38 -21.43 39.63
CA ILE J 331 46.13 -22.09 39.27
C ILE J 331 45.20 -22.02 40.48
N LYS J 332 43.97 -21.56 40.25
CA LYS J 332 42.96 -21.48 41.28
C LYS J 332 41.93 -22.58 41.05
N ILE J 333 41.67 -23.37 42.09
CA ILE J 333 40.75 -24.51 42.01
C ILE J 333 39.72 -24.38 43.12
N GLY J 334 38.44 -24.45 42.74
CA GLY J 334 37.34 -24.44 43.68
C GLY J 334 36.60 -25.76 43.65
N MET J 335 36.13 -26.19 44.82
CA MET J 335 35.45 -27.48 44.93
C MET J 335 34.32 -27.37 45.93
N ALA J 336 33.18 -27.97 45.59
CA ALA J 336 32.01 -28.03 46.46
C ALA J 336 31.87 -29.46 46.94
N ALA J 337 32.54 -29.78 48.05
CA ALA J 337 32.55 -31.14 48.56
C ALA J 337 31.17 -31.54 49.08
N VAL J 338 30.83 -32.81 48.90
CA VAL J 338 29.57 -33.34 49.39
C VAL J 338 29.70 -33.66 50.87
N ARG J 339 28.71 -33.27 51.65
CA ARG J 339 28.76 -33.42 53.09
C ARG J 339 27.80 -34.51 53.55
N PRO J 340 28.12 -35.21 54.65
CA PRO J 340 27.22 -36.26 55.15
C PRO J 340 25.91 -35.67 55.66
N ALA J 341 24.86 -36.49 55.57
CA ALA J 341 23.54 -36.10 56.08
C ALA J 341 23.42 -36.62 57.51
N GLU J 342 24.20 -36.03 58.40
CA GLU J 342 24.35 -36.53 59.76
C GLU J 342 23.00 -36.64 60.46
N PHE J 343 22.10 -35.70 60.22
CA PHE J 343 20.77 -35.70 60.83
C PHE J 343 19.72 -35.80 59.73
N ILE J 344 18.72 -36.66 59.95
CA ILE J 344 17.60 -36.79 59.03
C ILE J 344 16.35 -36.31 59.76
N ILE J 345 15.68 -35.31 59.20
CA ILE J 345 14.54 -34.67 59.83
C ILE J 345 13.31 -34.96 59.00
N LEU J 346 12.32 -35.63 59.59
CA LEU J 346 11.07 -35.95 58.94
C LEU J 346 9.95 -35.14 59.57
N GLN J 347 9.22 -34.40 58.73
CA GLN J 347 8.11 -33.59 59.22
C GLN J 347 6.85 -33.93 58.44
N PHE J 348 5.78 -34.19 59.17
CA PHE J 348 4.50 -34.61 58.59
C PHE J 348 3.45 -33.53 58.82
N THR J 349 2.43 -33.55 57.98
CA THR J 349 1.31 -32.62 58.10
C THR J 349 -0.02 -33.35 58.13
N THR K 2 51.03 -6.63 -50.22
CA THR K 2 50.37 -5.60 -51.02
C THR K 2 50.51 -5.90 -52.50
N THR K 3 49.67 -6.79 -53.01
CA THR K 3 49.68 -7.10 -54.43
C THR K 3 49.25 -5.88 -55.24
N ILE K 4 49.99 -5.60 -56.31
CA ILE K 4 49.68 -4.50 -57.20
C ILE K 4 48.95 -5.07 -58.41
N THR K 5 47.69 -4.67 -58.58
CA THR K 5 46.88 -5.15 -59.69
C THR K 5 47.16 -4.29 -60.92
N THR K 6 47.69 -4.92 -61.97
CA THR K 6 48.07 -4.19 -63.17
C THR K 6 47.46 -4.77 -64.44
N TYR K 7 47.12 -6.05 -64.47
CA TYR K 7 46.42 -6.64 -65.60
C TYR K 7 45.20 -7.40 -65.10
N PRO K 8 44.13 -7.44 -65.90
CA PRO K 8 42.93 -8.19 -65.49
C PRO K 8 43.24 -9.68 -65.40
N GLY K 9 42.71 -10.31 -64.35
CA GLY K 9 42.96 -11.73 -64.14
C GLY K 9 42.67 -12.11 -62.70
N VAL K 10 43.24 -13.24 -62.29
CA VAL K 10 43.08 -13.76 -60.94
C VAL K 10 44.44 -13.79 -60.26
N TYR K 11 44.50 -13.23 -59.05
CA TYR K 11 45.74 -13.12 -58.30
C TYR K 11 45.69 -14.04 -57.09
N ILE K 12 46.84 -14.62 -56.75
CA ILE K 12 46.97 -15.55 -55.63
C ILE K 12 47.81 -14.90 -54.55
N GLU K 13 47.27 -14.88 -53.33
CA GLU K 13 47.98 -14.39 -52.15
C GLU K 13 48.06 -15.51 -51.12
N GLU K 14 49.19 -15.57 -50.42
CA GLU K 14 49.37 -16.50 -49.32
C GLU K 14 49.79 -15.73 -48.08
N ASP K 15 49.20 -16.10 -46.95
CA ASP K 15 49.50 -15.42 -45.70
C ASP K 15 50.96 -15.62 -45.33
N ALA K 16 51.64 -14.51 -45.00
CA ALA K 16 53.06 -14.54 -44.67
C ALA K 16 53.33 -14.02 -43.27
N SER K 17 52.29 -13.72 -42.49
CA SER K 17 52.50 -13.29 -41.12
C SER K 17 53.15 -14.41 -40.31
N LEU K 18 54.03 -14.02 -39.40
CA LEU K 18 54.82 -15.00 -38.67
C LEU K 18 53.95 -15.85 -37.75
N SER K 19 54.26 -17.14 -37.70
CA SER K 19 53.66 -18.07 -36.75
C SER K 19 54.76 -18.50 -35.78
N LEU K 20 54.53 -18.29 -34.49
CA LEU K 20 55.57 -18.43 -33.48
C LEU K 20 55.19 -19.51 -32.48
N SER K 21 56.14 -20.39 -32.20
CA SER K 21 55.97 -21.42 -31.17
C SER K 21 57.35 -21.89 -30.73
N VAL K 22 57.42 -22.41 -29.51
CA VAL K 22 58.66 -22.85 -28.90
C VAL K 22 58.79 -24.36 -29.05
N SER K 23 59.98 -24.81 -29.43
CA SER K 23 60.26 -26.22 -29.62
C SER K 23 61.32 -26.67 -28.63
N SER K 24 61.11 -27.85 -28.04
CA SER K 24 62.04 -28.39 -27.06
C SER K 24 63.26 -28.98 -27.75
N SER K 25 64.44 -28.59 -27.30
CA SER K 25 65.69 -29.06 -27.88
C SER K 25 66.25 -30.21 -27.05
N ALA K 26 67.44 -30.68 -27.41
CA ALA K 26 68.14 -31.72 -26.66
C ALA K 26 68.95 -31.07 -25.55
N THR K 27 68.72 -31.51 -24.32
CA THR K 27 69.32 -30.89 -23.14
C THR K 27 70.38 -31.76 -22.48
N ALA K 28 71.01 -32.65 -23.24
CA ALA K 28 71.98 -33.58 -22.67
C ALA K 28 73.22 -33.79 -23.53
N VAL K 29 73.50 -32.90 -24.48
CA VAL K 29 74.65 -33.07 -25.37
C VAL K 29 75.92 -32.69 -24.63
N PRO K 30 76.83 -33.62 -24.38
CA PRO K 30 78.05 -33.30 -23.63
C PRO K 30 79.23 -32.99 -24.53
N VAL K 31 80.29 -32.50 -23.89
CA VAL K 31 81.60 -32.31 -24.53
C VAL K 31 82.65 -32.89 -23.60
N PHE K 32 83.51 -33.74 -24.14
CA PHE K 32 84.54 -34.40 -23.36
C PHE K 32 85.90 -33.75 -23.61
N ALA K 33 86.71 -33.68 -22.56
CA ALA K 33 88.05 -33.11 -22.63
C ALA K 33 89.06 -34.21 -22.91
N VAL K 34 89.97 -33.94 -23.85
CA VAL K 34 90.95 -34.91 -24.30
C VAL K 34 92.34 -34.32 -24.11
N ALA K 35 93.28 -35.16 -23.67
CA ALA K 35 94.65 -34.71 -23.47
C ALA K 35 95.33 -34.39 -24.80
N GLY K 36 96.42 -33.64 -24.71
CA GLY K 36 97.11 -33.20 -25.92
C GLY K 36 97.75 -34.33 -26.70
N ASP K 37 98.34 -35.30 -25.99
CA ASP K 37 99.10 -36.36 -26.63
C ASP K 37 98.25 -37.37 -27.37
N ASN K 38 96.92 -37.32 -27.22
CA ASN K 38 96.07 -38.33 -27.85
C ASN K 38 96.10 -38.17 -29.36
N PRO K 39 96.35 -39.25 -30.12
CA PRO K 39 96.46 -39.12 -31.58
C PRO K 39 95.13 -38.92 -32.27
N LEU K 40 94.03 -39.40 -31.68
CA LEU K 40 92.72 -39.30 -32.35
C LEU K 40 92.30 -37.83 -32.52
N ILE K 41 92.53 -37.01 -31.50
CA ILE K 41 92.08 -35.63 -31.54
C ILE K 41 93.10 -34.69 -32.20
N SER K 42 94.36 -35.09 -32.27
CA SER K 42 95.39 -34.21 -32.83
C SER K 42 95.15 -33.97 -34.31
N GLY K 43 95.31 -32.72 -34.74
CA GLY K 43 95.17 -32.38 -36.13
C GLY K 43 93.75 -32.16 -36.61
N LYS K 44 92.82 -31.87 -35.70
CA LYS K 44 91.42 -31.66 -36.07
C LYS K 44 90.76 -30.80 -35.02
N PRO K 45 89.77 -29.98 -35.38
CA PRO K 45 89.11 -29.12 -34.38
C PRO K 45 88.33 -29.92 -33.36
N TYR K 46 87.49 -30.85 -33.82
CA TYR K 46 86.67 -31.65 -32.90
C TYR K 46 86.29 -32.95 -33.59
N ILE K 47 85.85 -33.90 -32.76
CA ILE K 47 85.39 -35.21 -33.23
C ILE K 47 84.00 -35.45 -32.67
N ARG K 48 83.07 -35.83 -33.53
CA ARG K 48 81.71 -36.17 -33.13
C ARG K 48 81.57 -37.69 -33.14
N ILE K 49 81.17 -38.25 -32.00
CA ILE K 49 81.04 -39.69 -31.83
C ILE K 49 79.61 -39.98 -31.39
N SER K 50 78.94 -40.88 -32.11
CA SER K 50 77.53 -41.17 -31.89
C SER K 50 77.29 -42.55 -31.29
N ASN K 51 78.32 -43.38 -31.13
CA ASN K 51 78.13 -44.71 -30.59
C ASN K 51 79.46 -45.22 -30.05
N TRP K 52 79.37 -46.16 -29.10
CA TRP K 52 80.59 -46.80 -28.58
C TRP K 52 81.31 -47.58 -29.67
N LEU K 53 80.56 -48.31 -30.49
CA LEU K 53 81.18 -49.01 -31.61
C LEU K 53 81.76 -48.04 -32.63
N GLU K 54 81.11 -46.89 -32.83
CA GLU K 54 81.64 -45.89 -33.76
C GLU K 54 82.99 -45.37 -33.28
N TYR K 55 83.15 -45.18 -31.97
CA TYR K 55 84.44 -44.75 -31.44
C TYR K 55 85.53 -45.78 -31.73
N LEU K 56 85.20 -47.06 -31.60
CA LEU K 56 86.16 -48.11 -31.96
C LEU K 56 86.45 -48.07 -33.46
N THR K 57 85.43 -47.76 -34.27
CA THR K 57 85.65 -47.65 -35.71
C THR K 57 86.62 -46.52 -36.04
N LEU K 58 86.46 -45.37 -35.38
CA LEU K 58 87.44 -44.29 -35.56
C LEU K 58 88.81 -44.70 -35.08
N LYS K 59 88.87 -45.50 -34.02
CA LYS K 59 90.13 -46.07 -33.56
C LYS K 59 90.57 -47.20 -34.50
N ASN K 60 91.81 -47.66 -34.29
CA ASN K 60 92.31 -48.81 -35.02
C ASN K 60 92.80 -49.92 -34.11
N GLU K 61 92.67 -49.76 -32.79
CA GLU K 61 93.07 -50.77 -31.83
C GLU K 61 91.83 -51.34 -31.12
N GLN K 62 92.08 -52.35 -30.31
CA GLN K 62 91.01 -52.91 -29.48
C GLN K 62 90.80 -52.04 -28.25
N PHE K 63 89.83 -52.41 -27.42
CA PHE K 63 89.54 -51.64 -26.22
C PHE K 63 90.74 -51.65 -25.29
N ASP K 64 91.12 -50.46 -24.81
CA ASP K 64 92.26 -50.31 -23.92
C ASP K 64 91.77 -49.86 -22.55
N PRO K 65 91.95 -50.66 -21.50
CA PRO K 65 91.57 -50.24 -20.15
C PRO K 65 92.59 -49.34 -19.46
N ALA K 66 93.69 -48.99 -20.13
CA ALA K 66 94.72 -48.16 -19.54
C ALA K 66 94.62 -46.70 -19.94
N ASN K 67 93.88 -46.39 -20.99
CA ASN K 67 93.72 -45.01 -21.45
C ASN K 67 92.40 -44.45 -20.92
N THR K 68 92.48 -43.26 -20.32
CA THR K 68 91.30 -42.67 -19.68
C THR K 68 90.20 -42.38 -20.69
N LEU K 69 90.56 -42.10 -21.94
CA LEU K 69 89.56 -41.74 -22.94
C LEU K 69 88.61 -42.90 -23.21
N ASP K 70 89.16 -44.11 -23.34
CA ASP K 70 88.32 -45.25 -23.72
C ASP K 70 87.36 -45.64 -22.60
N ILE K 71 87.87 -45.74 -21.37
CA ILE K 71 87.02 -46.17 -20.26
C ILE K 71 85.93 -45.14 -19.99
N SER K 72 86.25 -43.85 -20.10
CA SER K 72 85.26 -42.82 -19.89
C SER K 72 84.14 -42.91 -20.92
N LEU K 73 84.50 -43.13 -22.18
CA LEU K 73 83.50 -43.21 -23.24
C LEU K 73 82.60 -44.43 -23.07
N ARG K 74 83.18 -45.59 -22.76
CA ARG K 74 82.35 -46.78 -22.60
C ARG K 74 81.50 -46.69 -21.33
N ALA K 75 81.99 -46.01 -20.30
CA ALA K 75 81.16 -45.77 -19.12
C ALA K 75 80.01 -44.83 -19.44
N TYR K 76 80.27 -43.80 -20.26
CA TYR K 76 79.21 -42.88 -20.64
C TYR K 76 78.15 -43.57 -21.48
N PHE K 77 78.56 -44.40 -22.43
CA PHE K 77 77.60 -45.05 -23.32
C PHE K 77 76.83 -46.17 -22.64
N ILE K 78 77.48 -46.91 -21.73
CA ILE K 78 76.78 -47.99 -21.04
C ILE K 78 75.69 -47.47 -20.13
N ASN K 79 75.77 -46.20 -19.72
CA ASN K 79 74.74 -45.58 -18.90
C ASN K 79 73.67 -44.88 -19.73
N GLY K 80 73.74 -45.00 -21.06
CA GLY K 80 72.84 -44.29 -21.94
C GLY K 80 73.35 -42.91 -22.30
N GLY K 81 72.72 -42.32 -23.30
CA GLY K 81 73.11 -40.99 -23.74
C GLY K 81 72.93 -40.86 -25.24
N GLY K 82 73.74 -39.96 -25.81
CA GLY K 82 73.70 -39.70 -27.24
C GLY K 82 75.05 -39.33 -27.79
N TYR K 83 75.06 -38.59 -28.90
CA TYR K 83 76.31 -38.20 -29.51
C TYR K 83 77.06 -37.21 -28.62
N CYS K 84 78.38 -37.31 -28.60
CA CYS K 84 79.23 -36.45 -27.80
C CYS K 84 80.38 -35.93 -28.65
N TYR K 85 80.89 -34.76 -28.28
CA TYR K 85 82.00 -34.13 -28.98
C TYR K 85 83.28 -34.30 -28.16
N LEU K 86 84.40 -34.47 -28.87
CA LEU K 86 85.72 -34.52 -28.24
C LEU K 86 86.50 -33.29 -28.65
N VAL K 87 86.97 -32.52 -27.66
CA VAL K 87 87.67 -31.27 -27.91
C VAL K 87 88.94 -31.27 -27.08
N GLN K 88 90.02 -30.75 -27.66
CA GLN K 88 91.26 -30.56 -26.91
C GLN K 88 91.04 -29.58 -25.78
N THR K 89 91.70 -29.83 -24.64
CA THR K 89 91.52 -28.97 -23.47
C THR K 89 91.95 -27.54 -23.75
N THR K 90 93.08 -27.37 -24.45
CA THR K 90 93.56 -26.03 -24.78
C THR K 90 92.70 -25.35 -25.84
N ASP K 91 91.79 -26.06 -26.48
CA ASP K 91 90.93 -25.50 -27.51
C ASP K 91 89.47 -25.40 -27.06
N LEU K 92 89.20 -25.61 -25.78
CA LEU K 92 87.81 -25.58 -25.30
C LEU K 92 87.21 -24.18 -25.44
N GLU K 93 87.99 -23.16 -25.10
CA GLU K 93 87.46 -21.80 -25.12
C GLU K 93 87.10 -21.34 -26.52
N LYS K 94 87.65 -22.00 -27.54
CA LYS K 94 87.36 -21.64 -28.93
C LYS K 94 86.23 -22.46 -29.53
N GLN K 95 86.30 -23.78 -29.40
CA GLN K 95 85.39 -24.66 -30.13
C GLN K 95 84.01 -24.70 -29.48
N VAL K 96 83.94 -24.62 -28.15
CA VAL K 96 82.65 -24.77 -27.46
C VAL K 96 81.64 -23.70 -27.88
N PRO K 97 81.99 -22.40 -27.93
CA PRO K 97 81.00 -21.43 -28.43
C PRO K 97 80.62 -21.64 -29.89
N LYS K 98 81.47 -22.29 -30.66
CA LYS K 98 81.18 -22.55 -32.07
C LYS K 98 80.16 -23.66 -32.27
N LEU K 99 79.82 -24.40 -31.22
CA LEU K 99 78.85 -25.49 -31.29
C LEU K 99 77.61 -25.09 -30.49
N ASP K 100 76.53 -24.77 -31.20
CA ASP K 100 75.31 -24.28 -30.56
C ASP K 100 74.46 -25.39 -29.95
N ASP K 101 74.79 -26.66 -30.20
CA ASP K 101 74.03 -27.76 -29.63
C ASP K 101 74.62 -28.29 -28.33
N VAL K 102 75.78 -27.79 -27.91
CA VAL K 102 76.43 -28.29 -26.71
C VAL K 102 75.69 -27.79 -25.48
N THR K 103 75.41 -28.70 -24.56
CA THR K 103 74.72 -28.38 -23.32
C THR K 103 75.57 -28.62 -22.08
N LEU K 104 76.29 -29.73 -22.02
CA LEU K 104 77.08 -30.12 -20.86
C LEU K 104 78.56 -30.09 -21.19
N LEU K 105 79.37 -29.66 -20.23
CA LEU K 105 80.82 -29.70 -20.33
C LEU K 105 81.32 -30.71 -19.31
N VAL K 106 82.02 -31.74 -19.78
CA VAL K 106 82.44 -32.87 -18.95
C VAL K 106 83.95 -32.85 -18.82
N ALA K 107 84.43 -32.93 -17.58
CA ALA K 107 85.87 -32.89 -17.33
C ALA K 107 86.57 -34.10 -17.93
N ALA K 108 85.96 -35.28 -17.81
CA ALA K 108 86.51 -36.54 -18.34
C ALA K 108 87.88 -36.85 -17.76
N GLY K 109 88.14 -36.42 -16.53
CA GLY K 109 89.34 -36.82 -15.83
C GLY K 109 90.56 -35.95 -16.03
N GLU K 110 90.38 -34.67 -16.34
CA GLU K 110 91.53 -33.77 -16.43
C GLU K 110 91.06 -32.35 -16.17
N ASN K 111 92.02 -31.47 -15.86
CA ASN K 111 91.73 -30.14 -15.36
C ASN K 111 91.10 -29.28 -16.45
N ILE K 112 89.87 -28.83 -16.21
CA ILE K 112 89.17 -27.93 -17.11
C ILE K 112 88.63 -26.75 -16.32
N THR K 113 89.30 -26.41 -15.22
CA THR K 113 88.83 -25.33 -14.36
C THR K 113 88.82 -23.99 -15.09
N THR K 114 89.87 -23.70 -15.85
CA THR K 114 89.95 -22.42 -16.54
C THR K 114 88.84 -22.30 -17.59
N ALA K 115 88.56 -23.38 -18.32
CA ALA K 115 87.55 -23.33 -19.36
C ALA K 115 86.16 -23.07 -18.78
N VAL K 116 85.86 -23.66 -17.63
CA VAL K 116 84.53 -23.53 -17.04
C VAL K 116 84.25 -22.09 -16.66
N SER K 117 85.22 -21.42 -16.02
CA SER K 117 84.99 -20.07 -15.53
C SER K 117 84.80 -19.09 -16.68
N THR K 118 85.43 -19.33 -17.82
CA THR K 118 85.32 -18.42 -18.96
C THR K 118 84.20 -18.79 -19.91
N LEU K 119 83.50 -19.90 -19.70
CA LEU K 119 82.42 -20.34 -20.57
C LEU K 119 81.07 -20.38 -19.87
N CYS K 120 80.99 -21.04 -18.71
CA CYS K 120 79.73 -21.19 -18.00
C CYS K 120 79.38 -19.86 -17.33
N LYS K 121 78.58 -19.06 -18.02
CA LYS K 121 78.17 -17.74 -17.55
C LYS K 121 76.67 -17.60 -17.79
N PRO K 122 76.01 -16.70 -17.06
CA PRO K 122 74.55 -16.56 -17.22
C PRO K 122 74.17 -16.26 -18.66
N GLY K 123 73.14 -16.94 -19.14
CA GLY K 123 72.66 -16.79 -20.49
C GLY K 123 73.36 -17.67 -21.51
N LYS K 124 74.49 -18.27 -21.17
CA LYS K 124 75.22 -19.10 -22.12
C LYS K 124 74.57 -20.47 -22.34
N GLY K 125 73.81 -20.95 -21.36
CA GLY K 125 73.12 -22.22 -21.49
C GLY K 125 73.96 -23.46 -21.26
N LEU K 126 75.21 -23.31 -20.81
CA LEU K 126 76.07 -24.45 -20.58
C LEU K 126 76.03 -24.87 -19.12
N PHE K 127 76.45 -26.10 -18.87
CA PHE K 127 76.58 -26.65 -17.53
C PHE K 127 77.83 -27.53 -17.47
N ALA K 128 78.46 -27.59 -16.31
CA ALA K 128 79.73 -28.27 -16.15
C ALA K 128 79.62 -29.36 -15.09
N ILE K 129 80.35 -30.45 -15.31
CA ILE K 129 80.44 -31.56 -14.37
C ILE K 129 81.92 -31.79 -14.05
N PHE K 130 82.25 -31.73 -12.77
CA PHE K 130 83.63 -31.87 -12.32
C PHE K 130 83.89 -33.27 -11.79
N ASP K 131 85.13 -33.50 -11.36
CA ASP K 131 85.56 -34.75 -10.76
C ASP K 131 86.06 -34.46 -9.35
N GLY K 132 85.65 -35.30 -8.39
CA GLY K 132 86.06 -35.13 -7.03
C GLY K 132 87.50 -35.54 -6.81
N PRO K 133 87.99 -35.33 -5.59
CA PRO K 133 89.37 -35.72 -5.27
C PRO K 133 89.56 -37.21 -5.36
N THR K 134 90.77 -37.62 -5.73
CA THR K 134 91.09 -39.03 -5.91
C THR K 134 91.48 -39.74 -4.63
N THR K 135 91.73 -39.00 -3.55
CA THR K 135 92.22 -39.56 -2.30
C THR K 135 91.05 -39.81 -1.35
N GLU K 136 91.37 -40.17 -0.11
CA GLU K 136 90.36 -40.33 0.92
C GLU K 136 89.69 -39.00 1.22
N LEU K 137 88.40 -39.07 1.55
CA LEU K 137 87.65 -37.87 1.93
C LEU K 137 88.09 -37.44 3.31
N LYS K 138 88.73 -36.28 3.40
CA LYS K 138 89.31 -35.82 4.65
C LYS K 138 88.19 -35.49 5.64
N SER K 139 88.34 -35.97 6.88
CA SER K 139 87.21 -36.03 7.80
C SER K 139 86.68 -34.65 8.17
N ASP K 140 87.57 -33.68 8.42
CA ASP K 140 87.15 -32.38 8.92
C ASP K 140 86.34 -31.59 7.89
N GLY K 141 86.34 -31.99 6.63
CA GLY K 141 85.50 -31.37 5.63
C GLY K 141 86.11 -30.23 4.86
N THR K 142 87.44 -30.16 4.77
CA THR K 142 88.12 -29.07 4.08
C THR K 142 88.62 -29.46 2.69
N SER K 143 88.21 -30.61 2.17
CA SER K 143 88.67 -31.01 0.84
C SER K 143 87.75 -30.46 -0.25
N ASN K 144 87.45 -29.16 -0.16
CA ASN K 144 86.67 -28.44 -1.15
C ASN K 144 87.31 -27.13 -1.58
N SER K 145 88.48 -26.78 -1.01
CA SER K 145 89.04 -25.45 -1.22
C SER K 145 89.46 -25.23 -2.67
N ASP K 146 89.90 -26.28 -3.37
CA ASP K 146 90.37 -26.11 -4.73
C ASP K 146 89.24 -25.69 -5.69
N TYR K 147 88.00 -25.99 -5.34
CA TYR K 147 86.89 -25.71 -6.24
C TYR K 147 86.41 -24.28 -6.09
N ASP K 148 85.88 -23.72 -7.18
CA ASP K 148 85.35 -22.36 -7.21
C ASP K 148 83.83 -22.39 -7.10
N PRO K 149 83.23 -21.58 -6.23
CA PRO K 149 81.77 -21.63 -6.05
C PRO K 149 81.01 -21.09 -7.25
N ASN K 150 81.00 -21.85 -8.34
CA ASN K 150 80.27 -21.48 -9.55
C ASN K 150 78.90 -22.16 -9.56
N PRO K 151 77.80 -21.40 -9.66
CA PRO K 151 76.47 -22.02 -9.64
C PRO K 151 76.14 -22.85 -10.88
N PHE K 152 77.04 -22.92 -11.86
CA PHE K 152 76.80 -23.67 -13.09
C PHE K 152 77.58 -24.99 -13.12
N ALA K 153 78.14 -25.41 -12.00
CA ALA K 153 78.99 -26.60 -11.99
C ALA K 153 78.62 -27.49 -10.81
N ALA K 154 78.95 -28.77 -10.95
CA ALA K 154 78.73 -29.76 -9.90
C ALA K 154 79.93 -30.69 -9.83
N VAL K 155 80.17 -31.25 -8.65
CA VAL K 155 81.30 -32.15 -8.40
C VAL K 155 80.76 -33.46 -7.87
N TYR K 156 81.26 -34.57 -8.40
CA TYR K 156 80.82 -35.90 -8.03
C TYR K 156 81.98 -36.71 -7.48
N TYR K 157 81.70 -37.52 -6.46
CA TYR K 157 82.69 -38.29 -5.73
C TYR K 157 82.09 -39.63 -5.35
N PRO K 158 82.88 -40.71 -5.35
CA PRO K 158 84.29 -40.81 -5.77
C PRO K 158 84.45 -41.38 -7.17
N TRP K 159 85.69 -41.63 -7.58
CA TRP K 159 85.93 -42.26 -8.87
C TRP K 159 85.43 -43.70 -8.86
N LEU K 160 84.94 -44.15 -10.00
CA LEU K 160 84.31 -45.46 -10.13
C LEU K 160 85.30 -46.48 -10.69
N THR K 161 85.08 -47.74 -10.36
CA THR K 161 85.88 -48.85 -10.85
C THR K 161 84.95 -49.97 -11.32
N ALA K 162 85.45 -50.78 -12.24
CA ALA K 162 84.70 -51.88 -12.82
C ALA K 162 85.60 -53.08 -12.98
N ASP K 163 85.02 -54.19 -13.43
CA ASP K 163 85.80 -55.41 -13.62
C ASP K 163 86.84 -55.23 -14.72
N TRP K 164 86.49 -54.55 -15.81
CA TRP K 164 87.42 -54.35 -16.91
C TRP K 164 88.54 -53.38 -16.56
N THR K 165 88.34 -52.52 -15.57
CA THR K 165 89.39 -51.60 -15.15
C THR K 165 90.55 -52.38 -14.53
N THR K 166 91.77 -51.98 -14.88
CA THR K 166 92.97 -52.67 -14.43
C THR K 166 93.78 -51.85 -13.44
N THR K 167 94.15 -50.62 -13.80
CA THR K 167 94.95 -49.78 -12.91
C THR K 167 94.54 -48.31 -12.91
N ILE K 168 93.58 -47.91 -13.73
CA ILE K 168 93.12 -46.53 -13.78
C ILE K 168 91.61 -46.53 -13.61
N ASP K 169 91.12 -45.73 -12.67
CA ASP K 169 89.70 -45.71 -12.34
C ASP K 169 88.94 -44.71 -13.20
N ILE K 170 87.67 -45.04 -13.48
CA ILE K 170 86.84 -44.19 -14.32
C ILE K 170 86.51 -42.90 -13.59
N PRO K 171 86.67 -41.74 -14.22
CA PRO K 171 86.21 -40.49 -13.60
C PRO K 171 84.69 -40.50 -13.45
N PRO K 172 84.17 -40.01 -12.33
CA PRO K 172 82.72 -40.04 -12.13
C PRO K 172 81.93 -39.22 -13.14
N SER K 173 82.52 -38.13 -13.66
CA SER K 173 81.79 -37.26 -14.55
C SER K 173 81.39 -37.96 -15.84
N ALA K 174 82.18 -38.95 -16.28
CA ALA K 174 81.85 -39.67 -17.50
C ALA K 174 80.54 -40.43 -17.35
N ALA K 175 80.36 -41.13 -16.23
CA ALA K 175 79.14 -41.88 -16.02
C ALA K 175 77.97 -40.98 -15.67
N ILE K 176 78.22 -39.87 -14.96
CA ILE K 176 77.14 -38.98 -14.57
C ILE K 176 76.50 -38.34 -15.79
N ALA K 177 77.30 -37.98 -16.79
CA ALA K 177 76.76 -37.39 -18.01
C ALA K 177 75.78 -38.34 -18.69
N GLY K 178 76.07 -39.64 -18.66
CA GLY K 178 75.13 -40.60 -19.19
C GLY K 178 73.83 -40.65 -18.40
N VAL K 179 73.94 -40.51 -17.08
CA VAL K 179 72.74 -40.52 -16.23
C VAL K 179 71.86 -39.32 -16.55
N TYR K 180 72.47 -38.18 -16.88
CA TYR K 180 71.70 -36.97 -17.17
C TYR K 180 70.77 -37.18 -18.36
N CYS K 181 71.27 -37.83 -19.42
CA CYS K 181 70.44 -38.04 -20.60
C CYS K 181 69.31 -39.02 -20.32
N SER K 182 69.59 -40.09 -19.57
CA SER K 182 68.55 -41.07 -19.27
C SER K 182 67.45 -40.48 -18.42
N VAL K 183 67.81 -39.68 -17.41
CA VAL K 183 66.82 -39.06 -16.54
C VAL K 183 66.00 -38.03 -17.32
N ASP K 184 66.67 -37.23 -18.15
CA ASP K 184 65.96 -36.20 -18.91
C ASP K 184 64.98 -36.82 -19.91
N SER K 185 65.39 -37.90 -20.57
CA SER K 185 64.53 -38.53 -21.57
C SER K 185 63.32 -39.19 -20.90
N THR K 186 63.50 -39.80 -19.74
CA THR K 186 62.44 -40.55 -19.09
C THR K 186 61.53 -39.66 -18.25
N ARG K 187 62.09 -38.85 -17.36
CA ARG K 187 61.31 -38.06 -16.43
C ARG K 187 61.27 -36.58 -16.75
N GLY K 188 62.30 -36.06 -17.41
CA GLY K 188 62.35 -34.64 -17.74
C GLY K 188 63.56 -33.94 -17.15
N VAL K 189 63.88 -32.76 -17.67
CA VAL K 189 65.04 -32.03 -17.19
C VAL K 189 64.84 -31.55 -15.75
N TRP K 190 63.62 -31.17 -15.37
CA TRP K 190 63.37 -30.68 -14.03
C TRP K 190 63.49 -31.76 -12.96
N LYS K 191 63.52 -33.03 -13.34
CA LYS K 191 63.71 -34.11 -12.38
C LYS K 191 65.15 -34.15 -11.89
N ALA K 192 65.31 -34.43 -10.60
CA ALA K 192 66.64 -34.49 -10.02
C ALA K 192 67.40 -35.71 -10.52
N PRO K 193 68.61 -35.54 -11.04
CA PRO K 193 69.41 -36.70 -11.47
C PRO K 193 70.07 -37.42 -10.30
N ALA K 194 69.24 -37.86 -9.36
CA ALA K 194 69.69 -38.58 -8.17
C ALA K 194 68.66 -39.65 -7.83
N ASN K 195 69.03 -40.50 -6.87
CA ASN K 195 68.21 -41.66 -6.50
C ASN K 195 67.95 -42.54 -7.72
N VAL K 196 68.94 -42.66 -8.58
CA VAL K 196 68.84 -43.48 -9.79
C VAL K 196 70.07 -44.38 -9.87
N PRO K 197 69.94 -45.58 -10.42
CA PRO K 197 71.07 -46.51 -10.45
C PRO K 197 72.05 -46.19 -11.57
N ILE K 198 73.25 -46.74 -11.43
CA ILE K 198 74.27 -46.67 -12.48
C ILE K 198 74.19 -47.95 -13.29
N GLN K 199 73.95 -47.80 -14.60
CA GLN K 199 73.59 -48.95 -15.42
C GLN K 199 74.79 -49.82 -15.77
N GLY K 200 76.01 -49.32 -15.62
CA GLY K 200 77.18 -50.04 -16.05
C GLY K 200 77.71 -51.07 -15.09
N GLY K 201 77.06 -51.28 -13.95
CA GLY K 201 77.60 -52.18 -12.96
C GLY K 201 78.90 -51.70 -12.37
N LEU K 202 79.05 -50.40 -12.23
CA LEU K 202 80.28 -49.80 -11.71
C LEU K 202 80.21 -49.71 -10.18
N GLN K 203 81.38 -49.72 -9.56
CA GLN K 203 81.46 -49.68 -8.11
C GLN K 203 82.30 -48.52 -7.65
N PRO K 204 81.86 -47.80 -6.62
CA PRO K 204 82.68 -46.69 -6.09
C PRO K 204 83.99 -47.21 -5.50
N LYS K 205 85.04 -46.40 -5.63
CA LYS K 205 86.35 -46.79 -5.13
C LYS K 205 86.40 -46.81 -3.62
N TYR K 206 85.73 -45.86 -2.96
CA TYR K 206 85.72 -45.80 -1.52
C TYR K 206 84.29 -45.73 -1.01
N PRO K 207 84.02 -46.32 0.16
CA PRO K 207 82.70 -46.18 0.76
C PRO K 207 82.56 -44.85 1.50
N VAL K 208 81.34 -44.31 1.46
CA VAL K 208 81.03 -43.05 2.12
C VAL K 208 79.94 -43.32 3.15
N THR K 209 80.22 -42.99 4.40
CA THR K 209 79.27 -43.18 5.47
C THR K 209 78.17 -42.11 5.40
N ASP K 210 77.07 -42.37 6.10
CA ASP K 210 75.97 -41.42 6.13
C ASP K 210 76.40 -40.10 6.76
N ASP K 211 77.17 -40.16 7.85
CA ASP K 211 77.58 -38.94 8.53
C ASP K 211 78.63 -38.16 7.73
N LEU K 212 79.48 -38.87 6.98
CA LEU K 212 80.51 -38.19 6.20
C LEU K 212 79.88 -37.36 5.08
N GLN K 213 78.83 -37.89 4.44
CA GLN K 213 78.12 -37.13 3.42
C GLN K 213 77.52 -35.85 4.01
N ALA K 214 76.97 -35.95 5.22
CA ALA K 214 76.37 -34.78 5.87
C ALA K 214 77.40 -33.68 6.08
N GLN K 215 78.67 -34.04 6.23
CA GLN K 215 79.71 -33.03 6.41
C GLN K 215 79.95 -32.25 5.13
N TYR K 216 79.85 -32.90 3.98
CA TYR K 216 80.17 -32.30 2.69
C TYR K 216 78.94 -31.88 1.90
N ASN K 217 77.76 -31.91 2.50
CA ASN K 217 76.53 -31.59 1.79
C ASN K 217 76.13 -30.12 1.90
N GLN K 218 76.96 -29.29 2.51
CA GLN K 218 76.68 -27.87 2.66
C GLN K 218 77.65 -27.04 1.84
N GLY K 219 77.20 -25.83 1.49
CA GLY K 219 78.04 -24.94 0.70
C GLY K 219 78.36 -25.54 -0.64
N LYS K 220 79.64 -25.49 -1.02
CA LYS K 220 80.11 -26.10 -2.27
C LYS K 220 80.16 -27.61 -2.05
N ALA K 221 78.99 -28.24 -2.21
CA ALA K 221 78.80 -29.63 -1.83
C ALA K 221 79.40 -30.57 -2.88
N LEU K 222 79.64 -31.80 -2.44
CA LEU K 222 80.10 -32.88 -3.30
C LEU K 222 79.02 -33.94 -3.38
N ASN K 223 78.38 -34.06 -4.54
CA ASN K 223 77.40 -35.12 -4.74
C ASN K 223 78.10 -36.47 -4.71
N MET K 224 77.48 -37.43 -4.01
CA MET K 224 78.14 -38.69 -3.68
C MET K 224 77.45 -39.85 -4.37
N ILE K 225 78.26 -40.79 -4.87
CA ILE K 225 77.76 -42.04 -5.42
C ILE K 225 77.98 -43.11 -4.36
N ARG K 226 76.89 -43.69 -3.87
CA ARG K 226 76.95 -44.60 -2.74
C ARG K 226 76.26 -45.92 -3.07
N THR K 227 76.64 -46.96 -2.35
CA THR K 227 76.06 -48.28 -2.48
C THR K 227 75.13 -48.54 -1.32
N PHE K 228 73.94 -49.06 -1.61
CA PHE K 228 72.95 -49.33 -0.59
C PHE K 228 72.64 -50.83 -0.54
N PRO K 229 72.34 -51.37 0.64
CA PRO K 229 72.17 -52.83 0.76
C PRO K 229 71.07 -53.41 -0.11
N LYS K 230 69.97 -52.68 -0.32
CA LYS K 230 68.84 -53.21 -1.05
C LYS K 230 68.64 -52.58 -2.42
N SER K 231 69.40 -51.55 -2.77
CA SER K 231 69.23 -50.86 -4.04
C SER K 231 70.49 -50.82 -4.89
N GLY K 232 71.60 -51.40 -4.41
CA GLY K 232 72.82 -51.37 -5.20
C GLY K 232 73.47 -50.00 -5.15
N THR K 233 74.04 -49.60 -6.28
CA THR K 233 74.74 -48.32 -6.38
C THR K 233 73.78 -47.24 -6.90
N LEU K 234 73.75 -46.12 -6.19
CA LEU K 234 72.85 -45.01 -6.52
C LEU K 234 73.62 -43.70 -6.50
N VAL K 235 73.07 -42.71 -7.18
CA VAL K 235 73.60 -41.35 -7.16
C VAL K 235 72.86 -40.57 -6.08
N TRP K 236 73.59 -40.07 -5.09
CA TRP K 236 73.00 -39.42 -3.92
C TRP K 236 73.48 -37.98 -3.86
N GLY K 237 72.55 -37.04 -3.98
CA GLY K 237 72.89 -35.63 -3.94
C GLY K 237 72.80 -34.95 -5.29
N ALA K 238 72.15 -33.79 -5.34
CA ALA K 238 71.95 -33.04 -6.57
C ALA K 238 72.19 -31.55 -6.36
N ARG K 239 73.27 -31.23 -5.65
CA ARG K 239 73.58 -29.85 -5.31
C ARG K 239 74.69 -29.30 -6.18
N THR K 240 74.59 -28.01 -6.50
CA THR K 240 75.61 -27.30 -7.26
C THR K 240 76.69 -26.79 -6.30
N LEU K 241 77.58 -25.93 -6.80
CA LEU K 241 78.65 -25.36 -6.00
C LEU K 241 78.28 -24.03 -5.37
N GLU K 242 77.03 -23.59 -5.52
CA GLU K 242 76.54 -22.37 -4.90
C GLU K 242 75.40 -22.73 -3.97
N ASP K 243 75.47 -22.27 -2.72
CA ASP K 243 74.52 -22.65 -1.69
C ASP K 243 73.39 -21.65 -1.51
N ASN K 244 73.31 -20.62 -2.34
CA ASN K 244 72.22 -19.67 -2.20
C ASN K 244 70.89 -20.33 -2.58
N ASP K 245 69.80 -19.67 -2.20
CA ASP K 245 68.48 -20.27 -2.33
C ASP K 245 68.11 -20.47 -3.80
N ASN K 246 68.46 -19.53 -4.67
CA ASN K 246 68.03 -19.58 -6.07
C ASN K 246 68.59 -20.80 -6.78
N TRP K 247 69.91 -21.01 -6.70
CA TRP K 247 70.59 -22.00 -7.52
C TRP K 247 71.26 -23.06 -6.66
N ARG K 248 70.54 -23.55 -5.65
CA ARG K 248 71.11 -24.56 -4.77
C ARG K 248 71.12 -25.93 -5.44
N TYR K 249 70.10 -26.22 -6.25
CA TYR K 249 69.90 -27.55 -6.80
C TYR K 249 70.18 -27.56 -8.30
N ILE K 250 70.73 -28.70 -8.77
CA ILE K 250 71.00 -28.85 -10.19
C ILE K 250 69.74 -28.73 -11.05
N PRO K 251 68.62 -29.39 -10.73
CA PRO K 251 67.46 -29.31 -11.63
C PRO K 251 66.96 -27.90 -11.87
N VAL K 252 66.96 -27.06 -10.82
CA VAL K 252 66.48 -25.68 -10.99
C VAL K 252 67.37 -24.93 -11.96
N ARG K 253 68.69 -25.07 -11.80
CA ARG K 253 69.63 -24.40 -12.69
C ARG K 253 69.53 -24.94 -14.12
N ARG K 254 69.39 -26.26 -14.26
CA ARG K 254 69.34 -26.84 -15.60
C ARG K 254 67.99 -26.58 -16.27
N LEU K 255 66.91 -26.49 -15.48
CA LEU K 255 65.60 -26.18 -16.06
C LEU K 255 65.60 -24.79 -16.67
N PHE K 256 66.20 -23.81 -15.99
CA PHE K 256 66.28 -22.46 -16.54
C PHE K 256 67.15 -22.43 -17.78
N ASN K 257 68.21 -23.24 -17.81
CA ASN K 257 69.07 -23.30 -18.98
C ASN K 257 68.30 -23.78 -20.21
N SER K 258 67.48 -24.81 -20.04
CA SER K 258 66.68 -25.32 -21.15
C SER K 258 65.60 -24.33 -21.57
N ALA K 259 64.95 -23.69 -20.60
CA ALA K 259 63.89 -22.75 -20.92
C ALA K 259 64.44 -21.55 -21.68
N GLU K 260 65.57 -21.01 -21.24
CA GLU K 260 66.17 -19.87 -21.93
C GLU K 260 66.60 -20.24 -23.34
N ARG K 261 67.22 -21.41 -23.50
CA ARG K 261 67.68 -21.84 -24.82
C ARG K 261 66.50 -22.03 -25.78
N ASP K 262 65.41 -22.62 -25.28
CA ASP K 262 64.25 -22.86 -26.15
C ASP K 262 63.62 -21.55 -26.58
N ILE K 263 63.43 -20.61 -25.65
CA ILE K 263 62.79 -19.34 -25.98
C ILE K 263 63.71 -18.50 -26.85
N LYS K 264 65.02 -18.52 -26.57
CA LYS K 264 65.96 -17.74 -27.36
C LYS K 264 65.95 -18.17 -28.81
N ASN K 265 65.95 -19.49 -29.06
CA ASN K 265 65.88 -19.99 -30.43
C ASN K 265 64.56 -19.61 -31.09
N ALA K 266 63.46 -19.69 -30.34
CA ALA K 266 62.16 -19.33 -30.90
C ALA K 266 62.10 -17.86 -31.28
N MET K 267 62.74 -17.00 -30.49
CA MET K 267 62.61 -15.56 -30.69
C MET K 267 63.45 -15.05 -31.85
N SER K 268 64.42 -15.84 -32.33
CA SER K 268 65.24 -15.44 -33.47
C SER K 268 64.44 -15.36 -34.76
N PHE K 269 63.25 -15.95 -34.82
CA PHE K 269 62.38 -15.85 -35.98
C PHE K 269 61.50 -14.61 -35.92
N ALA K 270 61.59 -13.81 -34.87
CA ALA K 270 60.79 -12.61 -34.70
C ALA K 270 61.65 -11.40 -34.34
N VAL K 271 62.87 -11.34 -34.86
CA VAL K 271 63.76 -10.25 -34.49
C VAL K 271 63.30 -8.93 -35.10
N PHE K 272 63.30 -8.84 -36.43
CA PHE K 272 63.00 -7.59 -37.10
C PHE K 272 61.53 -7.41 -37.40
N GLU K 273 60.66 -8.15 -36.70
CA GLU K 273 59.23 -8.00 -36.89
C GLU K 273 58.78 -6.63 -36.36
N PRO K 274 57.68 -6.09 -36.87
CA PRO K 274 57.18 -4.82 -36.37
C PRO K 274 56.93 -4.87 -34.86
N ASN K 275 57.30 -3.79 -34.17
CA ASN K 275 57.19 -3.73 -32.72
C ASN K 275 55.90 -3.00 -32.37
N SER K 276 54.78 -3.71 -32.50
CA SER K 276 53.47 -3.14 -32.24
C SER K 276 52.60 -4.20 -31.56
N GLN K 277 51.32 -3.89 -31.40
CA GLN K 277 50.40 -4.78 -30.69
C GLN K 277 50.26 -6.16 -31.33
N PRO K 278 50.07 -6.30 -32.65
CA PRO K 278 49.90 -7.66 -33.20
C PRO K 278 51.08 -8.58 -32.91
N THR K 279 52.31 -8.05 -32.93
CA THR K 279 53.46 -8.89 -32.59
C THR K 279 53.44 -9.29 -31.12
N TRP K 280 53.05 -8.38 -30.24
CA TRP K 280 53.04 -8.68 -28.82
C TRP K 280 52.04 -9.79 -28.49
N GLU K 281 50.91 -9.81 -29.19
CA GLU K 281 49.92 -10.87 -28.95
C GLU K 281 50.48 -12.23 -29.34
N ARG K 282 51.25 -12.30 -30.42
CA ARG K 282 51.77 -13.58 -30.87
C ARG K 282 52.88 -14.09 -29.96
N VAL K 283 53.78 -13.21 -29.54
CA VAL K 283 54.86 -13.65 -28.65
C VAL K 283 54.32 -14.05 -27.29
N ARG K 284 53.31 -13.34 -26.80
CA ARG K 284 52.72 -13.69 -25.51
C ARG K 284 52.06 -15.07 -25.56
N SER K 285 51.33 -15.35 -26.65
CA SER K 285 50.67 -16.65 -26.75
C SER K 285 51.67 -17.79 -26.89
N ALA K 286 52.74 -17.58 -27.66
CA ALA K 286 53.72 -18.63 -27.87
C ALA K 286 54.43 -18.98 -26.57
N VAL K 287 54.82 -17.97 -25.79
CA VAL K 287 55.52 -18.22 -24.54
C VAL K 287 54.57 -18.84 -23.51
N ASN K 288 53.32 -18.36 -23.47
CA ASN K 288 52.37 -18.89 -22.50
C ASN K 288 52.11 -20.36 -22.73
N ASN K 289 51.99 -20.79 -23.98
CA ASN K 289 51.76 -22.21 -24.28
C ASN K 289 52.94 -23.06 -23.82
N TYR K 290 54.16 -22.58 -24.05
CA TYR K 290 55.34 -23.34 -23.65
C TYR K 290 55.41 -23.52 -22.15
N LEU K 291 55.14 -22.43 -21.40
CA LEU K 291 55.16 -22.54 -19.95
C LEU K 291 53.97 -23.33 -19.42
N TYR K 292 52.83 -23.25 -20.10
CA TYR K 292 51.67 -24.05 -19.71
C TYR K 292 51.96 -25.54 -19.87
N SER K 293 52.67 -25.91 -20.93
CA SER K 293 53.04 -27.31 -21.12
C SER K 293 53.95 -27.81 -20.00
N LEU K 294 54.89 -26.96 -19.56
CA LEU K 294 55.77 -27.35 -18.47
C LEU K 294 54.99 -27.54 -17.17
N TRP K 295 54.00 -26.69 -16.93
CA TRP K 295 53.22 -26.80 -15.70
C TRP K 295 52.34 -28.05 -15.73
N GLN K 296 51.82 -28.41 -16.90
CA GLN K 296 51.03 -29.63 -17.01
C GLN K 296 51.86 -30.86 -16.69
N GLN K 297 53.10 -30.90 -17.19
CA GLN K 297 53.98 -32.05 -16.93
C GLN K 297 54.51 -32.07 -15.50
N GLY K 298 54.29 -31.01 -14.73
CA GLY K 298 54.77 -30.95 -13.36
C GLY K 298 56.09 -30.27 -13.15
N GLY K 299 56.62 -29.57 -14.16
CA GLY K 299 57.88 -28.88 -14.00
C GLY K 299 57.82 -27.59 -13.20
N LEU K 300 56.63 -27.01 -13.04
CA LEU K 300 56.46 -25.79 -12.27
C LEU K 300 55.42 -26.03 -11.18
N ALA K 301 55.65 -25.43 -10.01
CA ALA K 301 54.83 -25.64 -8.84
C ALA K 301 53.78 -24.55 -8.72
N GLY K 302 52.53 -24.95 -8.49
CA GLY K 302 51.45 -24.00 -8.32
C GLY K 302 50.09 -24.61 -8.57
N ASN K 303 49.09 -24.19 -7.77
CA ASN K 303 47.74 -24.70 -7.95
C ASN K 303 47.15 -24.29 -9.30
N LYS K 304 47.41 -23.07 -9.72
CA LYS K 304 46.89 -22.52 -10.96
C LYS K 304 48.04 -21.97 -11.79
N PRO K 305 47.88 -21.89 -13.11
CA PRO K 305 49.00 -21.43 -13.96
C PRO K 305 49.54 -20.06 -13.59
N ASP K 306 48.67 -19.12 -13.20
CA ASP K 306 49.14 -17.80 -12.82
C ASP K 306 49.93 -17.81 -11.52
N ASP K 307 49.86 -18.89 -10.75
CA ASP K 307 50.69 -19.03 -9.55
C ASP K 307 52.06 -19.63 -9.86
N ALA K 308 52.29 -20.08 -11.09
CA ALA K 308 53.56 -20.71 -11.45
C ALA K 308 54.40 -19.88 -12.40
N TYR K 309 53.78 -19.03 -13.23
CA TYR K 309 54.52 -18.26 -14.20
C TYR K 309 53.71 -17.04 -14.61
N PHE K 310 54.41 -16.07 -15.19
CA PHE K 310 53.76 -14.89 -15.74
C PHE K 310 54.63 -14.33 -16.86
N VAL K 311 53.98 -13.80 -17.89
CA VAL K 311 54.65 -13.20 -19.03
C VAL K 311 54.08 -11.80 -19.23
N GLN K 312 54.97 -10.81 -19.34
CA GLN K 312 54.56 -9.42 -19.51
C GLN K 312 55.24 -8.82 -20.72
N ILE K 313 54.47 -8.18 -21.58
CA ILE K 313 55.00 -7.42 -22.71
C ILE K 313 53.92 -6.46 -23.17
N GLY K 314 54.31 -5.20 -23.39
CA GLY K 314 53.35 -4.20 -23.81
C GLY K 314 53.99 -2.83 -23.91
N LYS K 315 53.18 -1.87 -24.34
CA LYS K 315 53.63 -0.51 -24.53
C LYS K 315 53.83 0.22 -23.21
N ASP K 316 53.07 -0.15 -22.17
CA ASP K 316 53.20 0.48 -20.86
C ASP K 316 53.47 -0.52 -19.75
N ILE K 317 53.77 -1.77 -20.08
CA ILE K 317 54.01 -2.81 -19.09
C ILE K 317 55.49 -3.05 -18.87
N THR K 318 56.26 -3.18 -19.96
CA THR K 318 57.67 -3.51 -19.86
C THR K 318 58.60 -2.47 -20.48
N MET K 319 58.18 -1.82 -21.57
CA MET K 319 59.02 -0.86 -22.26
C MET K 319 58.29 0.47 -22.36
N THR K 320 59.06 1.54 -22.58
CA THR K 320 58.52 2.88 -22.69
C THR K 320 58.53 3.33 -24.15
N ASP K 321 58.11 4.57 -24.38
CA ASP K 321 58.07 5.12 -25.73
C ASP K 321 59.47 5.23 -26.33
N ASP K 322 60.44 5.68 -25.53
CA ASP K 322 61.80 5.82 -26.04
C ASP K 322 62.43 4.47 -26.31
N ASP K 323 62.04 3.43 -25.56
CA ASP K 323 62.54 2.08 -25.84
C ASP K 323 62.10 1.61 -27.22
N ILE K 324 60.85 1.86 -27.58
CA ILE K 324 60.36 1.47 -28.91
C ILE K 324 61.09 2.25 -29.99
N LYS K 325 61.28 3.55 -29.79
CA LYS K 325 61.96 4.37 -30.79
C LYS K 325 63.41 3.98 -30.97
N GLN K 326 64.01 3.31 -29.99
CA GLN K 326 65.36 2.80 -30.11
C GLN K 326 65.41 1.33 -30.50
N GLY K 327 64.27 0.74 -30.86
CA GLY K 327 64.25 -0.62 -31.34
C GLY K 327 64.49 -1.69 -30.30
N LYS K 328 63.93 -1.53 -29.11
CA LYS K 328 64.07 -2.52 -28.05
C LYS K 328 62.72 -3.11 -27.73
N MET K 329 62.64 -4.44 -27.75
CA MET K 329 61.47 -5.18 -27.29
C MET K 329 61.86 -5.93 -26.02
N ILE K 330 61.14 -5.66 -24.93
CA ILE K 330 61.48 -6.18 -23.62
C ILE K 330 60.36 -7.09 -23.14
N ILE K 331 60.70 -8.33 -22.79
CA ILE K 331 59.75 -9.31 -22.28
C ILE K 331 60.21 -9.76 -20.91
N LYS K 332 59.32 -9.73 -19.94
CA LYS K 332 59.59 -10.18 -18.59
C LYS K 332 58.93 -11.54 -18.36
N ILE K 333 59.72 -12.51 -17.93
CA ILE K 333 59.25 -13.88 -17.74
C ILE K 333 59.58 -14.31 -16.32
N GLY K 334 58.57 -14.73 -15.58
CA GLY K 334 58.74 -15.28 -14.24
C GLY K 334 58.41 -16.76 -14.24
N MET K 335 59.14 -17.51 -13.44
CA MET K 335 58.99 -18.97 -13.43
C MET K 335 59.26 -19.50 -12.02
N ALA K 336 58.43 -20.44 -11.59
CA ALA K 336 58.55 -21.06 -10.27
C ALA K 336 58.96 -22.51 -10.48
N ALA K 337 60.26 -22.77 -10.44
CA ALA K 337 60.78 -24.10 -10.69
C ALA K 337 60.45 -25.05 -9.54
N VAL K 338 60.24 -26.31 -9.88
CA VAL K 338 59.98 -27.34 -8.87
C VAL K 338 61.31 -27.83 -8.32
N ARG K 339 61.38 -27.96 -6.99
CA ARG K 339 62.60 -28.32 -6.31
C ARG K 339 62.56 -29.76 -5.80
N PRO K 340 63.70 -30.43 -5.70
CA PRO K 340 63.71 -31.79 -5.16
C PRO K 340 63.34 -31.81 -3.68
N ALA K 341 62.78 -32.94 -3.26
CA ALA K 341 62.42 -33.14 -1.84
C ALA K 341 63.59 -33.85 -1.17
N GLU K 342 64.72 -33.14 -1.09
CA GLU K 342 65.97 -33.75 -0.66
C GLU K 342 65.84 -34.46 0.69
N PHE K 343 65.11 -33.86 1.62
CA PHE K 343 64.90 -34.44 2.94
C PHE K 343 63.43 -34.74 3.13
N ILE K 344 63.12 -35.93 3.62
CA ILE K 344 61.75 -36.34 3.93
C ILE K 344 61.65 -36.48 5.43
N ILE K 345 60.72 -35.75 6.03
CA ILE K 345 60.56 -35.69 7.48
C ILE K 345 59.21 -36.28 7.84
N LEU K 346 59.23 -37.33 8.66
CA LEU K 346 58.02 -38.00 9.12
C LEU K 346 57.88 -37.76 10.62
N GLN K 347 56.73 -37.23 11.03
CA GLN K 347 56.46 -36.98 12.44
C GLN K 347 55.13 -37.61 12.82
N PHE K 348 55.13 -38.35 13.93
CA PHE K 348 53.97 -39.08 14.40
C PHE K 348 53.50 -38.51 15.73
N THR K 349 52.24 -38.80 16.05
CA THR K 349 51.67 -38.37 17.33
C THR K 349 51.04 -39.55 18.06
N THR L 2 -13.33 20.45 -67.61
CA THR L 2 -14.45 21.27 -67.14
C THR L 2 -15.53 21.35 -68.20
N THR L 3 -16.38 20.31 -68.27
CA THR L 3 -17.48 20.31 -69.21
C THR L 3 -18.51 21.38 -68.83
N ILE L 4 -18.99 22.10 -69.83
CA ILE L 4 -20.03 23.10 -69.63
C ILE L 4 -21.38 22.45 -69.89
N THR L 5 -22.16 22.25 -68.84
CA THR L 5 -23.50 21.69 -68.97
C THR L 5 -24.43 22.77 -69.49
N THR L 6 -24.96 22.57 -70.70
CA THR L 6 -25.80 23.57 -71.34
C THR L 6 -27.14 23.02 -71.82
N TYR L 7 -27.24 21.71 -72.04
CA TYR L 7 -28.51 21.09 -72.38
C TYR L 7 -28.73 19.87 -71.49
N PRO L 8 -29.98 19.56 -71.18
CA PRO L 8 -30.26 18.37 -70.36
C PRO L 8 -29.89 17.10 -71.12
N GLY L 9 -29.22 16.18 -70.42
CA GLY L 9 -28.78 14.96 -71.05
C GLY L 9 -27.72 14.27 -70.20
N VAL L 10 -26.96 13.39 -70.85
CA VAL L 10 -25.89 12.64 -70.20
C VAL L 10 -24.58 13.01 -70.87
N TYR L 11 -23.58 13.34 -70.05
CA TYR L 11 -22.27 13.77 -70.53
C TYR L 11 -21.22 12.72 -70.19
N ILE L 12 -20.24 12.56 -71.08
CA ILE L 12 -19.19 11.57 -70.93
C ILE L 12 -17.86 12.28 -70.71
N GLU L 13 -17.15 11.90 -69.67
CA GLU L 13 -15.81 12.40 -69.40
C GLU L 13 -14.80 11.25 -69.42
N GLU L 14 -13.61 11.54 -69.90
CA GLU L 14 -12.50 10.59 -69.87
C GLU L 14 -11.31 11.26 -69.19
N ASP L 15 -10.66 10.52 -68.30
CA ASP L 15 -9.53 11.07 -67.56
C ASP L 15 -8.42 11.39 -68.55
N ALA L 16 -7.86 12.60 -68.44
CA ALA L 16 -6.80 13.06 -69.33
C ALA L 16 -5.52 13.42 -68.60
N SER L 17 -5.47 13.19 -67.29
CA SER L 17 -4.24 13.44 -66.54
C SER L 17 -3.13 12.53 -67.03
N LEU L 18 -1.92 13.07 -67.05
CA LEU L 18 -0.80 12.35 -67.62
C LEU L 18 -0.45 11.11 -66.81
N SER L 19 -0.13 10.03 -67.51
CA SER L 19 0.39 8.81 -66.91
C SER L 19 1.84 8.65 -67.38
N LEU L 20 2.75 8.54 -66.43
CA LEU L 20 4.18 8.65 -66.72
C LEU L 20 4.89 7.36 -66.31
N SER L 21 5.71 6.84 -67.23
CA SER L 21 6.58 5.71 -66.95
C SER L 21 7.73 5.73 -67.94
N VAL L 22 8.82 5.09 -67.57
CA VAL L 22 10.03 5.07 -68.38
C VAL L 22 10.13 3.74 -69.12
N SER L 23 10.42 3.80 -70.41
CA SER L 23 10.53 2.62 -71.24
C SER L 23 11.98 2.46 -71.71
N SER L 24 12.48 1.23 -71.65
CA SER L 24 13.85 0.95 -72.04
C SER L 24 13.97 0.98 -73.57
N SER L 25 15.01 1.65 -74.06
CA SER L 25 15.24 1.76 -75.49
C SER L 25 16.33 0.78 -75.91
N ALA L 26 16.72 0.84 -77.17
CA ALA L 26 17.82 0.03 -77.70
C ALA L 26 19.12 0.77 -77.46
N THR L 27 20.08 0.10 -76.82
CA THR L 27 21.33 0.72 -76.41
C THR L 27 22.53 0.23 -77.20
N ALA L 28 22.33 -0.26 -78.42
CA ALA L 28 23.41 -0.83 -79.21
C ALA L 28 23.37 -0.44 -80.69
N VAL L 29 22.64 0.61 -81.06
CA VAL L 29 22.56 1.02 -82.46
C VAL L 29 23.85 1.73 -82.85
N PRO L 30 24.63 1.17 -83.78
CA PRO L 30 25.89 1.79 -84.16
C PRO L 30 25.79 2.64 -85.42
N VAL L 31 26.86 3.39 -85.66
CA VAL L 31 27.04 4.15 -86.90
C VAL L 31 28.43 3.86 -87.42
N PHE L 32 28.52 3.47 -88.70
CA PHE L 32 29.79 3.13 -89.32
C PHE L 32 30.26 4.27 -90.22
N ALA L 33 31.57 4.50 -90.20
CA ALA L 33 32.19 5.52 -91.04
C ALA L 33 32.59 4.92 -92.37
N VAL L 34 32.25 5.62 -93.46
CA VAL L 34 32.49 5.15 -94.81
C VAL L 34 33.35 6.17 -95.53
N ALA L 35 34.31 5.69 -96.31
CA ALA L 35 35.20 6.57 -97.06
C ALA L 35 34.42 7.30 -98.15
N GLY L 36 34.97 8.44 -98.58
CA GLY L 36 34.29 9.27 -99.56
C GLY L 36 34.15 8.61 -100.91
N ASP L 37 35.16 7.86 -101.34
CA ASP L 37 35.17 7.27 -102.67
C ASP L 37 34.21 6.11 -102.84
N ASN L 38 33.61 5.62 -101.75
CA ASN L 38 32.70 4.49 -101.85
C ASN L 38 31.47 4.87 -102.66
N PRO L 39 31.09 4.08 -103.67
CA PRO L 39 29.95 4.47 -104.51
C PRO L 39 28.60 4.28 -103.85
N LEU L 40 28.49 3.34 -102.91
CA LEU L 40 27.20 3.07 -102.29
C LEU L 40 26.71 4.26 -101.48
N ILE L 41 27.61 4.89 -100.73
CA ILE L 41 27.21 6.00 -99.85
C ILE L 41 27.18 7.34 -100.58
N SER L 42 27.87 7.47 -101.71
CA SER L 42 27.91 8.74 -102.43
C SER L 42 26.53 9.11 -102.95
N GLY L 43 26.17 10.39 -102.80
CA GLY L 43 24.91 10.88 -103.30
C GLY L 43 23.71 10.61 -102.42
N LYS L 44 23.91 10.40 -101.12
CA LYS L 44 22.81 10.12 -100.21
C LYS L 44 23.24 10.51 -98.80
N PRO L 45 22.30 10.95 -97.95
CA PRO L 45 22.68 11.33 -96.58
C PRO L 45 23.17 10.16 -95.75
N TYR L 46 22.41 9.06 -95.72
CA TYR L 46 22.78 7.90 -94.93
C TYR L 46 22.11 6.66 -95.50
N ILE L 47 22.62 5.51 -95.09
CA ILE L 47 22.08 4.21 -95.49
C ILE L 47 21.82 3.39 -94.23
N ARG L 48 20.62 2.83 -94.13
CA ARG L 48 20.25 1.95 -93.03
C ARG L 48 20.29 0.51 -93.52
N ILE L 49 21.06 -0.33 -92.84
CA ILE L 49 21.24 -1.73 -93.22
C ILE L 49 20.82 -2.60 -92.04
N SER L 50 19.93 -3.54 -92.30
CA SER L 50 19.36 -4.38 -91.25
C SER L 50 19.84 -5.82 -91.28
N ASN L 51 20.62 -6.21 -92.29
CA ASN L 51 21.07 -7.59 -92.41
C ASN L 51 22.29 -7.64 -93.31
N TRP L 52 23.12 -8.67 -93.10
CA TRP L 52 24.27 -8.87 -93.96
C TRP L 52 23.84 -9.16 -95.40
N LEU L 53 22.81 -9.98 -95.57
CA LEU L 53 22.28 -10.23 -96.90
C LEU L 53 21.68 -8.97 -97.51
N GLU L 54 21.05 -8.13 -96.68
CA GLU L 54 20.50 -6.87 -97.18
C GLU L 54 21.59 -5.97 -97.74
N TYR L 55 22.76 -5.94 -97.08
CA TYR L 55 23.88 -5.15 -97.59
C TYR L 55 24.30 -5.65 -98.97
N LEU L 56 24.33 -6.97 -99.15
CA LEU L 56 24.63 -7.52 -100.47
C LEU L 56 23.55 -7.15 -101.48
N THR L 57 22.29 -7.11 -101.03
CA THR L 57 21.20 -6.70 -101.92
C THR L 57 21.38 -5.27 -102.40
N LEU L 58 21.75 -4.36 -101.48
CA LEU L 58 22.05 -2.99 -101.90
C LEU L 58 23.23 -2.93 -102.84
N LYS L 59 24.26 -3.74 -102.60
CA LYS L 59 25.37 -3.88 -103.53
C LYS L 59 24.91 -4.64 -104.78
N ASN L 60 25.79 -4.64 -105.79
CA ASN L 60 25.54 -5.42 -106.99
C ASN L 60 26.65 -6.39 -107.32
N GLU L 61 27.67 -6.50 -106.46
CA GLU L 61 28.76 -7.44 -106.64
C GLU L 61 28.72 -8.52 -105.57
N GLN L 62 29.63 -9.48 -105.69
CA GLN L 62 29.78 -10.51 -104.68
C GLN L 62 30.60 -9.97 -103.51
N PHE L 63 30.81 -10.80 -102.50
CA PHE L 63 31.58 -10.39 -101.34
C PHE L 63 33.03 -10.11 -101.74
N ASP L 64 33.52 -8.96 -101.31
CA ASP L 64 34.88 -8.53 -101.64
C ASP L 64 35.72 -8.50 -100.37
N PRO L 65 36.75 -9.34 -100.25
CA PRO L 65 37.63 -9.28 -99.08
C PRO L 65 38.68 -8.17 -99.13
N ALA L 66 38.70 -7.37 -100.19
CA ALA L 66 39.69 -6.31 -100.32
C ALA L 66 39.18 -4.94 -99.90
N ASN L 67 37.87 -4.78 -99.72
CA ASN L 67 37.29 -3.52 -99.32
C ASN L 67 36.97 -3.56 -97.82
N THR L 68 37.39 -2.52 -97.10
CA THR L 68 37.23 -2.51 -95.65
C THR L 68 35.76 -2.52 -95.23
N LEU L 69 34.89 -1.95 -96.06
CA LEU L 69 33.47 -1.86 -95.68
C LEU L 69 32.83 -3.23 -95.58
N ASP L 70 33.13 -4.11 -96.55
CA ASP L 70 32.46 -5.41 -96.60
C ASP L 70 32.91 -6.30 -95.44
N ILE L 71 34.23 -6.37 -95.20
CA ILE L 71 34.73 -7.23 -94.13
C ILE L 71 34.26 -6.73 -92.78
N SER L 72 34.25 -5.41 -92.58
CA SER L 72 33.79 -4.86 -91.31
C SER L 72 32.31 -5.17 -91.08
N LEU L 73 31.49 -5.06 -92.13
CA LEU L 73 30.06 -5.32 -91.97
C LEU L 73 29.78 -6.78 -91.66
N ARG L 74 30.44 -7.70 -92.36
CA ARG L 74 30.21 -9.12 -92.10
C ARG L 74 30.77 -9.53 -90.75
N ALA L 75 31.86 -8.90 -90.31
CA ALA L 75 32.37 -9.16 -88.97
C ALA L 75 31.39 -8.68 -87.91
N TYR L 76 30.77 -7.51 -88.13
CA TYR L 76 29.79 -6.99 -87.19
C TYR L 76 28.57 -7.90 -87.12
N PHE L 77 28.07 -8.37 -88.26
CA PHE L 77 26.85 -9.17 -88.29
C PHE L 77 27.08 -10.58 -87.78
N ILE L 78 28.25 -11.18 -88.07
CA ILE L 78 28.52 -12.53 -87.61
C ILE L 78 28.62 -12.59 -86.09
N ASN L 79 28.92 -11.46 -85.43
CA ASN L 79 29.00 -11.39 -83.99
C ASN L 79 27.66 -11.03 -83.35
N GLY L 80 26.61 -10.91 -84.15
CA GLY L 80 25.33 -10.47 -83.64
C GLY L 80 25.18 -8.95 -83.68
N GLY L 81 23.95 -8.50 -83.50
CA GLY L 81 23.69 -7.07 -83.49
C GLY L 81 22.33 -6.77 -84.09
N GLY L 82 22.24 -5.57 -84.66
CA GLY L 82 21.01 -5.13 -85.29
C GLY L 82 21.26 -4.20 -86.46
N TYR L 83 20.30 -3.34 -86.77
CA TYR L 83 20.44 -2.42 -87.89
C TYR L 83 21.51 -1.38 -87.57
N CYS L 84 22.26 -0.98 -88.61
CA CYS L 84 23.31 0.00 -88.47
C CYS L 84 23.20 1.02 -89.59
N TYR L 85 23.72 2.22 -89.35
CA TYR L 85 23.70 3.31 -90.31
C TYR L 85 25.10 3.50 -90.91
N LEU L 86 25.14 3.88 -92.18
CA LEU L 86 26.37 4.21 -92.86
C LEU L 86 26.37 5.69 -93.19
N VAL L 87 27.38 6.42 -92.72
CA VAL L 87 27.50 7.85 -92.93
C VAL L 87 28.93 8.15 -93.39
N GLN L 88 29.05 9.08 -94.33
CA GLN L 88 30.37 9.54 -94.75
C GLN L 88 31.08 10.23 -93.58
N THR L 89 32.40 10.09 -93.54
CA THR L 89 33.17 10.66 -92.43
C THR L 89 33.01 12.17 -92.36
N THR L 90 33.05 12.84 -93.51
CA THR L 90 32.92 14.29 -93.53
C THR L 90 31.52 14.77 -93.18
N ASP L 91 30.53 13.87 -93.15
CA ASP L 91 29.15 14.22 -92.83
C ASP L 91 28.71 13.72 -91.46
N LEU L 92 29.64 13.21 -90.64
CA LEU L 92 29.27 12.68 -89.34
C LEU L 92 28.74 13.77 -88.42
N GLU L 93 29.36 14.95 -88.46
CA GLU L 93 28.97 16.02 -87.56
C GLU L 93 27.55 16.51 -87.84
N LYS L 94 27.04 16.27 -89.04
CA LYS L 94 25.70 16.72 -89.41
C LYS L 94 24.65 15.64 -89.19
N GLN L 95 24.90 14.43 -89.70
CA GLN L 95 23.86 13.41 -89.73
C GLN L 95 23.64 12.77 -88.37
N VAL L 96 24.70 12.60 -87.58
CA VAL L 96 24.56 11.91 -86.29
C VAL L 96 23.56 12.59 -85.36
N PRO L 97 23.62 13.91 -85.14
CA PRO L 97 22.57 14.53 -84.30
C PRO L 97 21.19 14.42 -84.89
N LYS L 98 21.06 14.26 -86.21
CA LYS L 98 19.76 14.13 -86.84
C LYS L 98 19.12 12.76 -86.63
N LEU L 99 19.87 11.79 -86.10
CA LEU L 99 19.36 10.45 -85.85
C LEU L 99 19.32 10.24 -84.34
N ASP L 100 18.10 10.22 -83.78
CA ASP L 100 17.94 10.13 -82.33
C ASP L 100 18.07 8.71 -81.78
N ASP L 101 18.11 7.69 -82.64
CA ASP L 101 18.26 6.32 -82.19
C ASP L 101 19.71 5.85 -82.15
N VAL L 102 20.66 6.69 -82.61
CA VAL L 102 22.05 6.28 -82.65
C VAL L 102 22.63 6.29 -81.23
N THR L 103 23.31 5.20 -80.88
CA THR L 103 23.92 5.04 -79.57
C THR L 103 25.45 4.93 -79.64
N LEU L 104 25.98 4.19 -80.59
CA LEU L 104 27.41 3.95 -80.71
C LEU L 104 27.95 4.56 -81.99
N LEU L 105 29.17 5.09 -81.90
CA LEU L 105 29.90 5.59 -83.06
C LEU L 105 31.10 4.68 -83.27
N VAL L 106 31.21 4.10 -84.46
CA VAL L 106 32.21 3.09 -84.77
C VAL L 106 33.16 3.64 -85.82
N ALA L 107 34.45 3.55 -85.56
CA ALA L 107 35.45 4.08 -86.50
C ALA L 107 35.42 3.33 -87.83
N ALA L 108 35.28 2.00 -87.78
CA ALA L 108 35.23 1.15 -88.96
C ALA L 108 36.48 1.30 -89.83
N GLY L 109 37.62 1.59 -89.20
CA GLY L 109 38.88 1.56 -89.90
C GLY L 109 39.31 2.84 -90.57
N GLU L 110 38.87 4.00 -90.08
CA GLU L 110 39.34 5.26 -90.63
C GLU L 110 39.23 6.35 -89.56
N ASN L 111 39.95 7.44 -89.79
CA ASN L 111 40.12 8.49 -88.79
C ASN L 111 38.80 9.21 -88.56
N ILE L 112 38.27 9.12 -87.34
CA ILE L 112 37.06 9.83 -86.96
C ILE L 112 37.31 10.58 -85.66
N THR L 113 38.57 10.97 -85.43
CA THR L 113 38.92 11.64 -84.19
C THR L 113 38.20 12.98 -84.05
N THR L 114 38.13 13.76 -85.13
CA THR L 114 37.49 15.06 -85.07
C THR L 114 36.00 14.93 -84.78
N ALA L 115 35.33 13.95 -85.38
CA ALA L 115 33.90 13.77 -85.17
C ALA L 115 33.59 13.41 -83.73
N VAL L 116 34.42 12.57 -83.11
CA VAL L 116 34.15 12.11 -81.75
C VAL L 116 34.21 13.28 -80.77
N SER L 117 35.22 14.14 -80.90
CA SER L 117 35.42 15.21 -79.93
C SER L 117 34.29 16.23 -79.99
N THR L 118 33.68 16.41 -81.16
CA THR L 118 32.62 17.38 -81.32
C THR L 118 31.23 16.79 -81.14
N LEU L 119 31.12 15.48 -80.92
CA LEU L 119 29.82 14.82 -80.75
C LEU L 119 29.65 14.18 -79.38
N CYS L 120 30.61 13.38 -78.95
CA CYS L 120 30.51 12.67 -77.68
C CYS L 120 30.77 13.65 -76.53
N LYS L 121 29.70 14.22 -76.00
CA LYS L 121 29.76 15.18 -74.92
C LYS L 121 28.71 14.81 -73.88
N PRO L 122 28.87 15.26 -72.64
CA PRO L 122 27.91 14.87 -71.59
C PRO L 122 26.49 15.25 -71.95
N GLY L 123 25.57 14.33 -71.68
CA GLY L 123 24.16 14.51 -71.98
C GLY L 123 23.75 14.10 -73.37
N LYS L 124 24.71 13.88 -74.28
CA LYS L 124 24.38 13.50 -75.65
C LYS L 124 23.97 12.04 -75.77
N GLY L 125 24.48 11.16 -74.92
CA GLY L 125 24.13 9.76 -74.95
C GLY L 125 24.90 8.91 -75.94
N LEU L 126 25.87 9.47 -76.64
CA LEU L 126 26.66 8.72 -77.60
C LEU L 126 27.88 8.08 -76.95
N PHE L 127 28.40 7.06 -77.60
CA PHE L 127 29.65 6.41 -77.19
C PHE L 127 30.44 6.05 -78.43
N ALA L 128 31.76 6.07 -78.31
CA ALA L 128 32.65 5.88 -79.46
C ALA L 128 33.56 4.68 -79.25
N ILE L 129 33.84 3.99 -80.35
CA ILE L 129 34.76 2.86 -80.37
C ILE L 129 35.85 3.15 -81.39
N PHE L 130 37.11 3.11 -80.95
CA PHE L 130 38.25 3.42 -81.80
C PHE L 130 38.94 2.15 -82.27
N ASP L 131 40.02 2.34 -83.03
CA ASP L 131 40.86 1.25 -83.50
C ASP L 131 42.29 1.49 -83.01
N GLY L 132 42.92 0.43 -82.51
CA GLY L 132 44.27 0.53 -82.03
C GLY L 132 45.28 0.64 -83.16
N PRO L 133 46.54 0.82 -82.79
CA PRO L 133 47.59 0.92 -83.82
C PRO L 133 47.73 -0.38 -84.61
N THR L 134 48.11 -0.23 -85.87
CA THR L 134 48.25 -1.38 -86.76
C THR L 134 49.60 -2.08 -86.65
N THR L 135 50.57 -1.48 -85.96
CA THR L 135 51.91 -2.01 -85.88
C THR L 135 52.09 -2.83 -84.60
N GLU L 136 53.34 -3.21 -84.34
CA GLU L 136 53.66 -3.89 -83.09
C GLU L 136 53.43 -2.97 -81.91
N LEU L 137 52.99 -3.54 -80.79
CA LEU L 137 52.80 -2.79 -79.56
C LEU L 137 54.17 -2.48 -78.96
N LYS L 138 54.52 -1.20 -78.91
CA LYS L 138 55.84 -0.80 -78.46
C LYS L 138 56.00 -1.08 -76.99
N SER L 139 57.16 -1.63 -76.60
CA SER L 139 57.31 -2.23 -75.28
C SER L 139 57.21 -1.19 -74.17
N ASP L 140 57.82 -0.01 -74.35
CA ASP L 140 57.88 0.96 -73.26
C ASP L 140 56.52 1.57 -72.95
N GLY L 141 55.51 1.38 -73.79
CA GLY L 141 54.16 1.78 -73.46
C GLY L 141 53.76 3.19 -73.84
N THR L 142 54.44 3.81 -74.79
CA THR L 142 54.12 5.17 -75.21
C THR L 142 53.26 5.23 -76.46
N SER L 143 52.77 4.09 -76.94
CA SER L 143 51.94 4.08 -78.15
C SER L 143 50.49 4.39 -77.83
N ASN L 144 50.29 5.46 -77.04
CA ASN L 144 48.98 5.97 -76.71
C ASN L 144 48.87 7.48 -76.91
N SER L 145 49.94 8.13 -77.36
CA SER L 145 49.97 9.59 -77.39
C SER L 145 48.95 10.17 -78.37
N ASP L 146 48.70 9.48 -79.48
CA ASP L 146 47.77 10.02 -80.48
C ASP L 146 46.35 10.11 -79.96
N TYR L 147 46.01 9.34 -78.93
CA TYR L 147 44.63 9.31 -78.44
C TYR L 147 44.39 10.39 -77.41
N ASP L 148 43.20 10.99 -77.48
CA ASP L 148 42.72 12.05 -76.59
C ASP L 148 41.95 11.42 -75.42
N PRO L 149 42.31 11.75 -74.18
CA PRO L 149 41.63 11.12 -73.04
C PRO L 149 40.17 11.56 -72.89
N ASN L 150 39.31 11.04 -73.75
CA ASN L 150 37.87 11.29 -73.71
C ASN L 150 37.17 10.17 -72.95
N PRO L 151 36.43 10.46 -71.89
CA PRO L 151 35.76 9.40 -71.11
C PRO L 151 34.60 8.75 -71.84
N PHE L 152 34.29 9.15 -73.07
CA PHE L 152 33.20 8.57 -73.83
C PHE L 152 33.69 7.65 -74.95
N ALA L 153 34.96 7.26 -74.93
CA ALA L 153 35.54 6.47 -76.02
C ALA L 153 36.39 5.34 -75.45
N ALA L 154 36.58 4.32 -76.28
CA ALA L 154 37.43 3.18 -75.94
C ALA L 154 38.20 2.74 -77.17
N VAL L 155 39.37 2.16 -76.96
CA VAL L 155 40.25 1.71 -78.03
C VAL L 155 40.51 0.23 -77.86
N TYR L 156 40.42 -0.51 -78.96
CA TYR L 156 40.60 -1.96 -78.96
C TYR L 156 41.77 -2.34 -79.86
N TYR L 157 42.54 -3.34 -79.42
CA TYR L 157 43.73 -3.80 -80.09
C TYR L 157 43.86 -5.30 -79.91
N PRO L 158 44.38 -6.03 -80.91
CA PRO L 158 44.81 -5.59 -82.24
C PRO L 158 43.77 -5.83 -83.32
N TRP L 159 44.11 -5.54 -84.57
CA TRP L 159 43.21 -5.81 -85.68
C TRP L 159 43.05 -7.31 -85.87
N LEU L 160 41.86 -7.72 -86.33
CA LEU L 160 41.51 -9.12 -86.44
C LEU L 160 41.68 -9.61 -87.88
N THR L 161 41.98 -10.91 -88.00
CA THR L 161 42.12 -11.56 -89.30
C THR L 161 41.31 -12.85 -89.29
N ALA L 162 40.83 -13.23 -90.48
CA ALA L 162 40.03 -14.42 -90.64
C ALA L 162 40.51 -15.18 -91.87
N ASP L 163 39.92 -16.35 -92.10
CA ASP L 163 40.29 -17.16 -93.25
C ASP L 163 39.95 -16.46 -94.56
N TRP L 164 38.79 -15.80 -94.61
CA TRP L 164 38.38 -15.12 -95.84
C TRP L 164 39.20 -13.86 -96.11
N THR L 165 39.86 -13.30 -95.09
CA THR L 165 40.70 -12.14 -95.31
C THR L 165 41.92 -12.52 -96.15
N THR L 166 42.27 -11.65 -97.08
CA THR L 166 43.37 -11.90 -98.01
C THR L 166 44.56 -10.99 -97.75
N THR L 167 44.36 -9.68 -97.74
CA THR L 167 45.45 -8.74 -97.51
C THR L 167 45.08 -7.56 -96.62
N ILE L 168 43.81 -7.40 -96.26
CA ILE L 168 43.37 -6.30 -95.39
C ILE L 168 42.74 -6.92 -94.14
N ASP L 169 43.21 -6.51 -92.98
CA ASP L 169 42.74 -7.05 -91.71
C ASP L 169 41.52 -6.29 -91.21
N ILE L 170 40.64 -7.02 -90.55
CA ILE L 170 39.39 -6.44 -90.04
C ILE L 170 39.70 -5.48 -88.90
N PRO L 171 39.20 -4.24 -88.93
CA PRO L 171 39.34 -3.36 -87.77
C PRO L 171 38.62 -3.94 -86.57
N PRO L 172 39.22 -3.86 -85.38
CA PRO L 172 38.59 -4.47 -84.19
C PRO L 172 37.26 -3.84 -83.83
N SER L 173 37.07 -2.55 -84.10
CA SER L 173 35.84 -1.86 -83.68
C SER L 173 34.61 -2.46 -84.34
N ALA L 174 34.74 -2.97 -85.57
CA ALA L 174 33.59 -3.56 -86.25
C ALA L 174 33.06 -4.78 -85.49
N ALA L 175 33.97 -5.66 -85.07
CA ALA L 175 33.55 -6.84 -84.33
C ALA L 175 33.10 -6.50 -82.91
N ILE L 176 33.76 -5.53 -82.28
CA ILE L 176 33.42 -5.15 -80.91
C ILE L 176 32.00 -4.60 -80.83
N ALA L 177 31.57 -3.84 -81.83
CA ALA L 177 30.23 -3.30 -81.83
C ALA L 177 29.18 -4.42 -81.78
N GLY L 178 29.43 -5.50 -82.52
CA GLY L 178 28.52 -6.64 -82.45
C GLY L 178 28.51 -7.29 -81.08
N VAL L 179 29.66 -7.32 -80.41
CA VAL L 179 29.74 -7.90 -79.09
C VAL L 179 28.91 -7.09 -78.10
N TYR L 180 28.87 -5.76 -78.29
CA TYR L 180 28.11 -4.90 -77.38
C TYR L 180 26.63 -5.26 -77.41
N CYS L 181 26.07 -5.49 -78.59
CA CYS L 181 24.64 -5.82 -78.68
C CYS L 181 24.35 -7.18 -78.07
N SER L 182 25.21 -8.17 -78.32
CA SER L 182 24.97 -9.50 -77.78
C SER L 182 25.03 -9.50 -76.26
N VAL L 183 26.01 -8.81 -75.68
CA VAL L 183 26.11 -8.74 -74.24
C VAL L 183 24.93 -7.97 -73.65
N ASP L 184 24.56 -6.86 -74.29
CA ASP L 184 23.46 -6.04 -73.79
C ASP L 184 22.14 -6.81 -73.79
N SER L 185 21.89 -7.58 -74.85
CA SER L 185 20.63 -8.30 -74.95
C SER L 185 20.57 -9.46 -73.97
N THR L 186 21.69 -10.13 -73.73
CA THR L 186 21.72 -11.32 -72.88
C THR L 186 21.84 -10.95 -71.40
N ARG L 187 22.83 -10.16 -71.03
CA ARG L 187 23.10 -9.86 -69.63
C ARG L 187 22.68 -8.46 -69.21
N GLY L 188 22.71 -7.49 -70.11
CA GLY L 188 22.33 -6.13 -69.77
C GLY L 188 23.42 -5.13 -70.07
N VAL L 189 23.06 -3.84 -70.10
CA VAL L 189 24.03 -2.80 -70.41
C VAL L 189 25.08 -2.66 -69.32
N TRP L 190 24.70 -2.85 -68.05
CA TRP L 190 25.64 -2.73 -66.94
C TRP L 190 26.68 -3.85 -66.93
N LYS L 191 26.47 -4.92 -67.69
CA LYS L 191 27.45 -5.98 -67.78
C LYS L 191 28.65 -5.54 -68.60
N ALA L 192 29.83 -5.94 -68.16
CA ALA L 192 31.06 -5.57 -68.87
C ALA L 192 31.16 -6.34 -70.18
N PRO L 193 31.38 -5.66 -71.31
CA PRO L 193 31.56 -6.34 -72.59
C PRO L 193 32.95 -6.95 -72.72
N ALA L 194 33.30 -7.81 -71.78
CA ALA L 194 34.58 -8.48 -71.76
C ALA L 194 34.40 -9.89 -71.21
N ASN L 195 35.44 -10.69 -71.30
CA ASN L 195 35.40 -12.12 -70.93
C ASN L 195 34.31 -12.83 -71.74
N VAL L 196 34.16 -12.44 -72.99
CA VAL L 196 33.17 -13.04 -73.88
C VAL L 196 33.86 -13.40 -75.19
N PRO L 197 33.47 -14.50 -75.85
CA PRO L 197 34.16 -14.91 -77.07
C PRO L 197 33.73 -14.09 -78.28
N ILE L 198 34.56 -14.15 -79.31
CA ILE L 198 34.25 -13.56 -80.60
C ILE L 198 33.62 -14.64 -81.47
N GLN L 199 32.39 -14.38 -81.93
CA GLN L 199 31.59 -15.45 -82.54
C GLN L 199 32.01 -15.76 -83.96
N GLY L 200 32.76 -14.86 -84.60
CA GLY L 200 33.10 -15.03 -85.99
C GLY L 200 34.26 -15.94 -86.30
N GLY L 201 34.86 -16.56 -85.29
CA GLY L 201 36.06 -17.35 -85.53
C GLY L 201 37.22 -16.52 -86.02
N LEU L 202 37.35 -15.30 -85.51
CA LEU L 202 38.41 -14.39 -85.93
C LEU L 202 39.62 -14.55 -85.02
N GLN L 203 40.79 -14.22 -85.56
CA GLN L 203 42.03 -14.38 -84.83
C GLN L 203 42.77 -13.06 -84.77
N PRO L 204 43.33 -12.70 -83.61
CA PRO L 204 44.12 -11.48 -83.51
C PRO L 204 45.38 -11.56 -84.36
N LYS L 205 45.77 -10.41 -84.90
CA LYS L 205 46.94 -10.37 -85.77
C LYS L 205 48.23 -10.59 -84.99
N TYR L 206 48.31 -10.09 -83.76
CA TYR L 206 49.50 -10.26 -82.94
C TYR L 206 49.12 -10.80 -81.58
N PRO L 207 50.00 -11.59 -80.95
CA PRO L 207 49.74 -12.04 -79.58
C PRO L 207 50.17 -11.00 -78.56
N VAL L 208 49.49 -11.00 -77.43
CA VAL L 208 49.76 -10.07 -76.34
C VAL L 208 49.98 -10.88 -75.06
N THR L 209 51.11 -10.64 -74.41
CA THR L 209 51.43 -11.31 -73.16
C THR L 209 50.75 -10.61 -71.98
N ASP L 210 50.77 -11.29 -70.83
CA ASP L 210 50.16 -10.71 -69.63
C ASP L 210 50.88 -9.44 -69.20
N ASP L 211 52.21 -9.43 -69.27
CA ASP L 211 52.96 -8.26 -68.84
C ASP L 211 52.80 -7.09 -69.83
N LEU L 212 52.70 -7.39 -71.13
CA LEU L 212 52.51 -6.33 -72.11
C LEU L 212 51.16 -5.65 -71.92
N GLN L 213 50.10 -6.43 -71.70
CA GLN L 213 48.81 -5.86 -71.37
C GLN L 213 48.87 -5.06 -70.08
N ALA L 214 49.61 -5.58 -69.09
CA ALA L 214 49.74 -4.88 -67.82
C ALA L 214 50.36 -3.49 -68.00
N GLN L 215 51.16 -3.30 -69.06
CA GLN L 215 51.78 -2.01 -69.28
C GLN L 215 50.78 -1.00 -69.84
N TYR L 216 49.82 -1.47 -70.63
CA TYR L 216 48.88 -0.59 -71.31
C TYR L 216 47.50 -0.53 -70.64
N ASN L 217 47.36 -1.09 -69.44
CA ASN L 217 46.08 -1.11 -68.76
C ASN L 217 45.88 0.07 -67.83
N GLN L 218 46.76 1.05 -67.85
CA GLN L 218 46.64 2.24 -67.01
C GLN L 218 46.46 3.48 -67.88
N GLY L 219 45.84 4.49 -67.28
CA GLY L 219 45.60 5.73 -68.00
C GLY L 219 44.69 5.50 -69.20
N LYS L 220 45.10 6.01 -70.35
CA LYS L 220 44.35 5.81 -71.59
C LYS L 220 44.61 4.37 -72.05
N ALA L 221 43.87 3.45 -71.47
CA ALA L 221 44.10 2.03 -71.65
C ALA L 221 43.64 1.57 -73.02
N LEU L 222 44.24 0.47 -73.49
CA LEU L 222 43.85 -0.21 -74.71
C LEU L 222 43.28 -1.57 -74.35
N ASN L 223 41.97 -1.73 -74.54
CA ASN L 223 41.35 -3.03 -74.30
C ASN L 223 41.87 -4.04 -75.31
N MET L 224 42.17 -5.24 -74.84
CA MET L 224 42.94 -6.21 -75.61
C MET L 224 42.07 -7.40 -76.00
N ILE L 225 42.27 -7.90 -77.21
CA ILE L 225 41.66 -9.13 -77.68
C ILE L 225 42.75 -10.20 -77.71
N ARG L 226 42.60 -11.23 -76.88
CA ARG L 226 43.64 -12.22 -76.68
C ARG L 226 43.07 -13.62 -76.84
N THR L 227 43.96 -14.55 -77.16
CA THR L 227 43.62 -15.96 -77.29
C THR L 227 44.10 -16.71 -76.07
N PHE L 228 43.23 -17.55 -75.51
CA PHE L 228 43.56 -18.31 -74.31
C PHE L 228 43.55 -19.80 -74.63
N PRO L 229 44.41 -20.58 -73.96
CA PRO L 229 44.56 -22.00 -74.34
C PRO L 229 43.28 -22.81 -74.21
N LYS L 230 42.44 -22.52 -73.22
CA LYS L 230 41.25 -23.32 -72.98
C LYS L 230 39.95 -22.60 -73.31
N SER L 231 39.99 -21.32 -73.65
CA SER L 231 38.78 -20.55 -73.92
C SER L 231 38.77 -19.92 -75.31
N GLY L 232 39.81 -20.12 -76.11
CA GLY L 232 39.82 -19.52 -77.43
C GLY L 232 40.10 -18.03 -77.36
N THR L 233 39.46 -17.28 -78.26
CA THR L 233 39.65 -15.84 -78.34
C THR L 233 38.61 -15.13 -77.49
N LEU L 234 39.08 -14.22 -76.62
CA LEU L 234 38.22 -13.50 -75.71
C LEU L 234 38.55 -12.01 -75.76
N VAL L 235 37.59 -11.20 -75.32
CA VAL L 235 37.78 -9.76 -75.19
C VAL L 235 38.22 -9.49 -73.75
N TRP L 236 39.40 -8.92 -73.59
CA TRP L 236 40.01 -8.73 -72.28
C TRP L 236 40.21 -7.24 -72.04
N GLY L 237 39.54 -6.71 -71.01
CA GLY L 237 39.65 -5.31 -70.68
C GLY L 237 38.43 -4.49 -71.07
N ALA L 238 37.94 -3.66 -70.15
CA ALA L 238 36.73 -2.87 -70.39
C ALA L 238 36.93 -1.45 -69.84
N ARG L 239 38.09 -0.86 -70.12
CA ARG L 239 38.42 0.47 -69.63
C ARG L 239 38.23 1.53 -70.71
N THR L 240 37.81 2.71 -70.28
CA THR L 240 37.67 3.86 -71.16
C THR L 240 39.01 4.60 -71.25
N LEU L 241 38.99 5.80 -71.82
CA LEU L 241 40.19 6.61 -71.97
C LEU L 241 40.40 7.57 -70.81
N GLU L 242 39.57 7.50 -69.78
CA GLU L 242 39.71 8.33 -68.59
C GLU L 242 39.90 7.41 -67.39
N ASP L 243 40.85 7.74 -66.53
CA ASP L 243 41.26 6.86 -65.45
C ASP L 243 40.69 7.25 -64.09
N ASN L 244 39.84 8.27 -64.02
CA ASN L 244 39.28 8.65 -62.74
C ASN L 244 38.22 7.63 -62.31
N ASP L 245 37.88 7.68 -61.01
CA ASP L 245 36.97 6.67 -60.45
C ASP L 245 35.57 6.78 -61.03
N ASN L 246 35.19 7.97 -61.53
CA ASN L 246 33.83 8.13 -62.05
C ASN L 246 33.61 7.33 -63.31
N TRP L 247 34.51 7.45 -64.29
CA TRP L 247 34.30 6.89 -65.61
C TRP L 247 35.49 6.04 -66.04
N ARG L 248 35.96 5.18 -65.14
CA ARG L 248 37.08 4.32 -65.48
C ARG L 248 36.66 3.16 -66.37
N TYR L 249 35.43 2.67 -66.21
CA TYR L 249 34.96 1.47 -66.88
C TYR L 249 33.88 1.80 -67.89
N ILE L 250 33.87 1.04 -68.99
CA ILE L 250 32.84 1.21 -70.01
C ILE L 250 31.44 0.99 -69.46
N PRO L 251 31.15 -0.08 -68.69
CA PRO L 251 29.75 -0.29 -68.26
C PRO L 251 29.19 0.86 -67.45
N VAL L 252 29.99 1.49 -66.60
CA VAL L 252 29.49 2.60 -65.79
C VAL L 252 29.09 3.77 -66.69
N ARG L 253 29.93 4.08 -67.69
CA ARG L 253 29.63 5.19 -68.58
C ARG L 253 28.42 4.87 -69.46
N ARG L 254 28.32 3.64 -69.96
CA ARG L 254 27.21 3.29 -70.84
C ARG L 254 25.91 3.14 -70.07
N LEU L 255 25.98 2.69 -68.81
CA LEU L 255 24.77 2.59 -68.01
C LEU L 255 24.15 3.96 -67.78
N PHE L 256 24.97 4.96 -67.48
CA PHE L 256 24.45 6.31 -67.30
C PHE L 256 23.90 6.87 -68.60
N ASN L 257 24.52 6.51 -69.73
CA ASN L 257 24.03 6.96 -71.03
C ASN L 257 22.61 6.45 -71.28
N SER L 258 22.37 5.17 -71.01
CA SER L 258 21.04 4.61 -71.21
C SER L 258 20.03 5.18 -70.22
N ALA L 259 20.44 5.33 -68.97
CA ALA L 259 19.54 5.87 -67.95
C ALA L 259 19.13 7.29 -68.28
N GLU L 260 20.10 8.13 -68.69
CA GLU L 260 19.77 9.50 -69.06
C GLU L 260 18.89 9.54 -70.30
N ARG L 261 19.19 8.71 -71.30
CA ARG L 261 18.40 8.69 -72.52
C ARG L 261 16.96 8.25 -72.25
N ASP L 262 16.80 7.23 -71.40
CA ASP L 262 15.46 6.72 -71.11
C ASP L 262 14.63 7.73 -70.35
N ILE L 263 15.20 8.35 -69.31
CA ILE L 263 14.46 9.31 -68.51
C ILE L 263 14.18 10.58 -69.31
N LYS L 264 15.14 11.00 -70.14
CA LYS L 264 14.92 12.18 -70.97
C LYS L 264 13.75 12.00 -71.93
N ASN L 265 13.67 10.83 -72.56
CA ASN L 265 12.55 10.55 -73.45
C ASN L 265 11.23 10.50 -72.69
N ALA L 266 11.24 9.90 -71.49
CA ALA L 266 10.03 9.83 -70.70
C ALA L 266 9.59 11.21 -70.22
N MET L 267 10.55 12.09 -69.93
CA MET L 267 10.21 13.40 -69.38
C MET L 267 9.67 14.36 -70.42
N SER L 268 9.85 14.08 -71.71
CA SER L 268 9.32 14.95 -72.75
C SER L 268 7.80 14.94 -72.81
N PHE L 269 7.14 13.97 -72.19
CA PHE L 269 5.69 13.93 -72.11
C PHE L 269 5.15 14.72 -70.94
N ALA L 270 6.01 15.32 -70.13
CA ALA L 270 5.61 16.09 -68.96
C ALA L 270 6.25 17.47 -68.97
N VAL L 271 6.46 18.05 -70.15
CA VAL L 271 7.17 19.32 -70.21
C VAL L 271 6.30 20.46 -69.69
N PHE L 272 5.19 20.74 -70.36
CA PHE L 272 4.36 21.89 -70.01
C PHE L 272 3.28 21.55 -69.01
N GLU L 273 3.44 20.47 -68.24
CA GLU L 273 2.47 20.13 -67.22
C GLU L 273 2.54 21.15 -66.09
N PRO L 274 1.46 21.28 -65.30
CA PRO L 274 1.50 22.18 -64.15
C PRO L 274 2.63 21.81 -63.20
N ASN L 275 3.31 22.83 -62.68
CA ASN L 275 4.46 22.64 -61.79
C ASN L 275 3.98 22.79 -60.35
N SER L 276 3.34 21.73 -59.85
CA SER L 276 2.79 21.72 -58.50
C SER L 276 3.00 20.33 -57.91
N GLN L 277 2.40 20.11 -56.74
CA GLN L 277 2.58 18.85 -56.02
C GLN L 277 2.10 17.63 -56.79
N PRO L 278 0.89 17.62 -57.40
CA PRO L 278 0.46 16.40 -58.10
C PRO L 278 1.41 15.94 -59.20
N THR L 279 2.01 16.88 -59.93
CA THR L 279 2.99 16.51 -60.95
C THR L 279 4.24 15.90 -60.32
N TRP L 280 4.68 16.46 -59.19
CA TRP L 280 5.89 15.95 -58.54
C TRP L 280 5.70 14.52 -58.06
N GLU L 281 4.49 14.18 -57.60
CA GLU L 281 4.24 12.81 -57.17
C GLU L 281 4.34 11.83 -58.34
N ARG L 282 3.88 12.25 -59.52
CA ARG L 282 3.88 11.34 -60.67
C ARG L 282 5.28 11.14 -61.22
N VAL L 283 6.07 12.21 -61.30
CA VAL L 283 7.45 12.07 -61.80
C VAL L 283 8.30 11.29 -60.80
N ARG L 284 8.07 11.49 -59.51
CA ARG L 284 8.83 10.75 -58.50
C ARG L 284 8.53 9.26 -58.59
N SER L 285 7.26 8.90 -58.76
CA SER L 285 6.90 7.48 -58.84
C SER L 285 7.46 6.84 -60.09
N ALA L 286 7.41 7.53 -61.22
CA ALA L 286 7.88 6.95 -62.48
C ALA L 286 9.37 6.69 -62.44
N VAL L 287 10.15 7.64 -61.92
CA VAL L 287 11.60 7.46 -61.85
C VAL L 287 11.95 6.40 -60.82
N ASN L 288 11.24 6.38 -59.69
CA ASN L 288 11.53 5.40 -58.65
C ASN L 288 11.30 3.98 -59.15
N ASN L 289 10.23 3.76 -59.93
CA ASN L 289 9.98 2.43 -60.47
C ASN L 289 11.08 2.01 -61.44
N TYR L 290 11.53 2.92 -62.29
CA TYR L 290 12.58 2.59 -63.25
C TYR L 290 13.87 2.22 -62.55
N LEU L 291 14.26 2.99 -61.52
CA LEU L 291 15.49 2.68 -60.80
C LEU L 291 15.33 1.43 -59.95
N TYR L 292 14.13 1.19 -59.42
CA TYR L 292 13.89 -0.03 -58.67
C TYR L 292 14.05 -1.26 -59.55
N SER L 293 13.58 -1.18 -60.79
CA SER L 293 13.75 -2.30 -61.72
C SER L 293 15.22 -2.58 -62.00
N LEU L 294 16.01 -1.52 -62.14
CA LEU L 294 17.45 -1.70 -62.37
C LEU L 294 18.12 -2.35 -61.17
N TRP L 295 17.71 -1.99 -59.96
CA TRP L 295 18.30 -2.58 -58.78
C TRP L 295 17.90 -4.04 -58.63
N GLN L 296 16.67 -4.38 -59.02
CA GLN L 296 16.23 -5.77 -58.96
C GLN L 296 17.06 -6.65 -59.87
N GLN L 297 17.35 -6.16 -61.09
CA GLN L 297 18.15 -6.94 -62.04
C GLN L 297 19.62 -6.99 -61.68
N GLY L 298 20.06 -6.20 -60.69
CA GLY L 298 21.45 -6.19 -60.29
C GLY L 298 22.29 -5.11 -60.93
N GLY L 299 21.70 -4.13 -61.59
CA GLY L 299 22.46 -3.06 -62.21
C GLY L 299 22.97 -2.00 -61.25
N LEU L 300 22.46 -1.97 -60.02
CA LEU L 300 22.91 -1.04 -59.00
C LEU L 300 23.29 -1.81 -57.75
N ALA L 301 24.32 -1.32 -57.05
CA ALA L 301 24.86 -2.00 -55.89
C ALA L 301 24.29 -1.39 -54.61
N GLY L 302 23.82 -2.25 -53.71
CA GLY L 302 23.28 -1.80 -52.44
C GLY L 302 22.38 -2.82 -51.79
N ASN L 303 22.46 -2.93 -50.45
CA ASN L 303 21.62 -3.88 -49.73
C ASN L 303 20.15 -3.52 -49.84
N LYS L 304 19.83 -2.24 -49.75
CA LYS L 304 18.47 -1.73 -49.82
C LYS L 304 18.38 -0.66 -50.89
N PRO L 305 17.18 -0.45 -51.46
CA PRO L 305 17.08 0.52 -52.57
C PRO L 305 17.56 1.91 -52.24
N ASP L 306 17.31 2.39 -51.01
CA ASP L 306 17.77 3.73 -50.64
C ASP L 306 19.29 3.83 -50.56
N ASP L 307 19.99 2.69 -50.50
CA ASP L 307 21.44 2.71 -50.58
C ASP L 307 21.95 2.70 -52.01
N ALA L 308 21.07 2.49 -52.98
CA ALA L 308 21.48 2.42 -54.39
C ALA L 308 21.12 3.67 -55.18
N TYR L 309 20.03 4.35 -54.82
CA TYR L 309 19.60 5.52 -55.59
C TYR L 309 18.73 6.40 -54.71
N PHE L 310 18.56 7.64 -55.16
CA PHE L 310 17.63 8.56 -54.51
C PHE L 310 17.13 9.56 -55.57
N VAL L 311 15.87 9.93 -55.44
CA VAL L 311 15.24 10.92 -56.33
C VAL L 311 14.64 12.01 -55.47
N GLN L 312 14.99 13.25 -55.77
CA GLN L 312 14.52 14.41 -55.00
C GLN L 312 13.84 15.39 -55.93
N ILE L 313 12.65 15.83 -55.53
CA ILE L 313 11.94 16.91 -56.22
C ILE L 313 10.89 17.46 -55.27
N GLY L 314 10.78 18.79 -55.23
CA GLY L 314 9.83 19.41 -54.34
C GLY L 314 9.96 20.91 -54.35
N LYS L 315 9.08 21.56 -53.59
CA LYS L 315 9.05 23.02 -53.52
C LYS L 315 10.21 23.56 -52.69
N ASP L 316 10.68 22.81 -51.70
CA ASP L 316 11.79 23.25 -50.87
C ASP L 316 12.95 22.27 -50.88
N ILE L 317 12.91 21.25 -51.72
CA ILE L 317 13.95 20.23 -51.76
C ILE L 317 14.98 20.51 -52.85
N THR L 318 14.52 20.83 -54.05
CA THR L 318 15.42 21.02 -55.19
C THR L 318 15.34 22.41 -55.82
N MET L 319 14.17 23.05 -55.83
CA MET L 319 14.00 24.34 -56.46
C MET L 319 13.42 25.33 -55.45
N THR L 320 13.61 26.61 -55.74
CA THR L 320 13.11 27.68 -54.89
C THR L 320 11.87 28.31 -55.51
N ASP L 321 11.33 29.32 -54.82
CA ASP L 321 10.13 29.99 -55.31
C ASP L 321 10.40 30.72 -56.62
N ASP L 322 11.58 31.34 -56.75
CA ASP L 322 11.90 32.05 -57.97
C ASP L 322 12.08 31.10 -59.15
N ASP L 323 12.57 29.88 -58.89
CA ASP L 323 12.71 28.90 -59.95
C ASP L 323 11.35 28.53 -60.53
N ILE L 324 10.35 28.34 -59.67
CA ILE L 324 9.01 28.01 -60.15
C ILE L 324 8.44 29.15 -60.98
N LYS L 325 8.61 30.39 -60.51
CA LYS L 325 8.10 31.53 -61.25
C LYS L 325 8.80 31.72 -62.59
N GLN L 326 10.01 31.19 -62.74
CA GLN L 326 10.72 31.23 -64.00
C GLN L 326 10.53 29.97 -64.84
N GLY L 327 9.66 29.07 -64.42
CA GLY L 327 9.33 27.91 -65.22
C GLY L 327 10.36 26.80 -65.23
N LYS L 328 11.06 26.59 -64.12
CA LYS L 328 12.07 25.56 -64.01
C LYS L 328 11.62 24.51 -63.00
N MET L 329 11.65 23.25 -63.42
CA MET L 329 11.44 22.12 -62.51
C MET L 329 12.73 21.30 -62.49
N ILE L 330 13.27 21.09 -61.28
CA ILE L 330 14.60 20.52 -61.11
C ILE L 330 14.46 19.19 -60.38
N ILE L 331 15.07 18.15 -60.94
CA ILE L 331 15.07 16.81 -60.37
C ILE L 331 16.51 16.37 -60.17
N LYS L 332 16.82 15.91 -58.96
CA LYS L 332 18.15 15.40 -58.63
C LYS L 332 18.07 13.88 -58.52
N ILE L 333 18.94 13.19 -59.27
CA ILE L 333 18.94 11.74 -59.32
C ILE L 333 20.35 11.24 -59.01
N GLY L 334 20.47 10.35 -58.04
CA GLY L 334 21.73 9.72 -57.70
C GLY L 334 21.67 8.24 -58.02
N MET L 335 22.80 7.69 -58.47
CA MET L 335 22.86 6.30 -58.88
C MET L 335 24.19 5.70 -58.46
N ALA L 336 24.16 4.48 -57.95
CA ALA L 336 25.35 3.74 -57.56
C ALA L 336 25.52 2.59 -58.56
N ALA L 337 26.22 2.86 -59.66
CA ALA L 337 26.41 1.86 -60.69
C ALA L 337 27.33 0.74 -60.20
N VAL L 338 27.04 -0.48 -60.64
CA VAL L 338 27.86 -1.63 -60.30
C VAL L 338 29.07 -1.66 -61.23
N ARG L 339 30.22 -2.05 -60.67
CA ARG L 339 31.45 -1.98 -61.42
C ARG L 339 32.02 -3.38 -61.66
N PRO L 340 32.74 -3.59 -62.77
CA PRO L 340 33.31 -4.91 -63.04
C PRO L 340 34.36 -5.29 -62.00
N ALA L 341 34.46 -6.60 -61.76
CA ALA L 341 35.44 -7.14 -60.82
C ALA L 341 36.71 -7.47 -61.60
N GLU L 342 37.35 -6.42 -62.12
CA GLU L 342 38.45 -6.58 -63.07
C GLU L 342 39.54 -7.49 -62.52
N PHE L 343 39.83 -7.39 -61.22
CA PHE L 343 40.84 -8.21 -60.57
C PHE L 343 40.18 -9.07 -59.50
N ILE L 344 40.56 -10.35 -59.45
CA ILE L 344 40.09 -11.27 -58.42
C ILE L 344 41.30 -11.67 -57.60
N ILE L 345 41.25 -11.40 -56.30
CA ILE L 345 42.37 -11.63 -55.40
C ILE L 345 41.97 -12.71 -54.41
N LEU L 346 42.74 -13.80 -54.37
CA LEU L 346 42.51 -14.90 -53.46
C LEU L 346 43.65 -14.97 -52.46
N GLN L 347 43.31 -14.93 -51.17
CA GLN L 347 44.30 -15.01 -50.12
C GLN L 347 43.93 -16.13 -49.16
N PHE L 348 44.91 -16.96 -48.82
CA PHE L 348 44.72 -18.14 -48.01
C PHE L 348 45.57 -18.06 -46.74
N THR L 349 45.16 -18.81 -45.73
CA THR L 349 45.89 -18.87 -44.47
C THR L 349 46.21 -20.31 -44.10
N THR M 2 -65.17 24.30 -18.07
CA THR M 2 -65.49 24.59 -16.67
C THR M 2 -66.97 24.36 -16.39
N THR M 3 -67.34 23.10 -16.14
CA THR M 3 -68.72 22.78 -15.82
C THR M 3 -69.10 23.37 -14.47
N ILE M 4 -70.27 24.00 -14.42
CA ILE M 4 -70.79 24.57 -13.18
C ILE M 4 -71.73 23.54 -12.56
N THR M 5 -71.33 22.98 -11.42
CA THR M 5 -72.13 22.00 -10.72
C THR M 5 -73.20 22.72 -9.91
N THR M 6 -74.47 22.47 -10.24
CA THR M 6 -75.58 23.12 -9.57
C THR M 6 -76.60 22.16 -9.01
N TYR M 7 -76.74 20.96 -9.58
CA TYR M 7 -77.65 19.95 -9.07
C TYR M 7 -76.90 18.65 -8.86
N PRO M 8 -77.31 17.86 -7.86
CA PRO M 8 -76.65 16.55 -7.65
C PRO M 8 -76.97 15.61 -8.79
N GLY M 9 -75.93 14.95 -9.30
CA GLY M 9 -76.10 14.05 -10.43
C GLY M 9 -74.77 13.70 -11.03
N VAL M 10 -74.82 13.28 -12.31
CA VAL M 10 -73.63 12.90 -13.05
C VAL M 10 -73.50 13.82 -14.25
N TYR M 11 -72.31 14.38 -14.44
CA TYR M 11 -72.04 15.32 -15.51
C TYR M 11 -71.10 14.68 -16.53
N ILE M 12 -71.28 15.02 -17.80
CA ILE M 12 -70.50 14.47 -18.89
C ILE M 12 -69.68 15.58 -19.53
N GLU M 13 -68.38 15.35 -19.67
CA GLU M 13 -67.48 16.27 -20.34
C GLU M 13 -66.78 15.56 -21.49
N GLU M 14 -66.53 16.31 -22.56
CA GLU M 14 -65.76 15.81 -23.70
C GLU M 14 -64.63 16.77 -23.98
N ASP M 15 -63.45 16.22 -24.25
CA ASP M 15 -62.29 17.05 -24.53
C ASP M 15 -62.52 17.90 -25.77
N ALA M 16 -62.23 19.19 -25.66
CA ALA M 16 -62.45 20.13 -26.75
C ALA M 16 -61.17 20.83 -27.18
N SER M 17 -60.02 20.45 -26.62
CA SER M 17 -58.76 21.03 -27.05
C SER M 17 -58.49 20.68 -28.51
N LEU M 18 -57.89 21.62 -29.22
CA LEU M 18 -57.70 21.46 -30.66
C LEU M 18 -56.73 20.34 -30.96
N SER M 19 -57.06 19.56 -32.00
CA SER M 19 -56.17 18.56 -32.56
C SER M 19 -55.75 19.02 -33.94
N LEU M 20 -54.46 19.13 -34.17
CA LEU M 20 -53.93 19.80 -35.35
C LEU M 20 -53.13 18.81 -36.19
N SER M 21 -53.41 18.78 -37.48
CA SER M 21 -52.65 17.97 -38.43
C SER M 21 -52.80 18.58 -39.81
N VAL M 22 -51.82 18.33 -40.67
CA VAL M 22 -51.78 18.88 -42.02
C VAL M 22 -52.24 17.80 -43.00
N SER M 23 -53.15 18.18 -43.90
CA SER M 23 -53.69 17.29 -44.90
C SER M 23 -53.25 17.73 -46.29
N SER M 24 -52.90 16.77 -47.13
CA SER M 24 -52.43 17.07 -48.48
C SER M 24 -53.61 17.36 -49.40
N SER M 25 -53.55 18.50 -50.09
CA SER M 25 -54.59 18.90 -51.01
C SER M 25 -54.27 18.42 -52.42
N ALA M 26 -55.02 18.89 -53.41
CA ALA M 26 -54.77 18.58 -54.81
C ALA M 26 -53.93 19.70 -55.41
N THR M 27 -52.83 19.33 -56.06
CA THR M 27 -51.85 20.28 -56.55
C THR M 27 -51.81 20.38 -58.06
N ALA M 28 -52.91 20.06 -58.73
CA ALA M 28 -52.95 20.06 -60.19
C ALA M 28 -54.23 20.63 -60.78
N VAL M 29 -55.00 21.39 -60.02
CA VAL M 29 -56.27 21.95 -60.52
C VAL M 29 -55.97 23.15 -61.41
N PRO M 30 -56.24 23.08 -62.71
CA PRO M 30 -55.91 24.18 -63.61
C PRO M 30 -57.10 25.10 -63.89
N VAL M 31 -56.78 26.23 -64.52
CA VAL M 31 -57.77 27.15 -65.07
C VAL M 31 -57.40 27.42 -66.51
N PHE M 32 -58.38 27.29 -67.41
CA PHE M 32 -58.17 27.53 -68.82
C PHE M 32 -58.76 28.88 -69.22
N ALA M 33 -58.02 29.61 -70.05
CA ALA M 33 -58.47 30.89 -70.57
C ALA M 33 -59.35 30.66 -71.80
N VAL M 34 -60.43 31.42 -71.88
CA VAL M 34 -61.40 31.30 -72.97
C VAL M 34 -61.56 32.66 -73.63
N ALA M 35 -61.66 32.66 -74.94
CA ALA M 35 -61.83 33.91 -75.68
C ALA M 35 -63.23 34.50 -75.41
N GLY M 36 -63.35 35.79 -75.69
CA GLY M 36 -64.60 36.48 -75.39
C GLY M 36 -65.78 36.01 -76.21
N ASP M 37 -65.54 35.74 -77.49
CA ASP M 37 -66.63 35.41 -78.42
C ASP M 37 -67.21 34.02 -78.19
N ASN M 38 -66.61 33.20 -77.35
CA ASN M 38 -67.09 31.84 -77.16
C ASN M 38 -68.46 31.86 -76.49
N PRO M 39 -69.46 31.18 -77.05
CA PRO M 39 -70.81 31.25 -76.47
C PRO M 39 -70.96 30.46 -75.18
N LEU M 40 -70.16 29.40 -74.98
CA LEU M 40 -70.31 28.57 -73.80
C LEU M 40 -70.01 29.35 -72.52
N ILE M 41 -68.96 30.17 -72.54
CA ILE M 41 -68.55 30.90 -71.35
C ILE M 41 -69.31 32.22 -71.17
N SER M 42 -69.90 32.75 -72.24
CA SER M 42 -70.57 34.04 -72.14
C SER M 42 -71.79 33.95 -71.23
N GLY M 43 -71.97 34.99 -70.42
CA GLY M 43 -73.13 35.05 -69.53
C GLY M 43 -73.01 34.22 -68.26
N LYS M 44 -71.81 33.91 -67.81
CA LYS M 44 -71.62 33.12 -66.61
C LYS M 44 -70.24 33.41 -66.05
N PRO M 45 -70.07 33.34 -64.72
CA PRO M 45 -68.75 33.62 -64.14
C PRO M 45 -67.69 32.59 -64.52
N TYR M 46 -68.01 31.30 -64.36
CA TYR M 46 -67.05 30.26 -64.67
C TYR M 46 -67.80 28.96 -64.95
N ILE M 47 -67.10 28.04 -65.60
CA ILE M 47 -67.62 26.71 -65.91
C ILE M 47 -66.66 25.67 -65.36
N ARG M 48 -67.18 24.70 -64.62
CA ARG M 48 -66.39 23.59 -64.11
C ARG M 48 -66.67 22.35 -64.96
N ILE M 49 -65.61 21.76 -65.51
CA ILE M 49 -65.72 20.61 -66.38
C ILE M 49 -64.90 19.48 -65.77
N SER M 50 -65.52 18.32 -65.60
CA SER M 50 -64.89 17.19 -64.93
C SER M 50 -64.54 16.05 -65.87
N ASN M 51 -64.93 16.12 -67.14
CA ASN M 51 -64.65 15.04 -68.07
C ASN M 51 -64.74 15.57 -69.49
N TRP M 52 -64.03 14.90 -70.40
CA TRP M 52 -64.11 15.27 -71.81
C TRP M 52 -65.51 15.07 -72.37
N LEU M 53 -66.16 13.95 -71.99
CA LEU M 53 -67.55 13.74 -72.39
C LEU M 53 -68.48 14.77 -71.78
N GLU M 54 -68.21 15.18 -70.54
CA GLU M 54 -69.02 16.21 -69.90
C GLU M 54 -68.94 17.53 -70.67
N TYR M 55 -67.76 17.87 -71.17
CA TYR M 55 -67.63 19.08 -71.98
C TYR M 55 -68.49 19.01 -73.23
N LEU M 56 -68.54 17.85 -73.88
CA LEU M 56 -69.42 17.67 -75.02
C LEU M 56 -70.88 17.75 -74.60
N THR M 57 -71.20 17.27 -73.39
CA THR M 57 -72.57 17.36 -72.89
C THR M 57 -72.99 18.81 -72.70
N LEU M 58 -72.11 19.64 -72.14
CA LEU M 58 -72.40 21.06 -72.03
C LEU M 58 -72.54 21.71 -73.40
N LYS M 59 -71.77 21.24 -74.38
CA LYS M 59 -71.92 21.69 -75.75
C LYS M 59 -73.15 21.03 -76.38
N ASN M 60 -73.48 21.50 -77.58
CA ASN M 60 -74.54 20.90 -78.37
C ASN M 60 -74.10 20.47 -79.76
N GLU M 61 -72.81 20.60 -80.08
CA GLU M 61 -72.27 20.20 -81.36
C GLU M 61 -71.33 19.01 -81.18
N GLN M 62 -70.87 18.48 -82.31
CA GLN M 62 -69.86 17.43 -82.29
C GLN M 62 -68.48 18.05 -82.08
N PHE M 63 -67.46 17.20 -82.00
CA PHE M 63 -66.11 17.69 -81.80
C PHE M 63 -65.67 18.54 -82.98
N ASP M 64 -65.13 19.73 -82.68
CA ASP M 64 -64.69 20.66 -83.70
C ASP M 64 -63.18 20.81 -83.64
N PRO M 65 -62.44 20.41 -84.69
CA PRO M 65 -60.99 20.60 -84.70
C PRO M 65 -60.55 22.01 -85.09
N ALA M 66 -61.49 22.93 -85.32
CA ALA M 66 -61.15 24.29 -85.73
C ALA M 66 -61.18 25.29 -84.59
N ASN M 67 -61.83 24.96 -83.48
CA ASN M 67 -61.88 25.84 -82.33
C ASN M 67 -60.82 25.43 -81.32
N THR M 68 -60.04 26.42 -80.86
CA THR M 68 -58.92 26.14 -79.97
C THR M 68 -59.38 25.55 -78.65
N LEU M 69 -60.59 25.88 -78.20
CA LEU M 69 -61.06 25.42 -76.90
C LEU M 69 -61.22 23.89 -76.90
N ASP M 70 -61.79 23.34 -77.97
CA ASP M 70 -62.08 21.90 -77.99
C ASP M 70 -60.80 21.07 -78.04
N ILE M 71 -59.88 21.45 -78.93
CA ILE M 71 -58.65 20.67 -79.08
C ILE M 71 -57.80 20.73 -77.82
N SER M 72 -57.76 21.90 -77.17
CA SER M 72 -56.99 22.02 -75.93
C SER M 72 -57.56 21.14 -74.83
N LEU M 73 -58.90 21.11 -74.71
CA LEU M 73 -59.52 20.31 -73.66
C LEU M 73 -59.32 18.83 -73.89
N ARG M 74 -59.48 18.36 -75.12
CA ARG M 74 -59.27 16.94 -75.39
C ARG M 74 -57.80 16.55 -75.27
N ALA M 75 -56.89 17.49 -75.58
CA ALA M 75 -55.48 17.22 -75.35
C ALA M 75 -55.17 17.14 -73.86
N TYR M 76 -55.80 17.99 -73.06
CA TYR M 76 -55.57 17.96 -71.62
C TYR M 76 -56.12 16.68 -71.00
N PHE M 77 -57.31 16.25 -71.43
CA PHE M 77 -57.92 15.07 -70.83
C PHE M 77 -57.25 13.78 -71.29
N ILE M 78 -56.81 13.71 -72.55
CA ILE M 78 -56.17 12.50 -73.03
C ILE M 78 -54.84 12.24 -72.32
N ASN M 79 -54.22 13.29 -71.77
CA ASN M 79 -52.99 13.15 -71.02
C ASN M 79 -53.22 12.90 -69.54
N GLY M 80 -54.47 12.74 -69.12
CA GLY M 80 -54.80 12.60 -67.72
C GLY M 80 -55.03 13.93 -67.05
N GLY M 81 -55.56 13.88 -65.84
CA GLY M 81 -55.82 15.08 -65.08
C GLY M 81 -57.11 14.96 -64.28
N GLY M 82 -57.72 16.11 -64.04
CA GLY M 82 -58.97 16.17 -63.30
C GLY M 82 -59.86 17.30 -63.77
N TYR M 83 -60.74 17.77 -62.87
CA TYR M 83 -61.65 18.84 -63.23
C TYR M 83 -60.88 20.14 -63.45
N CYS M 84 -61.36 20.95 -64.40
CA CYS M 84 -60.75 22.22 -64.73
C CYS M 84 -61.82 23.29 -64.85
N TYR M 85 -61.42 24.54 -64.63
CA TYR M 85 -62.34 25.67 -64.71
C TYR M 85 -62.09 26.46 -65.99
N LEU M 86 -63.16 27.01 -66.56
CA LEU M 86 -63.07 27.90 -67.72
C LEU M 86 -63.49 29.28 -67.28
N VAL M 87 -62.60 30.27 -67.50
CA VAL M 87 -62.85 31.65 -67.12
C VAL M 87 -62.48 32.54 -68.29
N GLN M 88 -63.28 33.59 -68.51
CA GLN M 88 -62.96 34.58 -69.52
C GLN M 88 -61.64 35.27 -69.19
N THR M 89 -60.88 35.60 -70.23
CA THR M 89 -59.57 36.23 -70.03
C THR M 89 -59.69 37.55 -69.29
N THR M 90 -60.66 38.37 -69.66
CA THR M 90 -60.86 39.66 -69.00
C THR M 90 -61.38 39.53 -67.58
N ASP M 91 -61.84 38.34 -67.19
CA ASP M 91 -62.37 38.12 -65.85
C ASP M 91 -61.44 37.28 -64.98
N LEU M 92 -60.22 37.02 -65.45
CA LEU M 92 -59.29 36.19 -64.68
C LEU M 92 -58.90 36.84 -63.37
N GLU M 93 -58.67 38.16 -63.39
CA GLU M 93 -58.22 38.85 -62.18
C GLU M 93 -59.27 38.83 -61.08
N LYS M 94 -60.53 38.60 -61.44
CA LYS M 94 -61.61 38.57 -60.45
C LYS M 94 -61.93 37.17 -59.97
N GLN M 95 -62.11 36.23 -60.90
CA GLN M 95 -62.62 34.91 -60.54
C GLN M 95 -61.55 34.03 -59.90
N VAL M 96 -60.30 34.16 -60.34
CA VAL M 96 -59.25 33.27 -59.82
C VAL M 96 -59.07 33.39 -58.31
N PRO M 97 -58.97 34.59 -57.72
CA PRO M 97 -58.90 34.65 -56.25
C PRO M 97 -60.15 34.11 -55.57
N LYS M 98 -61.28 34.12 -56.24
CA LYS M 98 -62.52 33.62 -55.65
C LYS M 98 -62.57 32.10 -55.60
N LEU M 99 -61.65 31.41 -56.27
CA LEU M 99 -61.60 29.94 -56.29
C LEU M 99 -60.36 29.52 -55.51
N ASP M 100 -60.57 28.96 -54.32
CA ASP M 100 -59.47 28.61 -53.43
C ASP M 100 -58.86 27.25 -53.74
N ASP M 101 -59.46 26.46 -54.64
CA ASP M 101 -58.90 25.18 -55.03
C ASP M 101 -58.01 25.27 -56.25
N VAL M 102 -57.82 26.47 -56.80
CA VAL M 102 -57.02 26.64 -58.01
C VAL M 102 -55.54 26.52 -57.68
N THR M 103 -54.82 25.78 -58.50
CA THR M 103 -53.38 25.62 -58.36
C THR M 103 -52.60 26.09 -59.58
N LEU M 104 -53.07 25.77 -60.78
CA LEU M 104 -52.36 26.09 -62.02
C LEU M 104 -53.15 27.05 -62.87
N LEU M 105 -52.44 27.90 -63.61
CA LEU M 105 -53.05 28.81 -64.58
C LEU M 105 -52.50 28.45 -65.95
N VAL M 106 -53.39 28.21 -66.91
CA VAL M 106 -53.02 27.72 -68.22
C VAL M 106 -53.44 28.75 -69.26
N ALA M 107 -52.51 29.12 -70.15
CA ALA M 107 -52.80 30.11 -71.17
C ALA M 107 -53.86 29.62 -72.16
N ALA M 108 -53.77 28.35 -72.55
CA ALA M 108 -54.72 27.73 -73.48
C ALA M 108 -54.77 28.45 -74.82
N GLY M 109 -53.64 29.04 -75.24
CA GLY M 109 -53.53 29.56 -76.58
C GLY M 109 -53.93 31.01 -76.77
N GLU M 110 -53.87 31.84 -75.73
CA GLU M 110 -54.12 33.26 -75.89
C GLU M 110 -53.42 34.03 -74.78
N ASN M 111 -53.30 35.34 -75.00
CA ASN M 111 -52.47 36.20 -74.16
C ASN M 111 -53.09 36.34 -72.77
N ILE M 112 -52.35 35.88 -71.76
CA ILE M 112 -52.76 36.03 -70.36
C ILE M 112 -51.61 36.62 -69.57
N THR M 113 -50.76 37.40 -70.24
CA THR M 113 -49.57 37.94 -69.57
C THR M 113 -49.95 38.89 -68.44
N THR M 114 -50.94 39.74 -68.67
CA THR M 114 -51.35 40.70 -67.64
C THR M 114 -51.89 39.99 -66.40
N ALA M 115 -52.68 38.94 -66.61
CA ALA M 115 -53.28 38.23 -65.47
C ALA M 115 -52.21 37.56 -64.62
N VAL M 116 -51.18 37.00 -65.25
CA VAL M 116 -50.15 36.27 -64.51
C VAL M 116 -49.39 37.20 -63.58
N SER M 117 -49.03 38.39 -64.07
CA SER M 117 -48.21 39.30 -63.28
C SER M 117 -48.97 39.81 -62.06
N THR M 118 -50.29 39.95 -62.16
CA THR M 118 -51.09 40.46 -61.07
C THR M 118 -51.65 39.37 -60.16
N LEU M 119 -51.43 38.10 -60.48
CA LEU M 119 -51.94 36.99 -59.68
C LEU M 119 -50.83 36.13 -59.07
N CYS M 120 -49.87 35.69 -59.87
CA CYS M 120 -48.81 34.81 -59.40
C CYS M 120 -47.81 35.64 -58.59
N LYS M 121 -48.00 35.67 -57.28
CA LYS M 121 -47.16 36.43 -56.36
C LYS M 121 -46.83 35.53 -55.18
N PRO M 122 -45.75 35.82 -54.45
CA PRO M 122 -45.37 34.95 -53.34
C PRO M 122 -46.48 34.82 -52.32
N GLY M 123 -46.68 33.58 -51.85
CA GLY M 123 -47.72 33.28 -50.89
C GLY M 123 -49.08 32.97 -51.48
N LYS M 124 -49.30 33.27 -52.76
CA LYS M 124 -50.59 33.03 -53.38
C LYS M 124 -50.82 31.56 -53.72
N GLY M 125 -49.76 30.81 -53.98
CA GLY M 125 -49.88 29.39 -54.27
C GLY M 125 -50.23 29.04 -55.71
N LEU M 126 -50.24 30.01 -56.61
CA LEU M 126 -50.57 29.74 -58.00
C LEU M 126 -49.31 29.52 -58.83
N PHE M 127 -49.50 28.89 -59.99
CA PHE M 127 -48.44 28.68 -60.96
C PHE M 127 -49.01 28.84 -62.36
N ALA M 128 -48.17 29.31 -63.28
CA ALA M 128 -48.61 29.64 -64.63
C ALA M 128 -47.85 28.83 -65.66
N ILE M 129 -48.54 28.49 -66.74
CA ILE M 129 -47.95 27.78 -67.88
C ILE M 129 -48.22 28.60 -69.13
N PHE M 130 -47.15 28.95 -69.84
CA PHE M 130 -47.24 29.80 -71.02
C PHE M 130 -47.15 28.96 -72.29
N ASP M 131 -47.27 29.64 -73.44
CA ASP M 131 -47.12 29.03 -74.75
C ASP M 131 -45.95 29.68 -75.46
N GLY M 132 -45.10 28.85 -76.08
CA GLY M 132 -43.97 29.36 -76.80
C GLY M 132 -44.36 30.01 -78.11
N PRO M 133 -43.39 30.62 -78.78
CA PRO M 133 -43.68 31.26 -80.06
C PRO M 133 -44.12 30.26 -81.11
N THR M 134 -44.98 30.71 -82.02
CA THR M 134 -45.54 29.85 -83.06
C THR M 134 -44.63 29.71 -84.27
N THR M 135 -43.59 30.52 -84.38
CA THR M 135 -42.72 30.52 -85.55
C THR M 135 -41.49 29.64 -85.30
N GLU M 136 -40.55 29.70 -86.23
CA GLU M 136 -39.28 29.00 -86.06
C GLU M 136 -38.50 29.58 -84.89
N LEU M 137 -37.77 28.70 -84.19
CA LEU M 137 -36.91 29.14 -83.10
C LEU M 137 -35.69 29.84 -83.69
N LYS M 138 -35.55 31.13 -83.40
CA LYS M 138 -34.49 31.92 -84.01
C LYS M 138 -33.14 31.47 -83.45
N SER M 139 -32.16 31.34 -84.34
CA SER M 139 -30.91 30.65 -84.00
C SER M 139 -30.12 31.42 -82.93
N ASP M 140 -30.07 32.74 -83.03
CA ASP M 140 -29.24 33.52 -82.13
C ASP M 140 -29.72 33.50 -80.69
N GLY M 141 -30.93 33.02 -80.43
CA GLY M 141 -31.41 32.86 -79.07
C GLY M 141 -32.11 34.06 -78.47
N THR M 142 -32.59 34.99 -79.29
CA THR M 142 -33.23 36.21 -78.80
C THR M 142 -34.75 36.11 -78.77
N SER M 143 -35.32 34.95 -79.06
CA SER M 143 -36.79 34.83 -79.06
C SER M 143 -37.33 34.54 -77.66
N ASN M 144 -36.86 35.33 -76.69
CA ASN M 144 -37.35 35.29 -75.32
C ASN M 144 -37.70 36.66 -74.77
N SER M 145 -37.55 37.72 -75.57
CA SER M 145 -37.67 39.08 -75.06
C SER M 145 -39.08 39.38 -74.58
N ASP M 146 -40.11 38.83 -75.25
CA ASP M 146 -41.49 39.15 -74.88
C ASP M 146 -41.84 38.63 -73.50
N TYR M 147 -41.12 37.64 -72.99
CA TYR M 147 -41.47 37.03 -71.72
C TYR M 147 -40.84 37.79 -70.55
N ASP M 148 -41.60 37.88 -69.46
CA ASP M 148 -41.22 38.54 -68.21
C ASP M 148 -40.61 37.52 -67.25
N PRO M 149 -39.40 37.75 -66.73
CA PRO M 149 -38.77 36.75 -65.86
C PRO M 149 -39.48 36.60 -64.52
N ASN M 150 -40.61 35.91 -64.52
CA ASN M 150 -41.38 35.61 -63.33
C ASN M 150 -41.04 34.21 -62.83
N PRO M 151 -40.62 34.06 -61.56
CA PRO M 151 -40.27 32.72 -61.06
C PRO M 151 -41.46 31.81 -60.82
N PHE M 152 -42.68 32.25 -61.11
CA PHE M 152 -43.88 31.44 -60.92
C PHE M 152 -44.47 30.95 -62.24
N ALA M 153 -43.74 31.07 -63.35
CA ALA M 153 -44.25 30.73 -64.66
C ALA M 153 -43.23 29.92 -65.44
N ALA M 154 -43.72 29.20 -66.44
CA ALA M 154 -42.89 28.42 -67.33
C ALA M 154 -43.45 28.49 -68.74
N VAL M 155 -42.57 28.30 -69.72
CA VAL M 155 -42.92 28.40 -71.13
C VAL M 155 -42.52 27.10 -71.81
N TYR M 156 -43.42 26.57 -72.64
CA TYR M 156 -43.20 25.31 -73.34
C TYR M 156 -43.28 25.52 -74.84
N TYR M 157 -42.44 24.80 -75.58
CA TYR M 157 -42.29 24.93 -77.01
C TYR M 157 -41.97 23.56 -77.60
N PRO M 158 -42.46 23.26 -78.80
CA PRO M 158 -43.35 24.04 -79.66
C PRO M 158 -44.81 23.60 -79.57
N TRP M 159 -45.68 24.19 -80.39
CA TRP M 159 -47.07 23.78 -80.43
C TRP M 159 -47.21 22.36 -81.00
N LEU M 160 -48.17 21.62 -80.48
CA LEU M 160 -48.34 20.22 -80.83
C LEU M 160 -49.41 20.05 -81.91
N THR M 161 -49.25 19.01 -82.72
CA THR M 161 -50.20 18.66 -83.77
C THR M 161 -50.53 17.18 -83.66
N ALA M 162 -51.73 16.82 -84.10
CA ALA M 162 -52.21 15.45 -84.06
C ALA M 162 -52.93 15.12 -85.36
N ASP M 163 -53.34 13.87 -85.49
CA ASP M 163 -54.06 13.44 -86.69
C ASP M 163 -55.38 14.17 -86.84
N TRP M 164 -56.11 14.35 -85.74
CA TRP M 164 -57.40 15.02 -85.80
C TRP M 164 -57.28 16.52 -86.08
N THR M 165 -56.12 17.11 -85.82
CA THR M 165 -55.93 18.53 -86.12
C THR M 165 -55.93 18.75 -87.62
N THR M 166 -56.60 19.82 -88.05
CA THR M 166 -56.76 20.13 -89.46
C THR M 166 -55.97 21.38 -89.87
N THR M 167 -56.18 22.51 -89.19
CA THR M 167 -55.47 23.73 -89.53
C THR M 167 -55.04 24.56 -88.34
N ILE M 168 -55.37 24.15 -87.12
CA ILE M 168 -54.97 24.86 -85.91
C ILE M 168 -54.24 23.88 -85.00
N ASP M 169 -53.06 24.27 -84.55
CA ASP M 169 -52.22 23.39 -83.74
C ASP M 169 -52.54 23.56 -82.26
N ILE M 170 -52.41 22.46 -81.52
CA ILE M 170 -52.72 22.46 -80.09
C ILE M 170 -51.67 23.28 -79.35
N PRO M 171 -52.05 24.21 -78.49
CA PRO M 171 -51.08 24.89 -77.64
C PRO M 171 -50.43 23.91 -76.67
N PRO M 172 -49.12 24.02 -76.47
CA PRO M 172 -48.44 23.05 -75.59
C PRO M 172 -48.91 23.10 -74.15
N SER M 173 -49.34 24.27 -73.66
CA SER M 173 -49.74 24.40 -72.27
C SER M 173 -50.93 23.50 -71.93
N ALA M 174 -51.80 23.23 -72.90
CA ALA M 174 -52.95 22.37 -72.65
C ALA M 174 -52.51 20.96 -72.30
N ALA M 175 -51.59 20.39 -73.08
CA ALA M 175 -51.13 19.04 -72.82
C ALA M 175 -50.21 18.98 -71.61
N ILE M 176 -49.43 20.03 -71.38
CA ILE M 176 -48.50 20.03 -70.25
C ILE M 176 -49.25 19.99 -68.93
N ALA M 177 -50.39 20.70 -68.85
CA ALA M 177 -51.18 20.69 -67.63
C ALA M 177 -51.64 19.27 -67.28
N GLY M 178 -51.99 18.49 -68.29
CA GLY M 178 -52.34 17.09 -68.05
C GLY M 178 -51.17 16.28 -67.54
N VAL M 179 -49.96 16.58 -68.03
CA VAL M 179 -48.78 15.86 -67.58
C VAL M 179 -48.51 16.15 -66.10
N TYR M 180 -48.80 17.39 -65.66
CA TYR M 180 -48.53 17.76 -64.28
C TYR M 180 -49.33 16.89 -63.31
N CYS M 181 -50.61 16.64 -63.61
CA CYS M 181 -51.44 15.84 -62.72
C CYS M 181 -50.98 14.39 -62.71
N SER M 182 -50.64 13.84 -63.87
CA SER M 182 -50.19 12.45 -63.93
C SER M 182 -48.89 12.24 -63.16
N VAL M 183 -47.94 13.18 -63.33
CA VAL M 183 -46.67 13.06 -62.61
C VAL M 183 -46.87 13.23 -61.12
N ASP M 184 -47.69 14.20 -60.72
CA ASP M 184 -47.92 14.45 -59.30
C ASP M 184 -48.61 13.26 -58.64
N SER M 185 -49.59 12.66 -59.31
CA SER M 185 -50.32 11.54 -58.72
C SER M 185 -49.44 10.30 -58.62
N THR M 186 -48.57 10.07 -59.61
CA THR M 186 -47.76 8.85 -59.64
C THR M 186 -46.50 8.98 -58.79
N ARG M 187 -45.77 10.07 -58.95
CA ARG M 187 -44.47 10.22 -58.30
C ARG M 187 -44.45 11.27 -57.20
N GLY M 188 -45.24 12.33 -57.32
CA GLY M 188 -45.24 13.39 -56.33
C GLY M 188 -45.00 14.76 -56.91
N VAL M 189 -45.35 15.80 -56.15
CA VAL M 189 -45.19 17.17 -56.64
C VAL M 189 -43.72 17.57 -56.74
N TRP M 190 -42.84 16.90 -55.99
CA TRP M 190 -41.42 17.23 -56.04
C TRP M 190 -40.70 16.60 -57.22
N LYS M 191 -41.34 15.67 -57.93
CA LYS M 191 -40.72 15.04 -59.09
C LYS M 191 -40.79 15.97 -60.29
N ALA M 192 -39.72 15.98 -61.07
CA ALA M 192 -39.64 16.85 -62.23
C ALA M 192 -40.64 16.40 -63.29
N PRO M 193 -41.51 17.29 -63.77
CA PRO M 193 -42.45 16.93 -64.86
C PRO M 193 -41.76 16.92 -66.22
N ALA M 194 -40.71 16.10 -66.32
CA ALA M 194 -39.94 15.97 -67.55
C ALA M 194 -39.48 14.52 -67.68
N ASN M 195 -38.92 14.19 -68.83
CA ASN M 195 -38.53 12.82 -69.17
C ASN M 195 -39.72 11.88 -69.06
N VAL M 196 -40.89 12.38 -69.45
CA VAL M 196 -42.13 11.60 -69.41
C VAL M 196 -42.81 11.71 -70.77
N PRO M 197 -43.52 10.68 -71.23
CA PRO M 197 -44.13 10.72 -72.55
C PRO M 197 -45.42 11.53 -72.56
N ILE M 198 -45.83 11.93 -73.76
CA ILE M 198 -47.11 12.57 -73.98
C ILE M 198 -48.11 11.49 -74.40
N GLN M 199 -49.18 11.34 -73.62
CA GLN M 199 -50.04 10.18 -73.76
C GLN M 199 -50.95 10.25 -74.98
N GLY M 200 -51.17 11.44 -75.53
CA GLY M 200 -52.13 11.60 -76.60
C GLY M 200 -51.66 11.24 -77.98
N GLY M 201 -50.43 10.77 -78.12
CA GLY M 201 -49.88 10.52 -79.45
C GLY M 201 -49.73 11.79 -80.26
N LEU M 202 -49.39 12.89 -79.60
CA LEU M 202 -49.22 14.18 -80.26
C LEU M 202 -47.78 14.33 -80.75
N GLN M 203 -47.63 15.15 -81.79
CA GLN M 203 -46.31 15.33 -82.40
C GLN M 203 -45.96 16.81 -82.42
N PRO M 204 -44.72 17.16 -82.07
CA PRO M 204 -44.31 18.56 -82.14
C PRO M 204 -44.31 19.07 -83.57
N LYS M 205 -44.64 20.36 -83.70
CA LYS M 205 -44.73 20.96 -85.03
C LYS M 205 -43.36 21.10 -85.68
N TYR M 206 -42.33 21.41 -84.90
CA TYR M 206 -40.99 21.57 -85.43
C TYR M 206 -40.01 20.72 -84.64
N PRO M 207 -38.98 20.20 -85.30
CA PRO M 207 -37.92 19.49 -84.57
C PRO M 207 -36.93 20.46 -83.96
N VAL M 208 -36.43 20.10 -82.78
CA VAL M 208 -35.45 20.90 -82.06
C VAL M 208 -34.18 20.08 -81.92
N THR M 209 -33.08 20.62 -82.42
CA THR M 209 -31.79 19.94 -82.33
C THR M 209 -31.24 20.01 -80.91
N ASP M 210 -30.24 19.18 -80.65
CA ASP M 210 -29.62 19.16 -79.32
C ASP M 210 -28.97 20.50 -78.99
N ASP M 211 -28.26 21.09 -79.96
CA ASP M 211 -27.56 22.34 -79.70
C ASP M 211 -28.52 23.53 -79.59
N LEU M 212 -29.63 23.49 -80.35
CA LEU M 212 -30.60 24.58 -80.29
C LEU M 212 -31.24 24.69 -78.91
N GLN M 213 -31.57 23.55 -78.30
CA GLN M 213 -32.07 23.56 -76.94
C GLN M 213 -31.03 24.12 -75.98
N ALA M 214 -29.77 23.76 -76.18
CA ALA M 214 -28.70 24.25 -75.32
C ALA M 214 -28.59 25.77 -75.37
N GLN M 215 -29.02 26.39 -76.48
CA GLN M 215 -28.98 27.85 -76.58
C GLN M 215 -30.06 28.49 -75.71
N TYR M 216 -31.22 27.84 -75.60
CA TYR M 216 -32.38 28.41 -74.93
C TYR M 216 -32.58 27.86 -73.53
N ASN M 217 -31.63 27.11 -72.99
CA ASN M 217 -31.79 26.50 -71.67
C ASN M 217 -31.27 27.37 -70.54
N GLN M 218 -30.84 28.60 -70.83
CA GLN M 218 -30.31 29.51 -69.83
C GLN M 218 -31.24 30.70 -69.65
N GLY M 219 -31.15 31.32 -68.48
CA GLY M 219 -31.98 32.48 -68.20
C GLY M 219 -33.45 32.11 -68.23
N LYS M 220 -34.25 32.92 -68.93
CA LYS M 220 -35.67 32.64 -69.12
C LYS M 220 -35.79 31.52 -70.14
N ALA M 221 -35.61 30.29 -69.65
CA ALA M 221 -35.51 29.12 -70.49
C ALA M 221 -36.86 28.74 -71.08
N LEU M 222 -36.82 28.03 -72.20
CA LEU M 222 -37.99 27.46 -72.85
C LEU M 222 -37.90 25.95 -72.76
N ASN M 223 -38.75 25.33 -71.95
CA ASN M 223 -38.80 23.89 -71.88
C ASN M 223 -39.30 23.33 -73.21
N MET M 224 -38.65 22.29 -73.69
CA MET M 224 -38.85 21.81 -75.05
C MET M 224 -39.47 20.43 -75.06
N ILE M 225 -40.40 20.21 -75.99
CA ILE M 225 -40.99 18.91 -76.23
C ILE M 225 -40.33 18.33 -77.47
N ARG M 226 -39.60 17.23 -77.29
CA ARG M 226 -38.78 16.66 -78.35
C ARG M 226 -39.13 15.19 -78.56
N THR M 227 -38.83 14.71 -79.76
CA THR M 227 -39.05 13.31 -80.12
C THR M 227 -37.70 12.60 -80.15
N PHE M 228 -37.63 11.44 -79.53
CA PHE M 228 -36.40 10.68 -79.46
C PHE M 228 -36.56 9.34 -80.20
N PRO M 229 -35.49 8.84 -80.81
CA PRO M 229 -35.62 7.63 -81.66
C PRO M 229 -36.14 6.41 -80.92
N LYS M 230 -35.78 6.23 -79.65
CA LYS M 230 -36.15 5.02 -78.93
C LYS M 230 -37.19 5.25 -77.85
N SER M 231 -37.58 6.50 -77.57
CA SER M 231 -38.55 6.80 -76.53
C SER M 231 -39.76 7.58 -77.03
N GLY M 232 -39.82 7.90 -78.32
CA GLY M 232 -40.95 8.67 -78.81
C GLY M 232 -40.86 10.12 -78.40
N THR M 233 -42.01 10.72 -78.11
CA THR M 233 -42.08 12.11 -77.74
C THR M 233 -42.00 12.26 -76.22
N LEU M 234 -41.11 13.12 -75.76
CA LEU M 234 -40.87 13.33 -74.34
C LEU M 234 -40.86 14.83 -74.04
N VAL M 235 -41.10 15.15 -72.76
CA VAL M 235 -40.98 16.52 -72.28
C VAL M 235 -39.59 16.71 -71.73
N TRP M 236 -38.85 17.66 -72.29
CA TRP M 236 -37.44 17.87 -71.97
C TRP M 236 -37.26 19.27 -71.40
N GLY M 237 -36.79 19.34 -70.15
CA GLY M 237 -36.59 20.64 -69.51
C GLY M 237 -37.66 20.97 -68.50
N ALA M 238 -37.25 21.39 -67.31
CA ALA M 238 -38.17 21.72 -66.22
C ALA M 238 -37.74 23.00 -65.52
N ARG M 239 -37.38 24.02 -66.30
CA ARG M 239 -36.88 25.27 -65.75
C ARG M 239 -37.96 26.35 -65.80
N THR M 240 -37.94 27.22 -64.78
CA THR M 240 -38.82 28.37 -64.71
C THR M 240 -38.22 29.53 -65.49
N LEU M 241 -38.78 30.73 -65.31
CA LEU M 241 -38.30 31.93 -65.97
C LEU M 241 -37.34 32.73 -65.12
N GLU M 242 -36.85 32.17 -64.02
CA GLU M 242 -35.88 32.81 -63.16
C GLU M 242 -34.70 31.87 -62.96
N ASP M 243 -33.49 32.38 -63.15
CA ASP M 243 -32.29 31.55 -63.21
C ASP M 243 -31.52 31.50 -61.90
N ASN M 244 -32.01 32.12 -60.84
CA ASN M 244 -31.28 32.08 -59.58
C ASN M 244 -31.39 30.69 -58.95
N ASP M 245 -30.51 30.44 -57.98
CA ASP M 245 -30.43 29.11 -57.38
C ASP M 245 -31.68 28.76 -56.58
N ASN M 246 -32.42 29.76 -56.12
CA ASN M 246 -33.60 29.47 -55.31
C ASN M 246 -34.70 28.82 -56.14
N TRP M 247 -35.02 29.40 -57.30
CA TRP M 247 -36.21 29.03 -58.05
C TRP M 247 -35.86 28.74 -59.49
N ARG M 248 -34.77 27.99 -59.72
CA ARG M 248 -34.37 27.66 -61.08
C ARG M 248 -35.27 26.58 -61.69
N TYR M 249 -35.75 25.65 -60.87
CA TYR M 249 -36.46 24.47 -61.34
C TYR M 249 -37.93 24.53 -60.95
N ILE M 250 -38.78 24.01 -61.83
CA ILE M 250 -40.21 23.95 -61.54
C ILE M 250 -40.52 23.15 -60.29
N PRO M 251 -39.96 21.94 -60.09
CA PRO M 251 -40.37 21.17 -58.90
C PRO M 251 -40.11 21.88 -57.58
N VAL M 252 -39.00 22.62 -57.47
CA VAL M 252 -38.71 23.33 -56.22
C VAL M 252 -39.76 24.39 -55.95
N ARG M 253 -40.12 25.16 -56.99
CA ARG M 253 -41.12 26.21 -56.81
C ARG M 253 -42.49 25.62 -56.51
N ARG M 254 -42.86 24.53 -57.19
CA ARG M 254 -44.18 23.95 -56.98
C ARG M 254 -44.27 23.22 -55.65
N LEU M 255 -43.16 22.63 -55.20
CA LEU M 255 -43.16 21.96 -53.90
C LEU M 255 -43.43 22.95 -52.78
N PHE M 256 -42.80 24.13 -52.83
CA PHE M 256 -43.05 25.14 -51.82
C PHE M 256 -44.49 25.64 -51.88
N ASN M 257 -45.06 25.73 -53.08
CA ASN M 257 -46.44 26.16 -53.22
C ASN M 257 -47.39 25.20 -52.51
N SER M 258 -47.18 23.90 -52.69
CA SER M 258 -48.04 22.91 -52.04
C SER M 258 -47.83 22.93 -50.53
N ALA M 259 -46.58 23.04 -50.08
CA ALA M 259 -46.31 23.03 -48.64
C ALA M 259 -46.92 24.24 -47.96
N GLU M 260 -46.79 25.42 -48.56
CA GLU M 260 -47.38 26.61 -47.97
C GLU M 260 -48.90 26.53 -47.94
N ARG M 261 -49.51 26.04 -49.03
CA ARG M 261 -50.96 25.93 -49.08
C ARG M 261 -51.48 24.94 -48.03
N ASP M 262 -50.79 23.81 -47.87
CA ASP M 262 -51.24 22.80 -46.92
C ASP M 262 -51.15 23.30 -45.49
N ILE M 263 -50.01 23.92 -45.14
CA ILE M 263 -49.83 24.42 -43.78
C ILE M 263 -50.76 25.60 -43.51
N LYS M 264 -50.94 26.47 -44.50
CA LYS M 264 -51.83 27.62 -44.31
C LYS M 264 -53.25 27.19 -43.99
N ASN M 265 -53.76 26.18 -44.71
CA ASN M 265 -55.08 25.65 -44.40
C ASN M 265 -55.10 25.01 -43.02
N ALA M 266 -54.02 24.33 -42.65
CA ALA M 266 -53.97 23.67 -41.34
C ALA M 266 -54.01 24.69 -40.21
N MET M 267 -53.30 25.81 -40.36
CA MET M 267 -53.21 26.79 -39.30
C MET M 267 -54.48 27.63 -39.15
N SER M 268 -55.38 27.60 -40.13
CA SER M 268 -56.64 28.33 -40.01
C SER M 268 -57.53 27.80 -38.89
N PHE M 269 -57.29 26.57 -38.44
CA PHE M 269 -58.03 26.00 -37.32
C PHE M 269 -57.43 26.37 -35.97
N ALA M 270 -56.31 27.10 -35.96
CA ALA M 270 -55.62 27.47 -34.74
C ALA M 270 -55.36 28.97 -34.68
N VAL M 271 -56.26 29.77 -35.23
CA VAL M 271 -56.01 31.21 -35.30
C VAL M 271 -56.13 31.85 -33.92
N PHE M 272 -57.34 31.81 -33.34
CA PHE M 272 -57.60 32.51 -32.08
C PHE M 272 -57.31 31.66 -30.86
N GLU M 273 -56.49 30.62 -31.00
CA GLU M 273 -56.14 29.79 -29.86
C GLU M 273 -55.25 30.56 -28.89
N PRO M 274 -55.19 30.14 -27.63
CA PRO M 274 -54.28 30.79 -26.68
C PRO M 274 -52.84 30.72 -27.17
N ASN M 275 -52.12 31.83 -27.00
CA ASN M 275 -50.74 31.94 -27.48
C ASN M 275 -49.80 31.67 -26.32
N SER M 276 -49.64 30.39 -26.00
CA SER M 276 -48.80 29.97 -24.88
C SER M 276 -48.12 28.65 -25.25
N GLN M 277 -47.46 28.06 -24.26
CA GLN M 277 -46.68 26.84 -24.51
C GLN M 277 -47.51 25.66 -25.02
N PRO M 278 -48.67 25.33 -24.45
CA PRO M 278 -49.42 24.17 -24.97
C PRO M 278 -49.78 24.29 -26.44
N THR M 279 -50.11 25.49 -26.92
CA THR M 279 -50.40 25.65 -28.33
C THR M 279 -49.14 25.47 -29.18
N TRP M 280 -48.01 25.98 -28.71
CA TRP M 280 -46.77 25.87 -29.47
C TRP M 280 -46.34 24.42 -29.63
N GLU M 281 -46.57 23.59 -28.61
CA GLU M 281 -46.24 22.18 -28.71
C GLU M 281 -47.07 21.49 -29.79
N ARG M 282 -48.35 21.83 -29.88
CA ARG M 282 -49.24 21.17 -30.83
C ARG M 282 -48.91 21.56 -32.27
N VAL M 283 -48.66 22.85 -32.51
CA VAL M 283 -48.33 23.29 -33.87
C VAL M 283 -46.98 22.75 -34.29
N ARG M 284 -46.01 22.70 -33.37
CA ARG M 284 -44.69 22.15 -33.71
C ARG M 284 -44.79 20.68 -34.07
N SER M 285 -45.59 19.92 -33.31
CA SER M 285 -45.75 18.50 -33.61
C SER M 285 -46.43 18.28 -34.96
N ALA M 286 -47.45 19.07 -35.26
CA ALA M 286 -48.17 18.89 -36.51
C ALA M 286 -47.30 19.18 -37.72
N VAL M 287 -46.52 20.26 -37.66
CA VAL M 287 -45.66 20.63 -38.78
C VAL M 287 -44.52 19.64 -38.92
N ASN M 288 -43.96 19.18 -37.79
CA ASN M 288 -42.85 18.24 -37.86
C ASN M 288 -43.27 16.93 -38.53
N ASN M 289 -44.48 16.45 -38.23
CA ASN M 289 -44.95 15.21 -38.85
C ASN M 289 -45.13 15.38 -40.35
N TYR M 290 -45.66 16.53 -40.78
CA TYR M 290 -45.87 16.76 -42.20
C TYR M 290 -44.54 16.79 -42.96
N LEU M 291 -43.54 17.48 -42.40
CA LEU M 291 -42.24 17.53 -43.05
C LEU M 291 -41.51 16.19 -42.96
N TYR M 292 -41.70 15.46 -41.86
CA TYR M 292 -41.10 14.14 -41.75
C TYR M 292 -41.65 13.19 -42.80
N SER M 293 -42.97 13.26 -43.06
CA SER M 293 -43.57 12.43 -44.10
C SER M 293 -43.00 12.78 -45.46
N LEU M 294 -42.79 14.07 -45.73
CA LEU M 294 -42.20 14.47 -47.01
C LEU M 294 -40.78 13.96 -47.14
N TRP M 295 -40.02 13.97 -46.05
CA TRP M 295 -38.65 13.47 -46.11
C TRP M 295 -38.61 11.96 -46.31
N GLN M 296 -39.57 11.24 -45.71
CA GLN M 296 -39.62 9.80 -45.89
C GLN M 296 -39.87 9.43 -47.35
N GLN M 297 -40.77 10.15 -48.01
CA GLN M 297 -41.08 9.89 -49.41
C GLN M 297 -39.97 10.33 -50.36
N GLY M 298 -38.97 11.05 -49.86
CA GLY M 298 -37.87 11.50 -50.69
C GLY M 298 -38.00 12.90 -51.24
N GLY M 299 -38.94 13.70 -50.75
CA GLY M 299 -39.09 15.06 -51.24
C GLY M 299 -38.09 16.05 -50.70
N LEU M 300 -37.38 15.72 -49.63
CA LEU M 300 -36.36 16.58 -49.05
C LEU M 300 -35.05 15.82 -48.96
N ALA M 301 -33.95 16.52 -49.19
CA ALA M 301 -32.62 15.92 -49.24
C ALA M 301 -31.93 16.06 -47.89
N GLY M 302 -31.33 14.98 -47.42
CA GLY M 302 -30.61 15.00 -46.16
C GLY M 302 -30.50 13.63 -45.52
N ASN M 303 -29.36 13.34 -44.90
CA ASN M 303 -29.16 12.05 -44.25
C ASN M 303 -30.11 11.87 -43.08
N LYS M 304 -30.33 12.92 -42.30
CA LYS M 304 -31.16 12.88 -41.11
C LYS M 304 -32.20 14.00 -41.20
N PRO M 305 -33.33 13.84 -40.51
CA PRO M 305 -34.41 14.85 -40.63
C PRO M 305 -33.97 16.26 -40.27
N ASP M 306 -33.10 16.42 -39.27
CA ASP M 306 -32.65 17.76 -38.89
C ASP M 306 -31.76 18.39 -39.95
N ASP M 307 -31.26 17.59 -40.90
CA ASP M 307 -30.52 18.14 -42.04
C ASP M 307 -31.44 18.55 -43.18
N ALA M 308 -32.73 18.22 -43.11
CA ALA M 308 -33.67 18.52 -44.18
C ALA M 308 -34.63 19.64 -43.84
N TYR M 309 -34.97 19.84 -42.56
CA TYR M 309 -35.95 20.83 -42.19
C TYR M 309 -35.78 21.19 -40.72
N PHE M 310 -36.34 22.34 -40.34
CA PHE M 310 -36.37 22.75 -38.95
C PHE M 310 -37.58 23.65 -38.73
N VAL M 311 -38.21 23.51 -37.57
CA VAL M 311 -39.37 24.31 -37.19
C VAL M 311 -39.06 24.98 -35.86
N GLN M 312 -39.23 26.29 -35.80
CA GLN M 312 -38.93 27.07 -34.60
C GLN M 312 -40.16 27.87 -34.21
N ILE M 313 -40.53 27.78 -32.93
CA ILE M 313 -41.59 28.60 -32.36
C ILE M 313 -41.43 28.57 -30.85
N GLY M 314 -41.58 29.74 -30.22
CA GLY M 314 -41.43 29.83 -28.79
C GLY M 314 -41.46 31.26 -28.31
N LYS M 315 -41.36 31.40 -26.99
CA LYS M 315 -41.43 32.71 -26.35
C LYS M 315 -40.13 33.50 -26.55
N ASP M 316 -38.99 32.81 -26.67
CA ASP M 316 -37.72 33.49 -26.89
C ASP M 316 -37.02 33.01 -28.15
N ILE M 317 -37.66 32.18 -28.96
CA ILE M 317 -37.05 31.62 -30.16
C ILE M 317 -37.37 32.46 -31.39
N THR M 318 -38.65 32.77 -31.61
CA THR M 318 -39.09 33.46 -32.81
C THR M 318 -39.76 34.79 -32.55
N MET M 319 -40.46 34.95 -31.43
CA MET M 319 -41.17 36.18 -31.12
C MET M 319 -40.77 36.68 -29.75
N THR M 320 -41.02 37.96 -29.51
CA THR M 320 -40.67 38.60 -28.25
C THR M 320 -41.93 38.86 -27.42
N ASP M 321 -41.73 39.51 -26.27
CA ASP M 321 -42.85 39.78 -25.36
C ASP M 321 -43.86 40.72 -26.00
N ASP M 322 -43.37 41.77 -26.68
CA ASP M 322 -44.29 42.71 -27.30
C ASP M 322 -45.03 42.08 -28.48
N ASP M 323 -44.43 41.09 -29.13
CA ASP M 323 -45.13 40.38 -30.20
C ASP M 323 -46.34 39.64 -29.66
N ILE M 324 -46.19 38.98 -28.51
CA ILE M 324 -47.31 38.25 -27.91
C ILE M 324 -48.41 39.21 -27.49
N LYS M 325 -48.05 40.33 -26.87
CA LYS M 325 -49.04 41.30 -26.42
C LYS M 325 -49.78 41.94 -27.58
N GLN M 326 -49.21 41.94 -28.78
CA GLN M 326 -49.87 42.47 -29.96
C GLN M 326 -50.58 41.39 -30.78
N GLY M 327 -50.58 40.15 -30.30
CA GLY M 327 -51.34 39.11 -30.95
C GLY M 327 -50.70 38.46 -32.14
N LYS M 328 -49.38 38.33 -32.14
CA LYS M 328 -48.64 37.73 -33.25
C LYS M 328 -47.99 36.43 -32.79
N MET M 329 -48.23 35.35 -33.54
CA MET M 329 -47.50 34.10 -33.37
C MET M 329 -46.66 33.89 -34.63
N ILE M 330 -45.35 33.71 -34.45
CA ILE M 330 -44.40 33.66 -35.54
C ILE M 330 -43.78 32.28 -35.58
N ILE M 331 -43.87 31.62 -36.73
CA ILE M 331 -43.31 30.29 -36.95
C ILE M 331 -42.33 30.37 -38.11
N LYS M 332 -41.12 29.87 -37.89
CA LYS M 332 -40.09 29.83 -38.92
C LYS M 332 -39.92 28.40 -39.40
N ILE M 333 -40.02 28.21 -40.72
CA ILE M 333 -39.95 26.89 -41.33
C ILE M 333 -38.87 26.90 -42.41
N GLY M 334 -37.94 25.96 -42.31
CA GLY M 334 -36.90 25.79 -43.31
C GLY M 334 -37.05 24.45 -44.01
N MET M 335 -36.74 24.43 -45.29
CA MET M 335 -36.90 23.22 -46.08
C MET M 335 -35.76 23.12 -47.10
N ALA M 336 -35.27 21.90 -47.30
CA ALA M 336 -34.22 21.63 -48.29
C ALA M 336 -34.86 20.80 -49.40
N ALA M 337 -35.40 21.49 -50.40
CA ALA M 337 -36.11 20.82 -51.48
C ALA M 337 -35.14 20.01 -52.34
N VAL M 338 -35.63 18.88 -52.85
CA VAL M 338 -34.84 18.04 -53.73
C VAL M 338 -34.89 18.59 -55.15
N ARG M 339 -33.72 18.69 -55.77
CA ARG M 339 -33.63 19.30 -57.10
C ARG M 339 -33.40 18.24 -58.17
N PRO M 340 -33.88 18.47 -59.39
CA PRO M 340 -33.68 17.48 -60.46
C PRO M 340 -32.21 17.35 -60.84
N ALA M 341 -31.85 16.16 -61.32
CA ALA M 341 -30.50 15.89 -61.79
C ALA M 341 -30.46 16.15 -63.30
N GLU M 342 -30.62 17.43 -63.66
CA GLU M 342 -30.79 17.81 -65.07
C GLU M 342 -29.66 17.28 -65.94
N PHE M 343 -28.43 17.29 -65.43
CA PHE M 343 -27.27 16.81 -66.17
C PHE M 343 -26.66 15.62 -65.44
N ILE M 344 -26.33 14.58 -66.19
CA ILE M 344 -25.65 13.41 -65.65
C ILE M 344 -24.26 13.36 -66.26
N ILE M 345 -23.23 13.39 -65.41
CA ILE M 345 -21.85 13.45 -65.85
C ILE M 345 -21.17 12.15 -65.45
N LEU M 346 -20.66 11.44 -66.44
CA LEU M 346 -19.95 10.18 -66.23
C LEU M 346 -18.48 10.38 -66.57
N GLN M 347 -17.60 10.06 -65.63
CA GLN M 347 -16.17 10.20 -65.84
C GLN M 347 -15.48 8.88 -65.53
N PHE M 348 -14.66 8.42 -66.46
CA PHE M 348 -13.97 7.14 -66.37
C PHE M 348 -12.46 7.37 -66.22
N THR M 349 -11.79 6.37 -65.68
CA THR M 349 -10.35 6.41 -65.52
C THR M 349 -9.70 5.17 -66.11
N THR N 3 52.17 -17.52 49.89
CA THR N 3 53.51 -18.00 50.16
C THR N 3 54.51 -17.43 49.15
N ILE N 4 55.80 -17.49 49.50
CA ILE N 4 56.88 -17.01 48.67
C ILE N 4 57.68 -18.22 48.20
N PRO N 5 57.65 -18.55 46.91
CA PRO N 5 58.42 -19.71 46.43
C PRO N 5 59.90 -19.55 46.68
N THR N 6 60.54 -20.64 47.07
CA THR N 6 61.98 -20.67 47.33
C THR N 6 62.70 -21.71 46.50
N TYR N 7 62.11 -22.89 46.30
CA TYR N 7 62.67 -23.94 45.48
C TYR N 7 61.71 -24.28 44.34
N PRO N 8 62.22 -24.69 43.19
CA PRO N 8 61.33 -25.13 42.11
C PRO N 8 60.51 -26.34 42.53
N GLY N 9 59.26 -26.36 42.12
CA GLY N 9 58.35 -27.43 42.46
C GLY N 9 56.92 -26.95 42.44
N VAL N 10 56.07 -27.65 43.20
CA VAL N 10 54.65 -27.37 43.27
C VAL N 10 54.31 -26.99 44.71
N TYR N 11 53.60 -25.88 44.87
CA TYR N 11 53.16 -25.40 46.17
C TYR N 11 51.64 -25.47 46.26
N ILE N 12 51.14 -25.69 47.47
CA ILE N 12 49.71 -25.81 47.73
C ILE N 12 49.29 -24.71 48.69
N GLU N 13 48.28 -23.95 48.31
CA GLU N 13 47.70 -22.90 49.14
C GLU N 13 46.25 -23.24 49.43
N GLU N 14 45.87 -23.16 50.71
CA GLU N 14 44.49 -23.38 51.12
C GLU N 14 43.86 -22.05 51.52
N ASP N 15 42.65 -21.80 51.03
CA ASP N 15 41.95 -20.55 51.30
C ASP N 15 41.61 -20.48 52.78
N ALA N 16 42.30 -19.61 53.50
CA ALA N 16 42.06 -19.40 54.92
C ALA N 16 41.12 -18.24 55.21
N SER N 17 40.57 -17.59 54.18
CA SER N 17 39.62 -16.51 54.39
C SER N 17 38.39 -17.00 55.16
N LEU N 18 37.86 -16.13 56.02
CA LEU N 18 36.79 -16.53 56.93
C LEU N 18 35.48 -16.68 56.18
N ASN N 19 34.68 -17.68 56.55
CA ASN N 19 33.30 -17.81 56.09
C ASN N 19 32.44 -17.83 57.34
N LEU N 20 31.26 -17.23 57.25
CA LEU N 20 30.41 -16.98 58.40
C LEU N 20 29.04 -17.61 58.20
N SER N 21 28.47 -18.11 59.30
CA SER N 21 27.15 -18.71 59.28
C SER N 21 26.60 -18.65 60.70
N VAL N 22 25.45 -18.03 60.85
CA VAL N 22 24.78 -17.90 62.14
C VAL N 22 23.75 -19.01 62.24
N ASN N 23 23.92 -19.89 63.21
CA ASN N 23 23.06 -21.03 63.41
C ASN N 23 22.29 -20.90 64.72
N GLN N 24 21.00 -21.25 64.68
CA GLN N 24 20.17 -21.16 65.87
C GLN N 24 20.57 -22.20 66.90
N GLY N 25 20.58 -21.78 68.17
CA GLY N 25 20.86 -22.66 69.29
C GLY N 25 19.63 -22.85 70.17
N ASN N 26 19.86 -23.59 71.26
CA ASN N 26 18.79 -23.80 72.23
C ASN N 26 18.39 -22.48 72.89
N THR N 27 17.12 -22.37 73.23
CA THR N 27 16.58 -21.14 73.80
C THR N 27 15.76 -21.41 75.07
N ALA N 28 15.86 -22.60 75.64
CA ALA N 28 15.00 -22.96 76.76
C ALA N 28 15.66 -23.78 77.86
N ILE N 29 16.98 -23.76 77.99
CA ILE N 29 17.62 -24.49 79.09
C ILE N 29 17.48 -23.69 80.37
N PRO N 30 16.79 -24.21 81.39
CA PRO N 30 16.66 -23.47 82.65
C PRO N 30 17.73 -23.84 83.66
N VAL N 31 17.84 -23.06 84.73
CA VAL N 31 18.66 -23.40 85.88
C VAL N 31 17.81 -23.26 87.13
N PHE N 32 17.84 -24.28 87.98
CA PHE N 32 17.02 -24.32 89.18
C PHE N 32 17.90 -24.07 90.40
N ILE N 33 17.52 -23.08 91.20
CA ILE N 33 18.26 -22.71 92.40
C ILE N 33 17.37 -23.00 93.60
N GLY N 34 17.85 -23.84 94.50
CA GLY N 34 17.07 -24.21 95.66
C GLY N 34 17.79 -25.24 96.49
N LEU N 35 17.06 -25.81 97.45
CA LEU N 35 17.62 -26.80 98.36
C LEU N 35 17.52 -28.18 97.72
N PHE N 36 18.66 -28.72 97.29
CA PHE N 36 18.73 -30.05 96.71
C PHE N 36 19.76 -30.86 97.48
N SER N 37 19.63 -32.19 97.39
CA SER N 37 20.51 -33.13 98.09
C SER N 37 21.18 -34.03 97.06
N PRO N 38 22.33 -33.62 96.51
CA PRO N 38 23.03 -34.47 95.56
C PRO N 38 23.59 -35.72 96.21
N LYS N 39 23.66 -36.79 95.42
CA LYS N 39 24.18 -38.05 95.93
C LYS N 39 25.68 -37.98 96.16
N ASN N 40 26.40 -37.20 95.36
CA ASN N 40 27.85 -37.08 95.45
C ASN N 40 28.18 -35.62 95.75
N THR N 41 29.14 -35.42 96.64
CA THR N 41 29.55 -34.07 97.02
C THR N 41 30.67 -33.58 96.10
N GLN N 46 28.52 -25.95 92.96
CA GLN N 46 28.69 -26.35 91.57
C GLN N 46 27.34 -26.60 90.91
N VAL N 47 27.27 -26.34 89.61
CA VAL N 47 26.04 -26.54 88.83
C VAL N 47 26.15 -27.85 88.07
N THR N 48 25.08 -28.63 88.09
CA THR N 48 25.05 -29.96 87.51
C THR N 48 23.99 -30.04 86.44
N ARG N 49 24.32 -30.71 85.33
CA ARG N 49 23.40 -30.86 84.21
C ARG N 49 22.60 -32.16 84.37
N VAL N 50 21.29 -32.07 84.15
CA VAL N 50 20.39 -33.20 84.26
C VAL N 50 19.63 -33.34 82.94
N ASN N 51 19.60 -34.55 82.40
CA ASN N 51 19.02 -34.78 81.08
C ASN N 51 17.55 -35.15 81.12
N SER N 52 17.08 -35.78 82.19
CA SER N 52 15.70 -36.21 82.29
C SER N 52 15.38 -36.49 83.75
N TRP N 53 14.13 -36.87 84.02
CA TRP N 53 13.73 -37.20 85.39
C TRP N 53 14.51 -38.40 85.91
N LEU N 54 14.71 -39.41 85.07
CA LEU N 54 15.49 -40.58 85.48
C LEU N 54 16.92 -40.18 85.81
N ASP N 55 17.50 -39.27 85.02
CA ASP N 55 18.85 -38.78 85.31
C ASP N 55 18.90 -38.06 86.65
N PHE N 56 17.87 -37.27 86.95
CA PHE N 56 17.84 -36.56 88.23
C PHE N 56 17.81 -37.53 89.40
N THR N 57 17.03 -38.61 89.29
CA THR N 57 16.96 -39.59 90.37
C THR N 57 18.30 -40.26 90.59
N ASN N 58 19.02 -40.57 89.51
CA ASN N 58 20.29 -41.25 89.64
C ASN N 58 21.36 -40.36 90.27
N LEU N 59 21.18 -39.04 90.24
CA LEU N 59 22.17 -38.12 90.75
C LEU N 59 21.73 -37.38 92.02
N PHE N 60 20.43 -37.28 92.27
CA PHE N 60 19.91 -36.55 93.41
C PHE N 60 18.92 -37.42 94.17
N ASN N 61 18.79 -37.14 95.47
CA ASN N 61 17.87 -37.87 96.33
C ASN N 61 16.52 -37.16 96.28
N ALA N 62 15.58 -37.74 95.54
CA ALA N 62 14.26 -37.14 95.41
C ALA N 62 13.48 -37.31 96.72
N GLY N 63 12.89 -36.22 97.19
CA GLY N 63 12.11 -36.26 98.41
C GLY N 63 11.60 -34.89 98.76
N CYS N 64 10.71 -34.84 99.74
CA CYS N 64 10.09 -33.60 100.19
C CYS N 64 10.75 -33.06 101.46
N ILE N 65 11.87 -33.65 101.89
CA ILE N 65 12.57 -33.23 103.09
C ILE N 65 13.98 -32.83 102.71
N ALA N 66 14.38 -31.62 103.11
CA ALA N 66 15.73 -31.15 102.85
C ALA N 66 16.73 -31.93 103.70
N PRO N 67 17.99 -32.00 103.26
CA PRO N 67 19.02 -32.66 104.09
C PRO N 67 19.15 -31.99 105.44
N ILE N 68 19.35 -32.80 106.47
CA ILE N 68 19.43 -32.30 107.84
C ILE N 68 20.84 -31.87 108.18
N VAL N 116 15.22 -29.51 110.56
CA VAL N 116 14.74 -30.04 109.30
C VAL N 116 13.95 -28.98 108.54
N ASN N 117 13.88 -29.11 107.22
CA ASN N 117 13.22 -28.15 106.36
C ASN N 117 12.36 -28.88 105.34
N TYR N 118 11.34 -28.18 104.86
CA TYR N 118 10.44 -28.69 103.83
C TYR N 118 10.82 -28.10 102.48
N THR N 119 10.90 -28.96 101.46
CA THR N 119 11.32 -28.55 100.13
C THR N 119 10.35 -29.07 99.09
N THR N 120 9.97 -28.20 98.16
CA THR N 120 9.16 -28.58 97.01
C THR N 120 10.00 -28.73 95.74
N SER N 121 11.33 -28.63 95.86
CA SER N 121 12.19 -28.62 94.67
C SER N 121 12.09 -29.94 93.91
N SER N 122 12.11 -31.07 94.62
CA SER N 122 12.02 -32.36 93.95
C SER N 122 10.66 -32.53 93.27
N ASP N 123 9.59 -32.13 93.94
CA ASP N 123 8.27 -32.20 93.33
C ASP N 123 8.14 -31.23 92.17
N ALA N 124 8.72 -30.03 92.31
CA ALA N 124 8.64 -29.04 91.23
C ALA N 124 9.34 -29.53 89.98
N LEU N 125 10.50 -30.17 90.14
CA LEU N 125 11.23 -30.67 88.97
C LEU N 125 10.45 -31.78 88.27
N LYS N 126 9.69 -32.57 89.03
CA LYS N 126 8.86 -33.60 88.42
C LYS N 126 7.82 -32.99 87.48
N LEU N 127 7.20 -31.88 87.89
CA LEU N 127 6.22 -31.22 87.04
C LEU N 127 6.89 -30.60 85.82
N TYR N 128 8.12 -30.09 85.99
CA TYR N 128 8.82 -29.48 84.87
C TYR N 128 9.06 -30.50 83.75
N PHE N 129 9.50 -31.70 84.11
CA PHE N 129 9.70 -32.74 83.10
C PHE N 129 8.38 -33.27 82.60
N GLN N 130 7.33 -33.24 83.43
CA GLN N 130 6.02 -33.69 83.02
C GLN N 130 5.41 -32.81 81.93
N ASN N 131 5.76 -31.52 81.91
CA ASN N 131 5.20 -30.58 80.95
C ASN N 131 6.12 -30.35 79.74
N GLY N 132 6.87 -31.37 79.34
CA GLY N 132 7.68 -31.27 78.15
C GLY N 132 9.03 -30.61 78.33
N GLY N 133 9.47 -30.40 79.57
CA GLY N 133 10.77 -29.78 79.78
C GLY N 133 11.91 -30.66 79.29
N GLY N 134 12.97 -29.99 78.84
CA GLY N 134 14.14 -30.68 78.34
C GLY N 134 15.25 -30.72 79.35
N PRO N 135 16.49 -30.86 78.88
CA PRO N 135 17.64 -30.86 79.80
C PRO N 135 17.74 -29.54 80.55
N CYS N 136 18.15 -29.64 81.82
CA CYS N 136 18.20 -28.48 82.69
C CYS N 136 19.49 -28.53 83.50
N TYR N 137 19.69 -27.50 84.32
CA TYR N 137 20.82 -27.41 85.23
C TYR N 137 20.33 -27.25 86.65
N ILE N 138 21.00 -27.92 87.59
CA ILE N 138 20.63 -27.89 88.99
C ILE N 138 21.76 -27.23 89.77
N LEU N 139 21.41 -26.27 90.61
CA LEU N 139 22.35 -25.55 91.46
C LEU N 139 21.96 -25.81 92.91
N PRO N 140 22.50 -26.86 93.54
CA PRO N 140 22.07 -27.21 94.89
C PRO N 140 22.62 -26.24 95.92
N GLN N 141 21.76 -25.85 96.87
CA GLN N 141 22.17 -25.01 97.99
C GLN N 141 22.37 -25.89 99.21
N LEU N 142 23.51 -25.72 99.88
CA LEU N 142 23.90 -26.55 101.01
C LEU N 142 24.04 -25.70 102.26
N ASP N 143 23.54 -26.21 103.39
CA ASP N 143 23.65 -25.57 104.69
C ASP N 143 22.89 -24.25 104.71
N ARG N 144 23.30 -23.34 105.60
CA ARG N 144 22.61 -22.07 105.74
C ARG N 144 22.86 -21.19 104.52
N LEU N 145 21.95 -20.24 104.32
CA LEU N 145 22.00 -19.35 103.15
C LEU N 145 22.96 -18.21 103.46
N THR N 146 24.23 -18.45 103.21
CA THR N 146 25.26 -17.46 103.47
C THR N 146 25.31 -16.41 102.36
N GLN N 147 25.98 -15.30 102.66
CA GLN N 147 26.12 -14.23 101.66
C GLN N 147 27.08 -14.64 100.55
N GLY N 148 28.03 -15.53 100.84
CA GLY N 148 28.95 -15.96 99.81
C GLY N 148 28.27 -16.71 98.68
N PHE N 149 27.25 -17.51 99.01
CA PHE N 149 26.49 -18.21 97.98
C PHE N 149 25.78 -17.23 97.06
N LEU N 150 25.20 -16.17 97.62
CA LEU N 150 24.48 -15.20 96.81
C LEU N 150 25.40 -14.51 95.82
N ASP N 151 26.62 -14.14 96.25
CA ASP N 151 27.54 -13.45 95.36
C ASP N 151 28.00 -14.35 94.22
N SER N 152 28.08 -15.66 94.46
CA SER N 152 28.58 -16.59 93.46
C SER N 152 27.51 -17.06 92.48
N ILE N 153 26.23 -16.76 92.74
CA ILE N 153 25.18 -17.23 91.84
C ILE N 153 25.34 -16.70 90.42
N PRO N 154 25.53 -15.39 90.19
CA PRO N 154 25.78 -14.95 88.80
C PRO N 154 27.05 -15.53 88.22
N GLU N 155 28.07 -15.74 89.05
CA GLU N 155 29.33 -16.29 88.56
C GLU N 155 29.16 -17.73 88.08
N LEU N 156 28.42 -18.53 88.85
CA LEU N 156 28.26 -19.94 88.49
C LEU N 156 27.36 -20.11 87.26
N ILE N 157 26.34 -19.26 87.14
CA ILE N 157 25.44 -19.36 85.99
C ILE N 157 26.17 -19.06 84.70
N LYS N 158 27.05 -18.05 84.71
CA LYS N 158 27.74 -17.65 83.49
C LYS N 158 28.70 -18.72 83.01
N GLN N 159 29.26 -19.52 83.91
CA GLN N 159 30.18 -20.57 83.50
C GLN N 159 29.49 -21.60 82.60
N ALA N 160 28.27 -21.99 82.96
CA ALA N 160 27.47 -22.83 82.08
C ALA N 160 26.98 -21.96 80.93
N LEU N 161 27.53 -22.20 79.74
CA LEU N 161 27.34 -21.26 78.63
C LEU N 161 25.95 -21.33 78.02
N GLU N 162 25.22 -22.42 78.21
CA GLU N 162 23.96 -22.62 77.51
C GLU N 162 22.74 -22.24 78.34
N ILE N 163 22.92 -21.78 79.57
CA ILE N 163 21.77 -21.46 80.43
C ILE N 163 21.05 -20.25 79.88
N THR N 164 19.72 -20.34 79.78
CA THR N 164 18.89 -19.27 79.25
C THR N 164 17.86 -18.77 80.25
N LEU N 165 17.17 -19.66 80.95
CA LEU N 165 16.12 -19.30 81.88
C LEU N 165 16.57 -19.56 83.32
N ILE N 166 16.05 -18.75 84.24
CA ILE N 166 16.37 -18.86 85.65
C ILE N 166 15.08 -19.08 86.43
N VAL N 167 15.05 -20.12 87.26
CA VAL N 167 13.87 -20.50 88.02
C VAL N 167 14.30 -20.84 89.44
N CYS N 168 13.52 -20.40 90.42
CA CYS N 168 13.70 -20.78 91.81
C CYS N 168 12.52 -21.61 92.26
N PRO N 169 12.64 -22.93 92.32
CA PRO N 169 11.46 -23.78 92.60
C PRO N 169 11.13 -23.91 94.08
N GLU N 170 11.69 -23.05 94.91
CA GLU N 170 11.38 -23.10 96.33
C GLU N 170 10.01 -22.49 96.60
N TRP N 171 9.42 -22.88 97.74
CA TRP N 171 8.09 -22.43 98.12
C TRP N 171 8.09 -21.23 99.05
N ASP N 172 9.08 -21.11 99.92
CA ASP N 172 9.12 -20.01 100.87
C ASP N 172 9.29 -18.68 100.16
N SER N 173 8.45 -17.71 100.50
CA SER N 173 8.53 -16.40 99.86
C SER N 173 9.82 -15.68 100.23
N GLY N 174 10.24 -15.80 101.50
CA GLY N 174 11.48 -15.14 101.92
C GLY N 174 12.70 -15.68 101.19
N TYR N 175 12.75 -17.01 100.99
CA TYR N 175 13.85 -17.60 100.25
C TYR N 175 13.85 -17.15 98.80
N GLN N 176 12.67 -17.08 98.19
CA GLN N 176 12.58 -16.66 96.78
C GLN N 176 13.05 -15.22 96.61
N SER N 177 12.68 -14.34 97.54
CA SER N 177 13.07 -12.93 97.44
C SER N 177 14.58 -12.78 97.49
N LYS N 178 15.24 -13.53 98.38
CA LYS N 178 16.70 -13.44 98.48
C LYS N 178 17.37 -13.91 97.20
N ILE N 179 16.86 -14.99 96.61
CA ILE N 179 17.46 -15.50 95.37
C ILE N 179 17.26 -14.52 94.23
N TYR N 180 16.07 -13.95 94.11
CA TYR N 180 15.79 -13.02 93.01
C TYR N 180 16.67 -11.78 93.09
N ASN N 181 16.81 -11.22 94.30
CA ASN N 181 17.63 -10.02 94.45
C ASN N 181 19.10 -10.30 94.20
N SER N 182 19.55 -11.54 94.43
CA SER N 182 20.95 -11.90 94.20
C SER N 182 21.32 -11.83 92.73
N LEU N 183 20.34 -11.88 91.84
CA LEU N 183 20.60 -11.82 90.40
C LEU N 183 20.96 -10.38 90.04
N THR N 184 22.21 -10.16 89.64
CA THR N 184 22.64 -8.82 89.28
C THR N 184 21.98 -8.36 87.98
N SER N 185 21.81 -7.05 87.85
CA SER N 185 21.27 -6.50 86.60
C SER N 185 22.21 -6.77 85.43
N SER N 186 23.52 -6.89 85.70
CA SER N 186 24.46 -7.23 84.66
C SER N 186 24.28 -8.65 84.15
N LEU N 187 23.61 -9.51 84.92
CA LEU N 187 23.36 -10.88 84.49
C LEU N 187 22.15 -10.95 83.57
N LEU N 188 21.02 -10.40 84.02
CA LEU N 188 19.80 -10.47 83.23
C LEU N 188 19.91 -9.68 81.93
N ASN N 189 20.64 -8.57 81.96
CA ASN N 189 20.81 -7.74 80.76
C ASN N 189 21.68 -8.41 79.70
N ALA N 190 22.34 -9.52 80.03
CA ALA N 190 23.18 -10.24 79.08
C ALA N 190 22.41 -11.25 78.26
N GLY N 191 21.09 -11.36 78.44
CA GLY N 191 20.29 -12.29 77.67
C GLY N 191 19.73 -13.43 78.48
N TYR N 192 19.43 -13.18 79.75
CA TYR N 192 18.89 -14.19 80.65
C TYR N 192 17.51 -13.77 81.11
N PHE N 193 16.55 -14.70 81.04
CA PHE N 193 15.16 -14.45 81.41
C PHE N 193 14.85 -15.10 82.75
N LEU N 194 14.15 -14.37 83.60
CA LEU N 194 13.78 -14.83 84.94
C LEU N 194 12.30 -15.14 84.99
N ILE N 195 11.95 -16.27 85.60
CA ILE N 195 10.57 -16.68 85.82
C ILE N 195 10.31 -16.68 87.32
N ALA N 196 9.32 -15.92 87.76
CA ALA N 196 9.05 -15.74 89.18
C ALA N 196 7.59 -16.03 89.47
N ASP N 197 7.31 -16.31 90.75
CA ASP N 197 5.97 -16.57 91.23
C ASP N 197 5.49 -15.40 92.08
N ASN N 198 4.34 -14.85 91.74
CA ASN N 198 3.75 -13.78 92.55
C ASN N 198 3.24 -14.34 93.87
N GLN N 199 3.49 -13.61 94.94
CA GLN N 199 3.00 -13.98 96.26
C GLN N 199 1.61 -13.45 96.56
N ASP N 200 1.08 -12.56 95.72
CA ASP N 200 -0.20 -11.92 96.00
C ASP N 200 -0.84 -11.52 94.68
N LYS N 201 -2.18 -11.54 94.66
CA LYS N 201 -2.92 -11.18 93.46
C LYS N 201 -2.91 -9.67 93.23
N ASN N 202 -2.77 -8.88 94.29
CA ASN N 202 -2.98 -7.44 94.21
C ASN N 202 -1.78 -6.66 93.71
N THR N 203 -0.58 -6.96 94.21
CA THR N 203 0.61 -6.20 93.88
C THR N 203 1.59 -7.06 93.08
N ALA N 204 2.32 -6.41 92.19
CA ALA N 204 3.29 -7.09 91.35
C ALA N 204 4.65 -7.15 92.06
N LEU N 205 5.54 -7.99 91.51
CA LEU N 205 6.86 -8.16 92.10
C LEU N 205 7.74 -6.93 91.84
N ILE N 206 8.75 -6.76 92.68
CA ILE N 206 9.76 -5.74 92.51
C ILE N 206 11.03 -6.43 92.02
N THR N 207 11.50 -6.03 90.84
CA THR N 207 12.59 -6.72 90.16
C THR N 207 13.63 -5.72 89.69
N GLU N 208 14.90 -6.12 89.76
CA GLU N 208 15.99 -5.24 89.32
C GLU N 208 15.88 -4.93 87.83
N VAL N 209 15.53 -5.92 87.02
CA VAL N 209 15.35 -5.73 85.58
C VAL N 209 13.93 -6.17 85.25
N ALA N 210 13.02 -5.20 85.12
CA ALA N 210 11.62 -5.54 84.88
C ALA N 210 11.42 -6.15 83.50
N SER N 211 12.19 -5.69 82.51
CA SER N 211 11.99 -6.15 81.13
C SER N 211 12.35 -7.61 80.94
N GLN N 212 13.17 -8.19 81.81
CA GLN N 212 13.62 -9.56 81.69
C GLN N 212 12.97 -10.48 82.72
N THR N 213 11.69 -10.25 83.04
CA THR N 213 11.04 -10.99 84.11
C THR N 213 9.58 -11.24 83.75
N ALA N 214 9.12 -12.46 84.00
CA ALA N 214 7.72 -12.83 83.88
C ALA N 214 7.23 -13.34 85.22
N THR N 215 6.03 -12.93 85.61
CA THR N 215 5.47 -13.27 86.91
C THR N 215 4.16 -14.00 86.72
N TYR N 216 3.95 -15.05 87.51
CA TYR N 216 2.79 -15.92 87.38
C TYR N 216 2.09 -16.09 88.72
N TYR N 217 0.78 -16.34 88.67
CA TYR N 217 -0.07 -16.49 89.84
C TYR N 217 -1.35 -17.17 89.39
N PRO N 218 -1.94 -18.06 90.20
CA PRO N 218 -1.52 -18.50 91.53
C PRO N 218 -0.67 -19.77 91.50
N ALA N 219 -0.32 -20.30 92.66
CA ALA N 219 0.40 -21.56 92.73
C ALA N 219 -0.52 -22.71 92.32
N VAL N 220 0.08 -23.87 92.13
CA VAL N 220 -0.65 -25.04 91.65
C VAL N 220 -0.64 -26.12 92.72
N LYS N 221 -1.57 -27.06 92.61
CA LYS N 221 -1.73 -28.13 93.58
C LYS N 221 -1.54 -29.48 92.91
N VAL N 222 -0.94 -30.41 93.66
CA VAL N 222 -0.80 -31.80 93.25
C VAL N 222 -1.33 -32.66 94.40
N SER N 223 -1.64 -33.91 94.09
CA SER N 223 -2.25 -34.77 95.09
C SER N 223 -1.21 -35.41 96.01
N GLN N 224 -0.24 -36.13 95.42
CA GLN N 224 0.74 -36.83 96.22
C GLN N 224 2.13 -36.28 95.93
N LEU N 225 2.87 -36.02 97.00
CA LEU N 225 4.26 -35.62 96.90
C LEU N 225 5.13 -36.86 96.73
N ILE N 226 6.44 -36.66 96.75
CA ILE N 226 7.40 -37.75 96.65
C ILE N 226 7.88 -38.09 98.05
N GLN N 227 7.58 -39.31 98.50
CA GLN N 227 8.04 -39.80 99.78
C GLN N 227 9.24 -40.72 99.57
N ALA N 228 10.24 -40.56 100.43
CA ALA N 228 11.50 -41.29 100.30
C ALA N 228 11.76 -42.11 101.54
N GLU N 229 12.40 -43.27 101.36
CA GLU N 229 12.79 -44.10 102.47
C GLU N 229 13.91 -43.44 103.27
N ASP N 230 14.12 -43.95 104.49
CA ASP N 230 15.11 -43.36 105.38
C ASP N 230 16.50 -43.39 104.78
N SER N 231 16.77 -44.35 103.89
CA SER N 231 18.09 -44.41 103.26
C SER N 231 18.32 -43.27 102.27
N GLN N 232 17.27 -42.53 101.91
CA GLN N 232 17.41 -41.43 100.96
C GLN N 232 17.63 -40.09 101.63
N ILE N 233 17.14 -39.89 102.85
CA ILE N 233 17.27 -38.62 103.54
C ILE N 233 18.70 -38.51 104.08
N ALA N 234 19.40 -37.46 103.66
CA ALA N 234 20.76 -37.24 104.13
C ALA N 234 20.76 -36.55 105.50
N VAL N 235 21.83 -36.76 106.25
CA VAL N 235 21.95 -36.17 107.58
C VAL N 235 23.12 -35.20 107.63
N LEU N 251 19.32 -41.49 107.00
CA LEU N 251 18.55 -41.68 108.22
C LEU N 251 18.61 -43.12 108.69
N ALA N 252 18.88 -44.04 107.76
CA ALA N 252 19.04 -45.44 108.11
C ALA N 252 20.22 -45.64 109.05
N GLN N 253 21.33 -44.95 108.79
CA GLN N 253 22.47 -45.00 109.71
C GLN N 253 22.10 -44.42 111.06
N LEU N 254 21.31 -43.35 111.07
CA LEU N 254 20.92 -42.71 112.32
C LEU N 254 20.05 -43.65 113.15
N LYS N 255 19.15 -44.41 112.50
CA LYS N 255 18.27 -45.31 113.22
C LYS N 255 19.06 -46.37 113.98
N GLU N 256 20.05 -46.97 113.33
CA GLU N 256 20.82 -48.04 113.96
C GLU N 256 21.76 -47.53 115.04
N LYS N 257 22.16 -46.25 114.97
CA LYS N 257 23.13 -45.70 115.91
C LYS N 257 22.46 -45.19 117.18
N ASN N 258 21.43 -44.37 117.04
CA ASN N 258 20.78 -43.74 118.19
C ASN N 258 19.31 -43.51 117.86
N PRO N 259 18.44 -44.45 118.22
CA PRO N 259 17.00 -44.25 117.95
C PRO N 259 16.40 -43.07 118.70
N THR N 260 17.02 -42.61 119.79
CA THR N 260 16.45 -41.51 120.56
C THR N 260 16.39 -40.23 119.74
N VAL N 261 17.50 -39.83 119.14
CA VAL N 261 17.49 -38.65 118.29
C VAL N 261 16.72 -38.91 116.99
N TYR N 262 16.71 -40.17 116.54
CA TYR N 262 15.91 -40.52 115.37
C TYR N 262 14.43 -40.26 115.63
N GLN N 263 13.95 -40.62 116.82
CA GLN N 263 12.58 -40.31 117.18
C GLN N 263 12.35 -38.81 117.23
N GLN N 264 13.33 -38.06 117.72
CA GLN N 264 13.20 -36.60 117.80
C GLN N 264 13.02 -36.00 116.41
N ALA N 265 13.80 -36.46 115.43
CA ALA N 265 13.68 -35.92 114.08
C ALA N 265 12.38 -36.35 113.42
N VAL N 266 11.92 -37.56 113.70
CA VAL N 266 10.71 -38.08 113.06
C VAL N 266 9.49 -37.25 113.44
N GLN N 267 9.40 -36.80 114.69
CA GLN N 267 8.26 -35.98 115.10
C GLN N 267 8.19 -34.71 114.26
N LYS N 268 9.33 -34.05 114.06
CA LYS N 268 9.36 -32.88 113.18
C LYS N 268 9.04 -33.26 111.74
N ILE N 269 9.55 -34.41 111.29
CA ILE N 269 9.23 -34.88 109.94
C ILE N 269 7.73 -35.17 109.82
N GLN N 270 7.17 -35.84 110.83
CA GLN N 270 5.73 -36.08 110.84
C GLN N 270 4.96 -34.77 110.96
N ALA N 271 5.49 -33.83 111.73
CA ALA N 271 4.85 -32.52 111.85
C ALA N 271 4.83 -31.80 110.51
N ILE N 272 5.92 -31.91 109.74
CA ILE N 272 5.95 -31.32 108.41
C ILE N 272 4.97 -32.03 107.49
N GLN N 273 4.87 -33.36 107.62
CA GLN N 273 4.05 -34.14 106.70
C GLN N 273 2.57 -33.77 106.80
N ASP N 274 2.05 -33.62 108.02
CA ASP N 274 0.62 -33.39 108.17
C ASP N 274 0.21 -31.96 107.81
N GLU N 275 1.08 -30.98 108.07
CA GLU N 275 0.77 -29.61 107.65
C GLU N 275 0.64 -29.51 106.15
N ILE N 276 1.52 -30.19 105.40
CA ILE N 276 1.42 -30.16 103.95
C ILE N 276 0.13 -30.82 103.48
N ALA N 277 -0.23 -31.94 104.10
CA ALA N 277 -1.49 -32.60 103.77
C ALA N 277 -2.68 -31.73 104.15
N ALA N 278 -2.59 -31.03 105.28
CA ALA N 278 -3.69 -30.19 105.74
C ALA N 278 -3.90 -29.00 104.82
N ASN N 279 -2.87 -28.17 104.65
CA ASN N 279 -2.98 -26.98 103.80
C ASN N 279 -3.05 -27.31 102.32
N GLY N 280 -2.80 -28.57 101.94
CA GLY N 280 -2.73 -28.94 100.55
C GLY N 280 -1.32 -28.89 100.00
N ASN N 281 -1.08 -29.70 98.98
CA ASN N 281 0.25 -29.81 98.39
C ASN N 281 0.41 -28.70 97.36
N ILE N 282 0.95 -27.58 97.82
CA ILE N 282 1.09 -26.39 96.99
C ILE N 282 2.51 -26.36 96.41
N ILE N 283 2.59 -26.30 95.09
CA ILE N 283 3.86 -26.30 94.36
C ILE N 283 3.99 -24.96 93.65
N PRO N 284 5.13 -24.30 93.73
CA PRO N 284 5.31 -23.05 92.96
C PRO N 284 5.16 -23.30 91.47
N VAL N 285 4.52 -22.34 90.79
CA VAL N 285 4.14 -22.53 89.39
C VAL N 285 5.26 -22.20 88.41
N SER N 286 6.31 -21.51 88.85
CA SER N 286 7.38 -21.14 87.93
C SER N 286 8.07 -22.37 87.34
N ALA N 287 8.20 -23.43 88.13
CA ALA N 287 8.82 -24.65 87.62
C ALA N 287 7.98 -25.25 86.50
N VAL N 288 6.66 -25.24 86.65
CA VAL N 288 5.78 -25.75 85.59
C VAL N 288 5.92 -24.90 84.34
N MET N 289 5.97 -23.58 84.50
CA MET N 289 6.00 -22.69 83.34
C MET N 289 7.30 -22.84 82.56
N ALA N 290 8.39 -23.23 83.24
CA ALA N 290 9.65 -23.46 82.54
C ALA N 290 9.52 -24.60 81.54
N GLY N 291 8.78 -25.64 81.90
CA GLY N 291 8.54 -26.72 80.96
C GLY N 291 7.70 -26.29 79.78
N ILE N 292 6.74 -25.39 80.02
CA ILE N 292 5.91 -24.88 78.93
C ILE N 292 6.74 -24.10 77.93
N TYR N 293 7.75 -23.37 78.43
CA TYR N 293 8.62 -22.59 77.54
C TYR N 293 9.36 -23.52 76.56
N CYS N 294 9.90 -24.62 77.07
CA CYS N 294 10.62 -25.54 76.21
C CYS N 294 9.67 -26.29 75.28
N ALA N 295 8.49 -26.66 75.77
CA ALA N 295 7.51 -27.34 74.93
C ALA N 295 7.05 -26.45 73.80
N THR N 296 6.82 -25.17 74.08
CA THR N 296 6.42 -24.24 73.03
C THR N 296 7.54 -24.01 72.03
N ASP N 297 8.78 -23.85 72.52
CA ASP N 297 9.91 -23.62 71.62
C ASP N 297 10.20 -24.84 70.74
N ALA N 298 9.88 -26.04 71.23
CA ALA N 298 10.05 -27.23 70.40
C ALA N 298 8.98 -27.30 69.31
N SER N 299 7.73 -27.03 69.66
CA SER N 299 6.64 -27.14 68.70
C SER N 299 6.63 -25.96 67.74
N ARG N 300 6.44 -24.75 68.27
CA ARG N 300 6.52 -23.53 67.49
C ARG N 300 7.85 -22.82 67.80
N GLY N 301 8.02 -21.64 67.24
CA GLY N 301 9.23 -20.89 67.47
C GLY N 301 9.25 -20.17 68.81
N VAL N 302 10.37 -19.51 69.07
CA VAL N 302 10.48 -18.67 70.26
C VAL N 302 9.54 -17.48 70.14
N TRP N 303 9.18 -17.11 68.92
CA TRP N 303 8.28 -15.97 68.70
C TRP N 303 6.86 -16.26 69.11
N LYS N 304 6.49 -17.54 69.22
CA LYS N 304 5.14 -17.88 69.65
C LYS N 304 5.02 -17.69 71.16
N ALA N 305 3.96 -17.00 71.59
CA ALA N 305 3.77 -16.73 73.00
C ALA N 305 3.53 -18.03 73.76
N PRO N 306 4.10 -18.17 74.96
CA PRO N 306 3.93 -19.41 75.73
C PRO N 306 2.58 -19.54 76.43
N ALA N 307 1.61 -18.68 76.11
CA ALA N 307 0.30 -18.77 76.73
C ALA N 307 -0.61 -19.68 75.91
N ASN N 308 -1.85 -19.84 76.37
CA ASN N 308 -2.84 -20.71 75.73
C ASN N 308 -2.32 -22.14 75.59
N ILE N 309 -1.64 -22.63 76.63
CA ILE N 309 -1.10 -23.97 76.67
C ILE N 309 -1.68 -24.69 77.89
N VAL N 310 -2.14 -25.92 77.69
CA VAL N 310 -2.80 -26.67 78.74
C VAL N 310 -1.75 -27.24 79.69
N LEU N 311 -1.93 -27.00 80.99
CA LEU N 311 -1.08 -27.62 81.99
C LEU N 311 -1.37 -29.12 82.08
N SER N 312 -0.35 -29.90 82.45
CA SER N 312 -0.45 -31.35 82.47
C SER N 312 -0.04 -31.87 83.83
N GLY N 313 -0.66 -33.00 84.22
CA GLY N 313 -0.31 -33.66 85.47
C GLY N 313 -0.58 -32.82 86.69
N ILE N 314 -1.74 -32.17 86.76
CA ILE N 314 -2.04 -31.25 87.84
C ILE N 314 -3.38 -31.62 88.45
N SER N 315 -3.59 -31.18 89.69
CA SER N 315 -4.83 -31.45 90.42
C SER N 315 -5.77 -30.25 90.39
N ASP N 316 -5.31 -29.10 90.86
CA ASP N 316 -6.13 -27.89 90.91
C ASP N 316 -5.23 -26.69 91.08
N VAL N 317 -5.76 -25.52 90.78
CA VAL N 317 -5.08 -24.25 91.04
C VAL N 317 -5.36 -23.84 92.47
N ALA N 318 -4.44 -23.06 93.06
CA ALA N 318 -4.59 -22.67 94.45
C ALA N 318 -5.83 -21.82 94.67
N GLU N 319 -6.11 -20.90 93.74
CA GLU N 319 -7.26 -20.02 93.86
C GLU N 319 -7.87 -19.79 92.49
N ARG N 320 -9.18 -19.98 92.39
CA ARG N 320 -9.89 -19.74 91.15
C ARG N 320 -9.99 -18.25 90.88
N LEU N 321 -9.97 -17.89 89.59
CA LEU N 321 -10.01 -16.50 89.17
C LEU N 321 -11.16 -16.27 88.19
N THR N 322 -11.62 -15.03 88.14
CA THR N 322 -12.65 -14.61 87.21
C THR N 322 -12.06 -13.66 86.16
N ASP N 323 -12.86 -13.38 85.13
CA ASP N 323 -12.41 -12.47 84.09
C ASP N 323 -12.15 -11.08 84.64
N ASP N 324 -13.01 -10.60 85.54
CA ASP N 324 -12.84 -9.27 86.11
C ASP N 324 -11.54 -9.18 86.92
N GLU N 325 -11.25 -10.22 87.72
CA GLU N 325 -10.05 -10.20 88.54
C GLU N 325 -8.79 -10.22 87.69
N GLN N 326 -8.76 -11.07 86.65
CA GLN N 326 -7.57 -11.17 85.82
C GLN N 326 -7.30 -9.86 85.09
N GLY N 327 -8.37 -9.18 84.65
CA GLY N 327 -8.18 -7.90 83.97
C GLY N 327 -7.47 -6.88 84.83
N GLU N 328 -7.74 -6.91 86.14
CA GLU N 328 -7.00 -6.05 87.06
C GLU N 328 -5.53 -6.42 87.10
N MET N 329 -5.24 -7.73 87.12
CA MET N 329 -3.85 -8.17 87.21
C MET N 329 -3.11 -7.97 85.89
N ASN N 330 -3.77 -8.25 84.76
CA ASN N 330 -3.09 -8.16 83.47
C ASN N 330 -2.57 -6.75 83.20
N SER N 331 -3.24 -5.73 83.75
CA SER N 331 -2.72 -4.38 83.63
C SER N 331 -1.41 -4.20 84.41
N LYS N 332 -1.28 -4.88 85.55
CA LYS N 332 -0.10 -4.76 86.38
C LYS N 332 1.05 -5.64 85.91
N GLY N 333 0.81 -6.57 85.00
CA GLY N 333 1.83 -7.45 84.50
C GLY N 333 1.91 -8.82 85.14
N ILE N 334 0.87 -9.26 85.84
CA ILE N 334 0.85 -10.56 86.51
C ILE N 334 0.10 -11.54 85.61
N ASN N 335 0.82 -12.54 85.12
CA ASN N 335 0.21 -13.55 84.27
C ASN N 335 -0.55 -14.55 85.11
N ALA N 336 -1.76 -14.90 84.68
CA ALA N 336 -2.66 -15.71 85.46
C ALA N 336 -2.81 -17.11 84.86
N ILE N 337 -3.07 -18.08 85.74
CA ILE N 337 -3.39 -19.45 85.35
C ILE N 337 -4.88 -19.61 85.55
N ARG N 338 -5.61 -19.78 84.44
CA ARG N 338 -7.06 -19.85 84.46
C ARG N 338 -7.54 -21.26 84.17
N TYR N 339 -8.78 -21.53 84.53
CA TYR N 339 -9.43 -22.80 84.23
C TYR N 339 -10.66 -22.53 83.35
N PHE N 340 -10.73 -23.24 82.23
CA PHE N 340 -11.86 -23.14 81.31
C PHE N 340 -12.44 -24.54 81.12
N SER N 341 -13.78 -24.63 81.20
CA SER N 341 -14.43 -25.93 81.15
C SER N 341 -14.16 -26.63 79.82
N HIS N 342 -14.20 -25.90 78.71
CA HIS N 342 -14.00 -26.52 77.40
C HIS N 342 -12.57 -26.98 77.20
N LYS N 343 -11.61 -26.36 77.89
CA LYS N 343 -10.20 -26.62 77.64
C LYS N 343 -9.41 -27.15 78.84
N GLY N 344 -9.82 -26.84 80.06
CA GLY N 344 -9.07 -27.27 81.23
C GLY N 344 -8.24 -26.15 81.82
N PHE N 345 -7.12 -26.49 82.44
CA PHE N 345 -6.22 -25.50 83.02
C PHE N 345 -5.27 -25.01 81.93
N VAL N 346 -5.27 -23.71 81.69
CA VAL N 346 -4.45 -23.10 80.65
C VAL N 346 -3.73 -21.89 81.22
N VAL N 347 -2.68 -21.48 80.52
CA VAL N 347 -1.94 -20.26 80.86
C VAL N 347 -2.55 -19.11 80.08
N TRP N 348 -2.99 -18.09 80.80
CA TRP N 348 -3.69 -16.95 80.21
C TRP N 348 -2.88 -15.70 80.54
N GLY N 349 -1.89 -15.38 79.70
CA GLY N 349 -1.05 -14.22 79.91
C GLY N 349 0.37 -14.43 79.41
N ALA N 350 0.90 -13.43 78.69
CA ALA N 350 2.24 -13.54 78.13
C ALA N 350 3.00 -12.22 78.23
N ARG N 351 2.77 -11.46 79.30
CA ARG N 351 3.37 -10.13 79.45
C ARG N 351 4.47 -10.15 80.48
N THR N 352 5.50 -9.33 80.26
CA THR N 352 6.59 -9.16 81.20
C THR N 352 6.20 -8.10 82.24
N LEU N 353 7.18 -7.64 83.02
CA LEU N 353 6.92 -6.66 84.07
C LEU N 353 7.09 -5.22 83.58
N GLN N 354 7.46 -5.02 82.32
CA GLN N 354 7.59 -3.70 81.73
C GLN N 354 6.44 -3.45 80.77
N ASN N 355 5.87 -2.24 80.83
CA ASN N 355 4.65 -1.92 80.11
C ASN N 355 4.87 -0.79 79.11
N ASP N 356 5.95 -0.85 78.34
CA ASP N 356 6.14 0.04 77.21
C ASP N 356 5.83 -0.71 75.91
N ASP N 357 5.90 0.02 74.80
CA ASP N 357 5.56 -0.59 73.51
C ASP N 357 6.57 -1.65 73.09
N ASN N 358 7.85 -1.46 73.41
CA ASN N 358 8.87 -2.38 72.95
C ASN N 358 8.84 -3.70 73.69
N TRP N 359 9.16 -3.68 74.98
CA TRP N 359 9.25 -4.90 75.79
C TRP N 359 8.01 -5.04 76.67
N ARG N 360 6.91 -5.46 76.05
CA ARG N 360 5.69 -5.72 76.78
C ARG N 360 5.29 -7.19 76.78
N TYR N 361 5.57 -7.92 75.72
CA TYR N 361 5.19 -9.33 75.60
C TYR N 361 6.43 -10.21 75.70
N ILE N 362 6.26 -11.36 76.35
CA ILE N 362 7.39 -12.28 76.55
C ILE N 362 8.01 -12.73 75.23
N PRO N 363 7.25 -13.17 74.22
CA PRO N 363 7.91 -13.65 72.99
C PRO N 363 8.79 -12.61 72.32
N VAL N 364 8.39 -11.34 72.35
CA VAL N 364 9.21 -10.29 71.73
C VAL N 364 10.55 -10.17 72.43
N ARG N 365 10.53 -10.18 73.77
CA ARG N 365 11.77 -10.03 74.52
C ARG N 365 12.67 -11.25 74.38
N ARG N 366 12.10 -12.45 74.40
CA ARG N 366 12.91 -13.65 74.34
C ARG N 366 13.46 -13.89 72.94
N LEU N 367 12.71 -13.48 71.91
CA LEU N 367 13.22 -13.61 70.55
C LEU N 367 14.44 -12.75 70.33
N PHE N 368 14.41 -11.52 70.86
CA PHE N 368 15.57 -10.65 70.73
C PHE N 368 16.77 -11.20 71.51
N ASN N 369 16.50 -11.87 72.63
CA ASN N 369 17.58 -12.53 73.37
C ASN N 369 18.23 -13.63 72.54
N ALA N 370 17.41 -14.42 71.84
CA ALA N 370 17.94 -15.49 71.02
C ALA N 370 18.76 -14.95 69.85
N ALA N 371 18.22 -13.97 69.14
CA ALA N 371 18.94 -13.40 67.99
C ALA N 371 20.23 -12.73 68.44
N GLU N 372 20.17 -12.01 69.56
CA GLU N 372 21.37 -11.33 70.06
C GLU N 372 22.45 -12.34 70.44
N ARG N 373 22.07 -13.42 71.12
CA ARG N 373 23.06 -14.40 71.55
C ARG N 373 23.60 -15.19 70.37
N ASP N 374 22.73 -15.53 69.41
CA ASP N 374 23.19 -16.30 68.26
C ASP N 374 24.16 -15.51 67.40
N ILE N 375 23.86 -14.24 67.12
CA ILE N 375 24.74 -13.42 66.30
C ILE N 375 26.04 -13.15 67.04
N LYS N 376 25.95 -12.80 68.33
CA LYS N 376 27.15 -12.53 69.11
C LYS N 376 28.09 -13.73 69.13
N GLN N 377 27.53 -14.94 69.16
CA GLN N 377 28.35 -16.14 69.10
C GLN N 377 29.08 -16.25 67.77
N ALA N 378 28.39 -15.92 66.67
CA ALA N 378 28.98 -16.09 65.34
C ALA N 378 30.08 -15.07 65.08
N MET N 379 29.92 -13.84 65.58
CA MET N 379 30.90 -12.80 65.31
C MET N 379 32.19 -12.96 66.09
N GLN N 380 32.26 -13.93 67.01
CA GLN N 380 33.49 -14.14 67.77
C GLN N 380 34.65 -14.58 66.88
N SER N 381 34.37 -15.08 65.68
CA SER N 381 35.41 -15.47 64.75
C SER N 381 35.83 -14.34 63.82
N VAL N 382 35.28 -13.14 64.02
CA VAL N 382 35.62 -11.97 63.22
C VAL N 382 36.33 -10.90 64.04
N VAL N 383 36.73 -11.23 65.27
CA VAL N 383 37.12 -10.20 66.23
C VAL N 383 38.46 -9.56 65.88
N PHE N 384 39.18 -10.11 64.90
CA PHE N 384 40.44 -9.51 64.47
C PHE N 384 40.61 -9.56 62.95
N GLU N 385 39.52 -9.75 62.21
CA GLU N 385 39.59 -9.75 60.77
C GLU N 385 39.87 -8.34 60.26
N PRO N 386 40.44 -8.19 59.06
CA PRO N 386 40.66 -6.85 58.51
C PRO N 386 39.35 -6.07 58.39
N ASN N 387 39.43 -4.78 58.68
CA ASN N 387 38.25 -3.90 58.68
C ASN N 387 38.17 -3.20 57.33
N SER N 388 37.75 -3.95 56.31
CA SER N 388 37.69 -3.43 54.95
C SER N 388 36.40 -3.91 54.30
N GLN N 389 36.23 -3.57 53.02
CA GLN N 389 35.01 -3.91 52.30
C GLN N 389 34.75 -5.41 52.22
N PRO N 390 35.72 -6.27 51.87
CA PRO N 390 35.40 -7.70 51.78
C PRO N 390 34.89 -8.30 53.07
N THR N 391 35.38 -7.83 54.23
CA THR N 391 34.88 -8.32 55.50
C THR N 391 33.42 -7.93 55.71
N TRP N 392 33.07 -6.69 55.37
CA TRP N 392 31.70 -6.23 55.59
C TRP N 392 30.71 -7.00 54.73
N GLU N 393 31.09 -7.34 53.50
CA GLU N 393 30.19 -8.07 52.62
C GLU N 393 29.87 -9.45 53.19
N ARG N 394 30.88 -10.15 53.70
CA ARG N 394 30.64 -11.46 54.30
C ARG N 394 29.82 -11.34 55.58
N VAL N 395 30.11 -10.34 56.40
CA VAL N 395 29.38 -10.16 57.65
C VAL N 395 27.91 -9.83 57.37
N LYS N 396 27.68 -8.93 56.41
CA LYS N 396 26.30 -8.56 56.06
C LYS N 396 25.54 -9.75 55.50
N SER N 397 26.18 -10.53 54.63
CA SER N 397 25.50 -11.67 54.02
C SER N 397 25.14 -12.73 55.06
N ALA N 398 26.01 -12.94 56.05
CA ALA N 398 25.74 -13.94 57.08
C ALA N 398 24.50 -13.58 57.88
N ILE N 399 24.44 -12.35 58.38
CA ILE N 399 23.29 -11.92 59.17
C ILE N 399 22.04 -11.85 58.31
N ASP N 400 22.19 -11.43 57.05
CA ASP N 400 21.05 -11.32 56.16
C ASP N 400 20.40 -12.68 55.93
N ASN N 401 21.22 -13.73 55.73
CA ASN N 401 20.67 -15.07 55.57
C ASN N 401 19.98 -15.54 56.85
N TYR N 402 20.59 -15.26 58.00
CA TYR N 402 20.00 -15.67 59.28
C TYR N 402 18.65 -14.99 59.49
N LEU N 403 18.58 -13.68 59.25
CA LEU N 403 17.32 -12.97 59.41
C LEU N 403 16.29 -13.42 58.38
N TYR N 404 16.73 -13.65 57.14
CA TYR N 404 15.82 -14.09 56.10
C TYR N 404 15.19 -15.45 56.45
N SER N 405 15.99 -16.34 57.05
CA SER N 405 15.44 -17.62 57.51
C SER N 405 14.40 -17.40 58.60
N LEU N 406 14.65 -16.47 59.52
CA LEU N 406 13.69 -16.18 60.57
C LEU N 406 12.39 -15.64 60.00
N TRP N 407 12.49 -14.78 58.98
CA TRP N 407 11.28 -14.19 58.42
C TRP N 407 10.40 -15.23 57.74
N GLN N 408 11.00 -16.18 57.02
CA GLN N 408 10.21 -17.22 56.36
C GLN N 408 9.53 -18.15 57.36
N GLN N 409 10.05 -18.26 58.57
CA GLN N 409 9.44 -19.10 59.60
C GLN N 409 8.28 -18.39 60.31
N GLY N 410 8.01 -17.13 59.97
CA GLY N 410 6.95 -16.39 60.60
C GLY N 410 7.34 -15.59 61.82
N ALA N 411 8.63 -15.46 62.10
CA ALA N 411 9.09 -14.75 63.28
C ALA N 411 9.07 -13.24 63.13
N LEU N 412 8.98 -12.72 61.92
CA LEU N 412 9.03 -11.29 61.66
C LEU N 412 7.85 -10.89 60.80
N ALA N 413 7.32 -9.69 61.05
CA ALA N 413 6.13 -9.20 60.36
C ALA N 413 6.54 -8.35 59.16
N GLY N 414 5.95 -8.65 58.01
CA GLY N 414 6.22 -7.88 56.80
C GLY N 414 5.95 -8.67 55.53
N ASN N 415 5.48 -7.98 54.49
CA ASN N 415 5.23 -8.63 53.22
C ASN N 415 6.49 -8.83 52.40
N LYS N 416 7.55 -8.08 52.68
CA LYS N 416 8.81 -8.17 51.96
C LYS N 416 9.95 -8.03 52.96
N PRO N 417 11.13 -8.55 52.65
CA PRO N 417 12.25 -8.47 53.59
C PRO N 417 12.61 -7.04 54.00
N GLN N 418 12.40 -6.06 53.12
CA GLN N 418 12.73 -4.69 53.46
C GLN N 418 11.89 -4.16 54.61
N GLU N 419 10.69 -4.70 54.82
CA GLU N 419 9.84 -4.27 55.92
C GLU N 419 10.02 -5.12 57.18
N ALA N 420 10.65 -6.28 57.08
CA ALA N 420 10.83 -7.18 58.20
C ALA N 420 12.16 -6.99 58.93
N TYR N 421 13.24 -6.73 58.18
CA TYR N 421 14.55 -6.62 58.79
C TYR N 421 15.45 -5.77 57.89
N PHE N 422 16.55 -5.31 58.46
CA PHE N 422 17.55 -4.56 57.71
C PHE N 422 18.88 -4.64 58.45
N VAL N 423 19.97 -4.72 57.68
CA VAL N 423 21.32 -4.73 58.22
C VAL N 423 22.12 -3.65 57.52
N GLN N 424 22.87 -2.87 58.29
CA GLN N 424 23.66 -1.77 57.74
C GLN N 424 25.08 -1.84 58.29
N ILE N 425 26.06 -1.87 57.39
CA ILE N 425 27.46 -1.80 57.76
C ILE N 425 28.23 -1.26 56.56
N GLY N 426 29.09 -0.27 56.80
CA GLY N 426 29.84 0.33 55.71
C GLY N 426 30.66 1.49 56.20
N LYS N 427 31.55 1.95 55.32
CA LYS N 427 32.53 2.97 55.70
C LYS N 427 31.85 4.29 56.06
N ASP N 428 30.84 4.69 55.30
CA ASP N 428 30.20 5.98 55.50
C ASP N 428 28.77 5.88 56.01
N VAL N 429 28.21 4.67 56.14
CA VAL N 429 26.83 4.53 56.56
C VAL N 429 26.77 4.17 58.05
N THR N 430 27.79 3.49 58.54
CA THR N 430 27.75 3.07 59.94
C THR N 430 28.96 3.50 60.76
N MET N 431 30.15 3.48 60.17
CA MET N 431 31.35 3.95 60.83
C MET N 431 31.86 5.22 60.17
N SER N 432 33.05 5.65 60.57
CA SER N 432 33.75 6.76 59.94
C SER N 432 35.24 6.44 59.94
N ASP N 433 36.03 7.40 59.44
CA ASP N 433 37.47 7.18 59.38
C ASP N 433 38.07 7.03 60.77
N ASP N 434 37.59 7.82 61.75
CA ASP N 434 38.16 7.77 63.08
C ASP N 434 37.88 6.43 63.76
N ASP N 435 36.67 5.89 63.59
CA ASP N 435 36.34 4.60 64.21
C ASP N 435 37.21 3.48 63.64
N ILE N 436 37.44 3.49 62.32
CA ILE N 436 38.29 2.48 61.73
C ILE N 436 39.72 2.62 62.23
N LYS N 437 40.20 3.86 62.39
CA LYS N 437 41.54 4.08 62.91
C LYS N 437 41.65 3.62 64.36
N GLN N 438 40.54 3.64 65.10
CA GLN N 438 40.54 3.21 66.50
C GLN N 438 40.15 1.75 66.67
N GLY N 439 39.86 1.04 65.58
CA GLY N 439 39.58 -0.38 65.65
C GLY N 439 38.15 -0.75 65.86
N LYS N 440 37.21 0.18 65.73
CA LYS N 440 35.80 -0.11 65.92
C LYS N 440 35.15 -0.57 64.62
N MET N 441 34.25 -1.54 64.72
CA MET N 441 33.45 -2.01 63.60
C MET N 441 32.00 -2.10 64.07
N ILE N 442 31.14 -1.27 63.48
CA ILE N 442 29.77 -1.09 63.95
C ILE N 442 28.81 -1.72 62.95
N VAL N 443 27.89 -2.52 63.45
CA VAL N 443 26.86 -3.16 62.65
C VAL N 443 25.50 -2.76 63.20
N LYS N 444 24.59 -2.37 62.31
CA LYS N 444 23.24 -1.99 62.68
C LYS N 444 22.28 -3.09 62.23
N VAL N 445 21.49 -3.60 63.18
CA VAL N 445 20.54 -4.68 62.91
C VAL N 445 19.17 -4.22 63.40
N GLY N 446 18.16 -4.35 62.54
CA GLY N 446 16.80 -4.02 62.91
C GLY N 446 15.83 -5.13 62.61
N MET N 447 14.99 -5.48 63.57
CA MET N 447 14.03 -6.57 63.42
C MET N 447 12.66 -6.09 63.86
N ALA N 448 11.63 -6.50 63.13
CA ALA N 448 10.24 -6.21 63.46
C ALA N 448 9.61 -7.52 63.96
N ALA N 449 9.70 -7.74 65.27
CA ALA N 449 9.17 -8.96 65.84
C ALA N 449 7.64 -8.98 65.79
N VAL N 450 7.09 -10.18 65.89
CA VAL N 450 5.65 -10.40 65.80
C VAL N 450 5.09 -10.47 67.22
N ARG N 451 4.07 -9.66 67.50
CA ARG N 451 3.45 -9.63 68.81
C ARG N 451 2.23 -10.55 68.85
N PRO N 452 1.91 -11.10 70.01
CA PRO N 452 0.74 -11.97 70.12
C PRO N 452 -0.55 -11.15 70.07
N ALA N 453 -1.65 -11.85 69.78
CA ALA N 453 -2.96 -11.21 69.67
C ALA N 453 -3.69 -11.36 71.01
N GLU N 454 -3.23 -10.61 72.00
CA GLU N 454 -3.75 -10.76 73.36
C GLU N 454 -5.26 -10.58 73.41
N PHE N 455 -5.81 -9.73 72.55
CA PHE N 455 -7.24 -9.46 72.51
C PHE N 455 -7.78 -9.70 71.11
N ILE N 456 -8.88 -10.44 71.01
CA ILE N 456 -9.60 -10.64 69.77
C ILE N 456 -10.91 -9.88 69.87
N ILE N 457 -11.16 -9.00 68.91
CA ILE N 457 -12.34 -8.14 68.92
C ILE N 457 -13.16 -8.45 67.67
N LEU N 458 -14.39 -8.88 67.87
CA LEU N 458 -15.30 -9.20 66.78
C LEU N 458 -16.35 -8.11 66.67
N GLN N 459 -16.46 -7.50 65.49
CA GLN N 459 -17.42 -6.44 65.23
C GLN N 459 -18.46 -6.98 64.24
N PHE N 460 -19.69 -7.15 64.72
CA PHE N 460 -20.77 -7.66 63.89
C PHE N 460 -21.68 -6.52 63.46
N SER N 461 -22.00 -6.49 62.17
CA SER N 461 -22.88 -5.48 61.60
C SER N 461 -23.88 -6.16 60.69
N GLN N 462 -25.00 -5.48 60.45
CA GLN N 462 -26.07 -6.03 59.64
C GLN N 462 -25.99 -5.65 58.18
N GLN N 463 -24.83 -5.16 57.72
CA GLN N 463 -24.62 -4.87 56.31
C GLN N 463 -24.76 -6.14 55.48
N THR O 3 70.98 -4.41 -19.48
CA THR O 3 72.14 -4.42 -20.37
C THR O 3 72.01 -3.35 -21.44
N ILE O 4 73.07 -3.19 -22.24
CA ILE O 4 73.11 -2.21 -23.32
C ILE O 4 73.27 -2.98 -24.63
N PRO O 5 72.22 -3.09 -25.45
CA PRO O 5 72.35 -3.80 -26.72
C PRO O 5 73.36 -3.15 -27.63
N THR O 6 74.10 -3.97 -28.37
CA THR O 6 75.09 -3.50 -29.32
C THR O 6 74.87 -4.03 -30.72
N TYR O 7 74.42 -5.27 -30.85
CA TYR O 7 74.12 -5.89 -32.13
C TYR O 7 72.69 -6.42 -32.14
N PRO O 8 72.04 -6.43 -33.29
CA PRO O 8 70.68 -6.99 -33.35
C PRO O 8 70.68 -8.47 -32.99
N GLY O 9 69.65 -8.89 -32.28
CA GLY O 9 69.55 -10.26 -31.82
C GLY O 9 68.70 -10.33 -30.57
N VAL O 10 68.89 -11.42 -29.83
CA VAL O 10 68.15 -11.70 -28.61
C VAL O 10 69.12 -11.71 -27.44
N TYR O 11 68.80 -10.96 -26.39
CA TYR O 11 69.61 -10.87 -25.19
C TYR O 11 68.86 -11.50 -24.01
N ILE O 12 69.62 -12.12 -23.12
CA ILE O 12 69.08 -12.79 -21.95
C ILE O 12 69.57 -12.08 -20.70
N GLU O 13 68.65 -11.69 -19.83
CA GLU O 13 68.95 -11.08 -18.55
C GLU O 13 68.39 -11.94 -17.43
N GLU O 14 69.21 -12.20 -16.42
CA GLU O 14 68.78 -12.96 -15.25
C GLU O 14 68.67 -12.03 -14.05
N ASP O 15 67.57 -12.16 -13.31
CA ASP O 15 67.30 -11.30 -12.16
C ASP O 15 68.34 -11.60 -11.08
N ALA O 16 69.27 -10.68 -10.89
CA ALA O 16 70.32 -10.83 -9.90
C ALA O 16 69.99 -10.14 -8.58
N SER O 17 68.77 -9.61 -8.44
CA SER O 17 68.37 -8.97 -7.19
C SER O 17 68.37 -10.00 -6.06
N LEU O 18 68.77 -9.55 -4.87
CA LEU O 18 68.91 -10.45 -3.74
C LEU O 18 67.55 -10.94 -3.26
N ASN O 19 67.53 -12.17 -2.76
CA ASN O 19 66.43 -12.69 -1.96
C ASN O 19 66.98 -13.17 -0.64
N LEU O 20 66.18 -13.06 0.41
CA LEU O 20 66.63 -13.32 1.77
C LEU O 20 65.77 -14.40 2.41
N SER O 21 66.41 -15.27 3.17
CA SER O 21 65.71 -16.29 3.94
C SER O 21 66.59 -16.67 5.13
N VAL O 22 66.03 -16.56 6.33
CA VAL O 22 66.73 -16.90 7.55
C VAL O 22 66.33 -18.31 7.95
N ASN O 23 67.31 -19.19 8.07
CA ASN O 23 67.07 -20.59 8.37
C ASN O 23 67.74 -20.97 9.68
N GLN O 24 67.03 -21.74 10.49
CA GLN O 24 67.56 -22.15 11.78
C GLN O 24 68.74 -23.10 11.61
N GLY O 25 69.77 -22.92 12.43
CA GLY O 25 70.91 -23.79 12.47
C GLY O 25 70.98 -24.57 13.78
N ASN O 26 72.04 -25.35 13.90
CA ASN O 26 72.26 -26.10 15.13
C ASN O 26 72.56 -25.15 16.29
N THR O 27 72.06 -25.53 17.47
CA THR O 27 72.17 -24.67 18.65
C THR O 27 72.79 -25.40 19.83
N ALA O 28 73.43 -26.56 19.60
CA ALA O 28 73.90 -27.37 20.71
C ALA O 28 75.25 -28.04 20.49
N ILE O 29 76.09 -27.56 19.59
CA ILE O 29 77.40 -28.15 19.40
C ILE O 29 78.34 -27.67 20.49
N PRO O 30 78.86 -28.56 21.35
CA PRO O 30 79.77 -28.12 22.41
C PRO O 30 81.23 -28.23 21.99
N VAL O 31 82.12 -27.65 22.79
CA VAL O 31 83.55 -27.83 22.65
C VAL O 31 84.11 -28.23 24.01
N PHE O 32 84.95 -29.26 24.03
CA PHE O 32 85.50 -29.80 25.26
C PHE O 32 86.97 -29.42 25.37
N ILE O 33 87.34 -28.76 26.45
CA ILE O 33 88.71 -28.33 26.70
C ILE O 33 89.23 -29.12 27.89
N GLY O 34 90.30 -29.87 27.68
CA GLY O 34 90.85 -30.69 28.75
C GLY O 34 92.04 -31.48 28.26
N LEU O 35 92.46 -32.41 29.10
CA LEU O 35 93.63 -33.24 28.79
C LEU O 35 93.19 -34.46 27.99
N PHE O 36 93.48 -34.45 26.70
CA PHE O 36 93.16 -35.55 25.81
C PHE O 36 94.43 -36.05 25.14
N SER O 37 94.38 -37.30 24.66
CA SER O 37 95.52 -37.95 24.01
C SER O 37 95.10 -38.35 22.60
N PRO O 38 95.28 -37.48 21.61
CA PRO O 38 94.94 -37.85 20.23
C PRO O 38 95.86 -38.92 19.69
N LYS O 39 95.30 -39.75 18.79
CA LYS O 39 96.09 -40.80 18.18
C LYS O 39 97.11 -40.24 17.19
N ASN O 40 96.79 -39.13 16.53
CA ASN O 40 97.66 -38.51 15.55
C ASN O 40 97.97 -37.09 16.01
N THR O 41 99.23 -36.69 15.88
CA THR O 41 99.65 -35.35 16.28
C THR O 41 99.48 -34.36 15.15
N GLN O 46 95.04 -27.59 17.99
CA GLN O 46 94.00 -27.70 16.96
C GLN O 46 92.74 -28.32 17.53
N VAL O 47 91.59 -27.90 17.01
CA VAL O 47 90.30 -28.42 17.45
C VAL O 47 89.84 -29.48 16.45
N THR O 48 89.37 -30.61 16.97
CA THR O 48 88.98 -31.76 16.17
C THR O 48 87.50 -32.06 16.36
N ARG O 49 86.83 -32.38 15.26
CA ARG O 49 85.41 -32.69 15.30
C ARG O 49 85.20 -34.19 15.47
N VAL O 50 84.34 -34.55 16.41
CA VAL O 50 84.02 -35.94 16.72
C VAL O 50 82.52 -36.13 16.57
N ASN O 51 82.12 -37.16 15.83
CA ASN O 51 80.71 -37.35 15.49
C ASN O 51 79.97 -38.28 16.43
N SER O 52 80.66 -39.20 17.09
CA SER O 52 80.01 -40.12 18.02
C SER O 52 81.09 -40.73 18.92
N TRP O 53 80.66 -41.58 19.84
CA TRP O 53 81.61 -42.25 20.73
C TRP O 53 82.56 -43.15 19.95
N LEU O 54 82.04 -43.86 18.95
CA LEU O 54 82.90 -44.69 18.12
C LEU O 54 83.93 -43.85 17.37
N ASP O 55 83.50 -42.69 16.87
CA ASP O 55 84.44 -41.79 16.20
C ASP O 55 85.53 -41.30 17.16
N PHE O 56 85.15 -41.00 18.40
CA PHE O 56 86.14 -40.56 19.39
C PHE O 56 87.16 -41.65 19.67
N THR O 57 86.72 -42.90 19.76
CA THR O 57 87.65 -44.00 20.00
C THR O 57 88.65 -44.15 18.86
N ASN O 58 88.18 -43.98 17.62
CA ASN O 58 89.06 -44.16 16.46
C ASN O 58 90.08 -43.03 16.34
N LEU O 59 89.86 -41.92 17.03
CA LEU O 59 90.76 -40.77 16.92
C LEU O 59 91.51 -40.46 18.21
N PHE O 60 91.00 -40.90 19.36
CA PHE O 60 91.63 -40.61 20.63
C PHE O 60 91.79 -41.90 21.44
N ASN O 61 92.74 -41.88 22.36
CA ASN O 61 93.01 -43.02 23.24
C ASN O 61 92.16 -42.86 24.49
N ALA O 62 91.05 -43.58 24.56
CA ALA O 62 90.17 -43.51 25.72
C ALA O 62 90.83 -44.16 26.93
N GLY O 63 90.81 -43.45 28.05
CA GLY O 63 91.41 -43.97 29.26
C GLY O 63 91.30 -42.95 30.37
N CYS O 64 91.63 -43.41 31.58
CA CYS O 64 91.59 -42.57 32.77
C CYS O 64 92.96 -42.03 33.16
N ILE O 65 93.97 -42.20 32.31
CA ILE O 65 95.32 -41.74 32.59
C ILE O 65 95.75 -40.79 31.47
N ALA O 66 96.21 -39.60 31.86
CA ALA O 66 96.70 -38.63 30.90
C ALA O 66 98.01 -39.12 30.29
N PRO O 67 98.35 -38.64 29.08
CA PRO O 67 99.64 -39.00 28.50
C PRO O 67 100.79 -38.54 29.38
N ILE O 68 101.82 -39.38 29.47
CA ILE O 68 102.96 -39.11 30.35
C ILE O 68 104.00 -38.25 29.63
N VAL O 116 102.68 -38.47 36.08
CA VAL O 116 101.41 -38.96 35.56
C VAL O 116 100.26 -38.14 36.13
N ASN O 117 99.15 -38.11 35.41
CA ASN O 117 97.98 -37.32 35.79
C ASN O 117 96.72 -38.16 35.61
N TYR O 118 95.68 -37.79 36.37
CA TYR O 118 94.38 -38.45 36.31
C TYR O 118 93.42 -37.57 35.52
N THR O 119 92.69 -38.20 34.60
CA THR O 119 91.79 -37.48 33.70
C THR O 119 90.42 -38.14 33.70
N THR O 120 89.37 -37.33 33.86
CA THR O 120 88.00 -37.78 33.71
C THR O 120 87.41 -37.41 32.35
N SER O 121 88.23 -36.87 31.45
CA SER O 121 87.71 -36.37 30.17
C SER O 121 87.13 -37.51 29.34
N SER O 122 87.83 -38.64 29.26
CA SER O 122 87.32 -39.76 28.48
C SER O 122 86.03 -40.31 29.07
N ASP O 123 85.97 -40.43 30.40
CA ASP O 123 84.75 -40.88 31.04
C ASP O 123 83.63 -39.87 30.88
N ALA O 124 83.96 -38.57 30.98
CA ALA O 124 82.95 -37.53 30.85
C ALA O 124 82.33 -37.54 29.45
N LEU O 125 83.16 -37.72 28.42
CA LEU O 125 82.64 -37.74 27.05
C LEU O 125 81.73 -38.92 26.82
N LYS O 126 81.99 -40.04 27.50
CA LYS O 126 81.10 -41.20 27.39
C LYS O 126 79.71 -40.87 27.91
N LEU O 127 79.64 -40.15 29.04
CA LEU O 127 78.34 -39.76 29.59
C LEU O 127 77.64 -38.76 28.68
N TYR O 128 78.40 -37.87 28.04
CA TYR O 128 77.79 -36.88 27.15
C TYR O 128 77.09 -37.55 25.98
N PHE O 129 77.74 -38.54 25.36
CA PHE O 129 77.09 -39.27 24.26
C PHE O 129 75.97 -40.16 24.77
N GLN O 130 76.10 -40.67 25.99
CA GLN O 130 75.05 -41.50 26.58
C GLN O 130 73.76 -40.73 26.80
N ASN O 131 73.84 -39.43 27.05
CA ASN O 131 72.67 -38.61 27.35
C ASN O 131 72.14 -37.86 26.13
N GLY O 132 72.28 -38.45 24.95
CA GLY O 132 71.72 -37.86 23.75
C GLY O 132 72.56 -36.80 23.08
N GLY O 133 73.83 -36.66 23.47
CA GLY O 133 74.67 -35.65 22.85
C GLY O 133 74.94 -35.96 21.38
N GLY O 134 75.10 -34.90 20.61
CA GLY O 134 75.38 -35.02 19.20
C GLY O 134 76.84 -34.79 18.87
N PRO O 135 77.12 -34.41 17.63
CA PRO O 135 78.51 -34.11 17.25
C PRO O 135 79.09 -32.98 18.09
N CYS O 136 80.37 -33.10 18.41
CA CYS O 136 81.04 -32.14 19.28
C CYS O 136 82.43 -31.85 18.74
N TYR O 137 83.14 -30.97 19.43
CA TYR O 137 84.51 -30.61 19.09
C TYR O 137 85.40 -30.87 20.30
N ILE O 138 86.61 -31.37 20.03
CA ILE O 138 87.58 -31.69 21.07
C ILE O 138 88.78 -30.78 20.92
N LEU O 139 89.17 -30.13 22.00
CA LEU O 139 90.35 -29.26 22.04
C LEU O 139 91.33 -29.85 23.04
N PRO O 140 92.24 -30.73 22.60
CA PRO O 140 93.13 -31.40 23.54
C PRO O 140 94.22 -30.47 24.04
N GLN O 141 94.55 -30.59 25.32
CA GLN O 141 95.66 -29.86 25.91
C GLN O 141 96.86 -30.79 26.02
N LEU O 142 98.02 -30.31 25.59
CA LEU O 142 99.25 -31.11 25.57
C LEU O 142 100.29 -30.46 26.46
N ASP O 143 100.97 -31.30 27.26
CA ASP O 143 102.05 -30.87 28.13
C ASP O 143 101.55 -29.93 29.22
N ARG O 144 102.44 -29.09 29.75
CA ARG O 144 102.09 -28.21 30.84
C ARG O 144 101.16 -27.08 30.35
N LEU O 145 100.42 -26.51 31.30
CA LEU O 145 99.44 -25.47 31.00
C LEU O 145 100.18 -24.14 30.85
N THR O 146 100.71 -23.92 29.65
CA THR O 146 101.41 -22.68 29.36
C THR O 146 100.43 -21.54 29.15
N GLN O 147 100.93 -20.32 29.28
CA GLN O 147 100.10 -19.14 29.07
C GLN O 147 99.71 -18.99 27.61
N GLY O 148 100.53 -19.50 26.69
CA GLY O 148 100.18 -19.40 25.28
C GLY O 148 98.92 -20.15 24.92
N PHE O 149 98.71 -21.31 25.55
CA PHE O 149 97.49 -22.08 25.29
C PHE O 149 96.26 -21.31 25.74
N LEU O 150 96.33 -20.63 26.89
CA LEU O 150 95.19 -19.87 27.39
C LEU O 150 94.80 -18.75 26.43
N ASP O 151 95.80 -18.03 25.90
CA ASP O 151 95.51 -16.91 25.01
C ASP O 151 94.89 -17.38 23.70
N SER O 152 95.24 -18.59 23.25
CA SER O 152 94.77 -19.09 21.97
C SER O 152 93.40 -19.76 22.05
N ILE O 153 92.87 -20.00 23.26
CA ILE O 153 91.60 -20.70 23.37
C ILE O 153 90.46 -19.93 22.69
N PRO O 154 90.25 -18.63 22.94
CA PRO O 154 89.20 -17.93 22.19
C PRO O 154 89.47 -17.88 20.70
N GLU O 155 90.74 -17.82 20.29
CA GLU O 155 91.07 -17.79 18.87
C GLU O 155 90.68 -19.10 18.19
N LEU O 156 90.99 -20.23 18.83
CA LEU O 156 90.72 -21.53 18.22
C LEU O 156 89.22 -21.81 18.16
N ILE O 157 88.48 -21.40 19.18
CA ILE O 157 87.05 -21.65 19.22
C ILE O 157 86.34 -20.91 18.10
N LYS O 158 86.71 -19.65 17.88
CA LYS O 158 86.05 -18.85 16.86
C LYS O 158 86.26 -19.41 15.45
N GLN O 159 87.40 -20.05 15.20
CA GLN O 159 87.66 -20.60 13.88
C GLN O 159 86.64 -21.67 13.52
N ALA O 160 86.29 -22.53 14.47
CA ALA O 160 85.20 -23.48 14.27
C ALA O 160 83.90 -22.72 14.36
N LEU O 161 83.21 -22.58 13.23
CA LEU O 161 82.08 -21.65 13.13
C LEU O 161 80.82 -22.17 13.81
N GLU O 162 80.72 -23.48 14.06
CA GLU O 162 79.48 -24.04 14.57
C GLU O 162 79.44 -24.15 16.09
N ILE O 163 80.54 -23.86 16.78
CA ILE O 163 80.60 -24.08 18.22
C ILE O 163 79.64 -23.15 18.93
N THR O 164 78.84 -23.70 19.84
CA THR O 164 77.85 -22.95 20.59
C THR O 164 78.05 -23.03 22.10
N LEU O 165 78.37 -24.20 22.63
CA LEU O 165 78.54 -24.40 24.06
C LEU O 165 80.00 -24.69 24.38
N ILE O 166 80.42 -24.27 25.57
CA ILE O 166 81.79 -24.48 26.04
C ILE O 166 81.74 -25.28 27.33
N VAL O 167 82.50 -26.37 27.38
CA VAL O 167 82.50 -27.29 28.52
C VAL O 167 83.94 -27.67 28.84
N CYS O 168 84.27 -27.70 30.13
CA CYS O 168 85.56 -28.18 30.61
C CYS O 168 85.35 -29.45 31.42
N PRO O 169 85.56 -30.63 30.83
CA PRO O 169 85.22 -31.88 31.54
C PRO O 169 86.26 -32.35 32.53
N GLU O 170 87.20 -31.47 32.89
CA GLU O 170 88.21 -31.84 33.87
C GLU O 170 87.62 -31.84 35.28
N TRP O 171 88.30 -32.56 36.17
CA TRP O 171 87.84 -32.72 37.55
C TRP O 171 88.53 -31.76 38.51
N ASP O 172 89.77 -31.39 38.27
CA ASP O 172 90.50 -30.51 39.18
C ASP O 172 89.88 -29.13 39.17
N SER O 173 89.61 -28.59 40.37
CA SER O 173 89.02 -27.26 40.48
C SER O 173 89.98 -26.19 39.99
N GLY O 174 91.27 -26.32 40.31
CA GLY O 174 92.23 -25.34 39.85
C GLY O 174 92.35 -25.30 38.33
N TYR O 175 92.32 -26.47 37.70
CA TYR O 175 92.38 -26.52 36.24
C TYR O 175 91.14 -25.88 35.63
N GLN O 176 89.96 -26.15 36.19
CA GLN O 176 88.73 -25.56 35.68
C GLN O 176 88.74 -24.05 35.81
N SER O 177 89.25 -23.53 36.94
CA SER O 177 89.27 -22.09 37.15
C SER O 177 90.13 -21.39 36.11
N LYS O 178 91.29 -21.98 35.78
CA LYS O 178 92.16 -21.38 34.77
C LYS O 178 91.48 -21.36 33.40
N ILE O 179 90.78 -22.43 33.05
CA ILE O 179 90.12 -22.50 31.75
C ILE O 179 88.98 -21.49 31.68
N TYR O 180 88.18 -21.39 32.74
CA TYR O 180 87.04 -20.48 32.73
C TYR O 180 87.49 -19.03 32.60
N ASN O 181 88.54 -18.63 33.33
CA ASN O 181 89.01 -17.26 33.25
C ASN O 181 89.64 -16.95 31.90
N SER O 182 90.16 -17.96 31.21
CA SER O 182 90.78 -17.75 29.91
C SER O 182 89.77 -17.32 28.85
N LEU O 183 88.49 -17.58 29.07
CA LEU O 183 87.44 -17.19 28.14
C LEU O 183 87.23 -15.69 28.24
N THR O 184 87.58 -14.96 27.18
CA THR O 184 87.41 -13.52 27.19
C THR O 184 85.93 -13.16 27.18
N SER O 185 85.62 -11.99 27.74
CA SER O 185 84.24 -11.51 27.72
C SER O 185 83.76 -11.25 26.30
N SER O 186 84.67 -10.87 25.40
CA SER O 186 84.30 -10.68 24.00
C SER O 186 83.92 -11.99 23.32
N LEU O 187 84.36 -13.13 23.85
CA LEU O 187 83.99 -14.42 23.28
C LEU O 187 82.57 -14.81 23.67
N LEU O 188 82.27 -14.79 24.97
CA LEU O 188 80.95 -15.18 25.43
C LEU O 188 79.87 -14.21 24.97
N ASN O 189 80.19 -12.92 24.89
CA ASN O 189 79.23 -11.92 24.45
C ASN O 189 78.88 -12.04 22.98
N ALA O 190 79.61 -12.85 22.21
CA ALA O 190 79.33 -13.05 20.80
C ALA O 190 78.30 -14.14 20.55
N GLY O 191 77.76 -14.75 21.60
CA GLY O 191 76.75 -15.78 21.44
C GLY O 191 77.21 -17.16 21.84
N TYR O 192 78.08 -17.24 22.84
CA TYR O 192 78.63 -18.50 23.33
C TYR O 192 78.20 -18.70 24.77
N PHE O 193 77.71 -19.89 25.08
CA PHE O 193 77.23 -20.23 26.42
C PHE O 193 78.22 -21.15 27.11
N LEU O 194 78.49 -20.87 28.38
CA LEU O 194 79.44 -21.62 29.19
C LEU O 194 78.70 -22.46 30.21
N ILE O 195 79.09 -23.73 30.32
CA ILE O 195 78.53 -24.65 31.31
C ILE O 195 79.66 -25.02 32.28
N ALA O 196 79.44 -24.72 33.56
CA ALA O 196 80.47 -24.92 34.57
C ALA O 196 79.91 -25.73 35.73
N ASP O 197 80.82 -26.27 36.53
CA ASP O 197 80.47 -27.07 37.70
C ASP O 197 80.83 -26.30 38.97
N ASN O 198 79.88 -26.15 39.88
CA ASN O 198 80.16 -25.53 41.15
C ASN O 198 81.03 -26.43 42.01
N GLN O 199 81.96 -25.82 42.74
CA GLN O 199 82.82 -26.56 43.65
C GLN O 199 82.26 -26.62 45.06
N ASP O 200 81.18 -25.89 45.36
CA ASP O 200 80.65 -25.83 46.71
C ASP O 200 79.18 -25.44 46.63
N LYS O 201 78.41 -25.96 47.59
CA LYS O 201 76.97 -25.68 47.62
C LYS O 201 76.68 -24.27 48.12
N ASN O 202 77.59 -23.68 48.89
CA ASN O 202 77.31 -22.44 49.60
C ASN O 202 77.49 -21.20 48.73
N THR O 203 78.58 -21.11 47.97
CA THR O 203 78.88 -19.93 47.18
C THR O 203 78.87 -20.25 45.70
N ALA O 204 78.49 -19.26 44.89
CA ALA O 204 78.40 -19.42 43.45
C ALA O 204 79.73 -19.08 42.79
N LEU O 205 79.84 -19.44 41.52
CA LEU O 205 81.05 -19.20 40.75
C LEU O 205 81.19 -17.71 40.43
N ILE O 206 82.44 -17.29 40.23
CA ILE O 206 82.75 -15.94 39.76
C ILE O 206 83.12 -16.04 38.30
N THR O 207 82.37 -15.35 37.44
CA THR O 207 82.50 -15.47 36.00
C THR O 207 82.57 -14.09 35.37
N GLU O 208 83.35 -13.96 34.30
CA GLU O 208 83.50 -12.67 33.62
C GLU O 208 82.16 -12.21 33.05
N VAL O 209 81.38 -13.11 32.47
CA VAL O 209 80.07 -12.80 31.92
C VAL O 209 79.05 -13.66 32.66
N ALA O 210 78.35 -13.08 33.62
CA ALA O 210 77.40 -13.86 34.41
C ALA O 210 76.17 -14.22 33.61
N SER O 211 75.81 -13.40 32.62
CA SER O 211 74.60 -13.64 31.85
C SER O 211 74.71 -14.87 30.94
N GLN O 212 75.93 -15.28 30.59
CA GLN O 212 76.15 -16.37 29.66
C GLN O 212 76.75 -17.60 30.34
N THR O 213 76.31 -17.91 31.56
CA THR O 213 76.90 -18.99 32.33
C THR O 213 75.82 -19.71 33.14
N ALA O 214 75.90 -21.03 33.13
CA ALA O 214 75.05 -21.87 33.98
C ALA O 214 75.94 -22.74 34.85
N THR O 215 75.58 -22.86 36.12
CA THR O 215 76.39 -23.57 37.11
C THR O 215 75.57 -24.70 37.71
N TYR O 216 76.20 -25.86 37.86
CA TYR O 216 75.51 -27.05 38.32
C TYR O 216 76.26 -27.68 39.49
N TYR O 217 75.50 -28.37 40.34
CA TYR O 217 76.02 -29.01 41.54
C TYR O 217 75.02 -30.07 41.98
N PRO O 218 75.46 -31.23 42.48
CA PRO O 218 76.85 -31.67 42.67
C PRO O 218 77.35 -32.54 41.52
N ALA O 219 78.56 -33.07 41.63
CA ALA O 219 79.07 -33.98 40.61
C ALA O 219 78.33 -35.32 40.66
N VAL O 220 78.55 -36.13 39.64
CA VAL O 220 77.86 -37.40 39.51
C VAL O 220 78.86 -38.53 39.72
N LYS O 221 78.34 -39.70 40.07
CA LYS O 221 79.15 -40.89 40.28
C LYS O 221 78.81 -41.96 39.25
N VAL O 222 79.84 -42.69 38.84
CA VAL O 222 79.70 -43.83 37.96
C VAL O 222 80.40 -45.02 38.62
N SER O 223 80.06 -46.23 38.15
CA SER O 223 80.61 -47.41 38.79
C SER O 223 82.00 -47.74 38.26
N GLN O 224 82.14 -47.90 36.95
CA GLN O 224 83.41 -48.32 36.37
C GLN O 224 83.91 -47.25 35.43
N LEU O 225 85.20 -46.93 35.55
CA LEU O 225 85.86 -46.05 34.62
C LEU O 225 86.32 -46.84 33.39
N ILE O 226 86.95 -46.16 32.45
CA ILE O 226 87.48 -46.80 31.25
C ILE O 226 88.94 -47.15 31.52
N GLN O 227 89.24 -48.45 31.53
CA GLN O 227 90.60 -48.92 31.68
C GLN O 227 91.17 -49.29 30.31
N ALA O 228 92.42 -48.93 30.07
CA ALA O 228 93.05 -49.11 28.77
C ALA O 228 94.30 -49.97 28.92
N GLU O 229 94.58 -50.76 27.89
CA GLU O 229 95.79 -51.55 27.86
C GLU O 229 97.02 -50.65 27.70
N ASP O 230 98.19 -51.22 27.99
CA ASP O 230 99.43 -50.45 27.94
C ASP O 230 99.69 -49.86 26.56
N SER O 231 99.17 -50.50 25.51
CA SER O 231 99.37 -49.98 24.16
C SER O 231 98.59 -48.70 23.92
N GLN O 232 97.65 -48.36 24.81
CA GLN O 232 96.84 -47.15 24.63
C GLN O 232 97.41 -45.94 25.34
N ILE O 233 98.17 -46.13 26.42
CA ILE O 233 98.72 -45.02 27.19
C ILE O 233 99.93 -44.47 26.45
N ALA O 234 99.90 -43.18 26.14
CA ALA O 234 101.01 -42.53 25.46
C ALA O 234 102.09 -42.12 26.45
N VAL O 235 103.32 -42.06 25.97
CA VAL O 235 104.45 -41.68 26.82
C VAL O 235 105.10 -40.40 26.29
N LEU O 251 103.03 -47.46 26.33
CA LEU O 251 103.61 -48.11 27.50
C LEU O 251 104.16 -49.49 27.14
N ALA O 252 103.60 -50.09 26.08
CA ALA O 252 104.10 -51.38 25.61
C ALA O 252 105.55 -51.26 25.14
N GLN O 253 105.88 -50.18 24.45
CA GLN O 253 107.26 -49.93 24.06
C GLN O 253 108.15 -49.73 25.29
N LEU O 254 107.62 -49.04 26.31
CA LEU O 254 108.41 -48.78 27.50
C LEU O 254 108.67 -50.07 28.28
N LYS O 255 107.69 -50.98 28.31
CA LYS O 255 107.86 -52.23 29.03
C LYS O 255 109.01 -53.06 28.45
N GLU O 256 109.06 -53.17 27.12
CA GLU O 256 110.09 -53.98 26.48
C GLU O 256 111.47 -53.31 26.52
N LYS O 257 111.52 -51.99 26.66
CA LYS O 257 112.79 -51.28 26.66
C LYS O 257 113.44 -51.24 28.04
N ASN O 258 112.69 -50.84 29.06
CA ASN O 258 113.23 -50.67 30.41
C ASN O 258 112.13 -50.98 31.41
N PRO O 259 112.04 -52.22 31.89
CA PRO O 259 111.02 -52.54 32.90
C PRO O 259 111.21 -51.80 34.22
N THR O 260 112.42 -51.32 34.51
CA THR O 260 112.66 -50.64 35.78
C THR O 260 111.83 -49.37 35.91
N VAL O 261 111.90 -48.49 34.91
CA VAL O 261 111.09 -47.28 34.94
C VAL O 261 109.61 -47.61 34.74
N TYR O 262 109.31 -48.70 34.04
CA TYR O 262 107.92 -49.12 33.89
C TYR O 262 107.31 -49.46 35.25
N GLN O 263 108.07 -50.14 36.10
CA GLN O 263 107.59 -50.40 37.46
C GLN O 263 107.39 -49.10 38.23
N GLN O 264 108.27 -48.13 38.04
CA GLN O 264 108.13 -46.85 38.73
C GLN O 264 106.84 -46.15 38.34
N ALA O 265 106.52 -46.14 37.05
CA ALA O 265 105.28 -45.50 36.59
C ALA O 265 104.05 -46.26 37.07
N VAL O 266 104.12 -47.60 37.04
CA VAL O 266 102.96 -48.41 37.41
C VAL O 266 102.55 -48.16 38.85
N GLN O 267 103.52 -47.98 39.75
CA GLN O 267 103.19 -47.71 41.15
C GLN O 267 102.35 -46.44 41.28
N LYS O 268 102.73 -45.38 40.57
CA LYS O 268 101.92 -44.17 40.57
C LYS O 268 100.56 -44.41 39.92
N ILE O 269 100.53 -45.22 38.86
CA ILE O 269 99.26 -45.56 38.22
C ILE O 269 98.38 -46.33 39.19
N GLN O 270 98.95 -47.32 39.89
CA GLN O 270 98.19 -48.07 40.87
C GLN O 270 97.77 -47.19 42.03
N ALA O 271 98.60 -46.23 42.41
CA ALA O 271 98.23 -45.28 43.46
C ALA O 271 97.00 -44.47 43.06
N ILE O 272 96.97 -44.01 41.81
CA ILE O 272 95.81 -43.28 41.31
C ILE O 272 94.59 -44.19 41.25
N GLN O 273 94.79 -45.44 40.83
CA GLN O 273 93.66 -46.35 40.64
C GLN O 273 92.93 -46.62 41.96
N ASP O 274 93.69 -46.85 43.04
CA ASP O 274 93.04 -47.11 44.33
C ASP O 274 92.37 -45.87 44.91
N GLU O 275 92.98 -44.70 44.73
CA GLU O 275 92.38 -43.47 45.27
C GLU O 275 91.04 -43.18 44.61
N ILE O 276 90.95 -43.37 43.29
CA ILE O 276 89.69 -43.16 42.58
C ILE O 276 88.65 -44.16 43.07
N ALA O 277 89.04 -45.42 43.23
CA ALA O 277 88.11 -46.42 43.75
C ALA O 277 87.71 -46.12 45.18
N ALA O 278 88.65 -45.63 46.00
CA ALA O 278 88.35 -45.33 47.39
C ALA O 278 87.37 -44.18 47.51
N ASN O 279 87.71 -43.02 46.95
CA ASN O 279 86.86 -41.85 47.04
C ASN O 279 85.62 -41.95 46.16
N GLY O 280 85.54 -42.95 45.29
CA GLY O 280 84.45 -43.07 44.35
C GLY O 280 84.78 -42.43 43.02
N ASN O 281 84.09 -42.90 41.99
CA ASN O 281 84.34 -42.43 40.61
C ASN O 281 83.50 -41.18 40.38
N ILE O 282 84.07 -40.03 40.71
CA ILE O 282 83.38 -38.75 40.63
C ILE O 282 83.65 -38.13 39.27
N ILE O 283 82.59 -37.82 38.54
CA ILE O 283 82.67 -37.26 37.20
C ILE O 283 82.05 -35.88 37.24
N PRO O 284 82.69 -34.84 36.68
CA PRO O 284 82.05 -33.53 36.61
C PRO O 284 80.75 -33.58 35.82
N VAL O 285 79.77 -32.80 36.28
CA VAL O 285 78.41 -32.91 35.75
C VAL O 285 78.19 -32.05 34.51
N SER O 286 79.06 -31.08 34.23
CA SER O 286 78.86 -30.21 33.09
C SER O 286 78.87 -30.99 31.78
N ALA O 287 79.69 -32.04 31.70
CA ALA O 287 79.70 -32.86 30.49
C ALA O 287 78.36 -33.56 30.28
N VAL O 288 77.75 -34.04 31.36
CA VAL O 288 76.44 -34.68 31.24
C VAL O 288 75.39 -33.67 30.81
N MET O 289 75.45 -32.46 31.38
CA MET O 289 74.43 -31.46 31.09
C MET O 289 74.49 -31.00 29.64
N ALA O 290 75.67 -31.02 29.04
CA ALA O 290 75.80 -30.64 27.63
C ALA O 290 75.01 -31.60 26.74
N GLY O 291 75.01 -32.89 27.09
CA GLY O 291 74.19 -33.83 26.36
C GLY O 291 72.71 -33.57 26.53
N ILE O 292 72.31 -33.13 27.73
CA ILE O 292 70.90 -32.81 27.98
C ILE O 292 70.46 -31.64 27.12
N TYR O 293 71.35 -30.67 26.90
CA TYR O 293 71.02 -29.52 26.08
C TYR O 293 70.69 -29.93 24.65
N CYS O 294 71.50 -30.82 24.07
CA CYS O 294 71.26 -31.27 22.71
C CYS O 294 70.04 -32.16 22.63
N ALA O 295 69.84 -33.02 23.63
CA ALA O 295 68.67 -33.88 23.65
C ALA O 295 67.39 -33.06 23.75
N THR O 296 67.40 -32.02 24.59
CA THR O 296 66.23 -31.16 24.70
C THR O 296 65.99 -30.38 23.42
N ASP O 297 67.06 -29.85 22.81
CA ASP O 297 66.91 -29.07 21.59
C ASP O 297 66.44 -29.93 20.42
N ALA O 298 66.76 -31.23 20.44
CA ALA O 298 66.26 -32.12 19.40
C ALA O 298 64.79 -32.43 19.60
N SER O 299 64.37 -32.69 20.84
CA SER O 299 62.98 -33.05 21.10
C SER O 299 62.07 -31.83 21.06
N ARG O 300 62.31 -30.87 21.93
CA ARG O 300 61.60 -29.60 21.94
C ARG O 300 62.52 -28.51 21.39
N GLY O 301 62.06 -27.28 21.43
CA GLY O 301 62.85 -26.19 20.91
C GLY O 301 63.92 -25.72 21.88
N VAL O 302 64.69 -24.72 21.43
CA VAL O 302 65.68 -24.10 22.31
C VAL O 302 64.98 -23.34 23.42
N TRP O 303 63.72 -22.96 23.22
CA TRP O 303 62.98 -22.22 24.22
C TRP O 303 62.57 -23.08 25.41
N LYS O 304 62.60 -24.40 25.26
CA LYS O 304 62.25 -25.28 26.37
C LYS O 304 63.41 -25.37 27.34
N ALA O 305 63.12 -25.18 28.64
CA ALA O 305 64.16 -25.24 29.65
C ALA O 305 64.75 -26.64 29.72
N PRO O 306 66.08 -26.76 29.84
CA PRO O 306 66.71 -28.08 29.90
C PRO O 306 66.55 -28.81 31.23
N ALA O 307 65.73 -28.30 32.14
CA ALA O 307 65.53 -28.96 33.42
C ALA O 307 64.41 -29.99 33.30
N ASN O 308 64.15 -30.69 34.41
CA ASN O 308 63.13 -31.74 34.47
C ASN O 308 63.40 -32.84 33.45
N ILE O 309 64.67 -33.19 33.28
CA ILE O 309 65.10 -34.24 32.36
C ILE O 309 65.88 -35.29 33.16
N VAL O 310 65.55 -36.55 32.92
CA VAL O 310 66.14 -37.65 33.69
C VAL O 310 67.53 -37.95 33.17
N LEU O 311 68.50 -37.97 34.07
CA LEU O 311 69.86 -38.37 33.71
C LEU O 311 69.91 -39.87 33.44
N SER O 312 70.85 -40.29 32.59
CA SER O 312 70.97 -41.67 32.19
C SER O 312 72.40 -42.16 32.37
N GLY O 313 72.54 -43.45 32.64
CA GLY O 313 73.85 -44.05 32.80
C GLY O 313 74.61 -43.53 34.01
N ILE O 314 73.93 -43.34 35.13
CA ILE O 314 74.52 -42.77 36.32
C ILE O 314 74.24 -43.69 37.50
N SER O 315 75.24 -43.84 38.37
CA SER O 315 75.12 -44.64 39.57
C SER O 315 74.46 -43.86 40.71
N ASP O 316 75.04 -42.72 41.08
CA ASP O 316 74.52 -41.91 42.17
C ASP O 316 75.07 -40.50 42.04
N VAL O 317 74.43 -39.56 42.74
CA VAL O 317 74.92 -38.20 42.83
C VAL O 317 75.89 -38.11 44.00
N ALA O 318 76.82 -37.15 43.93
CA ALA O 318 77.85 -37.05 44.95
C ALA O 318 77.26 -36.75 46.32
N GLU O 319 76.26 -35.87 46.37
CA GLU O 319 75.66 -35.48 47.65
C GLU O 319 74.16 -35.29 47.46
N ARG O 320 73.38 -35.92 48.32
CA ARG O 320 71.94 -35.78 48.30
C ARG O 320 71.53 -34.41 48.83
N LEU O 321 70.48 -33.85 48.24
CA LEU O 321 70.00 -32.52 48.61
C LEU O 321 68.53 -32.60 49.04
N THR O 322 68.15 -31.64 49.87
CA THR O 322 66.77 -31.50 50.32
C THR O 322 66.13 -30.25 49.71
N ASP O 323 64.81 -30.16 49.86
CA ASP O 323 64.09 -29.00 49.33
C ASP O 323 64.56 -27.71 49.98
N ASP O 324 64.81 -27.74 51.30
CA ASP O 324 65.27 -26.55 52.00
C ASP O 324 66.63 -26.10 51.49
N GLU O 325 67.55 -27.06 51.28
CA GLU O 325 68.88 -26.70 50.83
C GLU O 325 68.85 -26.12 49.42
N GLN O 326 68.08 -26.73 48.52
CA GLN O 326 68.04 -26.25 47.14
C GLN O 326 67.50 -24.83 47.06
N GLY O 327 66.49 -24.52 47.87
CA GLY O 327 65.95 -23.17 47.87
C GLY O 327 66.99 -22.13 48.21
N GLU O 328 67.96 -22.48 49.06
CA GLU O 328 69.05 -21.58 49.35
C GLU O 328 69.95 -21.40 48.13
N MET O 329 70.24 -22.48 47.41
CA MET O 329 71.09 -22.40 46.23
C MET O 329 70.38 -21.72 45.08
N ASN O 330 69.09 -22.04 44.87
CA ASN O 330 68.38 -21.51 43.71
C ASN O 330 68.32 -19.99 43.73
N SER O 331 68.34 -19.38 44.91
CA SER O 331 68.41 -17.92 44.98
C SER O 331 69.75 -17.42 44.48
N LYS O 332 70.82 -18.15 44.74
CA LYS O 332 72.16 -17.75 44.32
C LYS O 332 72.47 -18.08 42.87
N GLY O 333 71.62 -18.85 42.21
CA GLY O 333 71.82 -19.21 40.82
C GLY O 333 72.54 -20.52 40.57
N ILE O 334 72.60 -21.42 41.54
CA ILE O 334 73.27 -22.70 41.40
C ILE O 334 72.22 -23.75 41.09
N ASN O 335 72.24 -24.28 39.87
CA ASN O 335 71.29 -25.32 39.49
C ASN O 335 71.67 -26.64 40.13
N ALA O 336 70.69 -27.33 40.69
CA ALA O 336 70.92 -28.53 41.47
C ALA O 336 70.42 -29.77 40.75
N ILE O 337 71.08 -30.88 41.02
CA ILE O 337 70.67 -32.21 40.55
C ILE O 337 70.02 -32.92 41.71
N ARG O 338 68.74 -33.22 41.59
CA ARG O 338 67.96 -33.82 42.67
C ARG O 338 67.56 -35.25 42.31
N TYR O 339 67.26 -36.03 43.34
CA TYR O 339 66.75 -37.38 43.18
C TYR O 339 65.32 -37.43 43.71
N PHE O 340 64.40 -37.94 42.88
CA PHE O 340 63.01 -38.11 43.26
C PHE O 340 62.64 -39.57 43.07
N SER O 341 61.94 -40.14 44.05
CA SER O 341 61.63 -41.56 44.02
C SER O 341 60.74 -41.92 42.83
N HIS O 342 59.76 -41.06 42.53
CA HIS O 342 58.83 -41.37 41.44
C HIS O 342 59.49 -41.24 40.07
N LYS O 343 60.58 -40.47 39.97
CA LYS O 343 61.16 -40.14 38.68
C LYS O 343 62.63 -40.54 38.53
N GLY O 344 63.41 -40.55 39.61
CA GLY O 344 64.81 -40.87 39.51
C GLY O 344 65.70 -39.64 39.68
N PHE O 345 66.81 -39.61 38.97
CA PHE O 345 67.71 -38.46 39.00
C PHE O 345 67.33 -37.50 37.88
N VAL O 346 67.00 -36.26 38.25
CA VAL O 346 66.53 -35.26 37.30
C VAL O 346 67.28 -33.96 37.52
N VAL O 347 67.23 -33.09 36.52
CA VAL O 347 67.80 -31.75 36.61
C VAL O 347 66.71 -30.81 37.12
N TRP O 348 66.99 -30.16 38.25
CA TRP O 348 66.02 -29.27 38.90
C TRP O 348 66.64 -27.89 38.97
N GLY O 349 66.45 -27.09 37.91
CA GLY O 349 66.98 -25.75 37.86
C GLY O 349 67.36 -25.32 36.46
N ALA O 350 66.97 -24.11 36.07
CA ALA O 350 67.25 -23.59 34.74
C ALA O 350 67.66 -22.13 34.76
N ARG O 351 68.35 -21.69 35.81
CA ARG O 351 68.71 -20.29 35.98
C ARG O 351 70.18 -20.07 35.68
N THR O 352 70.50 -18.92 35.11
CA THR O 352 71.88 -18.52 34.85
C THR O 352 72.45 -17.85 36.09
N LEU O 353 73.62 -17.23 35.95
CA LEU O 353 74.28 -16.55 37.05
C LEU O 353 73.85 -15.11 37.24
N GLN O 354 72.96 -14.61 36.39
CA GLN O 354 72.45 -13.25 36.49
C GLN O 354 71.00 -13.28 36.95
N ASN O 355 70.65 -12.39 37.87
CA ASN O 355 69.35 -12.42 38.52
C ASN O 355 68.55 -11.16 38.27
N ASP O 356 68.51 -10.70 37.03
CA ASP O 356 67.60 -9.63 36.63
C ASP O 356 66.42 -10.23 35.87
N ASP O 357 65.48 -9.36 35.51
CA ASP O 357 64.27 -9.84 34.84
C ASP O 357 64.56 -10.38 33.45
N ASN O 358 65.53 -9.81 32.74
CA ASN O 358 65.77 -10.20 31.36
C ASN O 358 66.49 -11.54 31.27
N TRP O 359 67.74 -11.60 31.73
CA TRP O 359 68.57 -12.79 31.60
C TRP O 359 68.62 -13.52 32.95
N ARG O 360 67.54 -14.22 33.27
CA ARG O 360 67.48 -15.03 34.47
C ARG O 360 67.36 -16.52 34.18
N TYR O 361 66.69 -16.92 33.11
CA TYR O 361 66.48 -18.32 32.77
C TYR O 361 67.32 -18.69 31.56
N ILE O 362 67.87 -19.90 31.59
CA ILE O 362 68.72 -20.37 30.49
C ILE O 362 67.99 -20.36 29.14
N PRO O 363 66.76 -20.88 29.02
CA PRO O 363 66.12 -20.87 27.69
C PRO O 363 65.97 -19.49 27.09
N VAL O 364 65.70 -18.47 27.92
CA VAL O 364 65.53 -17.11 27.39
C VAL O 364 66.84 -16.61 26.79
N ARG O 365 67.95 -16.83 27.50
CA ARG O 365 69.24 -16.36 27.00
C ARG O 365 69.69 -17.13 25.77
N ARG O 366 69.53 -18.45 25.78
CA ARG O 366 70.02 -19.26 24.66
C ARG O 366 69.16 -19.08 23.42
N LEU O 367 67.85 -18.86 23.60
CA LEU O 367 66.99 -18.60 22.45
C LEU O 367 67.40 -17.32 21.73
N PHE O 368 67.74 -16.28 22.49
CA PHE O 368 68.21 -15.05 21.88
C PHE O 368 69.52 -15.26 21.13
N ASN O 369 70.42 -16.07 21.71
CA ASN O 369 71.69 -16.35 21.04
C ASN O 369 71.47 -17.00 19.68
N ALA O 370 70.51 -17.92 19.61
CA ALA O 370 70.19 -18.56 18.34
C ALA O 370 69.62 -17.56 17.34
N ALA O 371 68.72 -16.69 17.81
CA ALA O 371 68.06 -15.76 16.89
C ALA O 371 69.04 -14.77 16.29
N GLU O 372 69.90 -14.17 17.13
CA GLU O 372 70.86 -13.21 16.62
C GLU O 372 71.86 -13.86 15.68
N ARG O 373 72.35 -15.05 16.02
CA ARG O 373 73.33 -15.73 15.18
C ARG O 373 72.73 -16.09 13.82
N ASP O 374 71.49 -16.57 13.80
CA ASP O 374 70.85 -16.91 12.53
C ASP O 374 70.62 -15.68 11.68
N ILE O 375 70.14 -14.59 12.28
CA ILE O 375 69.89 -13.37 11.52
C ILE O 375 71.19 -12.74 11.07
N LYS O 376 72.20 -12.72 11.93
CA LYS O 376 73.49 -12.16 11.56
C LYS O 376 74.10 -12.94 10.40
N GLN O 377 73.94 -14.25 10.38
CA GLN O 377 74.46 -15.05 9.28
C GLN O 377 73.73 -14.73 7.98
N ALA O 378 72.42 -14.52 8.05
CA ALA O 378 71.65 -14.25 6.84
C ALA O 378 71.89 -12.85 6.31
N MET O 379 72.14 -11.88 7.20
CA MET O 379 72.35 -10.51 6.78
C MET O 379 73.70 -10.29 6.10
N GLN O 380 74.59 -11.28 6.12
CA GLN O 380 75.90 -11.11 5.51
C GLN O 380 75.82 -10.94 3.99
N SER O 381 74.70 -11.30 3.38
CA SER O 381 74.52 -11.13 1.94
C SER O 381 73.88 -9.80 1.57
N VAL O 382 73.65 -8.93 2.55
CA VAL O 382 73.08 -7.60 2.32
C VAL O 382 74.07 -6.49 2.64
N VAL O 383 75.33 -6.83 2.92
CA VAL O 383 76.25 -5.88 3.54
C VAL O 383 76.67 -4.77 2.57
N PHE O 384 76.27 -4.87 1.30
CA PHE O 384 76.57 -3.80 0.35
C PHE O 384 75.42 -3.54 -0.61
N GLU O 385 74.22 -4.00 -0.27
CA GLU O 385 73.05 -3.74 -1.09
C GLU O 385 72.68 -2.26 -0.99
N PRO O 386 71.99 -1.73 -2.00
CA PRO O 386 71.56 -0.32 -1.94
C PRO O 386 70.68 -0.08 -0.73
N ASN O 387 70.85 1.10 -0.11
CA ASN O 387 70.11 1.47 1.09
C ASN O 387 68.90 2.29 0.68
N SER O 388 67.88 1.60 0.16
CA SER O 388 66.69 2.25 -0.35
C SER O 388 65.46 1.45 0.11
N GLN O 389 64.29 1.90 -0.31
CA GLN O 389 63.04 1.26 0.11
C GLN O 389 62.92 -0.19 -0.34
N PRO O 390 63.22 -0.56 -1.59
CA PRO O 390 63.07 -1.98 -1.96
C PRO O 390 63.93 -2.93 -1.14
N THR O 391 65.12 -2.50 -0.74
CA THR O 391 65.96 -3.33 0.10
C THR O 391 65.34 -3.52 1.49
N TRP O 392 64.75 -2.45 2.04
CA TRP O 392 64.15 -2.54 3.37
C TRP O 392 62.98 -3.51 3.39
N GLU O 393 62.17 -3.51 2.33
CA GLU O 393 61.02 -4.40 2.29
C GLU O 393 61.43 -5.86 2.31
N ARG O 394 62.48 -6.21 1.55
CA ARG O 394 62.95 -7.59 1.53
C ARG O 394 63.54 -7.99 2.87
N VAL O 395 64.31 -7.09 3.50
CA VAL O 395 64.92 -7.39 4.78
C VAL O 395 63.85 -7.60 5.85
N LYS O 396 62.85 -6.72 5.88
CA LYS O 396 61.78 -6.85 6.86
C LYS O 396 60.99 -8.14 6.66
N SER O 397 60.71 -8.50 5.40
CA SER O 397 59.93 -9.70 5.13
C SER O 397 60.67 -10.96 5.56
N ALA O 398 61.99 -11.01 5.32
CA ALA O 398 62.76 -12.18 5.69
C ALA O 398 62.75 -12.41 7.20
N ILE O 399 62.97 -11.34 7.96
CA ILE O 399 62.98 -11.47 9.42
C ILE O 399 61.58 -11.75 9.93
N ASP O 400 60.57 -11.11 9.34
CA ASP O 400 59.19 -11.31 9.78
C ASP O 400 58.76 -12.76 9.62
N ASN O 401 59.10 -13.38 8.49
CA ASN O 401 58.77 -14.78 8.29
C ASN O 401 59.50 -15.68 9.29
N TYR O 402 60.76 -15.37 9.57
CA TYR O 402 61.54 -16.17 10.52
C TYR O 402 60.93 -16.09 11.91
N LEU O 403 60.58 -14.88 12.36
CA LEU O 403 59.96 -14.73 13.67
C LEU O 403 58.57 -15.33 13.71
N TYR O 404 57.82 -15.21 12.61
CA TYR O 404 56.48 -15.78 12.57
C TYR O 404 56.53 -17.30 12.70
N SER O 405 57.53 -17.94 12.08
CA SER O 405 57.72 -19.37 12.25
C SER O 405 58.03 -19.72 13.69
N LEU O 406 58.87 -18.92 14.35
CA LEU O 406 59.19 -19.17 15.75
C LEU O 406 57.96 -19.04 16.63
N TRP O 407 57.10 -18.05 16.35
CA TRP O 407 55.92 -17.85 17.18
C TRP O 407 54.95 -19.02 17.07
N GLN O 408 54.76 -19.56 15.85
CA GLN O 408 53.85 -20.69 15.70
C GLN O 408 54.39 -21.96 16.35
N GLN O 409 55.71 -22.06 16.55
CA GLN O 409 56.27 -23.22 17.22
C GLN O 409 56.18 -23.12 18.74
N GLY O 410 55.68 -22.01 19.26
CA GLY O 410 55.54 -21.82 20.69
C GLY O 410 56.70 -21.13 21.36
N ALA O 411 57.64 -20.57 20.60
CA ALA O 411 58.81 -19.93 21.17
C ALA O 411 58.55 -18.52 21.68
N LEU O 412 57.43 -17.91 21.31
CA LEU O 412 57.13 -16.54 21.69
C LEU O 412 55.73 -16.49 22.30
N ALA O 413 55.54 -15.58 23.25
CA ALA O 413 54.28 -15.47 23.98
C ALA O 413 53.43 -14.36 23.40
N GLY O 414 52.18 -14.67 23.08
CA GLY O 414 51.25 -13.69 22.55
C GLY O 414 50.14 -14.31 21.74
N ASN O 415 48.94 -13.75 21.86
CA ASN O 415 47.79 -14.26 21.10
C ASN O 415 47.83 -13.84 19.64
N LYS O 416 48.52 -12.76 19.32
CA LYS O 416 48.63 -12.26 17.96
C LYS O 416 50.07 -11.85 17.69
N PRO O 417 50.48 -11.84 16.42
CA PRO O 417 51.88 -11.51 16.12
C PRO O 417 52.31 -10.13 16.61
N GLN O 418 51.38 -9.18 16.70
CA GLN O 418 51.74 -7.85 17.18
C GLN O 418 52.24 -7.85 18.62
N GLU O 419 51.83 -8.83 19.41
CA GLU O 419 52.25 -8.91 20.81
C GLU O 419 53.47 -9.80 21.03
N ALA O 420 53.86 -10.59 20.04
CA ALA O 420 54.97 -11.52 20.18
C ALA O 420 56.28 -10.97 19.61
N TYR O 421 56.23 -10.28 18.48
CA TYR O 421 57.44 -9.78 17.84
C TYR O 421 57.12 -8.54 17.03
N PHE O 422 58.16 -7.78 16.71
CA PHE O 422 58.01 -6.61 15.86
C PHE O 422 59.35 -6.31 15.20
N VAL O 423 59.30 -5.85 13.95
CA VAL O 423 60.48 -5.46 13.19
C VAL O 423 60.27 -4.06 12.65
N GLN O 424 61.28 -3.21 12.79
CA GLN O 424 61.18 -1.82 12.36
C GLN O 424 62.42 -1.45 11.56
N ILE O 425 62.23 -1.05 10.31
CA ILE O 425 63.31 -0.54 9.46
C ILE O 425 62.71 0.41 8.46
N GLY O 426 63.25 1.63 8.39
CA GLY O 426 62.70 2.63 7.48
C GLY O 426 63.52 3.90 7.54
N LYS O 427 63.15 4.83 6.66
CA LYS O 427 63.91 6.07 6.52
C LYS O 427 63.74 6.96 7.74
N ASP O 428 62.51 7.11 8.24
CA ASP O 428 62.24 8.02 9.34
C ASP O 428 61.86 7.32 10.63
N VAL O 429 61.80 5.99 10.65
CA VAL O 429 61.37 5.27 11.84
C VAL O 429 62.59 4.70 12.55
N THR O 430 63.64 4.41 11.81
CA THR O 430 64.83 3.81 12.43
C THR O 430 66.11 4.57 12.12
N MET O 431 66.27 5.08 10.90
CA MET O 431 67.45 5.83 10.52
C MET O 431 67.09 7.30 10.30
N SER O 432 68.04 8.05 9.76
CA SER O 432 67.83 9.43 9.34
C SER O 432 68.67 9.66 8.08
N ASP O 433 68.60 10.89 7.57
CA ASP O 433 69.37 11.22 6.37
C ASP O 433 70.87 11.10 6.61
N ASP O 434 71.33 11.47 7.81
CA ASP O 434 72.75 11.43 8.11
C ASP O 434 73.28 10.01 8.17
N ASP O 435 72.51 9.08 8.76
CA ASP O 435 72.96 7.70 8.84
C ASP O 435 73.07 7.07 7.47
N ILE O 436 72.11 7.35 6.58
CA ILE O 436 72.18 6.83 5.22
C ILE O 436 73.40 7.38 4.50
N LYS O 437 73.66 8.68 4.66
CA LYS O 437 74.83 9.28 4.02
C LYS O 437 76.13 8.68 4.54
N GLN O 438 76.13 8.16 5.77
CA GLN O 438 77.31 7.57 6.36
C GLN O 438 77.35 6.05 6.21
N GLY O 439 76.36 5.46 5.55
CA GLY O 439 76.37 4.04 5.26
C GLY O 439 75.80 3.14 6.34
N LYS O 440 75.03 3.69 7.28
CA LYS O 440 74.47 2.89 8.36
C LYS O 440 73.07 2.41 8.01
N MET O 441 72.83 1.11 8.22
CA MET O 441 71.52 0.50 8.08
C MET O 441 71.13 -0.07 9.44
N ILE O 442 70.04 0.44 10.01
CA ILE O 442 69.64 0.09 11.37
C ILE O 442 68.32 -0.66 11.31
N VAL O 443 68.28 -1.83 11.96
CA VAL O 443 67.10 -2.67 12.03
C VAL O 443 66.77 -2.92 13.50
N LYS O 444 65.51 -2.73 13.86
CA LYS O 444 65.04 -2.96 15.22
C LYS O 444 64.25 -4.26 15.27
N VAL O 445 64.63 -5.15 16.18
CA VAL O 445 63.99 -6.44 16.34
C VAL O 445 63.57 -6.60 17.79
N GLY O 446 62.32 -6.99 18.01
CA GLY O 446 61.84 -7.24 19.35
C GLY O 446 61.17 -8.59 19.46
N MET O 447 61.49 -9.35 20.51
CA MET O 447 60.92 -10.67 20.74
C MET O 447 60.50 -10.81 22.19
N ALA O 448 59.37 -11.45 22.41
CA ALA O 448 58.87 -11.74 23.75
C ALA O 448 59.04 -13.24 23.99
N ALA O 449 60.20 -13.59 24.54
CA ALA O 449 60.51 -14.99 24.78
C ALA O 449 59.63 -15.56 25.88
N VAL O 450 59.53 -16.89 25.91
CA VAL O 450 58.69 -17.60 26.85
C VAL O 450 59.56 -18.11 27.99
N ARG O 451 59.16 -17.80 29.23
CA ARG O 451 59.89 -18.21 30.42
C ARG O 451 59.34 -19.50 30.99
N PRO O 452 60.17 -20.31 31.64
CA PRO O 452 59.67 -21.55 32.24
C PRO O 452 58.85 -21.26 33.49
N ALA O 453 58.07 -22.25 33.89
CA ALA O 453 57.19 -22.14 35.06
C ALA O 453 57.91 -22.74 36.26
N GLU O 454 58.93 -22.02 36.75
CA GLU O 454 59.79 -22.57 37.81
C GLU O 454 58.98 -22.97 39.03
N PHE O 455 57.90 -22.26 39.32
CA PHE O 455 57.06 -22.54 40.49
C PHE O 455 55.62 -22.71 40.06
N ILE O 456 55.00 -23.79 40.54
CA ILE O 456 53.58 -24.05 40.31
C ILE O 456 52.86 -23.85 41.64
N ILE O 457 51.87 -22.97 41.66
CA ILE O 457 51.15 -22.61 42.87
C ILE O 457 49.69 -23.01 42.70
N LEU O 458 49.21 -23.90 43.56
CA LEU O 458 47.84 -24.37 43.52
C LEU O 458 47.07 -23.73 44.67
N GLN O 459 46.00 -23.02 44.35
CA GLN O 459 45.17 -22.35 45.34
C GLN O 459 43.82 -23.06 45.41
N PHE O 460 43.58 -23.74 46.52
CA PHE O 460 42.35 -24.49 46.72
C PHE O 460 41.40 -23.69 47.61
N SER O 461 40.14 -23.60 47.18
CA SER O 461 39.11 -22.89 47.91
C SER O 461 37.86 -23.75 47.94
N GLN O 462 36.99 -23.48 48.90
CA GLN O 462 35.78 -24.26 49.06
C GLN O 462 34.58 -23.63 48.38
N GLN O 463 34.79 -22.79 47.38
CA GLN O 463 33.69 -22.20 46.61
C GLN O 463 32.97 -23.30 45.83
N THR P 3 23.30 25.15 -65.44
CA THR P 3 23.12 25.66 -66.79
C THR P 3 22.03 26.72 -66.84
N ILE P 4 21.93 27.41 -67.97
CA ILE P 4 20.95 28.47 -68.18
C ILE P 4 19.99 28.03 -69.28
N PRO P 5 18.77 27.65 -68.96
CA PRO P 5 17.83 27.22 -70.00
C PRO P 5 17.54 28.35 -70.99
N THR P 6 17.43 27.97 -72.26
CA THR P 6 17.15 28.91 -73.33
C THR P 6 15.90 28.53 -74.14
N TYR P 7 15.66 27.24 -74.35
CA TYR P 7 14.49 26.76 -75.05
C TYR P 7 13.72 25.78 -74.17
N PRO P 8 12.39 25.70 -74.33
CA PRO P 8 11.63 24.69 -73.58
C PRO P 8 12.08 23.28 -73.96
N GLY P 9 12.12 22.41 -72.97
CA GLY P 9 12.56 21.05 -73.18
C GLY P 9 13.16 20.48 -71.91
N VAL P 10 13.97 19.44 -72.08
CA VAL P 10 14.61 18.73 -70.98
C VAL P 10 16.11 18.91 -71.08
N TYR P 11 16.73 19.33 -69.99
CA TYR P 11 18.18 19.53 -69.92
C TYR P 11 18.80 18.48 -69.00
N ILE P 12 20.02 18.07 -69.34
CA ILE P 12 20.74 17.06 -68.58
C ILE P 12 22.00 17.70 -68.00
N GLU P 13 22.18 17.56 -66.69
CA GLU P 13 23.36 18.04 -65.98
C GLU P 13 24.05 16.87 -65.30
N GLU P 14 25.37 16.79 -65.45
CA GLU P 14 26.17 15.77 -64.82
C GLU P 14 27.03 16.39 -63.73
N ASP P 15 27.06 15.74 -62.56
CA ASP P 15 27.81 16.24 -61.42
C ASP P 15 29.30 16.18 -61.75
N ALA P 16 29.90 17.35 -61.99
CA ALA P 16 31.31 17.45 -62.31
C ALA P 16 32.18 17.72 -61.10
N SER P 17 31.61 17.76 -59.90
CA SER P 17 32.40 17.99 -58.70
C SER P 17 33.37 16.85 -58.47
N LEU P 18 34.50 17.16 -57.85
CA LEU P 18 35.56 16.18 -57.69
C LEU P 18 35.20 15.13 -56.64
N ASN P 19 35.71 13.92 -56.85
CA ASN P 19 35.79 12.90 -55.82
C ASN P 19 37.24 12.46 -55.70
N LEU P 20 37.69 12.25 -54.46
CA LEU P 20 39.10 12.01 -54.20
C LEU P 20 39.29 10.63 -53.61
N SER P 21 40.32 9.93 -54.09
CA SER P 21 40.67 8.62 -53.56
C SER P 21 42.17 8.43 -53.74
N VAL P 22 42.86 8.12 -52.65
CA VAL P 22 44.30 7.88 -52.66
C VAL P 22 44.52 6.38 -52.70
N ASN P 23 45.18 5.91 -53.75
CA ASN P 23 45.41 4.49 -53.96
C ASN P 23 46.90 4.19 -53.86
N GLN P 24 47.23 3.10 -53.17
CA GLN P 24 48.62 2.71 -53.01
C GLN P 24 49.21 2.30 -54.35
N GLY P 25 50.46 2.69 -54.58
CA GLY P 25 51.19 2.32 -55.77
C GLY P 25 52.40 1.45 -55.46
N ASN P 26 53.15 1.14 -56.51
CA ASN P 26 54.37 0.36 -56.37
C ASN P 26 55.40 1.14 -55.54
N THR P 27 56.17 0.41 -54.75
CA THR P 27 57.15 1.02 -53.85
C THR P 27 58.52 0.38 -53.96
N ALA P 28 58.77 -0.39 -55.02
CA ALA P 28 60.01 -1.15 -55.09
C ALA P 28 60.66 -1.21 -56.46
N ILE P 29 60.31 -0.34 -57.40
CA ILE P 29 60.94 -0.37 -58.72
C ILE P 29 62.32 0.25 -58.65
N PRO P 30 63.38 -0.50 -58.91
CA PRO P 30 64.73 0.08 -58.87
C PRO P 30 65.21 0.57 -60.22
N VAL P 31 66.31 1.31 -60.24
CA VAL P 31 67.00 1.69 -61.46
C VAL P 31 68.47 1.32 -61.30
N PHE P 32 69.03 0.66 -62.31
CA PHE P 32 70.41 0.19 -62.28
C PHE P 32 71.26 1.07 -63.19
N ILE P 33 72.35 1.59 -62.65
CA ILE P 33 73.27 2.46 -63.39
C ILE P 33 74.61 1.76 -63.47
N GLY P 34 75.08 1.53 -64.69
CA GLY P 34 76.35 0.85 -64.88
C GLY P 34 76.62 0.62 -66.35
N LEU P 35 77.65 -0.17 -66.62
CA LEU P 35 78.06 -0.46 -67.99
C LEU P 35 77.24 -1.63 -68.51
N PHE P 36 76.27 -1.34 -69.37
CA PHE P 36 75.45 -2.35 -70.03
C PHE P 36 75.64 -2.24 -71.54
N SER P 37 75.33 -3.32 -72.24
CA SER P 37 75.46 -3.40 -73.68
C SER P 37 74.10 -3.71 -74.29
N PRO P 38 73.30 -2.70 -74.60
CA PRO P 38 72.00 -2.95 -75.24
C PRO P 38 72.16 -3.50 -76.64
N LYS P 39 71.19 -4.33 -77.04
CA LYS P 39 71.22 -4.90 -78.38
C LYS P 39 70.91 -3.86 -79.44
N ASN P 40 70.08 -2.87 -79.12
CA ASN P 40 69.71 -1.82 -80.07
C ASN P 40 70.11 -0.47 -79.49
N THR P 41 70.66 0.38 -80.36
CA THR P 41 71.10 1.70 -79.94
C THR P 41 69.96 2.71 -80.03
N GLN P 46 69.43 6.86 -72.47
CA GLN P 46 68.02 6.51 -72.31
C GLN P 46 67.84 5.38 -71.30
N VAL P 47 66.75 5.43 -70.56
CA VAL P 47 66.46 4.42 -69.54
C VAL P 47 65.42 3.45 -70.08
N THR P 48 65.70 2.16 -69.99
CA THR P 48 64.87 1.12 -70.57
C THR P 48 64.24 0.28 -69.46
N ARG P 49 62.99 -0.11 -69.66
CA ARG P 49 62.26 -0.92 -68.70
C ARG P 49 62.42 -2.40 -69.03
N VAL P 50 62.69 -3.20 -68.01
CA VAL P 50 62.89 -4.64 -68.15
C VAL P 50 61.94 -5.34 -67.19
N ASN P 51 61.23 -6.36 -67.69
CA ASN P 51 60.20 -7.01 -66.90
C ASN P 51 60.68 -8.25 -66.17
N SER P 52 61.69 -8.94 -66.70
CA SER P 52 62.19 -10.17 -66.08
C SER P 52 63.57 -10.46 -66.65
N TRP P 53 64.19 -11.53 -66.16
CA TRP P 53 65.51 -11.93 -66.65
C TRP P 53 65.45 -12.30 -68.13
N LEU P 54 64.40 -13.00 -68.54
CA LEU P 54 64.24 -13.32 -69.96
C LEU P 54 64.10 -12.06 -70.79
N ASP P 55 63.35 -11.08 -70.28
CA ASP P 55 63.22 -9.80 -70.99
C ASP P 55 64.57 -9.10 -71.11
N PHE P 56 65.38 -9.14 -70.05
CA PHE P 56 66.70 -8.52 -70.10
C PHE P 56 67.59 -9.17 -71.16
N THR P 57 67.53 -10.51 -71.26
CA THR P 57 68.35 -11.21 -72.24
C THR P 57 67.95 -10.82 -73.67
N ASN P 58 66.65 -10.66 -73.91
CA ASN P 58 66.19 -10.34 -75.26
C ASN P 58 66.58 -8.92 -75.67
N LEU P 59 66.90 -8.05 -74.71
CA LEU P 59 67.22 -6.66 -75.01
C LEU P 59 68.68 -6.30 -74.76
N PHE P 60 69.39 -7.06 -73.93
CA PHE P 60 70.77 -6.76 -73.60
C PHE P 60 71.63 -8.01 -73.79
N ASN P 61 72.92 -7.79 -74.00
CA ASN P 61 73.89 -8.87 -74.17
C ASN P 61 74.44 -9.22 -72.80
N ALA P 62 73.97 -10.33 -72.23
CA ALA P 62 74.44 -10.77 -70.92
C ALA P 62 75.86 -11.30 -71.02
N GLY P 63 76.73 -10.82 -70.14
CA GLY P 63 78.11 -11.26 -70.14
C GLY P 63 78.89 -10.52 -69.07
N CYS P 64 80.11 -11.00 -68.84
CA CYS P 64 81.00 -10.42 -67.84
C CYS P 64 82.04 -9.47 -68.45
N ILE P 65 81.91 -9.15 -69.73
CA ILE P 65 82.84 -8.27 -70.42
C ILE P 65 82.07 -7.08 -70.96
N ALA P 66 82.53 -5.87 -70.63
CA ALA P 66 81.91 -4.66 -71.14
C ALA P 66 82.19 -4.51 -72.63
N PRO P 67 81.34 -3.77 -73.35
CA PRO P 67 81.60 -3.55 -74.78
C PRO P 67 82.94 -2.84 -74.98
N ILE P 68 83.65 -3.25 -76.03
CA ILE P 68 84.98 -2.73 -76.31
C ILE P 68 84.90 -1.44 -77.10
N VAL P 116 89.57 -3.13 -72.80
CA VAL P 116 88.46 -3.94 -72.32
C VAL P 116 88.23 -3.68 -70.83
N ASN P 117 87.01 -3.95 -70.37
CA ASN P 117 86.62 -3.72 -68.99
C ASN P 117 85.85 -4.92 -68.45
N TYR P 118 85.91 -5.09 -67.14
CA TYR P 118 85.17 -6.14 -66.45
C TYR P 118 83.93 -5.55 -65.79
N THR P 119 82.79 -6.22 -65.99
CA THR P 119 81.51 -5.72 -65.48
C THR P 119 80.79 -6.85 -64.76
N THR P 120 80.25 -6.54 -63.58
CA THR P 120 79.41 -7.46 -62.83
C THR P 120 77.93 -7.14 -62.99
N SER P 121 77.58 -6.19 -63.87
CA SER P 121 76.20 -5.74 -63.97
C SER P 121 75.27 -6.87 -64.42
N SER P 122 75.69 -7.66 -65.41
CA SER P 122 74.86 -8.76 -65.88
C SER P 122 74.69 -9.82 -64.80
N ASP P 123 75.77 -10.17 -64.11
CA ASP P 123 75.68 -11.14 -63.03
C ASP P 123 74.85 -10.58 -61.86
N ALA P 124 75.04 -9.30 -61.55
CA ALA P 124 74.29 -8.70 -60.44
C ALA P 124 72.79 -8.70 -60.73
N LEU P 125 72.41 -8.41 -61.98
CA LEU P 125 70.99 -8.40 -62.32
C LEU P 125 70.39 -9.79 -62.23
N LYS P 126 71.18 -10.82 -62.51
CA LYS P 126 70.68 -12.19 -62.36
C LYS P 126 70.34 -12.49 -60.91
N LEU P 127 71.18 -12.02 -59.98
CA LEU P 127 70.90 -12.22 -58.57
C LEU P 127 69.67 -11.42 -58.13
N TYR P 128 69.48 -10.23 -58.70
CA TYR P 128 68.33 -9.41 -58.32
C TYR P 128 67.02 -10.11 -58.66
N PHE P 129 66.93 -10.71 -59.85
CA PHE P 129 65.71 -11.42 -60.21
C PHE P 129 65.60 -12.74 -59.45
N GLN P 130 66.74 -13.34 -59.10
CA GLN P 130 66.73 -14.57 -58.33
C GLN P 130 66.13 -14.39 -56.93
N ASN P 131 66.25 -13.19 -56.35
CA ASN P 131 65.78 -12.92 -55.01
C ASN P 131 64.41 -12.26 -54.98
N GLY P 132 63.55 -12.57 -55.96
CA GLY P 132 62.20 -12.06 -55.96
C GLY P 132 62.01 -10.67 -56.51
N GLY P 133 63.02 -10.11 -57.17
CA GLY P 133 62.89 -8.78 -57.72
C GLY P 133 61.86 -8.73 -58.84
N GLY P 134 61.19 -7.58 -58.95
CA GLY P 134 60.19 -7.39 -59.96
C GLY P 134 60.71 -6.60 -61.15
N PRO P 135 59.81 -5.95 -61.89
CA PRO P 135 60.25 -5.13 -63.02
C PRO P 135 61.16 -4.00 -62.56
N CYS P 136 62.15 -3.69 -63.39
CA CYS P 136 63.16 -2.70 -63.05
C CYS P 136 63.45 -1.84 -64.27
N TYR P 137 64.31 -0.85 -64.08
CA TYR P 137 64.74 0.04 -65.15
C TYR P 137 66.26 -0.04 -65.30
N ILE P 138 66.73 0.00 -66.53
CA ILE P 138 68.15 -0.09 -66.84
C ILE P 138 68.61 1.22 -67.46
N LEU P 139 69.71 1.77 -66.94
CA LEU P 139 70.31 2.99 -67.46
C LEU P 139 71.71 2.64 -67.94
N PRO P 140 71.86 2.25 -69.21
CA PRO P 140 73.18 1.81 -69.69
C PRO P 140 74.13 2.99 -69.86
N GLN P 141 75.39 2.77 -69.47
CA GLN P 141 76.44 3.76 -69.66
C GLN P 141 77.32 3.33 -70.83
N LEU P 142 77.57 4.26 -71.74
CA LEU P 142 78.31 3.98 -72.97
C LEU P 142 79.58 4.81 -73.03
N ASP P 143 80.66 4.19 -73.48
CA ASP P 143 81.95 4.86 -73.68
C ASP P 143 82.53 5.36 -72.36
N ARG P 144 83.40 6.36 -72.44
CA ARG P 144 84.05 6.88 -71.24
C ARG P 144 83.04 7.61 -70.35
N LEU P 145 83.38 7.71 -69.07
CA LEU P 145 82.48 8.30 -68.08
C LEU P 145 82.64 9.82 -68.14
N THR P 146 81.89 10.44 -69.04
CA THR P 146 81.96 11.87 -69.23
C THR P 146 81.16 12.60 -68.16
N GLN P 147 81.47 13.88 -67.97
CA GLN P 147 80.74 14.71 -67.03
C GLN P 147 79.31 14.95 -67.47
N GLY P 148 79.05 14.92 -68.77
CA GLY P 148 77.70 15.11 -69.27
C GLY P 148 76.75 14.03 -68.81
N PHE P 149 77.24 12.79 -68.73
CA PHE P 149 76.41 11.69 -68.25
C PHE P 149 76.01 11.90 -66.80
N LEU P 150 76.94 12.38 -65.98
CA LEU P 150 76.65 12.59 -64.55
C LEU P 150 75.56 13.64 -64.37
N ASP P 151 75.58 14.72 -65.14
CA ASP P 151 74.58 15.76 -64.99
C ASP P 151 73.20 15.27 -65.41
N SER P 152 73.14 14.38 -66.40
CA SER P 152 71.86 13.90 -66.92
C SER P 152 71.25 12.79 -66.07
N ILE P 153 71.99 12.21 -65.14
CA ILE P 153 71.46 11.10 -64.36
C ILE P 153 70.23 11.50 -63.55
N PRO P 154 70.24 12.59 -62.77
CA PRO P 154 69.00 12.97 -62.07
C PRO P 154 67.85 13.29 -63.02
N GLU P 155 68.15 13.86 -64.19
CA GLU P 155 67.10 14.21 -65.13
C GLU P 155 66.45 12.95 -65.71
N LEU P 156 67.26 11.99 -66.14
CA LEU P 156 66.71 10.78 -66.77
C LEU P 156 65.88 9.97 -65.79
N ILE P 157 66.31 9.91 -64.52
CA ILE P 157 65.57 9.15 -63.52
C ILE P 157 64.19 9.76 -63.30
N LYS P 158 64.11 11.10 -63.26
CA LYS P 158 62.85 11.76 -62.98
C LYS P 158 61.83 11.55 -64.08
N GLN P 159 62.27 11.41 -65.33
CA GLN P 159 61.33 11.22 -66.43
C GLN P 159 60.54 9.92 -66.26
N ALA P 160 61.22 8.84 -65.87
CA ALA P 160 60.53 7.60 -65.50
C ALA P 160 59.84 7.83 -64.17
N LEU P 161 58.51 7.83 -64.18
CA LEU P 161 57.76 8.28 -63.01
C LEU P 161 57.68 7.24 -61.90
N GLU P 162 57.95 5.97 -62.20
CA GLU P 162 57.76 4.91 -61.21
C GLU P 162 59.02 4.57 -60.44
N ILE P 163 60.17 5.12 -60.79
CA ILE P 163 61.42 4.73 -60.15
C ILE P 163 61.41 5.13 -58.69
N THR P 164 61.78 4.19 -57.82
CA THR P 164 61.80 4.41 -56.38
C THR P 164 63.15 4.15 -55.75
N LEU P 165 63.87 3.11 -56.17
CA LEU P 165 65.16 2.76 -55.62
C LEU P 165 66.26 2.98 -56.66
N ILE P 166 67.44 3.36 -56.18
CA ILE P 166 68.60 3.61 -57.03
C ILE P 166 69.71 2.67 -56.61
N VAL P 167 70.24 1.92 -57.57
CA VAL P 167 71.28 0.92 -57.31
C VAL P 167 72.36 1.05 -58.38
N CYS P 168 73.62 0.95 -57.96
CA CYS P 168 74.75 0.89 -58.88
C CYS P 168 75.39 -0.48 -58.77
N PRO P 169 75.13 -1.39 -59.70
CA PRO P 169 75.60 -2.77 -59.55
C PRO P 169 77.05 -2.99 -59.98
N GLU P 170 77.80 -1.90 -60.12
CA GLU P 170 79.20 -2.04 -60.50
C GLU P 170 80.04 -2.50 -59.31
N TRP P 171 81.22 -3.03 -59.62
CA TRP P 171 82.14 -3.54 -58.61
C TRP P 171 83.24 -2.55 -58.24
N ASP P 172 83.70 -1.74 -59.19
CA ASP P 172 84.78 -0.80 -58.91
C ASP P 172 84.33 0.25 -57.91
N SER P 173 85.15 0.48 -56.88
CA SER P 173 84.79 1.47 -55.87
C SER P 173 84.82 2.88 -56.44
N GLY P 174 85.80 3.19 -57.30
CA GLY P 174 85.86 4.51 -57.88
C GLY P 174 84.66 4.83 -58.75
N TYR P 175 84.21 3.85 -59.54
CA TYR P 175 83.03 4.06 -60.37
C TYR P 175 81.79 4.27 -59.51
N GLN P 176 81.65 3.51 -58.43
CA GLN P 176 80.50 3.66 -57.56
C GLN P 176 80.48 5.03 -56.89
N SER P 177 81.65 5.53 -56.47
CA SER P 177 81.70 6.82 -55.80
C SER P 177 81.26 7.95 -56.73
N LYS P 178 81.66 7.89 -57.99
CA LYS P 178 81.24 8.91 -58.95
C LYS P 178 79.74 8.89 -59.15
N ILE P 179 79.14 7.70 -59.23
CA ILE P 179 77.70 7.60 -59.45
C ILE P 179 76.94 8.13 -58.25
N TYR P 180 77.37 7.76 -57.04
CA TYR P 180 76.66 8.19 -55.84
C TYR P 180 76.68 9.71 -55.68
N ASN P 181 77.85 10.34 -55.92
CA ASN P 181 77.95 11.78 -55.79
C ASN P 181 77.14 12.50 -56.86
N SER P 182 76.95 11.87 -58.03
CA SER P 182 76.19 12.49 -59.10
C SER P 182 74.72 12.67 -58.74
N LEU P 183 74.22 11.91 -57.78
CA LEU P 183 72.83 12.03 -57.33
C LEU P 183 72.69 13.33 -56.55
N THR P 184 71.95 14.28 -57.10
CA THR P 184 71.76 15.55 -56.42
C THR P 184 70.93 15.37 -55.15
N SER P 185 71.14 16.26 -54.18
CA SER P 185 70.36 16.23 -52.96
C SER P 185 68.88 16.48 -53.24
N SER P 186 68.57 17.25 -54.29
CA SER P 186 67.18 17.48 -54.66
C SER P 186 66.53 16.22 -55.23
N LEU P 187 67.31 15.24 -55.68
CA LEU P 187 66.75 14.01 -56.21
C LEU P 187 66.32 13.07 -55.09
N LEU P 188 67.26 12.74 -54.19
CA LEU P 188 66.95 11.83 -53.10
C LEU P 188 65.90 12.40 -52.16
N ASN P 189 65.92 13.71 -51.94
CA ASN P 189 64.96 14.34 -51.05
C ASN P 189 63.56 14.39 -51.61
N ALA P 190 63.37 14.03 -52.88
CA ALA P 190 62.06 14.03 -53.50
C ALA P 190 61.32 12.71 -53.32
N GLY P 191 61.89 11.76 -52.59
CA GLY P 191 61.23 10.49 -52.37
C GLY P 191 61.92 9.32 -53.04
N TYR P 192 63.25 9.38 -53.13
CA TYR P 192 64.05 8.34 -53.76
C TYR P 192 65.03 7.77 -52.74
N PHE P 193 65.13 6.46 -52.69
CA PHE P 193 65.99 5.76 -51.75
C PHE P 193 67.20 5.17 -52.50
N LEU P 194 68.38 5.32 -51.90
CA LEU P 194 69.62 4.85 -52.48
C LEU P 194 70.14 3.66 -51.69
N ILE P 195 70.57 2.62 -52.39
CA ILE P 195 71.16 1.43 -51.78
C ILE P 195 72.61 1.36 -52.23
N ALA P 196 73.53 1.34 -51.27
CA ALA P 196 74.96 1.40 -51.56
C ALA P 196 75.68 0.25 -50.89
N ASP P 197 76.88 -0.04 -51.38
CA ASP P 197 77.74 -1.07 -50.84
C ASP P 197 78.93 -0.43 -50.15
N ASN P 198 79.17 -0.82 -48.89
CA ASN P 198 80.32 -0.32 -48.17
C ASN P 198 81.60 -0.96 -48.70
N GLN P 199 82.66 -0.15 -48.81
CA GLN P 199 83.95 -0.64 -49.24
C GLN P 199 84.83 -1.10 -48.08
N ASP P 200 84.41 -0.87 -46.84
CA ASP P 200 85.24 -1.18 -45.69
C ASP P 200 84.35 -1.43 -44.49
N LYS P 201 84.82 -2.31 -43.60
CA LYS P 201 84.08 -2.64 -42.39
C LYS P 201 84.15 -1.52 -41.35
N ASN P 202 85.22 -0.74 -41.35
CA ASN P 202 85.50 0.20 -40.27
C ASN P 202 84.78 1.53 -40.41
N THR P 203 84.78 2.12 -41.61
CA THR P 203 84.22 3.44 -41.81
C THR P 203 82.98 3.37 -42.70
N ALA P 204 82.05 4.28 -42.45
CA ALA P 204 80.80 4.34 -43.21
C ALA P 204 80.95 5.24 -44.43
N LEU P 205 79.97 5.15 -45.32
CA LEU P 205 79.99 5.94 -46.54
C LEU P 205 79.68 7.40 -46.26
N ILE P 206 80.15 8.27 -47.15
CA ILE P 206 79.83 9.69 -47.12
C ILE P 206 78.80 9.95 -48.21
N THR P 207 77.64 10.47 -47.81
CA THR P 207 76.50 10.60 -48.71
C THR P 207 75.91 12.00 -48.59
N GLU P 208 75.44 12.53 -49.72
CA GLU P 208 74.84 13.86 -49.73
C GLU P 208 73.59 13.91 -48.86
N VAL P 209 72.77 12.87 -48.89
CA VAL P 209 71.57 12.79 -48.08
C VAL P 209 71.67 11.51 -47.25
N ALA P 210 72.09 11.63 -46.00
CA ALA P 210 72.30 10.47 -45.16
C ALA P 210 71.00 9.75 -44.85
N SER P 211 69.91 10.50 -44.65
CA SER P 211 68.65 9.91 -44.25
C SER P 211 68.04 9.02 -45.32
N GLN P 212 68.42 9.19 -46.59
CA GLN P 212 67.84 8.44 -47.70
C GLN P 212 68.83 7.42 -48.27
N THR P 213 69.63 6.78 -47.41
CA THR P 213 70.66 5.87 -47.88
C THR P 213 70.80 4.70 -46.93
N ALA P 214 70.91 3.51 -47.49
CA ALA P 214 71.21 2.29 -46.75
C ALA P 214 72.49 1.68 -47.30
N THR P 215 73.36 1.25 -46.39
CA THR P 215 74.67 0.72 -46.76
C THR P 215 74.82 -0.68 -46.22
N TYR P 216 75.37 -1.58 -47.05
CA TYR P 216 75.48 -2.99 -46.72
C TYR P 216 76.91 -3.47 -46.90
N TYR P 217 77.26 -4.52 -46.15
CA TYR P 217 78.60 -5.09 -46.15
C TYR P 217 78.51 -6.48 -45.57
N PRO P 218 79.28 -7.46 -46.09
CA PRO P 218 80.22 -7.39 -47.20
C PRO P 218 79.61 -7.83 -48.52
N ALA P 219 80.42 -7.89 -49.58
CA ALA P 219 79.94 -8.37 -50.87
C ALA P 219 79.69 -9.88 -50.81
N VAL P 220 79.02 -10.37 -51.84
CA VAL P 220 78.64 -11.78 -51.90
C VAL P 220 79.45 -12.46 -52.99
N LYS P 221 79.49 -13.79 -52.93
CA LYS P 221 80.21 -14.60 -53.89
C LYS P 221 79.25 -15.55 -54.60
N VAL P 222 79.55 -15.82 -55.87
CA VAL P 222 78.82 -16.78 -56.67
C VAL P 222 79.84 -17.74 -57.29
N SER P 223 79.36 -18.90 -57.71
CA SER P 223 80.28 -19.92 -58.23
C SER P 223 80.66 -19.62 -59.68
N GLN P 224 79.68 -19.49 -60.56
CA GLN P 224 79.95 -19.29 -61.98
C GLN P 224 79.33 -17.97 -62.44
N LEU P 225 80.09 -17.23 -63.22
CA LEU P 225 79.59 -16.02 -63.85
C LEU P 225 78.84 -16.41 -65.13
N ILE P 226 78.50 -15.40 -65.93
CA ILE P 226 77.83 -15.61 -67.20
C ILE P 226 78.86 -15.42 -68.30
N GLN P 227 79.13 -16.48 -69.05
CA GLN P 227 80.04 -16.44 -70.18
C GLN P 227 79.22 -16.35 -71.47
N ALA P 228 79.68 -15.52 -72.40
CA ALA P 228 78.97 -15.26 -73.63
C ALA P 228 79.85 -15.60 -74.82
N GLU P 229 79.22 -16.06 -75.90
CA GLU P 229 79.94 -16.35 -77.13
C GLU P 229 80.42 -15.05 -77.77
N ASP P 230 81.34 -15.19 -78.72
CA ASP P 230 81.93 -14.02 -79.37
C ASP P 230 80.87 -13.18 -80.08
N SER P 231 79.79 -13.80 -80.53
CA SER P 231 78.73 -13.05 -81.19
C SER P 231 77.98 -12.12 -80.24
N GLN P 232 78.16 -12.28 -78.93
CA GLN P 232 77.46 -11.44 -77.95
C GLN P 232 78.27 -10.23 -77.53
N ILE P 233 79.60 -10.31 -77.55
CA ILE P 233 80.44 -9.20 -77.12
C ILE P 233 80.47 -8.15 -78.23
N ALA P 234 80.08 -6.92 -77.89
CA ALA P 234 80.09 -5.83 -78.86
C ALA P 234 81.48 -5.20 -78.95
N VAL P 235 81.76 -4.60 -80.09
CA VAL P 235 83.05 -3.96 -80.33
C VAL P 235 82.86 -2.47 -80.58
N LEU P 251 82.37 -9.68 -81.80
CA LEU P 251 83.70 -10.27 -81.85
C LEU P 251 83.80 -11.29 -82.98
N ALA P 252 82.66 -11.87 -83.35
CA ALA P 252 82.64 -12.80 -84.47
C ALA P 252 83.03 -12.10 -85.77
N GLN P 253 82.54 -10.88 -85.98
CA GLN P 253 82.96 -10.10 -87.14
C GLN P 253 84.44 -9.78 -87.09
N LEU P 254 84.95 -9.48 -85.90
CA LEU P 254 86.36 -9.10 -85.78
C LEU P 254 87.27 -10.30 -86.02
N LYS P 255 86.83 -11.50 -85.63
CA LYS P 255 87.62 -12.71 -85.85
C LYS P 255 87.83 -12.96 -87.34
N GLU P 256 86.76 -12.85 -88.12
CA GLU P 256 86.85 -13.12 -89.55
C GLU P 256 87.59 -12.01 -90.30
N LYS P 257 87.64 -10.81 -89.76
CA LYS P 257 88.27 -9.68 -90.44
C LYS P 257 89.77 -9.62 -90.18
N ASN P 258 90.17 -9.71 -88.91
CA ASN P 258 91.58 -9.55 -88.53
C ASN P 258 91.84 -10.37 -87.28
N PRO P 259 92.27 -11.63 -87.44
CA PRO P 259 92.58 -12.45 -86.25
C PRO P 259 93.72 -11.90 -85.41
N THR P 260 94.59 -11.05 -85.97
CA THR P 260 95.73 -10.54 -85.21
C THR P 260 95.27 -9.70 -84.03
N VAL P 261 94.41 -8.71 -84.28
CA VAL P 261 93.89 -7.91 -83.18
C VAL P 261 92.96 -8.74 -82.31
N TYR P 262 92.29 -9.74 -82.89
CA TYR P 262 91.44 -10.61 -82.09
C TYR P 262 92.25 -11.35 -81.04
N GLN P 263 93.44 -11.84 -81.42
CA GLN P 263 94.32 -12.47 -80.45
C GLN P 263 94.76 -11.47 -79.37
N GLN P 264 95.02 -10.23 -79.78
CA GLN P 264 95.41 -9.21 -78.81
C GLN P 264 94.31 -8.96 -77.78
N ALA P 265 93.06 -8.89 -78.23
CA ALA P 265 91.95 -8.66 -77.31
C ALA P 265 91.71 -9.88 -76.41
N VAL P 266 91.85 -11.08 -76.98
CA VAL P 266 91.56 -12.29 -76.22
C VAL P 266 92.52 -12.45 -75.04
N GLN P 267 93.79 -12.07 -75.23
CA GLN P 267 94.76 -12.18 -74.13
C GLN P 267 94.32 -11.35 -72.93
N LYS P 268 93.85 -10.12 -73.18
CA LYS P 268 93.32 -9.30 -72.09
C LYS P 268 92.05 -9.92 -71.53
N ILE P 269 91.20 -10.51 -72.38
CA ILE P 269 90.00 -11.18 -71.90
C ILE P 269 90.37 -12.36 -71.01
N GLN P 270 91.35 -13.16 -71.46
CA GLN P 270 91.80 -14.30 -70.66
C GLN P 270 92.46 -13.83 -69.37
N ALA P 271 93.17 -12.70 -69.42
CA ALA P 271 93.77 -12.15 -68.22
C ALA P 271 92.69 -11.78 -67.20
N ILE P 272 91.60 -11.17 -67.66
CA ILE P 272 90.49 -10.84 -66.78
C ILE P 272 89.84 -12.11 -66.25
N GLN P 273 89.69 -13.13 -67.10
CA GLN P 273 89.00 -14.35 -66.70
C GLN P 273 89.70 -15.06 -65.56
N ASP P 274 91.03 -15.16 -65.62
CA ASP P 274 91.76 -15.84 -64.56
C ASP P 274 91.78 -15.03 -63.26
N GLU P 275 91.87 -13.70 -63.35
CA GLU P 275 91.89 -12.88 -62.16
C GLU P 275 90.57 -13.01 -61.38
N ILE P 276 89.45 -13.03 -62.09
CA ILE P 276 88.16 -13.20 -61.44
C ILE P 276 88.07 -14.56 -60.77
N ALA P 277 88.53 -15.60 -61.47
CA ALA P 277 88.52 -16.94 -60.88
C ALA P 277 89.48 -17.02 -59.70
N ALA P 278 90.63 -16.35 -59.79
CA ALA P 278 91.61 -16.39 -58.70
C ALA P 278 91.08 -15.71 -57.45
N ASN P 279 90.72 -14.44 -57.56
CA ASN P 279 90.21 -13.69 -56.42
C ASN P 279 88.81 -14.12 -56.00
N GLY P 280 88.14 -14.93 -56.80
CA GLY P 280 86.77 -15.30 -56.53
C GLY P 280 85.78 -14.38 -57.23
N ASN P 281 84.58 -14.91 -57.45
CA ASN P 281 83.54 -14.19 -58.17
C ASN P 281 82.79 -13.32 -57.16
N ILE P 282 83.24 -12.07 -57.02
CA ILE P 282 82.69 -11.14 -56.05
C ILE P 282 81.66 -10.27 -56.73
N ILE P 283 80.45 -10.25 -56.21
CA ILE P 283 79.33 -9.49 -56.76
C ILE P 283 78.92 -8.46 -55.71
N PRO P 284 78.72 -7.19 -56.09
CA PRO P 284 78.22 -6.21 -55.12
C PRO P 284 76.85 -6.62 -54.59
N VAL P 285 76.63 -6.35 -53.30
CA VAL P 285 75.45 -6.86 -52.61
C VAL P 285 74.23 -5.96 -52.77
N SER P 286 74.41 -4.71 -53.22
CA SER P 286 73.26 -3.81 -53.35
C SER P 286 72.25 -4.34 -54.36
N ALA P 287 72.72 -4.99 -55.42
CA ALA P 287 71.80 -5.57 -56.39
C ALA P 287 70.95 -6.66 -55.76
N VAL P 288 71.55 -7.50 -54.92
CA VAL P 288 70.79 -8.53 -54.23
C VAL P 288 69.76 -7.92 -53.30
N MET P 289 70.16 -6.87 -52.57
CA MET P 289 69.27 -6.29 -51.57
C MET P 289 68.05 -5.64 -52.21
N ALA P 290 68.20 -5.11 -53.42
CA ALA P 290 67.06 -4.51 -54.12
C ALA P 290 65.96 -5.55 -54.36
N GLY P 291 66.35 -6.78 -54.69
CA GLY P 291 65.36 -7.83 -54.84
C GLY P 291 64.68 -8.17 -53.53
N ILE P 292 65.43 -8.10 -52.43
CA ILE P 292 64.85 -8.35 -51.10
C ILE P 292 63.82 -7.29 -50.76
N TYR P 293 64.07 -6.04 -51.19
CA TYR P 293 63.11 -4.97 -50.92
C TYR P 293 61.77 -5.25 -51.59
N CYS P 294 61.80 -5.68 -52.84
CA CYS P 294 60.56 -5.96 -53.56
C CYS P 294 59.87 -7.21 -53.01
N ALA P 295 60.66 -8.24 -52.68
CA ALA P 295 60.07 -9.46 -52.13
C ALA P 295 59.39 -9.19 -50.79
N THR P 296 60.03 -8.37 -49.94
CA THR P 296 59.42 -8.02 -48.66
C THR P 296 58.15 -7.18 -48.86
N ASP P 297 58.19 -6.23 -49.79
CA ASP P 297 57.04 -5.37 -50.03
C ASP P 297 55.88 -6.15 -50.64
N ALA P 298 56.17 -7.22 -51.38
CA ALA P 298 55.09 -8.05 -51.91
C ALA P 298 54.46 -8.92 -50.83
N SER P 299 55.29 -9.51 -49.97
CA SER P 299 54.80 -10.41 -48.94
C SER P 299 54.16 -9.63 -47.79
N ARG P 300 54.95 -8.80 -47.11
CA ARG P 300 54.47 -7.90 -46.08
C ARG P 300 54.42 -6.48 -46.62
N GLY P 301 54.11 -5.53 -45.76
CA GLY P 301 54.03 -4.15 -46.18
C GLY P 301 55.39 -3.49 -46.29
N VAL P 302 55.37 -2.24 -46.75
CA VAL P 302 56.58 -1.43 -46.78
C VAL P 302 57.07 -1.15 -45.38
N TRP P 303 56.17 -1.23 -44.39
CA TRP P 303 56.55 -0.97 -43.01
C TRP P 303 57.36 -2.10 -42.39
N LYS P 304 57.34 -3.29 -42.99
CA LYS P 304 58.15 -4.39 -42.49
C LYS P 304 59.60 -4.19 -42.88
N ALA P 305 60.49 -4.32 -41.91
CA ALA P 305 61.91 -4.13 -42.17
C ALA P 305 62.43 -5.20 -43.13
N PRO P 306 63.27 -4.83 -44.10
CA PRO P 306 63.77 -5.81 -45.06
C PRO P 306 64.86 -6.73 -44.52
N ALA P 307 65.10 -6.73 -43.22
CA ALA P 307 66.11 -7.60 -42.64
C ALA P 307 65.50 -8.94 -42.26
N ASN P 308 66.34 -9.85 -41.76
CA ASN P 308 65.93 -11.19 -41.37
C ASN P 308 65.29 -11.95 -42.54
N ILE P 309 65.87 -11.77 -43.73
CA ILE P 309 65.42 -12.44 -44.94
C ILE P 309 66.58 -13.25 -45.49
N VAL P 310 66.30 -14.49 -45.86
CA VAL P 310 67.34 -15.41 -46.33
C VAL P 310 67.69 -15.09 -47.78
N LEU P 311 68.97 -14.87 -48.04
CA LEU P 311 69.44 -14.68 -49.41
C LEU P 311 69.37 -15.99 -50.18
N SER P 312 69.16 -15.88 -51.48
CA SER P 312 68.96 -17.04 -52.35
C SER P 312 69.97 -17.03 -53.49
N GLY P 313 70.37 -18.24 -53.90
CA GLY P 313 71.27 -18.38 -55.04
C GLY P 313 72.65 -17.79 -54.80
N ILE P 314 73.21 -17.99 -53.62
CA ILE P 314 74.51 -17.44 -53.28
C ILE P 314 75.43 -18.58 -52.83
N SER P 315 76.74 -18.36 -52.99
CA SER P 315 77.75 -19.34 -52.61
C SER P 315 78.31 -19.06 -51.22
N ASP P 316 78.84 -17.86 -51.01
CA ASP P 316 79.43 -17.49 -49.73
C ASP P 316 79.51 -15.98 -49.65
N VAL P 317 79.66 -15.47 -48.43
CA VAL P 317 79.90 -14.06 -48.21
C VAL P 317 81.40 -13.81 -48.31
N ALA P 318 81.77 -12.58 -48.67
CA ALA P 318 83.18 -12.26 -48.87
C ALA P 318 83.97 -12.41 -47.59
N GLU P 319 83.41 -11.98 -46.46
CA GLU P 319 84.09 -12.06 -45.18
C GLU P 319 83.09 -12.42 -44.09
N ARG P 320 83.44 -13.40 -43.27
CA ARG P 320 82.59 -13.80 -42.16
C ARG P 320 82.68 -12.77 -41.04
N LEU P 321 81.56 -12.55 -40.36
CA LEU P 321 81.48 -11.58 -39.28
C LEU P 321 81.05 -12.24 -37.99
N THR P 322 81.46 -11.66 -36.87
CA THR P 322 81.07 -12.12 -35.55
C THR P 322 80.10 -11.12 -34.92
N ASP P 323 79.50 -11.53 -33.80
CA ASP P 323 78.56 -10.67 -33.11
C ASP P 323 79.24 -9.40 -32.61
N ASP P 324 80.47 -9.52 -32.09
CA ASP P 324 81.18 -8.35 -31.59
C ASP P 324 81.48 -7.37 -32.72
N GLU P 325 81.93 -7.89 -33.87
CA GLU P 325 82.28 -7.00 -34.98
C GLU P 325 81.05 -6.26 -35.52
N GLN P 326 79.92 -6.97 -35.66
CA GLN P 326 78.72 -6.32 -36.19
C GLN P 326 78.24 -5.21 -35.27
N GLY P 327 78.32 -5.42 -33.96
CA GLY P 327 77.90 -4.39 -33.03
C GLY P 327 78.68 -3.10 -33.19
N GLU P 328 79.93 -3.19 -33.65
CA GLU P 328 80.71 -1.99 -33.92
C GLU P 328 80.16 -1.24 -35.13
N MET P 329 79.80 -1.98 -36.18
CA MET P 329 79.31 -1.33 -37.41
C MET P 329 77.88 -0.85 -37.23
N ASN P 330 77.05 -1.62 -36.51
CA ASN P 330 75.64 -1.28 -36.39
C ASN P 330 75.45 0.10 -35.75
N SER P 331 76.36 0.49 -34.86
CA SER P 331 76.31 1.85 -34.32
C SER P 331 76.63 2.89 -35.38
N LYS P 332 77.52 2.55 -36.32
CA LYS P 332 77.89 3.46 -37.39
C LYS P 332 76.88 3.50 -38.53
N GLY P 333 75.94 2.57 -38.56
CA GLY P 333 74.93 2.53 -39.59
C GLY P 333 75.21 1.62 -40.76
N ILE P 334 76.10 0.64 -40.62
CA ILE P 334 76.44 -0.28 -41.69
C ILE P 334 75.69 -1.59 -41.46
N ASN P 335 74.78 -1.90 -42.38
CA ASN P 335 74.00 -3.13 -42.28
C ASN P 335 74.84 -4.32 -42.69
N ALA P 336 74.72 -5.41 -41.94
CA ALA P 336 75.58 -6.57 -42.11
C ALA P 336 74.84 -7.72 -42.77
N ILE P 337 75.60 -8.56 -43.46
CA ILE P 337 75.11 -9.84 -43.99
C ILE P 337 75.77 -10.92 -43.15
N ARG P 338 74.96 -11.62 -42.36
CA ARG P 338 75.46 -12.63 -41.43
C ARG P 338 75.05 -14.02 -41.87
N TYR P 339 75.82 -15.01 -41.43
CA TYR P 339 75.53 -16.41 -41.66
C TYR P 339 75.19 -17.07 -40.34
N PHE P 340 74.03 -17.71 -40.28
CA PHE P 340 73.59 -18.43 -39.08
C PHE P 340 73.34 -19.88 -39.47
N SER P 341 73.85 -20.81 -38.65
CA SER P 341 73.77 -22.22 -38.99
C SER P 341 72.33 -22.69 -39.09
N HIS P 342 71.47 -22.25 -38.18
CA HIS P 342 70.09 -22.70 -38.18
C HIS P 342 69.29 -22.12 -39.34
N LYS P 343 69.75 -21.01 -39.92
CA LYS P 343 68.98 -20.29 -40.92
C LYS P 343 69.69 -20.09 -42.25
N GLY P 344 71.01 -19.98 -42.27
CA GLY P 344 71.73 -19.73 -43.51
C GLY P 344 72.23 -18.31 -43.61
N PHE P 345 72.27 -17.76 -44.82
CA PHE P 345 72.69 -16.38 -45.03
C PHE P 345 71.47 -15.47 -44.94
N VAL P 346 71.51 -14.51 -44.03
CA VAL P 346 70.39 -13.61 -43.79
C VAL P 346 70.91 -12.19 -43.74
N VAL P 347 69.99 -11.24 -43.91
CA VAL P 347 70.30 -9.82 -43.76
C VAL P 347 70.06 -9.43 -42.31
N TRP P 348 71.09 -8.89 -41.68
CA TRP P 348 71.04 -8.53 -40.26
C TRP P 348 71.30 -7.03 -40.15
N GLY P 349 70.24 -6.24 -40.26
CA GLY P 349 70.36 -4.79 -40.17
C GLY P 349 69.33 -4.06 -41.00
N ALA P 350 68.72 -3.03 -40.43
CA ALA P 350 67.68 -2.27 -41.12
C ALA P 350 67.81 -0.77 -40.86
N ARG P 351 69.03 -0.26 -40.70
CA ARG P 351 69.26 1.13 -40.34
C ARG P 351 69.80 1.91 -41.52
N THR P 352 69.42 3.18 -41.60
CA THR P 352 69.93 4.10 -42.61
C THR P 352 71.23 4.73 -42.11
N LEU P 353 71.71 5.76 -42.80
CA LEU P 353 72.95 6.43 -42.43
C LEU P 353 72.74 7.57 -41.45
N GLN P 354 71.50 7.84 -41.05
CA GLN P 354 71.19 8.88 -40.09
C GLN P 354 70.78 8.24 -38.76
N ASN P 355 71.28 8.78 -37.66
CA ASN P 355 71.14 8.17 -36.35
C ASN P 355 70.39 9.07 -35.38
N ASP P 356 69.29 9.66 -35.83
CA ASP P 356 68.38 10.35 -34.93
C ASP P 356 67.12 9.52 -34.72
N ASP P 357 66.25 9.99 -33.84
CA ASP P 357 65.06 9.23 -33.49
C ASP P 357 64.11 9.06 -34.68
N ASN P 358 64.00 10.07 -35.53
CA ASN P 358 63.03 10.01 -36.62
C ASN P 358 63.47 9.06 -37.72
N TRP P 359 64.56 9.39 -38.41
CA TRP P 359 65.02 8.62 -39.57
C TRP P 359 66.21 7.77 -39.16
N ARG P 360 65.93 6.66 -38.47
CA ARG P 360 66.96 5.71 -38.10
C ARG P 360 66.78 4.35 -38.75
N TYR P 361 65.55 3.90 -38.95
CA TYR P 361 65.27 2.59 -39.52
C TYR P 361 64.74 2.75 -40.95
N ILE P 362 65.16 1.83 -41.82
CA ILE P 362 64.74 1.91 -43.23
C ILE P 362 63.23 1.85 -43.39
N PRO P 363 62.50 0.93 -42.75
CA PRO P 363 61.04 0.90 -42.97
C PRO P 363 60.33 2.20 -42.63
N VAL P 364 60.78 2.90 -41.59
CA VAL P 364 60.15 4.17 -41.22
C VAL P 364 60.34 5.19 -42.32
N ARG P 365 61.55 5.26 -42.87
CA ARG P 365 61.84 6.28 -43.89
C ARG P 365 61.13 5.96 -45.20
N ARG P 366 61.12 4.69 -45.61
CA ARG P 366 60.53 4.35 -46.89
C ARG P 366 59.00 4.39 -46.83
N LEU P 367 58.42 4.13 -45.67
CA LEU P 367 56.96 4.24 -45.53
C LEU P 367 56.51 5.67 -45.75
N PHE P 368 57.25 6.63 -45.21
CA PHE P 368 56.90 8.04 -45.42
C PHE P 368 57.06 8.43 -46.87
N ASN P 369 58.04 7.86 -47.56
CA ASN P 369 58.22 8.13 -48.99
C ASN P 369 57.02 7.66 -49.78
N ALA P 370 56.49 6.47 -49.46
CA ALA P 370 55.33 5.97 -50.15
C ALA P 370 54.10 6.79 -49.84
N ALA P 371 53.89 7.13 -48.56
CA ALA P 371 52.71 7.88 -48.17
C ALA P 371 52.71 9.28 -48.80
N GLU P 372 53.87 9.94 -48.80
CA GLU P 372 53.95 11.27 -49.38
C GLU P 372 53.74 11.23 -50.90
N ARG P 373 54.37 10.26 -51.58
CA ARG P 373 54.24 10.18 -53.03
C ARG P 373 52.81 9.84 -53.44
N ASP P 374 52.15 8.93 -52.71
CA ASP P 374 50.78 8.57 -53.05
C ASP P 374 49.83 9.74 -52.85
N ILE P 375 49.95 10.44 -51.72
CA ILE P 375 49.06 11.57 -51.45
C ILE P 375 49.34 12.70 -52.42
N LYS P 376 50.62 12.97 -52.70
CA LYS P 376 50.96 14.05 -53.61
C LYS P 376 50.40 13.80 -55.00
N GLN P 377 50.40 12.55 -55.45
CA GLN P 377 49.86 12.23 -56.76
C GLN P 377 48.35 12.42 -56.79
N ALA P 378 47.68 12.15 -55.67
CA ALA P 378 46.22 12.28 -55.64
C ALA P 378 45.80 13.73 -55.59
N MET P 379 46.58 14.60 -54.95
CA MET P 379 46.23 16.00 -54.83
C MET P 379 46.38 16.77 -56.13
N GLN P 380 46.98 16.17 -57.17
CA GLN P 380 47.17 16.89 -58.42
C GLN P 380 45.86 17.24 -59.10
N SER P 381 44.77 16.58 -58.74
CA SER P 381 43.45 16.88 -59.29
C SER P 381 42.70 17.92 -58.46
N VAL P 382 43.35 18.48 -57.44
CA VAL P 382 42.73 19.49 -56.59
C VAL P 382 43.44 20.84 -56.71
N VAL P 383 44.39 20.98 -57.64
CA VAL P 383 45.33 22.09 -57.61
C VAL P 383 44.66 23.40 -58.01
N PHE P 384 43.40 23.38 -58.44
CA PHE P 384 42.70 24.61 -58.77
C PHE P 384 41.24 24.58 -58.31
N GLU P 385 40.89 23.68 -57.40
CA GLU P 385 39.54 23.59 -56.90
C GLU P 385 39.25 24.79 -56.00
N PRO P 386 37.98 25.14 -55.81
CA PRO P 386 37.65 26.24 -54.89
C PRO P 386 38.17 25.98 -53.48
N ASN P 387 38.67 27.04 -52.85
CA ASN P 387 39.24 26.94 -51.51
C ASN P 387 38.17 27.33 -50.50
N SER P 388 37.26 26.40 -50.23
CA SER P 388 36.15 26.64 -49.32
C SER P 388 35.92 25.38 -48.49
N GLN P 389 34.89 25.42 -47.65
CA GLN P 389 34.60 24.29 -46.75
C GLN P 389 34.31 22.99 -47.50
N PRO P 390 33.47 22.96 -48.55
CA PRO P 390 33.21 21.67 -49.20
C PRO P 390 34.45 20.99 -49.75
N THR P 391 35.42 21.76 -50.25
CA THR P 391 36.65 21.17 -50.74
C THR P 391 37.45 20.53 -49.62
N TRP P 392 37.51 21.20 -48.46
CA TRP P 392 38.30 20.68 -47.34
C TRP P 392 37.73 19.37 -46.83
N GLU P 393 36.40 19.23 -46.81
CA GLU P 393 35.78 18.01 -46.32
C GLU P 393 36.15 16.82 -47.18
N ARG P 394 36.13 17.00 -48.52
CA ARG P 394 36.49 15.91 -49.41
C ARG P 394 37.97 15.57 -49.31
N VAL P 395 38.82 16.60 -49.19
CA VAL P 395 40.26 16.36 -49.07
C VAL P 395 40.56 15.61 -47.78
N LYS P 396 39.94 16.05 -46.68
CA LYS P 396 40.17 15.40 -45.39
C LYS P 396 39.71 13.94 -45.41
N SER P 397 38.53 13.69 -46.00
CA SER P 397 37.99 12.34 -46.01
C SER P 397 38.86 11.39 -46.82
N ALA P 398 39.38 11.85 -47.96
CA ALA P 398 40.20 10.99 -48.82
C ALA P 398 41.47 10.57 -48.10
N ILE P 399 42.16 11.52 -47.45
CA ILE P 399 43.37 11.19 -46.72
C ILE P 399 43.05 10.34 -45.49
N ASP P 400 41.95 10.65 -44.82
CA ASP P 400 41.56 9.90 -43.63
C ASP P 400 41.31 8.43 -43.96
N ASN P 401 40.62 8.17 -45.07
CA ASN P 401 40.37 6.79 -45.48
C ASN P 401 41.67 6.07 -45.83
N TYR P 402 42.58 6.78 -46.51
CA TYR P 402 43.86 6.17 -46.86
C TYR P 402 44.68 5.81 -45.62
N LEU P 403 44.75 6.72 -44.66
CA LEU P 403 45.48 6.44 -43.43
C LEU P 403 44.78 5.38 -42.59
N TYR P 404 43.44 5.36 -42.60
CA TYR P 404 42.70 4.34 -41.86
C TYR P 404 42.98 2.96 -42.41
N SER P 405 43.08 2.83 -43.74
CA SER P 405 43.43 1.55 -44.34
C SER P 405 44.83 1.12 -43.95
N LEU P 406 45.77 2.07 -43.89
CA LEU P 406 47.14 1.74 -43.49
C LEU P 406 47.19 1.27 -42.05
N TRP P 407 46.41 1.90 -41.17
CA TRP P 407 46.42 1.52 -39.76
C TRP P 407 45.90 0.10 -39.57
N GLN P 408 44.84 -0.26 -40.27
CA GLN P 408 44.28 -1.61 -40.14
C GLN P 408 45.22 -2.67 -40.68
N GLN P 409 46.09 -2.33 -41.62
CA GLN P 409 47.08 -3.28 -42.12
C GLN P 409 48.25 -3.46 -41.17
N GLY P 410 48.31 -2.68 -40.09
CA GLY P 410 49.39 -2.77 -39.14
C GLY P 410 50.56 -1.84 -39.38
N ALA P 411 50.40 -0.85 -40.26
CA ALA P 411 51.49 0.06 -40.60
C ALA P 411 51.66 1.18 -39.59
N LEU P 412 50.70 1.41 -38.72
CA LEU P 412 50.74 2.50 -37.76
C LEU P 412 50.48 1.97 -36.36
N ALA P 413 51.14 2.55 -35.36
CA ALA P 413 51.07 2.09 -33.99
C ALA P 413 50.02 2.87 -33.22
N GLY P 414 49.11 2.15 -32.57
CA GLY P 414 48.09 2.78 -31.76
C GLY P 414 46.85 1.93 -31.61
N ASN P 415 46.20 1.98 -30.44
CA ASN P 415 44.99 1.23 -30.21
C ASN P 415 43.78 1.84 -30.90
N LYS P 416 43.76 3.16 -31.08
CA LYS P 416 42.66 3.86 -31.70
C LYS P 416 43.22 4.79 -32.76
N PRO P 417 42.41 5.16 -33.76
CA PRO P 417 42.92 6.02 -34.84
C PRO P 417 43.44 7.36 -34.36
N GLN P 418 42.92 7.90 -33.26
CA GLN P 418 43.39 9.18 -32.77
C GLN P 418 44.85 9.14 -32.34
N GLU P 419 45.37 7.96 -31.99
CA GLU P 419 46.76 7.82 -31.59
C GLU P 419 47.68 7.43 -32.74
N ALA P 420 47.12 6.97 -33.87
CA ALA P 420 47.91 6.52 -35.00
C ALA P 420 48.11 7.58 -36.06
N TYR P 421 47.08 8.39 -36.35
CA TYR P 421 47.17 9.39 -37.39
C TYR P 421 46.22 10.53 -37.08
N PHE P 422 46.47 11.68 -37.73
CA PHE P 422 45.60 12.83 -37.62
C PHE P 422 45.77 13.68 -38.87
N VAL P 423 44.66 14.28 -39.32
CA VAL P 423 44.66 15.18 -40.46
C VAL P 423 43.96 16.48 -40.04
N GLN P 424 44.55 17.61 -40.40
CA GLN P 424 44.02 18.92 -40.02
C GLN P 424 44.03 19.82 -41.23
N ILE P 425 42.85 20.33 -41.60
CA ILE P 425 42.72 21.33 -42.66
C ILE P 425 41.48 22.16 -42.39
N GLY P 426 41.63 23.47 -42.34
CA GLY P 426 40.50 24.33 -42.04
C GLY P 426 40.90 25.79 -42.09
N LYS P 427 39.88 26.64 -41.98
CA LYS P 427 40.09 28.08 -42.12
C LYS P 427 40.92 28.65 -40.98
N ASP P 428 40.66 28.21 -39.75
CA ASP P 428 41.32 28.77 -38.59
C ASP P 428 42.24 27.79 -37.87
N VAL P 429 42.30 26.53 -38.31
CA VAL P 429 43.11 25.52 -37.63
C VAL P 429 44.42 25.35 -38.37
N THR P 430 44.40 25.59 -39.68
CA THR P 430 45.61 25.38 -40.48
C THR P 430 46.00 26.60 -41.30
N MET P 431 45.03 27.33 -41.84
CA MET P 431 45.29 28.50 -42.67
C MET P 431 44.82 29.76 -41.96
N SER P 432 44.85 30.88 -42.69
CA SER P 432 44.29 32.14 -42.24
C SER P 432 43.69 32.85 -43.44
N ASP P 433 43.17 34.06 -43.22
CA ASP P 433 42.57 34.82 -44.31
C ASP P 433 43.60 35.21 -45.36
N ASP P 434 44.82 35.54 -44.93
CA ASP P 434 45.84 35.98 -45.88
C ASP P 434 46.30 34.83 -46.78
N ASP P 435 46.42 33.63 -46.22
CA ASP P 435 46.83 32.49 -47.04
C ASP P 435 45.78 32.17 -48.09
N ILE P 436 44.50 32.23 -47.72
CA ILE P 436 43.43 31.99 -48.69
C ILE P 436 43.44 33.07 -49.76
N LYS P 437 43.64 34.33 -49.37
CA LYS P 437 43.71 35.41 -50.34
C LYS P 437 44.90 35.25 -51.28
N GLN P 438 45.98 34.62 -50.81
CA GLN P 438 47.16 34.41 -51.63
C GLN P 438 47.14 33.07 -52.35
N GLY P 439 46.13 32.25 -52.13
CA GLY P 439 45.98 31.01 -52.87
C GLY P 439 46.58 29.78 -52.24
N LYS P 440 47.01 29.86 -50.99
CA LYS P 440 47.63 28.72 -50.31
C LYS P 440 46.58 27.86 -49.64
N MET P 441 46.68 26.55 -49.84
CA MET P 441 45.88 25.57 -49.12
C MET P 441 46.83 24.66 -48.36
N ILE P 442 46.70 24.64 -47.03
CA ILE P 442 47.64 23.96 -46.15
C ILE P 442 46.94 22.78 -45.49
N VAL P 443 47.56 21.61 -45.57
CA VAL P 443 47.05 20.39 -44.96
C VAL P 443 48.13 19.82 -44.04
N LYS P 444 47.74 19.48 -42.82
CA LYS P 444 48.63 18.87 -41.84
C LYS P 444 48.32 17.39 -41.73
N VAL P 445 49.35 16.55 -41.88
CA VAL P 445 49.20 15.11 -41.81
C VAL P 445 50.20 14.57 -40.79
N GLY P 446 49.72 13.74 -39.87
CA GLY P 446 50.59 13.14 -38.89
C GLY P 446 50.47 11.63 -38.89
N MET P 447 51.61 10.93 -38.92
CA MET P 447 51.63 9.47 -38.94
C MET P 447 52.59 8.96 -37.88
N ALA P 448 52.18 7.92 -37.18
CA ALA P 448 53.00 7.26 -36.17
C ALA P 448 53.42 5.90 -36.74
N ALA P 449 54.54 5.89 -37.44
CA ALA P 449 55.01 4.67 -38.07
C ALA P 449 55.48 3.66 -37.02
N VAL P 450 55.55 2.41 -37.43
CA VAL P 450 55.93 1.30 -36.55
C VAL P 450 57.41 0.99 -36.80
N ARG P 451 58.19 0.94 -35.71
CA ARG P 451 59.61 0.67 -35.81
C ARG P 451 59.91 -0.81 -35.60
N PRO P 452 60.96 -1.34 -36.22
CA PRO P 452 61.31 -2.75 -36.01
C PRO P 452 61.90 -2.97 -34.62
N ALA P 453 61.84 -4.22 -34.19
CA ALA P 453 62.35 -4.62 -32.86
C ALA P 453 63.78 -5.10 -33.02
N GLU P 454 64.70 -4.16 -33.22
CA GLU P 454 66.08 -4.52 -33.51
C GLU P 454 66.68 -5.38 -32.40
N PHE P 455 66.26 -5.18 -31.16
CA PHE P 455 66.77 -5.93 -30.02
C PHE P 455 65.63 -6.54 -29.25
N ILE P 456 65.72 -7.84 -28.99
CA ILE P 456 64.79 -8.56 -28.12
C ILE P 456 65.51 -8.84 -26.82
N ILE P 457 64.95 -8.40 -25.70
CA ILE P 457 65.56 -8.55 -24.39
C ILE P 457 64.63 -9.40 -23.54
N LEU P 458 65.14 -10.55 -23.07
CA LEU P 458 64.39 -11.46 -22.22
C LEU P 458 64.90 -11.32 -20.80
N GLN P 459 64.01 -10.96 -19.88
CA GLN P 459 64.35 -10.80 -18.47
C GLN P 459 63.71 -11.95 -17.70
N PHE P 460 64.54 -12.90 -17.29
CA PHE P 460 64.07 -14.08 -16.56
C PHE P 460 64.20 -13.82 -15.06
N SER P 461 63.12 -14.05 -14.34
CA SER P 461 63.09 -13.93 -12.89
C SER P 461 62.56 -15.22 -12.30
N GLN P 462 62.90 -15.45 -11.03
CA GLN P 462 62.54 -16.68 -10.35
C GLN P 462 61.25 -16.53 -9.54
N GLN P 463 60.54 -15.42 -9.69
CA GLN P 463 59.24 -15.22 -9.05
C GLN P 463 58.28 -16.34 -9.43
N THR Q 3 -43.81 41.82 -43.00
CA THR Q 3 -45.12 42.42 -43.23
C THR Q 3 -45.77 42.89 -41.94
N ILE Q 4 -46.76 43.75 -42.07
CA ILE Q 4 -47.50 44.30 -40.94
C ILE Q 4 -48.91 43.73 -40.97
N PRO Q 5 -49.28 42.88 -40.02
CA PRO Q 5 -50.64 42.31 -40.03
C PRO Q 5 -51.70 43.39 -39.92
N THR Q 6 -52.77 43.22 -40.68
CA THR Q 6 -53.90 44.15 -40.68
C THR Q 6 -55.21 43.47 -40.33
N TYR Q 7 -55.44 42.25 -40.82
CA TYR Q 7 -56.63 41.48 -40.51
C TYR Q 7 -56.24 40.17 -39.86
N PRO Q 8 -57.07 39.64 -38.96
CA PRO Q 8 -56.79 38.32 -38.38
C PRO Q 8 -56.76 37.25 -39.44
N GLY Q 9 -55.83 36.32 -39.29
CA GLY Q 9 -55.67 35.24 -40.25
C GLY Q 9 -54.24 34.73 -40.24
N VAL Q 10 -53.84 34.14 -41.36
CA VAL Q 10 -52.52 33.54 -41.52
C VAL Q 10 -51.80 34.28 -42.64
N TYR Q 11 -50.57 34.69 -42.38
CA TYR Q 11 -49.72 35.37 -43.35
C TYR Q 11 -48.53 34.50 -43.71
N ILE Q 12 -48.06 34.63 -44.94
CA ILE Q 12 -46.94 33.84 -45.45
C ILE Q 12 -45.82 34.80 -45.84
N GLU Q 13 -44.63 34.55 -45.30
CA GLU Q 13 -43.43 35.31 -45.62
C GLU Q 13 -42.41 34.39 -46.27
N GLU Q 14 -41.86 34.82 -47.40
CA GLU Q 14 -40.81 34.09 -48.08
C GLU Q 14 -39.49 34.80 -47.90
N ASP Q 15 -38.45 34.04 -47.55
CA ASP Q 15 -37.12 34.60 -47.32
C ASP Q 15 -36.56 35.15 -48.62
N ALA Q 16 -36.51 36.48 -48.73
CA ALA Q 16 -35.96 37.14 -49.90
C ALA Q 16 -34.49 37.51 -49.75
N SER Q 17 -33.85 37.13 -48.64
CA SER Q 17 -32.43 37.43 -48.46
C SER Q 17 -31.60 36.76 -49.56
N LEU Q 18 -30.53 37.44 -49.97
CA LEU Q 18 -29.76 36.99 -51.13
C LEU Q 18 -28.91 35.77 -50.76
N ASN Q 19 -28.79 34.83 -51.70
CA ASN Q 19 -27.83 33.74 -51.59
C ASN Q 19 -26.93 33.84 -52.82
N LEU Q 20 -25.67 33.49 -52.66
CA LEU Q 20 -24.64 33.71 -53.66
C LEU Q 20 -23.94 32.41 -54.01
N SER Q 21 -23.60 32.26 -55.29
CA SER Q 21 -22.88 31.09 -55.78
C SER Q 21 -22.18 31.50 -57.06
N VAL Q 22 -20.87 31.31 -57.09
CA VAL Q 22 -20.05 31.63 -58.25
C VAL Q 22 -19.85 30.34 -59.03
N ASN Q 23 -20.33 30.32 -60.26
CA ASN Q 23 -20.26 29.14 -61.11
C ASN Q 23 -19.36 29.42 -62.31
N GLN Q 24 -18.53 28.43 -62.65
CA GLN Q 24 -17.62 28.56 -63.77
C GLN Q 24 -18.37 28.59 -65.09
N GLY Q 25 -17.93 29.47 -65.99
CA GLY Q 25 -18.48 29.57 -67.32
C GLY Q 25 -17.46 29.16 -68.38
N ASN Q 26 -17.88 29.31 -69.64
CA ASN Q 26 -17.00 29.01 -70.75
C ASN Q 26 -15.81 29.97 -70.76
N THR Q 27 -14.66 29.47 -71.22
CA THR Q 27 -13.44 30.25 -71.23
C THR Q 27 -12.72 30.20 -72.57
N ALA Q 28 -13.40 29.74 -73.63
CA ALA Q 28 -12.72 29.52 -74.89
C ALA Q 28 -13.54 29.88 -76.13
N ILE Q 29 -14.56 30.72 -76.03
CA ILE Q 29 -15.32 31.12 -77.22
C ILE Q 29 -14.54 32.18 -77.98
N PRO Q 30 -14.12 31.92 -79.22
CA PRO Q 30 -13.39 32.93 -79.97
C PRO Q 30 -14.30 33.78 -80.85
N VAL Q 31 -13.77 34.87 -81.39
CA VAL Q 31 -14.45 35.66 -82.41
C VAL Q 31 -13.47 35.85 -83.57
N PHE Q 32 -13.95 35.59 -84.78
CA PHE Q 32 -13.11 35.67 -85.97
C PHE Q 32 -13.48 36.91 -86.76
N ILE Q 33 -12.48 37.74 -87.05
CA ILE Q 33 -12.67 38.97 -87.80
C ILE Q 33 -11.92 38.84 -89.11
N GLY Q 34 -12.65 38.97 -90.21
CA GLY Q 34 -12.03 38.82 -91.52
C GLY Q 34 -13.07 38.94 -92.62
N LEU Q 35 -12.66 38.60 -93.83
CA LEU Q 35 -13.52 38.69 -94.99
C LEU Q 35 -14.35 37.41 -95.11
N PHE Q 36 -15.63 37.50 -94.81
CA PHE Q 36 -16.55 36.38 -94.92
C PHE Q 36 -17.73 36.79 -95.81
N SER Q 37 -18.39 35.79 -96.37
CA SER Q 37 -19.53 35.99 -97.28
C SER Q 37 -20.75 35.30 -96.69
N PRO Q 38 -21.52 35.97 -95.85
CA PRO Q 38 -22.73 35.36 -95.30
C PRO Q 38 -23.79 35.16 -96.38
N LYS Q 39 -24.59 34.11 -96.19
CA LYS Q 39 -25.65 33.81 -97.15
C LYS Q 39 -26.78 34.83 -97.11
N ASN Q 40 -27.06 35.38 -95.93
CA ASN Q 40 -28.13 36.33 -95.73
C ASN Q 40 -27.53 37.62 -95.21
N THR Q 41 -27.98 38.74 -95.75
CA THR Q 41 -27.48 40.04 -95.34
C THR Q 41 -28.24 40.57 -94.12
N GLN Q 46 -22.67 42.95 -88.14
CA GLN Q 46 -23.25 42.13 -87.09
C GLN Q 46 -22.43 40.87 -86.86
N VAL Q 47 -22.42 40.40 -85.62
CA VAL Q 47 -21.67 39.20 -85.24
C VAL Q 47 -22.64 38.02 -85.18
N THR Q 48 -22.23 36.89 -85.76
CA THR Q 48 -23.08 35.72 -85.89
C THR Q 48 -22.44 34.54 -85.16
N ARG Q 49 -23.27 33.76 -84.46
CA ARG Q 49 -22.81 32.61 -83.72
C ARG Q 49 -22.89 31.36 -84.59
N VAL Q 50 -21.82 30.57 -84.58
CA VAL Q 50 -21.73 29.34 -85.36
C VAL Q 50 -21.40 28.20 -84.40
N ASN Q 51 -22.16 27.10 -84.51
CA ASN Q 51 -22.04 26.00 -83.57
C ASN Q 51 -21.07 24.92 -84.02
N SER Q 52 -20.88 24.74 -85.32
CA SER Q 52 -20.00 23.70 -85.83
C SER Q 52 -19.68 24.03 -87.28
N TRP Q 53 -18.85 23.18 -87.90
CA TRP Q 53 -18.49 23.38 -89.29
C TRP Q 53 -19.71 23.27 -90.20
N LEU Q 54 -20.60 22.31 -89.91
CA LEU Q 54 -21.82 22.17 -90.69
C LEU Q 54 -22.69 23.41 -90.56
N ASP Q 55 -22.76 23.98 -89.35
CA ASP Q 55 -23.52 25.21 -89.15
C ASP Q 55 -22.93 26.36 -89.96
N PHE Q 56 -21.60 26.44 -90.02
CA PHE Q 56 -20.95 27.50 -90.80
C PHE Q 56 -21.29 27.39 -92.28
N THR Q 57 -21.31 26.17 -92.82
CA THR Q 57 -21.63 25.98 -94.22
C THR Q 57 -23.06 26.40 -94.52
N ASN Q 58 -23.99 26.11 -93.61
CA ASN Q 58 -25.39 26.44 -93.84
C ASN Q 58 -25.63 27.94 -93.79
N LEU Q 59 -24.73 28.71 -93.17
CA LEU Q 59 -24.91 30.15 -93.02
C LEU Q 59 -23.93 30.97 -93.84
N PHE Q 60 -22.79 30.42 -94.21
CA PHE Q 60 -21.77 31.15 -94.95
C PHE Q 60 -21.35 30.36 -96.18
N ASN Q 61 -20.88 31.08 -97.19
CA ASN Q 61 -20.40 30.47 -98.43
C ASN Q 61 -18.92 30.14 -98.27
N ALA Q 62 -18.62 28.86 -98.05
CA ALA Q 62 -17.24 28.45 -97.88
C ALA Q 62 -16.50 28.51 -99.21
N GLY Q 63 -15.32 29.11 -99.20
CA GLY Q 63 -14.53 29.23 -100.41
C GLY Q 63 -13.27 30.02 -100.13
N CYS Q 64 -12.37 29.98 -101.11
CA CYS Q 64 -11.09 30.68 -101.03
C CYS Q 64 -11.10 32.02 -101.76
N ILE Q 65 -12.26 32.47 -102.22
CA ILE Q 65 -12.39 33.72 -102.96
C ILE Q 65 -13.36 34.62 -102.21
N ALA Q 66 -12.92 35.85 -101.92
CA ALA Q 66 -13.77 36.81 -101.25
C ALA Q 66 -14.89 37.27 -102.19
N PRO Q 67 -16.01 37.74 -101.64
CA PRO Q 67 -17.07 38.27 -102.50
C PRO Q 67 -16.58 39.45 -103.32
N ILE Q 68 -17.04 39.51 -104.57
CA ILE Q 68 -16.58 40.53 -105.51
C ILE Q 68 -17.42 41.80 -105.36
N VAL Q 116 -11.17 41.27 -107.22
CA VAL Q 116 -11.29 40.03 -106.47
C VAL Q 116 -10.17 39.94 -105.43
N ASN Q 117 -10.41 39.18 -104.37
CA ASN Q 117 -9.47 39.03 -103.27
C ASN Q 117 -9.36 37.57 -102.87
N TYR Q 118 -8.21 37.22 -102.28
CA TYR Q 118 -7.95 35.88 -101.79
C TYR Q 118 -8.14 35.85 -100.28
N THR Q 119 -8.87 34.85 -99.80
CA THR Q 119 -9.21 34.74 -98.38
C THR Q 119 -8.89 33.33 -97.88
N THR Q 120 -8.22 33.26 -96.73
CA THR Q 120 -7.97 32.01 -96.04
C THR Q 120 -8.94 31.79 -94.88
N SER Q 121 -9.93 32.67 -94.72
CA SER Q 121 -10.80 32.61 -93.56
C SER Q 121 -11.61 31.32 -93.52
N SER Q 122 -12.16 30.91 -94.67
CA SER Q 122 -12.94 29.67 -94.72
C SER Q 122 -12.06 28.47 -94.42
N ASP Q 123 -10.86 28.43 -94.99
CA ASP Q 123 -9.94 27.33 -94.71
C ASP Q 123 -9.47 27.36 -93.26
N ALA Q 124 -9.23 28.56 -92.73
CA ALA Q 124 -8.77 28.67 -91.34
C ALA Q 124 -9.82 28.15 -90.37
N LEU Q 125 -11.10 28.46 -90.62
CA LEU Q 125 -12.15 27.99 -89.73
C LEU Q 125 -12.28 26.47 -89.78
N LYS Q 126 -11.99 25.86 -90.92
CA LYS Q 126 -12.02 24.41 -91.02
C LYS Q 126 -10.99 23.78 -90.09
N LEU Q 127 -9.79 24.36 -90.02
CA LEU Q 127 -8.76 23.84 -89.13
C LEU Q 127 -9.14 24.07 -87.67
N TYR Q 128 -9.81 25.18 -87.38
CA TYR Q 128 -10.21 25.47 -86.00
C TYR Q 128 -11.17 24.41 -85.47
N PHE Q 129 -12.15 24.01 -86.29
CA PHE Q 129 -13.06 22.95 -85.88
C PHE Q 129 -12.39 21.59 -85.91
N GLN Q 130 -11.40 21.42 -86.78
CA GLN Q 130 -10.66 20.17 -86.86
C GLN Q 130 -9.85 19.90 -85.59
N ASN Q 131 -9.40 20.94 -84.90
CA ASN Q 131 -8.56 20.80 -83.71
C ASN Q 131 -9.36 20.91 -82.42
N GLY Q 132 -10.61 20.46 -82.43
CA GLY Q 132 -11.41 20.44 -81.22
C GLY Q 132 -12.08 21.74 -80.84
N GLY Q 133 -12.12 22.72 -81.74
CA GLY Q 133 -12.76 23.98 -81.43
C GLY Q 133 -14.26 23.81 -81.23
N GLY Q 134 -14.80 24.66 -80.36
CA GLY Q 134 -16.22 24.63 -80.04
C GLY Q 134 -16.97 25.72 -80.77
N PRO Q 135 -18.13 26.12 -80.22
CA PRO Q 135 -18.90 27.21 -80.83
C PRO Q 135 -18.10 28.51 -80.85
N CYS Q 136 -18.27 29.28 -81.92
CA CYS Q 136 -17.51 30.49 -82.12
C CYS Q 136 -18.44 31.58 -82.64
N TYR Q 137 -17.87 32.77 -82.83
CA TYR Q 137 -18.58 33.91 -83.38
C TYR Q 137 -17.86 34.41 -84.62
N ILE Q 138 -18.63 34.79 -85.64
CA ILE Q 138 -18.10 35.26 -86.91
C ILE Q 138 -18.50 36.72 -87.08
N LEU Q 139 -17.52 37.57 -87.41
CA LEU Q 139 -17.74 38.98 -87.67
C LEU Q 139 -17.33 39.27 -89.10
N PRO Q 140 -18.26 39.17 -90.05
CA PRO Q 140 -17.89 39.33 -91.46
C PRO Q 140 -17.61 40.78 -91.81
N GLN Q 141 -16.53 41.01 -92.56
CA GLN Q 141 -16.19 42.32 -93.08
C GLN Q 141 -16.67 42.43 -94.52
N LEU Q 142 -17.37 43.52 -94.83
CA LEU Q 142 -17.98 43.71 -96.15
C LEU Q 142 -17.39 44.96 -96.80
N ASP Q 143 -17.11 44.86 -98.10
CA ASP Q 143 -16.62 45.97 -98.91
C ASP Q 143 -15.24 46.42 -98.43
N ARG Q 144 -14.91 47.68 -98.71
CA ARG Q 144 -13.60 48.20 -98.34
C ARG Q 144 -13.49 48.36 -96.83
N LEU Q 145 -12.26 48.38 -96.34
CA LEU Q 145 -11.98 48.45 -94.91
C LEU Q 145 -12.04 49.91 -94.47
N THR Q 146 -13.25 50.36 -94.16
CA THR Q 146 -13.47 51.73 -93.75
C THR Q 146 -13.08 51.93 -92.29
N GLN Q 147 -12.90 53.21 -91.92
CA GLN Q 147 -12.58 53.52 -90.53
C GLN Q 147 -13.76 53.29 -89.61
N GLY Q 148 -14.98 53.37 -90.13
CA GLY Q 148 -16.15 53.12 -89.30
C GLY Q 148 -16.22 51.71 -88.78
N PHE Q 149 -15.81 50.74 -89.60
CA PHE Q 149 -15.78 49.35 -89.16
C PHE Q 149 -14.79 49.15 -88.02
N LEU Q 150 -13.63 49.80 -88.10
CA LEU Q 150 -12.62 49.66 -87.05
C LEU Q 150 -13.12 50.18 -85.71
N ASP Q 151 -13.82 51.32 -85.71
CA ASP Q 151 -14.30 51.90 -84.47
C ASP Q 151 -15.38 51.01 -83.83
N SER Q 152 -16.16 50.30 -84.65
CA SER Q 152 -17.25 49.49 -84.14
C SER Q 152 -16.82 48.11 -83.69
N ILE Q 153 -15.59 47.69 -83.98
CA ILE Q 153 -15.17 46.34 -83.59
C ILE Q 153 -15.21 46.12 -82.09
N PRO Q 154 -14.66 46.99 -81.24
CA PRO Q 154 -14.83 46.77 -79.79
C PRO Q 154 -16.28 46.84 -79.35
N GLU Q 155 -17.08 47.69 -80.00
CA GLU Q 155 -18.48 47.82 -79.63
C GLU Q 155 -19.24 46.53 -79.92
N LEU Q 156 -18.99 45.92 -81.09
CA LEU Q 156 -19.72 44.72 -81.47
C LEU Q 156 -19.30 43.51 -80.64
N ILE Q 157 -18.02 43.44 -80.28
CA ILE Q 157 -17.54 42.31 -79.50
C ILE Q 157 -18.16 42.31 -78.11
N LYS Q 158 -18.27 43.49 -77.49
CA LYS Q 158 -18.80 43.58 -76.13
C LYS Q 158 -20.26 43.19 -76.06
N GLN Q 159 -21.03 43.41 -77.14
CA GLN Q 159 -22.44 43.04 -77.13
C GLN Q 159 -22.61 41.53 -76.96
N ALA Q 160 -21.80 40.74 -77.66
CA ALA Q 160 -21.79 39.30 -77.44
C ALA Q 160 -21.08 39.04 -76.13
N LEU Q 161 -21.84 38.61 -75.12
CA LEU Q 161 -21.32 38.55 -73.76
C LEU Q 161 -20.37 37.39 -73.51
N GLU Q 162 -20.39 36.36 -74.35
CA GLU Q 162 -19.61 35.16 -74.09
C GLU Q 162 -18.23 35.19 -74.72
N ILE Q 163 -17.92 36.18 -75.55
CA ILE Q 163 -16.66 36.18 -76.30
C ILE Q 163 -15.49 36.31 -75.34
N THR Q 164 -14.49 35.44 -75.52
CA THR Q 164 -13.30 35.43 -74.68
C THR Q 164 -12.01 35.61 -75.47
N LEU Q 165 -11.88 34.97 -76.62
CA LEU Q 165 -10.67 35.04 -77.43
C LEU Q 165 -10.95 35.81 -78.71
N ILE Q 166 -9.92 36.50 -79.22
CA ILE Q 166 -10.02 37.28 -80.44
C ILE Q 166 -8.99 36.76 -81.43
N VAL Q 167 -9.44 36.43 -82.63
CA VAL Q 167 -8.58 35.86 -83.67
C VAL Q 167 -8.89 36.55 -85.00
N CYS Q 168 -7.85 36.86 -85.76
CA CYS Q 168 -8.00 37.38 -87.12
C CYS Q 168 -7.44 36.34 -88.10
N PRO Q 169 -8.29 35.56 -88.74
CA PRO Q 169 -7.79 34.45 -89.58
C PRO Q 169 -7.36 34.87 -90.97
N GLU Q 170 -7.17 36.16 -91.20
CA GLU Q 170 -6.72 36.62 -92.50
C GLU Q 170 -5.23 36.36 -92.67
N TRP Q 171 -4.79 36.31 -93.93
CA TRP Q 171 -3.40 36.02 -94.26
C TRP Q 171 -2.56 37.26 -94.50
N ASP Q 172 -3.15 38.33 -95.04
CA ASP Q 172 -2.39 39.54 -95.35
C ASP Q 172 -1.89 40.18 -94.06
N SER Q 173 -0.60 40.51 -94.04
CA SER Q 173 -0.01 41.13 -92.85
C SER Q 173 -0.57 42.53 -92.63
N GLY Q 174 -0.77 43.30 -93.70
CA GLY Q 174 -1.32 44.63 -93.56
C GLY Q 174 -2.72 44.62 -92.98
N TYR Q 175 -3.55 43.67 -93.44
CA TYR Q 175 -4.90 43.57 -92.89
C TYR Q 175 -4.88 43.19 -91.42
N GLN Q 176 -4.00 42.25 -91.05
CA GLN Q 176 -3.92 41.83 -89.65
C GLN Q 176 -3.49 42.97 -88.74
N SER Q 177 -2.53 43.79 -89.19
CA SER Q 177 -2.06 44.90 -88.37
C SER Q 177 -3.18 45.90 -88.10
N LYS Q 178 -3.99 46.19 -89.12
CA LYS Q 178 -5.09 47.14 -88.93
C LYS Q 178 -6.12 46.61 -87.94
N ILE Q 179 -6.43 45.32 -88.02
CA ILE Q 179 -7.40 44.73 -87.10
C ILE Q 179 -6.86 44.74 -85.67
N TYR Q 180 -5.59 44.38 -85.49
CA TYR Q 180 -5.01 44.32 -84.15
C TYR Q 180 -4.98 45.69 -83.49
N ASN Q 181 -4.60 46.72 -84.24
CA ASN Q 181 -4.54 48.06 -83.67
C ASN Q 181 -5.93 48.60 -83.34
N SER Q 182 -6.96 48.14 -84.06
CA SER Q 182 -8.31 48.59 -83.80
C SER Q 182 -8.81 48.16 -82.43
N LEU Q 183 -8.20 47.14 -81.84
CA LEU Q 183 -8.60 46.65 -80.53
C LEU Q 183 -8.13 47.65 -79.48
N THR Q 184 -9.07 48.32 -78.82
CA THR Q 184 -8.71 49.30 -77.81
C THR Q 184 -8.13 48.60 -76.58
N SER Q 185 -7.26 49.32 -75.87
CA SER Q 185 -6.71 48.80 -74.63
C SER Q 185 -7.81 48.60 -73.59
N SER Q 186 -8.87 49.41 -73.66
CA SER Q 186 -10.01 49.23 -72.76
C SER Q 186 -10.76 47.94 -73.02
N LEU Q 187 -10.59 47.34 -74.21
CA LEU Q 187 -11.25 46.08 -74.52
C LEU Q 187 -10.46 44.89 -73.95
N LEU Q 188 -9.17 44.82 -74.27
CA LEU Q 188 -8.36 43.70 -73.82
C LEU Q 188 -8.20 43.69 -72.30
N ASN Q 189 -8.15 44.86 -71.67
CA ASN Q 189 -8.01 44.94 -70.23
C ASN Q 189 -9.26 44.50 -69.48
N ALA Q 190 -10.38 44.29 -70.18
CA ALA Q 190 -11.62 43.84 -69.56
C ALA Q 190 -11.71 42.33 -69.45
N GLY Q 191 -10.69 41.59 -69.88
CA GLY Q 191 -10.70 40.15 -69.78
C GLY Q 191 -10.78 39.44 -71.11
N TYR Q 192 -10.19 40.04 -72.15
CA TYR Q 192 -10.19 39.48 -73.49
C TYR Q 192 -8.76 39.18 -73.91
N PHE Q 193 -8.55 37.98 -74.46
CA PHE Q 193 -7.22 37.52 -74.87
C PHE Q 193 -7.13 37.54 -76.39
N LEU Q 194 -6.00 38.03 -76.90
CA LEU Q 194 -5.76 38.14 -78.34
C LEU Q 194 -4.74 37.10 -78.77
N ILE Q 195 -5.01 36.44 -79.89
CA ILE Q 195 -4.09 35.48 -80.50
C ILE Q 195 -3.66 36.03 -81.84
N ALA Q 196 -2.34 36.18 -82.02
CA ALA Q 196 -1.79 36.82 -83.20
C ALA Q 196 -0.74 35.93 -83.84
N ASP Q 197 -0.47 36.19 -85.11
CA ASP Q 197 0.54 35.47 -85.87
C ASP Q 197 1.73 36.38 -86.14
N ASN Q 198 2.91 35.92 -85.77
CA ASN Q 198 4.13 36.68 -86.06
C ASN Q 198 4.44 36.63 -87.55
N GLN Q 199 4.84 37.77 -88.09
CA GLN Q 199 5.23 37.86 -89.49
C GLN Q 199 6.71 37.56 -89.72
N ASP Q 200 7.50 37.43 -88.66
CA ASP Q 200 8.93 37.24 -88.80
C ASP Q 200 9.46 36.55 -87.55
N LYS Q 201 10.51 35.74 -87.75
CA LYS Q 201 11.12 35.02 -86.62
C LYS Q 201 11.95 35.93 -85.75
N ASN Q 202 12.46 37.02 -86.29
CA ASN Q 202 13.46 37.83 -85.60
C ASN Q 202 12.85 38.82 -84.61
N THR Q 203 11.79 39.52 -84.98
CA THR Q 203 11.22 40.56 -84.14
C THR Q 203 9.81 40.18 -83.70
N ALA Q 204 9.45 40.61 -82.50
CA ALA Q 204 8.15 40.33 -81.94
C ALA Q 204 7.14 41.40 -82.36
N LEU Q 205 5.86 41.10 -82.14
CA LEU Q 205 4.79 42.01 -82.51
C LEU Q 205 4.76 43.21 -81.56
N ILE Q 206 4.18 44.30 -82.04
CA ILE Q 206 3.93 45.48 -81.24
C ILE Q 206 2.43 45.52 -80.94
N THR Q 207 2.09 45.50 -79.66
CA THR Q 207 0.71 45.34 -79.22
C THR Q 207 0.37 46.38 -78.17
N GLU Q 208 -0.87 46.89 -78.21
CA GLU Q 208 -1.30 47.88 -77.25
C GLU Q 208 -1.29 47.33 -75.82
N VAL Q 209 -1.71 46.09 -75.64
CA VAL Q 209 -1.69 45.43 -74.34
C VAL Q 209 -0.85 44.17 -74.49
N ALA Q 210 0.41 44.23 -74.07
CA ALA Q 210 1.30 43.08 -74.25
C ALA Q 210 0.88 41.91 -73.37
N SER Q 211 0.37 42.19 -72.17
CA SER Q 211 0.04 41.12 -71.23
C SER Q 211 -1.12 40.26 -71.69
N GLN Q 212 -1.96 40.76 -72.59
CA GLN Q 212 -3.13 40.03 -73.06
C GLN Q 212 -2.97 39.53 -74.49
N THR Q 213 -1.77 39.12 -74.87
CA THR Q 213 -1.49 38.74 -76.25
C THR Q 213 -0.52 37.57 -76.29
N ALA Q 214 -0.81 36.61 -77.16
CA ALA Q 214 0.08 35.50 -77.46
C ALA Q 214 0.39 35.51 -78.95
N THR Q 215 1.66 35.28 -79.29
CA THR Q 215 2.13 35.34 -80.66
C THR Q 215 2.72 34.01 -81.06
N TYR Q 216 2.41 33.57 -82.28
CA TYR Q 216 2.83 32.26 -82.76
C TYR Q 216 3.50 32.38 -84.12
N TYR Q 217 4.40 31.44 -84.40
CA TYR Q 217 5.19 31.40 -85.62
C TYR Q 217 5.75 30.00 -85.77
N PRO Q 218 5.84 29.45 -86.99
CA PRO Q 218 5.47 30.02 -88.29
C PRO Q 218 4.06 29.64 -88.71
N ALA Q 219 3.66 30.04 -89.92
CA ALA Q 219 2.38 29.64 -90.45
C ALA Q 219 2.38 28.15 -90.79
N VAL Q 220 1.19 27.61 -91.05
CA VAL Q 220 1.03 26.20 -91.31
C VAL Q 220 0.58 26.00 -92.76
N LYS Q 221 0.77 24.78 -93.25
CA LYS Q 221 0.44 24.43 -94.63
C LYS Q 221 -0.60 23.32 -94.65
N VAL Q 222 -1.48 23.39 -95.65
CA VAL Q 222 -2.45 22.34 -95.93
C VAL Q 222 -2.34 22.00 -97.42
N SER Q 223 -2.83 20.82 -97.78
CA SER Q 223 -2.67 20.37 -99.16
C SER Q 223 -3.72 20.97 -100.09
N GLN Q 224 -5.00 20.81 -99.74
CA GLN Q 224 -6.08 21.28 -100.61
C GLN Q 224 -6.92 22.30 -99.87
N LEU Q 225 -7.19 23.42 -100.56
CA LEU Q 225 -8.09 24.43 -100.06
C LEU Q 225 -9.54 24.01 -100.35
N ILE Q 226 -10.47 24.91 -100.07
CA ILE Q 226 -11.88 24.68 -100.34
C ILE Q 226 -12.24 25.39 -101.64
N GLN Q 227 -12.62 24.62 -102.65
CA GLN Q 227 -13.07 25.17 -103.93
C GLN Q 227 -14.59 25.15 -103.98
N ALA Q 228 -15.17 26.22 -104.49
CA ALA Q 228 -16.61 26.41 -104.51
C ALA Q 228 -17.09 26.59 -105.93
N GLU Q 229 -18.29 26.10 -106.22
CA GLU Q 229 -18.90 26.30 -107.52
C GLU Q 229 -19.29 27.75 -107.71
N ASP Q 230 -19.55 28.11 -108.98
CA ASP Q 230 -19.87 29.50 -109.31
C ASP Q 230 -21.10 29.99 -108.58
N SER Q 231 -22.01 29.09 -108.21
CA SER Q 231 -23.20 29.48 -107.48
C SER Q 231 -22.89 29.93 -106.05
N GLN Q 232 -21.69 29.66 -105.55
CA GLN Q 232 -21.32 30.02 -104.19
C GLN Q 232 -20.62 31.36 -104.10
N ILE Q 233 -19.90 31.77 -105.15
CA ILE Q 233 -19.17 33.04 -105.12
C ILE Q 233 -20.17 34.17 -105.30
N ALA Q 234 -20.21 35.09 -104.34
CA ALA Q 234 -21.09 36.23 -104.41
C ALA Q 234 -20.47 37.33 -105.27
N VAL Q 235 -21.33 38.17 -105.84
CA VAL Q 235 -20.88 39.26 -106.70
C VAL Q 235 -21.25 40.61 -106.09
N LEU Q 251 -21.91 33.94 -109.15
CA LEU Q 251 -21.19 33.94 -110.42
C LEU Q 251 -21.99 33.23 -111.49
N ALA Q 252 -22.90 32.34 -111.08
CA ALA Q 252 -23.77 31.66 -112.03
C ALA Q 252 -24.68 32.65 -112.75
N GLN Q 253 -25.22 33.62 -112.00
CA GLN Q 253 -26.01 34.67 -112.63
C GLN Q 253 -25.16 35.50 -113.59
N LEU Q 254 -23.91 35.76 -113.21
CA LEU Q 254 -23.02 36.55 -114.07
C LEU Q 254 -22.72 35.81 -115.37
N LYS Q 255 -22.55 34.50 -115.30
CA LYS Q 255 -22.23 33.72 -116.50
C LYS Q 255 -23.35 33.82 -117.54
N GLU Q 256 -24.60 33.67 -117.09
CA GLU Q 256 -25.72 33.70 -118.02
C GLU Q 256 -26.02 35.09 -118.55
N LYS Q 257 -25.60 36.14 -117.84
CA LYS Q 257 -25.92 37.50 -118.24
C LYS Q 257 -24.89 38.08 -119.20
N ASN Q 258 -23.60 37.97 -118.87
CA ASN Q 258 -22.54 38.56 -119.66
C ASN Q 258 -21.28 37.72 -119.50
N PRO Q 259 -21.06 36.75 -120.40
CA PRO Q 259 -19.84 35.94 -120.32
C PRO Q 259 -18.56 36.73 -120.50
N THR Q 260 -18.62 37.91 -121.13
CA THR Q 260 -17.40 38.68 -121.37
C THR Q 260 -16.75 39.11 -120.06
N VAL Q 261 -17.52 39.73 -119.17
CA VAL Q 261 -16.96 40.12 -117.87
C VAL Q 261 -16.72 38.90 -117.01
N TYR Q 262 -17.50 37.83 -117.20
CA TYR Q 262 -17.25 36.59 -116.48
C TYR Q 262 -15.88 36.03 -116.82
N GLN Q 263 -15.50 36.07 -118.10
CA GLN Q 263 -14.16 35.65 -118.49
C GLN Q 263 -13.10 36.56 -117.85
N GLN Q 264 -13.38 37.85 -117.76
CA GLN Q 264 -12.43 38.79 -117.16
C GLN Q 264 -12.17 38.44 -115.70
N ALA Q 265 -13.22 38.12 -114.95
CA ALA Q 265 -13.04 37.75 -113.54
C ALA Q 265 -12.34 36.41 -113.40
N VAL Q 266 -12.63 35.46 -114.30
CA VAL Q 266 -12.07 34.12 -114.19
C VAL Q 266 -10.55 34.15 -114.31
N GLN Q 267 -10.01 34.99 -115.20
CA GLN Q 267 -8.56 35.08 -115.35
C GLN Q 267 -7.90 35.49 -114.04
N LYS Q 268 -8.48 36.49 -113.36
CA LYS Q 268 -7.97 36.88 -112.05
C LYS Q 268 -8.17 35.76 -111.03
N ILE Q 269 -9.31 35.08 -111.09
CA ILE Q 269 -9.55 33.93 -110.21
C ILE Q 269 -8.53 32.84 -110.48
N GLN Q 270 -8.30 32.53 -111.76
CA GLN Q 270 -7.28 31.56 -112.11
C GLN Q 270 -5.89 32.05 -111.74
N ALA Q 271 -5.64 33.36 -111.87
CA ALA Q 271 -4.37 33.91 -111.45
C ALA Q 271 -4.16 33.75 -109.96
N ILE Q 272 -5.23 33.94 -109.17
CA ILE Q 272 -5.12 33.72 -107.72
C ILE Q 272 -4.88 32.24 -107.43
N GLN Q 273 -5.54 31.36 -108.19
CA GLN Q 273 -5.48 29.93 -107.88
C GLN Q 273 -4.07 29.38 -108.04
N ASP Q 274 -3.36 29.75 -109.11
CA ASP Q 274 -2.06 29.16 -109.37
C ASP Q 274 -0.98 29.71 -108.46
N GLU Q 275 -1.06 30.99 -108.07
CA GLU Q 275 -0.10 31.54 -107.11
C GLU Q 275 -0.18 30.80 -105.78
N ILE Q 276 -1.39 30.51 -105.31
CA ILE Q 276 -1.55 29.78 -104.06
C ILE Q 276 -0.96 28.37 -104.18
N ALA Q 277 -1.22 27.71 -105.30
CA ALA Q 277 -0.63 26.38 -105.53
C ALA Q 277 0.89 26.47 -105.64
N ALA Q 278 1.39 27.53 -106.28
CA ALA Q 278 2.84 27.68 -106.45
C ALA Q 278 3.54 27.91 -105.12
N ASN Q 279 3.16 28.98 -104.41
CA ASN Q 279 3.79 29.31 -103.14
C ASN Q 279 3.41 28.34 -102.03
N GLY Q 280 2.42 27.48 -102.25
CA GLY Q 280 1.93 26.60 -101.21
C GLY Q 280 0.74 27.19 -100.49
N ASN Q 281 -0.09 26.31 -99.95
CA ASN Q 281 -1.32 26.71 -99.27
C ASN Q 281 -0.98 27.06 -97.83
N ILE Q 282 -0.69 28.34 -97.60
CA ILE Q 282 -0.25 28.83 -96.30
C ILE Q 282 -1.46 29.38 -95.56
N ILE Q 283 -1.72 28.85 -94.37
CA ILE Q 283 -2.85 29.23 -93.54
C ILE Q 283 -2.30 29.85 -92.27
N PRO Q 284 -2.83 31.00 -91.83
CA PRO Q 284 -2.38 31.57 -90.55
C PRO Q 284 -2.64 30.61 -89.40
N VAL Q 285 -1.69 30.57 -88.46
CA VAL Q 285 -1.72 29.56 -87.40
C VAL Q 285 -2.58 29.96 -86.22
N SER Q 286 -2.96 31.23 -86.10
CA SER Q 286 -3.76 31.66 -84.95
C SER Q 286 -5.10 30.95 -84.91
N ALA Q 287 -5.70 30.70 -86.07
CA ALA Q 287 -6.98 29.99 -86.11
C ALA Q 287 -6.84 28.58 -85.55
N VAL Q 288 -5.75 27.90 -85.90
CA VAL Q 288 -5.51 26.56 -85.36
C VAL Q 288 -5.33 26.61 -83.86
N MET Q 289 -4.59 27.60 -83.36
CA MET Q 289 -4.29 27.66 -81.93
C MET Q 289 -5.55 27.94 -81.12
N ALA Q 290 -6.53 28.63 -81.71
CA ALA Q 290 -7.78 28.86 -81.00
C ALA Q 290 -8.50 27.56 -80.70
N GLY Q 291 -8.44 26.61 -81.63
CA GLY Q 291 -9.03 25.30 -81.36
C GLY Q 291 -8.30 24.55 -80.27
N ILE Q 292 -6.97 24.73 -80.21
CA ILE Q 292 -6.19 24.06 -79.17
C ILE Q 292 -6.57 24.59 -77.79
N TYR Q 293 -6.88 25.89 -77.71
CA TYR Q 293 -7.28 26.49 -76.43
C TYR Q 293 -8.56 25.84 -75.91
N CYS Q 294 -9.54 25.65 -76.78
CA CYS Q 294 -10.79 25.03 -76.35
C CYS Q 294 -10.61 23.55 -76.05
N ALA Q 295 -9.80 22.86 -76.85
CA ALA Q 295 -9.54 21.45 -76.60
C ALA Q 295 -8.84 21.24 -75.26
N THR Q 296 -7.88 22.10 -74.95
CA THR Q 296 -7.20 22.00 -73.66
C THR Q 296 -8.13 22.32 -72.51
N ASP Q 297 -8.95 23.36 -72.66
CA ASP Q 297 -9.86 23.75 -71.59
C ASP Q 297 -10.93 22.69 -71.36
N ALA Q 298 -11.30 21.93 -72.39
CA ALA Q 298 -12.25 20.85 -72.20
C ALA Q 298 -11.61 19.67 -71.47
N SER Q 299 -10.39 19.30 -71.85
CA SER Q 299 -9.73 18.15 -71.26
C SER Q 299 -9.21 18.47 -69.86
N ARG Q 300 -8.28 19.42 -69.78
CA ARG Q 300 -7.76 19.92 -68.51
C ARG Q 300 -8.38 21.29 -68.23
N GLY Q 301 -7.92 21.92 -67.16
CA GLY Q 301 -8.44 23.22 -66.81
C GLY Q 301 -7.81 24.34 -67.63
N VAL Q 302 -8.29 25.56 -67.36
CA VAL Q 302 -7.70 26.74 -67.97
C VAL Q 302 -6.29 26.95 -67.46
N TRP Q 303 -5.98 26.41 -66.29
CA TRP Q 303 -4.65 26.55 -65.70
C TRP Q 303 -3.60 25.73 -66.42
N LYS Q 304 -4.01 24.71 -67.18
CA LYS Q 304 -3.07 23.91 -67.94
C LYS Q 304 -2.61 24.70 -69.18
N ALA Q 305 -1.30 24.74 -69.40
CA ALA Q 305 -0.76 25.48 -70.52
C ALA Q 305 -1.19 24.83 -71.83
N PRO Q 306 -1.53 25.63 -72.85
CA PRO Q 306 -1.98 25.07 -74.13
C PRO Q 306 -0.87 24.54 -75.01
N ALA Q 307 0.36 24.41 -74.49
CA ALA Q 307 1.45 23.89 -75.27
C ALA Q 307 1.53 22.37 -75.15
N ASN Q 308 2.51 21.77 -75.83
CA ASN Q 308 2.69 20.31 -75.84
C ASN Q 308 1.44 19.59 -76.32
N ILE Q 309 0.78 20.14 -77.32
CA ILE Q 309 -0.42 19.57 -77.92
C ILE Q 309 -0.16 19.34 -79.40
N VAL Q 310 -0.53 18.16 -79.89
CA VAL Q 310 -0.26 17.78 -81.26
C VAL Q 310 -1.28 18.44 -82.18
N LEU Q 311 -0.78 19.10 -83.22
CA LEU Q 311 -1.66 19.65 -84.24
C LEU Q 311 -2.27 18.53 -85.07
N SER Q 312 -3.46 18.78 -85.61
CA SER Q 312 -4.22 17.77 -86.33
C SER Q 312 -4.65 18.29 -87.69
N GLY Q 313 -4.73 17.38 -88.65
CA GLY Q 313 -5.18 17.73 -89.99
C GLY Q 313 -4.28 18.71 -90.70
N ILE Q 314 -2.98 18.50 -90.64
CA ILE Q 314 -2.02 19.45 -91.19
C ILE Q 314 -1.05 18.72 -92.11
N SER Q 315 -0.43 19.48 -93.02
CA SER Q 315 0.52 18.94 -93.96
C SER Q 315 1.97 19.19 -93.53
N ASP Q 316 2.34 20.45 -93.32
CA ASP Q 316 3.69 20.79 -92.92
C ASP Q 316 3.68 22.21 -92.35
N VAL Q 317 4.74 22.54 -91.63
CA VAL Q 317 4.95 23.89 -91.14
C VAL Q 317 5.65 24.68 -92.23
N ALA Q 318 5.46 26.01 -92.22
CA ALA Q 318 6.02 26.85 -93.27
C ALA Q 318 7.54 26.81 -93.25
N GLU Q 319 8.15 26.82 -92.07
CA GLU Q 319 9.59 26.81 -91.94
C GLU Q 319 10.00 25.96 -90.74
N ARG Q 320 10.92 25.03 -90.96
CA ARG Q 320 11.43 24.20 -89.88
C ARG Q 320 12.32 25.01 -88.97
N LEU Q 321 12.32 24.66 -87.68
CA LEU Q 321 13.07 25.37 -86.66
C LEU Q 321 13.96 24.40 -85.90
N THR Q 322 15.03 24.94 -85.32
CA THR Q 322 15.94 24.18 -84.48
C THR Q 322 15.84 24.66 -83.04
N ASP Q 323 16.48 23.90 -82.14
CA ASP Q 323 16.48 24.27 -80.74
C ASP Q 323 17.16 25.62 -80.52
N ASP Q 324 18.27 25.86 -81.21
CA ASP Q 324 18.99 27.12 -81.05
C ASP Q 324 18.14 28.30 -81.49
N GLU Q 325 17.44 28.15 -82.63
CA GLU Q 325 16.62 29.26 -83.14
C GLU Q 325 15.46 29.56 -82.20
N GLN Q 326 14.77 28.52 -81.72
CA GLN Q 326 13.62 28.74 -80.84
C GLN Q 326 14.04 29.43 -79.55
N GLY Q 327 15.21 29.07 -79.01
CA GLY Q 327 15.68 29.71 -77.79
C GLY Q 327 15.83 31.20 -77.95
N GLU Q 328 16.23 31.66 -79.15
CA GLU Q 328 16.28 33.08 -79.42
C GLU Q 328 14.89 33.70 -79.40
N MET Q 329 13.91 33.01 -79.99
CA MET Q 329 12.55 33.55 -80.05
C MET Q 329 11.87 33.48 -78.69
N ASN Q 330 12.06 32.38 -77.96
CA ASN Q 330 11.38 32.20 -76.68
C ASN Q 330 11.72 33.31 -75.70
N SER Q 331 12.93 33.88 -75.80
CA SER Q 331 13.27 35.03 -74.96
C SER Q 331 12.45 36.26 -75.33
N LYS Q 332 12.15 36.42 -76.62
CA LYS Q 332 11.40 37.58 -77.09
C LYS Q 332 9.89 37.43 -76.90
N GLY Q 333 9.42 36.24 -76.60
CA GLY Q 333 8.01 36.00 -76.41
C GLY Q 333 7.26 35.44 -77.61
N ILE Q 334 7.95 34.87 -78.58
CA ILE Q 334 7.33 34.32 -79.78
C ILE Q 334 7.22 32.81 -79.60
N ASN Q 335 5.99 32.31 -79.49
CA ASN Q 335 5.76 30.88 -79.35
C ASN Q 335 5.94 30.19 -80.69
N ALA Q 336 6.65 29.07 -80.68
CA ALA Q 336 7.03 28.38 -81.89
C ALA Q 336 6.29 27.06 -82.05
N ILE Q 337 6.03 26.70 -83.30
CA ILE Q 337 5.44 25.40 -83.65
C ILE Q 337 6.58 24.53 -84.15
N ARG Q 338 6.89 23.48 -83.39
CA ARG Q 338 8.02 22.60 -83.67
C ARG Q 338 7.53 21.25 -84.16
N TYR Q 339 8.43 20.52 -84.81
CA TYR Q 339 8.18 19.17 -85.26
C TYR Q 339 9.16 18.22 -84.58
N PHE Q 340 8.64 17.18 -83.94
CA PHE Q 340 9.45 16.16 -83.30
C PHE Q 340 9.09 14.80 -83.88
N SER Q 341 10.11 14.01 -84.21
CA SER Q 341 9.89 12.74 -84.88
C SER Q 341 9.04 11.80 -84.03
N HIS Q 342 9.33 11.75 -82.72
CA HIS Q 342 8.61 10.82 -81.86
C HIS Q 342 7.15 11.24 -81.65
N LYS Q 343 6.84 12.52 -81.82
CA LYS Q 343 5.52 13.05 -81.48
C LYS Q 343 4.78 13.70 -82.63
N GLY Q 344 5.49 14.25 -83.62
CA GLY Q 344 4.82 14.94 -84.71
C GLY Q 344 4.90 16.44 -84.57
N PHE Q 345 3.91 17.16 -85.08
CA PHE Q 345 3.85 18.61 -84.97
C PHE Q 345 3.19 18.97 -83.65
N VAL Q 346 3.90 19.73 -82.81
CA VAL Q 346 3.42 20.11 -81.49
C VAL Q 346 3.62 21.60 -81.29
N VAL Q 347 2.91 22.15 -80.32
CA VAL Q 347 3.07 23.55 -79.93
C VAL Q 347 4.09 23.61 -78.80
N TRP Q 348 5.16 24.37 -79.01
CA TRP Q 348 6.27 24.45 -78.07
C TRP Q 348 6.40 25.92 -77.64
N GLY Q 349 5.64 26.29 -76.61
CA GLY Q 349 5.67 27.65 -76.10
C GLY Q 349 4.34 28.09 -75.54
N ALA Q 350 4.36 28.72 -74.36
CA ALA Q 350 3.14 29.17 -73.70
C ALA Q 350 3.30 30.53 -73.04
N ARG Q 351 4.10 31.42 -73.64
CA ARG Q 351 4.41 32.71 -73.05
C ARG Q 351 3.67 33.82 -73.78
N THR Q 352 3.29 34.85 -73.03
CA THR Q 352 2.66 36.03 -73.59
C THR Q 352 3.75 37.01 -74.05
N LEU Q 353 3.36 38.24 -74.36
CA LEU Q 353 4.29 39.25 -74.83
C LEU Q 353 4.91 40.06 -73.70
N GLN Q 354 4.53 39.81 -72.45
CA GLN Q 354 5.09 40.50 -71.30
C GLN Q 354 6.00 39.55 -70.55
N ASN Q 355 7.15 40.06 -70.11
CA ASN Q 355 8.20 39.24 -69.53
C ASN Q 355 8.51 39.64 -68.10
N ASP Q 356 7.50 39.86 -67.29
CA ASP Q 356 7.68 40.01 -65.85
C ASP Q 356 7.27 38.73 -65.13
N ASP Q 357 7.44 38.74 -63.81
CA ASP Q 357 7.16 37.54 -63.03
C ASP Q 357 5.67 37.21 -63.00
N ASN Q 358 4.80 38.24 -63.01
CA ASN Q 358 3.38 37.98 -62.86
C ASN Q 358 2.76 37.43 -64.14
N TRP Q 359 2.74 38.23 -65.21
CA TRP Q 359 2.09 37.86 -66.46
C TRP Q 359 3.15 37.46 -67.48
N ARG Q 360 3.69 36.26 -67.32
CA ARG Q 360 4.65 35.72 -68.29
C ARG Q 360 4.12 34.52 -69.05
N TYR Q 361 3.31 33.67 -68.42
CA TYR Q 361 2.78 32.47 -69.05
C TYR Q 361 1.30 32.64 -69.35
N ILE Q 362 0.87 32.08 -70.49
CA ILE Q 362 -0.53 32.21 -70.90
C ILE Q 362 -1.50 31.64 -69.87
N PRO Q 363 -1.31 30.43 -69.33
CA PRO Q 363 -2.31 29.91 -68.38
C PRO Q 363 -2.53 30.80 -67.17
N VAL Q 364 -1.48 31.43 -66.66
CA VAL Q 364 -1.63 32.31 -65.49
C VAL Q 364 -2.52 33.48 -65.82
N ARG Q 365 -2.30 34.10 -66.99
CA ARG Q 365 -3.10 35.28 -67.36
C ARG Q 365 -4.54 34.90 -67.66
N ARG Q 366 -4.75 33.79 -68.36
CA ARG Q 366 -6.11 33.42 -68.74
C ARG Q 366 -6.91 32.90 -67.55
N LEU Q 367 -6.24 32.26 -66.60
CA LEU Q 367 -6.93 31.80 -65.39
C LEU Q 367 -7.46 32.99 -64.59
N PHE Q 368 -6.64 34.05 -64.46
CA PHE Q 368 -7.10 35.24 -63.76
C PHE Q 368 -8.26 35.90 -64.49
N ASN Q 369 -8.24 35.85 -65.82
CA ASN Q 369 -9.36 36.38 -66.59
C ASN Q 369 -10.64 35.61 -66.30
N ALA Q 370 -10.55 34.29 -66.19
CA ALA Q 370 -11.73 33.47 -65.94
C ALA Q 370 -12.32 33.75 -64.56
N ALA Q 371 -11.47 33.71 -63.53
CA ALA Q 371 -11.97 33.93 -62.16
C ALA Q 371 -12.50 35.36 -62.01
N GLU Q 372 -11.82 36.33 -62.62
CA GLU Q 372 -12.26 37.71 -62.53
C GLU Q 372 -13.63 37.90 -63.18
N ARG Q 373 -13.84 37.29 -64.35
CA ARG Q 373 -15.13 37.42 -65.02
C ARG Q 373 -16.21 36.65 -64.29
N ASP Q 374 -15.88 35.47 -63.75
CA ASP Q 374 -16.88 34.67 -63.05
C ASP Q 374 -17.34 35.36 -61.77
N ILE Q 375 -16.40 35.89 -60.99
CA ILE Q 375 -16.78 36.56 -59.75
C ILE Q 375 -17.54 37.85 -60.04
N LYS Q 376 -17.06 38.63 -61.01
CA LYS Q 376 -17.74 39.88 -61.35
C LYS Q 376 -19.18 39.62 -61.80
N GLN Q 377 -19.41 38.51 -62.48
CA GLN Q 377 -20.77 38.15 -62.87
C GLN Q 377 -21.64 37.86 -61.65
N ALA Q 378 -21.07 37.18 -60.65
CA ALA Q 378 -21.85 36.77 -59.49
C ALA Q 378 -22.20 37.96 -58.59
N MET Q 379 -21.29 38.93 -58.48
CA MET Q 379 -21.52 40.05 -57.59
C MET Q 379 -22.51 41.06 -58.14
N GLN Q 380 -22.98 40.89 -59.37
CA GLN Q 380 -23.96 41.81 -59.93
C GLN Q 380 -25.29 41.76 -59.18
N SER Q 381 -25.55 40.70 -58.43
CA SER Q 381 -26.77 40.58 -57.63
C SER Q 381 -26.59 41.14 -56.23
N VAL Q 382 -25.43 41.72 -55.93
CA VAL Q 382 -25.17 42.31 -54.62
C VAL Q 382 -24.99 43.82 -54.71
N VAL Q 383 -25.30 44.43 -55.86
CA VAL Q 383 -24.87 45.80 -56.14
C VAL Q 383 -25.64 46.82 -55.31
N PHE Q 384 -26.68 46.39 -54.61
CA PHE Q 384 -27.42 47.30 -53.74
C PHE Q 384 -27.85 46.64 -52.43
N GLU Q 385 -27.18 45.57 -52.04
CA GLU Q 385 -27.47 44.93 -50.76
C GLU Q 385 -26.97 45.83 -49.62
N PRO Q 386 -27.53 45.66 -48.43
CA PRO Q 386 -27.03 46.43 -47.28
C PRO Q 386 -25.56 46.15 -47.02
N ASN Q 387 -24.83 47.20 -46.65
CA ASN Q 387 -23.38 47.10 -46.44
C ASN Q 387 -23.12 46.88 -44.95
N SER Q 388 -23.38 45.66 -44.50
CA SER Q 388 -23.27 45.33 -43.08
C SER Q 388 -22.61 43.96 -42.95
N GLN Q 389 -22.49 43.48 -41.72
CA GLN Q 389 -21.83 42.21 -41.45
C GLN Q 389 -22.50 41.02 -42.13
N PRO Q 390 -23.82 40.84 -42.08
CA PRO Q 390 -24.41 39.65 -42.73
C PRO Q 390 -24.13 39.57 -44.22
N THR Q 391 -24.06 40.72 -44.91
CA THR Q 391 -23.73 40.69 -46.33
C THR Q 391 -22.30 40.23 -46.57
N TRP Q 392 -21.37 40.69 -45.74
CA TRP Q 392 -19.97 40.32 -45.93
C TRP Q 392 -19.76 38.82 -45.72
N GLU Q 393 -20.46 38.23 -44.75
CA GLU Q 393 -20.30 36.81 -44.48
C GLU Q 393 -20.74 35.97 -45.67
N ARG Q 394 -21.87 36.33 -46.28
CA ARG Q 394 -22.34 35.60 -47.46
C ARG Q 394 -21.40 35.81 -48.65
N VAL Q 395 -20.92 37.03 -48.84
CA VAL Q 395 -20.03 37.33 -49.96
C VAL Q 395 -18.72 36.56 -49.79
N LYS Q 396 -18.16 36.59 -48.58
CA LYS Q 396 -16.90 35.88 -48.33
C LYS Q 396 -17.07 34.38 -48.53
N SER Q 397 -18.17 33.81 -48.03
CA SER Q 397 -18.37 32.37 -48.16
C SER Q 397 -18.53 31.95 -49.62
N ALA Q 398 -19.18 32.78 -50.43
CA ALA Q 398 -19.38 32.43 -51.84
C ALA Q 398 -18.04 32.35 -52.57
N ILE Q 399 -17.20 33.37 -52.43
CA ILE Q 399 -15.91 33.37 -53.10
C ILE Q 399 -15.00 32.29 -52.52
N ASP Q 400 -15.09 32.08 -51.20
CA ASP Q 400 -14.26 31.06 -50.57
C ASP Q 400 -14.55 29.67 -51.12
N ASN Q 401 -15.84 29.35 -51.31
CA ASN Q 401 -16.20 28.06 -51.89
C ASN Q 401 -15.72 27.95 -53.33
N TYR Q 402 -15.85 29.04 -54.10
CA TYR Q 402 -15.41 29.02 -55.49
C TYR Q 402 -13.90 28.81 -55.58
N LEU Q 403 -13.13 29.53 -54.77
CA LEU Q 403 -11.68 29.36 -54.77
C LEU Q 403 -11.28 27.98 -54.25
N TYR Q 404 -11.97 27.49 -53.23
CA TYR Q 404 -11.66 26.17 -52.68
C TYR Q 404 -11.88 25.08 -53.72
N SER Q 405 -12.93 25.22 -54.53
CA SER Q 405 -13.15 24.27 -55.63
C SER Q 405 -12.02 24.33 -56.64
N LEU Q 406 -11.54 25.53 -56.95
CA LEU Q 406 -10.43 25.67 -57.89
C LEU Q 406 -9.17 25.02 -57.34
N TRP Q 407 -8.91 25.16 -56.04
CA TRP Q 407 -7.69 24.60 -55.47
C TRP Q 407 -7.70 23.07 -55.52
N GLN Q 408 -8.85 22.45 -55.24
CA GLN Q 408 -8.92 21.00 -55.29
C GLN Q 408 -8.74 20.45 -56.71
N GLN Q 409 -9.03 21.25 -57.73
CA GLN Q 409 -8.84 20.82 -59.10
C GLN Q 409 -7.40 20.97 -59.58
N GLY Q 410 -6.51 21.50 -58.74
CA GLY Q 410 -5.13 21.67 -59.11
C GLY Q 410 -4.78 23.01 -59.72
N ALA Q 411 -5.70 23.97 -59.69
CA ALA Q 411 -5.46 25.27 -60.31
C ALA Q 411 -4.61 26.19 -59.46
N LEU Q 412 -4.44 25.91 -58.18
CA LEU Q 412 -3.69 26.78 -57.27
C LEU Q 412 -2.66 25.96 -56.53
N ALA Q 413 -1.50 26.57 -56.26
CA ALA Q 413 -0.39 25.90 -55.62
C ALA Q 413 -0.42 26.13 -54.12
N GLY Q 414 -0.31 25.05 -53.35
CA GLY Q 414 -0.28 25.15 -51.91
C GLY Q 414 -0.72 23.87 -51.23
N ASN Q 415 -0.12 23.57 -50.08
CA ASN Q 415 -0.50 22.38 -49.32
C ASN Q 415 -1.77 22.58 -48.50
N LYS Q 416 -2.13 23.83 -48.21
CA LYS Q 416 -3.32 24.15 -47.44
C LYS Q 416 -3.98 25.37 -48.05
N PRO Q 417 -5.28 25.56 -47.82
CA PRO Q 417 -5.97 26.70 -48.43
C PRO Q 417 -5.38 28.05 -48.05
N GLN Q 418 -4.79 28.17 -46.86
CA GLN Q 418 -4.20 29.44 -46.45
C GLN Q 418 -3.04 29.86 -47.33
N GLU Q 419 -2.36 28.92 -47.96
CA GLU Q 419 -1.25 29.22 -48.86
C GLU Q 419 -1.68 29.36 -50.32
N ALA Q 420 -2.88 28.90 -50.66
CA ALA Q 420 -3.35 28.92 -52.04
C ALA Q 420 -4.18 30.16 -52.36
N TYR Q 421 -5.03 30.60 -51.42
CA TYR Q 421 -5.92 31.72 -51.68
C TYR Q 421 -6.29 32.38 -50.36
N PHE Q 422 -6.82 33.60 -50.45
CA PHE Q 422 -7.32 34.30 -49.28
C PHE Q 422 -8.31 35.36 -49.74
N VAL Q 423 -9.35 35.57 -48.94
CA VAL Q 423 -10.35 36.59 -49.19
C VAL Q 423 -10.49 37.45 -47.95
N GLN Q 424 -10.51 38.77 -48.13
CA GLN Q 424 -10.61 39.70 -47.01
C GLN Q 424 -11.70 40.72 -47.28
N ILE Q 425 -12.65 40.84 -46.35
CA ILE Q 425 -13.67 41.86 -46.41
C ILE Q 425 -14.17 42.10 -44.99
N GLY Q 426 -14.25 43.37 -44.59
CA GLY Q 426 -14.68 43.68 -43.24
C GLY Q 426 -14.60 45.17 -42.98
N LYS Q 427 -15.20 45.57 -41.86
CA LYS Q 427 -15.33 46.99 -41.54
C LYS Q 427 -13.98 47.65 -41.35
N ASP Q 428 -13.05 46.97 -40.66
CA ASP Q 428 -11.77 47.57 -40.33
C ASP Q 428 -10.59 46.91 -41.05
N VAL Q 429 -10.82 45.87 -41.82
CA VAL Q 429 -9.72 45.17 -42.48
C VAL Q 429 -9.64 45.60 -43.94
N THR Q 430 -10.77 45.96 -44.53
CA THR Q 430 -10.75 46.31 -45.95
C THR Q 430 -11.32 47.69 -46.24
N MET Q 431 -12.41 48.07 -45.58
CA MET Q 431 -13.00 49.39 -45.74
C MET Q 431 -12.78 50.21 -44.47
N SER Q 432 -13.42 51.39 -44.43
CA SER Q 432 -13.44 52.23 -43.24
C SER Q 432 -14.82 52.86 -43.15
N ASP Q 433 -14.99 53.73 -42.14
CA ASP Q 433 -16.27 54.38 -41.95
C ASP Q 433 -16.63 55.28 -43.12
N ASP Q 434 -15.63 56.00 -43.67
CA ASP Q 434 -15.90 56.92 -44.76
C ASP Q 434 -16.32 56.19 -46.03
N ASP Q 435 -15.69 55.05 -46.32
CA ASP Q 435 -16.07 54.29 -47.52
C ASP Q 435 -17.50 53.77 -47.42
N ILE Q 436 -17.89 53.29 -46.24
CA ILE Q 436 -19.27 52.82 -46.06
C ILE Q 436 -20.25 53.98 -46.21
N LYS Q 437 -19.89 55.15 -45.67
CA LYS Q 437 -20.75 56.32 -45.81
C LYS Q 437 -20.86 56.76 -47.26
N GLN Q 438 -19.85 56.48 -48.07
CA GLN Q 438 -19.86 56.85 -49.48
C GLN Q 438 -20.36 55.74 -50.39
N GLY Q 439 -20.72 54.58 -49.83
CA GLY Q 439 -21.31 53.52 -50.60
C GLY Q 439 -20.33 52.52 -51.20
N LYS Q 440 -19.07 52.55 -50.80
CA LYS Q 440 -18.07 51.64 -51.35
C LYS Q 440 -18.02 50.35 -50.53
N MET Q 441 -17.85 49.24 -51.21
CA MET Q 441 -17.65 47.93 -50.60
C MET Q 441 -16.46 47.27 -51.28
N ILE Q 442 -15.40 47.04 -50.51
CA ILE Q 442 -14.12 46.60 -51.06
C ILE Q 442 -13.88 45.15 -50.65
N VAL Q 443 -13.50 44.32 -51.62
CA VAL Q 443 -13.18 42.92 -51.39
C VAL Q 443 -11.77 42.66 -51.90
N LYS Q 444 -10.95 41.99 -51.09
CA LYS Q 444 -9.59 41.63 -51.45
C LYS Q 444 -9.52 40.14 -51.74
N VAL Q 445 -9.04 39.79 -52.93
CA VAL Q 445 -8.93 38.40 -53.36
C VAL Q 445 -7.49 38.15 -53.79
N GLY Q 446 -6.90 37.07 -53.27
CA GLY Q 446 -5.55 36.71 -53.65
C GLY Q 446 -5.45 35.26 -54.08
N MET Q 447 -4.84 34.99 -55.23
CA MET Q 447 -4.71 33.65 -55.75
C MET Q 447 -3.27 33.38 -56.13
N ALA Q 448 -2.80 32.17 -55.86
CA ALA Q 448 -1.46 31.72 -56.23
C ALA Q 448 -1.62 30.73 -57.38
N ALA Q 449 -1.61 31.24 -58.61
CA ALA Q 449 -1.80 30.39 -59.77
C ALA Q 449 -0.59 29.48 -59.97
N VAL Q 450 -0.82 28.40 -60.73
CA VAL Q 450 0.20 27.40 -60.99
C VAL Q 450 0.84 27.68 -62.34
N ARG Q 451 2.17 27.78 -62.36
CA ARG Q 451 2.90 28.06 -63.59
C ARG Q 451 3.35 26.77 -64.26
N PRO Q 452 3.47 26.76 -65.58
CA PRO Q 452 3.95 25.56 -66.26
C PRO Q 452 5.44 25.34 -66.05
N ALA Q 453 5.88 24.11 -66.30
CA ALA Q 453 7.27 23.72 -66.12
C ALA Q 453 7.98 23.84 -67.46
N GLU Q 454 8.21 25.08 -67.90
CA GLU Q 454 8.77 25.32 -69.23
C GLU Q 454 10.08 24.60 -69.44
N PHE Q 455 10.87 24.44 -68.38
CA PHE Q 455 12.17 23.78 -68.45
C PHE Q 455 12.24 22.65 -67.44
N ILE Q 456 12.68 21.48 -67.89
CA ILE Q 456 12.94 20.35 -67.02
C ILE Q 456 14.44 20.15 -66.96
N ILE Q 457 15.00 20.14 -65.76
CA ILE Q 457 16.44 20.04 -65.55
C ILE Q 457 16.71 18.77 -64.75
N LEU Q 458 17.48 17.87 -65.32
CA LEU Q 458 17.85 16.61 -64.68
C LEU Q 458 19.30 16.70 -64.23
N GLN Q 459 19.55 16.48 -62.95
CA GLN Q 459 20.89 16.51 -62.38
C GLN Q 459 21.25 15.09 -61.94
N PHE Q 460 22.23 14.50 -62.63
CA PHE Q 460 22.66 13.14 -62.33
C PHE Q 460 23.98 13.18 -61.57
N SER Q 461 24.04 12.42 -60.49
CA SER Q 461 25.22 12.31 -59.66
C SER Q 461 25.49 10.85 -59.34
N GLN Q 462 26.74 10.55 -59.00
CA GLN Q 462 27.16 9.17 -58.75
C GLN Q 462 27.06 8.78 -57.28
N GLN Q 463 26.36 9.57 -56.46
CA GLN Q 463 26.13 9.22 -55.07
C GLN Q 463 25.34 7.91 -54.98
N THR R 3 -62.64 28.61 26.33
CA THR R 3 -63.73 28.85 27.29
C THR R 3 -63.18 28.98 28.70
N ILE R 4 -64.07 29.32 29.63
CA ILE R 4 -63.72 29.49 31.03
C ILE R 4 -64.50 28.45 31.83
N PRO R 5 -63.85 27.40 32.32
CA PRO R 5 -64.57 26.38 33.10
C PRO R 5 -65.16 26.96 34.37
N THR R 6 -66.34 26.48 34.73
CA THR R 6 -67.04 26.92 35.93
C THR R 6 -67.39 25.77 36.86
N TYR R 7 -67.73 24.61 36.31
CA TYR R 7 -68.05 23.42 37.09
C TYR R 7 -67.18 22.25 36.64
N PRO R 8 -66.88 21.31 37.53
CA PRO R 8 -66.14 20.11 37.10
C PRO R 8 -66.94 19.32 36.07
N GLY R 9 -66.23 18.77 35.10
CA GLY R 9 -66.86 18.03 34.04
C GLY R 9 -66.02 18.09 32.77
N VAL R 10 -66.69 17.84 31.65
CA VAL R 10 -66.05 17.81 30.34
C VAL R 10 -66.64 18.92 29.48
N TYR R 11 -65.78 19.71 28.87
CA TYR R 11 -66.18 20.81 28.00
C TYR R 11 -65.76 20.51 26.57
N ILE R 12 -66.58 20.97 25.62
CA ILE R 12 -66.34 20.75 24.20
C ILE R 12 -66.13 22.10 23.53
N GLU R 13 -65.02 22.24 22.81
CA GLU R 13 -64.71 23.43 22.04
C GLU R 13 -64.57 23.06 20.57
N GLU R 14 -65.21 23.84 19.71
CA GLU R 14 -65.11 23.65 18.27
C GLU R 14 -64.29 24.76 17.65
N ASP R 15 -63.36 24.40 16.77
CA ASP R 15 -62.47 25.37 16.13
C ASP R 15 -63.30 26.28 15.23
N ALA R 16 -63.47 27.52 15.65
CA ALA R 16 -64.23 28.50 14.90
C ALA R 16 -63.37 29.36 13.98
N SER R 17 -62.06 29.09 13.93
CA SER R 17 -61.19 29.85 13.05
C SER R 17 -61.59 29.65 11.59
N LEU R 18 -61.47 30.70 10.80
CA LEU R 18 -61.93 30.66 9.42
C LEU R 18 -61.05 29.76 8.57
N ASN R 19 -61.66 29.13 7.58
CA ASN R 19 -60.93 28.51 6.47
C ASN R 19 -61.44 29.12 5.16
N LEU R 20 -60.51 29.40 4.26
CA LEU R 20 -60.82 30.15 3.06
C LEU R 20 -60.64 29.27 1.83
N SER R 21 -61.55 29.43 0.88
CA SER R 21 -61.46 28.71 -0.39
C SER R 21 -62.17 29.54 -1.45
N VAL R 22 -61.47 29.84 -2.53
CA VAL R 22 -62.02 30.60 -3.64
C VAL R 22 -62.43 29.62 -4.72
N ASN R 23 -63.72 29.63 -5.07
CA ASN R 23 -64.27 28.71 -6.03
C ASN R 23 -64.80 29.47 -7.24
N GLN R 24 -64.57 28.92 -8.43
CA GLN R 24 -65.00 29.56 -9.66
C GLN R 24 -66.53 29.52 -9.76
N GLY R 25 -67.10 30.62 -10.25
CA GLY R 25 -68.51 30.71 -10.51
C GLY R 25 -68.81 30.85 -12.00
N ASN R 26 -70.09 31.01 -12.30
CA ASN R 26 -70.51 31.21 -13.67
C ASN R 26 -70.01 32.55 -14.19
N THR R 27 -69.63 32.59 -15.47
CA THR R 27 -69.04 33.77 -16.07
C THR R 27 -69.77 34.20 -17.34
N ALA R 28 -70.98 33.68 -17.58
CA ALA R 28 -71.64 33.93 -18.86
C ALA R 28 -73.14 34.16 -18.76
N ILE R 29 -73.69 34.54 -17.61
CA ILE R 29 -75.12 34.80 -17.52
C ILE R 29 -75.41 36.18 -18.08
N PRO R 30 -76.20 36.29 -19.16
CA PRO R 30 -76.51 37.61 -19.72
C PRO R 30 -77.81 38.17 -19.18
N VAL R 31 -78.06 39.45 -19.45
CA VAL R 31 -79.33 40.10 -19.18
C VAL R 31 -79.79 40.78 -20.46
N PHE R 32 -81.05 40.59 -20.82
CA PHE R 32 -81.60 41.13 -22.05
C PHE R 32 -82.55 42.27 -21.73
N ILE R 33 -82.29 43.43 -22.29
CA ILE R 33 -83.10 44.63 -22.09
C ILE R 33 -83.78 44.96 -23.40
N GLY R 34 -85.10 44.98 -23.40
CA GLY R 34 -85.84 45.25 -24.62
C GLY R 34 -87.33 45.17 -24.38
N LEU R 35 -88.07 45.19 -25.48
CA LEU R 35 -89.53 45.16 -25.41
C LEU R 35 -90.00 43.72 -25.37
N PHE R 36 -90.45 43.28 -24.20
CA PHE R 36 -90.96 41.93 -24.00
C PHE R 36 -92.38 42.01 -23.45
N SER R 37 -93.14 40.93 -23.63
CA SER R 37 -94.52 40.84 -23.19
C SER R 37 -94.65 39.67 -22.23
N PRO R 38 -94.46 39.89 -20.93
CA PRO R 38 -94.61 38.79 -19.97
C PRO R 38 -96.05 38.35 -19.85
N LYS R 39 -96.23 37.06 -19.55
CA LYS R 39 -97.58 36.52 -19.39
C LYS R 39 -98.22 37.01 -18.10
N ASN R 40 -97.44 37.23 -17.05
CA ASN R 40 -97.95 37.69 -15.77
C ASN R 40 -97.30 39.03 -15.46
N THR R 41 -98.10 39.96 -14.94
CA THR R 41 -97.60 41.29 -14.60
C THR R 41 -97.08 41.32 -13.17
N GLN R 46 -89.18 44.64 -13.16
CA GLN R 46 -88.57 43.50 -12.49
C GLN R 46 -87.83 42.61 -13.48
N VAL R 47 -86.75 41.99 -13.02
CA VAL R 47 -85.94 41.11 -13.84
C VAL R 47 -86.35 39.67 -13.57
N THR R 48 -86.52 38.89 -14.63
CA THR R 48 -87.00 37.52 -14.53
C THR R 48 -85.96 36.55 -15.08
N ARG R 49 -85.78 35.44 -14.40
CA ARG R 49 -84.81 34.43 -14.80
C ARG R 49 -85.48 33.39 -15.70
N VAL R 50 -84.85 33.10 -16.83
CA VAL R 50 -85.34 32.13 -17.80
C VAL R 50 -84.26 31.08 -17.99
N ASN R 51 -84.66 29.81 -17.92
CA ASN R 51 -83.69 28.72 -17.93
C ASN R 51 -83.46 28.11 -19.31
N SER R 52 -84.44 28.21 -20.20
CA SER R 52 -84.31 27.66 -21.54
C SER R 52 -85.36 28.30 -22.44
N TRP R 53 -85.36 27.90 -23.71
CA TRP R 53 -86.36 28.43 -24.64
C TRP R 53 -87.76 28.00 -24.24
N LEU R 54 -87.92 26.76 -23.79
CA LEU R 54 -89.23 26.30 -23.33
C LEU R 54 -89.69 27.10 -22.12
N ASP R 55 -88.76 27.41 -21.20
CA ASP R 55 -89.11 28.23 -20.04
C ASP R 55 -89.54 29.63 -20.47
N PHE R 56 -88.88 30.20 -21.47
CA PHE R 56 -89.24 31.52 -21.96
C PHE R 56 -90.65 31.51 -22.54
N THR R 57 -91.01 30.47 -23.27
CA THR R 57 -92.34 30.39 -23.85
C THR R 57 -93.41 30.31 -22.78
N ASN R 58 -93.14 29.58 -21.69
CA ASN R 58 -94.14 29.42 -20.64
C ASN R 58 -94.33 30.69 -19.84
N LEU R 59 -93.39 31.64 -19.92
CA LEU R 59 -93.48 32.87 -19.15
C LEU R 59 -93.70 34.11 -20.00
N PHE R 60 -93.36 34.07 -21.29
CA PHE R 60 -93.49 35.23 -22.16
C PHE R 60 -94.23 34.84 -23.43
N ASN R 61 -94.82 35.83 -24.07
CA ASN R 61 -95.55 35.63 -25.33
C ASN R 61 -94.57 35.85 -26.48
N ALA R 62 -94.08 34.76 -27.05
CA ALA R 62 -93.15 34.86 -28.17
C ALA R 62 -93.85 35.37 -29.41
N GLY R 63 -93.25 36.37 -30.06
CA GLY R 63 -93.83 36.94 -31.25
C GLY R 63 -92.98 38.09 -31.75
N CYS R 64 -93.31 38.54 -32.96
CA CYS R 64 -92.60 39.63 -33.60
C CYS R 64 -93.32 40.97 -33.46
N ILE R 65 -94.37 41.03 -32.64
CA ILE R 65 -95.15 42.24 -32.44
C ILE R 65 -95.13 42.60 -30.96
N ALA R 66 -94.75 43.84 -30.66
CA ALA R 66 -94.74 44.32 -29.29
C ALA R 66 -96.17 44.45 -28.78
N PRO R 67 -96.37 44.40 -27.45
CA PRO R 67 -97.71 44.63 -26.90
C PRO R 67 -98.22 46.01 -27.27
N ILE R 68 -99.52 46.08 -27.57
CA ILE R 68 -100.12 47.33 -28.01
C ILE R 68 -100.58 48.16 -26.82
N VAL R 116 -98.61 50.31 -32.73
CA VAL R 116 -97.96 49.01 -32.71
C VAL R 116 -96.47 49.16 -33.00
N ASN R 117 -95.68 48.20 -32.55
CA ASN R 117 -94.22 48.23 -32.70
C ASN R 117 -93.72 46.87 -33.15
N TYR R 118 -92.56 46.88 -33.79
CA TYR R 118 -91.90 45.67 -34.25
C TYR R 118 -90.76 45.32 -33.32
N THR R 119 -90.68 44.05 -32.94
CA THR R 119 -89.69 43.59 -31.97
C THR R 119 -88.97 42.36 -32.51
N THR R 120 -87.65 42.38 -32.42
CA THR R 120 -86.81 41.21 -32.73
C THR R 120 -86.36 40.48 -31.48
N SER R 121 -86.85 40.89 -30.31
CA SER R 121 -86.35 40.32 -29.06
C SER R 121 -86.67 38.84 -28.96
N SER R 122 -87.90 38.44 -29.31
CA SER R 122 -88.27 37.03 -29.25
C SER R 122 -87.44 36.20 -30.23
N ASP R 123 -87.25 36.71 -31.45
CA ASP R 123 -86.42 36.01 -32.42
C ASP R 123 -84.97 35.98 -31.98
N ALA R 124 -84.48 37.08 -31.40
CA ALA R 124 -83.09 37.13 -30.96
C ALA R 124 -82.83 36.11 -29.85
N LEU R 125 -83.76 35.97 -28.92
CA LEU R 125 -83.58 35.02 -27.82
C LEU R 125 -83.56 33.59 -28.33
N LYS R 126 -84.31 33.31 -29.41
CA LYS R 126 -84.29 31.98 -30.00
C LYS R 126 -82.89 31.65 -30.52
N LEU R 127 -82.23 32.63 -31.17
CA LEU R 127 -80.89 32.39 -31.66
C LEU R 127 -79.89 32.23 -30.53
N TYR R 128 -80.09 32.96 -29.43
CA TYR R 128 -79.18 32.85 -28.29
C TYR R 128 -79.20 31.44 -27.70
N PHE R 129 -80.38 30.86 -27.54
CA PHE R 129 -80.47 29.50 -27.03
C PHE R 129 -80.00 28.49 -28.07
N GLN R 130 -80.18 28.81 -29.36
CA GLN R 130 -79.73 27.93 -30.42
C GLN R 130 -78.20 27.81 -30.46
N ASN R 131 -77.48 28.84 -30.04
CA ASN R 131 -76.02 28.86 -30.12
C ASN R 131 -75.37 28.48 -28.80
N GLY R 132 -76.01 27.60 -28.03
CA GLY R 132 -75.42 27.10 -26.79
C GLY R 132 -75.59 27.98 -25.58
N GLY R 133 -76.47 28.99 -25.64
CA GLY R 133 -76.67 29.85 -24.49
C GLY R 133 -77.30 29.11 -23.32
N GLY R 134 -76.95 29.55 -22.12
CA GLY R 134 -77.46 28.96 -20.91
C GLY R 134 -78.56 29.79 -20.29
N PRO R 135 -78.78 29.63 -18.98
CA PRO R 135 -79.78 30.44 -18.29
C PRO R 135 -79.45 31.92 -18.38
N CYS R 136 -80.50 32.74 -18.51
CA CYS R 136 -80.34 34.17 -18.71
C CYS R 136 -81.38 34.91 -17.88
N TYR R 137 -81.33 36.23 -17.94
CA TYR R 137 -82.28 37.10 -17.26
C TYR R 137 -82.95 38.02 -18.28
N ILE R 138 -84.24 38.24 -18.10
CA ILE R 138 -85.04 39.08 -18.99
C ILE R 138 -85.50 40.30 -18.23
N LEU R 139 -85.26 41.49 -18.80
CA LEU R 139 -85.71 42.75 -18.22
C LEU R 139 -86.67 43.39 -19.21
N PRO R 140 -87.97 43.12 -19.09
CA PRO R 140 -88.93 43.62 -20.08
C PRO R 140 -89.19 45.12 -19.90
N GLN R 141 -89.31 45.82 -21.00
CA GLN R 141 -89.69 47.23 -21.00
C GLN R 141 -91.17 47.34 -21.33
N LEU R 142 -91.90 48.13 -20.54
CA LEU R 142 -93.34 48.29 -20.70
C LEU R 142 -93.66 49.74 -21.00
N ASP R 143 -94.55 49.95 -21.97
CA ASP R 143 -95.03 51.27 -22.35
C ASP R 143 -93.91 52.13 -22.93
N ARG R 144 -94.06 53.44 -22.85
CA ARG R 144 -93.09 54.35 -23.43
C ARG R 144 -91.79 54.34 -22.63
N LEU R 145 -90.71 54.74 -23.30
CA LEU R 145 -89.37 54.74 -22.71
C LEU R 145 -89.22 55.98 -21.83
N THR R 146 -89.71 55.87 -20.60
CA THR R 146 -89.62 56.96 -19.65
C THR R 146 -88.21 57.06 -19.09
N GLN R 147 -87.89 58.23 -18.55
CA GLN R 147 -86.57 58.43 -17.94
C GLN R 147 -86.40 57.62 -16.66
N GLY R 148 -87.51 57.31 -15.98
CA GLY R 148 -87.41 56.52 -14.75
C GLY R 148 -86.89 55.12 -15.01
N PHE R 149 -87.28 54.52 -16.14
CA PHE R 149 -86.78 53.19 -16.48
C PHE R 149 -85.28 53.20 -16.70
N LEU R 150 -84.77 54.24 -17.36
CA LEU R 150 -83.33 54.33 -17.63
C LEU R 150 -82.53 54.41 -16.33
N ASP R 151 -83.00 55.21 -15.37
CA ASP R 151 -82.27 55.37 -14.12
C ASP R 151 -82.26 54.08 -13.30
N SER R 152 -83.31 53.26 -13.43
CA SER R 152 -83.43 52.05 -12.64
C SER R 152 -82.70 50.85 -13.24
N ILE R 153 -82.22 50.96 -14.48
CA ILE R 153 -81.57 49.81 -15.12
C ILE R 153 -80.33 49.36 -14.36
N PRO R 154 -79.38 50.22 -14.00
CA PRO R 154 -78.25 49.73 -13.18
C PRO R 154 -78.69 49.21 -11.82
N GLU R 155 -79.73 49.79 -11.24
CA GLU R 155 -80.22 49.33 -9.93
C GLU R 155 -80.77 47.91 -10.03
N LEU R 156 -81.55 47.63 -11.07
CA LEU R 156 -82.18 46.32 -11.19
C LEU R 156 -81.15 45.25 -11.53
N ILE R 157 -80.15 45.58 -12.34
CA ILE R 157 -79.15 44.60 -12.72
C ILE R 157 -78.33 44.16 -11.51
N LYS R 158 -77.94 45.11 -10.66
CA LYS R 158 -77.12 44.79 -9.51
C LYS R 158 -77.84 43.87 -8.52
N GLN R 159 -79.16 43.98 -8.42
CA GLN R 159 -79.91 43.13 -7.50
C GLN R 159 -79.76 41.66 -7.85
N ALA R 160 -79.82 41.33 -9.14
CA ALA R 160 -79.52 39.98 -9.59
C ALA R 160 -78.01 39.78 -9.53
N LEU R 161 -77.56 38.94 -8.59
CA LEU R 161 -76.15 38.89 -8.25
C LEU R 161 -75.30 38.14 -9.28
N GLU R 162 -75.92 37.31 -10.11
CA GLU R 162 -75.16 36.46 -11.03
C GLU R 162 -74.98 37.08 -12.42
N ILE R 163 -75.58 38.23 -12.69
CA ILE R 163 -75.53 38.79 -14.04
C ILE R 163 -74.10 39.21 -14.38
N THR R 164 -73.64 38.81 -15.56
CA THR R 164 -72.29 39.10 -16.01
C THR R 164 -72.25 39.87 -17.32
N LEU R 165 -73.09 39.53 -18.29
CA LEU R 165 -73.11 40.17 -19.59
C LEU R 165 -74.40 40.97 -19.77
N ILE R 166 -74.30 42.05 -20.54
CA ILE R 166 -75.44 42.91 -20.82
C ILE R 166 -75.65 42.96 -22.32
N VAL R 167 -76.88 42.69 -22.76
CA VAL R 167 -77.22 42.62 -24.18
C VAL R 167 -78.55 43.34 -24.40
N CYS R 168 -78.62 44.12 -25.48
CA CYS R 168 -79.85 44.77 -25.91
C CYS R 168 -80.28 44.18 -27.25
N PRO R 169 -81.23 43.24 -27.26
CA PRO R 169 -81.55 42.53 -28.52
C PRO R 169 -82.50 43.29 -29.43
N GLU R 170 -82.68 44.59 -29.17
CA GLU R 170 -83.55 45.38 -30.03
C GLU R 170 -82.85 45.71 -31.35
N TRP R 171 -83.66 46.04 -32.35
CA TRP R 171 -83.16 46.33 -33.69
C TRP R 171 -83.00 47.82 -33.97
N ASP R 172 -83.83 48.66 -33.38
CA ASP R 172 -83.77 50.10 -33.63
C ASP R 172 -82.47 50.67 -33.07
N SER R 173 -81.75 51.43 -33.90
CA SER R 173 -80.50 52.03 -33.46
C SER R 173 -80.73 53.08 -32.37
N GLY R 174 -81.79 53.87 -32.50
CA GLY R 174 -82.08 54.86 -31.48
C GLY R 174 -82.38 54.24 -30.13
N TYR R 175 -83.15 53.14 -30.14
CA TYR R 175 -83.45 52.45 -28.90
C TYR R 175 -82.19 51.88 -28.26
N GLN R 176 -81.31 51.29 -29.07
CA GLN R 176 -80.07 50.74 -28.55
C GLN R 176 -79.19 51.82 -27.94
N SER R 177 -79.12 52.98 -28.59
CA SER R 177 -78.27 54.06 -28.10
C SER R 177 -78.73 54.53 -26.73
N LYS R 178 -80.04 54.64 -26.52
CA LYS R 178 -80.56 55.07 -25.23
C LYS R 178 -80.23 54.04 -24.15
N ILE R 179 -80.35 52.76 -24.46
CA ILE R 179 -80.06 51.72 -23.47
C ILE R 179 -78.58 51.71 -23.12
N TYR R 180 -77.71 51.82 -24.12
CA TYR R 180 -76.27 51.77 -23.87
C TYR R 180 -75.82 52.93 -23.00
N ASN R 181 -76.31 54.14 -23.27
CA ASN R 181 -75.92 55.30 -22.48
C ASN R 181 -76.46 55.22 -21.05
N SER R 182 -77.57 54.52 -20.85
CA SER R 182 -78.16 54.41 -19.52
C SER R 182 -77.27 53.61 -18.57
N LEU R 183 -76.35 52.81 -19.09
CA LEU R 183 -75.45 52.03 -18.27
C LEU R 183 -74.40 52.96 -17.67
N THR R 184 -74.44 53.15 -16.37
CA THR R 184 -73.48 54.02 -15.71
C THR R 184 -72.08 53.40 -15.76
N SER R 185 -71.07 54.27 -15.77
CA SER R 185 -69.68 53.79 -15.75
C SER R 185 -69.38 53.02 -14.48
N SER R 186 -70.05 53.37 -13.37
CA SER R 186 -69.87 52.63 -12.13
C SER R 186 -70.42 51.21 -12.22
N LEU R 187 -71.34 50.95 -13.14
CA LEU R 187 -71.88 49.61 -13.31
C LEU R 187 -70.90 48.71 -14.07
N LEU R 188 -70.44 49.17 -15.23
CA LEU R 188 -69.53 48.36 -16.03
C LEU R 188 -68.18 48.17 -15.35
N ASN R 189 -67.71 49.18 -14.62
CA ASN R 189 -66.43 49.09 -13.92
C ASN R 189 -66.46 48.12 -12.76
N ALA R 190 -67.64 47.62 -12.37
CA ALA R 190 -67.76 46.67 -11.28
C ALA R 190 -67.60 45.22 -11.75
N GLY R 191 -67.35 45.01 -13.03
CA GLY R 191 -67.15 43.66 -13.54
C GLY R 191 -68.26 43.20 -14.46
N TYR R 192 -68.83 44.11 -15.23
CA TYR R 192 -69.91 43.81 -16.16
C TYR R 192 -69.45 44.12 -17.57
N PHE R 193 -69.70 43.19 -18.48
CA PHE R 193 -69.28 43.32 -19.88
C PHE R 193 -70.49 43.61 -20.75
N LEU R 194 -70.34 44.55 -21.67
CA LEU R 194 -71.41 44.97 -22.57
C LEU R 194 -71.13 44.46 -23.97
N ILE R 195 -72.15 43.89 -24.61
CA ILE R 195 -72.08 43.43 -25.99
C ILE R 195 -73.03 44.29 -26.82
N ALA R 196 -72.49 44.96 -27.83
CA ALA R 196 -73.25 45.90 -28.63
C ALA R 196 -73.08 45.60 -30.11
N ASP R 197 -74.01 46.11 -30.91
CA ASP R 197 -73.98 45.93 -32.37
C ASP R 197 -73.63 47.26 -33.03
N ASN R 198 -72.64 47.22 -33.91
CA ASN R 198 -72.28 48.41 -34.67
C ASN R 198 -73.35 48.72 -35.70
N GLN R 199 -73.64 50.00 -35.88
CA GLN R 199 -74.60 50.44 -36.89
C GLN R 199 -73.95 50.75 -38.23
N ASP R 200 -72.63 50.76 -38.31
CA ASP R 200 -71.95 51.14 -39.54
C ASP R 200 -70.56 50.51 -39.53
N LYS R 201 -70.08 50.16 -40.72
CA LYS R 201 -68.77 49.54 -40.86
C LYS R 201 -67.64 50.55 -40.67
N ASN R 202 -67.90 51.84 -40.92
CA ASN R 202 -66.84 52.83 -40.98
C ASN R 202 -66.43 53.34 -39.61
N THR R 203 -67.37 53.69 -38.75
CA THR R 203 -67.06 54.29 -37.46
C THR R 203 -67.48 53.36 -36.33
N ALA R 204 -66.73 53.42 -35.23
CA ALA R 204 -66.98 52.58 -34.07
C ALA R 204 -67.96 53.26 -33.11
N LEU R 205 -68.47 52.47 -32.16
CA LEU R 205 -69.42 52.98 -31.19
C LEU R 205 -68.73 53.90 -30.18
N ILE R 206 -69.53 54.80 -29.60
CA ILE R 206 -69.08 55.66 -28.51
C ILE R 206 -69.67 55.12 -27.23
N THR R 207 -68.81 54.74 -26.29
CA THR R 207 -69.22 54.05 -25.07
C THR R 207 -68.59 54.72 -23.86
N GLU R 208 -69.31 54.75 -22.75
CA GLU R 208 -68.80 55.37 -21.53
C GLU R 208 -67.56 54.65 -21.03
N VAL R 209 -67.54 53.32 -21.08
CA VAL R 209 -66.40 52.52 -20.67
C VAL R 209 -65.96 51.70 -21.88
N ALA R 210 -64.91 52.14 -22.56
CA ALA R 210 -64.46 51.45 -23.76
C ALA R 210 -63.81 50.12 -23.44
N SER R 211 -63.22 50.00 -22.26
CA SER R 211 -62.51 48.77 -21.90
C SER R 211 -63.45 47.59 -21.68
N GLN R 212 -64.72 47.85 -21.37
CA GLN R 212 -65.69 46.81 -21.04
C GLN R 212 -66.75 46.65 -22.11
N THR R 213 -66.38 46.77 -23.38
CA THR R 213 -67.35 46.75 -24.47
C THR R 213 -66.76 46.03 -25.68
N ALA R 214 -67.58 45.19 -26.29
CA ALA R 214 -67.25 44.53 -27.56
C ALA R 214 -68.32 44.88 -28.58
N THR R 215 -67.89 45.20 -29.79
CA THR R 215 -68.79 45.65 -30.84
C THR R 215 -68.68 44.72 -32.04
N TYR R 216 -69.83 44.37 -32.62
CA TYR R 216 -69.89 43.39 -33.68
C TYR R 216 -70.66 43.96 -34.88
N TYR R 217 -70.30 43.46 -36.07
CA TYR R 217 -70.89 43.90 -37.32
C TYR R 217 -70.62 42.83 -38.36
N PRO R 218 -71.57 42.55 -39.28
CA PRO R 218 -72.89 43.14 -39.43
C PRO R 218 -73.98 42.31 -38.76
N ALA R 219 -75.24 42.72 -38.90
CA ALA R 219 -76.34 41.94 -38.35
C ALA R 219 -76.50 40.64 -39.15
N VAL R 220 -77.28 39.72 -38.61
CA VAL R 220 -77.49 38.42 -39.22
C VAL R 220 -78.91 38.35 -39.77
N LYS R 221 -79.10 37.45 -40.73
CA LYS R 221 -80.40 37.22 -41.33
C LYS R 221 -80.89 35.83 -40.97
N VAL R 222 -82.20 35.73 -40.73
CA VAL R 222 -82.84 34.45 -40.45
C VAL R 222 -83.93 34.23 -41.49
N SER R 223 -84.31 32.96 -41.66
CA SER R 223 -85.25 32.62 -42.71
C SER R 223 -86.68 33.02 -42.34
N GLN R 224 -87.18 32.51 -41.22
CA GLN R 224 -88.55 32.77 -40.80
C GLN R 224 -88.56 33.35 -39.40
N LEU R 225 -89.45 34.32 -39.18
CA LEU R 225 -89.66 34.88 -37.86
C LEU R 225 -90.66 34.00 -37.09
N ILE R 226 -90.98 34.42 -35.88
CA ILE R 226 -91.96 33.73 -35.04
C ILE R 226 -93.29 34.45 -35.19
N GLN R 227 -94.29 33.76 -35.71
CA GLN R 227 -95.64 34.29 -35.83
C GLN R 227 -96.51 33.72 -34.73
N ALA R 228 -97.34 34.57 -34.14
CA ALA R 228 -98.16 34.21 -33.00
C ALA R 228 -99.64 34.43 -33.32
N GLU R 229 -100.48 33.58 -32.75
CA GLU R 229 -101.92 33.73 -32.91
C GLU R 229 -102.41 34.97 -32.16
N ASP R 230 -103.64 35.38 -32.48
CA ASP R 230 -104.19 36.59 -31.88
C ASP R 230 -104.29 36.48 -30.36
N SER R 231 -104.43 35.27 -29.84
CA SER R 231 -104.50 35.09 -28.39
C SER R 231 -103.17 35.38 -27.70
N GLN R 232 -102.08 35.49 -28.46
CA GLN R 232 -100.76 35.74 -27.87
C GLN R 232 -100.41 37.22 -27.81
N ILE R 233 -100.96 38.03 -28.71
CA ILE R 233 -100.63 39.45 -28.77
C ILE R 233 -101.41 40.16 -27.67
N ALA R 234 -100.70 40.86 -26.80
CA ALA R 234 -101.33 41.62 -25.72
C ALA R 234 -101.79 42.98 -26.21
N VAL R 235 -102.82 43.50 -25.56
CA VAL R 235 -103.38 44.79 -25.93
C VAL R 235 -103.26 45.78 -24.76
N LEU R 251 -105.64 39.88 -28.48
CA LEU R 251 -106.29 40.34 -29.69
C LEU R 251 -107.57 39.57 -29.95
N ALA R 252 -107.64 38.34 -29.41
CA ALA R 252 -108.87 37.55 -29.52
C ALA R 252 -110.03 38.24 -28.83
N GLN R 253 -109.79 38.82 -27.65
CA GLN R 253 -110.83 39.60 -26.98
C GLN R 253 -111.22 40.81 -27.80
N LEU R 254 -110.23 41.46 -28.44
CA LEU R 254 -110.52 42.65 -29.22
C LEU R 254 -111.34 42.32 -30.47
N LYS R 255 -111.08 41.16 -31.08
CA LYS R 255 -111.82 40.76 -32.28
C LYS R 255 -113.30 40.59 -31.97
N GLU R 256 -113.63 39.92 -30.87
CA GLU R 256 -115.02 39.67 -30.53
C GLU R 256 -115.74 40.91 -30.04
N LYS R 257 -114.99 41.90 -29.52
CA LYS R 257 -115.61 43.11 -28.97
C LYS R 257 -115.88 44.16 -30.04
N ASN R 258 -114.88 44.48 -30.86
CA ASN R 258 -115.01 45.54 -31.86
C ASN R 258 -114.13 45.17 -33.06
N PRO R 259 -114.70 44.51 -34.07
CA PRO R 259 -113.90 44.19 -35.26
C PRO R 259 -113.42 45.41 -36.02
N THR R 260 -114.05 46.58 -35.85
CA THR R 260 -113.65 47.76 -36.60
C THR R 260 -112.23 48.19 -36.24
N VAL R 261 -111.95 48.35 -34.95
CA VAL R 261 -110.60 48.71 -34.54
C VAL R 261 -109.64 47.55 -34.76
N TYR R 262 -110.14 46.31 -34.72
CA TYR R 262 -109.29 45.16 -35.02
C TYR R 262 -108.77 45.23 -36.44
N GLN R 263 -109.63 45.63 -37.39
CA GLN R 263 -109.17 45.81 -38.76
C GLN R 263 -108.14 46.92 -38.85
N GLN R 264 -108.32 48.00 -38.07
CA GLN R 264 -107.36 49.09 -38.09
C GLN R 264 -105.98 48.64 -37.63
N ALA R 265 -105.93 47.84 -36.57
CA ALA R 265 -104.64 47.36 -36.07
C ALA R 265 -104.03 46.35 -37.03
N VAL R 266 -104.84 45.49 -37.64
CA VAL R 266 -104.33 44.45 -38.53
C VAL R 266 -103.62 45.07 -39.73
N GLN R 267 -104.14 46.18 -40.26
CA GLN R 267 -103.50 46.82 -41.41
C GLN R 267 -102.08 47.25 -41.06
N LYS R 268 -101.89 47.84 -39.87
CA LYS R 268 -100.54 48.19 -39.43
C LYS R 268 -99.69 46.93 -39.20
N ILE R 269 -100.31 45.87 -38.67
CA ILE R 269 -99.59 44.61 -38.48
C ILE R 269 -99.17 44.05 -39.84
N GLN R 270 -100.09 44.05 -40.81
CA GLN R 270 -99.74 43.57 -42.15
C GLN R 270 -98.70 44.47 -42.80
N ALA R 271 -98.76 45.77 -42.54
CA ALA R 271 -97.74 46.68 -43.07
C ALA R 271 -96.36 46.32 -42.53
N ILE R 272 -96.28 46.02 -41.24
CA ILE R 272 -95.00 45.61 -40.65
C ILE R 272 -94.57 44.27 -41.23
N GLN R 273 -95.51 43.34 -41.42
CA GLN R 273 -95.16 42.00 -41.87
C GLN R 273 -94.52 42.02 -43.26
N ASP R 274 -95.08 42.81 -44.18
CA ASP R 274 -94.51 42.89 -45.52
C ASP R 274 -93.16 43.60 -45.55
N GLU R 275 -93.01 44.65 -44.73
CA GLU R 275 -91.75 45.39 -44.69
C GLU R 275 -90.61 44.50 -44.22
N ILE R 276 -90.86 43.70 -43.19
CA ILE R 276 -89.83 42.78 -42.69
C ILE R 276 -89.48 41.75 -43.75
N ALA R 277 -90.49 41.19 -44.42
CA ALA R 277 -90.24 40.23 -45.48
C ALA R 277 -89.50 40.88 -46.66
N ALA R 278 -89.85 42.13 -46.97
CA ALA R 278 -89.21 42.83 -48.08
C ALA R 278 -87.73 43.08 -47.79
N ASN R 279 -87.44 43.79 -46.70
CA ASN R 279 -86.05 44.11 -46.36
C ASN R 279 -85.27 42.91 -45.85
N GLY R 280 -85.93 41.79 -45.58
CA GLY R 280 -85.28 40.64 -45.02
C GLY R 280 -85.40 40.61 -43.50
N ASN R 281 -85.27 39.41 -42.95
CA ASN R 281 -85.41 39.19 -41.51
C ASN R 281 -84.06 39.46 -40.86
N ILE R 282 -83.82 40.73 -40.52
CA ILE R 282 -82.55 41.16 -39.95
C ILE R 282 -82.64 41.10 -38.43
N ILE R 283 -81.73 40.35 -37.83
CA ILE R 283 -81.69 40.15 -36.39
C ILE R 283 -80.38 40.73 -35.87
N PRO R 284 -80.39 41.53 -34.79
CA PRO R 284 -79.13 42.01 -34.22
C PRO R 284 -78.26 40.85 -33.77
N VAL R 285 -76.95 41.02 -33.96
CA VAL R 285 -76.00 39.92 -33.77
C VAL R 285 -75.53 39.79 -32.33
N SER R 286 -75.72 40.81 -31.49
CA SER R 286 -75.24 40.74 -30.11
C SER R 286 -75.91 39.60 -29.34
N ALA R 287 -77.18 39.33 -29.64
CA ALA R 287 -77.86 38.22 -28.98
C ALA R 287 -77.22 36.88 -29.33
N VAL R 288 -76.84 36.71 -30.60
CA VAL R 288 -76.17 35.48 -31.01
C VAL R 288 -74.82 35.35 -30.33
N MET R 289 -74.07 36.46 -30.24
CA MET R 289 -72.73 36.40 -29.69
C MET R 289 -72.74 36.06 -28.20
N ALA R 290 -73.80 36.46 -27.50
CA ALA R 290 -73.92 36.11 -26.09
C ALA R 290 -73.99 34.60 -25.90
N GLY R 291 -74.66 33.90 -26.81
CA GLY R 291 -74.67 32.45 -26.76
C GLY R 291 -73.30 31.86 -27.02
N ILE R 292 -72.53 32.49 -27.91
CA ILE R 292 -71.18 32.01 -28.21
C ILE R 292 -70.29 32.13 -26.98
N TYR R 293 -70.49 33.19 -26.18
CA TYR R 293 -69.69 33.38 -24.98
C TYR R 293 -69.89 32.24 -24.00
N CYS R 294 -71.15 31.84 -23.78
CA CYS R 294 -71.44 30.76 -22.85
C CYS R 294 -70.99 29.42 -23.41
N ALA R 295 -71.16 29.21 -24.71
CA ALA R 295 -70.70 27.97 -25.33
C ALA R 295 -69.19 27.82 -25.23
N THR R 296 -68.47 28.92 -25.47
CA THR R 296 -67.01 28.88 -25.34
C THR R 296 -66.58 28.66 -23.90
N ASP R 297 -67.23 29.34 -22.95
CA ASP R 297 -66.87 29.20 -21.55
C ASP R 297 -67.18 27.80 -21.04
N ALA R 298 -68.18 27.13 -21.61
CA ALA R 298 -68.45 25.75 -21.21
C ALA R 298 -67.42 24.79 -21.76
N SER R 299 -67.03 24.97 -23.02
CA SER R 299 -66.08 24.05 -23.65
C SER R 299 -64.65 24.32 -23.18
N ARG R 300 -64.15 25.52 -23.45
CA ARG R 300 -62.86 25.96 -22.97
C ARG R 300 -63.06 26.96 -21.83
N GLY R 301 -61.97 27.53 -21.35
CA GLY R 301 -62.06 28.48 -20.26
C GLY R 301 -62.49 29.86 -20.71
N VAL R 302 -62.62 30.76 -19.72
CA VAL R 302 -62.90 32.15 -20.02
C VAL R 302 -61.72 32.79 -20.74
N TRP R 303 -60.53 32.21 -20.60
CA TRP R 303 -59.34 32.76 -21.24
C TRP R 303 -59.32 32.51 -22.74
N LYS R 304 -60.13 31.57 -23.23
CA LYS R 304 -60.18 31.32 -24.67
C LYS R 304 -60.99 32.38 -25.36
N ALA R 305 -60.44 32.95 -26.44
CA ALA R 305 -61.15 33.99 -27.17
C ALA R 305 -62.42 33.42 -27.80
N PRO R 306 -63.53 34.16 -27.75
CA PRO R 306 -64.78 33.67 -28.32
C PRO R 306 -64.86 33.72 -29.83
N ALA R 307 -63.76 34.02 -30.52
CA ALA R 307 -63.77 34.07 -31.97
C ALA R 307 -63.48 32.68 -32.54
N ASN R 308 -63.49 32.59 -33.87
CA ASN R 308 -63.28 31.33 -34.59
C ASN R 308 -64.29 30.27 -34.17
N ILE R 309 -65.54 30.69 -33.98
CA ILE R 309 -66.63 29.80 -33.62
C ILE R 309 -67.73 29.92 -34.68
N VAL R 310 -68.23 28.77 -35.13
CA VAL R 310 -69.20 28.74 -36.21
C VAL R 310 -70.58 29.09 -35.67
N LEU R 311 -71.23 30.06 -36.31
CA LEU R 311 -72.60 30.40 -35.96
C LEU R 311 -73.54 29.30 -36.44
N SER R 312 -74.68 29.16 -35.74
CA SER R 312 -75.63 28.12 -36.03
C SER R 312 -77.03 28.70 -36.18
N GLY R 313 -77.84 28.04 -37.00
CA GLY R 313 -79.21 28.47 -37.21
C GLY R 313 -79.33 29.83 -37.89
N ILE R 314 -78.49 30.09 -38.88
CA ILE R 314 -78.44 31.38 -39.55
C ILE R 314 -78.55 31.16 -41.05
N SER R 315 -79.30 32.05 -41.71
CA SER R 315 -79.46 32.01 -43.15
C SER R 315 -78.31 32.69 -43.88
N ASP R 316 -78.05 33.96 -43.56
CA ASP R 316 -76.99 34.72 -44.20
C ASP R 316 -76.65 35.91 -43.33
N VAL R 317 -75.49 36.50 -43.61
CA VAL R 317 -75.08 37.74 -42.97
C VAL R 317 -75.63 38.91 -43.79
N ALA R 318 -75.83 40.05 -43.12
CA ALA R 318 -76.44 41.19 -43.79
C ALA R 318 -75.56 41.70 -44.92
N GLU R 319 -74.25 41.75 -44.72
CA GLU R 319 -73.33 42.26 -45.73
C GLU R 319 -72.05 41.43 -45.72
N ARG R 320 -71.65 40.97 -46.89
CA ARG R 320 -70.41 40.23 -47.02
C ARG R 320 -69.22 41.16 -46.89
N LEU R 321 -68.13 40.65 -46.33
CA LEU R 321 -66.92 41.43 -46.10
C LEU R 321 -65.72 40.75 -46.74
N THR R 322 -64.72 41.56 -47.07
CA THR R 322 -63.47 41.07 -47.62
C THR R 322 -62.34 41.25 -46.60
N ASP R 323 -61.20 40.63 -46.90
CA ASP R 323 -60.05 40.73 -46.01
C ASP R 323 -59.57 42.18 -45.89
N ASP R 324 -59.58 42.92 -47.00
CA ASP R 324 -59.15 44.30 -46.96
C ASP R 324 -60.07 45.16 -46.10
N GLU R 325 -61.39 44.94 -46.22
CA GLU R 325 -62.33 45.73 -45.43
C GLU R 325 -62.20 45.43 -43.94
N GLN R 326 -62.07 44.16 -43.58
CA GLN R 326 -62.00 43.80 -42.17
C GLN R 326 -60.77 44.39 -41.50
N GLY R 327 -59.65 44.43 -42.23
CA GLY R 327 -58.44 45.02 -41.68
C GLY R 327 -58.63 46.47 -41.29
N GLU R 328 -59.43 47.20 -42.07
CA GLU R 328 -59.77 48.57 -41.71
C GLU R 328 -60.57 48.63 -40.42
N MET R 329 -61.54 47.72 -40.27
CA MET R 329 -62.37 47.71 -39.07
C MET R 329 -61.60 47.20 -37.87
N ASN R 330 -60.79 46.16 -38.04
CA ASN R 330 -60.10 45.55 -36.91
C ASN R 330 -59.18 46.54 -36.21
N SER R 331 -58.65 47.52 -36.94
CA SER R 331 -57.86 48.56 -36.30
C SER R 331 -58.72 49.44 -35.41
N LYS R 332 -59.98 49.68 -35.80
CA LYS R 332 -60.88 50.52 -35.04
C LYS R 332 -61.55 49.79 -33.88
N GLY R 333 -61.42 48.48 -33.81
CA GLY R 333 -62.01 47.69 -32.76
C GLY R 333 -63.38 47.11 -33.03
N ILE R 334 -63.79 47.01 -34.29
CA ILE R 334 -65.09 46.47 -34.67
C ILE R 334 -64.90 45.02 -35.07
N ASN R 335 -65.42 44.10 -34.26
CA ASN R 335 -65.32 42.68 -34.57
C ASN R 335 -66.28 42.32 -35.68
N ALA R 336 -65.79 41.56 -36.66
CA ALA R 336 -66.54 41.26 -37.87
C ALA R 336 -66.97 39.80 -37.91
N ILE R 337 -68.10 39.56 -38.56
CA ILE R 337 -68.60 38.22 -38.84
C ILE R 337 -68.31 37.93 -40.30
N ARG R 338 -67.46 36.93 -40.54
CA ARG R 338 -67.01 36.59 -41.88
C ARG R 338 -67.57 35.24 -42.31
N TYR R 339 -67.60 35.03 -43.63
CA TYR R 339 -68.00 33.75 -44.21
C TYR R 339 -66.80 33.15 -44.93
N PHE R 340 -66.50 31.90 -44.59
CA PHE R 340 -65.41 31.16 -45.23
C PHE R 340 -65.98 29.88 -45.82
N SER R 341 -65.58 29.56 -47.04
CA SER R 341 -66.15 28.41 -47.74
C SER R 341 -65.85 27.11 -47.02
N HIS R 342 -64.62 26.97 -46.51
CA HIS R 342 -64.23 25.72 -45.86
C HIS R 342 -64.91 25.54 -44.52
N LYS R 343 -65.35 26.64 -43.88
CA LYS R 343 -65.84 26.58 -42.51
C LYS R 343 -67.26 27.10 -42.33
N GLY R 344 -67.72 28.02 -43.17
CA GLY R 344 -69.06 28.57 -43.00
C GLY R 344 -69.02 29.97 -42.42
N PHE R 345 -70.02 30.31 -41.60
CA PHE R 345 -70.07 31.61 -40.94
C PHE R 345 -69.39 31.50 -39.59
N VAL R 346 -68.36 32.32 -39.37
CA VAL R 346 -67.56 32.27 -38.14
C VAL R 346 -67.40 33.68 -37.60
N VAL R 347 -67.00 33.75 -36.33
CA VAL R 347 -66.68 35.01 -35.68
C VAL R 347 -65.19 35.26 -35.87
N TRP R 348 -64.84 36.39 -36.48
CA TRP R 348 -63.45 36.73 -36.79
C TRP R 348 -63.14 38.05 -36.10
N GLY R 349 -62.71 37.96 -34.84
CA GLY R 349 -62.37 39.15 -34.07
C GLY R 349 -62.65 38.98 -32.59
N ALA R 350 -61.71 39.40 -31.74
CA ALA R 350 -61.86 39.27 -30.30
C ALA R 350 -61.34 40.49 -29.56
N ARG R 351 -61.47 41.68 -30.15
CA ARG R 351 -60.92 42.90 -29.57
C ARG R 351 -62.03 43.75 -28.97
N THR R 352 -61.72 44.44 -27.88
CA THR R 352 -62.63 45.36 -27.24
C THR R 352 -62.52 46.73 -27.90
N LEU R 353 -63.11 47.75 -27.30
CA LEU R 353 -63.08 49.11 -27.83
C LEU R 353 -61.87 49.91 -27.38
N GLN R 354 -61.01 49.34 -26.55
CA GLN R 354 -59.80 50.00 -26.08
C GLN R 354 -58.58 49.36 -26.73
N ASN R 355 -57.64 50.19 -27.17
CA ASN R 355 -56.51 49.73 -27.97
C ASN R 355 -55.18 50.00 -27.27
N ASP R 356 -55.09 49.70 -25.99
CA ASP R 356 -53.81 49.70 -25.29
C ASP R 356 -53.34 48.27 -25.11
N ASP R 357 -52.14 48.13 -24.53
CA ASP R 357 -51.55 46.80 -24.37
C ASP R 357 -52.33 45.94 -23.37
N ASN R 358 -52.88 46.55 -22.33
CA ASN R 358 -53.53 45.76 -21.29
C ASN R 358 -54.89 45.24 -21.71
N TRP R 359 -55.84 46.14 -21.94
CA TRP R 359 -57.22 45.77 -22.26
C TRP R 359 -57.46 45.95 -23.75
N ARG R 360 -56.95 45.00 -24.54
CA ARG R 360 -57.18 45.00 -25.97
C ARG R 360 -57.99 43.81 -26.45
N TYR R 361 -57.84 42.65 -25.82
CA TYR R 361 -58.52 41.44 -26.23
C TYR R 361 -59.61 41.09 -25.21
N ILE R 362 -60.74 40.61 -25.72
CA ILE R 362 -61.87 40.27 -24.85
C ILE R 362 -61.51 39.23 -23.81
N PRO R 363 -60.83 38.11 -24.14
CA PRO R 363 -60.53 37.12 -23.10
C PRO R 363 -59.71 37.67 -21.94
N VAL R 364 -58.77 38.59 -22.22
CA VAL R 364 -57.95 39.14 -21.15
C VAL R 364 -58.81 39.94 -20.18
N ARG R 365 -59.72 40.77 -20.71
CA ARG R 365 -60.55 41.59 -19.85
C ARG R 365 -61.56 40.75 -19.07
N ARG R 366 -62.18 39.77 -19.73
CA ARG R 366 -63.23 38.99 -19.07
C ARG R 366 -62.63 38.03 -18.05
N LEU R 367 -61.43 37.51 -18.31
CA LEU R 367 -60.78 36.64 -17.34
C LEU R 367 -60.48 37.38 -16.05
N PHE R 368 -60.03 38.63 -16.16
CA PHE R 368 -59.80 39.44 -14.96
C PHE R 368 -61.10 39.69 -14.22
N ASN R 369 -62.19 39.95 -14.93
CA ASN R 369 -63.48 40.18 -14.28
C ASN R 369 -63.89 38.98 -13.46
N ALA R 370 -63.64 37.77 -13.97
CA ALA R 370 -63.97 36.56 -13.22
C ALA R 370 -63.11 36.44 -11.98
N ALA R 371 -61.80 36.68 -12.10
CA ALA R 371 -60.89 36.52 -10.97
C ALA R 371 -61.21 37.52 -9.87
N GLU R 372 -61.45 38.79 -10.23
CA GLU R 372 -61.77 39.80 -9.23
C GLU R 372 -63.08 39.48 -8.52
N ARG R 373 -64.10 39.06 -9.28
CA ARG R 373 -65.39 38.77 -8.67
C ARG R 373 -65.32 37.57 -7.75
N ASP R 374 -64.60 36.52 -8.15
CA ASP R 374 -64.51 35.32 -7.33
C ASP R 374 -63.74 35.60 -6.04
N ILE R 375 -62.63 36.34 -6.12
CA ILE R 375 -61.85 36.64 -4.93
C ILE R 375 -62.61 37.60 -4.03
N LYS R 376 -63.28 38.59 -4.62
CA LYS R 376 -64.06 39.54 -3.82
C LYS R 376 -65.18 38.82 -3.07
N GLN R 377 -65.81 37.84 -3.71
CA GLN R 377 -66.87 37.09 -3.05
C GLN R 377 -66.32 36.27 -1.88
N ALA R 378 -65.12 35.70 -2.05
CA ALA R 378 -64.55 34.86 -1.00
C ALA R 378 -64.03 35.68 0.16
N MET R 379 -63.53 36.89 -0.12
CA MET R 379 -62.98 37.74 0.94
C MET R 379 -64.05 38.33 1.84
N GLN R 380 -65.33 38.19 1.52
CA GLN R 380 -66.38 38.77 2.34
C GLN R 380 -66.47 38.12 3.71
N SER R 381 -65.87 36.95 3.90
CA SER R 381 -65.86 36.27 5.18
C SER R 381 -64.65 36.62 6.03
N VAL R 382 -63.81 37.55 5.56
CA VAL R 382 -62.62 37.98 6.29
C VAL R 382 -62.72 39.44 6.71
N VAL R 383 -63.87 40.08 6.49
CA VAL R 383 -63.94 41.55 6.55
C VAL R 383 -63.83 42.07 7.98
N PHE R 384 -63.77 41.18 8.97
CA PHE R 384 -63.56 41.61 10.35
C PHE R 384 -62.64 40.66 11.11
N GLU R 385 -61.88 39.83 10.42
CA GLU R 385 -60.93 38.95 11.06
C GLU R 385 -59.77 39.77 11.63
N PRO R 386 -59.08 39.26 12.64
CA PRO R 386 -57.91 39.98 13.17
C PRO R 386 -56.87 40.20 12.09
N ASN R 387 -56.23 41.37 12.14
CA ASN R 387 -55.23 41.77 11.16
C ASN R 387 -53.84 41.43 11.72
N SER R 388 -53.50 40.14 11.64
CA SER R 388 -52.26 39.64 12.19
C SER R 388 -51.67 38.61 11.24
N GLN R 389 -50.53 38.05 11.62
CA GLN R 389 -49.83 37.10 10.76
C GLN R 389 -50.65 35.85 10.44
N PRO R 390 -51.30 35.18 11.40
CA PRO R 390 -52.06 33.97 11.03
C PRO R 390 -53.15 34.23 10.01
N THR R 391 -53.80 35.39 10.06
CA THR R 391 -54.82 35.71 9.06
C THR R 391 -54.20 35.87 7.68
N TRP R 392 -53.03 36.51 7.61
CA TRP R 392 -52.38 36.74 6.33
C TRP R 392 -51.99 35.43 5.65
N GLU R 393 -51.52 34.46 6.44
CA GLU R 393 -51.11 33.18 5.86
C GLU R 393 -52.29 32.45 5.22
N ARG R 394 -53.45 32.46 5.89
CA ARG R 394 -54.62 31.81 5.33
C ARG R 394 -55.12 32.52 4.08
N VAL R 395 -55.10 33.85 4.08
CA VAL R 395 -55.55 34.62 2.93
C VAL R 395 -54.65 34.35 1.73
N LYS R 396 -53.33 34.38 1.95
CA LYS R 396 -52.39 34.14 0.87
C LYS R 396 -52.53 32.74 0.30
N SER R 397 -52.71 31.74 1.18
CA SER R 397 -52.82 30.36 0.71
C SER R 397 -54.08 30.16 -0.12
N ALA R 398 -55.19 30.77 0.28
CA ALA R 398 -56.44 30.60 -0.46
C ALA R 398 -56.32 31.15 -1.88
N ILE R 399 -55.74 32.35 -2.01
CA ILE R 399 -55.59 32.95 -3.32
C ILE R 399 -54.54 32.20 -4.14
N ASP R 400 -53.46 31.77 -3.48
CA ASP R 400 -52.39 31.06 -4.19
C ASP R 400 -52.91 29.77 -4.80
N ASN R 401 -53.72 29.02 -4.06
CA ASN R 401 -54.29 27.79 -4.60
C ASN R 401 -55.23 28.08 -5.76
N TYR R 402 -56.02 29.15 -5.66
CA TYR R 402 -56.94 29.50 -6.73
C TYR R 402 -56.18 29.87 -8.01
N LEU R 403 -55.14 30.68 -7.88
CA LEU R 403 -54.34 31.06 -9.04
C LEU R 403 -53.56 29.87 -9.59
N TYR R 404 -53.08 28.99 -8.71
CA TYR R 404 -52.34 27.82 -9.15
C TYR R 404 -53.23 26.90 -9.98
N SER R 405 -54.49 26.76 -9.58
CA SER R 405 -55.44 25.99 -10.37
C SER R 405 -55.66 26.61 -11.74
N LEU R 406 -55.76 27.95 -11.79
CA LEU R 406 -55.94 28.62 -13.07
C LEU R 406 -54.73 28.42 -13.98
N TRP R 407 -53.52 28.45 -13.40
CA TRP R 407 -52.33 28.30 -14.22
C TRP R 407 -52.23 26.91 -14.83
N GLN R 408 -52.59 25.87 -14.07
CA GLN R 408 -52.54 24.51 -14.61
C GLN R 408 -53.59 24.28 -15.69
N GLN R 409 -54.67 25.06 -15.69
CA GLN R 409 -55.68 24.94 -16.74
C GLN R 409 -55.30 25.66 -18.02
N GLY R 410 -54.18 26.36 -18.03
CA GLY R 410 -53.73 27.09 -19.20
C GLY R 410 -54.15 28.53 -19.27
N ALA R 411 -54.71 29.09 -18.19
CA ALA R 411 -55.19 30.46 -18.19
C ALA R 411 -54.08 31.49 -18.01
N LEU R 412 -52.90 31.08 -17.57
CA LEU R 412 -51.81 32.00 -17.32
C LEU R 412 -50.56 31.52 -18.03
N ALA R 413 -49.73 32.47 -18.47
CA ALA R 413 -48.54 32.17 -19.26
C ALA R 413 -47.31 32.15 -18.36
N GLY R 414 -46.54 31.07 -18.44
CA GLY R 414 -45.33 30.94 -17.67
C GLY R 414 -44.91 29.51 -17.44
N ASN R 415 -43.60 29.24 -17.47
CA ASN R 415 -43.10 27.89 -17.24
C ASN R 415 -43.13 27.50 -15.77
N LYS R 416 -43.12 28.47 -14.87
CA LYS R 416 -43.13 28.22 -13.44
C LYS R 416 -44.10 29.20 -12.78
N PRO R 417 -44.63 28.84 -11.60
CA PRO R 417 -45.62 29.74 -10.96
C PRO R 417 -45.09 31.13 -10.67
N GLN R 418 -43.77 31.29 -10.44
CA GLN R 418 -43.23 32.61 -10.17
C GLN R 418 -43.39 33.56 -11.34
N GLU R 419 -43.51 33.04 -12.56
CA GLU R 419 -43.65 33.89 -13.74
C GLU R 419 -45.11 34.10 -14.15
N ALA R 420 -46.04 33.32 -13.60
CA ALA R 420 -47.45 33.41 -13.98
C ALA R 420 -48.27 34.25 -13.02
N TYR R 421 -48.01 34.16 -11.72
CA TYR R 421 -48.81 34.89 -10.74
C TYR R 421 -47.97 35.14 -9.49
N PHE R 422 -48.42 36.10 -8.69
CA PHE R 422 -47.77 36.39 -7.42
C PHE R 422 -48.77 37.05 -6.49
N VAL R 423 -48.67 36.74 -5.20
CA VAL R 423 -49.52 37.32 -4.17
C VAL R 423 -48.62 37.88 -3.08
N GLN R 424 -48.93 39.10 -2.62
CA GLN R 424 -48.12 39.76 -1.61
C GLN R 424 -49.04 40.36 -0.55
N ILE R 425 -48.86 39.91 0.69
CA ILE R 425 -49.57 40.48 1.84
C ILE R 425 -48.70 40.29 3.06
N GLY R 426 -48.46 41.38 3.78
CA GLY R 426 -47.59 41.31 4.95
C GLY R 426 -47.49 42.66 5.65
N LYS R 427 -46.81 42.65 6.79
CA LYS R 427 -46.73 43.84 7.61
C LYS R 427 -45.89 44.92 6.95
N ASP R 428 -44.73 44.55 6.40
CA ASP R 428 -43.80 45.52 5.83
C ASP R 428 -43.69 45.44 4.32
N VAL R 429 -44.41 44.52 3.66
CA VAL R 429 -44.30 44.37 2.21
C VAL R 429 -45.48 45.03 1.52
N THR R 430 -46.62 45.10 2.21
CA THR R 430 -47.80 45.66 1.58
C THR R 430 -48.46 46.75 2.41
N MET R 431 -48.48 46.62 3.73
CA MET R 431 -49.06 47.61 4.62
C MET R 431 -47.96 48.27 5.44
N SER R 432 -48.38 49.09 6.41
CA SER R 432 -47.49 49.67 7.40
C SER R 432 -48.23 49.72 8.74
N ASP R 433 -47.57 50.28 9.75
CA ASP R 433 -48.19 50.37 11.06
C ASP R 433 -49.42 51.26 11.05
N ASP R 434 -49.39 52.33 10.25
CA ASP R 434 -50.52 53.26 10.22
C ASP R 434 -51.74 52.63 9.57
N ASP R 435 -51.55 51.85 8.50
CA ASP R 435 -52.69 51.23 7.85
C ASP R 435 -53.36 50.20 8.75
N ILE R 436 -52.56 49.43 9.50
CA ILE R 436 -53.14 48.47 10.45
C ILE R 436 -53.92 49.21 11.53
N LYS R 437 -53.36 50.31 12.05
CA LYS R 437 -54.06 51.08 13.07
C LYS R 437 -55.36 51.67 12.56
N GLN R 438 -55.45 51.90 11.24
CA GLN R 438 -56.66 52.46 10.65
C GLN R 438 -57.58 51.40 10.07
N GLY R 439 -57.23 50.12 10.19
CA GLY R 439 -58.10 49.05 9.77
C GLY R 439 -57.99 48.64 8.33
N LYS R 440 -56.89 48.97 7.65
CA LYS R 440 -56.73 48.63 6.25
C LYS R 440 -55.93 47.34 6.09
N MET R 441 -56.45 46.46 5.24
CA MET R 441 -55.76 45.23 4.84
C MET R 441 -55.57 45.27 3.34
N ILE R 442 -54.31 45.26 2.90
CA ILE R 442 -53.97 45.44 1.50
C ILE R 442 -53.36 44.14 0.98
N VAL R 443 -53.90 43.64 -0.12
CA VAL R 443 -53.42 42.43 -0.78
C VAL R 443 -53.06 42.77 -2.22
N LYS R 444 -51.87 42.36 -2.64
CA LYS R 444 -51.40 42.59 -4.00
C LYS R 444 -51.51 41.29 -4.79
N VAL R 445 -52.19 41.33 -5.93
CA VAL R 445 -52.39 40.18 -6.79
C VAL R 445 -51.92 40.52 -8.19
N GLY R 446 -51.10 39.65 -8.78
CA GLY R 446 -50.65 39.85 -10.14
C GLY R 446 -50.85 38.61 -10.98
N MET R 447 -51.38 38.78 -12.19
CA MET R 447 -51.63 37.66 -13.09
C MET R 447 -51.15 38.01 -14.49
N ALA R 448 -50.56 37.03 -15.17
CA ALA R 448 -50.10 37.19 -16.55
C ALA R 448 -51.06 36.41 -17.43
N ALA R 449 -52.11 37.09 -17.89
CA ALA R 449 -53.13 36.44 -18.70
C ALA R 449 -52.58 36.08 -20.08
N VAL R 450 -53.24 35.14 -20.73
CA VAL R 450 -52.83 34.63 -22.03
C VAL R 450 -53.63 35.33 -23.11
N ARG R 451 -52.92 35.88 -24.11
CA ARG R 451 -53.56 36.60 -25.21
C ARG R 451 -53.77 35.69 -26.41
N PRO R 452 -54.80 35.93 -27.21
CA PRO R 452 -55.02 35.11 -28.41
C PRO R 452 -53.99 35.43 -29.49
N ALA R 453 -53.85 34.49 -30.42
CA ALA R 453 -52.88 34.62 -31.52
C ALA R 453 -53.62 35.19 -32.73
N GLU R 454 -53.95 36.49 -32.64
CA GLU R 454 -54.78 37.11 -33.68
C GLU R 454 -54.16 36.97 -35.07
N PHE R 455 -52.84 36.96 -35.16
CA PHE R 455 -52.14 36.84 -36.44
C PHE R 455 -51.15 35.69 -36.38
N ILE R 456 -51.20 34.84 -37.39
CA ILE R 456 -50.24 33.75 -37.56
C ILE R 456 -49.35 34.10 -38.73
N ILE R 457 -48.04 34.14 -38.49
CA ILE R 457 -47.07 34.53 -39.50
C ILE R 457 -46.15 33.35 -39.77
N LEU R 458 -46.13 32.88 -41.01
CA LEU R 458 -45.31 31.77 -41.43
C LEU R 458 -44.14 32.30 -42.25
N GLN R 459 -42.92 31.99 -41.82
CA GLN R 459 -41.70 32.43 -42.50
C GLN R 459 -41.02 31.21 -43.10
N PHE R 460 -41.04 31.12 -44.43
CA PHE R 460 -40.45 30.00 -45.15
C PHE R 460 -39.10 30.39 -45.70
N SER R 461 -38.11 29.52 -45.49
CA SER R 461 -36.76 29.73 -45.99
C SER R 461 -36.23 28.44 -46.59
N GLN R 462 -35.27 28.57 -47.49
CA GLN R 462 -34.69 27.43 -48.18
C GLN R 462 -33.47 26.85 -47.48
N GLN R 463 -33.30 27.14 -46.19
CA GLN R 463 -32.21 26.56 -45.42
C GLN R 463 -32.33 25.03 -45.39
N THR S 2 -39.47 31.69 60.84
CA THR S 2 -38.42 31.62 61.83
C THR S 2 -38.84 30.76 63.01
N THR S 3 -38.73 29.44 62.84
CA THR S 3 -39.06 28.52 63.91
C THR S 3 -38.12 28.73 65.09
N ILE S 4 -38.68 28.81 66.29
CA ILE S 4 -37.90 29.01 67.51
C ILE S 4 -37.65 27.65 68.13
N THR S 5 -36.39 27.24 68.19
CA THR S 5 -35.99 25.97 68.79
C THR S 5 -35.94 26.15 70.30
N THR S 6 -36.86 25.50 71.00
CA THR S 6 -36.96 25.65 72.45
C THR S 6 -36.96 24.33 73.20
N TYR S 7 -37.43 23.25 72.59
CA TYR S 7 -37.35 21.92 73.19
C TYR S 7 -36.75 20.95 72.19
N PRO S 8 -36.05 19.93 72.68
CA PRO S 8 -35.48 18.92 71.76
C PRO S 8 -36.59 18.11 71.11
N GLY S 9 -36.56 18.06 69.78
CA GLY S 9 -37.58 17.34 69.05
C GLY S 9 -37.49 17.64 67.56
N VAL S 10 -38.55 17.30 66.84
CA VAL S 10 -38.65 17.51 65.40
C VAL S 10 -39.66 18.62 65.16
N TYR S 11 -39.31 19.55 64.26
CA TYR S 11 -40.13 20.72 63.97
C TYR S 11 -40.60 20.68 62.53
N ILE S 12 -41.89 20.92 62.33
CA ILE S 12 -42.54 20.86 61.02
C ILE S 12 -43.11 22.23 60.69
N GLU S 13 -42.78 22.75 59.51
CA GLU S 13 -43.39 23.95 58.98
C GLU S 13 -43.36 23.92 57.45
N GLU S 14 -44.17 24.77 56.84
CA GLU S 14 -44.34 24.82 55.40
C GLU S 14 -43.74 26.10 54.85
N ASP S 15 -43.29 26.04 53.60
CA ASP S 15 -42.91 27.26 52.90
C ASP S 15 -44.14 28.14 52.70
N ALA S 16 -44.03 29.41 53.07
CA ALA S 16 -45.15 30.34 53.00
C ALA S 16 -44.92 31.47 52.02
N SER S 17 -43.89 31.38 51.18
CA SER S 17 -43.66 32.39 50.16
C SER S 17 -44.83 32.39 49.17
N LEU S 18 -45.17 33.59 48.70
CA LEU S 18 -46.35 33.74 47.87
C LEU S 18 -46.17 33.08 46.51
N SER S 19 -47.23 32.44 46.04
CA SER S 19 -47.30 31.88 44.70
C SER S 19 -48.36 32.66 43.93
N LEU S 20 -47.97 33.19 42.78
CA LEU S 20 -48.80 34.14 42.05
C LEU S 20 -49.09 33.62 40.66
N SER S 21 -50.35 33.73 40.24
CA SER S 21 -50.76 33.35 38.90
C SER S 21 -52.01 34.13 38.53
N VAL S 22 -52.14 34.42 37.24
CA VAL S 22 -53.27 35.19 36.72
C VAL S 22 -54.27 34.23 36.10
N SER S 23 -55.53 34.38 36.49
CA SER S 23 -56.61 33.54 35.99
C SER S 23 -57.58 34.39 35.19
N SER S 24 -58.15 33.80 34.14
CA SER S 24 -59.04 34.52 33.24
C SER S 24 -60.44 34.58 33.83
N SER S 25 -61.01 35.79 33.89
CA SER S 25 -62.35 35.99 34.40
C SER S 25 -63.32 36.14 33.24
N ALA S 26 -64.61 35.93 33.50
CA ALA S 26 -65.65 36.03 32.48
C ALA S 26 -65.70 37.47 31.99
N THR S 27 -65.80 37.65 30.67
CA THR S 27 -65.68 38.95 30.04
C THR S 27 -66.99 39.43 29.41
N ALA S 28 -68.12 38.81 29.75
CA ALA S 28 -69.39 39.14 29.14
C ALA S 28 -70.56 39.16 30.11
N VAL S 29 -70.35 39.57 31.35
CA VAL S 29 -71.44 39.65 32.32
C VAL S 29 -72.12 41.01 32.20
N PRO S 30 -73.36 41.08 31.73
CA PRO S 30 -74.03 42.37 31.56
C PRO S 30 -74.89 42.75 32.76
N VAL S 31 -75.26 44.03 32.79
CA VAL S 31 -76.24 44.56 33.73
C VAL S 31 -77.30 45.29 32.92
N PHE S 32 -78.56 44.94 33.14
CA PHE S 32 -79.67 45.52 32.39
C PHE S 32 -80.35 46.60 33.21
N ALA S 33 -80.79 47.64 32.53
CA ALA S 33 -81.49 48.75 33.14
C ALA S 33 -83.00 48.50 33.07
N VAL S 34 -83.67 48.70 34.20
CA VAL S 34 -85.10 48.44 34.32
C VAL S 34 -85.80 49.72 34.73
N ALA S 35 -86.97 49.97 34.16
CA ALA S 35 -87.75 51.15 34.49
C ALA S 35 -88.23 51.07 35.94
N GLY S 36 -88.55 52.25 36.50
CA GLY S 36 -88.94 52.30 37.90
C GLY S 36 -90.26 51.60 38.17
N ASP S 37 -91.19 51.66 37.22
CA ASP S 37 -92.53 51.14 37.45
C ASP S 37 -92.62 49.61 37.37
N ASN S 38 -91.56 48.94 36.99
CA ASN S 38 -91.61 47.48 36.87
C ASN S 38 -91.75 46.84 38.24
N PRO S 39 -92.77 46.00 38.46
CA PRO S 39 -92.97 45.44 39.80
C PRO S 39 -91.92 44.42 40.21
N LEU S 40 -91.30 43.73 39.24
CA LEU S 40 -90.31 42.72 39.59
C LEU S 40 -89.11 43.32 40.29
N ILE S 41 -88.61 44.46 39.80
CA ILE S 41 -87.42 45.08 40.37
C ILE S 41 -87.74 45.91 41.61
N SER S 42 -88.99 46.31 41.81
CA SER S 42 -89.33 47.18 42.92
C SER S 42 -89.11 46.48 44.25
N GLY S 43 -88.58 47.22 45.22
CA GLY S 43 -88.38 46.70 46.55
C GLY S 43 -87.16 45.82 46.73
N LYS S 44 -86.30 45.73 45.73
CA LYS S 44 -85.11 44.89 45.82
C LYS S 44 -83.95 45.64 45.20
N PRO S 45 -82.72 45.40 45.68
CA PRO S 45 -81.55 46.06 45.07
C PRO S 45 -81.28 45.59 43.65
N TYR S 46 -81.24 44.28 43.45
CA TYR S 46 -80.98 43.71 42.14
C TYR S 46 -81.52 42.29 42.09
N ILE S 47 -81.68 41.78 40.87
CA ILE S 47 -82.09 40.40 40.64
C ILE S 47 -81.10 39.77 39.67
N ARG S 48 -80.59 38.60 40.02
CA ARG S 48 -79.69 37.84 39.16
C ARG S 48 -80.49 36.75 38.47
N ILE S 49 -80.48 36.75 37.13
CA ILE S 49 -81.21 35.79 36.33
C ILE S 49 -80.21 34.99 35.52
N SER S 50 -80.31 33.66 35.59
CA SER S 50 -79.34 32.77 34.96
C SER S 50 -79.87 32.10 33.70
N ASN S 51 -81.17 32.21 33.41
CA ASN S 51 -81.73 31.52 32.26
C ASN S 51 -83.03 32.19 31.87
N TRP S 52 -83.45 31.97 30.61
CA TRP S 52 -84.72 32.50 30.15
C TRP S 52 -85.90 31.87 30.87
N LEU S 53 -85.84 30.55 31.09
CA LEU S 53 -86.90 29.89 31.85
C LEU S 53 -86.94 30.39 33.29
N GLU S 54 -85.78 30.68 33.87
CA GLU S 54 -85.75 31.19 35.24
C GLU S 54 -86.44 32.53 35.35
N TYR S 55 -86.27 33.39 34.33
CA TYR S 55 -86.94 34.69 34.35
C TYR S 55 -88.45 34.53 34.37
N LEU S 56 -88.98 33.59 33.59
CA LEU S 56 -90.41 33.32 33.63
C LEU S 56 -90.82 32.75 34.98
N THR S 57 -89.94 31.96 35.60
CA THR S 57 -90.22 31.45 36.94
C THR S 57 -90.30 32.58 37.95
N LEU S 58 -89.38 33.54 37.87
CA LEU S 58 -89.45 34.71 38.74
C LEU S 58 -90.72 35.51 38.49
N LYS S 59 -91.11 35.67 37.22
CA LYS S 59 -92.40 36.24 36.89
C LYS S 59 -93.51 35.26 37.26
N ASN S 60 -94.74 35.73 37.14
CA ASN S 60 -95.91 34.89 37.38
C ASN S 60 -96.86 34.85 36.20
N GLU S 61 -96.64 35.68 35.18
CA GLU S 61 -97.48 35.69 33.98
C GLU S 61 -96.76 34.99 32.83
N GLN S 62 -97.44 34.91 31.70
CA GLN S 62 -96.85 34.38 30.49
C GLN S 62 -95.98 35.45 29.83
N PHE S 63 -95.40 35.12 28.69
CA PHE S 63 -94.57 36.07 27.97
C PHE S 63 -95.44 37.22 27.45
N ASP S 64 -95.01 38.45 27.71
CA ASP S 64 -95.74 39.64 27.29
C ASP S 64 -94.96 40.35 26.21
N PRO S 65 -95.45 40.41 24.97
CA PRO S 65 -94.75 41.14 23.91
C PRO S 65 -94.91 42.65 23.98
N ALA S 66 -95.57 43.18 25.01
CA ALA S 66 -95.78 44.62 25.14
C ALA S 66 -94.87 45.26 26.18
N ASN S 67 -94.14 44.47 26.96
CA ASN S 67 -93.22 44.98 27.96
C ASN S 67 -91.79 44.89 27.44
N THR S 68 -91.05 46.00 27.53
CA THR S 68 -89.70 46.05 26.99
C THR S 68 -88.76 45.09 27.70
N LEU S 69 -89.02 44.79 28.98
CA LEU S 69 -88.13 43.92 29.72
C LEU S 69 -88.14 42.50 29.17
N ASP S 70 -89.34 41.98 28.85
CA ASP S 70 -89.45 40.60 28.39
C ASP S 70 -88.79 40.39 27.04
N ILE S 71 -89.03 41.31 26.09
CA ILE S 71 -88.48 41.14 24.76
C ILE S 71 -86.95 41.27 24.79
N SER S 72 -86.44 42.20 25.61
CA SER S 72 -85.00 42.39 25.70
C SER S 72 -84.31 41.15 26.25
N LEU S 73 -84.89 40.55 27.30
CA LEU S 73 -84.27 39.37 27.90
C LEU S 73 -84.34 38.17 26.96
N ARG S 74 -85.47 37.96 26.29
CA ARG S 74 -85.57 36.82 25.40
C ARG S 74 -84.74 37.02 24.14
N ALA S 75 -84.50 38.26 23.75
CA ALA S 75 -83.58 38.52 22.64
C ALA S 75 -82.13 38.31 23.08
N TYR S 76 -81.82 38.67 24.32
CA TYR S 76 -80.47 38.49 24.84
C TYR S 76 -80.12 37.01 24.98
N PHE S 77 -81.05 36.21 25.49
CA PHE S 77 -80.77 34.79 25.70
C PHE S 77 -80.79 33.99 24.42
N ILE S 78 -81.64 34.37 23.45
CA ILE S 78 -81.70 33.64 22.20
C ILE S 78 -80.42 33.79 21.39
N ASN S 79 -79.66 34.86 21.62
CA ASN S 79 -78.37 35.07 20.97
C ASN S 79 -77.22 34.46 21.74
N GLY S 80 -77.51 33.77 22.84
CA GLY S 80 -76.47 33.25 23.71
C GLY S 80 -76.12 34.21 24.83
N GLY S 81 -75.57 33.67 25.90
CA GLY S 81 -75.19 34.49 27.03
C GLY S 81 -75.23 33.69 28.31
N GLY S 82 -75.04 34.41 29.42
CA GLY S 82 -75.05 33.79 30.74
C GLY S 82 -75.89 34.58 31.72
N TYR S 83 -75.53 34.52 32.99
CA TYR S 83 -76.27 35.24 34.02
C TYR S 83 -76.18 36.75 33.79
N CYS S 84 -77.27 37.44 34.08
CA CYS S 84 -77.33 38.89 33.98
C CYS S 84 -78.03 39.45 35.20
N TYR S 85 -77.73 40.72 35.51
CA TYR S 85 -78.30 41.40 36.66
C TYR S 85 -79.28 42.46 36.19
N LEU S 86 -80.37 42.63 36.95
CA LEU S 86 -81.37 43.66 36.68
C LEU S 86 -81.29 44.69 37.79
N VAL S 87 -81.05 45.95 37.41
CA VAL S 87 -80.92 47.06 38.36
C VAL S 87 -81.77 48.21 37.87
N GLN S 88 -82.40 48.92 38.80
CA GLN S 88 -83.11 50.14 38.46
C GLN S 88 -82.15 51.19 37.93
N THR S 89 -82.63 52.01 37.00
CA THR S 89 -81.77 53.03 36.41
C THR S 89 -81.28 54.04 37.46
N THR S 90 -82.17 54.45 38.36
CA THR S 90 -81.80 55.39 39.41
C THR S 90 -80.79 54.81 40.39
N ASP S 91 -80.71 53.49 40.50
CA ASP S 91 -79.78 52.84 41.41
C ASP S 91 -78.55 52.30 40.70
N LEU S 92 -78.34 52.66 39.43
CA LEU S 92 -77.20 52.14 38.68
C LEU S 92 -75.89 52.62 39.29
N GLU S 93 -75.84 53.88 39.71
CA GLU S 93 -74.58 54.43 40.24
C GLU S 93 -74.21 53.79 41.56
N LYS S 94 -75.16 53.18 42.26
CA LYS S 94 -74.91 52.62 43.58
C LYS S 94 -74.64 51.11 43.53
N GLN S 95 -75.48 50.36 42.82
CA GLN S 95 -75.38 48.90 42.84
C GLN S 95 -74.23 48.39 41.97
N VAL S 96 -73.96 49.07 40.85
CA VAL S 96 -72.95 48.56 39.91
C VAL S 96 -71.56 48.46 40.53
N PRO S 97 -71.05 49.48 41.24
CA PRO S 97 -69.73 49.31 41.86
C PRO S 97 -69.71 48.22 42.92
N LYS S 98 -70.87 47.83 43.44
CA LYS S 98 -70.93 46.78 44.46
C LYS S 98 -70.87 45.39 43.87
N LEU S 99 -70.94 45.25 42.55
CA LEU S 99 -70.85 43.95 41.87
C LEU S 99 -69.55 43.94 41.08
N ASP S 100 -68.62 43.09 41.51
CA ASP S 100 -67.29 43.06 40.92
C ASP S 100 -67.16 42.11 39.74
N ASP S 101 -68.19 41.31 39.46
CA ASP S 101 -68.17 40.41 38.32
C ASP S 101 -68.78 41.02 37.07
N VAL S 102 -69.33 42.24 37.15
CA VAL S 102 -70.00 42.85 36.03
C VAL S 102 -68.98 43.42 35.06
N THR S 103 -69.24 43.25 33.77
CA THR S 103 -68.37 43.77 32.71
C THR S 103 -69.06 44.75 31.78
N LEU S 104 -70.29 44.48 31.39
CA LEU S 104 -71.00 45.29 30.42
C LEU S 104 -72.14 46.06 31.07
N LEU S 105 -72.45 47.23 30.51
CA LEU S 105 -73.63 48.00 30.88
C LEU S 105 -74.53 48.10 29.66
N VAL S 106 -75.77 47.64 29.79
CA VAL S 106 -76.72 47.57 28.69
C VAL S 106 -77.85 48.55 28.94
N ALA S 107 -78.14 49.40 27.95
CA ALA S 107 -79.21 50.37 28.09
C ALA S 107 -80.57 49.69 28.19
N ALA S 108 -80.77 48.63 27.40
CA ALA S 108 -82.03 47.88 27.37
C ALA S 108 -83.22 48.77 27.05
N GLY S 109 -83.00 49.79 26.21
CA GLY S 109 -84.09 50.60 25.71
C GLY S 109 -84.49 51.78 26.57
N GLU S 110 -83.58 52.35 27.34
CA GLU S 110 -83.89 53.54 28.12
C GLU S 110 -82.59 54.26 28.50
N ASN S 111 -82.75 55.50 28.93
CA ASN S 111 -81.62 56.42 29.06
C ASN S 111 -80.76 56.06 30.27
N ILE S 112 -79.48 55.80 30.02
CA ILE S 112 -78.52 55.53 31.09
C ILE S 112 -77.30 56.41 30.92
N THR S 113 -77.47 57.54 30.21
CA THR S 113 -76.33 58.39 29.88
C THR S 113 -75.62 58.91 31.13
N THR S 114 -76.39 59.30 32.15
CA THR S 114 -75.78 59.79 33.38
C THR S 114 -74.97 58.70 34.07
N ALA S 115 -75.50 57.48 34.13
CA ALA S 115 -74.80 56.39 34.80
C ALA S 115 -73.51 56.03 34.08
N VAL S 116 -73.54 56.01 32.74
CA VAL S 116 -72.36 55.63 31.98
C VAL S 116 -71.22 56.61 32.18
N SER S 117 -71.55 57.92 32.19
CA SER S 117 -70.52 58.94 32.28
C SER S 117 -69.76 58.86 33.60
N THR S 118 -70.42 58.41 34.67
CA THR S 118 -69.81 58.36 35.98
C THR S 118 -69.27 56.98 36.37
N LEU S 119 -69.57 55.95 35.58
CA LEU S 119 -69.11 54.59 35.89
C LEU S 119 -68.00 54.13 34.98
N CYS S 120 -68.14 54.32 33.66
CA CYS S 120 -67.15 53.86 32.70
C CYS S 120 -66.00 54.85 32.66
N LYS S 121 -64.98 54.61 33.48
CA LYS S 121 -63.80 55.45 33.57
C LYS S 121 -62.57 54.54 33.46
N PRO S 122 -61.43 55.09 33.07
CA PRO S 122 -60.23 54.26 32.94
C PRO S 122 -59.89 53.53 34.23
N GLY S 123 -59.56 52.25 34.10
CA GLY S 123 -59.22 51.42 35.24
C GLY S 123 -60.39 50.71 35.88
N LYS S 124 -61.62 51.13 35.61
CA LYS S 124 -62.79 50.49 36.21
C LYS S 124 -63.13 49.16 35.56
N GLY S 125 -62.81 48.99 34.27
CA GLY S 125 -63.05 47.74 33.59
C GLY S 125 -64.44 47.55 33.04
N LEU S 126 -65.25 48.60 32.94
CA LEU S 126 -66.61 48.48 32.46
C LEU S 126 -66.71 48.91 31.00
N PHE S 127 -67.86 48.62 30.40
CA PHE S 127 -68.14 48.96 29.02
C PHE S 127 -69.64 49.11 28.84
N ALA S 128 -70.05 50.01 27.95
CA ALA S 128 -71.45 50.35 27.78
C ALA S 128 -71.88 50.08 26.33
N ILE S 129 -73.14 49.68 26.19
CA ILE S 129 -73.77 49.49 24.89
C ILE S 129 -75.03 50.34 24.84
N PHE S 130 -75.09 51.25 23.86
CA PHE S 130 -76.18 52.20 23.76
C PHE S 130 -77.18 51.76 22.68
N ASP S 131 -78.25 52.55 22.57
CA ASP S 131 -79.27 52.34 21.55
C ASP S 131 -79.28 53.54 20.61
N GLY S 132 -79.35 53.28 19.31
CA GLY S 132 -79.41 54.33 18.34
C GLY S 132 -80.78 54.97 18.29
N PRO S 133 -80.90 56.04 17.50
CA PRO S 133 -82.20 56.72 17.37
C PRO S 133 -83.26 55.79 16.77
N THR S 134 -84.51 56.02 17.18
CA THR S 134 -85.61 55.19 16.73
C THR S 134 -86.19 55.62 15.39
N THR S 135 -85.80 56.78 14.87
CA THR S 135 -86.38 57.33 13.66
C THR S 135 -85.51 56.98 12.45
N GLU S 136 -85.86 57.57 11.31
CA GLU S 136 -85.04 57.41 10.11
C GLU S 136 -83.68 58.05 10.32
N LEU S 137 -82.66 57.44 9.72
CA LEU S 137 -81.31 58.00 9.77
C LEU S 137 -81.25 59.22 8.85
N LYS S 138 -81.07 60.39 9.44
CA LYS S 138 -81.07 61.63 8.67
C LYS S 138 -79.85 61.67 7.77
N SER S 139 -80.05 62.12 6.52
CA SER S 139 -79.07 61.86 5.46
C SER S 139 -77.78 62.65 5.66
N ASP S 140 -77.85 63.88 6.16
CA ASP S 140 -76.66 64.72 6.20
C ASP S 140 -75.62 64.23 7.20
N GLY S 141 -75.97 63.28 8.07
CA GLY S 141 -75.00 62.69 8.97
C GLY S 141 -74.85 63.38 10.31
N THR S 142 -75.80 64.22 10.70
CA THR S 142 -75.71 64.95 11.96
C THR S 142 -76.60 64.37 13.05
N SER S 143 -77.12 63.17 12.87
CA SER S 143 -77.93 62.54 13.91
C SER S 143 -77.06 61.85 14.95
N ASN S 144 -76.11 62.60 15.51
CA ASN S 144 -75.19 62.07 16.50
C ASN S 144 -74.79 63.07 17.57
N SER S 145 -75.34 64.29 17.56
CA SER S 145 -74.91 65.31 18.50
C SER S 145 -75.20 64.93 19.94
N ASP S 146 -76.26 64.12 20.17
CA ASP S 146 -76.65 63.80 21.53
C ASP S 146 -75.60 62.96 22.25
N TYR S 147 -74.97 62.02 21.56
CA TYR S 147 -74.06 61.09 22.22
C TYR S 147 -72.73 61.76 22.57
N ASP S 148 -72.15 61.35 23.68
CA ASP S 148 -70.91 61.85 24.25
C ASP S 148 -69.74 61.01 23.76
N PRO S 149 -68.67 61.61 23.23
CA PRO S 149 -67.56 60.80 22.71
C PRO S 149 -66.78 60.10 23.80
N ASN S 150 -67.35 59.01 24.34
CA ASN S 150 -66.73 58.20 25.37
C ASN S 150 -66.05 56.99 24.76
N PRO S 151 -64.75 56.77 25.00
CA PRO S 151 -64.09 55.59 24.44
C PRO S 151 -64.50 54.28 25.07
N PHE S 152 -65.42 54.28 26.03
CA PHE S 152 -65.89 53.07 26.69
C PHE S 152 -67.31 52.70 26.29
N ALA S 153 -67.83 53.27 25.22
CA ALA S 153 -69.22 53.06 24.83
C ALA S 153 -69.33 52.83 23.34
N ALA S 154 -70.42 52.18 22.94
CA ALA S 154 -70.72 51.92 21.54
C ALA S 154 -72.21 52.06 21.31
N VAL S 155 -72.57 52.42 20.07
CA VAL S 155 -73.96 52.64 19.69
C VAL S 155 -74.29 51.72 18.52
N TYR S 156 -75.47 51.10 18.57
CA TYR S 156 -75.92 50.18 17.54
C TYR S 156 -77.27 50.62 17.01
N TYR S 157 -77.42 50.56 15.69
CA TYR S 157 -78.61 51.00 14.98
C TYR S 157 -78.88 50.02 13.85
N PRO S 158 -80.15 49.75 13.53
CA PRO S 158 -81.38 50.24 14.15
C PRO S 158 -82.02 49.23 15.09
N TRP S 159 -83.19 49.57 15.63
CA TRP S 159 -83.91 48.64 16.50
C TRP S 159 -84.43 47.46 15.68
N LEU S 160 -84.52 46.30 16.33
CA LEU S 160 -84.87 45.07 15.66
C LEU S 160 -86.33 44.71 15.89
N THR S 161 -86.87 43.89 14.98
CA THR S 161 -88.23 43.39 15.06
C THR S 161 -88.23 41.89 14.80
N ALA S 162 -89.25 41.22 15.32
CA ALA S 162 -89.40 39.79 15.15
C ALA S 162 -90.87 39.44 14.96
N ASP S 163 -91.13 38.15 14.71
CA ASP S 163 -92.50 37.70 14.52
C ASP S 163 -93.32 37.85 15.80
N TRP S 164 -92.71 37.55 16.95
CA TRP S 164 -93.43 37.63 18.22
C TRP S 164 -93.69 39.07 18.65
N THR S 165 -92.90 40.02 18.18
CA THR S 165 -93.15 41.43 18.52
C THR S 165 -94.43 41.91 17.85
N THR S 166 -95.20 42.72 18.58
CA THR S 166 -96.48 43.21 18.10
C THR S 166 -96.49 44.71 17.86
N THR S 167 -96.12 45.51 18.86
CA THR S 167 -96.15 46.96 18.71
C THR S 167 -94.93 47.67 19.30
N ILE S 168 -94.00 46.94 19.92
CA ILE S 168 -92.80 47.53 20.49
C ILE S 168 -91.60 46.76 19.96
N ASP S 169 -90.61 47.48 19.45
CA ASP S 169 -89.45 46.86 18.83
C ASP S 169 -88.35 46.61 19.85
N ILE S 170 -87.61 45.53 19.64
CA ILE S 170 -86.52 45.15 20.55
C ILE S 170 -85.40 46.17 20.43
N PRO S 171 -84.90 46.73 21.53
CA PRO S 171 -83.72 47.59 21.47
C PRO S 171 -82.52 46.81 21.00
N PRO S 172 -81.67 47.40 20.15
CA PRO S 172 -80.52 46.65 19.62
C PRO S 172 -79.52 46.22 20.67
N SER S 173 -79.35 47.00 21.74
CA SER S 173 -78.34 46.67 22.74
C SER S 173 -78.63 45.36 23.44
N ALA S 174 -79.90 44.97 23.53
CA ALA S 174 -80.24 43.71 24.19
C ALA S 174 -79.71 42.52 23.41
N ALA S 175 -79.87 42.55 22.09
CA ALA S 175 -79.38 41.44 21.27
C ALA S 175 -77.86 41.47 21.13
N ILE S 176 -77.26 42.66 21.06
CA ILE S 176 -75.82 42.76 20.89
C ILE S 176 -75.09 42.19 22.10
N ALA S 177 -75.61 42.43 23.31
CA ALA S 177 -75.00 41.87 24.50
C ALA S 177 -74.93 40.36 24.43
N GLY S 178 -75.93 39.73 23.80
CA GLY S 178 -75.84 38.30 23.57
C GLY S 178 -74.74 37.93 22.59
N VAL S 179 -74.54 38.76 21.56
CA VAL S 179 -73.51 38.50 20.57
C VAL S 179 -72.13 38.58 21.20
N TYR S 180 -71.96 39.48 22.17
CA TYR S 180 -70.66 39.62 22.83
C TYR S 180 -70.26 38.33 23.53
N CYS S 181 -71.21 37.69 24.24
CA CYS S 181 -70.87 36.47 24.97
C CYS S 181 -70.53 35.33 24.03
N SER S 182 -71.28 35.19 22.93
CA SER S 182 -71.01 34.12 21.99
C SER S 182 -69.66 34.29 21.32
N VAL S 183 -69.31 35.52 20.93
CA VAL S 183 -68.03 35.75 20.27
C VAL S 183 -66.88 35.54 21.25
N ASP S 184 -67.03 36.02 22.49
CA ASP S 184 -65.98 35.85 23.48
C ASP S 184 -65.74 34.37 23.78
N SER S 185 -66.81 33.57 23.86
CA SER S 185 -66.65 32.17 24.21
C SER S 185 -66.00 31.37 23.08
N THR S 186 -66.34 31.71 21.83
CA THR S 186 -65.88 30.92 20.69
C THR S 186 -64.52 31.38 20.17
N ARG S 187 -64.36 32.68 19.94
CA ARG S 187 -63.17 33.19 19.27
C ARG S 187 -62.26 34.00 20.18
N GLY S 188 -62.79 34.63 21.22
CA GLY S 188 -61.96 35.41 22.13
C GLY S 188 -62.37 36.86 22.23
N VAL S 189 -61.99 37.52 23.33
CA VAL S 189 -62.37 38.91 23.53
C VAL S 189 -61.68 39.84 22.53
N TRP S 190 -60.58 39.41 21.92
CA TRP S 190 -59.87 40.24 20.96
C TRP S 190 -60.51 40.21 19.58
N LYS S 191 -61.40 39.26 19.31
CA LYS S 191 -62.05 39.19 18.01
C LYS S 191 -63.20 40.17 17.95
N ALA S 192 -63.34 40.84 16.80
CA ALA S 192 -64.37 41.86 16.66
C ALA S 192 -65.76 41.22 16.71
N PRO S 193 -66.67 41.73 17.54
CA PRO S 193 -68.05 41.23 17.54
C PRO S 193 -68.86 41.75 16.36
N ALA S 194 -68.33 41.52 15.16
CA ALA S 194 -68.96 41.95 13.93
C ALA S 194 -68.78 40.86 12.88
N ASN S 195 -69.52 40.98 11.79
CA ASN S 195 -69.55 39.96 10.74
C ASN S 195 -69.98 38.61 11.31
N VAL S 196 -70.91 38.65 12.26
CA VAL S 196 -71.45 37.45 12.88
C VAL S 196 -72.97 37.53 12.83
N PRO S 197 -73.67 36.40 12.69
CA PRO S 197 -75.12 36.46 12.53
C PRO S 197 -75.85 36.76 13.83
N ILE S 198 -77.08 37.23 13.67
CA ILE S 198 -77.99 37.41 14.79
C ILE S 198 -78.85 36.16 14.88
N GLN S 199 -78.70 35.42 15.98
CA GLN S 199 -79.20 34.06 16.04
C GLN S 199 -80.71 33.97 16.28
N GLY S 200 -81.34 35.06 16.69
CA GLY S 200 -82.73 35.02 17.08
C GLY S 200 -83.74 35.10 15.96
N GLY S 201 -83.30 35.13 14.70
CA GLY S 201 -84.24 35.34 13.61
C GLY S 201 -84.87 36.71 13.63
N LEU S 202 -84.11 37.72 14.05
CA LEU S 202 -84.60 39.08 14.14
C LEU S 202 -84.28 39.83 12.86
N GLN S 203 -85.07 40.87 12.59
CA GLN S 203 -84.88 41.67 11.38
C GLN S 203 -84.75 43.14 11.75
N PRO S 204 -83.86 43.86 11.08
CA PRO S 204 -83.76 45.30 11.33
C PRO S 204 -85.02 46.03 10.88
N LYS S 205 -85.36 47.10 11.60
CA LYS S 205 -86.57 47.84 11.29
C LYS S 205 -86.41 48.67 10.02
N TYR S 206 -85.24 49.25 9.81
CA TYR S 206 -84.98 50.07 8.64
C TYR S 206 -83.77 49.55 7.89
N PRO S 207 -83.84 49.49 6.56
CA PRO S 207 -82.67 49.11 5.77
C PRO S 207 -81.65 50.23 5.70
N VAL S 208 -80.38 49.83 5.75
CA VAL S 208 -79.27 50.77 5.69
C VAL S 208 -78.46 50.48 4.43
N THR S 209 -78.34 51.47 3.56
CA THR S 209 -77.61 51.32 2.32
C THR S 209 -76.11 51.36 2.58
N ASP S 210 -75.34 51.01 1.55
CA ASP S 210 -73.89 51.04 1.67
C ASP S 210 -73.38 52.47 1.85
N ASP S 211 -73.99 53.43 1.15
CA ASP S 211 -73.56 54.81 1.25
C ASP S 211 -73.93 55.39 2.61
N LEU S 212 -75.13 55.07 3.11
CA LEU S 212 -75.59 55.65 4.37
C LEU S 212 -74.69 55.25 5.54
N GLN S 213 -74.28 53.98 5.59
CA GLN S 213 -73.35 53.55 6.62
C GLN S 213 -72.02 54.28 6.51
N ALA S 214 -71.56 54.52 5.29
CA ALA S 214 -70.30 55.23 5.09
C ALA S 214 -70.33 56.63 5.69
N GLN S 215 -71.51 57.24 5.78
CA GLN S 215 -71.60 58.59 6.31
C GLN S 215 -71.45 58.60 7.82
N TYR S 216 -71.85 57.52 8.48
CA TYR S 216 -71.88 57.45 9.94
C TYR S 216 -70.78 56.58 10.54
N ASN S 217 -69.79 56.19 9.74
CA ASN S 217 -68.72 55.32 10.22
C ASN S 217 -67.50 56.08 10.71
N GLN S 218 -67.58 57.40 10.82
CA GLN S 218 -66.47 58.21 11.28
C GLN S 218 -66.82 58.92 12.58
N GLY S 219 -65.78 59.32 13.32
CA GLY S 219 -65.99 60.01 14.58
C GLY S 219 -66.78 59.15 15.55
N LYS S 220 -67.83 59.72 16.13
CA LYS S 220 -68.74 58.98 17.01
C LYS S 220 -69.61 58.10 16.12
N ALA S 221 -69.06 56.95 15.75
CA ALA S 221 -69.65 56.10 14.73
C ALA S 221 -70.83 55.31 15.28
N LEU S 222 -71.67 54.86 14.35
CA LEU S 222 -72.80 53.98 14.65
C LEU S 222 -72.58 52.64 13.97
N ASN S 223 -72.38 51.59 14.76
CA ASN S 223 -72.30 50.25 14.22
C ASN S 223 -73.67 49.82 13.71
N MET S 224 -73.69 49.25 12.50
CA MET S 224 -74.93 49.03 11.78
C MET S 224 -75.27 47.55 11.74
N ILE S 225 -76.56 47.25 11.83
CA ILE S 225 -77.06 45.89 11.66
C ILE S 225 -77.78 45.84 10.32
N ARG S 226 -77.22 45.08 9.38
CA ARG S 226 -77.70 45.07 8.01
C ARG S 226 -78.00 43.65 7.58
N THR S 227 -78.87 43.53 6.56
CA THR S 227 -79.23 42.25 5.99
C THR S 227 -78.59 42.11 4.62
N PHE S 228 -77.91 40.99 4.41
CA PHE S 228 -77.23 40.73 3.15
C PHE S 228 -77.93 39.59 2.40
N PRO S 229 -77.93 39.62 1.07
CA PRO S 229 -78.70 38.63 0.30
C PRO S 229 -78.28 37.19 0.56
N LYS S 230 -77.00 36.93 0.81
CA LYS S 230 -76.52 35.57 0.95
C LYS S 230 -76.18 35.17 2.38
N SER S 231 -76.03 36.13 3.30
CA SER S 231 -75.63 35.83 4.66
C SER S 231 -76.68 36.19 5.71
N GLY S 232 -77.84 36.69 5.29
CA GLY S 232 -78.87 37.03 6.27
C GLY S 232 -78.54 38.33 6.99
N THR S 233 -78.87 38.37 8.27
CA THR S 233 -78.65 39.57 9.09
C THR S 233 -77.32 39.45 9.82
N LEU S 234 -76.49 40.48 9.69
CA LEU S 234 -75.15 40.48 10.25
C LEU S 234 -74.90 41.80 10.99
N VAL S 235 -73.94 41.77 11.91
CA VAL S 235 -73.51 42.95 12.62
C VAL S 235 -72.33 43.55 11.88
N TRP S 236 -72.47 44.81 11.47
CA TRP S 236 -71.49 45.48 10.62
C TRP S 236 -70.95 46.70 11.35
N GLY S 237 -69.69 46.65 11.76
CA GLY S 237 -69.07 47.77 12.43
C GLY S 237 -68.72 47.49 13.88
N ALA S 238 -67.50 47.86 14.28
CA ALA S 238 -67.02 47.60 15.63
C ALA S 238 -66.27 48.82 16.17
N ARG S 239 -66.83 50.01 15.96
CA ARG S 239 -66.19 51.24 16.38
C ARG S 239 -66.82 51.79 17.66
N THR S 240 -65.99 52.38 18.50
CA THR S 240 -66.44 53.06 19.70
C THR S 240 -66.81 54.50 19.37
N LEU S 241 -67.03 55.32 20.40
CA LEU S 241 -67.39 56.72 20.23
C LEU S 241 -66.18 57.64 20.20
N GLU S 242 -64.97 57.09 20.25
CA GLU S 242 -63.74 57.86 20.18
C GLU S 242 -62.95 57.41 18.96
N ASP S 243 -62.49 58.37 18.16
CA ASP S 243 -61.92 58.07 16.86
C ASP S 243 -60.39 58.17 16.82
N ASN S 244 -59.72 58.27 17.97
CA ASN S 244 -58.27 58.28 17.91
C ASN S 244 -57.74 56.87 17.69
N ASP S 245 -56.45 56.78 17.35
CA ASP S 245 -55.85 55.50 17.00
C ASP S 245 -55.81 54.54 18.19
N ASN S 246 -55.80 55.07 19.42
CA ASN S 246 -55.64 54.22 20.59
C ASN S 246 -56.89 53.36 20.81
N TRP S 247 -58.06 53.97 20.78
CA TRP S 247 -59.30 53.29 21.18
C TRP S 247 -60.37 53.45 20.11
N ARG S 248 -59.99 53.26 18.84
CA ARG S 248 -60.95 53.38 17.75
C ARG S 248 -61.87 52.18 17.70
N TYR S 249 -61.36 50.99 18.02
CA TYR S 249 -62.09 49.74 17.81
C TYR S 249 -62.50 49.12 19.13
N ILE S 250 -63.68 48.50 19.14
CA ILE S 250 -64.17 47.82 20.34
C ILE S 250 -63.21 46.74 20.82
N PRO S 251 -62.70 45.84 19.97
CA PRO S 251 -61.83 44.77 20.50
C PRO S 251 -60.62 45.27 21.25
N VAL S 252 -60.01 46.35 20.80
CA VAL S 252 -58.82 46.87 21.48
C VAL S 252 -59.19 47.37 22.87
N ARG S 253 -60.29 48.10 22.98
CA ARG S 253 -60.71 48.62 24.27
C ARG S 253 -61.15 47.51 25.20
N ARG S 254 -61.89 46.53 24.68
CA ARG S 254 -62.39 45.45 25.53
C ARG S 254 -61.29 44.49 25.93
N LEU S 255 -60.30 44.27 25.06
CA LEU S 255 -59.19 43.41 25.42
C LEU S 255 -58.41 43.98 26.59
N PHE S 256 -58.14 45.28 26.57
CA PHE S 256 -57.45 45.91 27.70
C PHE S 256 -58.28 45.81 28.96
N ASN S 257 -59.60 46.02 28.86
CA ASN S 257 -60.46 45.98 30.04
C ASN S 257 -60.34 44.65 30.76
N SER S 258 -60.33 43.55 30.01
CA SER S 258 -60.14 42.24 30.62
C SER S 258 -58.72 42.09 31.17
N ALA S 259 -57.73 42.64 30.46
CA ALA S 259 -56.34 42.46 30.87
C ALA S 259 -56.06 43.11 32.23
N GLU S 260 -56.49 44.36 32.40
CA GLU S 260 -56.28 45.02 33.70
C GLU S 260 -57.07 44.32 34.80
N ARG S 261 -58.30 43.90 34.51
CA ARG S 261 -59.11 43.24 35.53
C ARG S 261 -58.47 41.95 35.99
N ASP S 262 -57.93 41.15 35.06
CA ASP S 262 -57.31 39.88 35.45
C ASP S 262 -56.04 40.12 36.25
N ILE S 263 -55.20 41.05 35.80
CA ILE S 263 -53.94 41.31 36.50
C ILE S 263 -54.21 41.98 37.85
N LYS S 264 -55.19 42.88 37.91
CA LYS S 264 -55.51 43.56 39.16
C LYS S 264 -55.95 42.56 40.23
N ASN S 265 -56.75 41.57 39.83
CA ASN S 265 -57.16 40.53 40.78
C ASN S 265 -55.96 39.72 41.26
N ALA S 266 -55.04 39.41 40.36
CA ALA S 266 -53.87 38.63 40.73
C ALA S 266 -52.98 39.38 41.71
N MET S 267 -52.79 40.68 41.49
CA MET S 267 -51.91 41.47 42.34
C MET S 267 -52.48 41.71 43.73
N SER S 268 -53.75 41.39 43.97
CA SER S 268 -54.33 41.54 45.30
C SER S 268 -53.72 40.60 46.31
N PHE S 269 -52.97 39.58 45.87
CA PHE S 269 -52.31 38.65 46.76
C PHE S 269 -50.90 39.10 47.13
N ALA S 270 -50.46 40.27 46.64
CA ALA S 270 -49.12 40.78 46.89
C ALA S 270 -49.15 42.24 47.34
N VAL S 271 -50.21 42.63 48.04
CA VAL S 271 -50.35 44.04 48.43
C VAL S 271 -49.29 44.41 49.47
N PHE S 272 -49.11 43.58 50.49
CA PHE S 272 -48.20 43.89 51.59
C PHE S 272 -46.97 43.01 51.60
N GLU S 273 -46.63 42.38 50.48
CA GLU S 273 -45.42 41.58 50.42
C GLU S 273 -44.18 42.47 50.53
N PRO S 274 -43.04 41.91 50.95
CA PRO S 274 -41.80 42.70 50.99
C PRO S 274 -41.48 43.27 49.62
N ASN S 275 -41.03 44.52 49.59
CA ASN S 275 -40.75 45.22 48.33
C ASN S 275 -39.25 45.12 48.06
N SER S 276 -38.84 43.94 47.60
CA SER S 276 -37.44 43.66 47.32
C SER S 276 -37.36 42.81 46.06
N GLN S 277 -36.15 42.35 45.75
CA GLN S 277 -35.92 41.59 44.53
C GLN S 277 -36.72 40.29 44.44
N PRO S 278 -36.78 39.45 45.49
CA PRO S 278 -37.53 38.18 45.33
C PRO S 278 -38.99 38.37 44.96
N THR S 279 -39.64 39.43 45.46
CA THR S 279 -41.03 39.67 45.09
C THR S 279 -41.16 40.13 43.65
N TRP S 280 -40.20 40.94 43.18
CA TRP S 280 -40.24 41.43 41.81
C TRP S 280 -40.12 40.29 40.81
N GLU S 281 -39.29 39.29 41.12
CA GLU S 281 -39.11 38.16 40.22
C GLU S 281 -40.41 37.37 40.07
N ARG S 282 -41.15 37.18 41.16
CA ARG S 282 -42.37 36.39 41.11
C ARG S 282 -43.49 37.15 40.40
N VAL S 283 -43.58 38.46 40.64
CA VAL S 283 -44.60 39.27 39.97
C VAL S 283 -44.34 39.32 38.47
N ARG S 284 -43.08 39.52 38.07
CA ARG S 284 -42.76 39.59 36.65
C ARG S 284 -43.03 38.26 35.96
N SER S 285 -42.67 37.16 36.60
CA SER S 285 -42.88 35.85 36.00
C SER S 285 -44.36 35.53 35.80
N ALA S 286 -45.19 35.88 36.80
CA ALA S 286 -46.61 35.61 36.69
C ALA S 286 -47.25 36.42 35.58
N VAL S 287 -46.88 37.69 35.46
CA VAL S 287 -47.45 38.54 34.41
C VAL S 287 -46.94 38.13 33.04
N ASN S 288 -45.66 37.76 32.95
CA ASN S 288 -45.10 37.34 31.67
C ASN S 288 -45.78 36.09 31.15
N ASN S 289 -46.07 35.13 32.03
CA ASN S 289 -46.75 33.92 31.61
C ASN S 289 -48.15 34.22 31.09
N TYR S 290 -48.88 35.14 31.76
CA TYR S 290 -50.22 35.47 31.31
C TYR S 290 -50.20 36.14 29.94
N LEU S 291 -49.27 37.08 29.74
CA LEU S 291 -49.20 37.76 28.46
C LEU S 291 -48.72 36.82 27.35
N TYR S 292 -47.82 35.89 27.69
CA TYR S 292 -47.38 34.91 26.69
C TYR S 292 -48.53 34.03 26.26
N SER S 293 -49.45 33.71 27.18
CA SER S 293 -50.63 32.93 26.82
C SER S 293 -51.51 33.68 25.84
N LEU S 294 -51.67 34.99 26.05
CA LEU S 294 -52.50 35.79 25.13
C LEU S 294 -51.88 35.85 23.74
N TRP S 295 -50.56 35.98 23.66
CA TRP S 295 -49.90 36.05 22.36
C TRP S 295 -50.00 34.72 21.62
N GLN S 296 -49.96 33.60 22.35
CA GLN S 296 -50.12 32.30 21.72
C GLN S 296 -51.51 32.14 21.10
N GLN S 297 -52.54 32.61 21.81
CA GLN S 297 -53.91 32.51 21.30
C GLN S 297 -54.18 33.47 20.15
N GLY S 298 -53.28 34.40 19.88
CA GLY S 298 -53.48 35.36 18.82
C GLY S 298 -54.01 36.71 19.25
N GLY S 299 -54.09 36.98 20.55
CA GLY S 299 -54.60 38.25 21.03
C GLY S 299 -53.64 39.42 20.89
N LEU S 300 -52.35 39.14 20.72
CA LEU S 300 -51.34 40.18 20.55
C LEU S 300 -50.58 39.92 19.26
N ALA S 301 -50.24 41.00 18.55
CA ALA S 301 -49.57 40.92 17.26
C ALA S 301 -48.07 41.11 17.44
N GLY S 302 -47.30 40.18 16.87
CA GLY S 302 -45.85 40.26 16.94
C GLY S 302 -45.16 39.00 16.49
N ASN S 303 -43.97 39.14 15.90
CA ASN S 303 -43.22 37.98 15.46
C ASN S 303 -42.57 37.26 16.63
N LYS S 304 -42.12 38.01 17.62
CA LYS S 304 -41.46 37.48 18.81
C LYS S 304 -42.13 38.06 20.05
N PRO S 305 -42.00 37.39 21.20
CA PRO S 305 -42.66 37.91 22.41
C PRO S 305 -42.26 39.34 22.77
N ASP S 306 -41.01 39.73 22.50
CA ASP S 306 -40.59 41.09 22.80
C ASP S 306 -41.27 42.11 21.89
N ASP S 307 -41.79 41.69 20.74
CA ASP S 307 -42.53 42.59 19.86
C ASP S 307 -43.99 42.74 20.28
N ALA S 308 -44.48 41.89 21.18
CA ALA S 308 -45.89 41.91 21.57
C ALA S 308 -46.13 42.53 22.93
N TYR S 309 -45.19 42.38 23.87
CA TYR S 309 -45.40 42.88 25.23
C TYR S 309 -44.07 43.03 25.92
N PHE S 310 -44.07 43.82 27.00
CA PHE S 310 -42.91 43.95 27.86
C PHE S 310 -43.38 44.25 29.27
N VAL S 311 -42.63 43.76 30.25
CA VAL S 311 -42.92 43.99 31.65
C VAL S 311 -41.65 44.51 32.32
N GLN S 312 -41.77 45.63 33.04
CA GLN S 312 -40.65 46.25 33.71
C GLN S 312 -40.98 46.48 35.17
N ILE S 313 -40.10 46.04 36.05
CA ILE S 313 -40.20 46.32 37.48
C ILE S 313 -38.82 46.12 38.09
N GLY S 314 -38.40 47.08 38.90
CA GLY S 314 -37.08 47.01 39.50
C GLY S 314 -36.78 48.22 40.34
N LYS S 315 -35.59 48.17 40.95
CA LYS S 315 -35.15 49.25 41.84
C LYS S 315 -34.72 50.49 41.08
N ASP S 316 -34.25 50.33 39.83
CA ASP S 316 -33.84 51.46 39.03
C ASP S 316 -34.54 51.50 37.67
N ILE S 317 -35.52 50.63 37.44
CA ILE S 317 -36.22 50.56 36.16
C ILE S 317 -37.52 51.36 36.19
N THR S 318 -38.32 51.17 37.22
CA THR S 318 -39.64 51.80 37.29
C THR S 318 -39.86 52.69 38.49
N MET S 319 -39.21 52.42 39.62
CA MET S 319 -39.42 53.19 40.84
C MET S 319 -38.07 53.56 41.44
N THR S 320 -38.07 54.66 42.20
CA THR S 320 -36.86 55.19 42.80
C THR S 320 -36.76 54.78 44.27
N ASP S 321 -35.70 55.25 44.93
CA ASP S 321 -35.51 54.96 46.34
C ASP S 321 -36.61 55.59 47.18
N ASP S 322 -37.00 56.83 46.85
CA ASP S 322 -38.06 57.48 47.59
C ASP S 322 -39.41 56.84 47.34
N ASP S 323 -39.60 56.24 46.16
CA ASP S 323 -40.83 55.51 45.89
C ASP S 323 -40.95 54.29 46.79
N ILE S 324 -39.85 53.56 46.98
CA ILE S 324 -39.87 52.38 47.84
C ILE S 324 -40.13 52.77 49.28
N LYS S 325 -39.47 53.83 49.76
CA LYS S 325 -39.62 54.25 51.14
C LYS S 325 -41.03 54.72 51.46
N GLN S 326 -41.82 55.08 50.45
CA GLN S 326 -43.21 55.46 50.63
C GLN S 326 -44.18 54.33 50.36
N GLY S 327 -43.68 53.11 50.17
CA GLY S 327 -44.55 51.97 49.99
C GLY S 327 -45.20 51.85 48.63
N LYS S 328 -44.50 52.23 47.57
CA LYS S 328 -45.03 52.18 46.22
C LYS S 328 -44.27 51.15 45.40
N MET S 329 -45.01 50.21 44.80
CA MET S 329 -44.47 49.27 43.83
C MET S 329 -45.09 49.58 42.48
N ILE S 330 -44.26 49.88 41.48
CA ILE S 330 -44.71 50.38 40.19
C ILE S 330 -44.32 49.37 39.12
N ILE S 331 -45.29 48.95 38.32
CA ILE S 331 -45.07 48.01 37.22
C ILE S 331 -45.59 48.66 35.95
N LYS S 332 -44.75 48.69 34.91
CA LYS S 332 -45.11 49.19 33.60
C LYS S 332 -45.34 48.02 32.65
N ILE S 333 -46.51 47.98 32.02
CA ILE S 333 -46.89 46.88 31.14
C ILE S 333 -47.24 47.45 29.77
N GLY S 334 -46.65 46.89 28.73
CA GLY S 334 -46.95 47.27 27.36
C GLY S 334 -47.63 46.12 26.64
N MET S 335 -48.54 46.47 25.73
CA MET S 335 -49.33 45.46 25.04
C MET S 335 -49.61 45.93 23.62
N ALA S 336 -49.36 45.06 22.65
CA ALA S 336 -49.64 45.33 21.24
C ALA S 336 -50.90 44.57 20.86
N ALA S 337 -52.05 45.18 21.10
CA ALA S 337 -53.32 44.54 20.81
C ALA S 337 -53.54 44.42 19.31
N VAL S 338 -54.21 43.35 18.91
CA VAL S 338 -54.52 43.12 17.50
C VAL S 338 -55.71 43.99 17.11
N ARG S 339 -55.84 44.27 15.82
CA ARG S 339 -56.90 45.17 15.37
C ARG S 339 -57.69 44.54 14.23
N PRO S 340 -58.97 44.89 14.08
CA PRO S 340 -59.77 44.29 13.01
C PRO S 340 -59.31 44.72 11.63
N ALA S 341 -59.57 43.85 10.66
CA ALA S 341 -59.31 44.17 9.25
C ALA S 341 -60.60 44.74 8.65
N GLU S 342 -60.93 45.96 9.10
CA GLU S 342 -62.21 46.55 8.74
C GLU S 342 -62.35 46.75 7.23
N PHE S 343 -61.29 47.22 6.58
CA PHE S 343 -61.27 47.42 5.14
C PHE S 343 -60.27 46.46 4.50
N ILE S 344 -60.70 45.72 3.50
CA ILE S 344 -59.84 44.82 2.74
C ILE S 344 -59.71 45.37 1.33
N ILE S 345 -58.48 45.62 0.91
CA ILE S 345 -58.19 46.25 -0.37
C ILE S 345 -57.41 45.26 -1.22
N LEU S 346 -57.93 44.94 -2.40
CA LEU S 346 -57.30 44.01 -3.33
C LEU S 346 -56.80 44.79 -4.53
N GLN S 347 -55.53 44.62 -4.86
CA GLN S 347 -54.92 45.34 -5.96
C GLN S 347 -54.45 44.35 -7.02
N PHE S 348 -54.90 44.56 -8.25
CA PHE S 348 -54.58 43.68 -9.36
C PHE S 348 -53.68 44.41 -10.36
N THR S 349 -52.84 43.63 -11.05
CA THR S 349 -51.89 44.20 -11.99
C THR S 349 -52.01 43.53 -13.36
N THR T 2 26.33 4.97 74.55
CA THR T 2 27.73 5.14 74.17
C THR T 2 28.61 4.08 74.82
N THR T 3 28.77 2.94 74.15
CA THR T 3 29.64 1.89 74.65
C THR T 3 31.08 2.38 74.69
N ILE T 4 31.76 2.08 75.79
CA ILE T 4 33.19 2.36 75.92
C ILE T 4 33.93 1.10 75.52
N THR T 5 34.66 1.18 74.41
CA THR T 5 35.41 0.03 73.91
C THR T 5 36.71 -0.08 74.70
N THR T 6 36.83 -1.13 75.50
CA THR T 6 37.97 -1.29 76.39
C THR T 6 38.68 -2.63 76.27
N TYR T 7 37.99 -3.68 75.84
CA TYR T 7 38.64 -4.95 75.58
C TYR T 7 38.22 -5.47 74.21
N PRO T 8 39.09 -6.21 73.53
CA PRO T 8 38.72 -6.76 72.23
C PRO T 8 37.64 -7.82 72.38
N GLY T 9 36.53 -7.63 71.67
CA GLY T 9 35.42 -8.56 71.75
C GLY T 9 34.22 -8.01 71.01
N VAL T 10 33.06 -8.62 71.28
CA VAL T 10 31.80 -8.24 70.67
C VAL T 10 30.95 -7.54 71.72
N TYR T 11 30.39 -6.39 71.36
CA TYR T 11 29.59 -5.58 72.26
C TYR T 11 28.15 -5.53 71.77
N ILE T 12 27.22 -5.70 72.70
CA ILE T 12 25.79 -5.75 72.40
C ILE T 12 25.10 -4.58 73.07
N GLU T 13 24.34 -3.81 72.30
CA GLU T 13 23.45 -2.80 72.84
C GLU T 13 22.06 -2.93 72.22
N GLU T 14 21.10 -2.26 72.85
CA GLU T 14 19.74 -2.18 72.35
C GLU T 14 19.37 -0.71 72.23
N ASP T 15 18.62 -0.37 71.19
CA ASP T 15 18.17 1.00 71.03
C ASP T 15 17.24 1.38 72.17
N ALA T 16 17.51 2.53 72.80
CA ALA T 16 16.76 2.98 73.96
C ALA T 16 16.03 4.28 73.73
N SER T 17 15.93 4.73 72.48
CA SER T 17 15.15 5.92 72.18
C SER T 17 13.68 5.66 72.51
N LEU T 18 13.02 6.70 73.01
CA LEU T 18 11.65 6.55 73.51
C LEU T 18 10.69 6.21 72.38
N SER T 19 9.77 5.29 72.67
CA SER T 19 8.67 4.96 71.78
C SER T 19 7.38 5.39 72.46
N LEU T 20 6.59 6.21 71.78
CA LEU T 20 5.46 6.89 72.39
C LEU T 20 4.18 6.51 71.68
N SER T 21 3.13 6.24 72.44
CA SER T 21 1.83 5.91 71.90
C SER T 21 0.76 6.25 72.92
N VAL T 22 -0.40 6.67 72.42
CA VAL T 22 -1.52 7.04 73.28
C VAL T 22 -2.52 5.90 73.32
N SER T 23 -2.88 5.49 74.54
CA SER T 23 -3.82 4.39 74.76
C SER T 23 -5.10 4.94 75.39
N SER T 24 -6.22 4.35 75.02
CA SER T 24 -7.52 4.81 75.50
C SER T 24 -7.81 4.24 76.88
N SER T 25 -8.17 5.12 77.82
CA SER T 25 -8.50 4.72 79.18
C SER T 25 -10.02 4.69 79.34
N ALA T 26 -10.49 3.98 80.36
CA ALA T 26 -11.93 3.87 80.64
C ALA T 26 -12.46 5.26 80.97
N THR T 27 -13.63 5.59 80.42
CA THR T 27 -14.18 6.94 80.50
C THR T 27 -15.47 7.00 81.32
N ALA T 28 -15.76 5.96 82.11
CA ALA T 28 -17.02 5.91 82.84
C ALA T 28 -16.88 5.38 84.26
N VAL T 29 -15.76 5.60 84.93
CA VAL T 29 -15.60 5.14 86.31
C VAL T 29 -16.20 6.17 87.25
N PRO T 30 -17.26 5.82 87.98
CA PRO T 30 -17.89 6.78 88.90
C PRO T 30 -17.38 6.63 90.32
N VAL T 31 -17.67 7.67 91.12
CA VAL T 31 -17.46 7.66 92.56
C VAL T 31 -18.78 8.06 93.22
N PHE T 32 -19.24 7.23 94.15
CA PHE T 32 -20.51 7.47 94.82
C PHE T 32 -20.28 8.05 96.20
N ALA T 33 -21.11 9.04 96.54
CA ALA T 33 -21.06 9.66 97.85
C ALA T 33 -21.93 8.86 98.82
N VAL T 34 -21.41 8.63 100.03
CA VAL T 34 -22.06 7.81 101.03
C VAL T 34 -22.19 8.63 102.31
N ALA T 35 -23.37 8.59 102.92
CA ALA T 35 -23.61 9.32 104.15
C ALA T 35 -22.71 8.82 105.27
N GLY T 36 -22.45 9.70 106.24
CA GLY T 36 -21.50 9.38 107.29
C GLY T 36 -21.95 8.23 108.17
N ASP T 37 -23.26 8.12 108.42
CA ASP T 37 -23.77 7.13 109.35
C ASP T 37 -23.77 5.71 108.80
N ASN T 38 -23.47 5.52 107.53
CA ASN T 38 -23.51 4.18 106.94
C ASN T 38 -22.40 3.32 107.53
N PRO T 39 -22.72 2.16 108.12
CA PRO T 39 -21.68 1.37 108.77
C PRO T 39 -20.69 0.74 107.81
N LEU T 40 -21.07 0.52 106.55
CA LEU T 40 -20.17 -0.14 105.60
C LEU T 40 -18.93 0.72 105.33
N ILE T 41 -19.12 2.03 105.18
CA ILE T 41 -18.01 2.91 104.83
C ILE T 41 -17.20 3.33 106.04
N SER T 42 -17.74 3.21 107.25
CA SER T 42 -17.08 3.73 108.43
C SER T 42 -15.77 2.99 108.69
N GLY T 43 -14.73 3.74 109.05
CA GLY T 43 -13.46 3.15 109.40
C GLY T 43 -12.56 2.79 108.24
N LYS T 44 -13.00 3.05 107.01
CA LYS T 44 -12.21 2.72 105.83
C LYS T 44 -12.14 3.94 104.94
N PRO T 45 -11.05 4.12 104.19
CA PRO T 45 -10.99 5.28 103.27
C PRO T 45 -11.96 5.17 102.11
N TYR T 46 -12.01 4.02 101.46
CA TYR T 46 -12.92 3.82 100.34
C TYR T 46 -13.14 2.32 100.15
N ILE T 47 -14.23 1.99 99.44
CA ILE T 47 -14.55 0.62 99.09
C ILE T 47 -14.76 0.56 97.58
N ARG T 48 -14.14 -0.44 96.94
CA ARG T 48 -14.28 -0.65 95.52
C ARG T 48 -15.21 -1.85 95.29
N ILE T 49 -16.28 -1.63 94.55
CA ILE T 49 -17.28 -2.66 94.27
C ILE T 49 -17.33 -2.88 92.76
N SER T 50 -17.21 -4.13 92.35
CA SER T 50 -17.15 -4.48 90.93
C SER T 50 -18.42 -5.13 90.40
N ASN T 51 -19.39 -5.44 91.27
CA ASN T 51 -20.60 -6.11 90.83
C ASN T 51 -21.68 -5.90 91.87
N TRP T 52 -22.94 -6.08 91.44
CA TRP T 52 -24.06 -5.99 92.37
C TRP T 52 -24.02 -7.11 93.39
N LEU T 53 -23.71 -8.33 92.94
CA LEU T 53 -23.60 -9.46 93.87
C LEU T 53 -22.49 -9.25 94.87
N GLU T 54 -21.37 -8.63 94.45
CA GLU T 54 -20.28 -8.36 95.37
C GLU T 54 -20.71 -7.40 96.47
N TYR T 55 -21.52 -6.39 96.13
CA TYR T 55 -21.99 -5.44 97.13
C TYR T 55 -22.81 -6.15 98.21
N LEU T 56 -23.68 -7.08 97.81
CA LEU T 56 -24.41 -7.87 98.80
C LEU T 56 -23.46 -8.75 99.61
N THR T 57 -22.42 -9.27 98.95
CA THR T 57 -21.41 -10.05 99.67
C THR T 57 -20.68 -9.19 100.69
N LEU T 58 -20.32 -7.96 100.32
CA LEU T 58 -19.71 -7.04 101.29
C LEU T 58 -20.66 -6.73 102.43
N LYS T 59 -21.93 -6.52 102.13
CA LYS T 59 -22.94 -6.41 103.17
C LYS T 59 -23.18 -7.78 103.81
N ASN T 60 -24.01 -7.80 104.85
CA ASN T 60 -24.39 -9.04 105.49
C ASN T 60 -25.90 -9.24 105.56
N GLU T 61 -26.70 -8.26 105.17
CA GLU T 61 -28.14 -8.36 105.16
C GLU T 61 -28.65 -8.57 103.75
N GLN T 62 -29.95 -8.77 103.63
CA GLN T 62 -30.60 -8.84 102.33
C GLN T 62 -30.77 -7.42 101.77
N PHE T 63 -31.31 -7.33 100.56
CA PHE T 63 -31.53 -6.02 99.95
C PHE T 63 -32.54 -5.23 100.76
N ASP T 64 -32.18 -3.98 101.07
CA ASP T 64 -33.04 -3.10 101.85
C ASP T 64 -33.57 -1.99 100.95
N PRO T 65 -34.88 -1.95 100.68
CA PRO T 65 -35.44 -0.88 99.84
C PRO T 65 -35.60 0.45 100.54
N ALA T 66 -35.18 0.58 101.80
CA ALA T 66 -35.32 1.81 102.55
C ALA T 66 -34.02 2.59 102.68
N ASN T 67 -32.89 1.98 102.33
CA ASN T 67 -31.60 2.66 102.41
C ASN T 67 -31.21 3.17 101.03
N THR T 68 -30.79 4.44 100.97
CA THR T 68 -30.50 5.07 99.69
C THR T 68 -29.33 4.42 98.97
N LEU T 69 -28.38 3.86 99.72
CA LEU T 69 -27.21 3.27 99.09
C LEU T 69 -27.57 2.05 98.26
N ASP T 70 -28.45 1.19 98.80
CA ASP T 70 -28.79 -0.05 98.10
C ASP T 70 -29.54 0.22 96.81
N ILE T 71 -30.53 1.12 96.86
CA ILE T 71 -31.33 1.38 95.66
C ILE T 71 -30.50 2.09 94.60
N SER T 72 -29.62 3.00 95.01
CA SER T 72 -28.77 3.70 94.04
C SER T 72 -27.82 2.74 93.35
N LEU T 73 -27.23 1.81 94.11
CA LEU T 73 -26.27 0.88 93.52
C LEU T 73 -26.95 -0.12 92.60
N ARG T 74 -28.13 -0.62 92.99
CA ARG T 74 -28.82 -1.59 92.15
C ARG T 74 -29.39 -0.93 90.91
N ALA T 75 -29.76 0.35 90.99
CA ALA T 75 -30.20 1.07 89.80
C ALA T 75 -29.02 1.35 88.88
N TYR T 76 -27.85 1.64 89.45
CA TYR T 76 -26.66 1.88 88.64
C TYR T 76 -26.24 0.63 87.88
N PHE T 77 -26.26 -0.53 88.54
CA PHE T 77 -25.79 -1.75 87.89
C PHE T 77 -26.81 -2.28 86.88
N ILE T 78 -28.11 -2.13 87.18
CA ILE T 78 -29.12 -2.65 86.26
C ILE T 78 -29.12 -1.89 84.94
N ASN T 79 -28.59 -0.66 84.92
CA ASN T 79 -28.45 0.10 83.69
C ASN T 79 -27.12 -0.14 82.99
N GLY T 80 -26.32 -1.07 83.50
CA GLY T 80 -24.98 -1.30 83.00
C GLY T 80 -23.95 -0.44 83.71
N GLY T 81 -22.70 -0.88 83.62
CA GLY T 81 -21.62 -0.14 84.25
C GLY T 81 -20.51 -1.08 84.69
N GLY T 82 -19.56 -0.52 85.41
CA GLY T 82 -18.42 -1.26 85.88
C GLY T 82 -18.11 -1.00 87.34
N TYR T 83 -16.86 -1.19 87.74
CA TYR T 83 -16.48 -1.00 89.13
C TYR T 83 -16.67 0.46 89.55
N CYS T 84 -17.10 0.66 90.79
CA CYS T 84 -17.32 1.99 91.34
C CYS T 84 -16.73 2.06 92.74
N TYR T 85 -16.46 3.28 93.19
CA TYR T 85 -15.88 3.52 94.50
C TYR T 85 -16.89 4.20 95.41
N LEU T 86 -16.89 3.82 96.68
CA LEU T 86 -17.73 4.46 97.69
C LEU T 86 -16.84 5.28 98.62
N VAL T 87 -17.10 6.58 98.70
CA VAL T 87 -16.34 7.50 99.53
C VAL T 87 -17.32 8.32 100.35
N GLN T 88 -16.95 8.60 101.60
CA GLN T 88 -17.75 9.49 102.43
C GLN T 88 -17.79 10.89 101.82
N THR T 89 -18.91 11.59 102.05
CA THR T 89 -19.06 12.94 101.49
C THR T 89 -17.99 13.88 102.02
N THR T 90 -17.71 13.81 103.32
CA THR T 90 -16.72 14.69 103.94
C THR T 90 -15.29 14.38 103.49
N ASP T 91 -15.04 13.21 102.91
CA ASP T 91 -13.71 12.81 102.49
C ASP T 91 -13.51 12.87 100.99
N LEU T 92 -14.47 13.45 100.25
CA LEU T 92 -14.36 13.49 98.80
C LEU T 92 -13.17 14.33 98.35
N GLU T 93 -12.94 15.47 99.00
CA GLU T 93 -11.87 16.36 98.59
C GLU T 93 -10.49 15.74 98.83
N LYS T 94 -10.41 14.68 99.64
CA LYS T 94 -9.14 14.05 99.96
C LYS T 94 -8.91 12.79 99.16
N GLN T 95 -9.90 11.90 99.11
CA GLN T 95 -9.70 10.59 98.48
C GLN T 95 -9.75 10.68 96.96
N VAL T 96 -10.60 11.54 96.41
CA VAL T 96 -10.80 11.58 94.95
C VAL T 96 -9.52 11.90 94.19
N PRO T 97 -8.74 12.93 94.56
CA PRO T 97 -7.48 13.15 93.82
C PRO T 97 -6.49 12.01 93.96
N LYS T 98 -6.65 11.17 94.99
CA LYS T 98 -5.76 10.04 95.18
C LYS T 98 -6.10 8.84 94.29
N LEU T 99 -7.24 8.88 93.59
CA LEU T 99 -7.65 7.83 92.67
C LEU T 99 -7.58 8.40 91.26
N ASP T 100 -6.64 7.90 90.47
CA ASP T 100 -6.42 8.43 89.13
C ASP T 100 -7.26 7.76 88.05
N ASP T 101 -8.00 6.70 88.39
CA ASP T 101 -8.87 6.03 87.44
C ASP T 101 -10.29 6.59 87.44
N VAL T 102 -10.60 7.50 88.36
CA VAL T 102 -11.97 8.00 88.50
C VAL T 102 -12.24 9.05 87.42
N THR T 103 -13.42 8.97 86.81
CA THR T 103 -13.84 9.92 85.79
C THR T 103 -15.09 10.69 86.17
N LEU T 104 -16.10 10.02 86.74
CA LEU T 104 -17.38 10.64 87.06
C LEU T 104 -17.52 10.80 88.57
N LEU T 105 -18.17 11.89 88.98
CA LEU T 105 -18.49 12.13 90.38
C LEU T 105 -20.01 12.17 90.50
N VAL T 106 -20.56 11.24 91.28
CA VAL T 106 -22.00 11.04 91.36
C VAL T 106 -22.48 11.46 92.74
N ALA T 107 -23.49 12.34 92.78
CA ALA T 107 -24.03 12.80 94.05
C ALA T 107 -24.67 11.66 94.83
N ALA T 108 -25.40 10.78 94.13
CA ALA T 108 -26.07 9.63 94.74
C ALA T 108 -27.04 10.04 95.84
N GLY T 109 -27.66 11.21 95.70
CA GLY T 109 -28.74 11.61 96.58
C GLY T 109 -28.36 12.35 97.84
N GLU T 110 -27.29 13.15 97.81
CA GLU T 110 -26.95 13.99 98.95
C GLU T 110 -26.09 15.15 98.47
N ASN T 111 -25.96 16.16 99.33
CA ASN T 111 -25.32 17.41 98.95
C ASN T 111 -23.81 17.20 98.82
N ILE T 112 -23.32 17.32 97.59
CA ILE T 112 -21.89 17.19 97.28
C ILE T 112 -21.44 18.39 96.47
N THR T 113 -22.14 19.52 96.63
CA THR T 113 -21.82 20.72 95.88
C THR T 113 -20.42 21.24 96.21
N THR T 114 -20.06 21.22 97.50
CA THR T 114 -18.75 21.75 97.90
C THR T 114 -17.62 20.95 97.26
N ALA T 115 -17.78 19.62 97.17
CA ALA T 115 -16.73 18.79 96.59
C ALA T 115 -16.51 19.13 95.12
N VAL T 116 -17.59 19.35 94.37
CA VAL T 116 -17.47 19.63 92.95
C VAL T 116 -16.73 20.94 92.70
N SER T 117 -17.06 21.97 93.49
CA SER T 117 -16.49 23.30 93.24
C SER T 117 -14.97 23.29 93.40
N THR T 118 -14.45 22.38 94.22
CA THR T 118 -13.01 22.30 94.46
C THR T 118 -12.33 21.17 93.70
N LEU T 119 -13.08 20.28 93.05
CA LEU T 119 -12.51 19.15 92.34
C LEU T 119 -12.64 19.27 90.83
N CYS T 120 -13.84 19.55 90.33
CA CYS T 120 -14.08 19.64 88.89
C CYS T 120 -13.58 20.98 88.38
N LYS T 121 -12.33 21.00 87.94
CA LYS T 121 -11.67 22.19 87.44
C LYS T 121 -10.99 21.84 86.12
N PRO T 122 -10.72 22.84 85.27
CA PRO T 122 -10.10 22.56 83.97
C PRO T 122 -8.78 21.81 84.13
N GLY T 123 -8.60 20.80 83.29
CA GLY T 123 -7.41 19.98 83.31
C GLY T 123 -7.45 18.80 84.27
N LYS T 124 -8.40 18.78 85.20
CA LYS T 124 -8.49 17.68 86.15
C LYS T 124 -9.08 16.41 85.53
N GLY T 125 -9.93 16.54 84.52
CA GLY T 125 -10.51 15.39 83.86
C GLY T 125 -11.73 14.80 84.53
N LEU T 126 -12.36 15.50 85.48
CA LEU T 126 -13.51 14.97 86.18
C LEU T 126 -14.80 15.56 85.63
N PHE T 127 -15.92 14.94 86.02
CA PHE T 127 -17.25 15.39 85.64
C PHE T 127 -18.22 14.99 86.74
N ALA T 128 -19.28 15.78 86.89
CA ALA T 128 -20.22 15.62 87.99
C ALA T 128 -21.64 15.42 87.46
N ILE T 129 -22.41 14.63 88.19
CA ILE T 129 -23.83 14.42 87.92
C ILE T 129 -24.60 14.77 89.18
N PHE T 130 -25.54 15.70 89.06
CA PHE T 130 -26.30 16.20 90.20
C PHE T 130 -27.69 15.59 90.23
N ASP T 131 -28.44 15.92 91.27
CA ASP T 131 -29.82 15.51 91.42
C ASP T 131 -30.71 16.75 91.42
N GLY T 132 -31.81 16.70 90.66
CA GLY T 132 -32.72 17.80 90.58
C GLY T 132 -33.58 17.89 91.84
N PRO T 133 -34.39 18.94 91.89
CA PRO T 133 -35.27 19.13 93.05
C PRO T 133 -36.27 17.99 93.17
N THR T 134 -36.62 17.67 94.43
CA THR T 134 -37.55 16.57 94.70
C THR T 134 -39.01 16.96 94.57
N THR T 135 -39.32 18.25 94.49
CA THR T 135 -40.69 18.73 94.50
C THR T 135 -41.18 18.94 93.06
N GLU T 136 -42.35 19.56 92.93
CA GLU T 136 -42.86 19.93 91.63
C GLU T 136 -41.95 20.96 90.97
N LEU T 137 -41.79 20.84 89.65
CA LEU T 137 -41.02 21.81 88.90
C LEU T 137 -41.88 23.07 88.75
N LYS T 138 -41.48 24.14 89.43
CA LYS T 138 -42.30 25.35 89.49
C LYS T 138 -42.36 25.99 88.11
N SER T 139 -43.54 26.52 87.76
CA SER T 139 -43.86 26.80 86.36
C SER T 139 -43.05 27.97 85.81
N ASP T 140 -42.77 28.99 86.62
CA ASP T 140 -42.14 30.19 86.10
C ASP T 140 -40.70 29.98 85.66
N GLY T 141 -40.09 28.85 86.01
CA GLY T 141 -38.76 28.53 85.54
C GLY T 141 -37.62 29.00 86.41
N THR T 142 -37.87 29.34 87.67
CA THR T 142 -36.83 29.81 88.57
C THR T 142 -36.40 28.77 89.60
N SER T 143 -36.83 27.52 89.45
CA SER T 143 -36.39 26.47 90.37
C SER T 143 -35.03 25.92 89.96
N ASN T 144 -34.07 26.83 89.76
CA ASN T 144 -32.72 26.45 89.40
C ASN T 144 -31.65 27.37 90.00
N SER T 145 -32.03 28.31 90.85
CA SER T 145 -31.08 29.31 91.33
C SER T 145 -30.01 28.71 92.22
N ASP T 146 -30.33 27.61 92.92
CA ASP T 146 -29.37 27.03 93.86
C ASP T 146 -28.13 26.49 93.17
N TYR T 147 -28.27 26.00 91.94
CA TYR T 147 -27.14 25.38 91.25
C TYR T 147 -26.17 26.42 90.73
N ASP T 148 -24.89 26.09 90.78
CA ASP T 148 -23.76 26.92 90.36
C ASP T 148 -23.43 26.62 88.90
N PRO T 149 -23.37 27.63 88.03
CA PRO T 149 -23.12 27.37 86.60
C PRO T 149 -21.71 26.86 86.33
N ASN T 150 -21.46 25.59 86.64
CA ASN T 150 -20.20 24.92 86.39
C ASN T 150 -20.25 24.16 85.08
N PRO T 151 -19.34 24.41 84.13
CA PRO T 151 -19.37 23.68 82.86
C PRO T 151 -18.96 22.22 82.98
N PHE T 152 -18.67 21.72 84.19
CA PHE T 152 -18.31 20.34 84.40
C PHE T 152 -19.39 19.54 85.11
N ALA T 153 -20.63 20.03 85.12
CA ALA T 153 -21.70 19.40 85.88
C ALA T 153 -22.98 19.37 85.05
N ALA T 154 -23.85 18.43 85.40
CA ALA T 154 -25.16 18.31 84.78
C ALA T 154 -26.18 17.91 85.83
N VAL T 155 -27.43 18.30 85.60
CA VAL T 155 -28.52 18.04 86.54
C VAL T 155 -29.61 17.27 85.81
N TYR T 156 -30.15 16.24 86.46
CA TYR T 156 -31.19 15.41 85.88
C TYR T 156 -32.42 15.40 86.79
N TYR T 157 -33.59 15.51 86.17
CA TYR T 157 -34.87 15.58 86.86
C TYR T 157 -35.88 14.74 86.10
N PRO T 158 -36.80 14.08 86.80
CA PRO T 158 -36.99 13.99 88.25
C PRO T 158 -36.44 12.70 88.84
N TRP T 159 -36.67 12.47 90.12
CA TRP T 159 -36.27 11.22 90.75
C TRP T 159 -37.12 10.07 90.23
N LEU T 160 -36.53 8.88 90.21
CA LEU T 160 -37.16 7.71 89.63
C LEU T 160 -37.76 6.81 90.70
N THR T 161 -38.75 6.02 90.31
CA THR T 161 -39.39 5.06 91.18
C THR T 161 -39.51 3.73 90.46
N ALA T 162 -39.57 2.65 91.24
CA ALA T 162 -39.67 1.30 90.70
C ALA T 162 -40.58 0.47 91.58
N ASP T 163 -40.84 -0.76 91.14
CA ASP T 163 -41.72 -1.65 91.90
C ASP T 163 -41.11 -2.02 93.24
N TRP T 164 -39.80 -2.26 93.28
CA TRP T 164 -39.16 -2.65 94.54
C TRP T 164 -39.05 -1.49 95.52
N THR T 165 -39.11 -0.25 95.05
CA THR T 165 -39.09 0.89 95.95
C THR T 165 -40.38 0.94 96.75
N THR T 166 -40.26 1.29 98.04
CA THR T 166 -41.39 1.32 98.95
C THR T 166 -41.73 2.73 99.41
N THR T 167 -40.76 3.45 99.97
CA THR T 167 -41.01 4.79 100.48
C THR T 167 -39.94 5.82 100.15
N ILE T 168 -38.85 5.41 99.48
CA ILE T 168 -37.78 6.32 99.12
C ILE T 168 -37.50 6.16 97.63
N ASP T 169 -37.46 7.27 96.90
CA ASP T 169 -37.29 7.24 95.46
C ASP T 169 -35.81 7.24 95.09
N ILE T 170 -35.51 6.55 94.01
CA ILE T 170 -34.12 6.45 93.53
C ILE T 170 -33.66 7.81 93.02
N PRO T 171 -32.52 8.33 93.47
CA PRO T 171 -31.98 9.55 92.88
C PRO T 171 -31.64 9.34 91.42
N PRO T 172 -31.92 10.32 90.57
CA PRO T 172 -31.67 10.13 89.12
C PRO T 172 -30.21 9.94 88.76
N SER T 173 -29.29 10.55 89.50
CA SER T 173 -27.88 10.48 89.13
C SER T 173 -27.36 9.05 89.21
N ALA T 174 -27.93 8.21 90.07
CA ALA T 174 -27.48 6.84 90.17
C ALA T 174 -27.76 6.07 88.88
N ALA T 175 -28.97 6.24 88.33
CA ALA T 175 -29.31 5.54 87.10
C ALA T 175 -28.60 6.15 85.89
N ILE T 176 -28.43 7.47 85.88
CA ILE T 176 -27.78 8.13 84.75
C ILE T 176 -26.32 7.70 84.63
N ALA T 177 -25.65 7.51 85.76
CA ALA T 177 -24.25 7.08 85.73
C ALA T 177 -24.10 5.75 84.98
N GLY T 178 -25.05 4.85 85.16
CA GLY T 178 -25.03 3.61 84.39
C GLY T 178 -25.24 3.83 82.92
N VAL T 179 -26.09 4.80 82.56
CA VAL T 179 -26.34 5.10 81.16
C VAL T 179 -25.08 5.60 80.48
N TYR T 180 -24.26 6.36 81.22
CA TYR T 180 -23.03 6.89 80.64
C TYR T 180 -22.10 5.76 80.21
N CYS T 181 -21.97 4.72 81.04
CA CYS T 181 -21.08 3.61 80.72
C CYS T 181 -21.59 2.83 79.52
N SER T 182 -22.89 2.57 79.46
CA SER T 182 -23.44 1.80 78.35
C SER T 182 -23.30 2.55 77.03
N VAL T 183 -23.54 3.86 77.04
CA VAL T 183 -23.41 4.64 75.82
C VAL T 183 -21.97 4.71 75.36
N ASP T 184 -21.04 4.91 76.31
CA ASP T 184 -19.62 4.97 75.96
C ASP T 184 -19.13 3.66 75.36
N SER T 185 -19.60 2.53 75.92
CA SER T 185 -19.14 1.24 75.42
C SER T 185 -19.68 0.95 74.02
N THR T 186 -20.91 1.38 73.73
CA THR T 186 -21.55 1.05 72.46
C THR T 186 -21.23 2.06 71.36
N ARG T 187 -21.53 3.34 71.60
CA ARG T 187 -21.37 4.37 70.58
C ARG T 187 -20.10 5.19 70.73
N GLY T 188 -19.68 5.48 71.96
CA GLY T 188 -18.50 6.29 72.17
C GLY T 188 -18.74 7.47 73.08
N VAL T 189 -17.67 8.05 73.63
CA VAL T 189 -17.80 9.17 74.56
C VAL T 189 -18.32 10.42 73.86
N TRP T 190 -18.21 10.50 72.54
CA TRP T 190 -18.68 11.68 71.81
C TRP T 190 -20.16 11.64 71.52
N LYS T 191 -20.82 10.49 71.67
CA LYS T 191 -22.25 10.39 71.42
C LYS T 191 -23.02 10.85 72.64
N ALA T 192 -24.09 11.60 72.41
CA ALA T 192 -24.86 12.17 73.51
C ALA T 192 -25.52 11.06 74.32
N PRO T 193 -25.38 11.07 75.65
CA PRO T 193 -26.08 10.09 76.49
C PRO T 193 -27.55 10.43 76.67
N ALA T 194 -28.24 10.62 75.56
CA ALA T 194 -29.65 10.98 75.56
C ALA T 194 -30.35 10.20 74.45
N ASN T 195 -31.68 10.20 74.49
CA ASN T 195 -32.50 9.43 73.56
C ASN T 195 -32.16 7.95 73.66
N VAL T 196 -31.87 7.49 74.86
CA VAL T 196 -31.56 6.09 75.12
C VAL T 196 -32.45 5.60 76.26
N PRO T 197 -32.88 4.34 76.23
CA PRO T 197 -33.81 3.86 77.26
C PRO T 197 -33.13 3.64 78.60
N ILE T 198 -33.96 3.68 79.64
CA ILE T 198 -33.52 3.33 80.99
C ILE T 198 -33.82 1.85 81.20
N GLN T 199 -32.77 1.05 81.42
CA GLN T 199 -32.88 -0.39 81.28
C GLN T 199 -33.52 -1.05 82.50
N GLY T 200 -33.61 -0.35 83.62
CA GLY T 200 -34.05 -0.96 84.85
C GLY T 200 -35.54 -1.09 85.04
N GLY T 201 -36.34 -0.69 84.05
CA GLY T 201 -37.78 -0.67 84.25
C GLY T 201 -38.22 0.35 85.28
N LEU T 202 -37.52 1.48 85.34
CA LEU T 202 -37.84 2.54 86.28
C LEU T 202 -38.83 3.51 85.65
N GLN T 203 -39.51 4.27 86.51
CA GLN T 203 -40.49 5.23 86.05
C GLN T 203 -40.22 6.59 86.68
N PRO T 204 -40.38 7.67 85.92
CA PRO T 204 -40.24 9.00 86.52
C PRO T 204 -41.36 9.27 87.52
N LYS T 205 -41.00 10.02 88.57
CA LYS T 205 -41.97 10.27 89.64
C LYS T 205 -43.05 11.26 89.20
N TYR T 206 -42.67 12.29 88.46
CA TYR T 206 -43.63 13.27 87.96
C TYR T 206 -43.54 13.37 86.46
N PRO T 207 -44.68 13.47 85.77
CA PRO T 207 -44.66 13.68 84.32
C PRO T 207 -44.20 15.09 83.99
N VAL T 208 -43.53 15.21 82.84
CA VAL T 208 -43.04 16.48 82.35
C VAL T 208 -43.64 16.74 80.97
N THR T 209 -44.36 17.83 80.83
CA THR T 209 -44.97 18.19 79.56
C THR T 209 -43.90 18.72 78.60
N ASP T 210 -44.27 18.81 77.32
CA ASP T 210 -43.34 19.32 76.32
C ASP T 210 -43.01 20.78 76.57
N ASP T 211 -44.01 21.56 76.98
CA ASP T 211 -43.80 22.99 77.22
C ASP T 211 -42.92 23.19 78.46
N LEU T 212 -43.15 22.39 79.51
CA LEU T 212 -42.40 22.58 80.76
C LEU T 212 -40.91 22.35 80.56
N GLN T 213 -40.54 21.32 79.79
CA GLN T 213 -39.12 21.11 79.48
C GLN T 213 -38.56 22.30 78.73
N ALA T 214 -39.35 22.90 77.84
CA ALA T 214 -38.88 24.02 77.05
C ALA T 214 -38.51 25.21 77.94
N GLN T 215 -39.09 25.32 79.13
CA GLN T 215 -38.78 26.44 80.00
C GLN T 215 -37.43 26.27 80.68
N TYR T 216 -37.02 25.02 80.93
CA TYR T 216 -35.81 24.73 81.68
C TYR T 216 -34.66 24.25 80.80
N ASN T 217 -34.78 24.38 79.48
CA ASN T 217 -33.73 23.91 78.58
C ASN T 217 -32.72 24.99 78.23
N GLN T 218 -32.78 26.15 78.87
CA GLN T 218 -31.86 27.24 78.61
C GLN T 218 -31.03 27.55 79.85
N GLY T 219 -29.89 28.18 79.63
CA GLY T 219 -29.01 28.55 80.74
C GLY T 219 -28.55 27.32 81.50
N LYS T 220 -28.73 27.36 82.83
CA LYS T 220 -28.44 26.21 83.68
C LYS T 220 -29.56 25.20 83.47
N ALA T 221 -29.42 24.40 82.42
CA ALA T 221 -30.48 23.52 81.97
C ALA T 221 -30.66 22.33 82.90
N LEU T 222 -31.88 21.79 82.90
CA LEU T 222 -32.21 20.55 83.58
C LEU T 222 -32.52 19.50 82.53
N ASN T 223 -31.69 18.45 82.46
CA ASN T 223 -31.99 17.34 81.57
C ASN T 223 -33.11 16.50 82.18
N MET T 224 -34.11 16.20 81.38
CA MET T 224 -35.36 15.62 81.87
C MET T 224 -35.52 14.20 81.38
N ILE T 225 -35.99 13.33 82.27
CA ILE T 225 -36.29 11.94 81.95
C ILE T 225 -37.80 11.83 81.75
N ARG T 226 -38.22 11.49 80.54
CA ARG T 226 -39.61 11.52 80.16
C ARG T 226 -40.03 10.17 79.60
N THR T 227 -41.34 9.90 79.68
CA THR T 227 -41.93 8.68 79.15
C THR T 227 -42.68 9.01 77.87
N PHE T 228 -42.40 8.25 76.81
CA PHE T 228 -43.05 8.45 75.53
C PHE T 228 -43.96 7.28 75.20
N PRO T 229 -45.06 7.53 74.49
CA PRO T 229 -46.06 6.47 74.27
C PRO T 229 -45.52 5.24 73.54
N LYS T 230 -44.60 5.42 72.60
CA LYS T 230 -44.14 4.32 71.77
C LYS T 230 -42.74 3.82 72.12
N SER T 231 -41.96 4.58 72.88
CA SER T 231 -40.59 4.21 73.19
C SER T 231 -40.30 4.07 74.67
N GLY T 232 -41.32 4.14 75.53
CA GLY T 232 -41.09 3.96 76.96
C GLY T 232 -40.41 5.18 77.57
N THR T 233 -39.52 4.91 78.52
CA THR T 233 -38.83 5.96 79.25
C THR T 233 -37.47 6.24 78.61
N LEU T 234 -37.22 7.50 78.31
CA LEU T 234 -35.99 7.91 77.62
C LEU T 234 -35.37 9.10 78.35
N VAL T 235 -34.08 9.28 78.16
CA VAL T 235 -33.35 10.42 78.70
C VAL T 235 -33.36 11.53 77.65
N TRP T 236 -33.94 12.67 78.01
CA TRP T 236 -34.15 13.78 77.09
C TRP T 236 -33.33 14.97 77.56
N GLY T 237 -32.35 15.38 76.76
CA GLY T 237 -31.54 16.53 77.11
C GLY T 237 -30.10 16.19 77.47
N ALA T 238 -29.14 16.90 76.89
CA ALA T 238 -27.73 16.64 77.12
C ALA T 238 -26.97 17.95 77.30
N ARG T 239 -27.52 18.85 78.10
CA ARG T 239 -26.91 20.16 78.32
C ARG T 239 -26.24 20.23 79.68
N THR T 240 -25.12 20.96 79.72
CA THR T 240 -24.41 21.23 80.95
C THR T 240 -25.00 22.46 81.64
N LEU T 241 -24.32 22.97 82.66
CA LEU T 241 -24.77 24.14 83.40
C LEU T 241 -24.20 25.44 82.85
N GLU T 242 -23.43 25.37 81.77
CA GLU T 242 -22.88 26.56 81.10
C GLU T 242 -23.44 26.62 79.69
N ASP T 243 -23.97 27.78 79.32
CA ASP T 243 -24.71 27.93 78.07
C ASP T 243 -23.90 28.56 76.94
N ASN T 244 -22.59 28.72 77.10
CA ASN T 244 -21.80 29.25 76.00
C ASN T 244 -21.55 28.17 74.96
N ASP T 245 -21.14 28.59 73.76
CA ASP T 245 -21.00 27.67 72.64
C ASP T 245 -19.88 26.66 72.87
N ASN T 246 -18.92 26.99 73.72
CA ASN T 246 -17.78 26.09 73.93
C ASN T 246 -18.21 24.80 74.63
N TRP T 247 -18.94 24.91 75.73
CA TRP T 247 -19.25 23.78 76.59
C TRP T 247 -20.74 23.69 76.87
N ARG T 248 -21.55 23.90 75.84
CA ARG T 248 -23.00 23.82 76.03
C ARG T 248 -23.46 22.38 76.22
N TYR T 249 -22.81 21.44 75.54
CA TYR T 249 -23.27 20.06 75.48
C TYR T 249 -22.35 19.14 76.27
N ILE T 250 -22.96 18.13 76.90
CA ILE T 250 -22.17 17.15 77.66
C ILE T 250 -21.15 16.43 76.80
N PRO T 251 -21.48 15.90 75.61
CA PRO T 251 -20.48 15.15 74.85
C PRO T 251 -19.22 15.95 74.53
N VAL T 252 -19.37 17.23 74.23
CA VAL T 252 -18.20 18.05 73.91
C VAL T 252 -17.29 18.18 75.12
N ARG T 253 -17.88 18.43 76.29
CA ARG T 253 -17.09 18.55 77.50
C ARG T 253 -16.46 17.23 77.90
N ARG T 254 -17.20 16.12 77.75
CA ARG T 254 -16.67 14.83 78.16
C ARG T 254 -15.63 14.31 77.18
N LEU T 255 -15.79 14.60 75.88
CA LEU T 255 -14.80 14.17 74.91
C LEU T 255 -13.44 14.83 75.18
N PHE T 256 -13.45 16.13 75.50
CA PHE T 256 -12.21 16.81 75.82
C PHE T 256 -11.62 16.27 77.12
N ASN T 257 -12.47 15.93 78.09
CA ASN T 257 -11.97 15.37 79.35
C ASN T 257 -11.21 14.07 79.10
N SER T 258 -11.75 13.19 78.26
CA SER T 258 -11.07 11.93 77.97
C SER T 258 -9.84 12.16 77.11
N ALA T 259 -9.93 13.10 76.15
CA ALA T 259 -8.80 13.34 75.26
C ALA T 259 -7.60 13.90 76.03
N GLU T 260 -7.83 14.85 76.94
CA GLU T 260 -6.74 15.38 77.74
C GLU T 260 -6.12 14.33 78.63
N ARG T 261 -6.96 13.49 79.26
CA ARG T 261 -6.45 12.47 80.17
C ARG T 261 -5.57 11.46 79.44
N ASP T 262 -6.00 11.02 78.26
CA ASP T 262 -5.24 10.02 77.51
C ASP T 262 -3.91 10.57 77.06
N ILE T 263 -3.89 11.81 76.54
CA ILE T 263 -2.65 12.41 76.08
C ILE T 263 -1.74 12.72 77.26
N LYS T 264 -2.31 13.19 78.37
CA LYS T 264 -1.50 13.51 79.54
C LYS T 264 -0.77 12.27 80.07
N ASN T 265 -1.45 11.12 80.09
CA ASN T 265 -0.79 9.90 80.53
C ASN T 265 0.33 9.50 79.59
N ALA T 266 0.11 9.66 78.28
CA ALA T 266 1.14 9.30 77.30
C ALA T 266 2.37 10.19 77.43
N MET T 267 2.18 11.49 77.67
CA MET T 267 3.30 12.41 77.73
C MET T 267 4.15 12.24 78.99
N SER T 268 3.69 11.47 79.97
CA SER T 268 4.49 11.24 81.16
C SER T 268 5.74 10.42 80.87
N PHE T 269 5.84 9.81 79.70
CA PHE T 269 7.01 9.04 79.31
C PHE T 269 8.07 9.90 78.64
N ALA T 270 7.82 11.20 78.45
CA ALA T 270 8.75 12.10 77.80
C ALA T 270 8.98 13.37 78.62
N VAL T 271 8.93 13.25 79.94
CA VAL T 271 9.04 14.43 80.79
C VAL T 271 10.45 15.00 80.72
N PHE T 272 11.46 14.15 80.87
CA PHE T 272 12.84 14.61 80.88
C PHE T 272 13.60 14.24 79.61
N GLU T 273 12.89 13.93 78.53
CA GLU T 273 13.53 13.63 77.26
C GLU T 273 14.21 14.90 76.72
N PRO T 274 15.28 14.74 75.94
CA PRO T 274 15.92 15.91 75.34
C PRO T 274 14.93 16.75 74.53
N ASN T 275 15.04 18.06 74.68
CA ASN T 275 14.10 18.99 74.04
C ASN T 275 14.73 19.50 72.73
N SER T 276 14.68 18.64 71.72
CA SER T 276 15.26 18.96 70.42
C SER T 276 14.34 18.41 69.33
N GLN T 277 14.80 18.50 68.09
CA GLN T 277 13.97 18.09 66.96
C GLN T 277 13.57 16.62 66.99
N PRO T 278 14.45 15.66 67.25
CA PRO T 278 14.01 14.25 67.22
C PRO T 278 12.88 13.94 68.19
N THR T 279 12.86 14.56 69.37
CA THR T 279 11.76 14.34 70.31
C THR T 279 10.47 14.95 69.80
N TRP T 280 10.55 16.11 69.14
CA TRP T 280 9.35 16.76 68.63
C TRP T 280 8.70 15.93 67.54
N GLU T 281 9.50 15.23 66.74
CA GLU T 281 8.96 14.37 65.69
C GLU T 281 8.12 13.25 66.28
N ARG T 282 8.59 12.64 67.38
CA ARG T 282 7.90 11.50 67.95
C ARG T 282 6.63 11.91 68.68
N VAL T 283 6.67 13.05 69.38
CA VAL T 283 5.49 13.51 70.09
C VAL T 283 4.38 13.88 69.12
N ARG T 284 4.73 14.59 68.04
CA ARG T 284 3.72 14.96 67.06
C ARG T 284 3.13 13.74 66.37
N SER T 285 3.97 12.75 66.05
CA SER T 285 3.47 11.54 65.39
C SER T 285 2.53 10.76 66.29
N ALA T 286 2.87 10.66 67.59
CA ALA T 286 2.01 9.92 68.51
C ALA T 286 0.66 10.58 68.68
N VAL T 287 0.66 11.91 68.82
CA VAL T 287 -0.61 12.63 68.99
C VAL T 287 -1.41 12.61 67.70
N ASN T 288 -0.75 12.77 66.56
CA ASN T 288 -1.45 12.78 65.28
C ASN T 288 -2.15 11.44 65.04
N ASN T 289 -1.48 10.33 65.37
CA ASN T 289 -2.10 9.02 65.21
C ASN T 289 -3.33 8.87 66.09
N TYR T 290 -3.26 9.36 67.34
CA TYR T 290 -4.41 9.26 68.24
C TYR T 290 -5.58 10.08 67.73
N LEU T 291 -5.31 11.31 67.30
CA LEU T 291 -6.39 12.16 66.80
C LEU T 291 -6.96 11.65 65.49
N TYR T 292 -6.12 11.05 64.65
CA TYR T 292 -6.61 10.44 63.42
C TYR T 292 -7.56 9.29 63.73
N SER T 293 -7.28 8.54 64.79
CA SER T 293 -8.17 7.45 65.20
C SER T 293 -9.54 8.00 65.63
N LEU T 294 -9.54 9.10 66.37
CA LEU T 294 -10.81 9.69 66.81
C LEU T 294 -11.63 10.17 65.62
N TRP T 295 -10.98 10.79 64.65
CA TRP T 295 -11.69 11.30 63.47
C TRP T 295 -12.26 10.15 62.65
N GLN T 296 -11.52 9.05 62.55
CA GLN T 296 -12.02 7.90 61.80
C GLN T 296 -13.27 7.31 62.44
N GLN T 297 -13.30 7.23 63.78
CA GLN T 297 -14.46 6.70 64.47
C GLN T 297 -15.66 7.65 64.43
N GLY T 298 -15.47 8.87 63.98
CA GLY T 298 -16.55 9.83 63.91
C GLY T 298 -16.64 10.81 65.06
N GLY T 299 -15.65 10.84 65.95
CA GLY T 299 -15.68 11.75 67.08
C GLY T 299 -15.37 13.19 66.74
N LEU T 300 -14.73 13.45 65.62
CA LEU T 300 -14.40 14.80 65.19
C LEU T 300 -15.02 15.05 63.82
N ALA T 301 -15.49 16.28 63.61
CA ALA T 301 -16.18 16.65 62.38
C ALA T 301 -15.21 17.32 61.42
N GLY T 302 -15.21 16.88 60.18
CA GLY T 302 -14.36 17.46 59.16
C GLY T 302 -14.26 16.63 57.90
N ASN T 303 -14.15 17.29 56.75
CA ASN T 303 -14.02 16.57 55.49
C ASN T 303 -12.63 15.95 55.36
N LYS T 304 -11.61 16.67 55.82
CA LYS T 304 -10.22 16.23 55.76
C LYS T 304 -9.62 16.31 57.15
N PRO T 305 -8.56 15.54 57.41
CA PRO T 305 -7.97 15.55 58.77
C PRO T 305 -7.57 16.93 59.24
N ASP T 306 -7.06 17.80 58.35
CA ASP T 306 -6.64 19.12 58.79
C ASP T 306 -7.81 20.06 59.06
N ASP T 307 -9.04 19.65 58.70
CA ASP T 307 -10.23 20.36 59.15
C ASP T 307 -10.70 19.91 60.53
N ALA T 308 -10.21 18.78 61.03
CA ALA T 308 -10.67 18.23 62.30
C ALA T 308 -9.71 18.49 63.46
N TYR T 309 -8.42 18.55 63.21
CA TYR T 309 -7.45 18.74 64.27
C TYR T 309 -6.15 19.27 63.69
N PHE T 310 -5.31 19.81 64.57
CA PHE T 310 -3.97 20.22 64.20
C PHE T 310 -3.07 20.11 65.43
N VAL T 311 -1.81 19.80 65.20
CA VAL T 311 -0.81 19.70 66.26
C VAL T 311 0.38 20.55 65.87
N GLN T 312 0.83 21.41 66.78
CA GLN T 312 1.96 22.30 66.53
C GLN T 312 2.96 22.17 67.66
N ILE T 313 4.22 21.94 67.29
CA ILE T 313 5.34 21.93 68.23
C ILE T 313 6.61 22.13 67.45
N GLY T 314 7.46 23.05 67.91
CA GLY T 314 8.68 23.33 67.19
C GLY T 314 9.46 24.45 67.85
N LYS T 315 10.61 24.75 67.22
CA LYS T 315 11.53 25.75 67.75
C LYS T 315 11.01 27.17 67.60
N ASP T 316 10.29 27.45 66.50
CA ASP T 316 9.76 28.78 66.26
C ASP T 316 8.25 28.80 66.08
N ILE T 317 7.56 27.72 66.45
CA ILE T 317 6.12 27.61 66.26
C ILE T 317 5.35 27.81 67.56
N THR T 318 5.78 27.13 68.63
CA THR T 318 5.07 27.17 69.90
C THR T 318 5.90 27.68 71.06
N MET T 319 7.21 27.51 71.04
CA MET T 319 8.08 27.96 72.12
C MET T 319 9.22 28.78 71.56
N THR T 320 9.79 29.63 72.41
CA THR T 320 10.90 30.49 72.03
C THR T 320 12.20 29.95 72.59
N ASP T 321 13.28 30.68 72.33
CA ASP T 321 14.60 30.26 72.82
C ASP T 321 14.66 30.29 74.34
N ASP T 322 14.07 31.31 74.96
CA ASP T 322 14.09 31.39 76.42
C ASP T 322 13.19 30.33 77.05
N ASP T 323 12.15 29.89 76.34
CA ASP T 323 11.32 28.80 76.84
C ASP T 323 12.11 27.51 76.93
N ILE T 324 12.92 27.21 75.91
CA ILE T 324 13.72 25.98 75.91
C ILE T 324 14.75 26.01 77.03
N LYS T 325 15.42 27.15 77.21
CA LYS T 325 16.45 27.26 78.24
C LYS T 325 15.88 27.14 79.65
N GLN T 326 14.58 27.32 79.81
CA GLN T 326 13.92 27.16 81.10
C GLN T 326 13.24 25.81 81.25
N GLY T 327 13.45 24.90 80.30
CA GLY T 327 12.90 23.55 80.42
C GLY T 327 11.43 23.43 80.12
N LYS T 328 10.91 24.18 79.15
CA LYS T 328 9.50 24.15 78.79
C LYS T 328 9.34 23.62 77.37
N MET T 329 8.55 22.56 77.22
CA MET T 329 8.13 22.07 75.92
C MET T 329 6.63 22.30 75.80
N ILE T 330 6.21 23.03 74.77
CA ILE T 330 4.85 23.52 74.63
C ILE T 330 4.24 22.92 73.38
N ILE T 331 3.08 22.30 73.53
CA ILE T 331 2.34 21.69 72.42
C ILE T 331 0.95 22.31 72.38
N LYS T 332 0.56 22.81 71.20
CA LYS T 332 -0.76 23.35 70.98
C LYS T 332 -1.59 22.34 70.19
N ILE T 333 -2.75 21.98 70.73
CA ILE T 333 -3.62 20.97 70.15
C ILE T 333 -4.99 21.56 69.91
N GLY T 334 -5.49 21.44 68.68
CA GLY T 334 -6.83 21.89 68.33
C GLY T 334 -7.69 20.70 67.97
N MET T 335 -8.97 20.78 68.31
CA MET T 335 -9.89 19.68 68.06
C MET T 335 -11.26 20.23 67.73
N ALA T 336 -11.91 19.65 66.72
CA ALA T 336 -13.25 20.03 66.30
C ALA T 336 -14.21 18.94 66.75
N ALA T 337 -14.75 19.10 67.96
CA ALA T 337 -15.63 18.09 68.53
C ALA T 337 -16.97 18.07 67.82
N VAL T 338 -17.59 16.89 67.78
CA VAL T 338 -18.89 16.72 67.15
C VAL T 338 -19.98 17.05 68.16
N ARG T 339 -20.98 17.82 67.73
CA ARG T 339 -22.04 18.28 68.60
C ARG T 339 -23.36 17.57 68.29
N PRO T 340 -24.23 17.41 69.28
CA PRO T 340 -25.49 16.69 69.03
C PRO T 340 -26.43 17.48 68.14
N ALA T 341 -27.35 16.76 67.51
CA ALA T 341 -28.41 17.37 66.71
C ALA T 341 -29.66 17.50 67.58
N GLU T 342 -29.60 18.45 68.51
CA GLU T 342 -30.66 18.59 69.52
C GLU T 342 -32.00 18.88 68.88
N PHE T 343 -32.03 19.79 67.91
CA PHE T 343 -33.26 20.17 67.22
C PHE T 343 -33.16 19.78 65.75
N ILE T 344 -34.16 19.07 65.26
CA ILE T 344 -34.24 18.68 63.85
C ILE T 344 -35.38 19.47 63.22
N ILE T 345 -35.05 20.25 62.20
CA ILE T 345 -36.01 21.12 61.53
C ILE T 345 -36.17 20.66 60.10
N LEU T 346 -37.40 20.33 59.72
CA LEU T 346 -37.71 19.88 58.37
C LEU T 346 -38.52 20.96 57.66
N GLN T 347 -38.03 21.37 56.49
CA GLN T 347 -38.70 22.40 55.70
C GLN T 347 -39.26 21.77 54.43
N PHE T 348 -40.55 21.97 54.20
CA PHE T 348 -41.22 21.44 53.03
C PHE T 348 -41.63 22.58 52.10
N THR T 349 -41.64 22.28 50.81
CA THR T 349 -41.95 23.29 49.80
C THR T 349 -43.08 22.83 48.87
N THR U 2 75.95 3.00 21.96
CA THR U 2 76.51 3.71 20.82
C THR U 2 77.54 2.86 20.09
N THR U 3 77.07 1.94 19.27
CA THR U 3 77.98 1.11 18.48
C THR U 3 78.75 1.97 17.51
N ILE U 4 80.06 1.76 17.44
CA ILE U 4 80.94 2.53 16.58
C ILE U 4 81.24 1.71 15.34
N THR U 5 80.86 2.23 14.17
CA THR U 5 81.04 1.52 12.91
C THR U 5 82.44 1.81 12.37
N THR U 6 83.26 0.77 12.26
CA THR U 6 84.62 0.90 11.77
C THR U 6 84.93 0.00 10.59
N TYR U 7 84.34 -1.19 10.52
CA TYR U 7 84.56 -2.07 9.39
C TYR U 7 83.22 -2.48 8.80
N PRO U 8 83.16 -2.71 7.49
CA PRO U 8 81.91 -3.15 6.87
C PRO U 8 81.52 -4.54 7.35
N GLY U 9 80.29 -4.67 7.84
CA GLY U 9 79.84 -5.94 8.37
C GLY U 9 78.51 -5.77 9.09
N VAL U 10 78.18 -6.77 9.90
CA VAL U 10 76.94 -6.79 10.67
C VAL U 10 77.28 -6.62 12.14
N TYR U 11 76.55 -5.76 12.83
CA TYR U 11 76.80 -5.44 14.22
C TYR U 11 75.64 -5.88 15.10
N ILE U 12 75.95 -6.55 16.21
CA ILE U 12 74.96 -7.09 17.12
C ILE U 12 75.23 -6.54 18.51
N GLU U 13 74.18 -6.07 19.19
CA GLU U 13 74.25 -5.73 20.60
C GLU U 13 72.88 -5.97 21.24
N GLU U 14 72.79 -5.65 22.54
CA GLU U 14 71.61 -5.93 23.32
C GLU U 14 71.07 -4.63 23.91
N ASP U 15 69.75 -4.55 24.04
CA ASP U 15 69.15 -3.42 24.74
C ASP U 15 69.50 -3.49 26.21
N ALA U 16 70.10 -2.42 26.72
CA ALA U 16 70.61 -2.40 28.09
C ALA U 16 69.81 -1.46 28.99
N SER U 17 68.68 -0.97 28.53
CA SER U 17 67.82 -0.16 29.40
C SER U 17 67.33 -0.98 30.57
N LEU U 18 67.28 -0.35 31.74
CA LEU U 18 66.99 -1.07 32.97
C LEU U 18 65.55 -1.58 32.99
N SER U 19 65.36 -2.79 33.49
CA SER U 19 64.05 -3.37 33.73
C SER U 19 63.88 -3.52 35.24
N LEU U 20 62.80 -2.97 35.77
CA LEU U 20 62.62 -2.85 37.20
C LEU U 20 61.35 -3.55 37.64
N SER U 21 61.44 -4.32 38.72
CA SER U 21 60.30 -5.00 39.29
C SER U 21 60.54 -5.24 40.77
N VAL U 22 59.47 -5.23 41.55
CA VAL U 22 59.54 -5.42 42.99
C VAL U 22 59.12 -6.84 43.33
N SER U 23 59.97 -7.54 44.09
CA SER U 23 59.71 -8.91 44.49
C SER U 23 59.50 -8.97 45.99
N SER U 24 58.63 -9.88 46.42
CA SER U 24 58.30 -10.00 47.84
C SER U 24 59.34 -10.83 48.57
N SER U 25 59.81 -10.31 49.69
CA SER U 25 60.80 -11.01 50.52
C SER U 25 60.11 -11.63 51.72
N ALA U 26 60.76 -12.60 52.35
CA ALA U 26 60.23 -13.27 53.53
C ALA U 26 60.09 -12.26 54.66
N THR U 27 58.96 -12.30 55.36
CA THR U 27 58.62 -11.28 56.34
C THR U 27 58.60 -11.82 57.76
N ALA U 28 59.17 -13.00 57.99
CA ALA U 28 59.13 -13.63 59.31
C ALA U 28 60.42 -14.30 59.72
N VAL U 29 61.58 -13.75 59.35
CA VAL U 29 62.86 -14.33 59.75
C VAL U 29 63.27 -13.75 61.10
N PRO U 30 63.28 -14.55 62.17
CA PRO U 30 63.63 -14.02 63.49
C PRO U 30 65.10 -14.24 63.84
N VAL U 31 65.53 -13.50 64.85
CA VAL U 31 66.83 -13.68 65.47
C VAL U 31 66.62 -13.89 66.97
N PHE U 32 67.15 -14.99 67.49
CA PHE U 32 66.99 -15.32 68.90
C PHE U 32 68.22 -14.92 69.69
N ALA U 33 67.99 -14.39 70.88
CA ALA U 33 69.05 -13.99 71.78
C ALA U 33 69.44 -15.17 72.65
N VAL U 34 70.75 -15.39 72.80
CA VAL U 34 71.29 -16.52 73.54
C VAL U 34 72.18 -16.00 74.65
N ALA U 35 72.07 -16.60 75.83
CA ALA U 35 72.89 -16.20 76.96
C ALA U 35 74.37 -16.47 76.68
N GLY U 36 75.22 -15.73 77.39
CA GLY U 36 76.65 -15.81 77.12
C GLY U 36 77.24 -17.17 77.45
N ASP U 37 76.72 -17.83 78.48
CA ASP U 37 77.32 -19.07 78.97
C ASP U 37 76.96 -20.30 78.13
N ASN U 38 76.08 -20.15 77.14
CA ASN U 38 75.69 -21.30 76.34
C ASN U 38 76.86 -21.77 75.49
N PRO U 39 77.26 -23.04 75.57
CA PRO U 39 78.44 -23.49 74.82
C PRO U 39 78.23 -23.55 73.32
N LEU U 40 76.98 -23.71 72.86
CA LEU U 40 76.75 -23.83 71.42
C LEU U 40 77.12 -22.53 70.69
N ILE U 41 76.76 -21.39 71.26
CA ILE U 41 77.01 -20.11 70.59
C ILE U 41 78.42 -19.59 70.82
N SER U 42 79.12 -20.09 71.84
CA SER U 42 80.43 -19.55 72.17
C SER U 42 81.44 -19.83 71.06
N GLY U 43 82.23 -18.82 70.73
CA GLY U 43 83.27 -18.97 69.73
C GLY U 43 82.82 -18.79 68.30
N LYS U 44 81.55 -18.50 68.07
CA LYS U 44 81.04 -18.30 66.71
C LYS U 44 80.25 -17.00 66.68
N PRO U 45 80.21 -16.31 65.53
CA PRO U 45 79.43 -15.08 65.45
C PRO U 45 77.93 -15.35 65.51
N TYR U 46 77.46 -16.34 64.76
CA TYR U 46 76.04 -16.68 64.74
C TYR U 46 75.89 -18.10 64.21
N ILE U 47 74.72 -18.67 64.47
CA ILE U 47 74.37 -20.01 64.00
C ILE U 47 73.01 -19.93 63.32
N ARG U 48 72.91 -20.49 62.12
CA ARG U 48 71.66 -20.54 61.37
C ARG U 48 71.09 -21.95 61.50
N ILE U 49 69.85 -22.03 61.98
CA ILE U 49 69.15 -23.30 62.19
C ILE U 49 67.89 -23.30 61.36
N SER U 50 67.70 -24.36 60.57
CA SER U 50 66.59 -24.44 59.63
C SER U 50 65.48 -25.40 60.06
N ASN U 51 65.69 -26.19 61.10
CA ASN U 51 64.70 -27.17 61.52
C ASN U 51 64.96 -27.56 62.96
N TRP U 52 63.91 -28.07 63.62
CA TRP U 52 64.06 -28.53 64.99
C TRP U 52 65.01 -29.72 65.08
N LEU U 53 64.91 -30.65 64.14
CA LEU U 53 65.84 -31.78 64.12
C LEU U 53 67.27 -31.32 63.89
N GLU U 54 67.46 -30.28 63.08
CA GLU U 54 68.81 -29.76 62.85
C GLU U 54 69.43 -29.23 64.13
N TYR U 55 68.63 -28.57 64.97
CA TYR U 55 69.14 -28.04 66.23
C TYR U 55 69.66 -29.15 67.12
N LEU U 56 68.94 -30.27 67.19
CA LEU U 56 69.43 -31.41 67.94
C LEU U 56 70.70 -31.99 67.31
N THR U 57 70.76 -31.99 65.97
CA THR U 57 71.97 -32.45 65.30
C THR U 57 73.17 -31.55 65.62
N LEU U 58 72.94 -30.23 65.64
CA LEU U 58 74.01 -29.32 66.06
C LEU U 58 74.40 -29.55 67.51
N LYS U 59 73.42 -29.80 68.37
CA LYS U 59 73.70 -30.24 69.73
C LYS U 59 74.25 -31.67 69.72
N ASN U 60 74.62 -32.16 70.90
CA ASN U 60 75.06 -33.53 71.05
C ASN U 60 74.30 -34.28 72.13
N GLU U 61 73.46 -33.60 72.91
CA GLU U 61 72.67 -34.22 73.96
C GLU U 61 71.23 -34.38 73.51
N GLN U 62 70.44 -35.03 74.35
CA GLN U 62 69.00 -35.13 74.12
C GLN U 62 68.33 -33.81 74.50
N PHE U 63 67.01 -33.76 74.33
CA PHE U 63 66.28 -32.54 74.67
C PHE U 63 66.34 -32.29 76.17
N ASP U 64 66.71 -31.07 76.54
CA ASP U 64 66.81 -30.68 77.94
C ASP U 64 65.69 -29.73 78.29
N PRO U 65 64.74 -30.11 79.15
CA PRO U 65 63.66 -29.19 79.54
C PRO U 65 64.06 -28.14 80.58
N ALA U 66 65.34 -28.09 80.95
CA ALA U 66 65.81 -27.12 81.94
C ALA U 66 66.57 -25.95 81.34
N ASN U 67 66.89 -26.01 80.05
CA ASN U 67 67.60 -24.94 79.37
C ASN U 67 66.62 -24.12 78.56
N THR U 68 66.69 -22.79 78.70
CA THR U 68 65.73 -21.91 78.06
C THR U 68 65.82 -21.97 76.54
N LEU U 69 67.00 -22.26 76.00
CA LEU U 69 67.17 -22.27 74.54
C LEU U 69 66.39 -23.41 73.91
N ASP U 70 66.41 -24.59 74.53
CA ASP U 70 65.73 -25.74 73.94
C ASP U 70 64.23 -25.57 73.93
N ILE U 71 63.64 -25.10 75.04
CA ILE U 71 62.20 -24.96 75.10
C ILE U 71 61.73 -23.84 74.18
N SER U 72 62.48 -22.75 74.12
CA SER U 72 62.10 -21.65 73.24
C SER U 72 62.16 -22.07 71.77
N LEU U 73 63.22 -22.79 71.39
CA LEU U 73 63.35 -23.22 70.00
C LEU U 73 62.29 -24.25 69.63
N ARG U 74 62.01 -25.19 70.53
CA ARG U 74 60.99 -26.19 70.25
C ARG U 74 59.60 -25.56 70.16
N ALA U 75 59.28 -24.63 71.06
CA ALA U 75 58.00 -23.95 70.99
C ALA U 75 57.87 -23.12 69.73
N TYR U 76 58.97 -22.51 69.29
CA TYR U 76 58.94 -21.73 68.06
C TYR U 76 58.64 -22.59 66.85
N PHE U 77 59.26 -23.77 66.77
CA PHE U 77 59.05 -24.63 65.60
C PHE U 77 57.70 -25.33 65.64
N ILE U 78 57.22 -25.70 66.83
CA ILE U 78 55.95 -26.40 66.92
C ILE U 78 54.79 -25.53 66.49
N ASN U 79 54.95 -24.20 66.54
CA ASN U 79 53.94 -23.27 66.05
C ASN U 79 54.12 -22.92 64.58
N GLY U 80 55.08 -23.55 63.91
CA GLY U 80 55.41 -23.20 62.55
C GLY U 80 56.48 -22.14 62.48
N GLY U 81 57.15 -22.09 61.33
CA GLY U 81 58.19 -21.09 61.13
C GLY U 81 59.24 -21.60 60.16
N GLY U 82 60.29 -20.80 60.02
CA GLY U 82 61.38 -21.13 59.12
C GLY U 82 62.73 -21.03 59.80
N TYR U 83 63.77 -20.78 59.01
CA TYR U 83 65.11 -20.70 59.56
C TYR U 83 65.24 -19.50 60.49
N CYS U 84 66.03 -19.67 61.55
CA CYS U 84 66.26 -18.61 62.53
C CYS U 84 67.75 -18.56 62.86
N TYR U 85 68.19 -17.40 63.33
CA TYR U 85 69.58 -17.17 63.69
C TYR U 85 69.72 -17.05 65.20
N LEU U 86 70.81 -17.58 65.73
CA LEU U 86 71.13 -17.48 67.15
C LEU U 86 72.32 -16.55 67.31
N VAL U 87 72.15 -15.49 68.09
CA VAL U 87 73.18 -14.49 68.33
C VAL U 87 73.28 -14.23 69.82
N GLN U 88 74.50 -14.02 70.31
CA GLN U 88 74.68 -13.63 71.70
C GLN U 88 74.05 -12.26 71.94
N THR U 89 73.55 -12.06 73.16
CA THR U 89 72.90 -10.80 73.50
C THR U 89 73.86 -9.62 73.36
N THR U 90 75.10 -9.78 73.82
CA THR U 90 76.09 -8.71 73.74
C THR U 90 76.51 -8.40 72.31
N ASP U 91 76.23 -9.29 71.36
CA ASP U 91 76.64 -9.11 69.97
C ASP U 91 75.49 -8.75 69.05
N LEU U 92 74.31 -8.47 69.60
CA LEU U 92 73.16 -8.16 68.76
C LEU U 92 73.38 -6.88 67.97
N GLU U 93 73.95 -5.86 68.61
CA GLU U 93 74.14 -4.58 67.93
C GLU U 93 75.14 -4.66 66.79
N LYS U 94 75.96 -5.71 66.77
CA LYS U 94 76.97 -5.88 65.74
C LYS U 94 76.53 -6.82 64.63
N GLN U 95 76.02 -8.00 65.00
CA GLN U 95 75.73 -9.03 64.01
C GLN U 95 74.44 -8.77 63.26
N VAL U 96 73.43 -8.19 63.93
CA VAL U 96 72.12 -8.02 63.31
C VAL U 96 72.18 -7.14 62.07
N PRO U 97 72.83 -5.96 62.08
CA PRO U 97 72.90 -5.16 60.85
C PRO U 97 73.64 -5.87 59.72
N LYS U 98 74.46 -6.88 60.04
CA LYS U 98 75.19 -7.61 59.02
C LYS U 98 74.36 -8.67 58.32
N LEU U 99 73.16 -8.95 58.82
CA LEU U 99 72.25 -9.93 58.22
C LEU U 99 71.07 -9.15 57.64
N ASP U 100 70.97 -9.14 56.31
CA ASP U 100 69.96 -8.35 55.63
C ASP U 100 68.64 -9.08 55.42
N ASP U 101 68.57 -10.37 55.74
CA ASP U 101 67.32 -11.12 55.61
C ASP U 101 66.52 -11.16 56.90
N VAL U 102 67.05 -10.60 57.99
CA VAL U 102 66.38 -10.67 59.28
C VAL U 102 65.26 -9.64 59.35
N THR U 103 64.10 -10.07 59.86
CA THR U 103 62.95 -9.21 60.03
C THR U 103 62.54 -9.02 61.48
N LEU U 104 62.50 -10.09 62.26
CA LEU U 104 62.04 -10.04 63.64
C LEU U 104 63.21 -10.17 64.60
N LEU U 105 63.07 -9.55 65.77
CA LEU U 105 64.06 -9.62 66.84
C LEU U 105 63.36 -10.15 68.08
N VAL U 106 63.76 -11.34 68.53
CA VAL U 106 63.06 -12.07 69.58
C VAL U 106 63.90 -12.08 70.84
N ALA U 107 63.29 -11.73 71.97
CA ALA U 107 64.01 -11.70 73.23
C ALA U 107 64.41 -13.10 73.68
N ALA U 108 63.52 -14.08 73.49
CA ALA U 108 63.76 -15.48 73.87
C ALA U 108 64.08 -15.62 75.36
N GLY U 109 63.57 -14.70 76.17
CA GLY U 109 63.68 -14.83 77.61
C GLY U 109 64.86 -14.16 78.27
N GLU U 110 65.32 -13.02 77.74
CA GLU U 110 66.37 -12.27 78.38
C GLU U 110 66.35 -10.83 77.90
N ASN U 111 67.07 -9.97 78.61
CA ASN U 111 66.97 -8.53 78.41
C ASN U 111 67.68 -8.13 77.12
N ILE U 112 66.92 -7.56 76.18
CA ILE U 112 67.46 -7.07 74.92
C ILE U 112 67.04 -5.62 74.72
N THR U 113 66.69 -4.96 75.81
CA THR U 113 66.16 -3.60 75.71
C THR U 113 67.17 -2.64 75.07
N THR U 114 68.44 -2.77 75.43
CA THR U 114 69.46 -1.91 74.84
C THR U 114 69.59 -2.17 73.35
N ALA U 115 69.57 -3.44 72.94
CA ALA U 115 69.71 -3.77 71.53
C ALA U 115 68.52 -3.26 70.72
N VAL U 116 67.31 -3.38 71.26
CA VAL U 116 66.12 -2.98 70.53
C VAL U 116 66.11 -1.48 70.29
N SER U 117 66.49 -0.69 71.30
CA SER U 117 66.45 0.76 71.18
C SER U 117 67.39 1.27 70.10
N THR U 118 68.53 0.60 69.91
CA THR U 118 69.53 1.05 68.96
C THR U 118 69.40 0.40 67.59
N LEU U 119 68.51 -0.58 67.43
CA LEU U 119 68.34 -1.28 66.17
C LEU U 119 67.00 -0.99 65.51
N CYS U 120 65.90 -1.13 66.24
CA CYS U 120 64.57 -0.90 65.69
C CYS U 120 64.34 0.60 65.55
N LYS U 121 64.63 1.14 64.37
CA LYS U 121 64.50 2.55 64.07
C LYS U 121 63.82 2.69 62.73
N PRO U 122 63.21 3.85 62.46
CA PRO U 122 62.50 4.03 61.19
C PRO U 122 63.42 3.79 59.99
N GLY U 123 62.91 3.04 59.02
CA GLY U 123 63.64 2.73 57.82
C GLY U 123 64.49 1.49 57.88
N LYS U 124 64.79 0.98 59.07
CA LYS U 124 65.62 -0.20 59.20
C LYS U 124 64.89 -1.49 58.84
N GLY U 125 63.58 -1.52 59.01
CA GLY U 125 62.80 -2.70 58.67
C GLY U 125 62.77 -3.79 59.73
N LEU U 126 63.16 -3.50 60.95
CA LEU U 126 63.17 -4.49 62.02
C LEU U 126 61.94 -4.37 62.90
N PHE U 127 61.72 -5.39 63.72
CA PHE U 127 60.62 -5.44 64.66
C PHE U 127 61.00 -6.33 65.82
N ALA U 128 60.54 -5.98 67.01
CA ALA U 128 60.95 -6.65 68.24
C ALA U 128 59.74 -7.25 68.95
N ILE U 129 59.96 -8.40 69.58
CA ILE U 129 58.96 -9.07 70.41
C ILE U 129 59.53 -9.24 71.80
N PHE U 130 58.84 -8.71 72.79
CA PHE U 130 59.32 -8.72 74.17
C PHE U 130 58.62 -9.82 74.97
N ASP U 131 59.01 -9.90 76.25
CA ASP U 131 58.40 -10.82 77.21
C ASP U 131 57.81 -10.01 78.35
N GLY U 132 56.58 -10.36 78.74
CA GLY U 132 55.94 -9.67 79.82
C GLY U 132 56.50 -10.08 81.17
N PRO U 133 56.00 -9.44 82.23
CA PRO U 133 56.47 -9.77 83.58
C PRO U 133 56.12 -11.21 83.94
N THR U 134 56.96 -11.82 84.77
CA THR U 134 56.78 -13.21 85.17
C THR U 134 55.85 -13.37 86.36
N THR U 135 55.50 -12.28 87.04
CA THR U 135 54.71 -12.34 88.25
C THR U 135 53.23 -12.12 87.94
N GLU U 136 52.43 -11.99 88.99
CA GLU U 136 51.01 -11.66 88.82
C GLU U 136 50.86 -10.28 88.22
N LEU U 137 49.85 -10.13 87.36
CA LEU U 137 49.56 -8.84 86.77
C LEU U 137 48.85 -7.99 87.81
N LYS U 138 49.55 -6.95 88.30
CA LYS U 138 49.02 -6.14 89.38
C LYS U 138 47.79 -5.36 88.92
N SER U 139 46.86 -5.13 89.85
CA SER U 139 45.49 -4.76 89.48
C SER U 139 45.39 -3.32 89.02
N ASP U 140 46.15 -2.41 89.64
CA ASP U 140 45.97 -0.99 89.33
C ASP U 140 46.47 -0.61 87.95
N GLY U 141 47.16 -1.51 87.25
CA GLY U 141 47.56 -1.26 85.88
C GLY U 141 48.89 -0.56 85.70
N THR U 142 49.75 -0.57 86.71
CA THR U 142 51.03 0.12 86.63
C THR U 142 52.21 -0.82 86.43
N SER U 143 51.96 -2.09 86.09
CA SER U 143 53.05 -3.02 85.80
C SER U 143 53.54 -2.87 84.36
N ASN U 144 53.84 -1.63 83.97
CA ASN U 144 54.32 -1.32 82.64
C ASN U 144 55.36 -0.22 82.59
N SER U 145 55.80 0.31 83.73
CA SER U 145 56.69 1.47 83.72
C SER U 145 58.04 1.12 83.10
N ASP U 146 58.48 -0.13 83.21
CA ASP U 146 59.81 -0.50 82.71
C ASP U 146 59.91 -0.37 81.19
N TYR U 147 58.87 -0.74 80.47
CA TYR U 147 58.95 -0.78 79.01
C TYR U 147 58.94 0.63 78.41
N ASP U 148 59.70 0.79 77.34
CA ASP U 148 59.91 2.03 76.59
C ASP U 148 58.91 2.10 75.45
N PRO U 149 58.11 3.18 75.34
CA PRO U 149 57.09 3.23 74.29
C PRO U 149 57.67 3.35 72.89
N ASN U 150 58.17 2.22 72.37
CA ASN U 150 58.71 2.12 71.03
C ASN U 150 57.64 1.60 70.07
N PRO U 151 57.37 2.30 68.97
CA PRO U 151 56.37 1.82 68.01
C PRO U 151 56.81 0.62 67.20
N PHE U 152 58.00 0.09 67.44
CA PHE U 152 58.51 -1.08 66.73
C PHE U 152 58.57 -2.33 67.60
N ALA U 153 57.87 -2.34 68.73
CA ALA U 153 57.97 -3.43 69.69
C ALA U 153 56.59 -3.82 70.18
N ALA U 154 56.48 -5.05 70.65
CA ALA U 154 55.24 -5.57 71.24
C ALA U 154 55.61 -6.46 72.43
N VAL U 155 54.70 -6.52 73.40
CA VAL U 155 54.89 -7.28 74.62
C VAL U 155 53.75 -8.27 74.75
N TYR U 156 54.08 -9.51 75.12
CA TYR U 156 53.10 -10.58 75.26
C TYR U 156 53.18 -11.18 76.66
N TYR U 157 52.01 -11.41 77.26
CA TYR U 157 51.87 -11.92 78.61
C TYR U 157 50.75 -12.95 78.61
N PRO U 158 50.86 -14.01 79.43
CA PRO U 158 51.97 -14.39 80.30
C PRO U 158 52.85 -15.48 79.71
N TRP U 159 53.84 -15.95 80.48
CA TRP U 159 54.69 -17.03 80.02
C TRP U 159 53.90 -18.33 79.94
N LEU U 160 54.29 -19.18 79.00
CA LEU U 160 53.54 -20.40 78.70
C LEU U 160 54.15 -21.61 79.38
N THR U 161 53.34 -22.63 79.59
CA THR U 161 53.76 -23.89 80.18
C THR U 161 53.21 -25.04 79.35
N ALA U 162 53.89 -26.19 79.42
CA ALA U 162 53.49 -27.37 78.69
C ALA U 162 53.78 -28.61 79.52
N ASP U 163 53.37 -29.76 79.00
CA ASP U 163 53.59 -31.02 79.71
C ASP U 163 55.08 -31.33 79.83
N TRP U 164 55.85 -31.08 78.76
CA TRP U 164 57.27 -31.40 78.78
C TRP U 164 58.08 -30.47 79.67
N THR U 165 57.57 -29.27 79.96
CA THR U 165 58.26 -28.36 80.86
C THR U 165 58.21 -28.90 82.28
N THR U 166 59.32 -28.72 83.01
CA THR U 166 59.44 -29.26 84.36
C THR U 166 59.53 -28.16 85.41
N THR U 167 60.47 -27.22 85.26
CA THR U 167 60.63 -26.16 86.26
C THR U 167 60.87 -24.78 85.66
N ILE U 168 60.93 -24.65 84.34
CA ILE U 168 61.14 -23.36 83.70
C ILE U 168 60.06 -23.19 82.64
N ASP U 169 59.39 -22.05 82.64
CA ASP U 169 58.30 -21.79 81.72
C ASP U 169 58.81 -21.18 80.42
N ILE U 170 58.14 -21.51 79.33
CA ILE U 170 58.54 -21.04 78.01
C ILE U 170 58.26 -19.54 77.91
N PRO U 171 59.22 -18.72 77.49
CA PRO U 171 58.93 -17.31 77.23
C PRO U 171 57.91 -17.15 76.14
N PRO U 172 56.97 -16.21 76.28
CA PRO U 172 55.91 -16.08 75.27
C PRO U 172 56.40 -15.62 73.91
N SER U 173 57.51 -14.87 73.85
CA SER U 173 57.97 -14.35 72.57
C SER U 173 58.40 -15.46 71.63
N ALA U 174 58.92 -16.57 72.16
CA ALA U 174 59.35 -17.68 71.31
C ALA U 174 58.17 -18.29 70.57
N ALA U 175 57.06 -18.51 71.28
CA ALA U 175 55.88 -19.08 70.63
C ALA U 175 55.23 -18.10 69.68
N ILE U 176 55.20 -16.81 70.03
CA ILE U 176 54.55 -15.82 69.18
C ILE U 176 55.30 -15.67 67.86
N ALA U 177 56.63 -15.72 67.88
CA ALA U 177 57.39 -15.63 66.64
C ALA U 177 56.99 -16.72 65.66
N GLY U 178 56.64 -17.90 66.17
CA GLY U 178 56.11 -18.93 65.30
C GLY U 178 54.76 -18.57 64.71
N VAL U 179 53.93 -17.91 65.51
CA VAL U 179 52.60 -17.51 65.04
C VAL U 179 52.71 -16.48 63.91
N TYR U 180 53.72 -15.62 63.99
CA TYR U 180 53.89 -14.60 62.96
C TYR U 180 54.14 -15.22 61.60
N CYS U 181 54.96 -16.27 61.55
CA CYS U 181 55.28 -16.90 60.27
C CYS U 181 54.06 -17.64 59.71
N SER U 182 53.32 -18.35 60.57
CA SER U 182 52.17 -19.09 60.09
C SER U 182 51.08 -18.15 59.57
N VAL U 183 50.84 -17.04 60.28
CA VAL U 183 49.83 -16.09 59.84
C VAL U 183 50.24 -15.42 58.55
N ASP U 184 51.52 -15.03 58.44
CA ASP U 184 52.00 -14.37 57.24
C ASP U 184 51.92 -15.29 56.02
N SER U 185 52.21 -16.57 56.21
CA SER U 185 52.21 -17.50 55.09
C SER U 185 50.79 -17.77 54.60
N THR U 186 49.82 -17.79 55.50
CA THR U 186 48.45 -18.17 55.14
C THR U 186 47.61 -16.97 54.73
N ARG U 187 47.56 -15.94 55.58
CA ARG U 187 46.63 -14.83 55.36
C ARG U 187 47.31 -13.54 54.91
N GLY U 188 48.58 -13.33 55.26
CA GLY U 188 49.28 -12.14 54.85
C GLY U 188 49.83 -11.32 55.99
N VAL U 189 50.83 -10.48 55.72
CA VAL U 189 51.43 -9.67 56.77
C VAL U 189 50.48 -8.59 57.26
N TRP U 190 49.45 -8.24 56.47
CA TRP U 190 48.49 -7.23 56.89
C TRP U 190 47.43 -7.78 57.83
N LYS U 191 47.29 -9.10 57.92
CA LYS U 191 46.34 -9.70 58.84
C LYS U 191 46.91 -9.72 60.25
N ALA U 192 46.08 -9.37 61.22
CA ALA U 192 46.53 -9.30 62.60
C ALA U 192 46.93 -10.68 63.10
N PRO U 193 48.11 -10.83 63.71
CA PRO U 193 48.50 -12.12 64.30
C PRO U 193 47.81 -12.36 65.64
N ALA U 194 46.49 -12.27 65.64
CA ALA U 194 45.68 -12.48 66.83
C ALA U 194 44.46 -13.28 66.44
N ASN U 195 43.73 -13.76 67.45
CA ASN U 195 42.57 -14.63 67.25
C ASN U 195 42.96 -15.88 66.49
N VAL U 196 44.16 -16.39 66.77
CA VAL U 196 44.68 -17.60 66.13
C VAL U 196 45.17 -18.54 67.22
N PRO U 197 45.06 -19.85 67.06
CA PRO U 197 45.43 -20.76 68.13
C PRO U 197 46.94 -20.93 68.26
N ILE U 198 47.34 -21.38 69.44
CA ILE U 198 48.72 -21.77 69.69
C ILE U 198 48.83 -23.26 69.45
N GLN U 199 49.64 -23.66 68.47
CA GLN U 199 49.57 -25.00 67.93
C GLN U 199 50.26 -26.04 68.81
N GLY U 200 51.10 -25.62 69.74
CA GLY U 200 51.91 -26.55 70.50
C GLY U 200 51.25 -27.20 71.69
N GLY U 201 49.96 -26.96 71.90
CA GLY U 201 49.32 -27.45 73.10
C GLY U 201 49.86 -26.83 74.36
N LEU U 202 50.29 -25.57 74.27
CA LEU U 202 50.83 -24.84 75.40
C LEU U 202 49.70 -24.18 76.18
N GLN U 203 49.96 -23.89 77.45
CA GLN U 203 48.95 -23.28 78.30
C GLN U 203 49.53 -22.05 78.99
N PRO U 204 48.73 -21.00 79.16
CA PRO U 204 49.20 -19.84 79.91
C PRO U 204 49.40 -20.18 81.37
N LYS U 205 50.37 -19.50 81.99
CA LYS U 205 50.67 -19.79 83.39
C LYS U 205 49.63 -19.20 84.32
N TYR U 206 49.08 -18.04 83.99
CA TYR U 206 48.04 -17.42 84.80
C TYR U 206 46.83 -17.09 83.94
N PRO U 207 45.63 -17.21 84.49
CA PRO U 207 44.45 -16.78 83.75
C PRO U 207 44.28 -15.26 83.81
N VAL U 208 43.82 -14.71 82.69
CA VAL U 208 43.58 -13.28 82.56
C VAL U 208 42.10 -13.06 82.36
N THR U 209 41.46 -12.35 83.29
CA THR U 209 40.05 -12.08 83.21
C THR U 209 39.76 -11.05 82.12
N ASP U 210 38.47 -10.92 81.78
CA ASP U 210 38.07 -9.95 80.77
C ASP U 210 38.34 -8.53 81.25
N ASP U 211 38.11 -8.27 82.54
CA ASP U 211 38.33 -6.93 83.07
C ASP U 211 39.82 -6.61 83.18
N LEU U 212 40.63 -7.59 83.56
CA LEU U 212 42.05 -7.36 83.72
C LEU U 212 42.71 -6.96 82.40
N GLN U 213 42.36 -7.63 81.30
CA GLN U 213 42.88 -7.23 80.00
C GLN U 213 42.46 -5.82 79.66
N ALA U 214 41.25 -5.42 80.07
CA ALA U 214 40.78 -4.07 79.79
C ALA U 214 41.66 -3.01 80.42
N GLN U 215 42.33 -3.33 81.53
CA GLN U 215 43.16 -2.35 82.20
C GLN U 215 44.47 -2.12 81.46
N TYR U 216 44.93 -3.12 80.71
CA TYR U 216 46.25 -3.09 80.09
C TYR U 216 46.20 -3.00 78.57
N ASN U 217 45.04 -2.67 77.99
CA ASN U 217 44.92 -2.59 76.54
C ASN U 217 45.09 -1.17 75.99
N GLN U 218 45.49 -0.22 76.83
CA GLN U 218 45.69 1.15 76.40
C GLN U 218 47.14 1.56 76.57
N GLY U 219 47.54 2.59 75.83
CA GLY U 219 48.91 3.07 75.91
C GLY U 219 49.89 1.98 75.52
N LYS U 220 50.89 1.75 76.37
CA LYS U 220 51.83 0.65 76.18
C LYS U 220 51.11 -0.65 76.55
N ALA U 221 50.40 -1.19 75.57
CA ALA U 221 49.52 -2.32 75.80
C ALA U 221 50.30 -3.62 75.97
N LEU U 222 49.66 -4.57 76.64
CA LEU U 222 50.14 -5.95 76.73
C LEU U 222 49.18 -6.85 75.99
N ASN U 223 49.66 -7.45 74.90
CA ASN U 223 48.86 -8.47 74.23
C ASN U 223 48.82 -9.73 75.08
N MET U 224 47.63 -10.28 75.28
CA MET U 224 47.39 -11.34 76.24
C MET U 224 47.09 -12.64 75.54
N ILE U 225 47.60 -13.74 76.09
CA ILE U 225 47.30 -15.08 75.61
C ILE U 225 46.29 -15.68 76.58
N ARG U 226 45.08 -15.94 76.09
CA ARG U 226 43.97 -16.34 76.95
C ARG U 226 43.38 -17.65 76.44
N THR U 227 42.71 -18.36 77.34
CA THR U 227 42.05 -19.61 77.02
C THR U 227 40.54 -19.40 77.07
N PHE U 228 39.86 -19.83 76.02
CA PHE U 228 38.41 -19.69 75.92
C PHE U 228 37.75 -21.06 75.99
N PRO U 229 36.53 -21.13 76.53
CA PRO U 229 35.89 -22.45 76.73
C PRO U 229 35.69 -23.24 75.44
N LYS U 230 35.42 -22.59 74.32
CA LYS U 230 35.10 -23.29 73.09
C LYS U 230 36.21 -23.25 72.05
N SER U 231 37.21 -22.40 72.21
CA SER U 231 38.26 -22.23 71.20
C SER U 231 39.65 -22.56 71.71
N GLY U 232 39.79 -23.01 72.96
CA GLY U 232 41.12 -23.32 73.46
C GLY U 232 41.92 -22.07 73.74
N THR U 233 43.23 -22.15 73.49
CA THR U 233 44.14 -21.05 73.75
C THR U 233 44.30 -20.19 72.50
N LEU U 234 44.13 -18.88 72.65
CA LEU U 234 44.19 -17.95 71.55
C LEU U 234 45.06 -16.76 71.91
N VAL U 235 45.55 -16.06 70.89
CA VAL U 235 46.32 -14.84 71.07
C VAL U 235 45.35 -13.67 70.97
N TRP U 236 45.26 -12.87 72.03
CA TRP U 236 44.29 -11.79 72.12
C TRP U 236 45.03 -10.46 72.22
N GLY U 237 44.86 -9.62 71.21
CA GLY U 237 45.50 -8.32 71.21
C GLY U 237 46.63 -8.19 70.21
N ALA U 238 46.65 -7.10 69.46
CA ALA U 238 47.68 -6.87 68.43
C ALA U 238 48.16 -5.42 68.47
N ARG U 239 48.41 -4.90 69.66
CA ARG U 239 48.81 -3.52 69.84
C ARG U 239 50.31 -3.40 70.09
N THR U 240 50.90 -2.34 69.56
CA THR U 240 52.30 -2.01 69.80
C THR U 240 52.42 -1.20 71.09
N LEU U 241 53.59 -0.61 71.33
CA LEU U 241 53.83 0.18 72.52
C LEU U 241 53.59 1.68 72.29
N GLU U 242 53.07 2.04 71.12
CA GLU U 242 52.73 3.43 70.82
C GLU U 242 51.25 3.50 70.51
N ASP U 243 50.56 4.45 71.13
CA ASP U 243 49.11 4.51 71.07
C ASP U 243 48.56 5.55 70.11
N ASN U 244 49.40 6.14 69.27
CA ASN U 244 48.89 7.11 68.30
C ASN U 244 48.25 6.38 67.12
N ASP U 245 47.47 7.13 66.34
CA ASP U 245 46.68 6.51 65.28
C ASP U 245 47.56 5.94 64.18
N ASN U 246 48.78 6.44 64.03
CA ASN U 246 49.64 5.98 62.93
C ASN U 246 50.10 4.54 63.14
N TRP U 247 50.60 4.22 64.32
CA TRP U 247 51.23 2.94 64.58
C TRP U 247 50.65 2.28 65.82
N ARG U 248 49.32 2.29 65.94
CA ARG U 248 48.68 1.67 67.10
C ARG U 248 48.71 0.15 66.99
N TYR U 249 48.56 -0.39 65.79
CA TYR U 249 48.37 -1.82 65.57
C TYR U 249 49.61 -2.44 64.94
N ILE U 250 49.89 -3.68 65.32
CA ILE U 250 51.04 -4.40 64.76
C ILE U 250 50.96 -4.53 63.24
N PRO U 251 49.83 -4.96 62.64
CA PRO U 251 49.83 -5.16 61.18
C PRO U 251 50.19 -3.91 60.39
N VAL U 252 49.75 -2.73 60.84
CA VAL U 252 50.06 -1.51 60.11
C VAL U 252 51.55 -1.24 60.13
N ARG U 253 52.18 -1.42 61.30
CA ARG U 253 53.62 -1.20 61.40
C ARG U 253 54.41 -2.25 60.63
N ARG U 254 53.94 -3.50 60.66
CA ARG U 254 54.67 -4.57 59.98
C ARG U 254 54.48 -4.50 58.47
N LEU U 255 53.30 -4.10 58.02
CA LEU U 255 53.06 -3.97 56.58
C LEU U 255 53.96 -2.92 55.97
N PHE U 256 54.11 -1.77 56.64
CA PHE U 256 55.01 -0.74 56.14
C PHE U 256 56.46 -1.22 56.18
N ASN U 257 56.82 -2.02 57.17
CA ASN U 257 58.17 -2.55 57.25
C ASN U 257 58.48 -3.42 56.03
N SER U 258 57.55 -4.28 55.64
CA SER U 258 57.78 -5.13 54.49
C SER U 258 57.73 -4.33 53.19
N ALA U 259 56.81 -3.39 53.08
CA ALA U 259 56.70 -2.60 51.86
C ALA U 259 57.95 -1.75 51.64
N GLU U 260 58.46 -1.13 52.71
CA GLU U 260 59.67 -0.33 52.59
C GLU U 260 60.86 -1.20 52.19
N ARG U 261 60.99 -2.38 52.80
CA ARG U 261 62.12 -3.25 52.49
C ARG U 261 62.09 -3.73 51.05
N ASP U 262 60.91 -4.11 50.56
CA ASP U 262 60.79 -4.64 49.20
C ASP U 262 61.12 -3.58 48.17
N ILE U 263 60.58 -2.37 48.35
CA ILE U 263 60.84 -1.29 47.40
C ILE U 263 62.30 -0.85 47.47
N LYS U 264 62.87 -0.83 48.68
CA LYS U 264 64.27 -0.44 48.83
C LYS U 264 65.19 -1.39 48.08
N ASN U 265 64.93 -2.70 48.16
CA ASN U 265 65.74 -3.65 47.43
C ASN U 265 65.60 -3.47 45.92
N ALA U 266 64.37 -3.21 45.45
CA ALA U 266 64.14 -3.00 44.03
C ALA U 266 64.84 -1.74 43.54
N MET U 267 64.81 -0.68 44.34
CA MET U 267 65.38 0.60 43.93
C MET U 267 66.90 0.57 43.85
N SER U 268 67.55 -0.45 44.39
CA SER U 268 69.01 -0.53 44.33
C SER U 268 69.52 -0.79 42.92
N PHE U 269 68.64 -1.14 41.99
CA PHE U 269 69.03 -1.38 40.60
C PHE U 269 69.04 -0.10 39.77
N ALA U 270 68.63 1.02 40.35
CA ALA U 270 68.54 2.30 39.64
C ALA U 270 69.24 3.42 40.40
N VAL U 271 70.31 3.10 41.12
CA VAL U 271 70.98 4.09 41.95
C VAL U 271 71.65 5.14 41.08
N PHE U 272 72.36 4.73 40.03
CA PHE U 272 73.12 5.63 39.19
C PHE U 272 72.51 5.80 37.80
N GLU U 273 71.25 5.45 37.62
CA GLU U 273 70.60 5.65 36.32
C GLU U 273 70.43 7.13 36.05
N PRO U 274 70.30 7.51 34.77
CA PRO U 274 70.06 8.93 34.45
C PRO U 274 68.80 9.43 35.13
N ASN U 275 68.88 10.65 35.67
CA ASN U 275 67.77 11.25 36.41
C ASN U 275 66.97 12.12 35.47
N SER U 276 66.19 11.46 34.61
CA SER U 276 65.41 12.15 33.59
C SER U 276 64.05 11.47 33.49
N GLN U 277 63.26 11.90 32.51
CA GLN U 277 61.90 11.40 32.36
C GLN U 277 61.82 9.90 32.11
N PRO U 278 62.61 9.30 31.21
CA PRO U 278 62.46 7.85 30.97
C PRO U 278 62.66 6.99 32.21
N THR U 279 63.58 7.38 33.10
CA THR U 279 63.77 6.63 34.33
C THR U 279 62.57 6.77 35.26
N TRP U 280 61.99 7.98 35.32
CA TRP U 280 60.85 8.20 36.18
C TRP U 280 59.66 7.36 35.76
N GLU U 281 59.46 7.19 34.45
CA GLU U 281 58.35 6.38 33.97
C GLU U 281 58.49 4.93 34.42
N ARG U 282 59.71 4.40 34.37
CA ARG U 282 59.92 3.00 34.72
C ARG U 282 59.83 2.79 36.23
N VAL U 283 60.35 3.72 37.02
CA VAL U 283 60.26 3.59 38.47
C VAL U 283 58.81 3.68 38.94
N ARG U 284 58.06 4.63 38.39
CA ARG U 284 56.65 4.76 38.79
C ARG U 284 55.85 3.54 38.39
N SER U 285 56.09 3.01 37.19
CA SER U 285 55.35 1.82 36.74
C SER U 285 55.66 0.61 37.61
N ALA U 286 56.93 0.44 38.00
CA ALA U 286 57.29 -0.71 38.83
C ALA U 286 56.65 -0.62 40.21
N VAL U 287 56.66 0.56 40.81
CA VAL U 287 56.07 0.71 42.14
C VAL U 287 54.56 0.61 42.08
N ASN U 288 53.94 1.18 41.04
CA ASN U 288 52.49 1.12 40.91
C ASN U 288 52.00 -0.32 40.79
N ASN U 289 52.71 -1.15 40.04
CA ASN U 289 52.32 -2.54 39.91
C ASN U 289 52.39 -3.27 41.25
N TYR U 290 53.43 -3.00 42.04
CA TYR U 290 53.57 -3.66 43.33
C TYR U 290 52.45 -3.25 44.28
N LEU U 291 52.13 -1.96 44.34
CA LEU U 291 51.07 -1.50 45.23
C LEU U 291 49.70 -1.98 44.74
N TYR U 292 49.50 -2.06 43.43
CA TYR U 292 48.25 -2.60 42.90
C TYR U 292 48.06 -4.06 43.31
N SER U 293 49.16 -4.81 43.38
CA SER U 293 49.08 -6.19 43.83
C SER U 293 48.64 -6.28 45.29
N LEU U 294 49.18 -5.39 46.14
CA LEU U 294 48.80 -5.40 47.55
C LEU U 294 47.33 -5.04 47.72
N TRP U 295 46.84 -4.07 46.97
CA TRP U 295 45.43 -3.69 47.07
C TRP U 295 44.52 -4.82 46.60
N GLN U 296 44.93 -5.53 45.55
CA GLN U 296 44.14 -6.66 45.06
C GLN U 296 44.05 -7.76 46.11
N GLN U 297 45.14 -8.02 46.82
CA GLN U 297 45.16 -9.06 47.84
C GLN U 297 44.41 -8.66 49.11
N GLY U 298 44.03 -7.40 49.23
CA GLY U 298 43.33 -6.92 50.42
C GLY U 298 44.19 -6.25 51.45
N GLY U 299 45.45 -5.96 51.14
CA GLY U 299 46.33 -5.30 52.08
C GLY U 299 46.09 -3.82 52.26
N LEU U 300 45.44 -3.18 51.28
CA LEU U 300 45.14 -1.75 51.34
C LEU U 300 43.64 -1.55 51.18
N ALA U 301 43.10 -0.59 51.92
CA ALA U 301 41.66 -0.32 51.93
C ALA U 301 41.35 0.83 50.97
N GLY U 302 40.36 0.61 50.10
CA GLY U 302 39.96 1.62 49.15
C GLY U 302 39.02 1.10 48.08
N ASN U 303 38.11 1.95 47.63
CA ASN U 303 37.17 1.53 46.58
C ASN U 303 37.86 1.49 45.22
N LYS U 304 38.75 2.44 44.96
CA LYS U 304 39.49 2.54 43.72
C LYS U 304 40.97 2.64 44.03
N PRO U 305 41.84 2.27 43.08
CA PRO U 305 43.29 2.29 43.37
C PRO U 305 43.80 3.65 43.83
N ASP U 306 43.25 4.74 43.29
CA ASP U 306 43.70 6.07 43.72
C ASP U 306 43.29 6.39 45.15
N ASP U 307 42.32 5.67 45.70
CA ASP U 307 41.98 5.81 47.12
C ASP U 307 42.89 4.99 48.03
N ALA U 308 43.66 4.06 47.48
CA ALA U 308 44.50 3.19 48.29
C ALA U 308 45.96 3.60 48.32
N TYR U 309 46.46 4.20 47.25
CA TYR U 309 47.88 4.57 47.19
C TYR U 309 48.07 5.61 46.11
N PHE U 310 49.22 6.29 46.19
CA PHE U 310 49.63 7.22 45.15
C PHE U 310 51.15 7.25 45.09
N VAL U 311 51.68 7.44 43.89
CA VAL U 311 53.12 7.55 43.67
C VAL U 311 53.38 8.84 42.90
N GLN U 312 54.28 9.66 43.41
CA GLN U 312 54.62 10.94 42.78
C GLN U 312 56.12 11.00 42.55
N ILE U 313 56.51 11.32 41.32
CA ILE U 313 57.90 11.55 40.97
C ILE U 313 57.94 12.34 39.67
N GLY U 314 58.74 13.39 39.66
CA GLY U 314 58.81 14.23 38.47
C GLY U 314 59.74 15.41 38.68
N LYS U 315 59.86 16.20 37.62
CA LYS U 315 60.76 17.35 37.62
C LYS U 315 60.20 18.50 38.45
N ASP U 316 58.87 18.61 38.56
CA ASP U 316 58.25 19.68 39.33
C ASP U 316 57.26 19.15 40.37
N ILE U 317 57.16 17.85 40.55
CA ILE U 317 56.21 17.25 41.49
C ILE U 317 56.85 17.00 42.84
N THR U 318 58.04 16.40 42.86
CA THR U 318 58.68 16.02 44.10
C THR U 318 60.06 16.65 44.31
N MET U 319 60.78 16.97 43.23
CA MET U 319 62.10 17.58 43.34
C MET U 319 62.14 18.82 42.47
N THR U 320 63.13 19.68 42.73
CA THR U 320 63.33 20.89 41.96
C THR U 320 64.61 20.76 41.14
N ASP U 321 64.98 21.88 40.48
CA ASP U 321 66.18 21.87 39.65
C ASP U 321 67.44 21.67 40.48
N ASP U 322 67.49 22.27 41.67
CA ASP U 322 68.70 22.18 42.49
C ASP U 322 68.91 20.78 43.04
N ASP U 323 67.82 20.07 43.37
CA ASP U 323 67.97 18.69 43.83
C ASP U 323 68.51 17.80 42.73
N ILE U 324 68.06 18.00 41.50
CA ILE U 324 68.55 17.20 40.38
C ILE U 324 70.04 17.44 40.16
N LYS U 325 70.47 18.70 40.22
CA LYS U 325 71.88 19.01 40.02
C LYS U 325 72.76 18.47 41.14
N GLN U 326 72.17 18.15 42.29
CA GLN U 326 72.92 17.56 43.40
C GLN U 326 72.79 16.05 43.45
N GLY U 327 72.20 15.44 42.42
CA GLY U 327 72.12 13.99 42.37
C GLY U 327 71.07 13.37 43.27
N LYS U 328 69.91 14.00 43.40
CA LYS U 328 68.85 13.50 44.27
C LYS U 328 67.63 13.12 43.44
N MET U 329 67.14 11.90 43.66
CA MET U 329 65.88 11.44 43.09
C MET U 329 64.92 11.18 44.24
N ILE U 330 63.77 11.86 44.23
CA ILE U 330 62.84 11.87 45.35
C ILE U 330 61.52 11.27 44.90
N ILE U 331 61.06 10.26 45.63
CA ILE U 331 59.79 9.59 45.37
C ILE U 331 58.94 9.67 46.62
N LYS U 332 57.71 10.15 46.46
CA LYS U 332 56.73 10.19 47.54
C LYS U 332 55.71 9.08 47.33
N ILE U 333 55.53 8.25 48.36
CA ILE U 333 54.66 7.08 48.29
C ILE U 333 53.62 7.19 49.39
N GLY U 334 52.35 7.07 49.03
CA GLY U 334 51.26 7.06 49.98
C GLY U 334 50.63 5.67 50.03
N MET U 335 50.14 5.30 51.21
CA MET U 335 49.58 3.96 51.40
C MET U 335 48.49 4.03 52.45
N ALA U 336 47.37 3.36 52.17
CA ALA U 336 46.24 3.29 53.09
C ALA U 336 46.17 1.88 53.63
N ALA U 337 46.90 1.61 54.70
CA ALA U 337 46.94 0.28 55.28
C ALA U 337 45.62 -0.07 55.95
N VAL U 338 45.27 -1.36 55.89
CA VAL U 338 44.05 -1.84 56.52
C VAL U 338 44.31 -2.01 58.01
N ARG U 339 43.23 -2.01 58.81
CA ARG U 339 43.40 -2.08 60.25
C ARG U 339 42.49 -3.16 60.84
N PRO U 340 42.88 -3.75 61.97
CA PRO U 340 42.07 -4.81 62.57
C PRO U 340 40.73 -4.29 63.07
N ALA U 341 39.75 -5.19 63.09
CA ALA U 341 38.44 -4.89 63.67
C ALA U 341 38.47 -5.33 65.13
N GLU U 342 39.22 -4.59 65.94
CA GLU U 342 39.47 -5.00 67.32
C GLU U 342 38.18 -5.09 68.13
N PHE U 343 37.29 -4.12 67.97
CA PHE U 343 36.00 -4.10 68.65
C PHE U 343 34.89 -4.20 67.63
N ILE U 344 33.97 -5.14 67.83
CA ILE U 344 32.79 -5.30 67.00
C ILE U 344 31.59 -4.89 67.83
N ILE U 345 30.83 -3.92 67.35
CA ILE U 345 29.71 -3.35 68.08
C ILE U 345 28.43 -3.63 67.28
N LEU U 346 27.48 -4.31 67.92
CA LEU U 346 26.21 -4.65 67.30
C LEU U 346 25.10 -3.81 67.94
N GLN U 347 24.28 -3.20 67.11
CA GLN U 347 23.20 -2.35 67.59
C GLN U 347 21.87 -2.87 67.06
N PHE U 348 20.92 -3.09 67.97
CA PHE U 348 19.62 -3.63 67.64
C PHE U 348 18.54 -2.58 67.87
N THR U 349 17.55 -2.57 67.00
CA THR U 349 16.47 -1.59 67.05
C THR U 349 15.12 -2.27 67.29
N THR V 2 59.78 27.25 -44.15
CA THR V 2 59.05 28.28 -44.86
C THR V 2 59.08 28.02 -46.37
N THR V 3 58.20 27.12 -46.82
CA THR V 3 58.11 26.83 -48.24
C THR V 3 57.65 28.06 -49.00
N ILE V 4 58.34 28.36 -50.10
CA ILE V 4 58.03 29.52 -50.93
C ILE V 4 57.14 29.06 -52.09
N THR V 5 55.92 29.56 -52.14
CA THR V 5 54.98 29.21 -53.20
C THR V 5 55.28 30.06 -54.42
N THR V 6 55.77 29.44 -55.47
CA THR V 6 56.18 30.16 -56.67
C THR V 6 55.56 29.62 -57.95
N TYR V 7 55.23 28.32 -58.00
CA TYR V 7 54.52 27.76 -59.13
C TYR V 7 53.30 26.99 -58.63
N PRO V 8 52.23 26.96 -59.42
CA PRO V 8 51.04 26.19 -59.02
C PRO V 8 51.33 24.70 -59.01
N GLY V 9 51.08 24.06 -57.87
CA GLY V 9 51.34 22.64 -57.74
C GLY V 9 51.20 22.20 -56.29
N VAL V 10 51.73 21.01 -56.02
CA VAL V 10 51.70 20.42 -54.68
C VAL V 10 53.11 20.48 -54.11
N TYR V 11 53.21 20.88 -52.85
CA TYR V 11 54.50 21.06 -52.18
C TYR V 11 54.62 20.09 -51.02
N ILE V 12 55.75 19.39 -50.96
CA ILE V 12 56.01 18.38 -49.95
C ILE V 12 57.23 18.80 -49.13
N GLU V 13 57.06 18.88 -47.81
CA GLU V 13 58.16 19.02 -46.89
C GLU V 13 57.86 18.27 -45.60
N GLU V 14 58.87 18.10 -44.77
CA GLU V 14 58.78 17.30 -43.57
C GLU V 14 59.10 18.16 -42.35
N ASP V 15 58.46 17.84 -41.23
CA ASP V 15 58.76 18.55 -39.98
C ASP V 15 60.22 18.32 -39.60
N ALA V 16 60.91 19.41 -39.27
CA ALA V 16 62.32 19.35 -38.93
C ALA V 16 62.60 19.80 -37.50
N SER V 17 61.57 19.93 -36.67
CA SER V 17 61.79 20.25 -35.27
C SER V 17 62.56 19.14 -34.59
N LEU V 18 63.44 19.53 -33.67
CA LEU V 18 64.35 18.56 -33.06
C LEU V 18 63.60 17.58 -32.17
N SER V 19 64.00 16.31 -32.24
CA SER V 19 63.52 15.26 -31.35
C SER V 19 64.68 14.82 -30.49
N LEU V 20 64.50 14.84 -29.17
CA LEU V 20 65.59 14.66 -28.24
C LEU V 20 65.30 13.48 -27.32
N SER V 21 66.31 12.65 -27.10
CA SER V 21 66.20 11.51 -26.20
C SER V 21 67.59 11.16 -25.70
N VAL V 22 67.66 10.66 -24.47
CA VAL V 22 68.92 10.28 -23.84
C VAL V 22 69.07 8.77 -23.92
N SER V 23 70.23 8.34 -24.40
CA SER V 23 70.53 6.91 -24.54
C SER V 23 71.67 6.55 -23.59
N SER V 24 71.61 5.32 -23.06
CA SER V 24 72.60 4.88 -22.10
C SER V 24 73.86 4.39 -22.80
N SER V 25 75.01 4.90 -22.37
CA SER V 25 76.29 4.51 -22.94
C SER V 25 76.97 3.50 -22.02
N ALA V 26 77.92 2.74 -22.55
CA ALA V 26 78.65 1.74 -21.78
C ALA V 26 79.44 2.43 -20.69
N THR V 27 79.40 1.87 -19.48
CA THR V 27 79.97 2.51 -18.30
C THR V 27 81.18 1.78 -17.74
N ALA V 28 81.79 0.87 -18.52
CA ALA V 28 82.89 0.07 -18.03
C ALA V 28 84.01 -0.12 -19.03
N VAL V 29 84.26 0.85 -19.91
CA VAL V 29 85.35 0.74 -20.88
C VAL V 29 86.64 1.21 -20.23
N PRO V 30 87.61 0.32 -20.01
CA PRO V 30 88.85 0.72 -19.36
C PRO V 30 89.96 1.04 -20.35
N VAL V 31 91.00 1.70 -19.84
CA VAL V 31 92.24 1.94 -20.55
C VAL V 31 93.39 1.44 -19.68
N PHE V 32 94.23 0.58 -20.25
CA PHE V 32 95.32 -0.02 -19.51
C PHE V 32 96.64 0.69 -19.82
N ALA V 33 97.48 0.80 -18.80
CA ALA V 33 98.79 1.42 -18.92
C ALA V 33 99.84 0.36 -19.23
N VAL V 34 100.68 0.65 -20.22
CA VAL V 34 101.70 -0.28 -20.68
C VAL V 34 103.07 0.38 -20.53
N ALA V 35 104.06 -0.41 -20.13
CA ALA V 35 105.41 0.10 -19.98
C ALA V 35 106.00 0.46 -21.34
N GLY V 36 107.04 1.28 -21.31
CA GLY V 36 107.64 1.76 -22.55
C GLY V 36 108.31 0.65 -23.34
N ASP V 37 108.92 -0.31 -22.66
CA ASP V 37 109.72 -1.33 -23.32
C ASP V 37 108.89 -2.41 -24.00
N ASN V 38 107.58 -2.42 -23.81
CA ASN V 38 106.76 -3.47 -24.40
C ASN V 38 106.72 -3.32 -25.92
N PRO V 39 107.09 -4.35 -26.68
CA PRO V 39 107.14 -4.20 -28.14
C PRO V 39 105.78 -4.09 -28.80
N LEU V 40 104.73 -4.64 -28.18
CA LEU V 40 103.40 -4.59 -28.79
C LEU V 40 102.90 -3.15 -28.91
N ILE V 41 103.12 -2.34 -27.88
CA ILE V 41 102.63 -0.97 -27.89
C ILE V 41 103.56 -0.01 -28.61
N SER V 42 104.83 -0.39 -28.82
CA SER V 42 105.79 0.52 -29.43
C SER V 42 105.42 0.81 -30.88
N GLY V 43 105.54 2.07 -31.28
CA GLY V 43 105.30 2.47 -32.65
C GLY V 43 103.85 2.65 -33.02
N LYS V 44 102.94 2.62 -32.05
CA LYS V 44 101.52 2.78 -32.33
C LYS V 44 100.91 3.64 -31.24
N PRO V 45 99.87 4.42 -31.55
CA PRO V 45 99.21 5.24 -30.53
C PRO V 45 98.50 4.39 -29.48
N TYR V 46 97.68 3.44 -29.94
CA TYR V 46 96.94 2.58 -29.03
C TYR V 46 96.55 1.31 -29.76
N ILE V 47 96.19 0.29 -28.98
CA ILE V 47 95.65 -0.96 -29.51
C ILE V 47 94.35 -1.26 -28.79
N ARG V 48 93.32 -1.57 -29.56
CA ARG V 48 92.02 -1.96 -29.01
C ARG V 48 91.92 -3.48 -29.06
N ILE V 49 91.71 -4.10 -27.89
CA ILE V 49 91.62 -5.54 -27.76
C ILE V 49 90.22 -5.89 -27.27
N SER V 50 89.56 -6.81 -27.97
CA SER V 50 88.16 -7.14 -27.69
C SER V 50 87.99 -8.49 -27.01
N ASN V 51 89.04 -9.30 -26.92
CA ASN V 51 88.91 -10.63 -26.34
C ASN V 51 90.28 -11.12 -25.90
N TRP V 52 90.28 -12.09 -24.98
CA TRP V 52 91.53 -12.68 -24.52
C TRP V 52 92.23 -13.42 -25.65
N LEU V 53 91.47 -14.18 -26.45
CA LEU V 53 92.06 -14.87 -27.59
C LEU V 53 92.61 -13.89 -28.61
N GLU V 54 91.94 -12.75 -28.80
CA GLU V 54 92.43 -11.74 -29.74
C GLU V 54 93.78 -11.19 -29.31
N TYR V 55 93.97 -11.01 -27.99
CA TYR V 55 95.26 -10.51 -27.50
C TYR V 55 96.39 -11.47 -27.84
N LEU V 56 96.14 -12.78 -27.69
CA LEU V 56 97.15 -13.77 -28.10
C LEU V 56 97.37 -13.74 -29.61
N THR V 57 96.30 -13.48 -30.37
CA THR V 57 96.45 -13.34 -31.82
C THR V 57 97.32 -12.14 -32.18
N LEU V 58 97.12 -11.01 -31.49
CA LEU V 58 97.99 -9.86 -31.71
C LEU V 58 99.43 -10.18 -31.32
N LYS V 59 99.63 -10.89 -30.21
CA LYS V 59 100.93 -11.41 -29.86
C LYS V 59 101.33 -12.52 -30.83
N ASN V 60 102.57 -12.98 -30.72
CA ASN V 60 103.04 -14.10 -31.51
C ASN V 60 103.61 -15.23 -30.66
N GLU V 61 103.74 -15.03 -29.35
CA GLU V 61 104.22 -16.06 -28.45
C GLU V 61 103.06 -16.67 -27.67
N GLN V 62 103.39 -17.65 -26.83
CA GLN V 62 102.40 -18.23 -25.93
C GLN V 62 102.22 -17.33 -24.72
N PHE V 63 101.38 -17.77 -23.79
CA PHE V 63 101.15 -16.98 -22.57
C PHE V 63 102.41 -16.97 -21.72
N ASP V 64 102.82 -15.77 -21.31
CA ASP V 64 104.03 -15.60 -20.50
C ASP V 64 103.63 -15.17 -19.10
N PRO V 65 103.84 -16.01 -18.08
CA PRO V 65 103.53 -15.62 -16.71
C PRO V 65 104.54 -14.68 -16.06
N ALA V 66 105.54 -14.21 -16.82
CA ALA V 66 106.55 -13.31 -16.28
C ALA V 66 106.35 -11.87 -16.72
N ASN V 67 105.44 -11.61 -17.65
CA ASN V 67 105.17 -10.26 -18.12
C ASN V 67 103.89 -9.74 -17.48
N THR V 68 103.95 -8.53 -16.92
CA THR V 68 102.80 -7.99 -16.21
C THR V 68 101.61 -7.75 -17.12
N LEU V 69 101.87 -7.49 -18.41
CA LEU V 69 100.77 -7.21 -19.33
C LEU V 69 99.88 -8.43 -19.53
N ASP V 70 100.48 -9.61 -19.68
CA ASP V 70 99.70 -10.81 -19.97
C ASP V 70 98.82 -11.21 -18.78
N ILE V 71 99.39 -11.18 -17.57
CA ILE V 71 98.62 -11.60 -16.40
C ILE V 71 97.49 -10.62 -16.12
N SER V 72 97.74 -9.32 -16.32
CA SER V 72 96.71 -8.33 -16.07
C SER V 72 95.52 -8.51 -17.01
N LEU V 73 95.80 -8.74 -18.30
CA LEU V 73 94.72 -8.90 -19.27
C LEU V 73 93.94 -10.18 -19.02
N ARG V 74 94.63 -11.29 -18.76
CA ARG V 74 93.92 -12.55 -18.53
C ARG V 74 93.16 -12.53 -17.20
N ALA V 75 93.63 -11.75 -16.23
CA ALA V 75 92.86 -11.56 -15.02
C ALA V 75 91.67 -10.66 -15.25
N TYR V 76 91.82 -9.64 -16.11
CA TYR V 76 90.71 -8.76 -16.42
C TYR V 76 89.61 -9.48 -17.17
N PHE V 77 89.98 -10.32 -18.15
CA PHE V 77 88.98 -10.99 -18.97
C PHE V 77 88.31 -12.14 -18.23
N ILE V 78 89.05 -12.83 -17.35
CA ILE V 78 88.48 -13.95 -16.62
C ILE V 78 87.41 -13.49 -15.64
N ASN V 79 87.45 -12.24 -15.21
CA ASN V 79 86.43 -11.66 -14.34
C ASN V 79 85.28 -11.04 -15.11
N GLY V 80 85.29 -11.15 -16.43
CA GLY V 80 84.30 -10.49 -17.26
C GLY V 80 84.76 -9.11 -17.72
N GLY V 81 84.18 -8.67 -18.82
CA GLY V 81 84.53 -7.36 -19.35
C GLY V 81 84.30 -7.31 -20.85
N GLY V 82 84.75 -6.21 -21.43
CA GLY V 82 84.61 -6.00 -22.86
C GLY V 82 85.90 -5.49 -23.47
N TYR V 83 85.78 -4.71 -24.56
CA TYR V 83 86.95 -4.18 -25.22
C TYR V 83 87.70 -3.23 -24.29
N CYS V 84 89.03 -3.24 -24.39
CA CYS V 84 89.89 -2.36 -23.63
C CYS V 84 90.98 -1.80 -24.53
N TYR V 85 91.51 -0.65 -24.15
CA TYR V 85 92.55 0.03 -24.93
C TYR V 85 93.87 -0.05 -24.19
N LEU V 86 94.95 -0.22 -24.94
CA LEU V 86 96.30 -0.21 -24.39
C LEU V 86 97.02 1.05 -24.85
N VAL V 87 97.49 1.84 -23.89
CA VAL V 87 98.14 3.12 -24.16
C VAL V 87 99.43 3.18 -23.36
N GLN V 88 100.48 3.72 -23.97
CA GLN V 88 101.71 3.97 -23.24
C GLN V 88 101.47 4.99 -22.13
N THR V 89 102.16 4.79 -21.00
CA THR V 89 101.95 5.67 -19.85
C THR V 89 102.31 7.11 -20.18
N THR V 90 103.41 7.32 -20.88
CA THR V 90 103.81 8.68 -21.25
C THR V 90 102.84 9.34 -22.22
N ASP V 91 102.00 8.56 -22.90
CA ASP V 91 101.04 9.08 -23.86
C ASP V 91 99.62 9.12 -23.34
N LEU V 92 99.43 8.86 -22.04
CA LEU V 92 98.08 8.86 -21.47
C LEU V 92 97.44 10.24 -21.56
N GLU V 93 98.22 11.29 -21.30
CA GLU V 93 97.67 12.64 -21.30
C GLU V 93 97.21 13.06 -22.70
N LYS V 94 97.73 12.40 -23.73
CA LYS V 94 97.41 12.78 -25.11
C LYS V 94 96.33 11.90 -25.71
N GLN V 95 96.46 10.58 -25.59
CA GLN V 95 95.55 9.66 -26.27
C GLN V 95 94.21 9.57 -25.57
N VAL V 96 94.20 9.62 -24.24
CA VAL V 96 92.94 9.39 -23.50
C VAL V 96 91.87 10.42 -23.84
N PRO V 97 92.14 11.73 -23.88
CA PRO V 97 91.07 12.67 -24.28
C PRO V 97 90.60 12.45 -25.70
N LYS V 98 91.40 11.79 -26.54
CA LYS V 98 91.01 11.55 -27.92
C LYS V 98 90.06 10.38 -28.07
N LEU V 99 89.83 9.61 -27.01
CA LEU V 99 88.91 8.47 -27.02
C LEU V 99 87.72 8.83 -26.14
N ASP V 100 86.55 9.00 -26.77
CA ASP V 100 85.37 9.47 -26.05
C ASP V 100 84.53 8.33 -25.46
N ASP V 101 84.86 7.08 -25.77
CA ASP V 101 84.13 5.96 -25.20
C ASP V 101 84.76 5.44 -23.91
N VAL V 102 85.91 5.97 -23.51
CA VAL V 102 86.62 5.45 -22.35
C VAL V 102 85.96 5.98 -21.08
N THR V 103 85.80 5.09 -20.10
CA THR V 103 85.23 5.44 -18.81
C THR V 103 86.19 5.24 -17.66
N LEU V 104 86.88 4.11 -17.60
CA LEU V 104 87.78 3.78 -16.50
C LEU V 104 89.23 4.02 -16.93
N LEU V 105 90.10 4.20 -15.94
CA LEU V 105 91.52 4.36 -16.15
C LEU V 105 92.25 3.45 -15.18
N VAL V 106 92.93 2.43 -15.69
CA VAL V 106 93.49 1.35 -14.90
C VAL V 106 94.99 1.48 -14.85
N ALA V 107 95.56 1.43 -13.64
CA ALA V 107 97.00 1.52 -13.47
C ALA V 107 97.70 0.32 -14.09
N ALA V 108 97.13 -0.87 -13.92
CA ALA V 108 97.69 -2.12 -14.46
C ALA V 108 99.09 -2.38 -13.94
N GLY V 109 99.40 -1.92 -12.74
CA GLY V 109 100.64 -2.27 -12.09
C GLY V 109 101.82 -1.33 -12.30
N GLU V 110 101.56 -0.05 -12.57
CA GLU V 110 102.64 0.91 -12.67
C GLU V 110 102.10 2.32 -12.47
N ASN V 111 103.02 3.26 -12.27
CA ASN V 111 102.67 4.60 -11.78
C ASN V 111 101.93 5.39 -12.85
N ILE V 112 100.72 5.84 -12.50
CA ILE V 112 99.91 6.67 -13.40
C ILE V 112 99.44 7.91 -12.63
N THR V 113 100.13 8.26 -11.56
CA THR V 113 99.67 9.34 -10.68
C THR V 113 99.58 10.67 -11.43
N THR V 114 100.58 10.97 -12.25
CA THR V 114 100.57 12.23 -13.00
C THR V 114 99.40 12.28 -13.98
N ALA V 115 99.14 11.18 -14.68
CA ALA V 115 98.05 11.16 -15.66
C ALA V 115 96.69 11.33 -15.00
N VAL V 116 96.49 10.68 -13.85
CA VAL V 116 95.19 10.73 -13.18
C VAL V 116 94.90 12.15 -12.71
N SER V 117 95.90 12.83 -12.16
CA SER V 117 95.67 14.16 -11.59
C SER V 117 95.24 15.16 -12.65
N THR V 118 95.69 14.98 -13.89
CA THR V 118 95.40 15.92 -14.96
C THR V 118 94.24 15.49 -15.85
N LEU V 119 93.74 14.26 -15.71
CA LEU V 119 92.65 13.76 -16.53
C LEU V 119 91.33 13.65 -15.78
N CYS V 120 91.35 13.06 -14.58
CA CYS V 120 90.13 12.88 -13.80
C CYS V 120 89.77 14.19 -13.11
N LYS V 121 88.95 14.98 -13.78
CA LYS V 121 88.49 16.28 -13.29
C LYS V 121 86.98 16.32 -13.40
N PRO V 122 86.32 17.18 -12.62
CA PRO V 122 84.85 17.25 -12.70
C PRO V 122 84.37 17.57 -14.11
N GLY V 123 83.35 16.84 -14.54
CA GLY V 123 82.78 17.00 -15.85
C GLY V 123 83.41 16.16 -16.94
N LYS V 124 84.60 15.62 -16.70
CA LYS V 124 85.26 14.80 -17.72
C LYS V 124 84.67 13.41 -17.84
N GLY V 125 84.11 12.86 -16.74
CA GLY V 125 83.48 11.57 -16.78
C GLY V 125 84.40 10.38 -16.62
N LEU V 126 85.64 10.58 -16.19
CA LEU V 126 86.58 9.48 -16.05
C LEU V 126 86.67 9.02 -14.60
N PHE V 127 87.31 7.88 -14.40
CA PHE V 127 87.51 7.30 -13.08
C PHE V 127 88.77 6.44 -13.10
N ALA V 128 89.48 6.43 -11.99
CA ALA V 128 90.76 5.75 -11.89
C ALA V 128 90.72 4.65 -10.85
N ILE V 129 91.48 3.58 -11.11
CA ILE V 129 91.65 2.48 -10.18
C ILE V 129 93.15 2.30 -9.93
N PHE V 130 93.55 2.42 -8.67
CA PHE V 130 94.96 2.38 -8.29
C PHE V 130 95.33 1.01 -7.73
N ASP V 131 96.62 0.85 -7.46
CA ASP V 131 97.16 -0.36 -6.84
C ASP V 131 97.70 0.00 -5.45
N GLY V 132 97.39 -0.83 -4.47
CA GLY V 132 97.89 -0.63 -3.14
C GLY V 132 99.35 -1.01 -3.02
N PRO V 133 99.93 -0.74 -1.85
CA PRO V 133 101.34 -1.09 -1.63
C PRO V 133 101.56 -2.59 -1.71
N THR V 134 102.76 -2.96 -2.16
CA THR V 134 103.11 -4.37 -2.35
C THR V 134 103.57 -5.04 -1.07
N THR V 135 103.86 -4.29 -0.02
CA THR V 135 104.44 -4.83 1.20
C THR V 135 103.35 -5.13 2.22
N GLU V 136 103.76 -5.47 3.43
CA GLU V 136 102.82 -5.68 4.53
C GLU V 136 102.11 -4.37 4.86
N LEU V 137 100.83 -4.47 5.20
CA LEU V 137 100.07 -3.31 5.62
C LEU V 137 100.53 -2.90 7.01
N LYS V 138 101.17 -1.74 7.10
CA LYS V 138 101.77 -1.31 8.35
C LYS V 138 100.68 -0.99 9.38
N SER V 139 100.92 -1.40 10.63
CA SER V 139 99.83 -1.50 11.61
C SER V 139 99.29 -0.13 12.01
N ASP V 140 100.15 0.87 12.15
CA ASP V 140 99.70 2.14 12.71
C ASP V 140 98.76 2.89 11.79
N GLY V 141 98.62 2.49 10.53
CA GLY V 141 97.66 3.08 9.64
C GLY V 141 98.15 4.27 8.83
N THR V 142 99.46 4.47 8.73
CA THR V 142 100.02 5.60 8.03
C THR V 142 100.60 5.25 6.66
N SER V 143 100.29 4.06 6.14
CA SER V 143 100.78 3.67 4.81
C SER V 143 99.88 4.22 3.71
N ASN V 144 99.56 5.51 3.79
CA ASN V 144 98.67 6.15 2.83
C ASN V 144 99.13 7.53 2.40
N SER V 145 100.25 8.04 2.92
CA SER V 145 100.64 9.41 2.64
C SER V 145 100.91 9.65 1.16
N ASP V 146 101.31 8.60 0.42
CA ASP V 146 101.66 8.78 -0.98
C ASP V 146 100.46 9.18 -1.83
N TYR V 147 99.29 8.59 -1.56
CA TYR V 147 98.13 8.81 -2.42
C TYR V 147 97.52 10.18 -2.18
N ASP V 148 96.99 10.75 -3.26
CA ASP V 148 96.37 12.08 -3.32
C ASP V 148 94.86 11.95 -3.12
N PRO V 149 94.27 12.70 -2.18
CA PRO V 149 92.82 12.56 -1.93
C PRO V 149 91.97 13.06 -3.09
N ASN V 150 91.90 12.28 -4.16
CA ASN V 150 91.10 12.58 -5.34
C ASN V 150 89.76 11.86 -5.26
N PRO V 151 88.64 12.57 -5.36
CA PRO V 151 87.33 11.90 -5.32
C PRO V 151 87.01 11.07 -6.55
N PHE V 152 87.89 11.02 -7.54
CA PHE V 152 87.68 10.25 -8.76
C PHE V 152 88.54 8.99 -8.83
N ALA V 153 89.12 8.57 -7.71
CA ALA V 153 90.05 7.46 -7.69
C ALA V 153 89.76 6.52 -6.53
N ALA V 154 90.20 5.28 -6.67
CA ALA V 154 90.05 4.28 -5.62
C ALA V 154 91.30 3.40 -5.60
N VAL V 155 91.59 2.84 -4.42
CA VAL V 155 92.77 2.02 -4.21
C VAL V 155 92.32 0.66 -3.69
N TYR V 156 92.92 -0.41 -4.22
CA TYR V 156 92.59 -1.77 -3.84
C TYR V 156 93.84 -2.50 -3.39
N TYR V 157 93.71 -3.26 -2.30
CA TYR V 157 94.80 -3.99 -1.67
C TYR V 157 94.27 -5.33 -1.20
N PRO V 158 95.09 -6.38 -1.25
CA PRO V 158 96.46 -6.47 -1.76
C PRO V 158 96.55 -7.07 -3.15
N TRP V 159 97.76 -7.27 -3.66
CA TRP V 159 97.95 -7.89 -4.96
C TRP V 159 97.57 -9.36 -4.90
N LEU V 160 97.07 -9.87 -6.02
CA LEU V 160 96.52 -11.22 -6.09
C LEU V 160 97.53 -12.20 -6.69
N THR V 161 97.33 -13.48 -6.38
CA THR V 161 98.16 -14.55 -6.91
C THR V 161 97.26 -15.69 -7.38
N ALA V 162 97.77 -16.47 -8.32
CA ALA V 162 97.03 -17.59 -8.89
C ALA V 162 97.98 -18.75 -9.13
N ASP V 163 97.41 -19.87 -9.56
CA ASP V 163 98.22 -21.06 -9.84
C ASP V 163 99.17 -20.82 -11.00
N TRP V 164 98.70 -20.13 -12.04
CA TRP V 164 99.53 -19.89 -13.22
C TRP V 164 100.64 -18.88 -12.95
N THR V 165 100.48 -18.01 -11.96
CA THR V 165 101.53 -17.06 -11.63
C THR V 165 102.73 -17.79 -11.02
N THR V 166 103.93 -17.34 -11.41
CA THR V 166 105.16 -17.98 -10.97
C THR V 166 105.99 -17.09 -10.05
N THR V 167 106.32 -15.88 -10.48
CA THR V 167 107.15 -14.99 -9.67
C THR V 167 106.67 -13.54 -9.65
N ILE V 168 105.60 -13.20 -10.37
CA ILE V 168 105.07 -11.84 -10.39
C ILE V 168 103.59 -11.93 -10.10
N ASP V 169 103.12 -11.11 -9.16
CA ASP V 169 101.74 -11.16 -8.72
C ASP V 169 100.87 -10.20 -9.54
N ILE V 170 99.63 -10.60 -9.75
CA ILE V 170 98.69 -9.80 -10.54
C ILE V 170 98.34 -8.53 -9.77
N PRO V 171 98.47 -7.35 -10.38
CA PRO V 171 98.00 -6.12 -9.72
C PRO V 171 96.50 -6.18 -9.49
N PRO V 172 96.03 -5.69 -8.34
CA PRO V 172 94.59 -5.79 -8.04
C PRO V 172 93.71 -5.01 -9.00
N SER V 173 94.19 -3.88 -9.53
CA SER V 173 93.36 -3.05 -10.38
C SER V 173 92.94 -3.77 -11.66
N ALA V 174 93.77 -4.71 -12.13
CA ALA V 174 93.43 -5.44 -13.35
C ALA V 174 92.18 -6.30 -13.15
N ALA V 175 92.11 -6.99 -12.02
CA ALA V 175 90.95 -7.84 -11.75
C ALA V 175 89.72 -7.01 -11.37
N ILE V 176 89.92 -5.91 -10.66
CA ILE V 176 88.80 -5.09 -10.23
C ILE V 176 88.07 -4.48 -11.44
N ALA V 177 88.83 -4.04 -12.45
CA ALA V 177 88.19 -3.50 -13.65
C ALA V 177 87.26 -4.51 -14.29
N GLY V 178 87.60 -5.80 -14.20
CA GLY V 178 86.67 -6.82 -14.65
C GLY V 178 85.42 -6.89 -13.80
N VAL V 179 85.57 -6.72 -12.48
CA VAL V 179 84.43 -6.77 -11.59
C VAL V 179 83.47 -5.63 -11.87
N TYR V 180 84.01 -4.46 -12.25
CA TYR V 180 83.16 -3.31 -12.55
C TYR V 180 82.21 -3.60 -13.70
N CYS V 181 82.72 -4.24 -14.76
CA CYS V 181 81.87 -4.51 -15.92
C CYS V 181 80.79 -5.53 -15.59
N SER V 182 81.13 -6.58 -14.83
CA SER V 182 80.15 -7.59 -14.48
C SER V 182 79.04 -7.01 -13.60
N VAL V 183 79.41 -6.19 -12.63
CA VAL V 183 78.42 -5.59 -11.73
C VAL V 183 77.53 -4.61 -12.49
N ASP V 184 78.12 -3.80 -13.36
CA ASP V 184 77.34 -2.84 -14.13
C ASP V 184 76.35 -3.55 -15.05
N SER V 185 76.76 -4.65 -15.67
CA SER V 185 75.89 -5.34 -16.62
C SER V 185 74.74 -6.05 -15.90
N THR V 186 74.98 -6.57 -14.72
CA THR V 186 73.98 -7.39 -14.03
C THR V 186 73.07 -6.55 -13.14
N ARG V 187 73.64 -5.69 -12.30
CA ARG V 187 72.88 -4.98 -11.28
C ARG V 187 72.75 -3.49 -11.55
N GLY V 188 73.71 -2.88 -12.23
CA GLY V 188 73.65 -1.46 -12.51
C GLY V 188 74.82 -0.67 -11.97
N VAL V 189 75.08 0.50 -12.56
CA VAL V 189 76.22 1.31 -12.14
C VAL V 189 76.03 1.85 -10.72
N TRP V 190 74.80 1.92 -10.22
CA TRP V 190 74.56 2.42 -8.88
C TRP V 190 74.82 1.38 -7.80
N LYS V 191 74.95 0.11 -8.16
CA LYS V 191 75.22 -0.93 -7.18
C LYS V 191 76.70 -0.97 -6.84
N ALA V 192 77.00 -1.14 -5.56
CA ALA V 192 78.39 -1.12 -5.12
C ALA V 192 79.15 -2.31 -5.69
N PRO V 193 80.31 -2.11 -6.31
CA PRO V 193 81.13 -3.23 -6.78
C PRO V 193 81.88 -3.91 -5.64
N ALA V 194 81.13 -4.32 -4.63
CA ALA V 194 81.69 -4.98 -3.45
C ALA V 194 80.75 -6.11 -3.05
N ASN V 195 81.24 -6.96 -2.16
CA ASN V 195 80.50 -8.17 -1.74
C ASN V 195 80.16 -9.04 -2.94
N VAL V 196 81.09 -9.11 -3.89
CA VAL V 196 80.94 -9.93 -5.09
C VAL V 196 82.19 -10.78 -5.25
N PRO V 197 82.07 -11.99 -5.79
CA PRO V 197 83.24 -12.88 -5.86
C PRO V 197 84.19 -12.49 -6.97
N ILE V 198 85.41 -13.00 -6.85
CA ILE V 198 86.43 -12.86 -7.89
C ILE V 198 86.42 -14.14 -8.72
N GLN V 199 86.09 -14.00 -10.00
CA GLN V 199 85.75 -15.16 -10.81
C GLN V 199 86.96 -15.99 -11.23
N GLY V 200 88.16 -15.42 -11.14
CA GLY V 200 89.34 -16.07 -11.70
C GLY V 200 89.98 -17.12 -10.83
N GLY V 201 89.42 -17.43 -9.67
CA GLY V 201 90.09 -18.33 -8.76
C GLY V 201 91.39 -17.76 -8.23
N LEU V 202 91.44 -16.45 -8.04
CA LEU V 202 92.62 -15.77 -7.54
C LEU V 202 92.59 -15.70 -6.02
N GLN V 203 93.77 -15.59 -5.43
CA GLN V 203 93.88 -15.53 -3.98
C GLN V 203 94.66 -14.29 -3.58
N PRO V 204 94.26 -13.60 -2.51
CA PRO V 204 95.05 -12.47 -2.03
C PRO V 204 96.40 -12.92 -1.49
N LYS V 205 97.40 -12.06 -1.66
CA LYS V 205 98.74 -12.41 -1.23
C LYS V 205 98.88 -12.36 0.29
N TYR V 206 98.22 -11.41 0.94
CA TYR V 206 98.29 -11.26 2.39
C TYR V 206 96.89 -11.29 2.98
N PRO V 207 96.72 -11.94 4.13
CA PRO V 207 95.42 -11.91 4.80
C PRO V 207 95.21 -10.61 5.56
N VAL V 208 93.96 -10.16 5.58
CA VAL V 208 93.58 -8.93 6.25
C VAL V 208 92.49 -9.25 7.27
N THR V 209 92.72 -8.86 8.52
CA THR V 209 91.76 -9.09 9.58
C THR V 209 90.76 -7.94 9.67
N ASP V 210 89.73 -8.14 10.51
CA ASP V 210 88.67 -7.14 10.62
C ASP V 210 89.18 -5.84 11.21
N ASP V 211 90.01 -5.92 12.25
CA ASP V 211 90.50 -4.70 12.89
C ASP V 211 91.50 -3.98 12.01
N LEU V 212 92.31 -4.72 11.25
CA LEU V 212 93.25 -4.08 10.33
C LEU V 212 92.52 -3.30 9.25
N GLN V 213 91.45 -3.87 8.70
CA GLN V 213 90.65 -3.14 7.71
C GLN V 213 90.01 -1.91 8.33
N ALA V 214 89.55 -2.03 9.58
CA ALA V 214 88.91 -0.89 10.25
C ALA V 214 89.88 0.28 10.41
N GLN V 215 91.17 0.01 10.42
CA GLN V 215 92.15 1.09 10.57
C GLN V 215 92.30 1.89 9.28
N TYR V 216 92.08 1.23 8.13
CA TYR V 216 92.29 1.86 6.84
C TYR V 216 91.01 2.17 6.10
N ASN V 217 89.86 2.09 6.76
CA ASN V 217 88.58 2.34 6.11
C ASN V 217 88.11 3.78 6.23
N GLN V 218 88.94 4.67 6.77
CA GLN V 218 88.60 6.08 6.93
C GLN V 218 89.50 6.95 6.07
N GLY V 219 89.02 8.16 5.79
CA GLY V 219 89.79 9.10 4.99
C GLY V 219 90.08 8.52 3.61
N LYS V 220 91.34 8.57 3.22
CA LYS V 220 91.79 7.96 1.96
C LYS V 220 91.82 6.45 2.17
N ALA V 221 90.65 5.83 2.03
CA ALA V 221 90.45 4.44 2.41
C ALA V 221 91.04 3.50 1.37
N LEU V 222 91.31 2.27 1.82
CA LEU V 222 91.75 1.18 0.95
C LEU V 222 90.69 0.09 0.95
N ASN V 223 90.09 -0.14 -0.20
CA ASN V 223 89.18 -1.26 -0.34
C ASN V 223 89.96 -2.56 -0.37
N MET V 224 89.54 -3.51 0.46
CA MET V 224 90.33 -4.71 0.72
C MET V 224 89.67 -5.93 0.09
N ILE V 225 90.50 -6.83 -0.41
CA ILE V 225 90.06 -8.10 -0.96
C ILE V 225 90.39 -9.18 0.06
N ARG V 226 89.36 -9.79 0.62
CA ARG V 226 89.52 -10.73 1.72
C ARG V 226 88.87 -12.06 1.37
N THR V 227 89.35 -13.10 2.05
CA THR V 227 88.81 -14.45 1.87
C THR V 227 87.99 -14.82 3.10
N PHE V 228 86.76 -15.27 2.88
CA PHE V 228 85.87 -15.66 3.96
C PHE V 228 85.67 -17.17 3.95
N PRO V 229 85.45 -17.77 5.13
CA PRO V 229 85.38 -19.24 5.19
C PRO V 229 84.25 -19.84 4.35
N LYS V 230 83.12 -19.16 4.22
CA LYS V 230 81.97 -19.72 3.53
C LYS V 230 81.71 -19.12 2.16
N SER V 231 82.29 -17.96 1.84
CA SER V 231 82.02 -17.29 0.59
C SER V 231 83.24 -17.15 -0.31
N GLY V 232 84.39 -17.69 0.08
CA GLY V 232 85.57 -17.59 -0.76
C GLY V 232 86.15 -16.19 -0.71
N THR V 233 86.66 -15.75 -1.86
CA THR V 233 87.29 -14.44 -1.97
C THR V 233 86.28 -13.40 -2.44
N LEU V 234 86.19 -12.29 -1.70
CA LEU V 234 85.21 -11.25 -1.97
C LEU V 234 85.88 -9.89 -1.95
N VAL V 235 85.24 -8.93 -2.61
CA VAL V 235 85.69 -7.54 -2.60
C VAL V 235 84.97 -6.81 -1.47
N TRP V 236 85.73 -6.25 -0.54
CA TRP V 236 85.19 -5.63 0.67
C TRP V 236 85.59 -4.17 0.68
N GLY V 237 84.60 -3.28 0.55
CA GLY V 237 84.86 -1.85 0.59
C GLY V 237 84.65 -1.17 -0.75
N ALA V 238 83.95 -0.04 -0.73
CA ALA V 238 83.64 0.71 -1.94
C ALA V 238 83.83 2.21 -1.71
N ARG V 239 84.93 2.58 -1.07
CA ARG V 239 85.20 3.97 -0.74
C ARG V 239 86.22 4.58 -1.69
N THR V 240 86.03 5.85 -2.00
CA THR V 240 86.98 6.61 -2.80
C THR V 240 88.05 7.20 -1.89
N LEU V 241 88.86 8.12 -2.43
CA LEU V 241 89.94 8.76 -1.67
C LEU V 241 89.49 10.06 -1.01
N GLU V 242 88.20 10.41 -1.13
CA GLU V 242 87.66 11.60 -0.52
C GLU V 242 86.56 11.19 0.45
N ASP V 243 86.61 11.73 1.67
CA ASP V 243 85.76 11.24 2.76
C ASP V 243 84.59 12.16 3.09
N ASN V 244 84.28 13.14 2.25
CA ASN V 244 83.11 13.95 2.54
C ASN V 244 81.84 13.22 2.13
N ASP V 245 80.70 13.74 2.58
CA ASP V 245 79.42 13.07 2.36
C ASP V 245 79.04 13.02 0.89
N ASN V 246 79.54 13.95 0.08
CA ASN V 246 79.14 14.00 -1.32
C ASN V 246 79.68 12.83 -2.11
N TRP V 247 80.97 12.53 -1.98
CA TRP V 247 81.64 11.56 -2.83
C TRP V 247 82.41 10.54 -1.99
N ARG V 248 81.79 10.06 -0.92
CA ARG V 248 82.45 9.06 -0.07
C ARG V 248 82.49 7.69 -0.74
N TYR V 249 81.45 7.36 -1.50
CA TYR V 249 81.28 6.01 -2.02
C TYR V 249 81.46 5.98 -3.53
N ILE V 250 82.05 4.89 -4.02
CA ILE V 250 82.25 4.73 -5.47
C ILE V 250 80.93 4.77 -6.24
N PRO V 251 79.87 4.07 -5.84
CA PRO V 251 78.64 4.10 -6.66
C PRO V 251 78.08 5.49 -6.88
N VAL V 252 78.14 6.35 -5.87
CA VAL V 252 77.60 7.71 -6.03
C VAL V 252 78.41 8.49 -7.05
N ARG V 253 79.74 8.39 -6.98
CA ARG V 253 80.58 9.12 -7.92
C ARG V 253 80.45 8.54 -9.32
N ARG V 254 80.39 7.22 -9.46
CA ARG V 254 80.32 6.61 -10.79
C ARG V 254 78.95 6.80 -11.41
N LEU V 255 77.88 6.81 -10.60
CA LEU V 255 76.55 7.03 -11.13
C LEU V 255 76.44 8.41 -11.76
N PHE V 256 76.98 9.43 -11.08
CA PHE V 256 76.97 10.77 -11.65
C PHE V 256 77.79 10.83 -12.93
N ASN V 257 78.95 10.17 -12.94
CA ASN V 257 79.82 10.19 -14.12
C ASN V 257 79.07 9.72 -15.36
N SER V 258 78.30 8.64 -15.22
CA SER V 258 77.49 8.16 -16.34
C SER V 258 76.37 9.12 -16.66
N ALA V 259 75.76 9.72 -15.64
CA ALA V 259 74.60 10.59 -15.86
C ALA V 259 74.98 11.82 -16.66
N GLU V 260 76.07 12.50 -16.29
CA GLU V 260 76.49 13.67 -17.05
C GLU V 260 76.91 13.29 -18.46
N ARG V 261 77.60 12.16 -18.62
CA ARG V 261 78.04 11.74 -19.95
C ARG V 261 76.85 11.47 -20.86
N ASP V 262 75.82 10.81 -20.35
CA ASP V 262 74.65 10.50 -21.17
C ASP V 262 73.89 11.76 -21.56
N ILE V 263 73.68 12.65 -20.59
CA ILE V 263 72.94 13.88 -20.87
C ILE V 263 73.76 14.81 -21.75
N LYS V 264 75.07 14.87 -21.53
CA LYS V 264 75.93 15.74 -22.36
C LYS V 264 75.87 15.32 -23.82
N ASN V 265 75.89 14.02 -24.09
CA ASN V 265 75.78 13.54 -25.46
C ASN V 265 74.43 13.91 -26.07
N ALA V 266 73.36 13.80 -25.28
CA ALA V 266 72.03 14.13 -25.79
C ALA V 266 71.91 15.60 -26.13
N MET V 267 72.47 16.48 -25.30
CA MET V 267 72.35 17.92 -25.52
C MET V 267 73.18 18.41 -26.70
N SER V 268 74.05 17.57 -27.27
CA SER V 268 74.82 17.97 -28.44
C SER V 268 73.95 18.16 -29.67
N PHE V 269 72.69 17.71 -29.64
CA PHE V 269 71.77 17.90 -30.75
C PHE V 269 70.95 19.18 -30.61
N ALA V 270 71.20 19.98 -29.57
CA ALA V 270 70.46 21.21 -29.33
C ALA V 270 71.39 22.38 -29.04
N VAL V 271 72.58 22.37 -29.63
CA VAL V 271 73.56 23.40 -29.34
C VAL V 271 73.10 24.75 -29.88
N PHE V 272 72.64 24.78 -31.13
CA PHE V 272 72.27 26.04 -31.78
C PHE V 272 70.77 26.16 -32.01
N GLU V 273 69.95 25.41 -31.29
CA GLU V 273 68.51 25.54 -31.42
C GLU V 273 68.05 26.90 -30.89
N PRO V 274 66.89 27.37 -31.33
CA PRO V 274 66.36 28.62 -30.79
C PRO V 274 66.20 28.54 -29.28
N ASN V 275 66.55 29.63 -28.60
CA ASN V 275 66.52 29.67 -27.14
C ASN V 275 65.22 30.32 -26.70
N SER V 276 64.14 29.56 -26.78
CA SER V 276 62.81 30.04 -26.45
C SER V 276 62.05 28.92 -25.74
N GLN V 277 60.76 29.17 -25.49
CA GLN V 277 59.94 28.22 -24.76
C GLN V 277 59.83 26.85 -25.43
N PRO V 278 59.57 26.74 -26.74
CA PRO V 278 59.41 25.39 -27.32
C PRO V 278 60.64 24.50 -27.15
N THR V 279 61.84 25.07 -27.18
CA THR V 279 63.04 24.27 -26.99
C THR V 279 63.16 23.81 -25.54
N TRP V 280 62.79 24.68 -24.60
CA TRP V 280 62.89 24.33 -23.18
C TRP V 280 61.97 23.16 -22.84
N GLU V 281 60.78 23.13 -23.43
CA GLU V 281 59.85 22.04 -23.15
C GLU V 281 60.41 20.70 -23.61
N ARG V 282 61.06 20.67 -24.77
CA ARG V 282 61.58 19.42 -25.30
C ARG V 282 62.80 18.95 -24.51
N VAL V 283 63.67 19.88 -24.11
CA VAL V 283 64.83 19.52 -23.31
C VAL V 283 64.40 18.99 -21.95
N ARG V 284 63.43 19.65 -21.31
CA ARG V 284 62.97 19.20 -20.01
C ARG V 284 62.33 17.83 -20.08
N SER V 285 61.52 17.59 -21.12
CA SER V 285 60.84 16.30 -21.24
C SER V 285 61.82 15.17 -21.46
N ALA V 286 62.85 15.39 -22.28
CA ALA V 286 63.84 14.35 -22.55
C ALA V 286 64.62 13.99 -21.29
N VAL V 287 65.03 15.02 -20.53
CA VAL V 287 65.80 14.77 -19.32
C VAL V 287 64.92 14.13 -18.25
N ASN V 288 63.68 14.59 -18.12
CA ASN V 288 62.78 14.03 -17.12
C ASN V 288 62.52 12.55 -17.37
N ASN V 289 62.35 12.16 -18.64
CA ASN V 289 62.13 10.75 -18.96
C ASN V 289 63.35 9.91 -18.59
N TYR V 290 64.55 10.42 -18.85
CA TYR V 290 65.76 9.67 -18.53
C TYR V 290 65.90 9.48 -17.02
N LEU V 291 65.67 10.54 -16.25
CA LEU V 291 65.78 10.43 -14.81
C LEU V 291 64.68 9.56 -14.21
N TYR V 292 63.47 9.61 -14.79
CA TYR V 292 62.40 8.74 -14.33
C TYR V 292 62.75 7.28 -14.56
N SER V 293 63.45 6.98 -15.66
CA SER V 293 63.89 5.61 -15.91
C SER V 293 64.87 5.14 -14.84
N LEU V 294 65.79 6.02 -14.43
CA LEU V 294 66.75 5.65 -13.40
C LEU V 294 66.07 5.38 -12.07
N TRP V 295 65.07 6.19 -11.71
CA TRP V 295 64.37 5.99 -10.45
C TRP V 295 63.57 4.71 -10.45
N GLN V 296 63.02 4.33 -11.61
CA GLN V 296 62.30 3.07 -11.71
C GLN V 296 63.22 1.88 -11.48
N GLN V 297 64.43 1.93 -12.02
CA GLN V 297 65.38 0.83 -11.85
C GLN V 297 65.98 0.78 -10.46
N GLY V 298 65.74 1.79 -9.63
CA GLY V 298 66.27 1.82 -8.29
C GLY V 298 67.56 2.62 -8.12
N GLY V 299 67.98 3.36 -9.13
CA GLY V 299 69.19 4.15 -9.02
C GLY V 299 69.07 5.40 -8.19
N LEU V 300 67.85 5.89 -7.98
CA LEU V 300 67.60 7.08 -7.16
C LEU V 300 66.65 6.73 -6.04
N ALA V 301 66.88 7.32 -4.86
CA ALA V 301 66.09 7.03 -3.68
C ALA V 301 65.02 8.11 -3.50
N GLY V 302 63.78 7.66 -3.31
CA GLY V 302 62.67 8.57 -3.10
C GLY V 302 61.31 7.92 -3.19
N ASN V 303 60.34 8.42 -2.43
CA ASN V 303 58.99 7.87 -2.48
C ASN V 303 58.26 8.32 -3.74
N LYS V 304 58.49 9.56 -4.17
CA LYS V 304 57.85 10.14 -5.34
C LYS V 304 58.91 10.71 -6.25
N PRO V 305 58.61 10.87 -7.54
CA PRO V 305 59.63 11.38 -8.48
C PRO V 305 60.21 12.72 -8.06
N ASP V 306 59.40 13.62 -7.50
CA ASP V 306 59.91 14.92 -7.08
C ASP V 306 60.85 14.81 -5.88
N ASP V 307 60.82 13.70 -5.16
CA ASP V 307 61.77 13.47 -4.07
C ASP V 307 63.11 12.93 -4.55
N ALA V 308 63.19 12.48 -5.80
CA ALA V 308 64.40 11.88 -6.32
C ALA V 308 65.16 12.78 -7.27
N TYR V 309 64.49 13.66 -8.00
CA TYR V 309 65.16 14.51 -8.98
C TYR V 309 64.29 15.71 -9.28
N PHE V 310 64.91 16.74 -9.84
CA PHE V 310 64.20 17.90 -10.34
C PHE V 310 64.99 18.50 -11.51
N VAL V 311 64.26 19.05 -12.47
CA VAL V 311 64.85 19.72 -13.62
C VAL V 311 64.24 21.11 -13.74
N GLN V 312 65.10 22.12 -13.86
CA GLN V 312 64.65 23.50 -13.97
C GLN V 312 65.30 24.16 -15.17
N ILE V 313 64.48 24.78 -16.00
CA ILE V 313 64.96 25.58 -17.12
C ILE V 313 63.84 26.53 -17.52
N GLY V 314 64.18 27.80 -17.69
CA GLY V 314 63.17 28.79 -18.03
C GLY V 314 63.76 30.17 -18.14
N LYS V 315 62.88 31.11 -18.49
CA LYS V 315 63.29 32.49 -18.69
C LYS V 315 63.53 33.22 -17.37
N ASP V 316 62.87 32.79 -16.30
CA ASP V 316 63.05 33.41 -14.99
C ASP V 316 63.41 32.39 -13.91
N ILE V 317 63.65 31.14 -14.28
CA ILE V 317 63.96 30.09 -13.31
C ILE V 317 65.47 29.89 -13.16
N THR V 318 66.19 29.79 -14.28
CA THR V 318 67.61 29.47 -14.25
C THR V 318 68.49 30.53 -14.90
N MET V 319 68.00 31.26 -15.89
CA MET V 319 68.81 32.22 -16.63
C MET V 319 68.04 33.52 -16.77
N THR V 320 68.80 34.62 -16.92
CA THR V 320 68.23 35.95 -16.99
C THR V 320 68.16 36.43 -18.43
N ASP V 321 67.68 37.66 -18.61
CA ASP V 321 67.59 38.24 -19.95
C ASP V 321 68.98 38.44 -20.55
N ASP V 322 69.95 38.90 -19.74
CA ASP V 322 71.30 39.09 -20.24
C ASP V 322 71.97 37.75 -20.56
N ASP V 323 71.58 36.69 -19.85
CA ASP V 323 72.11 35.37 -20.18
C ASP V 323 71.65 34.91 -21.55
N ILE V 324 70.38 35.16 -21.88
CA ILE V 324 69.85 34.75 -23.18
C ILE V 324 70.53 35.52 -24.31
N LYS V 325 70.68 36.84 -24.14
CA LYS V 325 71.27 37.65 -25.19
C LYS V 325 72.73 37.33 -25.43
N GLN V 326 73.39 36.65 -24.49
CA GLN V 326 74.76 36.19 -24.68
C GLN V 326 74.84 34.74 -25.13
N GLY V 327 73.71 34.11 -25.45
CA GLY V 327 73.72 32.76 -25.98
C GLY V 327 73.96 31.67 -24.97
N LYS V 328 73.45 31.82 -23.76
CA LYS V 328 73.63 30.83 -22.71
C LYS V 328 72.30 30.20 -22.35
N MET V 329 72.23 28.87 -22.40
CA MET V 329 71.09 28.11 -21.91
C MET V 329 71.56 27.31 -20.70
N ILE V 330 70.89 27.52 -19.57
CA ILE V 330 71.33 26.98 -18.29
C ILE V 330 70.27 26.04 -17.76
N ILE V 331 70.68 24.81 -17.43
CA ILE V 331 69.79 23.80 -16.88
C ILE V 331 70.37 23.33 -15.55
N LYS V 332 69.54 23.35 -14.52
CA LYS V 332 69.91 22.85 -13.20
C LYS V 332 69.26 21.49 -12.97
N ILE V 333 70.07 20.49 -12.63
CA ILE V 333 69.61 19.12 -12.45
C ILE V 333 69.99 18.66 -11.05
N GLY V 334 69.03 18.13 -10.32
CA GLY V 334 69.26 17.57 -9.00
C GLY V 334 69.03 16.07 -9.03
N MET V 335 69.82 15.35 -8.22
CA MET V 335 69.76 13.89 -8.23
C MET V 335 70.02 13.37 -6.83
N ALA V 336 69.17 12.47 -6.36
CA ALA V 336 69.31 11.83 -5.05
C ALA V 336 69.82 10.41 -5.29
N ALA V 337 71.14 10.28 -5.40
CA ALA V 337 71.75 8.99 -5.65
C ALA V 337 71.61 8.07 -4.45
N VAL V 338 71.46 6.78 -4.71
CA VAL V 338 71.35 5.78 -3.64
C VAL V 338 72.74 5.50 -3.10
N ARG V 339 72.80 5.00 -1.87
CA ARG V 339 74.09 4.78 -1.22
C ARG V 339 74.18 3.35 -0.66
N PRO V 340 75.37 2.79 -0.56
CA PRO V 340 75.50 1.43 -0.07
C PRO V 340 75.16 1.32 1.41
N ALA V 341 74.70 0.13 1.80
CA ALA V 341 74.45 -0.17 3.22
C ALA V 341 75.71 -0.81 3.78
N GLU V 342 76.74 0.03 3.93
CA GLU V 342 78.07 -0.48 4.30
C GLU V 342 78.05 -1.13 5.67
N PHE V 343 77.36 -0.52 6.63
CA PHE V 343 77.22 -1.07 7.98
C PHE V 343 75.77 -1.42 8.24
N ILE V 344 75.53 -2.66 8.67
CA ILE V 344 74.19 -3.11 9.03
C ILE V 344 74.18 -3.32 10.53
N ILE V 345 73.27 -2.63 11.23
CA ILE V 345 73.20 -2.66 12.69
C ILE V 345 71.86 -3.24 13.07
N LEU V 346 71.90 -4.34 13.83
CA LEU V 346 70.70 -5.02 14.32
C LEU V 346 70.56 -4.76 15.81
N GLN V 347 69.36 -4.37 16.24
CA GLN V 347 69.10 -4.08 17.63
C GLN V 347 67.98 -4.98 18.14
N PHE V 348 68.25 -5.67 19.25
CA PHE V 348 67.30 -6.58 19.85
C PHE V 348 66.83 -6.03 21.19
N THR V 349 65.62 -6.43 21.58
CA THR V 349 65.03 -5.94 22.81
C THR V 349 64.53 -7.09 23.68
N THR W 2 -6.05 54.01 -57.74
CA THR W 2 -7.12 54.85 -57.21
C THR W 2 -8.28 54.95 -58.19
N THR W 3 -9.12 53.92 -58.19
CA THR W 3 -10.29 53.92 -59.07
C THR W 3 -11.34 54.90 -58.59
N ILE W 4 -11.92 55.64 -59.51
CA ILE W 4 -12.94 56.63 -59.20
C ILE W 4 -14.30 55.96 -59.36
N THR W 5 -15.03 55.83 -58.25
CA THR W 5 -16.37 55.26 -58.26
C THR W 5 -17.34 56.30 -58.80
N THR W 6 -17.93 56.02 -59.95
CA THR W 6 -18.78 56.98 -60.64
C THR W 6 -20.12 56.42 -61.09
N TYR W 7 -20.25 55.11 -61.25
CA TYR W 7 -21.55 54.50 -61.54
C TYR W 7 -21.74 53.27 -60.66
N PRO W 8 -22.98 52.98 -60.27
CA PRO W 8 -23.23 51.78 -59.45
C PRO W 8 -22.95 50.51 -60.26
N GLY W 9 -22.04 49.70 -59.75
CA GLY W 9 -21.65 48.49 -60.44
C GLY W 9 -20.49 47.82 -59.74
N VAL W 10 -19.87 46.88 -60.44
CA VAL W 10 -18.73 46.12 -59.94
C VAL W 10 -17.47 46.60 -60.65
N TYR W 11 -16.41 46.85 -59.89
CA TYR W 11 -15.15 47.36 -60.41
C TYR W 11 -14.06 46.32 -60.22
N ILE W 12 -13.29 46.08 -61.27
CA ILE W 12 -12.24 45.07 -61.29
C ILE W 12 -10.89 45.77 -61.48
N GLU W 13 -9.91 45.38 -60.66
CA GLU W 13 -8.56 45.90 -60.80
C GLU W 13 -7.55 44.76 -60.68
N GLU W 14 -6.28 45.11 -60.85
CA GLU W 14 -5.17 44.20 -60.63
C GLU W 14 -4.17 44.89 -59.71
N ASP W 15 -3.49 44.10 -58.89
CA ASP W 15 -2.40 44.67 -58.10
C ASP W 15 -1.22 44.95 -59.02
N ALA W 16 -0.74 46.20 -58.99
CA ALA W 16 0.31 46.64 -59.90
C ALA W 16 1.62 46.95 -59.19
N SER W 17 1.75 46.58 -57.91
CA SER W 17 3.02 46.75 -57.22
C SER W 17 4.09 45.89 -57.88
N LEU W 18 5.29 46.42 -57.96
CA LEU W 18 6.36 45.78 -58.71
C LEU W 18 6.76 44.46 -58.06
N SER W 19 7.00 43.45 -58.89
CA SER W 19 7.55 42.18 -58.47
C SER W 19 8.95 42.06 -59.05
N LEU W 20 9.94 41.85 -58.20
CA LEU W 20 11.34 41.95 -58.58
C LEU W 20 12.04 40.63 -58.33
N SER W 21 12.85 40.20 -59.30
CA SER W 21 13.62 38.97 -59.19
C SER W 21 14.83 39.07 -60.09
N VAL W 22 15.93 38.46 -59.66
CA VAL W 22 17.19 38.46 -60.39
C VAL W 22 17.33 37.15 -61.14
N SER W 23 17.59 37.24 -62.44
CA SER W 23 17.75 36.07 -63.30
C SER W 23 19.19 36.00 -63.79
N SER W 24 19.69 34.78 -63.94
CA SER W 24 21.08 34.58 -64.35
C SER W 24 21.21 34.69 -65.86
N SER W 25 22.15 35.51 -66.31
CA SER W 25 22.41 35.69 -67.73
C SER W 25 23.64 34.88 -68.14
N ALA W 26 23.77 34.62 -69.43
CA ALA W 26 24.90 33.85 -69.97
C ALA W 26 26.19 34.62 -69.68
N THR W 27 27.23 33.91 -69.24
CA THR W 27 28.46 34.53 -68.76
C THR W 27 29.66 34.23 -69.65
N ALA W 28 29.43 33.73 -70.87
CA ALA W 28 30.52 33.33 -71.73
C ALA W 28 30.34 33.72 -73.19
N VAL W 29 29.67 34.83 -73.48
CA VAL W 29 29.50 35.27 -74.87
C VAL W 29 30.74 36.05 -75.30
N PRO W 30 31.51 35.56 -76.26
CA PRO W 30 32.71 36.26 -76.71
C PRO W 30 32.45 37.14 -77.93
N VAL W 31 33.40 38.04 -78.17
CA VAL W 31 33.46 38.83 -79.39
C VAL W 31 34.85 38.65 -79.99
N PHE W 32 34.91 38.27 -81.26
CA PHE W 32 36.16 38.02 -81.94
C PHE W 32 36.54 39.19 -82.82
N ALA W 33 37.82 39.54 -82.79
CA ALA W 33 38.37 40.60 -83.63
C ALA W 33 38.75 40.03 -84.98
N VAL W 34 38.40 40.75 -86.04
CA VAL W 34 38.62 40.29 -87.41
C VAL W 34 39.40 41.37 -88.15
N ALA W 35 40.42 40.96 -88.89
CA ALA W 35 41.24 41.88 -89.64
C ALA W 35 40.41 42.60 -90.71
N GLY W 36 40.86 43.79 -91.08
CA GLY W 36 40.09 44.62 -92.00
C GLY W 36 39.94 44.02 -93.38
N ASP W 37 40.96 43.31 -93.85
CA ASP W 37 40.96 42.79 -95.21
C ASP W 37 40.05 41.58 -95.40
N ASN W 38 39.49 41.03 -94.34
CA ASN W 38 38.66 39.83 -94.48
C ASN W 38 37.37 40.18 -95.23
N PRO W 39 37.05 39.49 -96.32
CA PRO W 39 35.87 39.87 -97.10
C PRO W 39 34.55 39.56 -96.40
N LEU W 40 34.54 38.60 -95.47
CA LEU W 40 33.28 38.24 -94.81
C LEU W 40 32.74 39.38 -93.98
N ILE W 41 33.61 40.08 -93.25
CA ILE W 41 33.17 41.14 -92.35
C ILE W 41 32.96 42.47 -93.07
N SER W 42 33.53 42.63 -94.27
CA SER W 42 33.48 43.92 -94.95
C SER W 42 32.05 44.31 -95.31
N GLY W 43 31.71 45.58 -95.08
CA GLY W 43 30.41 46.08 -95.45
C GLY W 43 29.29 45.79 -94.47
N LYS W 44 29.59 45.14 -93.35
CA LYS W 44 28.58 44.81 -92.36
C LYS W 44 29.08 45.26 -90.99
N PRO W 45 28.18 45.64 -90.09
CA PRO W 45 28.62 46.04 -88.74
C PRO W 45 29.17 44.87 -87.94
N TYR W 46 28.46 43.75 -87.95
CA TYR W 46 28.89 42.56 -87.22
C TYR W 46 28.17 41.35 -87.79
N ILE W 47 28.74 40.17 -87.52
CA ILE W 47 28.15 38.89 -87.91
C ILE W 47 28.04 38.02 -86.67
N ARG W 48 26.87 37.42 -86.48
CA ARG W 48 26.62 36.51 -85.36
C ARG W 48 26.64 35.08 -85.89
N ILE W 49 27.51 34.25 -85.31
CA ILE W 49 27.68 32.87 -85.73
C ILE W 49 27.33 31.98 -84.55
N SER W 50 26.46 31.00 -84.77
CA SER W 50 25.97 30.14 -83.72
C SER W 50 26.54 28.73 -83.75
N ASN W 51 27.27 28.36 -84.80
CA ASN W 51 27.80 27.01 -84.92
C ASN W 51 28.96 27.01 -85.90
N TRP W 52 29.79 25.97 -85.81
CA TRP W 52 30.90 25.83 -86.75
C TRP W 52 30.38 25.57 -88.17
N LEU W 53 29.37 24.72 -88.29
CA LEU W 53 28.79 24.47 -89.61
C LEU W 53 28.15 25.72 -90.20
N GLU W 54 27.56 26.56 -89.35
CA GLU W 54 26.98 27.81 -89.83
C GLU W 54 28.05 28.74 -90.40
N TYR W 55 29.22 28.78 -89.77
CA TYR W 55 30.31 29.62 -90.26
C TYR W 55 30.73 29.20 -91.67
N LEU W 56 30.83 27.89 -91.91
CA LEU W 56 31.13 27.42 -93.26
C LEU W 56 29.99 27.75 -94.22
N THR W 57 28.76 27.69 -93.74
CA THR W 57 27.61 28.09 -94.56
C THR W 57 27.69 29.56 -94.92
N LEU W 58 28.05 30.42 -93.96
CA LEU W 58 28.24 31.84 -94.26
C LEU W 58 29.37 32.04 -95.26
N LYS W 59 30.46 31.31 -95.11
CA LYS W 59 31.50 31.28 -96.12
C LYS W 59 31.01 30.54 -97.37
N ASN W 60 31.85 30.54 -98.40
CA ASN W 60 31.54 29.79 -99.61
C ASN W 60 32.63 28.82 -100.01
N GLU W 61 33.78 28.86 -99.34
CA GLU W 61 34.88 27.95 -99.63
C GLU W 61 34.94 26.85 -98.57
N GLN W 62 35.86 25.91 -98.78
CA GLN W 62 36.12 24.88 -97.79
C GLN W 62 36.98 25.47 -96.66
N PHE W 63 37.27 24.64 -95.66
CA PHE W 63 38.10 25.10 -94.55
C PHE W 63 39.49 25.45 -95.04
N ASP W 64 39.97 26.62 -94.66
CA ASP W 64 41.29 27.10 -95.06
C ASP W 64 42.21 27.10 -93.84
N PRO W 65 43.24 26.25 -93.79
CA PRO W 65 44.16 26.25 -92.66
C PRO W 65 45.18 27.38 -92.65
N ALA W 66 45.13 28.29 -93.64
CA ALA W 66 46.07 29.39 -93.72
C ALA W 66 45.49 30.72 -93.26
N ASN W 67 44.18 30.79 -93.04
CA ASN W 67 43.53 32.01 -92.59
C ASN W 67 43.30 31.93 -91.07
N THR W 68 43.67 33.00 -90.37
CA THR W 68 43.61 32.98 -88.91
C THR W 68 42.17 32.88 -88.41
N LEU W 69 41.21 33.41 -89.16
CA LEU W 69 39.83 33.39 -88.71
C LEU W 69 39.28 31.97 -88.63
N ASP W 70 39.58 31.14 -89.64
CA ASP W 70 39.03 29.79 -89.68
C ASP W 70 39.58 28.92 -88.56
N ILE W 71 40.90 28.99 -88.33
CA ILE W 71 41.49 28.14 -87.30
C ILE W 71 41.04 28.58 -85.92
N SER W 72 40.94 29.89 -85.69
CA SER W 72 40.50 30.39 -84.39
C SER W 72 39.08 29.96 -84.09
N LEU W 73 38.19 30.05 -85.08
CA LEU W 73 36.79 29.70 -84.86
C LEU W 73 36.62 28.20 -84.64
N ARG W 74 37.33 27.38 -85.42
CA ARG W 74 37.20 25.93 -85.26
C ARG W 74 37.84 25.46 -83.95
N ALA W 75 38.88 26.14 -83.49
CA ALA W 75 39.45 25.81 -82.19
C ALA W 75 38.52 26.24 -81.06
N TYR W 76 37.83 27.37 -81.24
CA TYR W 76 36.90 27.84 -80.22
C TYR W 76 35.72 26.89 -80.08
N PHE W 77 35.17 26.41 -81.20
CA PHE W 77 34.00 25.55 -81.14
C PHE W 77 34.34 24.13 -80.70
N ILE W 78 35.50 23.62 -81.09
CA ILE W 78 35.88 22.27 -80.70
C ILE W 78 36.10 22.15 -79.20
N ASN W 79 36.37 23.26 -78.52
CA ASN W 79 36.50 23.28 -77.08
C ASN W 79 35.19 23.55 -76.37
N GLY W 80 34.09 23.63 -77.12
CA GLY W 80 32.80 24.00 -76.56
C GLY W 80 32.58 25.51 -76.61
N GLY W 81 31.31 25.89 -76.53
CA GLY W 81 30.97 27.30 -76.55
C GLY W 81 29.61 27.52 -77.20
N GLY W 82 29.29 28.78 -77.40
CA GLY W 82 28.03 29.16 -77.98
C GLY W 82 28.18 30.19 -79.07
N TYR W 83 27.13 30.98 -79.31
CA TYR W 83 27.16 31.98 -80.36
C TYR W 83 28.20 33.05 -80.06
N CYS W 84 28.86 33.53 -81.11
CA CYS W 84 29.89 34.55 -80.99
C CYS W 84 29.69 35.59 -82.08
N TYR W 85 30.24 36.78 -81.84
CA TYR W 85 30.12 37.90 -82.77
C TYR W 85 31.48 38.20 -83.40
N LEU W 86 31.46 38.55 -84.68
CA LEU W 86 32.67 38.97 -85.40
C LEU W 86 32.57 40.46 -85.67
N VAL W 87 33.56 41.21 -85.17
CA VAL W 87 33.60 42.65 -85.32
C VAL W 87 34.99 43.04 -85.81
N GLN W 88 35.06 44.03 -86.70
CA GLN W 88 36.35 44.55 -87.12
C GLN W 88 37.08 45.18 -85.95
N THR W 89 38.42 45.11 -85.99
CA THR W 89 39.22 45.66 -84.90
C THR W 89 39.00 47.16 -84.74
N THR W 90 38.94 47.89 -85.86
CA THR W 90 38.76 49.34 -85.80
C THR W 90 37.36 49.74 -85.33
N ASP W 91 36.39 48.83 -85.34
CA ASP W 91 35.03 49.12 -84.95
C ASP W 91 34.66 48.57 -83.59
N LEU W 92 35.63 48.06 -82.82
CA LEU W 92 35.33 47.47 -81.53
C LEU W 92 34.78 48.50 -80.55
N GLU W 93 35.36 49.70 -80.55
CA GLU W 93 34.92 50.72 -79.60
C GLU W 93 33.50 51.19 -79.89
N LYS W 94 32.99 50.92 -81.09
CA LYS W 94 31.66 51.37 -81.47
C LYS W 94 30.62 50.28 -81.31
N GLN W 95 30.88 49.08 -81.83
CA GLN W 95 29.88 48.03 -81.86
C GLN W 95 29.73 47.34 -80.52
N VAL W 96 30.82 47.17 -79.77
CA VAL W 96 30.75 46.41 -78.52
C VAL W 96 29.80 46.99 -77.50
N PRO W 97 29.82 48.30 -77.21
CA PRO W 97 28.81 48.83 -76.26
C PRO W 97 27.39 48.70 -76.77
N LYS W 98 27.20 48.52 -78.07
CA LYS W 98 25.86 48.37 -78.64
C LYS W 98 25.32 46.96 -78.48
N LEU W 99 26.13 46.01 -78.04
CA LEU W 99 25.71 44.63 -77.82
C LEU W 99 25.75 44.37 -76.31
N ASP W 100 24.58 44.22 -75.71
CA ASP W 100 24.48 44.08 -74.26
C ASP W 100 24.60 42.63 -73.79
N ASP W 101 24.65 41.67 -74.70
CA ASP W 101 24.81 40.27 -74.32
C ASP W 101 26.26 39.82 -74.31
N VAL W 102 27.19 40.68 -74.72
CA VAL W 102 28.59 40.30 -74.81
C VAL W 102 29.23 40.33 -73.44
N THR W 103 30.04 39.31 -73.14
CA THR W 103 30.76 39.22 -71.87
C THR W 103 32.27 39.20 -72.04
N LEU W 104 32.78 38.44 -73.01
CA LEU W 104 34.22 38.28 -73.21
C LEU W 104 34.67 39.02 -74.46
N LEU W 105 35.86 39.56 -74.41
CA LEU W 105 36.50 40.20 -75.56
C LEU W 105 37.76 39.42 -75.89
N VAL W 106 37.80 38.84 -77.09
CA VAL W 106 38.86 37.92 -77.49
C VAL W 106 39.70 38.58 -78.57
N ALA W 107 41.02 38.59 -78.35
CA ALA W 107 41.93 39.20 -79.32
C ALA W 107 41.91 38.44 -80.64
N ALA W 108 41.89 37.10 -80.57
CA ALA W 108 41.85 36.23 -81.75
C ALA W 108 43.05 36.47 -82.66
N GLY W 109 44.20 36.83 -82.09
CA GLY W 109 45.43 36.89 -82.84
C GLY W 109 45.75 38.20 -83.52
N GLU W 110 45.36 39.34 -82.94
CA GLU W 110 45.75 40.63 -83.48
C GLU W 110 45.65 41.68 -82.38
N ASN W 111 46.27 42.83 -82.62
CA ASN W 111 46.41 43.86 -81.60
C ASN W 111 45.06 44.52 -81.33
N ILE W 112 44.53 44.30 -80.14
CA ILE W 112 43.26 44.89 -79.70
C ILE W 112 43.46 45.57 -78.35
N THR W 113 44.69 45.99 -78.08
CA THR W 113 45.00 46.63 -76.80
C THR W 113 44.23 47.94 -76.62
N THR W 114 44.14 48.74 -77.68
CA THR W 114 43.46 50.03 -77.57
C THR W 114 41.98 49.84 -77.21
N ALA W 115 41.34 48.83 -77.79
CA ALA W 115 39.93 48.60 -77.50
C ALA W 115 39.70 48.26 -76.03
N VAL W 116 40.58 47.43 -75.46
CA VAL W 116 40.41 47.01 -74.07
C VAL W 116 40.53 48.19 -73.12
N SER W 117 41.51 49.07 -73.36
CA SER W 117 41.78 50.16 -72.43
C SER W 117 40.58 51.10 -72.33
N THR W 118 39.77 51.19 -73.38
CA THR W 118 38.61 52.07 -73.39
C THR W 118 37.29 51.35 -73.16
N LEU W 119 37.27 50.02 -73.15
CA LEU W 119 36.05 49.25 -72.97
C LEU W 119 35.98 48.54 -71.62
N CYS W 120 37.02 47.81 -71.25
CA CYS W 120 37.03 47.04 -70.00
C CYS W 120 37.30 47.99 -68.84
N LYS W 121 36.25 48.52 -68.26
CA LYS W 121 36.33 49.46 -67.15
C LYS W 121 35.37 48.98 -66.06
N PRO W 122 35.59 49.41 -64.81
CA PRO W 122 34.72 48.96 -63.72
C PRO W 122 33.26 49.29 -63.99
N GLY W 123 32.39 48.33 -63.71
CA GLY W 123 30.97 48.47 -63.92
C GLY W 123 30.48 48.11 -65.31
N LYS W 124 31.38 47.98 -66.29
CA LYS W 124 30.98 47.65 -67.65
C LYS W 124 30.62 46.18 -67.80
N GLY W 125 31.23 45.29 -67.01
CA GLY W 125 30.92 43.87 -67.08
C GLY W 125 31.67 43.10 -68.14
N LEU W 126 32.72 43.66 -68.72
CA LEU W 126 33.46 42.98 -69.78
C LEU W 126 34.74 42.37 -69.23
N PHE W 127 35.34 41.49 -70.04
CA PHE W 127 36.61 40.85 -69.71
C PHE W 127 37.34 40.53 -71.01
N ALA W 128 38.67 40.56 -70.94
CA ALA W 128 39.51 40.42 -72.11
C ALA W 128 40.45 39.23 -71.98
N ILE W 129 40.72 38.59 -73.12
CA ILE W 129 41.69 37.50 -73.21
C ILE W 129 42.72 37.88 -74.27
N PHE W 130 43.99 37.92 -73.87
CA PHE W 130 45.07 38.35 -74.75
C PHE W 130 45.84 37.15 -75.28
N ASP W 131 46.81 37.44 -76.16
CA ASP W 131 47.71 36.44 -76.71
C ASP W 131 49.12 36.76 -76.26
N GLY W 132 49.85 35.73 -75.81
CA GLY W 132 51.20 35.91 -75.37
C GLY W 132 52.15 36.07 -76.54
N PRO W 133 53.42 36.34 -76.24
CA PRO W 133 54.42 36.50 -77.30
C PRO W 133 54.59 35.23 -78.10
N THR W 134 54.90 35.40 -79.39
CA THR W 134 55.05 34.27 -80.30
C THR W 134 56.42 33.62 -80.24
N THR W 135 57.40 34.27 -79.62
CA THR W 135 58.77 33.81 -79.61
C THR W 135 59.06 32.99 -78.36
N GLU W 136 60.32 32.67 -78.15
CA GLU W 136 60.75 32.00 -76.92
C GLU W 136 60.50 32.91 -75.72
N LEU W 137 60.09 32.30 -74.60
CA LEU W 137 59.91 33.03 -73.37
C LEU W 137 61.29 33.32 -72.79
N LYS W 138 61.67 34.59 -72.80
CA LYS W 138 63.02 34.97 -72.41
C LYS W 138 63.22 34.71 -70.92
N SER W 139 64.43 34.23 -70.56
CA SER W 139 64.63 33.57 -69.27
C SER W 139 64.56 34.55 -68.11
N ASP W 140 65.02 35.79 -68.29
CA ASP W 140 65.12 36.69 -67.16
C ASP W 140 63.77 37.16 -66.64
N GLY W 141 62.69 36.89 -67.37
CA GLY W 141 61.35 37.19 -66.88
C GLY W 141 60.81 38.56 -67.22
N THR W 142 61.38 39.23 -68.23
CA THR W 142 60.94 40.57 -68.59
C THR W 142 60.11 40.60 -69.88
N SER W 143 59.73 39.43 -70.41
CA SER W 143 58.95 39.41 -71.65
C SER W 143 57.46 39.55 -71.37
N ASN W 144 57.10 40.55 -70.58
CA ASN W 144 55.70 40.91 -70.35
C ASN W 144 55.50 42.41 -70.19
N SER W 145 56.54 43.23 -70.42
CA SER W 145 56.45 44.66 -70.13
C SER W 145 55.47 45.36 -71.06
N ASP W 146 55.27 44.84 -72.27
CA ASP W 146 54.39 45.51 -73.22
C ASP W 146 52.95 45.54 -72.73
N TYR W 147 52.54 44.58 -71.91
CA TYR W 147 51.16 44.50 -71.47
C TYR W 147 50.89 45.50 -70.35
N ASP W 148 49.69 46.06 -70.37
CA ASP W 148 49.20 47.06 -69.42
C ASP W 148 48.52 46.37 -68.24
N PRO W 149 48.93 46.65 -67.00
CA PRO W 149 48.35 45.95 -65.85
C PRO W 149 46.88 46.29 -65.61
N ASN W 150 46.01 45.72 -66.44
CA ASN W 150 44.56 45.89 -66.34
C ASN W 150 43.96 44.73 -65.57
N PRO W 151 43.22 44.97 -64.48
CA PRO W 151 42.60 43.86 -63.73
C PRO W 151 41.47 43.18 -64.46
N PHE W 152 41.15 43.58 -65.69
CA PHE W 152 40.10 42.96 -66.47
C PHE W 152 40.62 42.14 -67.64
N ALA W 153 41.90 41.77 -67.62
CA ALA W 153 42.52 41.09 -68.75
C ALA W 153 43.40 39.94 -68.25
N ALA W 154 43.62 38.98 -69.14
CA ALA W 154 44.49 37.85 -68.87
C ALA W 154 45.25 37.50 -70.14
N VAL W 155 46.44 36.93 -69.96
CA VAL W 155 47.33 36.57 -71.06
C VAL W 155 47.63 35.09 -70.98
N TYR W 156 47.58 34.40 -72.11
CA TYR W 156 47.84 32.97 -72.18
C TYR W 156 48.96 32.69 -73.17
N TYR W 157 49.88 31.81 -72.77
CA TYR W 157 51.06 31.45 -73.54
C TYR W 157 51.26 29.94 -73.45
N PRO W 158 51.73 29.29 -74.52
CA PRO W 158 52.07 29.83 -75.84
C PRO W 158 50.98 29.54 -76.87
N TRP W 159 51.24 29.86 -78.13
CA TRP W 159 50.31 29.55 -79.20
C TRP W 159 50.24 28.06 -79.44
N LEU W 160 49.08 27.59 -79.89
CA LEU W 160 48.82 26.16 -80.03
C LEU W 160 48.96 25.73 -81.48
N THR W 161 49.24 24.45 -81.68
CA THR W 161 49.34 23.84 -82.99
C THR W 161 48.56 22.55 -83.02
N ALA W 162 48.10 22.16 -84.22
CA ALA W 162 47.33 20.95 -84.40
C ALA W 162 47.72 20.29 -85.70
N ASP W 163 47.15 19.10 -85.94
CA ASP W 163 47.47 18.37 -87.17
C ASP W 163 47.00 19.11 -88.41
N TRP W 164 45.80 19.71 -88.34
CA TRP W 164 45.27 20.41 -89.51
C TRP W 164 46.01 21.72 -89.79
N THR W 165 46.69 22.29 -88.81
CA THR W 165 47.48 23.49 -89.06
C THR W 165 48.68 23.16 -89.93
N THR W 166 48.99 24.07 -90.86
CA THR W 166 50.07 23.87 -91.82
C THR W 166 51.21 24.84 -91.61
N THR W 167 50.94 26.15 -91.59
CA THR W 167 52.01 27.13 -91.45
C THR W 167 51.67 28.28 -90.50
N ILE W 168 50.47 28.31 -89.93
CA ILE W 168 50.07 29.37 -89.01
C ILE W 168 49.51 28.72 -87.76
N ASP W 169 50.00 29.14 -86.59
CA ASP W 169 49.61 28.53 -85.33
C ASP W 169 48.37 29.21 -84.77
N ILE W 170 47.54 28.41 -84.10
CA ILE W 170 46.29 28.92 -83.51
C ILE W 170 46.62 29.84 -82.35
N PRO W 171 46.08 31.06 -82.31
CA PRO W 171 46.25 31.92 -81.13
C PRO W 171 45.61 31.27 -79.92
N PRO W 172 46.27 31.37 -78.76
CA PRO W 172 45.73 30.70 -77.56
C PRO W 172 44.39 31.24 -77.10
N SER W 173 44.12 32.53 -77.30
CA SER W 173 42.88 33.11 -76.79
C SER W 173 41.66 32.50 -77.44
N ALA W 174 41.78 32.01 -78.68
CA ALA W 174 40.63 31.40 -79.35
C ALA W 174 40.21 30.12 -78.64
N ALA W 175 41.18 29.28 -78.27
CA ALA W 175 40.85 28.04 -77.59
C ALA W 175 40.44 28.27 -76.14
N ILE W 176 41.06 29.25 -75.48
CA ILE W 176 40.74 29.53 -74.08
C ILE W 176 39.30 30.01 -73.95
N ALA W 177 38.84 30.81 -74.91
CA ALA W 177 37.46 31.32 -74.85
C ALA W 177 36.46 30.17 -74.82
N GLY W 178 36.74 29.09 -75.54
CA GLY W 178 35.89 27.92 -75.46
C GLY W 178 35.94 27.25 -74.09
N VAL W 179 37.11 27.25 -73.46
CA VAL W 179 37.25 26.64 -72.15
C VAL W 179 36.42 27.39 -71.12
N TYR W 180 36.31 28.71 -71.27
CA TYR W 180 35.53 29.50 -70.33
C TYR W 180 34.07 29.08 -70.34
N CYS W 181 33.51 28.84 -71.53
CA CYS W 181 32.10 28.45 -71.62
C CYS W 181 31.88 27.06 -71.04
N SER W 182 32.77 26.12 -71.34
CA SER W 182 32.59 24.75 -70.84
C SER W 182 32.69 24.71 -69.32
N VAL W 183 33.65 25.43 -68.75
CA VAL W 183 33.79 25.45 -67.30
C VAL W 183 32.59 26.13 -66.65
N ASP W 184 32.12 27.24 -67.24
CA ASP W 184 30.98 27.95 -66.69
C ASP W 184 29.73 27.08 -66.70
N SER W 185 29.52 26.34 -67.79
CA SER W 185 28.30 25.52 -67.90
C SER W 185 28.32 24.36 -66.92
N THR W 186 29.49 23.77 -66.67
CA THR W 186 29.59 22.56 -65.87
C THR W 186 29.77 22.87 -64.39
N ARG W 187 30.74 23.71 -64.04
CA ARG W 187 31.10 23.94 -62.65
C ARG W 187 30.68 25.30 -62.11
N GLY W 188 30.61 26.32 -62.97
CA GLY W 188 30.20 27.63 -62.52
C GLY W 188 31.22 28.71 -62.81
N VAL W 189 30.77 29.97 -62.83
CA VAL W 189 31.67 31.09 -63.15
C VAL W 189 32.69 31.31 -62.04
N TRP W 190 32.43 30.82 -60.83
CA TRP W 190 33.37 31.01 -59.72
C TRP W 190 34.50 29.99 -59.73
N LYS W 191 34.38 28.91 -60.51
CA LYS W 191 35.43 27.91 -60.57
C LYS W 191 36.52 28.36 -61.54
N ALA W 192 37.77 28.13 -61.15
CA ALA W 192 38.89 28.59 -61.96
C ALA W 192 38.91 27.86 -63.30
N PRO W 193 39.02 28.56 -64.42
CA PRO W 193 39.16 27.91 -65.73
C PRO W 193 40.57 27.38 -65.96
N ALA W 194 41.05 26.59 -65.02
CA ALA W 194 42.38 26.01 -65.08
C ALA W 194 42.31 24.57 -64.61
N ASN W 195 43.39 23.83 -64.85
CA ASN W 195 43.45 22.40 -64.55
C ASN W 195 42.34 21.65 -65.27
N VAL W 196 42.06 22.08 -66.49
CA VAL W 196 41.03 21.45 -67.33
C VAL W 196 41.65 21.15 -68.68
N PRO W 197 41.28 20.05 -69.33
CA PRO W 197 41.91 19.67 -70.60
C PRO W 197 41.46 20.55 -71.74
N ILE W 198 42.30 20.59 -72.77
CA ILE W 198 41.98 21.25 -74.03
C ILE W 198 41.40 20.19 -74.96
N GLN W 199 40.14 20.36 -75.34
CA GLN W 199 39.38 19.26 -75.93
C GLN W 199 39.71 19.03 -77.40
N GLY W 200 40.36 19.99 -78.05
CA GLY W 200 40.57 19.91 -79.48
C GLY W 200 41.72 19.06 -79.95
N GLY W 201 42.43 18.39 -79.04
CA GLY W 201 43.62 17.66 -79.43
C GLY W 201 44.73 18.58 -79.91
N LEU W 202 44.84 19.76 -79.31
CA LEU W 202 45.84 20.74 -79.68
C LEU W 202 47.10 20.53 -78.84
N GLN W 203 48.23 21.05 -79.33
CA GLN W 203 49.49 20.91 -78.64
C GLN W 203 50.16 22.27 -78.50
N PRO W 204 50.78 22.54 -77.35
CA PRO W 204 51.54 23.78 -77.21
C PRO W 204 52.74 23.80 -78.14
N LYS W 205 53.07 24.99 -78.64
CA LYS W 205 54.16 25.11 -79.59
C LYS W 205 55.51 24.95 -78.92
N TYR W 206 55.69 25.50 -77.72
CA TYR W 206 56.93 25.38 -76.99
C TYR W 206 56.68 24.78 -75.61
N PRO W 207 57.55 23.88 -75.16
CA PRO W 207 57.42 23.35 -73.80
C PRO W 207 57.78 24.40 -72.76
N VAL W 208 57.15 24.29 -71.60
CA VAL W 208 57.39 25.20 -70.48
C VAL W 208 57.74 24.36 -69.26
N THR W 209 58.92 24.60 -68.71
CA THR W 209 59.37 23.89 -67.52
C THR W 209 58.70 24.48 -66.27
N ASP W 210 58.82 23.74 -65.17
CA ASP W 210 58.24 24.20 -63.92
C ASP W 210 58.90 25.48 -63.43
N ASP W 211 60.22 25.58 -63.59
CA ASP W 211 60.94 26.77 -63.15
C ASP W 211 60.53 27.98 -63.99
N LEU W 212 60.42 27.80 -65.31
CA LEU W 212 60.13 28.93 -66.18
C LEU W 212 58.76 29.54 -65.88
N GLN W 213 57.75 28.69 -65.64
CA GLN W 213 56.45 29.21 -65.22
C GLN W 213 56.56 29.97 -63.92
N ALA W 214 57.39 29.48 -63.00
CA ALA W 214 57.55 30.14 -61.70
C ALA W 214 58.06 31.56 -61.85
N GLN W 215 58.78 31.86 -62.92
CA GLN W 215 59.33 33.20 -63.11
C GLN W 215 58.25 34.18 -63.55
N TYR W 216 57.24 33.70 -64.29
CA TYR W 216 56.23 34.55 -64.88
C TYR W 216 54.88 34.47 -64.17
N ASN W 217 54.83 33.88 -62.98
CA ASN W 217 53.57 33.75 -62.27
C ASN W 217 53.32 34.89 -61.29
N GLN W 218 54.14 35.93 -61.31
CA GLN W 218 53.97 37.08 -60.43
C GLN W 218 53.69 38.33 -61.24
N GLY W 219 53.09 39.32 -60.57
CA GLY W 219 52.81 40.59 -61.23
C GLY W 219 51.88 40.39 -62.42
N LYS W 220 52.26 40.96 -63.55
CA LYS W 220 51.53 40.77 -64.80
C LYS W 220 51.81 39.36 -65.30
N ALA W 221 51.09 38.40 -64.71
CA ALA W 221 51.37 36.99 -64.91
C ALA W 221 50.95 36.53 -66.29
N LEU W 222 51.60 35.46 -66.75
CA LEU W 222 51.25 34.76 -67.98
C LEU W 222 50.73 33.37 -67.61
N ASN W 223 49.46 33.13 -67.87
CA ASN W 223 48.92 31.78 -67.67
C ASN W 223 49.43 30.87 -68.77
N MET W 224 49.92 29.70 -68.38
CA MET W 224 50.67 28.82 -69.28
C MET W 224 49.89 27.55 -69.55
N ILE W 225 49.92 27.12 -70.82
CA ILE W 225 49.31 25.87 -71.23
C ILE W 225 50.42 24.84 -71.36
N ARG W 226 50.37 23.80 -70.54
CA ARG W 226 51.45 22.83 -70.43
C ARG W 226 50.92 21.43 -70.65
N THR W 227 51.83 20.54 -71.06
CA THR W 227 51.51 19.13 -71.28
C THR W 227 52.10 18.30 -70.13
N PHE W 228 51.27 17.46 -69.53
CA PHE W 228 51.68 16.63 -68.43
C PHE W 228 51.71 15.16 -68.85
N PRO W 229 52.62 14.36 -68.29
CA PRO W 229 52.76 12.97 -68.77
C PRO W 229 51.50 12.13 -68.62
N LYS W 230 50.71 12.35 -67.57
CA LYS W 230 49.56 11.50 -67.31
C LYS W 230 48.22 12.17 -67.60
N SER W 231 48.19 13.49 -67.79
CA SER W 231 46.94 14.20 -67.99
C SER W 231 46.85 14.91 -69.33
N GLY W 232 47.85 14.78 -70.19
CA GLY W 232 47.78 15.44 -71.49
C GLY W 232 48.03 16.93 -71.36
N THR W 233 47.30 17.71 -72.15
CA THR W 233 47.46 19.16 -72.17
C THR W 233 46.43 19.80 -71.26
N LEU W 234 46.90 20.67 -70.35
CA LEU W 234 46.06 21.31 -69.37
C LEU W 234 46.35 22.80 -69.33
N VAL W 235 45.39 23.57 -68.86
CA VAL W 235 45.54 25.00 -68.67
C VAL W 235 46.01 25.25 -67.24
N TRP W 236 47.20 25.84 -67.11
CA TRP W 236 47.84 26.02 -65.81
C TRP W 236 47.95 27.51 -65.53
N GLY W 237 47.26 27.97 -64.48
CA GLY W 237 47.33 29.37 -64.10
C GLY W 237 46.05 30.13 -64.34
N ALA W 238 45.60 30.89 -63.35
CA ALA W 238 44.35 31.64 -63.44
C ALA W 238 44.53 33.05 -62.87
N ARG W 239 45.62 33.70 -63.22
CA ARG W 239 45.93 35.02 -62.69
C ARG W 239 45.65 36.11 -63.73
N THR W 240 45.18 37.26 -63.24
CA THR W 240 44.95 38.43 -64.07
C THR W 240 46.24 39.23 -64.17
N LEU W 241 46.15 40.45 -64.70
CA LEU W 241 47.30 41.33 -64.86
C LEU W 241 47.50 42.27 -63.67
N GLU W 242 46.67 42.15 -62.64
CA GLU W 242 46.80 42.94 -61.43
C GLU W 242 47.06 42.00 -60.26
N ASP W 243 48.09 42.30 -59.47
CA ASP W 243 48.57 41.38 -58.45
C ASP W 243 48.10 41.73 -57.04
N ASN W 244 47.16 42.66 -56.88
CA ASN W 244 46.65 42.95 -55.55
C ASN W 244 45.66 41.87 -55.12
N ASP W 245 45.38 41.83 -53.82
CA ASP W 245 44.56 40.76 -53.26
C ASP W 245 43.12 40.84 -53.75
N ASN W 246 42.67 42.01 -54.18
CA ASN W 246 41.28 42.16 -54.60
C ASN W 246 40.99 41.39 -55.88
N TRP W 247 41.82 41.56 -56.90
CA TRP W 247 41.55 41.04 -58.24
C TRP W 247 42.75 40.25 -58.76
N ARG W 248 43.36 39.44 -57.91
CA ARG W 248 44.50 38.64 -58.35
C ARG W 248 44.07 37.51 -59.26
N TYR W 249 42.90 36.93 -59.02
CA TYR W 249 42.47 35.71 -59.69
C TYR W 249 41.32 36.00 -60.65
N ILE W 250 41.34 35.27 -61.78
CA ILE W 250 40.27 35.43 -62.77
C ILE W 250 38.89 35.13 -62.20
N PRO W 251 38.67 34.03 -61.47
CA PRO W 251 37.29 33.74 -61.01
C PRO W 251 36.70 34.84 -60.15
N VAL W 252 37.51 35.48 -59.30
CA VAL W 252 36.99 36.54 -58.45
C VAL W 252 36.53 37.72 -59.29
N ARG W 253 37.34 38.10 -60.27
CA ARG W 253 36.98 39.22 -61.15
C ARG W 253 35.77 38.89 -62.01
N ARG W 254 35.71 37.65 -62.52
CA ARG W 254 34.61 37.27 -63.40
C ARG W 254 33.31 37.09 -62.64
N LEU W 255 33.39 36.57 -61.41
CA LEU W 255 32.18 36.40 -60.61
C LEU W 255 31.53 37.74 -60.30
N PHE W 256 32.34 38.75 -59.97
CA PHE W 256 31.79 40.08 -59.72
C PHE W 256 31.23 40.68 -60.99
N ASN W 257 31.85 40.39 -62.13
CA ASN W 257 31.34 40.90 -63.41
C ASN W 257 29.94 40.35 -63.69
N SER W 258 29.73 39.06 -63.45
CA SER W 258 28.42 38.46 -63.69
C SER W 258 27.41 38.91 -62.63
N ALA W 259 27.85 39.01 -61.38
CA ALA W 259 26.94 39.42 -60.32
C ALA W 259 26.45 40.84 -60.52
N GLU W 260 27.34 41.75 -60.92
CA GLU W 260 26.93 43.13 -61.18
C GLU W 260 25.96 43.20 -62.34
N ARG W 261 26.23 42.46 -63.42
CA ARG W 261 25.37 42.51 -64.60
C ARG W 261 23.97 42.00 -64.29
N ASP W 262 23.87 40.89 -63.56
CA ASP W 262 22.57 40.31 -63.25
C ASP W 262 21.73 41.24 -62.37
N ILE W 263 22.35 41.82 -61.35
CA ILE W 263 21.63 42.73 -60.46
C ILE W 263 21.27 44.02 -61.19
N LYS W 264 22.18 44.51 -62.03
CA LYS W 264 21.89 45.75 -62.76
C LYS W 264 20.69 45.60 -63.67
N ASN W 265 20.58 44.45 -64.35
CA ASN W 265 19.42 44.22 -65.21
C ASN W 265 18.14 44.14 -64.40
N ALA W 266 18.20 43.51 -63.22
CA ALA W 266 17.01 43.40 -62.39
C ALA W 266 16.54 44.76 -61.89
N MET W 267 17.47 45.63 -61.49
CA MET W 267 17.11 46.92 -60.93
C MET W 267 16.56 47.89 -61.96
N SER W 268 16.64 47.57 -63.25
CA SER W 268 16.06 48.44 -64.27
C SER W 268 14.54 48.48 -64.21
N PHE W 269 13.92 47.57 -63.46
CA PHE W 269 12.47 47.55 -63.29
C PHE W 269 12.00 48.42 -62.13
N ALA W 270 12.92 49.06 -61.40
CA ALA W 270 12.57 49.88 -60.25
C ALA W 270 13.26 51.24 -60.32
N VAL W 271 13.46 51.76 -61.54
CA VAL W 271 14.18 53.01 -61.69
C VAL W 271 13.36 54.18 -61.13
N PHE W 272 12.09 54.26 -61.49
CA PHE W 272 11.23 55.36 -61.07
C PHE W 272 10.21 54.95 -60.01
N GLU W 273 10.44 53.82 -59.34
CA GLU W 273 9.54 53.40 -58.28
C GLU W 273 9.63 54.37 -57.12
N PRO W 274 8.56 54.51 -56.33
CA PRO W 274 8.63 55.39 -55.15
C PRO W 274 9.76 54.99 -54.22
N ASN W 275 10.45 56.00 -53.70
CA ASN W 275 11.63 55.78 -52.86
C ASN W 275 11.21 55.86 -51.39
N SER W 276 10.58 54.79 -50.92
CA SER W 276 10.09 54.72 -49.55
C SER W 276 10.35 53.31 -49.02
N GLN W 277 9.83 53.04 -47.83
CA GLN W 277 10.07 51.75 -47.18
C GLN W 277 9.56 50.55 -47.97
N PRO W 278 8.33 50.54 -48.51
CA PRO W 278 7.89 49.33 -49.22
C PRO W 278 8.77 48.92 -50.37
N THR W 279 9.33 49.89 -51.11
CA THR W 279 10.23 49.55 -52.21
C THR W 279 11.53 48.98 -51.69
N TRP W 280 12.04 49.51 -50.56
CA TRP W 280 13.29 49.02 -50.02
C TRP W 280 13.19 47.56 -49.59
N GLU W 281 12.04 47.16 -49.05
CA GLU W 281 11.85 45.78 -48.63
C GLU W 281 11.92 44.83 -49.81
N ARG W 282 11.34 45.24 -50.95
CA ARG W 282 11.31 44.35 -52.11
C ARG W 282 12.67 44.24 -52.78
N VAL W 283 13.41 45.35 -52.84
CA VAL W 283 14.76 45.32 -53.42
C VAL W 283 15.67 44.46 -52.58
N ARG W 284 15.62 44.60 -51.25
CA ARG W 284 16.47 43.81 -50.37
C ARG W 284 16.15 42.32 -50.49
N SER W 285 14.85 41.98 -50.54
CA SER W 285 14.46 40.58 -50.64
C SER W 285 14.94 39.96 -51.95
N ALA W 286 14.81 40.70 -53.05
CA ALA W 286 15.22 40.16 -54.35
C ALA W 286 16.72 39.92 -54.40
N VAL W 287 17.51 40.85 -53.88
CA VAL W 287 18.96 40.70 -53.90
C VAL W 287 19.39 39.62 -52.92
N ASN W 288 18.75 39.57 -51.74
CA ASN W 288 19.12 38.56 -50.75
C ASN W 288 18.87 37.15 -51.28
N ASN W 289 17.76 36.95 -52.00
CA ASN W 289 17.47 35.64 -52.56
C ASN W 289 18.52 35.25 -53.59
N TYR W 290 18.95 36.20 -54.43
CA TYR W 290 19.95 35.90 -55.44
C TYR W 290 21.28 35.54 -54.81
N LEU W 291 21.70 36.31 -53.81
CA LEU W 291 22.98 36.03 -53.15
C LEU W 291 22.92 34.74 -52.35
N TYR W 292 21.77 34.42 -51.78
CA TYR W 292 21.61 33.15 -51.07
C TYR W 292 21.76 31.98 -52.04
N SER W 293 21.28 32.15 -53.27
CA SER W 293 21.44 31.10 -54.28
C SER W 293 22.91 30.88 -54.62
N LEU W 294 23.68 31.97 -54.74
CA LEU W 294 25.10 31.84 -55.05
C LEU W 294 25.85 31.13 -53.93
N TRP W 295 25.52 31.46 -52.68
CA TRP W 295 26.19 30.83 -51.54
C TRP W 295 25.86 29.35 -51.46
N GLN W 296 24.61 28.99 -51.78
CA GLN W 296 24.23 27.58 -51.75
C GLN W 296 25.00 26.78 -52.79
N GLN W 297 25.19 27.34 -53.99
CA GLN W 297 25.93 26.64 -55.03
C GLN W 297 27.43 26.57 -54.74
N GLY W 298 27.91 27.28 -53.74
CA GLY W 298 29.32 27.27 -53.40
C GLY W 298 30.13 28.41 -53.96
N GLY W 299 29.50 29.42 -54.55
CA GLY W 299 30.23 30.55 -55.11
C GLY W 299 30.77 31.52 -54.09
N LEU W 300 30.21 31.55 -52.88
CA LEU W 300 30.65 32.43 -51.81
C LEU W 300 31.08 31.59 -50.61
N ALA W 301 32.12 32.04 -49.93
CA ALA W 301 32.70 31.32 -48.81
C ALA W 301 32.15 31.88 -47.49
N GLY W 302 31.69 30.99 -46.63
CA GLY W 302 31.18 31.40 -45.34
C GLY W 302 30.41 30.30 -44.62
N ASN W 303 30.52 30.27 -43.29
CA ASN W 303 29.79 29.27 -42.52
C ASN W 303 28.31 29.59 -42.46
N LYS W 304 27.96 30.86 -42.36
CA LYS W 304 26.59 31.34 -42.29
C LYS W 304 26.38 32.39 -43.36
N PRO W 305 25.12 32.61 -43.77
CA PRO W 305 24.87 33.59 -44.85
C PRO W 305 25.42 34.99 -44.54
N ASP W 306 25.37 35.42 -43.28
CA ASP W 306 25.86 36.75 -42.96
C ASP W 306 27.39 36.82 -42.96
N ASP W 307 28.08 35.69 -43.04
CA ASP W 307 29.52 35.69 -43.29
C ASP W 307 29.86 35.77 -44.77
N ALA W 308 28.90 35.54 -45.66
CA ALA W 308 29.17 35.51 -47.09
C ALA W 308 28.74 36.77 -47.81
N TYR W 309 27.69 37.44 -47.35
CA TYR W 309 27.19 38.63 -48.03
C TYR W 309 26.36 39.45 -47.06
N PHE W 310 26.14 40.71 -47.43
CA PHE W 310 25.23 41.58 -46.71
C PHE W 310 24.66 42.60 -47.67
N VAL W 311 23.42 43.01 -47.42
CA VAL W 311 22.74 44.01 -48.22
C VAL W 311 22.20 45.09 -47.28
N GLN W 312 22.49 46.35 -47.59
CA GLN W 312 22.05 47.47 -46.77
C GLN W 312 21.35 48.50 -47.65
N ILE W 313 20.15 48.89 -47.23
CA ILE W 313 19.42 49.97 -47.88
C ILE W 313 18.37 50.47 -46.88
N GLY W 314 18.30 51.78 -46.72
CA GLY W 314 17.37 52.33 -45.76
C GLY W 314 17.48 53.84 -45.67
N LYS W 315 16.64 54.40 -44.79
CA LYS W 315 16.55 55.84 -44.64
C LYS W 315 17.77 56.43 -43.92
N ASP W 316 18.33 55.69 -42.96
CA ASP W 316 19.49 56.16 -42.21
C ASP W 316 20.67 55.22 -42.30
N ILE W 317 20.67 54.27 -43.23
CA ILE W 317 21.73 53.28 -43.34
C ILE W 317 22.66 53.59 -44.51
N THR W 318 22.10 53.89 -45.68
CA THR W 318 22.90 54.11 -46.88
C THR W 318 22.72 55.48 -47.51
N MET W 319 21.56 56.11 -47.37
CA MET W 319 21.30 57.40 -47.95
C MET W 319 20.77 58.34 -46.88
N THR W 320 20.93 59.64 -47.13
CA THR W 320 20.48 60.67 -46.21
C THR W 320 19.21 61.33 -46.73
N ASP W 321 18.71 62.32 -45.98
CA ASP W 321 17.51 63.03 -46.40
C ASP W 321 17.72 63.79 -47.69
N ASP W 322 18.89 64.43 -47.84
CA ASP W 322 19.16 65.19 -49.06
C ASP W 322 19.36 64.26 -50.26
N ASP W 323 19.84 63.04 -50.02
CA ASP W 323 19.96 62.06 -51.10
C ASP W 323 18.59 61.70 -51.66
N ILE W 324 17.60 61.48 -50.79
CA ILE W 324 16.27 61.11 -51.23
C ILE W 324 15.64 62.26 -52.02
N LYS W 325 15.78 63.49 -51.53
CA LYS W 325 15.18 64.64 -52.21
C LYS W 325 15.79 64.89 -53.58
N GLN W 326 16.97 64.35 -53.85
CA GLN W 326 17.62 64.48 -55.15
C GLN W 326 17.42 63.25 -56.03
N GLY W 327 16.56 62.31 -55.60
CA GLY W 327 16.26 61.16 -56.42
C GLY W 327 17.32 60.09 -56.47
N LYS W 328 18.01 59.83 -55.35
CA LYS W 328 19.05 58.83 -55.29
C LYS W 328 18.65 57.71 -54.33
N MET W 329 18.66 56.49 -54.83
CA MET W 329 18.50 55.30 -54.01
C MET W 329 19.82 54.54 -54.04
N ILE W 330 20.40 54.30 -52.87
CA ILE W 330 21.75 53.77 -52.74
C ILE W 330 21.69 52.43 -52.04
N ILE W 331 22.30 51.42 -52.65
CA ILE W 331 22.36 50.07 -52.09
C ILE W 331 23.82 49.66 -51.99
N LYS W 332 24.22 49.22 -50.80
CA LYS W 332 25.57 48.71 -50.56
C LYS W 332 25.52 47.20 -50.49
N ILE W 333 26.34 46.54 -51.32
CA ILE W 333 26.35 45.09 -51.43
C ILE W 333 27.76 44.59 -51.17
N GLY W 334 27.89 43.64 -50.25
CA GLY W 334 29.16 43.00 -49.96
C GLY W 334 29.11 41.54 -50.34
N MET W 335 30.24 41.02 -50.79
CA MET W 335 30.31 39.64 -51.26
C MET W 335 31.67 39.06 -50.92
N ALA W 336 31.69 37.82 -50.46
CA ALA W 336 32.93 37.10 -50.13
C ALA W 336 33.15 36.04 -51.19
N ALA W 337 33.85 36.40 -52.25
CA ALA W 337 34.07 35.49 -53.36
C ALA W 337 35.03 34.37 -52.97
N VAL W 338 34.84 33.21 -53.60
CA VAL W 338 35.68 32.05 -53.35
C VAL W 338 36.92 32.13 -54.24
N ARG W 339 38.09 31.86 -53.65
CA ARG W 339 39.34 31.98 -54.37
C ARG W 339 39.94 30.60 -54.65
N PRO W 340 40.71 30.46 -55.72
CA PRO W 340 41.27 29.14 -56.05
C PRO W 340 42.32 28.71 -55.06
N ALA W 341 42.55 27.40 -55.00
CA ALA W 341 43.63 26.82 -54.19
C ALA W 341 44.84 26.60 -55.09
N GLU W 342 45.49 27.71 -55.44
CA GLU W 342 46.57 27.67 -56.42
C GLU W 342 47.72 26.80 -55.95
N PHE W 343 48.11 26.93 -54.69
CA PHE W 343 49.20 26.15 -54.12
C PHE W 343 48.66 25.26 -53.01
N ILE W 344 48.97 23.97 -53.08
CA ILE W 344 48.58 23.00 -52.07
C ILE W 344 49.83 22.57 -51.34
N ILE W 345 49.86 22.78 -50.02
CA ILE W 345 51.02 22.51 -49.20
C ILE W 345 50.65 21.41 -48.21
N LEU W 346 51.37 20.30 -48.27
CA LEU W 346 51.17 19.18 -47.37
C LEU W 346 52.33 19.11 -46.40
N GLN W 347 52.03 19.03 -45.11
CA GLN W 347 53.06 18.98 -44.08
C GLN W 347 52.91 17.69 -43.28
N PHE W 348 54.00 16.93 -43.19
CA PHE W 348 54.02 15.66 -42.49
C PHE W 348 54.84 15.78 -41.21
N THR W 349 54.48 14.97 -40.23
CA THR W 349 55.14 15.01 -38.93
C THR W 349 55.64 13.63 -38.51
N THR X 2 -55.65 56.01 -5.27
CA THR X 2 -55.85 56.26 -3.85
C THR X 2 -57.30 55.96 -3.45
N THR X 3 -57.59 54.67 -3.25
CA THR X 3 -58.92 54.27 -2.80
C THR X 3 -59.19 54.83 -1.41
N ILE X 4 -60.36 55.44 -1.25
CA ILE X 4 -60.76 56.03 0.02
C ILE X 4 -61.64 55.05 0.76
N THR X 5 -61.20 54.61 1.93
CA THR X 5 -61.94 53.64 2.73
C THR X 5 -62.97 54.38 3.58
N THR X 6 -64.25 54.09 3.33
CA THR X 6 -65.35 54.73 4.03
C THR X 6 -66.29 53.75 4.72
N TYR X 7 -66.55 52.60 4.12
CA TYR X 7 -67.42 51.59 4.71
C TYR X 7 -66.67 50.26 4.82
N PRO X 8 -67.02 49.44 5.82
CA PRO X 8 -66.38 48.13 5.93
C PRO X 8 -66.81 47.22 4.78
N GLY X 9 -65.82 46.70 4.06
CA GLY X 9 -66.10 45.87 2.91
C GLY X 9 -64.82 45.54 2.16
N VAL X 10 -64.99 45.07 0.93
CA VAL X 10 -63.88 44.69 0.06
C VAL X 10 -63.81 45.69 -1.08
N TYR X 11 -62.61 46.16 -1.38
CA TYR X 11 -62.39 47.18 -2.40
C TYR X 11 -61.55 46.62 -3.54
N ILE X 12 -61.98 46.87 -4.77
CA ILE X 12 -61.33 46.38 -5.97
C ILE X 12 -60.95 47.56 -6.83
N GLU X 13 -59.71 47.59 -7.30
CA GLU X 13 -59.25 48.54 -8.31
C GLU X 13 -58.16 47.90 -9.16
N GLU X 14 -57.85 48.54 -10.28
CA GLU X 14 -56.90 48.03 -11.25
C GLU X 14 -55.65 48.89 -11.24
N ASP X 15 -54.51 48.29 -11.58
CA ASP X 15 -53.29 49.06 -11.76
C ASP X 15 -53.43 49.92 -13.01
N ALA X 16 -53.24 51.22 -12.85
CA ALA X 16 -53.44 52.18 -13.93
C ALA X 16 -52.14 52.79 -14.42
N SER X 17 -50.99 52.27 -14.00
CA SER X 17 -49.73 52.76 -14.51
C SER X 17 -49.62 52.49 -16.01
N LEU X 18 -49.02 53.43 -16.73
CA LEU X 18 -48.99 53.35 -18.18
C LEU X 18 -48.12 52.19 -18.67
N SER X 19 -48.59 51.51 -19.70
CA SER X 19 -47.83 50.48 -20.39
C SER X 19 -47.55 50.99 -21.80
N LEU X 20 -46.27 50.98 -22.17
CA LEU X 20 -45.81 51.65 -23.39
C LEU X 20 -45.14 50.64 -24.31
N SER X 21 -45.47 50.70 -25.59
CA SER X 21 -44.85 49.85 -26.58
C SER X 21 -44.96 50.53 -27.94
N VAL X 22 -43.96 50.30 -28.79
CA VAL X 22 -43.89 50.89 -30.11
C VAL X 22 -44.32 49.85 -31.14
N SER X 23 -45.26 50.23 -31.99
CA SER X 23 -45.79 49.36 -33.03
C SER X 23 -45.41 49.90 -34.40
N SER X 24 -45.17 49.00 -35.34
CA SER X 24 -44.74 49.39 -36.68
C SER X 24 -45.93 49.79 -37.53
N SER X 25 -45.82 50.94 -38.19
CA SER X 25 -46.87 51.44 -39.06
C SER X 25 -46.48 51.19 -40.52
N ALA X 26 -47.46 51.20 -41.41
CA ALA X 26 -47.23 51.00 -42.83
C ALA X 26 -46.35 52.14 -43.36
N THR X 27 -45.36 51.79 -44.16
CA THR X 27 -44.34 52.75 -44.59
C THR X 27 -44.41 53.05 -46.09
N ALA X 28 -45.50 52.70 -46.74
CA ALA X 28 -45.61 52.87 -48.18
C ALA X 28 -46.98 53.36 -48.65
N VAL X 29 -47.64 54.21 -47.88
CA VAL X 29 -48.94 54.75 -48.29
C VAL X 29 -48.72 56.01 -49.12
N PRO X 30 -49.01 55.99 -50.42
CA PRO X 30 -48.78 57.16 -51.26
C PRO X 30 -50.02 58.03 -51.43
N VAL X 31 -49.78 59.26 -51.87
CA VAL X 31 -50.83 60.18 -52.30
C VAL X 31 -50.53 60.61 -53.72
N PHE X 32 -51.51 60.44 -54.61
CA PHE X 32 -51.35 60.78 -56.02
C PHE X 32 -51.99 62.12 -56.30
N ALA X 33 -51.29 62.92 -57.11
CA ALA X 33 -51.80 64.22 -57.54
C ALA X 33 -52.64 64.04 -58.79
N VAL X 34 -53.76 64.76 -58.85
CA VAL X 34 -54.70 64.70 -59.97
C VAL X 34 -54.88 66.08 -60.55
N ALA X 35 -55.01 66.16 -61.86
CA ALA X 35 -55.25 67.44 -62.51
C ALA X 35 -56.63 67.97 -62.12
N GLY X 36 -56.77 69.30 -62.24
CA GLY X 36 -58.00 69.94 -61.82
C GLY X 36 -59.21 69.53 -62.64
N ASP X 37 -59.02 69.26 -63.93
CA ASP X 37 -60.13 68.98 -64.82
C ASP X 37 -60.67 67.56 -64.72
N ASN X 38 -60.03 66.69 -63.94
CA ASN X 38 -60.50 65.32 -63.84
C ASN X 38 -61.86 65.28 -63.14
N PRO X 39 -62.88 64.68 -63.76
CA PRO X 39 -64.22 64.70 -63.14
C PRO X 39 -64.34 63.84 -61.91
N LEU X 40 -63.52 62.79 -61.79
CA LEU X 40 -63.63 61.90 -60.64
C LEU X 40 -63.30 62.63 -59.34
N ILE X 41 -62.26 63.45 -59.33
CA ILE X 41 -61.83 64.13 -58.13
C ILE X 41 -62.62 65.41 -57.84
N SER X 42 -63.29 65.96 -58.86
CA SER X 42 -63.98 67.24 -58.69
C SER X 42 -65.13 67.09 -57.70
N GLY X 43 -65.27 68.08 -56.83
CA GLY X 43 -66.37 68.10 -55.87
C GLY X 43 -66.15 67.26 -54.64
N LYS X 44 -64.95 66.72 -54.44
CA LYS X 44 -64.67 65.89 -53.27
C LYS X 44 -63.29 66.26 -52.75
N PRO X 45 -63.06 66.14 -51.43
CA PRO X 45 -61.74 66.46 -50.89
C PRO X 45 -60.68 65.45 -51.31
N TYR X 46 -61.00 64.17 -51.22
CA TYR X 46 -60.06 63.12 -51.58
C TYR X 46 -60.83 61.83 -51.83
N ILE X 47 -60.18 60.89 -52.51
CA ILE X 47 -60.74 59.58 -52.80
C ILE X 47 -59.73 58.53 -52.40
N ARG X 48 -60.17 57.53 -51.63
CA ARG X 48 -59.32 56.42 -51.22
C ARG X 48 -59.64 55.21 -52.09
N ILE X 49 -58.61 54.68 -52.74
CA ILE X 49 -58.75 53.54 -53.64
C ILE X 49 -57.87 52.41 -53.12
N SER X 50 -58.44 51.22 -52.99
CA SER X 50 -57.76 50.08 -52.39
C SER X 50 -57.35 49.02 -53.39
N ASN X 51 -57.82 49.08 -54.63
CA ASN X 51 -57.50 48.06 -55.61
C ASN X 51 -57.71 48.62 -57.01
N TRP X 52 -57.05 47.99 -57.98
CA TRP X 52 -57.21 48.42 -59.37
C TRP X 52 -58.64 48.22 -59.85
N LEU X 53 -59.26 47.08 -59.50
CA LEU X 53 -60.65 46.86 -59.85
C LEU X 53 -61.56 47.87 -59.18
N GLU X 54 -61.22 48.30 -57.96
CA GLU X 54 -62.03 49.30 -57.27
C GLU X 54 -62.02 50.63 -58.02
N TYR X 55 -60.87 51.00 -58.59
CA TYR X 55 -60.79 52.25 -59.34
C TYR X 55 -61.71 52.22 -60.55
N LEU X 56 -61.77 51.10 -61.26
CA LEU X 56 -62.69 50.97 -62.37
C LEU X 56 -64.14 51.03 -61.89
N THR X 57 -64.41 50.43 -60.73
CA THR X 57 -65.77 50.51 -60.16
C THR X 57 -66.14 51.94 -59.83
N LEU X 58 -65.21 52.71 -59.27
CA LEU X 58 -65.46 54.13 -59.02
C LEU X 58 -65.68 54.88 -60.34
N LYS X 59 -64.90 54.56 -61.36
CA LYS X 59 -65.16 55.07 -62.70
C LYS X 59 -66.42 54.41 -63.27
N ASN X 60 -66.80 54.86 -64.46
CA ASN X 60 -67.92 54.27 -65.17
C ASN X 60 -67.57 53.84 -66.59
N GLU X 61 -66.38 54.17 -67.07
CA GLU X 61 -65.94 53.79 -68.41
C GLU X 61 -64.93 52.66 -68.33
N GLN X 62 -64.53 52.17 -69.50
CA GLN X 62 -63.48 51.19 -69.59
C GLN X 62 -62.13 51.86 -69.41
N PHE X 63 -61.06 51.07 -69.41
CA PHE X 63 -59.71 51.61 -69.26
C PHE X 63 -59.38 52.52 -70.43
N ASP X 64 -58.89 53.72 -70.12
CA ASP X 64 -58.53 54.70 -71.14
C ASP X 64 -57.02 54.85 -71.18
N PRO X 65 -56.34 54.46 -72.25
CA PRO X 65 -54.89 54.65 -72.33
C PRO X 65 -54.45 56.07 -72.67
N ALA X 66 -55.38 57.01 -72.76
CA ALA X 66 -55.04 58.39 -73.09
C ALA X 66 -55.08 59.32 -71.88
N ASN X 67 -55.59 58.86 -70.74
CA ASN X 67 -55.65 59.67 -69.54
C ASN X 67 -54.52 59.26 -68.59
N THR X 68 -53.80 60.27 -68.08
CA THR X 68 -52.63 59.99 -67.27
C THR X 68 -52.98 59.28 -65.96
N LEU X 69 -54.18 59.52 -65.44
CA LEU X 69 -54.56 58.91 -64.16
C LEU X 69 -54.66 57.39 -64.28
N ASP X 70 -55.27 56.90 -65.38
CA ASP X 70 -55.49 55.46 -65.52
C ASP X 70 -54.18 54.72 -65.68
N ILE X 71 -53.27 55.23 -66.51
CA ILE X 71 -52.00 54.53 -66.73
C ILE X 71 -51.15 54.57 -65.48
N SER X 72 -51.13 55.71 -64.78
CA SER X 72 -50.34 55.82 -63.56
C SER X 72 -50.86 54.87 -62.49
N LEU X 73 -52.18 54.81 -62.32
CA LEU X 73 -52.77 53.94 -61.29
C LEU X 73 -52.57 52.47 -61.64
N ARG X 74 -52.74 52.10 -62.91
CA ARG X 74 -52.54 50.72 -63.31
C ARG X 74 -51.09 50.30 -63.16
N ALA X 75 -50.15 51.16 -63.54
CA ALA X 75 -48.74 50.84 -63.39
C ALA X 75 -48.36 50.74 -61.91
N TYR X 76 -48.98 51.55 -61.06
CA TYR X 76 -48.69 51.49 -59.63
C TYR X 76 -49.15 50.15 -59.04
N PHE X 77 -50.34 49.69 -59.43
CA PHE X 77 -50.85 48.44 -58.85
C PHE X 77 -50.16 47.22 -59.43
N ILE X 78 -49.80 47.26 -60.72
CA ILE X 78 -49.16 46.11 -61.34
C ILE X 78 -47.80 45.82 -60.74
N ASN X 79 -47.16 46.82 -60.13
CA ASN X 79 -45.89 46.64 -59.44
C ASN X 79 -46.07 46.28 -57.97
N GLY X 80 -47.31 46.09 -57.53
CA GLY X 80 -47.59 45.87 -56.13
C GLY X 80 -47.86 47.16 -55.38
N GLY X 81 -48.56 47.04 -54.26
CA GLY X 81 -48.85 48.21 -53.45
C GLY X 81 -50.15 48.01 -52.68
N GLY X 82 -50.57 49.08 -52.02
CA GLY X 82 -51.77 49.06 -51.23
C GLY X 82 -52.69 50.22 -51.54
N TYR X 83 -53.50 50.62 -50.57
CA TYR X 83 -54.45 51.71 -50.78
C TYR X 83 -53.70 53.02 -51.00
N CYS X 84 -54.26 53.87 -51.87
CA CYS X 84 -53.68 55.17 -52.17
C CYS X 84 -54.79 56.21 -52.20
N TYR X 85 -54.40 57.47 -51.98
CA TYR X 85 -55.33 58.58 -51.95
C TYR X 85 -55.12 59.45 -53.19
N LEU X 86 -56.23 59.98 -53.71
CA LEU X 86 -56.18 60.90 -54.85
C LEU X 86 -56.59 62.29 -54.36
N VAL X 87 -55.71 63.26 -54.56
CA VAL X 87 -55.92 64.63 -54.12
C VAL X 87 -55.60 65.57 -55.28
N GLN X 88 -56.38 66.64 -55.41
CA GLN X 88 -56.07 67.66 -56.40
C GLN X 88 -54.74 68.33 -56.07
N THR X 89 -54.04 68.77 -57.12
CA THR X 89 -52.73 69.39 -56.93
C THR X 89 -52.84 70.66 -56.08
N THR X 90 -53.86 71.47 -56.35
CA THR X 90 -54.04 72.72 -55.61
C THR X 90 -54.44 72.50 -54.16
N ASP X 91 -54.89 71.29 -53.79
CA ASP X 91 -55.34 71.00 -52.44
C ASP X 91 -54.36 70.13 -51.66
N LEU X 92 -53.15 69.90 -52.20
CA LEU X 92 -52.19 69.06 -51.51
C LEU X 92 -51.76 69.66 -50.18
N GLU X 93 -51.52 70.98 -50.16
CA GLU X 93 -51.04 71.62 -48.94
C GLU X 93 -52.09 71.59 -47.83
N LYS X 94 -53.36 71.36 -48.18
CA LYS X 94 -54.43 71.35 -47.19
C LYS X 94 -54.79 69.93 -46.76
N GLN X 95 -55.01 69.03 -47.72
CA GLN X 95 -55.53 67.71 -47.41
C GLN X 95 -54.46 66.79 -46.82
N VAL X 96 -53.23 66.91 -47.31
CA VAL X 96 -52.17 65.97 -46.89
C VAL X 96 -51.91 66.01 -45.39
N PRO X 97 -51.76 67.18 -44.75
CA PRO X 97 -51.55 67.17 -43.28
C PRO X 97 -52.74 66.60 -42.52
N LYS X 98 -53.91 66.54 -43.15
CA LYS X 98 -55.10 65.99 -42.48
C LYS X 98 -55.14 64.47 -42.52
N LEU X 99 -54.26 63.83 -43.27
CA LEU X 99 -54.18 62.38 -43.35
C LEU X 99 -52.89 61.94 -42.68
N ASP X 100 -53.02 61.25 -41.54
CA ASP X 100 -51.85 60.88 -40.75
C ASP X 100 -51.26 59.53 -41.13
N ASP X 101 -51.90 58.78 -42.02
CA ASP X 101 -51.35 57.51 -42.48
C ASP X 101 -50.53 57.64 -43.74
N VAL X 102 -50.45 58.83 -44.33
CA VAL X 102 -49.75 59.00 -45.59
C VAL X 102 -48.24 59.07 -45.34
N THR X 103 -47.47 58.39 -46.19
CA THR X 103 -46.03 58.38 -46.10
C THR X 103 -45.35 58.94 -47.35
N LEU X 104 -45.81 58.59 -48.53
CA LEU X 104 -45.19 59.00 -49.78
C LEU X 104 -46.05 60.04 -50.48
N LEU X 105 -45.40 60.92 -51.23
CA LEU X 105 -46.06 61.95 -52.02
C LEU X 105 -45.60 61.78 -53.46
N VAL X 106 -46.52 61.42 -54.35
CA VAL X 106 -46.20 61.02 -55.72
C VAL X 106 -46.68 62.10 -56.68
N ALA X 107 -45.79 62.51 -57.59
CA ALA X 107 -46.16 63.55 -58.56
C ALA X 107 -47.22 63.05 -59.53
N ALA X 108 -47.09 61.80 -59.98
CA ALA X 108 -48.03 61.18 -60.92
C ALA X 108 -48.12 61.97 -62.24
N GLY X 109 -47.05 62.68 -62.59
CA GLY X 109 -46.97 63.31 -63.88
C GLY X 109 -47.41 64.75 -63.95
N GLU X 110 -47.19 65.53 -62.90
CA GLU X 110 -47.50 66.96 -62.93
C GLU X 110 -46.75 67.66 -61.82
N ASN X 111 -46.72 68.99 -61.91
CA ASN X 111 -45.86 69.80 -61.05
C ASN X 111 -46.42 69.86 -59.64
N ILE X 112 -45.64 69.37 -58.67
CA ILE X 112 -46.00 69.41 -57.27
C ILE X 112 -44.87 70.05 -56.47
N THR X 113 -44.02 70.81 -57.16
CA THR X 113 -42.82 71.37 -56.52
C THR X 113 -43.20 72.28 -55.34
N THR X 114 -44.23 73.10 -55.51
CA THR X 114 -44.66 73.97 -54.43
C THR X 114 -45.14 73.17 -53.23
N ALA X 115 -45.93 72.11 -53.48
CA ALA X 115 -46.45 71.31 -52.38
C ALA X 115 -45.33 70.59 -51.63
N VAL X 116 -44.35 70.07 -52.37
CA VAL X 116 -43.27 69.31 -51.73
C VAL X 116 -42.45 70.21 -50.81
N SER X 117 -42.14 71.43 -51.26
CA SER X 117 -41.28 72.32 -50.49
C SER X 117 -41.93 72.69 -49.16
N THR X 118 -43.25 72.80 -49.12
CA THR X 118 -43.95 73.22 -47.92
C THR X 118 -44.44 72.06 -47.06
N LEU X 119 -44.33 70.82 -47.54
CA LEU X 119 -44.81 69.66 -46.79
C LEU X 119 -43.67 68.78 -46.29
N CYS X 120 -42.73 68.43 -47.17
CA CYS X 120 -41.63 67.55 -46.79
C CYS X 120 -40.59 68.35 -46.01
N LYS X 121 -40.73 68.33 -44.69
CA LYS X 121 -39.84 69.05 -43.78
C LYS X 121 -39.44 68.11 -42.67
N PRO X 122 -38.32 68.39 -41.99
CA PRO X 122 -37.87 67.49 -40.92
C PRO X 122 -38.93 67.30 -39.84
N GLY X 123 -39.11 66.04 -39.44
CA GLY X 123 -40.08 65.69 -38.42
C GLY X 123 -41.47 65.39 -38.93
N LYS X 124 -41.80 65.77 -40.16
CA LYS X 124 -43.13 65.53 -40.70
C LYS X 124 -43.34 64.09 -41.11
N GLY X 125 -42.28 63.38 -41.49
CA GLY X 125 -42.39 61.98 -41.88
C GLY X 125 -42.82 61.73 -43.31
N LEU X 126 -42.77 62.74 -44.17
CA LEU X 126 -43.17 62.59 -45.56
C LEU X 126 -41.97 62.37 -46.47
N PHE X 127 -42.25 61.95 -47.70
CA PHE X 127 -41.24 61.75 -48.71
C PHE X 127 -41.87 61.91 -50.08
N ALA X 128 -41.11 62.46 -51.02
CA ALA X 128 -41.63 62.81 -52.33
C ALA X 128 -40.88 62.07 -53.43
N ILE X 129 -41.62 61.72 -54.49
CA ILE X 129 -41.07 61.08 -55.67
C ILE X 129 -41.40 61.95 -56.88
N PHE X 130 -40.38 62.38 -57.59
CA PHE X 130 -40.54 63.29 -58.72
C PHE X 130 -40.47 62.55 -60.04
N ASP X 131 -40.62 63.30 -61.13
CA ASP X 131 -40.51 62.79 -62.48
C ASP X 131 -39.37 63.53 -63.19
N GLY X 132 -38.53 62.78 -63.90
CA GLY X 132 -37.44 63.37 -64.62
C GLY X 132 -37.90 64.05 -65.89
N PRO X 133 -36.98 64.72 -66.57
CA PRO X 133 -37.33 65.40 -67.82
C PRO X 133 -37.79 64.41 -68.87
N THR X 134 -38.69 64.88 -69.73
CA THR X 134 -39.28 64.03 -70.77
C THR X 134 -38.43 63.96 -72.03
N THR X 135 -37.41 64.80 -72.17
CA THR X 135 -36.62 64.88 -73.38
C THR X 135 -35.36 64.02 -73.25
N GLU X 136 -34.47 64.16 -74.22
CA GLU X 136 -33.18 63.49 -74.15
C GLU X 136 -32.35 64.03 -73.00
N LEU X 137 -31.61 63.14 -72.34
CA LEU X 137 -30.71 63.56 -71.26
C LEU X 137 -29.50 64.23 -71.89
N LYS X 138 -29.37 65.53 -71.69
CA LYS X 138 -28.31 66.30 -72.33
C LYS X 138 -26.95 65.89 -71.77
N SER X 139 -25.92 65.94 -72.63
CA SER X 139 -24.67 65.23 -72.36
C SER X 139 -23.84 65.92 -71.29
N ASP X 140 -23.82 67.25 -71.26
CA ASP X 140 -22.92 67.96 -70.36
C ASP X 140 -23.32 67.84 -68.90
N GLY X 141 -24.51 67.31 -68.61
CA GLY X 141 -24.92 67.05 -67.24
C GLY X 141 -25.60 68.19 -66.54
N THR X 142 -26.13 69.16 -67.28
CA THR X 142 -26.78 70.32 -66.68
C THR X 142 -28.30 70.28 -66.75
N SER X 143 -28.89 69.13 -67.10
CA SER X 143 -30.34 69.00 -67.11
C SER X 143 -30.88 68.70 -65.71
N ASN X 144 -30.47 69.52 -64.74
CA ASN X 144 -30.90 69.37 -63.36
C ASN X 144 -31.10 70.68 -62.62
N SER X 145 -30.96 71.82 -63.30
CA SER X 145 -31.02 73.10 -62.59
C SER X 145 -32.40 73.36 -61.99
N ASP X 146 -33.45 72.83 -62.61
CA ASP X 146 -34.81 73.10 -62.14
C ASP X 146 -35.06 72.53 -60.74
N TYR X 147 -34.55 71.33 -60.45
CA TYR X 147 -34.87 70.67 -59.20
C TYR X 147 -34.16 71.32 -58.02
N ASP X 148 -34.86 71.38 -56.90
CA ASP X 148 -34.44 71.98 -55.63
C ASP X 148 -33.77 70.90 -54.78
N PRO X 149 -32.54 71.11 -54.30
CA PRO X 149 -31.86 70.07 -53.53
C PRO X 149 -32.48 69.81 -52.17
N ASN X 150 -33.62 69.10 -52.17
CA ASN X 150 -34.33 68.70 -50.97
C ASN X 150 -33.92 67.30 -50.55
N PRO X 151 -33.48 67.09 -49.32
CA PRO X 151 -33.11 65.73 -48.88
C PRO X 151 -34.29 64.80 -48.67
N PHE X 152 -35.52 65.24 -48.94
CA PHE X 152 -36.71 64.41 -48.79
C PHE X 152 -37.33 64.03 -50.12
N ALA X 153 -36.59 64.17 -51.22
CA ALA X 153 -37.14 63.93 -52.55
C ALA X 153 -36.17 63.11 -53.39
N ALA X 154 -36.72 62.45 -54.39
CA ALA X 154 -35.93 61.68 -55.35
C ALA X 154 -36.54 61.85 -56.74
N VAL X 155 -35.69 61.74 -57.76
CA VAL X 155 -36.09 61.92 -59.15
C VAL X 155 -35.71 60.66 -59.91
N TYR X 156 -36.63 60.20 -60.76
CA TYR X 156 -36.43 58.99 -61.55
C TYR X 156 -36.61 59.30 -63.03
N TYR X 157 -35.71 58.75 -63.85
CA TYR X 157 -35.68 58.97 -65.28
C TYR X 157 -35.37 57.64 -65.95
N PRO X 158 -35.93 57.38 -67.14
CA PRO X 158 -36.90 58.18 -67.90
C PRO X 158 -38.33 57.68 -67.76
N TRP X 159 -39.26 58.29 -68.49
CA TRP X 159 -40.64 57.84 -68.46
C TRP X 159 -40.77 56.48 -69.14
N LEU X 160 -41.72 55.69 -68.67
CA LEU X 160 -41.87 54.30 -69.09
C LEU X 160 -42.95 54.17 -70.15
N THR X 161 -42.83 53.12 -70.96
CA THR X 161 -43.81 52.79 -72.00
C THR X 161 -44.16 51.31 -71.92
N ALA X 162 -45.35 50.98 -72.39
CA ALA X 162 -45.83 49.61 -72.37
C ALA X 162 -46.63 49.35 -73.64
N ASP X 163 -47.06 48.10 -73.81
CA ASP X 163 -47.84 47.72 -74.97
C ASP X 163 -49.19 48.42 -74.98
N TRP X 164 -49.83 48.52 -73.82
CA TRP X 164 -51.17 49.13 -73.76
C TRP X 164 -51.12 50.64 -73.95
N THR X 165 -49.98 51.28 -73.71
CA THR X 165 -49.87 52.71 -73.96
C THR X 165 -49.91 53.01 -75.45
N THR X 166 -50.58 54.10 -75.82
CA THR X 166 -50.77 54.46 -77.22
C THR X 166 -50.04 55.74 -77.60
N THR X 167 -50.27 56.83 -76.88
CA THR X 167 -49.64 58.10 -77.22
C THR X 167 -49.13 58.87 -76.02
N ILE X 168 -49.31 58.38 -74.79
CA ILE X 168 -48.84 59.05 -73.59
C ILE X 168 -48.06 58.04 -72.76
N ASP X 169 -46.87 58.42 -72.34
CA ASP X 169 -45.98 57.52 -71.60
C ASP X 169 -46.26 57.62 -70.11
N ILE X 170 -46.10 56.49 -69.42
CA ILE X 170 -46.36 56.42 -67.98
C ILE X 170 -45.29 57.22 -67.24
N PRO X 171 -45.66 58.12 -66.33
CA PRO X 171 -44.65 58.78 -65.49
C PRO X 171 -43.92 57.78 -64.63
N PRO X 172 -42.61 57.93 -64.46
CA PRO X 172 -41.85 56.93 -63.70
C PRO X 172 -42.20 56.87 -62.23
N SER X 173 -42.67 57.98 -61.64
CA SER X 173 -42.95 58.00 -60.21
C SER X 173 -44.09 57.05 -59.85
N ALA X 174 -45.05 56.87 -60.75
CA ALA X 174 -46.17 55.98 -60.46
C ALA X 174 -45.70 54.53 -60.30
N ALA X 175 -44.82 54.09 -61.19
CA ALA X 175 -44.30 52.72 -61.10
C ALA X 175 -43.37 52.55 -59.91
N ILE X 176 -42.55 53.56 -59.62
CA ILE X 176 -41.59 53.46 -58.53
C ILE X 176 -42.31 53.35 -57.19
N ALA X 177 -43.42 54.08 -57.02
CA ALA X 177 -44.18 54.00 -55.78
C ALA X 177 -44.64 52.58 -55.51
N GLY X 178 -44.96 51.83 -56.56
CA GLY X 178 -45.27 50.42 -56.37
C GLY X 178 -44.07 49.61 -55.92
N VAL X 179 -42.88 49.95 -56.43
CA VAL X 179 -41.67 49.24 -56.05
C VAL X 179 -41.36 49.46 -54.58
N TYR X 180 -41.66 50.65 -54.07
CA TYR X 180 -41.38 50.96 -52.66
C TYR X 180 -42.16 50.03 -51.75
N CYS X 181 -43.43 49.78 -52.05
CA CYS X 181 -44.25 48.93 -51.20
C CYS X 181 -43.79 47.47 -51.26
N SER X 182 -43.46 46.99 -52.45
CA SER X 182 -43.03 45.59 -52.58
C SER X 182 -41.72 45.36 -51.86
N VAL X 183 -40.77 46.29 -51.99
CA VAL X 183 -39.48 46.14 -51.33
C VAL X 183 -39.64 46.22 -49.82
N ASP X 184 -40.46 47.16 -49.34
CA ASP X 184 -40.66 47.32 -47.91
C ASP X 184 -41.31 46.08 -47.31
N SER X 185 -42.26 45.47 -48.03
CA SER X 185 -42.97 44.32 -47.49
C SER X 185 -42.07 43.10 -47.41
N THR X 186 -41.14 42.95 -48.36
CA THR X 186 -40.32 41.74 -48.46
C THR X 186 -39.02 41.87 -47.68
N ARG X 187 -38.25 42.92 -47.94
CA ARG X 187 -36.91 43.04 -47.39
C ARG X 187 -36.79 44.07 -46.27
N GLY X 188 -37.63 45.10 -46.27
CA GLY X 188 -37.58 46.10 -45.23
C GLY X 188 -37.36 47.51 -45.74
N VAL X 189 -37.75 48.51 -44.95
CA VAL X 189 -37.59 49.90 -45.37
C VAL X 189 -36.12 50.30 -45.44
N TRP X 190 -35.23 49.58 -44.76
CA TRP X 190 -33.81 49.90 -44.80
C TRP X 190 -33.12 49.36 -46.05
N LYS X 191 -33.75 48.45 -46.78
CA LYS X 191 -33.18 47.94 -48.01
C LYS X 191 -33.42 48.92 -49.14
N ALA X 192 -32.39 49.13 -49.96
CA ALA X 192 -32.49 50.09 -51.05
C ALA X 192 -33.51 49.63 -52.07
N PRO X 193 -34.46 50.49 -52.47
CA PRO X 193 -35.41 50.14 -53.53
C PRO X 193 -34.78 50.22 -54.92
N ALA X 194 -33.66 49.52 -55.09
CA ALA X 194 -32.94 49.47 -56.35
C ALA X 194 -32.48 48.04 -56.58
N ASN X 195 -32.01 47.79 -57.80
CA ASN X 195 -31.61 46.45 -58.23
C ASN X 195 -32.78 45.48 -58.10
N VAL X 196 -33.98 45.96 -58.39
CA VAL X 196 -35.19 45.15 -58.33
C VAL X 196 -35.95 45.32 -59.64
N PRO X 197 -36.63 44.30 -60.13
CA PRO X 197 -37.29 44.41 -61.43
C PRO X 197 -38.57 45.22 -61.37
N ILE X 198 -38.97 45.72 -62.55
CA ILE X 198 -40.25 46.37 -62.72
C ILE X 198 -41.25 45.32 -63.21
N GLN X 199 -42.27 45.05 -62.41
CA GLN X 199 -43.08 43.86 -62.59
C GLN X 199 -44.09 43.98 -63.72
N GLY X 200 -44.35 45.20 -64.19
CA GLY X 200 -45.42 45.40 -65.15
C GLY X 200 -45.07 45.13 -66.60
N GLY X 201 -43.86 44.66 -66.88
CA GLY X 201 -43.45 44.52 -68.27
C GLY X 201 -43.31 45.85 -68.97
N LEU X 202 -42.96 46.89 -68.23
CA LEU X 202 -42.78 48.22 -68.79
C LEU X 202 -41.37 48.38 -69.33
N GLN X 203 -41.20 49.33 -70.25
CA GLN X 203 -39.91 49.56 -70.86
C GLN X 203 -39.55 51.04 -70.78
N PRO X 204 -38.28 51.36 -70.55
CA PRO X 204 -37.87 52.77 -70.58
C PRO X 204 -37.98 53.34 -71.98
N LYS X 205 -38.27 54.64 -72.04
CA LYS X 205 -38.47 55.29 -73.34
C LYS X 205 -37.13 55.53 -74.04
N TYR X 206 -36.08 55.84 -73.30
CA TYR X 206 -34.77 56.05 -73.87
C TYR X 206 -33.74 55.18 -73.17
N PRO X 207 -32.80 54.60 -73.91
CA PRO X 207 -31.71 53.87 -73.27
C PRO X 207 -30.72 54.82 -72.63
N VAL X 208 -30.21 54.41 -71.47
CA VAL X 208 -29.22 55.17 -70.72
C VAL X 208 -27.92 54.38 -70.69
N THR X 209 -26.87 54.95 -71.26
CA THR X 209 -25.58 54.27 -71.31
C THR X 209 -24.92 54.29 -69.93
N ASP X 210 -23.89 53.46 -69.80
CA ASP X 210 -23.17 53.39 -68.52
C ASP X 210 -22.47 54.70 -68.21
N ASP X 211 -21.91 55.35 -69.25
CA ASP X 211 -21.20 56.61 -69.03
C ASP X 211 -22.19 57.74 -68.71
N LEU X 212 -23.34 57.74 -69.36
CA LEU X 212 -24.31 58.81 -69.15
C LEU X 212 -24.81 58.84 -67.71
N GLN X 213 -25.08 57.67 -67.13
CA GLN X 213 -25.51 57.61 -65.74
C GLN X 213 -24.44 58.19 -64.82
N ALA X 214 -23.17 57.96 -65.15
CA ALA X 214 -22.07 58.48 -64.32
C ALA X 214 -22.09 59.99 -64.23
N GLN X 215 -22.60 60.67 -65.27
CA GLN X 215 -22.61 62.13 -65.27
C GLN X 215 -23.66 62.67 -64.31
N TYR X 216 -24.72 61.90 -64.06
CA TYR X 216 -25.87 62.37 -63.29
C TYR X 216 -26.01 61.68 -61.94
N ASN X 217 -25.00 60.95 -61.48
CA ASN X 217 -25.08 60.23 -60.22
C ASN X 217 -24.50 61.02 -59.05
N GLN X 218 -24.12 62.28 -59.26
CA GLN X 218 -23.56 63.10 -58.20
C GLN X 218 -24.47 64.30 -57.93
N GLY X 219 -24.31 64.86 -56.73
CA GLY X 219 -25.12 66.02 -56.35
C GLY X 219 -26.60 65.66 -56.36
N LYS X 220 -27.39 66.48 -57.05
CA LYS X 220 -28.81 66.20 -57.25
C LYS X 220 -28.93 65.10 -58.29
N ALA X 221 -28.84 63.86 -57.81
CA ALA X 221 -28.73 62.70 -58.70
C ALA X 221 -30.08 62.37 -59.33
N LEU X 222 -30.01 61.68 -60.46
CA LEU X 222 -31.17 61.09 -61.12
C LEU X 222 -31.04 59.58 -61.06
N ASN X 223 -31.93 58.93 -60.33
CA ASN X 223 -31.99 57.48 -60.35
C ASN X 223 -32.55 57.01 -61.69
N MET X 224 -31.87 56.06 -62.31
CA MET X 224 -32.13 55.67 -63.69
C MET X 224 -32.75 54.29 -63.74
N ILE X 225 -33.70 54.11 -64.65
CA ILE X 225 -34.31 52.82 -64.92
C ILE X 225 -33.69 52.29 -66.21
N ARG X 226 -32.94 51.19 -66.10
CA ARG X 226 -32.15 50.69 -67.20
C ARG X 226 -32.50 49.23 -67.48
N THR X 227 -32.23 48.81 -68.72
CA THR X 227 -32.47 47.44 -69.14
C THR X 227 -31.13 46.73 -69.33
N PHE X 228 -31.00 45.55 -68.73
CA PHE X 228 -29.78 44.78 -68.81
C PHE X 228 -30.02 43.51 -69.63
N PRO X 229 -28.99 43.02 -70.33
CA PRO X 229 -29.21 41.87 -71.22
C PRO X 229 -29.71 40.62 -70.52
N LYS X 230 -29.30 40.37 -69.28
CA LYS X 230 -29.64 39.13 -68.59
C LYS X 230 -30.68 39.30 -67.49
N SER X 231 -30.97 40.53 -67.07
CA SER X 231 -31.87 40.76 -65.96
C SER X 231 -33.10 41.58 -66.33
N GLY X 232 -33.27 41.96 -67.59
CA GLY X 232 -34.44 42.74 -67.96
C GLY X 232 -34.32 44.17 -67.48
N THR X 233 -35.45 44.75 -67.09
CA THR X 233 -35.51 46.13 -66.65
C THR X 233 -35.35 46.21 -65.13
N LEU X 234 -34.44 47.06 -64.67
CA LEU X 234 -34.13 47.20 -63.26
C LEU X 234 -34.08 48.67 -62.88
N VAL X 235 -34.24 48.93 -61.59
CA VAL X 235 -34.11 50.27 -61.04
C VAL X 235 -32.68 50.45 -60.56
N TRP X 236 -31.98 51.43 -61.12
CA TRP X 236 -30.57 51.64 -60.85
C TRP X 236 -30.38 52.99 -60.18
N GLY X 237 -29.96 52.98 -58.92
CA GLY X 237 -29.72 54.22 -58.20
C GLY X 237 -30.72 54.48 -57.09
N ALA X 238 -30.22 54.87 -55.92
CA ALA X 238 -31.07 55.13 -54.76
C ALA X 238 -30.61 56.39 -54.03
N ARG X 239 -30.32 57.44 -54.78
CA ARG X 239 -29.82 58.69 -54.22
C ARG X 239 -30.92 59.74 -54.13
N THR X 240 -30.86 60.54 -53.08
CA THR X 240 -31.76 61.68 -52.90
C THR X 240 -31.18 62.89 -53.61
N LEU X 241 -31.74 64.08 -53.35
CA LEU X 241 -31.29 65.31 -53.97
C LEU X 241 -30.28 66.06 -53.10
N GLU X 242 -29.85 65.46 -51.99
CA GLU X 242 -28.83 66.05 -51.14
C GLU X 242 -27.64 65.09 -51.08
N ASP X 243 -26.44 65.63 -51.28
CA ASP X 243 -25.25 64.80 -51.44
C ASP X 243 -24.37 64.74 -50.20
N ASN X 244 -24.84 65.22 -49.06
CA ASN X 244 -24.04 65.11 -47.85
C ASN X 244 -24.12 63.70 -47.29
N ASP X 245 -23.20 63.39 -46.37
CA ASP X 245 -23.09 62.03 -45.86
C ASP X 245 -24.30 61.62 -45.04
N ASN X 246 -25.03 62.58 -44.48
CA ASN X 246 -26.15 62.24 -43.60
C ASN X 246 -27.30 61.64 -44.39
N TRP X 247 -27.70 62.29 -45.49
CA TRP X 247 -28.90 61.92 -46.21
C TRP X 247 -28.61 61.72 -47.69
N ARG X 248 -27.53 61.02 -48.01
CA ARG X 248 -27.18 60.78 -49.40
C ARG X 248 -28.10 59.73 -50.03
N TYR X 249 -28.49 58.72 -49.26
CA TYR X 249 -29.19 57.56 -49.78
C TYR X 249 -30.64 57.55 -49.33
N ILE X 250 -31.52 57.06 -50.20
CA ILE X 250 -32.94 56.98 -49.87
C ILE X 250 -33.20 56.12 -48.63
N PRO X 251 -32.65 54.91 -48.50
CA PRO X 251 -32.99 54.08 -47.33
C PRO X 251 -32.69 54.75 -45.99
N VAL X 252 -31.59 55.49 -45.90
CA VAL X 252 -31.25 56.15 -44.64
C VAL X 252 -32.29 57.19 -44.28
N ARG X 253 -32.71 57.98 -45.28
CA ARG X 253 -33.72 59.00 -45.03
C ARG X 253 -35.08 58.39 -44.73
N ARG X 254 -35.43 57.30 -45.42
CA ARG X 254 -36.74 56.69 -45.21
C ARG X 254 -36.79 55.91 -43.91
N LEU X 255 -35.68 55.29 -43.52
CA LEU X 255 -35.65 54.56 -42.25
C LEU X 255 -35.87 55.49 -41.07
N PHE X 256 -35.22 56.65 -41.09
CA PHE X 256 -35.42 57.63 -40.02
C PHE X 256 -36.85 58.16 -40.04
N ASN X 257 -37.43 58.30 -41.23
CA ASN X 257 -38.82 58.76 -41.33
C ASN X 257 -39.77 57.79 -40.63
N SER X 258 -39.58 56.49 -40.86
CA SER X 258 -40.44 55.50 -40.22
C SER X 258 -40.16 55.39 -38.72
N ALA X 259 -38.89 55.44 -38.34
CA ALA X 259 -38.54 55.33 -36.92
C ALA X 259 -39.09 56.52 -36.14
N GLU X 260 -38.98 57.73 -36.68
CA GLU X 260 -39.51 58.90 -36.00
C GLU X 260 -41.02 58.82 -35.86
N ARG X 261 -41.71 58.39 -36.93
CA ARG X 261 -43.17 58.31 -36.89
C ARG X 261 -43.64 57.29 -35.87
N ASP X 262 -43.00 56.12 -35.82
CA ASP X 262 -43.44 55.06 -34.92
C ASP X 262 -43.26 55.47 -33.46
N ILE X 263 -42.11 56.06 -33.14
CA ILE X 263 -41.85 56.48 -31.77
C ILE X 263 -42.75 57.64 -31.38
N LYS X 264 -43.00 58.56 -32.33
CA LYS X 264 -43.88 59.69 -32.05
C LYS X 264 -45.28 59.23 -31.68
N ASN X 265 -45.81 58.25 -32.42
CA ASN X 265 -47.14 57.73 -32.10
C ASN X 265 -47.15 57.05 -30.74
N ALA X 266 -46.10 56.30 -30.42
CA ALA X 266 -46.03 55.63 -29.12
C ALA X 266 -45.96 56.63 -27.98
N MET X 267 -45.22 57.72 -28.16
CA MET X 267 -45.03 58.69 -27.09
C MET X 267 -46.29 59.49 -26.78
N SER X 268 -47.32 59.42 -27.62
CA SER X 268 -48.54 60.17 -27.36
C SER X 268 -49.31 59.67 -26.15
N PHE X 269 -48.99 58.49 -25.64
CA PHE X 269 -49.64 57.96 -24.45
C PHE X 269 -48.96 58.42 -23.16
N ALA X 270 -47.88 59.18 -23.26
CA ALA X 270 -47.14 59.64 -22.09
C ALA X 270 -46.95 61.16 -22.11
N VAL X 271 -47.90 61.88 -22.71
CA VAL X 271 -47.76 63.33 -22.86
C VAL X 271 -47.84 64.01 -21.49
N PHE X 272 -48.81 63.63 -20.67
CA PHE X 272 -49.05 64.28 -19.38
C PHE X 272 -48.70 63.38 -18.20
N GLU X 273 -47.91 62.34 -18.41
CA GLU X 273 -47.50 61.49 -17.31
C GLU X 273 -46.55 62.25 -16.39
N PRO X 274 -46.43 61.83 -15.12
CA PRO X 274 -45.47 62.48 -14.22
C PRO X 274 -44.06 62.41 -14.77
N ASN X 275 -43.34 63.53 -14.66
CA ASN X 275 -41.99 63.65 -15.20
C ASN X 275 -41.00 63.32 -14.10
N SER X 276 -40.88 62.03 -13.81
CA SER X 276 -40.01 61.56 -12.73
C SER X 276 -39.34 60.27 -13.18
N GLN X 277 -38.61 59.65 -12.25
CA GLN X 277 -37.84 58.45 -12.59
C GLN X 277 -38.69 57.28 -13.08
N PRO X 278 -39.81 56.92 -12.45
CA PRO X 278 -40.56 55.76 -12.96
C PRO X 278 -41.02 55.88 -14.40
N THR X 279 -41.39 57.09 -14.84
CA THR X 279 -41.77 57.28 -16.23
C THR X 279 -40.57 57.13 -17.16
N TRP X 280 -39.41 57.63 -16.73
CA TRP X 280 -38.21 57.53 -17.56
C TRP X 280 -37.80 56.08 -17.76
N GLU X 281 -37.98 55.25 -16.74
CA GLU X 281 -37.64 53.83 -16.87
C GLU X 281 -38.50 53.16 -17.93
N ARG X 282 -39.80 53.48 -17.96
CA ARG X 282 -40.70 52.83 -18.90
C ARG X 282 -40.49 53.34 -20.32
N VAL X 283 -40.23 54.64 -20.48
CA VAL X 283 -40.00 55.19 -21.81
C VAL X 283 -38.72 54.64 -22.41
N ARG X 284 -37.65 54.58 -21.62
CA ARG X 284 -36.38 54.05 -22.13
C ARG X 284 -36.51 52.58 -22.50
N SER X 285 -37.21 51.80 -21.67
CA SER X 285 -37.38 50.38 -21.96
C SER X 285 -38.17 50.16 -23.22
N ALA X 286 -39.22 50.94 -23.45
CA ALA X 286 -40.05 50.79 -24.63
C ALA X 286 -39.26 51.11 -25.90
N VAL X 287 -38.49 52.20 -25.86
CA VAL X 287 -37.72 52.59 -27.04
C VAL X 287 -36.58 51.62 -27.28
N ASN X 288 -35.92 51.16 -26.21
CA ASN X 288 -34.81 50.23 -26.36
C ASN X 288 -35.27 48.93 -27.02
N ASN X 289 -36.44 48.43 -26.65
CA ASN X 289 -36.95 47.21 -27.26
C ASN X 289 -37.21 47.39 -28.74
N TYR X 290 -37.75 48.54 -29.14
CA TYR X 290 -38.03 48.80 -30.55
C TYR X 290 -36.74 48.86 -31.36
N LEU X 291 -35.74 49.59 -30.85
CA LEU X 291 -34.48 49.69 -31.56
C LEU X 291 -33.74 48.36 -31.60
N TYR X 292 -33.84 47.57 -30.54
CA TYR X 292 -33.23 46.25 -30.54
C TYR X 292 -33.85 45.36 -31.61
N SER X 293 -35.15 45.51 -31.85
CA SER X 293 -35.80 44.75 -32.91
C SER X 293 -35.27 45.14 -34.28
N LEU X 294 -35.05 46.44 -34.51
CA LEU X 294 -34.52 46.89 -35.79
C LEU X 294 -33.10 46.36 -36.02
N TRP X 295 -32.27 46.37 -34.98
CA TRP X 295 -30.91 45.87 -35.12
C TRP X 295 -30.90 44.37 -35.38
N GLN X 296 -31.82 43.64 -34.76
CA GLN X 296 -31.90 42.20 -35.00
C GLN X 296 -32.30 41.90 -36.44
N GLN X 297 -33.21 42.69 -37.00
CA GLN X 297 -33.66 42.48 -38.37
C GLN X 297 -32.62 42.92 -39.40
N GLY X 298 -31.57 43.61 -38.99
CA GLY X 298 -30.55 44.07 -39.89
C GLY X 298 -30.67 45.52 -40.33
N GLY X 299 -31.58 46.29 -39.73
CA GLY X 299 -31.74 47.68 -40.09
C GLY X 299 -30.67 48.61 -39.57
N LEU X 300 -29.95 48.21 -38.54
CA LEU X 300 -28.88 49.02 -37.96
C LEU X 300 -27.58 48.22 -37.97
N ALA X 301 -26.48 48.90 -38.26
CA ALA X 301 -25.17 48.27 -38.37
C ALA X 301 -24.43 48.39 -37.06
N GLY X 302 -23.89 47.27 -36.58
CA GLY X 302 -23.15 47.28 -35.33
C GLY X 302 -22.88 45.87 -34.80
N ASN X 303 -21.71 45.68 -34.19
CA ASN X 303 -21.39 44.38 -33.61
C ASN X 303 -22.17 44.12 -32.34
N LYS X 304 -22.40 45.16 -31.54
CA LYS X 304 -23.11 45.07 -30.28
C LYS X 304 -24.22 46.11 -30.26
N PRO X 305 -25.25 45.90 -29.44
CA PRO X 305 -26.36 46.87 -29.42
C PRO X 305 -25.92 48.29 -29.08
N ASP X 306 -24.94 48.46 -28.21
CA ASP X 306 -24.48 49.81 -27.89
C ASP X 306 -23.71 50.45 -29.02
N ASP X 307 -23.25 49.67 -30.00
CA ASP X 307 -22.65 50.23 -31.21
C ASP X 307 -23.69 50.64 -32.25
N ALA X 308 -24.94 50.23 -32.09
CA ALA X 308 -25.98 50.51 -33.06
C ALA X 308 -26.90 51.65 -32.67
N TYR X 309 -27.17 51.82 -31.37
CA TYR X 309 -28.10 52.84 -30.92
C TYR X 309 -27.84 53.15 -29.46
N PHE X 310 -28.36 54.30 -29.02
CA PHE X 310 -28.32 54.68 -27.62
C PHE X 310 -29.54 55.53 -27.31
N VAL X 311 -30.06 55.39 -26.10
CA VAL X 311 -31.18 56.19 -25.61
C VAL X 311 -30.77 56.83 -24.30
N GLN X 312 -30.94 58.15 -24.20
CA GLN X 312 -30.58 58.89 -23.01
C GLN X 312 -31.78 59.69 -22.52
N ILE X 313 -32.12 59.54 -21.25
CA ILE X 313 -33.16 60.34 -20.61
C ILE X 313 -32.94 60.27 -19.11
N GLY X 314 -32.98 61.43 -18.46
CA GLY X 314 -32.75 61.47 -17.03
C GLY X 314 -32.79 62.89 -16.50
N LYS X 315 -32.60 62.99 -15.18
CA LYS X 315 -32.65 64.27 -14.51
C LYS X 315 -31.41 65.11 -14.76
N ASP X 316 -30.27 64.47 -15.04
CA ASP X 316 -29.03 65.20 -15.30
C ASP X 316 -28.37 64.76 -16.59
N ILE X 317 -29.01 63.92 -17.39
CA ILE X 317 -28.44 63.42 -18.64
C ILE X 317 -28.87 64.26 -19.83
N THR X 318 -30.17 64.54 -19.93
CA THR X 318 -30.71 65.26 -21.07
C THR X 318 -31.40 66.56 -20.73
N MET X 319 -32.00 66.68 -19.54
CA MET X 319 -32.68 67.90 -19.14
C MET X 319 -32.15 68.34 -17.79
N THR X 320 -32.39 69.61 -17.46
CA THR X 320 -31.98 70.17 -16.19
C THR X 320 -33.21 70.44 -15.32
N ASP X 321 -32.97 71.07 -14.17
CA ASP X 321 -34.07 71.36 -13.24
C ASP X 321 -35.06 72.35 -13.85
N ASP X 322 -34.56 73.34 -14.58
CA ASP X 322 -35.46 74.36 -15.13
C ASP X 322 -36.34 73.80 -16.25
N ASP X 323 -35.82 72.86 -17.04
CA ASP X 323 -36.65 72.24 -18.07
C ASP X 323 -37.79 71.43 -17.45
N ILE X 324 -37.52 70.73 -16.35
CA ILE X 324 -38.55 69.95 -15.68
C ILE X 324 -39.64 70.86 -15.14
N LYS X 325 -39.25 71.98 -14.53
CA LYS X 325 -40.23 72.90 -13.97
C LYS X 325 -41.07 73.57 -15.06
N GLN X 326 -40.60 73.58 -16.30
CA GLN X 326 -41.34 74.14 -17.41
C GLN X 326 -42.11 73.08 -18.20
N GLY X 327 -42.15 71.84 -17.71
CA GLY X 327 -42.93 70.80 -18.36
C GLY X 327 -42.30 70.21 -19.60
N LYS X 328 -40.99 70.02 -19.61
CA LYS X 328 -40.28 69.48 -20.76
C LYS X 328 -39.67 68.14 -20.41
N MET X 329 -39.93 67.13 -21.24
CA MET X 329 -39.27 65.84 -21.18
C MET X 329 -38.47 65.67 -22.46
N ILE X 330 -37.16 65.45 -22.32
CA ILE X 330 -36.24 65.46 -23.44
C ILE X 330 -35.59 64.09 -23.55
N ILE X 331 -35.68 63.49 -24.75
CA ILE X 331 -35.08 62.18 -25.03
C ILE X 331 -34.14 62.34 -26.21
N LYS X 332 -32.90 61.88 -26.06
CA LYS X 332 -31.93 61.86 -27.14
C LYS X 332 -31.79 60.42 -27.65
N ILE X 333 -31.95 60.26 -28.96
CA ILE X 333 -31.94 58.94 -29.59
C ILE X 333 -30.86 58.93 -30.67
N GLY X 334 -29.96 57.96 -30.61
CA GLY X 334 -28.95 57.78 -31.62
C GLY X 334 -29.23 56.51 -32.42
N MET X 335 -28.87 56.55 -33.70
CA MET X 335 -29.15 55.42 -34.59
C MET X 335 -28.06 55.33 -35.63
N ALA X 336 -27.59 54.11 -35.89
CA ALA X 336 -26.57 53.85 -36.90
C ALA X 336 -27.24 53.11 -38.05
N ALA X 337 -27.80 53.87 -38.99
CA ALA X 337 -28.52 53.27 -40.11
C ALA X 337 -27.55 52.59 -41.06
N VAL X 338 -28.01 51.51 -41.68
CA VAL X 338 -27.20 50.79 -42.66
C VAL X 338 -27.27 51.52 -43.99
N ARG X 339 -26.28 51.28 -44.85
CA ARG X 339 -26.21 52.01 -46.11
C ARG X 339 -26.02 51.04 -47.27
N PRO X 340 -26.47 51.42 -48.48
CA PRO X 340 -26.33 50.51 -49.62
C PRO X 340 -24.89 50.33 -50.03
N ALA X 341 -24.60 49.18 -50.64
CA ALA X 341 -23.29 48.90 -51.22
C ALA X 341 -23.33 49.30 -52.69
N GLU X 342 -23.37 50.62 -52.91
CA GLU X 342 -23.59 51.14 -54.25
C GLU X 342 -22.48 50.73 -55.21
N PHE X 343 -21.23 50.78 -54.75
CA PHE X 343 -20.09 50.37 -55.55
C PHE X 343 -19.40 49.18 -54.89
N ILE X 344 -19.17 48.13 -55.66
CA ILE X 344 -18.44 46.95 -55.20
C ILE X 344 -17.11 46.93 -55.93
N ILE X 345 -16.02 46.91 -55.17
CA ILE X 345 -14.68 46.98 -55.72
C ILE X 345 -13.96 45.68 -55.36
N LEU X 346 -13.48 44.97 -56.38
CA LEU X 346 -12.77 43.72 -56.22
C LEU X 346 -11.30 43.94 -56.55
N GLN X 347 -10.42 43.52 -55.66
CA GLN X 347 -8.98 43.69 -55.85
C GLN X 347 -8.30 42.33 -55.87
N PHE X 348 -7.52 42.09 -56.92
CA PHE X 348 -6.84 40.82 -57.11
C PHE X 348 -5.33 41.02 -57.00
N THR X 349 -4.68 40.04 -56.39
CA THR X 349 -3.24 40.11 -56.15
C THR X 349 -2.50 38.99 -56.89
#